data_7PI3
#
_entry.id   7PI3
#
_cell.length_a   164.842
_cell.length_b   164.842
_cell.length_c   382.311
_cell.angle_alpha   90.000
_cell.angle_beta   90.000
_cell.angle_gamma   90.000
#
_symmetry.space_group_name_H-M   'P 43'
#
loop_
_entity.id
_entity.type
_entity.pdbx_description
1 polymer 'Cysteine-rich protective antigen'
2 polymer 'Monoclonal antibody Cy.003 heavy chain'
3 polymer 'Monoclonal antibody Cy.003 light chain'
4 polymer 'Monoclonal antibody Cy.007 heavy chain'
5 polymer 'Monoclonal antibody Cy.007 light chain'
6 polymer 'Monoclonal antibody Cy.004 heavy chain'
7 polymer 'Monoclonal antibody Cy.004 light chain'
8 non-polymer 'CALCIUM ION'
#
loop_
_entity_poly.entity_id
_entity_poly.type
_entity_poly.pdbx_seq_one_letter_code
_entity_poly.pdbx_strand_id
1 'polypeptide(L)'
;DSRHVFIRTELSFIKNNVPCIRDMFFIYKRELYNICLDDLKGEEDETHIYVQKKVKDSWITLNDLFKETDLTGRPHIFAY
VDVEEIIILLCEDEEFSNRKKDMTCHRFYSNDGKEYNNAEITISDYILKDKLLSSYVSLPLKIENREYFLICGVSPYKFK
DDNKKDDILCMASHDKGETWGTKIVIKYDNYKLGVQYFFLRPYISKNDLSFHFYVGDNINNVKNVNFIECTHEKDLEFVC
SNRDFLKDNKVLQDVSTLNDEYIVSYGNDNNFAECYIFFNNENSILIKPEKYGNTAAGCYGGTFVKIDENRALFIYSSSQ
GIYNIHTIYYANYEGGGGSEPEA
;
A,H,O,V
2 'polypeptide(L)'
;VTLDESGGGLQTPGGALSLVCKGSGFFSFSSYTMQWVRQAPGKGLEWVASISSGGGTNYGAAVKGRATISRDNGQSTLRL
QLNNLRAEDTGTYYCAKHGVNGCDWSYSVGCVDAWGHGTEVIVSSASTKGPSVFPLAPSSKSTSGGTAALGCLVKDYFPE
PVTVSWNSGALTSGVHTFPAVLQSSGLYSLSSVVTVPSSSLGTQTYICNVNHKPSNTKVDKKVEPKSCDK
;
B,I,P,W
3 'polypeptide(L)'
;ALTQPSSVSANPGETVKITCSGGSSSYYGWYQQKSPGSAPVTLIYNNQKRPSDIPSRFSGSKSGSTGTLTITGVQAEDEA
VYFCGSRDNSGGIFGAGTTLTVLRTVAAPSVFIFPPSDEQLKSGTASVVCLLNNFYPREAKVQWKVDNALQSGNSQESVT
EQDSKDSTYSLSSTLTLSKADYEKHKVYACEVTHQGLSSPVTKSFNRGEC
;
C,J,Q,X
4 'polypeptide(L)'
;AVTLDESGGGLQTPGGTLSLVCKGSGFTFSSYEMQWVRQAPGKGLEWVADICIGGSYTGYGPAVKGRATISRDDGQSTVR
LQLNNLRAEDTGTYYCAKTARSDYCITGLDDIDAWGHGTEVIVSSASTKGPSVFPLAPSSKSTSGGTAALGCLVKDYFPE
PVTVSWNSGALTSGVHTFPAVLQSSGLYSLSSVVTVPSSSLGTQTYICNVNHKPSNTKVDKKVEPKSCDK
;
D,K,R,Y
5 'polypeptide(L)'
;ALTQPSSVSANPGETVKITCSGGSSDYGWYQQKSPGSAPVTVIYENNKRPSDIPSRFSGSKFGSTHTLTITGVQADDEAV
YFCGSRDTNNGAFGAGTTLTVLRTVAAPSVFIFPPSDEQLKSGTASVVCLLNNFYPREAKVQWKVDNALQSGNSQESVTE
QDSKDSTYSLSSTLTLSKADYEKHKVYACEVTHQGLSSPVTKSFNRGEC
;
E,L,S,Z
6 'polypeptide(L)'
;AVTLDESGGGLQTPGGALSLVCKASGFDFSSYAMGWVRQAPGKGLEYVAGIRNDGSFTLYTPAVKGRATISRDNGQSTVR
LQLNNLRAEDTATYFCTKSADDGGHYSDFSGEIDAWGHGTEVIVSSASTKGPSVFPLAPSSKSTSGGTAALGCLVKDYFP
EPVTVSWNSGALTSGVHTFPAVLQSSGLYSLSSVVTVPSSSLGTQTYICNVNHKPSNTKVDKKVEPKSCDKTHTCPPCPA
PELLGGPSVFLFPPKPKDTLMISRTPEVTCVVVDVSHEDPEVKFNWYVDGVEVHNAKTKPREEQYNSTYRVVSVLTVLHQ
D
;
F,M,T,a
7 'polypeptide(L)'
;ALTQPSSVSANPGETVKITCSGSTYNYGWYQQKSPGSAPVTVIYYNDKRPSDIPSRFSGSKSGSTGTLTITGVQAEDEAV
YYCGNSDSRNVAFGAGTTLTVLRTVAAPSVFIFPPSDEQLKSGTASVVCLLNNFYPREAKVQWKVDNALQSGNSQESVTE
QDSKDSTYSLSSTLTLSKADYEKHKVYACEVTHQGLSSPVTKSFNRGEC
;
G,N,U,b
#
loop_
_chem_comp.id
_chem_comp.type
_chem_comp.name
_chem_comp.formula
CA non-polymer 'CALCIUM ION' 'Ca 2'
#
# COMPACT_ATOMS: atom_id res chain seq x y z
N ARG A 3 3.25 19.39 20.40
CA ARG A 3 2.16 19.88 19.56
C ARG A 3 2.37 19.65 18.05
N HIS A 4 1.31 19.17 17.36
CA HIS A 4 1.36 18.87 15.93
C HIS A 4 0.36 19.62 15.06
N VAL A 5 0.68 20.86 14.65
CA VAL A 5 -0.19 21.61 13.72
C VAL A 5 -0.11 20.94 12.34
N PHE A 6 -1.17 21.01 11.51
CA PHE A 6 -1.16 20.30 10.21
C PHE A 6 -1.93 20.98 9.05
N ILE A 7 -2.04 22.33 9.02
CA ILE A 7 -2.70 23.17 7.99
C ILE A 7 -2.40 22.76 6.52
N ARG A 8 -3.40 22.85 5.62
CA ARG A 8 -3.26 22.43 4.22
C ARG A 8 -4.37 23.03 3.31
N THR A 9 -4.05 24.06 2.49
CA THR A 9 -5.02 24.75 1.62
C THR A 9 -4.78 24.50 0.13
N GLU A 10 -5.84 24.39 -0.67
CA GLU A 10 -5.75 24.24 -2.13
C GLU A 10 -6.84 25.12 -2.78
N LEU A 11 -6.47 25.99 -3.75
CA LEU A 11 -7.44 26.86 -4.43
C LEU A 11 -8.00 26.21 -5.67
N SER A 12 -9.32 26.36 -5.84
CA SER A 12 -10.11 25.82 -6.94
C SER A 12 -11.14 26.85 -7.42
N PHE A 13 -11.74 26.62 -8.59
CA PHE A 13 -12.73 27.52 -9.12
C PHE A 13 -14.02 26.83 -9.58
N ILE A 14 -15.17 27.50 -9.44
CA ILE A 14 -16.46 26.98 -9.90
C ILE A 14 -17.15 28.04 -10.75
N LYS A 15 -17.56 27.67 -11.97
CA LYS A 15 -18.25 28.60 -12.88
C LYS A 15 -19.75 28.40 -12.80
N ASN A 16 -20.51 29.48 -12.55
CA ASN A 16 -21.97 29.37 -12.50
C ASN A 16 -22.59 30.15 -13.65
N ASN A 17 -23.16 29.44 -14.65
CA ASN A 17 -23.82 30.11 -15.78
C ASN A 17 -25.11 30.87 -15.36
N VAL A 18 -25.55 30.68 -14.10
CA VAL A 18 -26.74 31.30 -13.56
C VAL A 18 -26.36 32.38 -12.55
N PRO A 19 -26.75 33.64 -12.77
CA PRO A 19 -26.48 34.69 -11.78
C PRO A 19 -27.21 34.41 -10.46
N CYS A 20 -26.62 34.75 -9.30
CA CYS A 20 -27.28 34.52 -8.01
C CYS A 20 -27.23 35.77 -7.23
N ILE A 21 -28.39 36.36 -6.92
CA ILE A 21 -28.44 37.59 -6.10
C ILE A 21 -27.87 37.29 -4.71
N ARG A 22 -28.21 36.12 -4.17
CA ARG A 22 -27.69 35.63 -2.90
C ARG A 22 -27.29 34.16 -3.09
N ASP A 23 -26.43 33.67 -2.21
CA ASP A 23 -25.96 32.29 -2.29
C ASP A 23 -26.08 31.64 -0.93
N MET A 24 -26.40 30.35 -0.90
CA MET A 24 -26.51 29.62 0.34
C MET A 24 -25.82 28.31 0.13
N PHE A 25 -24.69 28.11 0.80
CA PHE A 25 -23.90 26.90 0.61
C PHE A 25 -24.14 25.89 1.73
N PHE A 26 -24.26 24.60 1.35
CA PHE A 26 -24.40 23.53 2.31
C PHE A 26 -23.68 22.25 1.87
N ILE A 27 -23.31 21.41 2.85
CA ILE A 27 -22.66 20.15 2.55
C ILE A 27 -23.66 19.02 2.83
N TYR A 28 -23.69 18.02 1.95
CA TYR A 28 -24.54 16.86 2.12
C TYR A 28 -23.89 15.66 1.42
N LYS A 29 -23.85 14.52 2.09
CA LYS A 29 -23.28 13.31 1.51
C LYS A 29 -21.81 13.48 1.08
N ARG A 30 -21.13 14.50 1.66
CA ARG A 30 -19.76 14.97 1.45
C ARG A 30 -19.64 15.78 0.15
N GLU A 31 -20.73 16.35 -0.38
CA GLU A 31 -20.71 17.13 -1.62
C GLU A 31 -21.25 18.52 -1.40
N LEU A 32 -20.78 19.49 -2.18
CA LEU A 32 -21.18 20.89 -1.99
C LEU A 32 -22.41 21.34 -2.81
N TYR A 33 -23.40 21.95 -2.15
CA TYR A 33 -24.59 22.46 -2.84
C TYR A 33 -24.83 23.96 -2.54
N ASN A 34 -25.59 24.61 -3.43
CA ASN A 34 -25.93 26.02 -3.33
C ASN A 34 -27.40 26.22 -3.63
N ILE A 35 -28.07 27.07 -2.85
CA ILE A 35 -29.48 27.43 -3.06
C ILE A 35 -29.49 28.87 -3.66
N CYS A 36 -29.51 28.94 -4.99
CA CYS A 36 -29.39 30.17 -5.74
C CYS A 36 -30.68 30.93 -5.91
N LEU A 37 -30.64 32.25 -5.73
CA LEU A 37 -31.78 33.13 -5.97
C LEU A 37 -31.53 33.86 -7.31
N ASP A 38 -32.14 33.38 -8.39
CA ASP A 38 -32.00 34.03 -9.71
C ASP A 38 -33.17 34.99 -9.85
N ASP A 39 -33.05 36.18 -9.26
CA ASP A 39 -34.14 37.14 -9.34
C ASP A 39 -33.75 38.34 -10.15
N LEU A 40 -33.79 38.19 -11.46
CA LEU A 40 -33.49 39.31 -12.33
C LEU A 40 -34.77 40.12 -12.61
N LYS A 41 -34.61 41.45 -12.77
CA LYS A 41 -35.71 42.38 -12.92
C LYS A 41 -35.79 43.05 -14.30
N GLY A 42 -36.13 42.25 -15.30
CA GLY A 42 -36.30 42.72 -16.66
C GLY A 42 -37.58 42.21 -17.29
N GLU A 43 -37.83 42.60 -18.55
CA GLU A 43 -39.03 42.24 -19.33
C GLU A 43 -39.44 40.76 -19.21
N GLU A 44 -38.50 39.82 -19.41
CA GLU A 44 -38.82 38.39 -19.33
C GLU A 44 -38.26 37.69 -18.07
N ASP A 45 -37.33 38.36 -17.37
CA ASP A 45 -36.69 37.85 -16.16
C ASP A 45 -37.67 37.58 -15.00
N GLU A 46 -37.77 36.32 -14.55
CA GLU A 46 -38.60 35.95 -13.42
C GLU A 46 -37.75 35.44 -12.20
N THR A 47 -38.39 35.05 -11.08
CA THR A 47 -37.67 34.62 -9.89
C THR A 47 -37.55 33.14 -9.83
N HIS A 48 -36.37 32.61 -9.54
CA HIS A 48 -36.19 31.16 -9.41
C HIS A 48 -35.29 30.85 -8.21
N ILE A 49 -35.60 29.79 -7.45
CA ILE A 49 -34.72 29.38 -6.36
C ILE A 49 -34.25 27.98 -6.66
N TYR A 50 -32.97 27.84 -7.00
CA TYR A 50 -32.44 26.56 -7.43
C TYR A 50 -31.54 25.86 -6.45
N VAL A 51 -31.72 24.56 -6.33
CA VAL A 51 -30.80 23.70 -5.59
C VAL A 51 -29.72 23.40 -6.66
N GLN A 52 -28.44 23.61 -6.36
CA GLN A 52 -27.38 23.41 -7.32
C GLN A 52 -26.25 22.70 -6.71
N LYS A 53 -25.77 21.65 -7.33
CA LYS A 53 -24.66 20.87 -6.81
C LYS A 53 -23.42 21.07 -7.73
N LYS A 54 -22.23 21.31 -7.16
CA LYS A 54 -20.99 21.46 -7.93
C LYS A 54 -20.58 20.06 -8.37
N VAL A 55 -20.40 19.81 -9.67
CA VAL A 55 -19.96 18.49 -10.11
C VAL A 55 -18.43 18.49 -10.33
N LYS A 56 -17.90 19.26 -11.30
CA LYS A 56 -16.45 19.34 -11.45
C LYS A 56 -16.03 20.76 -11.07
N ASP A 57 -15.78 21.62 -12.04
CA ASP A 57 -15.40 23.01 -11.79
C ASP A 57 -16.55 23.92 -12.20
N SER A 58 -17.79 23.49 -11.96
CA SER A 58 -18.96 24.25 -12.38
C SER A 58 -20.21 23.73 -11.72
N TRP A 59 -21.06 24.65 -11.29
CA TRP A 59 -22.32 24.43 -10.63
C TRP A 59 -23.38 23.86 -11.55
N ILE A 60 -23.94 22.71 -11.20
CA ILE A 60 -24.98 22.07 -11.99
C ILE A 60 -26.34 22.31 -11.37
N THR A 61 -27.22 22.97 -12.12
CA THR A 61 -28.56 23.31 -11.65
C THR A 61 -29.49 22.09 -11.51
N LEU A 62 -29.87 21.73 -10.27
CA LEU A 62 -30.85 20.68 -9.98
C LEU A 62 -32.28 21.34 -9.87
N ASN A 63 -33.34 20.70 -9.31
CA ASN A 63 -34.67 21.35 -9.28
C ASN A 63 -34.69 22.89 -8.87
N ASP A 64 -35.69 23.59 -9.39
CA ASP A 64 -36.01 24.91 -8.95
C ASP A 64 -37.13 24.57 -7.98
N LEU A 65 -36.87 24.85 -6.71
CA LEU A 65 -37.85 24.47 -5.66
C LEU A 65 -38.92 25.53 -5.60
N PHE A 66 -38.56 26.78 -5.88
CA PHE A 66 -39.51 27.90 -5.69
C PHE A 66 -40.72 27.79 -6.59
N LYS A 67 -40.61 27.22 -7.78
CA LYS A 67 -41.73 27.19 -8.76
C LYS A 67 -42.96 26.49 -8.20
N GLU A 68 -42.80 25.80 -7.10
CA GLU A 68 -43.95 25.01 -6.59
C GLU A 68 -44.69 25.93 -5.63
N THR A 69 -43.96 26.81 -4.97
CA THR A 69 -44.60 27.63 -3.91
C THR A 69 -45.57 28.65 -4.52
N ASP A 70 -46.82 28.63 -4.08
CA ASP A 70 -47.80 29.65 -4.53
C ASP A 70 -47.29 31.02 -4.06
N LEU A 71 -46.16 31.02 -3.34
CA LEU A 71 -45.54 32.28 -2.89
C LEU A 71 -45.61 33.29 -4.04
N THR A 72 -45.84 34.57 -3.71
CA THR A 72 -45.93 35.61 -4.77
C THR A 72 -44.59 36.36 -4.87
N GLY A 73 -43.61 36.03 -4.01
CA GLY A 73 -42.36 36.83 -4.06
C GLY A 73 -41.17 36.24 -3.34
N ARG A 74 -40.30 37.11 -2.80
CA ARG A 74 -39.03 36.66 -2.16
C ARG A 74 -39.34 36.08 -0.79
N PRO A 75 -39.20 34.75 -0.63
CA PRO A 75 -39.50 34.09 0.64
C PRO A 75 -38.25 33.77 1.45
N HIS A 76 -38.41 33.58 2.75
CA HIS A 76 -37.24 33.35 3.61
C HIS A 76 -36.78 31.95 3.41
N ILE A 77 -35.47 31.73 3.29
CA ILE A 77 -35.00 30.35 3.14
C ILE A 77 -34.28 29.82 4.36
N PHE A 78 -34.92 28.90 5.07
CA PHE A 78 -34.31 28.20 6.19
C PHE A 78 -34.22 26.76 5.75
N ALA A 79 -32.99 26.33 5.48
CA ALA A 79 -32.71 24.98 4.99
C ALA A 79 -31.91 24.21 6.00
N TYR A 80 -32.26 22.94 6.25
CA TYR A 80 -31.55 22.12 7.25
C TYR A 80 -31.00 20.82 6.69
N VAL A 81 -29.79 20.44 7.12
CA VAL A 81 -29.18 19.15 6.67
C VAL A 81 -29.02 18.12 7.77
N ASP A 82 -29.43 16.89 7.51
CA ASP A 82 -29.23 15.79 8.46
C ASP A 82 -28.34 14.65 7.89
N VAL A 83 -27.99 13.67 8.70
CA VAL A 83 -27.06 12.60 8.26
C VAL A 83 -27.60 11.77 7.06
N GLU A 84 -28.87 12.08 6.61
CA GLU A 84 -29.47 11.33 5.51
C GLU A 84 -30.49 12.01 4.73
N GLU A 85 -30.76 13.27 5.05
CA GLU A 85 -31.83 14.06 4.39
C GLU A 85 -31.57 15.50 4.40
N ILE A 86 -32.36 16.19 3.58
CA ILE A 86 -32.31 17.67 3.61
C ILE A 86 -33.75 18.16 3.67
N ILE A 87 -34.08 19.05 4.62
CA ILE A 87 -35.44 19.65 4.68
C ILE A 87 -35.34 21.17 4.55
N ILE A 88 -36.02 21.72 3.56
CA ILE A 88 -35.95 23.19 3.29
C ILE A 88 -37.32 23.85 3.50
N LEU A 89 -37.35 25.17 3.71
CA LEU A 89 -38.63 25.93 3.91
C LEU A 89 -38.56 27.32 3.27
N LEU A 90 -39.63 27.77 2.64
CA LEU A 90 -39.70 29.17 2.13
C LEU A 90 -40.81 29.88 2.88
N CYS A 91 -40.47 30.58 3.97
CA CYS A 91 -41.48 31.25 4.83
C CYS A 91 -41.82 32.67 4.32
N GLU A 92 -42.94 33.26 4.78
CA GLU A 92 -43.40 34.56 4.22
C GLU A 92 -42.81 35.77 4.94
N ASP A 93 -42.68 36.90 4.23
CA ASP A 93 -42.03 38.10 4.83
C ASP A 93 -43.08 39.00 5.51
N GLU A 94 -42.62 40.04 6.20
CA GLU A 94 -43.55 40.88 7.00
C GLU A 94 -43.45 42.34 6.56
N GLU A 95 -43.66 42.61 5.27
CA GLU A 95 -43.55 43.98 4.72
C GLU A 95 -44.42 44.95 5.52
N PHE A 96 -43.83 46.04 6.00
CA PHE A 96 -44.59 47.00 6.83
C PHE A 96 -45.30 46.22 7.94
N SER A 97 -46.63 46.18 7.92
CA SER A 97 -47.35 45.50 9.02
C SER A 97 -47.90 44.16 8.54
N ASN A 98 -47.04 43.27 8.02
CA ASN A 98 -47.50 41.90 7.62
C ASN A 98 -47.51 41.06 8.90
N ARG A 99 -48.17 41.55 9.93
CA ARG A 99 -48.36 40.90 11.20
C ARG A 99 -49.30 39.76 10.96
N LYS A 100 -48.86 38.85 10.11
CA LYS A 100 -49.56 37.58 9.80
C LYS A 100 -49.38 36.73 11.07
N LYS A 101 -50.39 36.73 11.97
CA LYS A 101 -50.28 36.09 13.29
C LYS A 101 -49.83 34.58 13.17
N ASP A 102 -49.92 34.03 11.96
CA ASP A 102 -49.44 32.75 11.64
C ASP A 102 -48.52 32.81 10.40
N MET A 103 -47.41 32.01 10.43
CA MET A 103 -46.53 31.90 9.27
C MET A 103 -47.01 30.79 8.28
N THR A 104 -46.58 30.96 7.02
CA THR A 104 -46.92 30.17 5.88
C THR A 104 -45.70 30.13 5.08
N CYS A 105 -45.08 28.94 5.21
CA CYS A 105 -43.90 28.63 4.38
C CYS A 105 -44.22 27.32 3.67
N HIS A 106 -43.34 26.87 2.77
CA HIS A 106 -43.50 25.53 2.16
C HIS A 106 -42.52 24.63 2.87
N ARG A 107 -42.64 23.32 2.65
CA ARG A 107 -41.61 22.38 3.20
C ARG A 107 -41.14 21.56 2.02
N PHE A 108 -39.84 21.57 1.77
CA PHE A 108 -39.29 20.66 0.72
C PHE A 108 -38.38 19.46 1.34
N TYR A 109 -38.62 18.22 0.96
CA TYR A 109 -37.82 17.07 1.55
C TYR A 109 -37.01 16.17 0.56
N SER A 110 -35.73 15.93 0.87
CA SER A 110 -34.97 14.97 0.02
C SER A 110 -33.95 13.95 0.71
N ASN A 111 -33.98 12.73 0.23
CA ASN A 111 -32.97 11.72 0.67
C ASN A 111 -31.79 11.57 -0.34
N ASP A 112 -31.62 12.62 -1.25
CA ASP A 112 -30.60 12.69 -2.31
C ASP A 112 -30.27 14.14 -2.79
N GLY A 113 -30.98 15.13 -2.28
CA GLY A 113 -30.78 16.53 -2.67
C GLY A 113 -31.21 16.87 -4.08
N LYS A 114 -31.73 15.85 -4.82
CA LYS A 114 -32.22 16.02 -6.19
C LYS A 114 -33.75 15.92 -6.20
N GLU A 115 -34.19 14.66 -6.01
CA GLU A 115 -35.63 14.33 -5.97
C GLU A 115 -36.20 15.00 -4.75
N TYR A 116 -36.90 16.13 -4.98
CA TYR A 116 -37.48 16.92 -3.86
C TYR A 116 -39.01 16.83 -3.91
N ASN A 117 -39.64 16.76 -2.73
CA ASN A 117 -41.12 16.61 -2.61
C ASN A 117 -41.63 17.74 -1.72
N ASN A 118 -42.80 18.31 -2.03
CA ASN A 118 -43.25 19.53 -1.32
C ASN A 118 -44.70 19.53 -0.85
N ALA A 119 -44.96 20.34 0.19
CA ALA A 119 -46.32 20.51 0.73
C ALA A 119 -46.28 21.76 1.59
N GLU A 120 -47.28 22.63 1.48
CA GLU A 120 -47.27 23.91 2.21
C GLU A 120 -47.56 23.71 3.69
N ILE A 121 -46.72 24.28 4.54
CA ILE A 121 -46.97 24.24 6.00
C ILE A 121 -47.42 25.60 6.51
N THR A 122 -48.13 25.52 7.64
CA THR A 122 -48.72 26.71 8.25
C THR A 122 -48.47 26.68 9.76
N ILE A 123 -47.65 27.63 10.24
CA ILE A 123 -47.35 27.78 11.69
C ILE A 123 -48.31 28.80 12.28
N SER A 124 -49.57 28.42 12.49
CA SER A 124 -50.57 29.29 13.05
C SER A 124 -50.14 29.70 14.47
N ASP A 125 -50.37 31.05 14.80
CA ASP A 125 -49.98 31.68 16.06
C ASP A 125 -48.50 31.40 16.36
N TYR A 126 -47.62 31.63 15.35
CA TYR A 126 -46.20 31.34 15.51
C TYR A 126 -45.54 32.25 16.56
N ILE A 127 -44.54 31.67 17.22
CA ILE A 127 -43.83 32.29 18.33
C ILE A 127 -43.16 33.61 17.94
N LEU A 128 -42.51 33.62 16.76
CA LEU A 128 -41.74 34.72 16.23
C LEU A 128 -42.54 35.78 15.53
N LYS A 129 -43.74 36.09 16.06
CA LYS A 129 -44.57 37.19 15.55
C LYS A 129 -43.84 38.48 15.79
N ASP A 130 -43.86 39.33 14.77
CA ASP A 130 -43.23 40.68 14.72
C ASP A 130 -41.69 40.65 14.99
N LYS A 131 -41.10 39.42 14.93
CA LYS A 131 -39.66 39.21 15.03
C LYS A 131 -39.15 39.15 13.60
N LEU A 132 -38.20 40.06 13.23
CA LEU A 132 -37.64 40.12 11.87
C LEU A 132 -36.81 38.89 11.55
N LEU A 133 -36.80 38.46 10.26
CA LEU A 133 -36.08 37.25 9.88
C LEU A 133 -35.02 37.43 8.82
N SER A 134 -34.05 36.51 8.77
CA SER A 134 -32.97 36.52 7.80
C SER A 134 -32.55 35.09 7.46
N SER A 135 -32.75 34.70 6.19
CA SER A 135 -32.48 33.37 5.62
C SER A 135 -31.14 32.78 6.05
N TYR A 136 -31.05 31.44 6.06
CA TYR A 136 -29.83 30.73 6.43
C TYR A 136 -29.90 29.21 6.29
N VAL A 137 -28.74 28.56 6.38
CA VAL A 137 -28.62 27.12 6.38
C VAL A 137 -28.22 26.73 7.80
N SER A 138 -28.75 25.60 8.28
CA SER A 138 -28.42 25.10 9.62
C SER A 138 -28.54 23.56 9.63
N LEU A 139 -28.56 22.96 10.81
CA LEU A 139 -28.66 21.53 10.98
C LEU A 139 -29.19 21.20 12.40
N PRO A 140 -29.60 19.94 12.66
CA PRO A 140 -30.17 19.61 13.98
C PRO A 140 -29.27 19.82 15.20
N LEU A 141 -29.78 20.58 16.18
CA LEU A 141 -29.14 20.86 17.47
C LEU A 141 -29.74 19.89 18.49
N LYS A 142 -28.90 19.29 19.35
CA LYS A 142 -29.44 18.42 20.38
C LYS A 142 -29.53 19.14 21.71
N ILE A 143 -30.75 19.15 22.29
CA ILE A 143 -31.01 19.75 23.60
C ILE A 143 -31.80 18.73 24.40
N GLU A 144 -31.15 18.08 25.38
CA GLU A 144 -31.81 17.10 26.26
C GLU A 144 -32.36 15.91 25.45
N ASN A 145 -31.43 15.17 24.76
CA ASN A 145 -31.73 13.98 23.94
C ASN A 145 -32.96 14.16 23.02
N ARG A 146 -33.00 15.29 22.33
CA ARG A 146 -34.03 15.65 21.37
C ARG A 146 -33.38 16.47 20.23
N GLU A 147 -33.74 16.19 18.96
CA GLU A 147 -33.14 16.89 17.83
C GLU A 147 -34.06 17.99 17.33
N TYR A 148 -33.55 19.22 17.25
CA TYR A 148 -34.35 20.34 16.80
C TYR A 148 -33.76 21.15 15.66
N PHE A 149 -34.55 21.43 14.64
CA PHE A 149 -34.19 22.40 13.61
C PHE A 149 -34.64 23.71 14.23
N LEU A 150 -33.92 24.82 14.01
CA LEU A 150 -34.29 26.07 14.65
C LEU A 150 -34.49 27.21 13.69
N ILE A 151 -35.61 27.92 13.79
CA ILE A 151 -35.84 29.13 13.00
C ILE A 151 -35.68 30.20 14.01
N CYS A 152 -34.59 30.95 13.97
CA CYS A 152 -34.31 32.00 14.95
C CYS A 152 -34.38 33.42 14.35
N GLY A 153 -34.94 34.38 15.09
CA GLY A 153 -35.10 35.75 14.62
C GLY A 153 -34.68 36.82 15.60
N VAL A 154 -34.98 38.10 15.32
CA VAL A 154 -34.55 39.20 16.20
C VAL A 154 -35.54 40.40 16.29
N SER A 155 -35.44 41.19 17.37
CA SER A 155 -36.30 42.36 17.62
C SER A 155 -35.85 43.57 16.79
N PRO A 156 -36.81 44.36 16.25
CA PRO A 156 -36.44 45.52 15.42
C PRO A 156 -35.64 46.64 16.09
N TYR A 157 -36.16 47.17 17.18
CA TYR A 157 -35.54 48.28 17.88
C TYR A 157 -35.49 48.02 19.38
N LYS A 158 -34.71 48.81 20.12
CA LYS A 158 -34.59 48.65 21.56
C LYS A 158 -34.38 49.99 22.26
N PHE A 159 -35.27 50.30 23.20
CA PHE A 159 -35.25 51.52 24.02
C PHE A 159 -35.70 51.21 25.48
N LYS A 160 -36.52 50.12 25.65
CA LYS A 160 -37.08 49.59 26.90
C LYS A 160 -36.38 48.27 27.30
N ASP A 161 -35.74 48.27 28.50
CA ASP A 161 -34.97 47.14 29.06
C ASP A 161 -35.77 45.86 29.31
N ASP A 162 -35.20 44.72 28.88
CA ASP A 162 -35.80 43.39 29.02
C ASP A 162 -34.83 42.44 29.73
N ASP A 166 -35.34 37.64 25.66
CA ASP A 166 -36.56 38.33 25.23
C ASP A 166 -36.37 39.12 23.92
N ASP A 167 -35.12 39.51 23.62
CA ASP A 167 -34.77 40.33 22.45
C ASP A 167 -34.19 39.58 21.26
N ILE A 168 -34.06 38.25 21.36
CA ILE A 168 -33.61 37.28 20.34
C ILE A 168 -34.33 35.96 20.70
N LEU A 169 -34.89 35.23 19.73
CA LEU A 169 -35.63 33.99 20.06
C LEU A 169 -35.74 33.06 18.87
N CYS A 170 -35.98 31.76 19.12
CA CYS A 170 -36.18 30.78 18.04
C CYS A 170 -37.41 29.92 18.29
N MET A 171 -37.94 29.33 17.23
CA MET A 171 -38.98 28.30 17.33
C MET A 171 -38.31 27.04 16.84
N ALA A 172 -38.78 25.87 17.27
CA ALA A 172 -38.08 24.65 16.94
C ALA A 172 -38.98 23.50 16.52
N SER A 173 -38.41 22.56 15.75
CA SER A 173 -39.17 21.42 15.29
C SER A 173 -38.46 20.15 15.59
N HIS A 174 -39.17 19.16 16.10
CA HIS A 174 -38.58 17.83 16.38
C HIS A 174 -39.25 16.70 15.57
N ASP A 175 -39.86 17.11 14.43
CA ASP A 175 -40.61 16.35 13.45
C ASP A 175 -40.31 16.98 12.09
N LYS A 176 -39.01 16.95 11.76
CA LYS A 176 -38.40 17.38 10.53
C LYS A 176 -39.00 18.68 9.93
N GLY A 177 -39.32 19.62 10.78
CA GLY A 177 -39.82 20.96 10.42
C GLY A 177 -41.24 21.13 9.88
N GLU A 178 -42.24 20.52 10.59
CA GLU A 178 -43.68 20.54 10.35
C GLU A 178 -44.33 21.21 11.56
N THR A 179 -43.84 20.92 12.79
CA THR A 179 -44.40 21.57 13.99
C THR A 179 -43.41 22.53 14.58
N TRP A 180 -43.83 23.77 14.93
CA TRP A 180 -42.88 24.71 15.51
C TRP A 180 -43.36 25.29 16.83
N GLY A 181 -43.91 24.43 17.67
CA GLY A 181 -44.44 24.88 18.96
C GLY A 181 -43.43 25.05 20.08
N THR A 182 -42.17 24.68 19.81
CA THR A 182 -41.12 24.69 20.80
C THR A 182 -40.43 26.05 20.89
N LYS A 183 -40.53 26.71 22.04
CA LYS A 183 -39.88 28.02 22.21
C LYS A 183 -38.54 27.97 22.95
N ILE A 184 -37.45 28.35 22.24
CA ILE A 184 -36.08 28.45 22.76
C ILE A 184 -35.82 29.92 23.14
N VAL A 185 -35.43 30.21 24.39
CA VAL A 185 -35.16 31.59 24.81
C VAL A 185 -33.68 31.91 24.71
N ILE A 186 -33.35 33.11 24.24
CA ILE A 186 -31.97 33.55 24.11
C ILE A 186 -31.77 34.80 24.98
N LYS A 187 -31.01 34.65 26.08
CA LYS A 187 -30.72 35.70 27.05
C LYS A 187 -29.37 36.41 26.81
N TYR A 188 -29.30 37.23 25.75
CA TYR A 188 -28.07 37.96 25.45
C TYR A 188 -28.21 39.34 26.08
N ASP A 189 -27.60 39.52 27.27
CA ASP A 189 -27.74 40.72 28.06
C ASP A 189 -26.91 41.93 27.62
N ASN A 190 -26.28 41.89 26.44
CA ASN A 190 -25.53 43.06 25.96
C ASN A 190 -26.24 43.78 24.80
N TYR A 191 -27.57 43.63 24.72
CA TYR A 191 -28.41 44.32 23.74
C TYR A 191 -28.53 45.76 24.21
N LYS A 192 -27.57 46.60 23.81
CA LYS A 192 -27.54 48.02 24.20
C LYS A 192 -28.82 48.78 23.77
N LEU A 193 -28.96 50.03 24.25
CA LEU A 193 -30.13 50.83 23.89
C LEU A 193 -29.88 51.61 22.60
N GLY A 194 -30.65 51.24 21.57
CA GLY A 194 -30.56 51.83 20.24
C GLY A 194 -29.62 51.05 19.33
N VAL A 195 -29.75 49.71 19.29
CA VAL A 195 -28.93 48.87 18.42
C VAL A 195 -29.82 47.92 17.62
N GLN A 196 -29.37 47.51 16.42
CA GLN A 196 -30.18 46.62 15.59
C GLN A 196 -29.33 45.51 15.01
N TYR A 197 -29.79 44.26 15.18
CA TYR A 197 -29.04 43.10 14.73
C TYR A 197 -29.46 42.65 13.34
N PHE A 198 -28.51 42.17 12.54
CA PHE A 198 -28.81 41.78 11.17
C PHE A 198 -28.29 40.40 10.79
N PHE A 199 -28.88 39.80 9.75
CA PHE A 199 -28.50 38.52 9.16
C PHE A 199 -28.24 37.38 10.15
N LEU A 200 -28.92 37.40 11.31
CA LEU A 200 -28.69 36.39 12.36
C LEU A 200 -28.74 34.94 11.89
N ARG A 201 -27.60 34.27 11.95
CA ARG A 201 -27.46 32.87 11.60
C ARG A 201 -26.96 32.09 12.82
N PRO A 202 -27.54 30.92 13.08
CA PRO A 202 -27.10 30.13 14.22
C PRO A 202 -25.98 29.18 13.82
N TYR A 203 -24.82 29.38 14.46
CA TYR A 203 -23.74 28.45 14.27
C TYR A 203 -24.00 27.34 15.28
N ILE A 204 -24.19 26.13 14.76
CA ILE A 204 -24.42 24.95 15.59
C ILE A 204 -23.30 23.98 15.36
N SER A 205 -22.80 23.35 16.44
CA SER A 205 -21.73 22.35 16.39
C SER A 205 -21.77 21.50 17.65
N LYS A 206 -21.68 20.16 17.53
CA LYS A 206 -21.66 19.23 18.68
C LYS A 206 -22.70 19.52 19.74
N ASN A 207 -23.86 20.07 19.35
CA ASN A 207 -24.96 20.40 20.27
C ASN A 207 -24.61 21.58 21.17
N ASP A 208 -23.83 22.53 20.65
CA ASP A 208 -23.45 23.75 21.36
C ASP A 208 -24.05 24.88 20.54
N LEU A 209 -24.87 25.75 21.15
CA LEU A 209 -25.52 26.84 20.42
C LEU A 209 -24.73 28.13 20.40
N SER A 210 -24.60 28.77 19.23
CA SER A 210 -23.89 30.03 19.07
C SER A 210 -24.47 30.87 17.93
N PHE A 211 -24.31 32.20 17.95
CA PHE A 211 -24.88 33.05 16.89
C PHE A 211 -23.91 34.05 16.24
N HIS A 212 -24.00 34.18 14.91
CA HIS A 212 -23.16 35.11 14.13
C HIS A 212 -24.08 36.15 13.47
N PHE A 213 -23.94 37.43 13.86
CA PHE A 213 -24.83 38.46 13.36
C PHE A 213 -24.18 39.84 13.24
N TYR A 214 -24.45 40.57 12.16
CA TYR A 214 -23.90 41.93 11.97
C TYR A 214 -24.61 42.95 12.89
N VAL A 215 -23.99 44.11 13.10
CA VAL A 215 -24.58 45.15 13.95
C VAL A 215 -24.47 46.49 13.23
N GLY A 216 -25.59 47.06 12.83
CA GLY A 216 -25.65 48.35 12.15
C GLY A 216 -25.40 49.52 13.08
N ASP A 217 -24.11 49.92 13.20
CA ASP A 217 -23.67 51.00 14.09
C ASP A 217 -24.35 52.34 13.79
N ASN A 218 -24.89 52.99 14.82
CA ASN A 218 -25.57 54.27 14.63
C ASN A 218 -24.54 55.37 14.36
N ILE A 219 -23.52 55.41 15.22
CA ILE A 219 -22.42 56.40 15.04
C ILE A 219 -21.83 56.14 13.66
N ASN A 220 -21.21 54.96 13.50
CA ASN A 220 -20.70 54.59 12.17
C ASN A 220 -21.90 54.25 11.28
N ASN A 221 -21.64 53.91 10.03
CA ASN A 221 -22.74 53.50 9.11
C ASN A 221 -22.33 52.14 8.57
N VAL A 222 -21.66 51.35 9.41
CA VAL A 222 -21.13 50.05 8.91
C VAL A 222 -21.69 48.91 9.76
N LYS A 223 -21.69 47.70 9.20
CA LYS A 223 -22.19 46.53 9.89
C LYS A 223 -20.99 45.76 10.47
N ASN A 224 -20.94 45.61 11.80
CA ASN A 224 -19.82 44.97 12.50
C ASN A 224 -20.22 43.57 12.96
N VAL A 225 -19.44 42.55 12.60
CA VAL A 225 -19.70 41.15 12.98
C VAL A 225 -19.63 40.94 14.50
N ASN A 226 -20.51 40.09 15.03
CA ASN A 226 -20.55 39.74 16.45
C ASN A 226 -20.79 38.24 16.56
N PHE A 227 -20.12 37.58 17.49
CA PHE A 227 -20.32 36.15 17.70
C PHE A 227 -20.55 35.88 19.18
N ILE A 228 -21.67 35.25 19.52
CA ILE A 228 -21.99 34.98 20.92
C ILE A 228 -22.03 33.48 21.21
N GLU A 229 -21.61 33.08 22.42
CA GLU A 229 -21.63 31.69 22.84
C GLU A 229 -22.79 31.50 23.78
N CYS A 230 -23.70 30.58 23.45
CA CYS A 230 -24.88 30.34 24.27
C CYS A 230 -24.73 29.13 25.16
N THR A 231 -25.01 29.31 26.45
CA THR A 231 -24.89 28.25 27.45
C THR A 231 -26.26 27.80 27.90
N HIS A 232 -26.47 26.48 28.02
CA HIS A 232 -27.76 25.94 28.43
C HIS A 232 -27.98 26.01 29.94
N GLU A 233 -29.08 26.63 30.40
CA GLU A 233 -29.39 26.71 31.83
C GLU A 233 -30.46 25.60 32.14
N LYS A 234 -31.73 25.92 32.50
CA LYS A 234 -32.77 24.92 32.69
C LYS A 234 -33.26 24.47 31.29
N ASP A 235 -34.04 23.39 31.20
CA ASP A 235 -34.57 22.89 29.91
C ASP A 235 -35.15 23.98 28.99
N LEU A 236 -34.52 24.18 27.81
CA LEU A 236 -34.94 25.16 26.80
C LEU A 236 -34.59 26.61 27.14
N GLU A 237 -33.83 26.86 28.21
CA GLU A 237 -33.42 28.21 28.58
C GLU A 237 -31.93 28.36 28.24
N PHE A 238 -31.56 29.42 27.53
CA PHE A 238 -30.17 29.65 27.13
C PHE A 238 -29.72 31.07 27.45
N VAL A 239 -28.53 31.21 28.05
CA VAL A 239 -27.97 32.53 28.35
C VAL A 239 -26.70 32.67 27.52
N CYS A 240 -26.64 33.70 26.67
CA CYS A 240 -25.50 33.87 25.77
C CYS A 240 -24.51 34.94 26.24
N SER A 241 -23.27 34.92 25.69
CA SER A 241 -22.21 35.85 26.05
C SER A 241 -21.33 36.14 24.84
N ASN A 242 -20.84 37.38 24.69
CA ASN A 242 -20.04 37.75 23.52
C ASN A 242 -18.61 37.23 23.53
N ARG A 243 -18.28 36.30 22.61
CA ARG A 243 -16.91 35.83 22.48
C ARG A 243 -16.17 36.89 21.68
N ASP A 244 -15.09 37.43 22.25
CA ASP A 244 -14.32 38.48 21.60
C ASP A 244 -13.37 37.93 20.53
N PHE A 245 -13.28 38.62 19.40
CA PHE A 245 -12.38 38.27 18.31
C PHE A 245 -11.70 39.48 17.69
N LEU A 246 -11.90 40.69 18.20
CA LEU A 246 -11.34 41.95 17.70
C LEU A 246 -9.82 41.87 17.41
N LYS A 247 -9.39 42.05 16.15
CA LYS A 247 -7.95 41.96 15.83
C LYS A 247 -7.34 43.27 15.35
N ASP A 248 -6.18 43.61 15.92
CA ASP A 248 -5.42 44.82 15.58
C ASP A 248 -5.26 45.05 14.08
N ASN A 249 -6.02 46.03 13.55
CA ASN A 249 -6.06 46.45 12.14
C ASN A 249 -6.52 45.34 11.20
N LYS A 250 -7.73 44.83 11.49
CA LYS A 250 -8.42 43.75 10.77
C LYS A 250 -9.90 43.74 11.19
N VAL A 251 -10.78 43.34 10.28
CA VAL A 251 -12.20 43.28 10.57
C VAL A 251 -12.69 41.83 10.67
N LEU A 252 -13.49 41.51 11.70
CA LEU A 252 -14.07 40.19 11.91
C LEU A 252 -15.06 39.90 10.75
N GLN A 253 -15.09 38.66 10.26
CA GLN A 253 -15.92 38.31 9.12
C GLN A 253 -16.78 37.04 9.36
N ASP A 254 -16.22 35.84 9.24
CA ASP A 254 -16.96 34.60 9.47
C ASP A 254 -16.31 33.80 10.61
N VAL A 255 -17.00 32.82 11.19
CA VAL A 255 -16.46 32.04 12.30
C VAL A 255 -16.96 30.60 12.20
N SER A 256 -16.06 29.63 12.32
CA SER A 256 -16.44 28.22 12.31
C SER A 256 -15.69 27.50 13.47
N THR A 257 -15.64 26.15 13.48
CA THR A 257 -14.85 25.38 14.44
C THR A 257 -14.30 24.15 13.77
N LEU A 258 -13.06 23.79 14.10
CA LEU A 258 -12.36 22.60 13.63
C LEU A 258 -11.49 22.14 14.79
N ASN A 259 -11.51 20.84 15.10
CA ASN A 259 -10.80 20.26 16.26
C ASN A 259 -11.35 20.82 17.59
N ASP A 260 -12.57 21.44 17.57
CA ASP A 260 -13.19 22.13 18.69
C ASP A 260 -12.44 23.44 18.98
N GLU A 261 -11.96 24.12 17.91
CA GLU A 261 -11.20 25.39 17.99
C GLU A 261 -11.72 26.32 16.90
N TYR A 262 -11.91 27.62 17.23
CA TYR A 262 -12.46 28.55 16.24
C TYR A 262 -11.53 28.76 15.09
N ILE A 263 -12.07 28.70 13.88
CA ILE A 263 -11.36 28.98 12.65
C ILE A 263 -12.06 30.25 12.22
N VAL A 264 -11.42 31.40 12.41
CA VAL A 264 -12.07 32.69 12.17
C VAL A 264 -11.63 33.34 10.87
N SER A 265 -12.45 34.25 10.34
CA SER A 265 -12.18 34.91 9.08
C SER A 265 -12.04 36.42 9.29
N TYR A 266 -11.02 37.04 8.65
CA TYR A 266 -10.73 38.47 8.79
C TYR A 266 -10.40 39.10 7.48
N GLY A 267 -10.77 40.36 7.33
CA GLY A 267 -10.38 41.14 6.17
C GLY A 267 -9.47 42.28 6.58
N ASN A 268 -8.69 42.82 5.66
CA ASN A 268 -7.81 43.95 5.94
C ASN A 268 -8.64 45.18 6.39
N ASP A 269 -9.63 45.55 5.59
CA ASP A 269 -10.56 46.64 5.86
C ASP A 269 -11.98 46.22 5.40
N ASN A 270 -12.99 47.07 5.63
CA ASN A 270 -14.38 46.78 5.25
C ASN A 270 -14.58 46.56 3.75
N ASN A 271 -13.56 46.82 2.92
CA ASN A 271 -13.64 46.61 1.48
C ASN A 271 -13.13 45.20 1.08
N PHE A 272 -12.30 44.57 1.94
CA PHE A 272 -11.80 43.20 1.82
C PHE A 272 -10.93 42.93 0.60
N ALA A 273 -9.78 43.59 0.53
CA ALA A 273 -8.83 43.34 -0.55
C ALA A 273 -8.04 42.03 -0.29
N GLU A 274 -7.88 41.64 0.98
CA GLU A 274 -7.13 40.47 1.42
C GLU A 274 -7.76 39.87 2.64
N CYS A 275 -7.81 38.54 2.71
CA CYS A 275 -8.44 37.87 3.85
C CYS A 275 -7.50 36.92 4.58
N TYR A 276 -7.68 36.75 5.89
CA TYR A 276 -6.79 35.96 6.74
C TYR A 276 -7.61 34.99 7.60
N ILE A 277 -7.17 33.72 7.72
CA ILE A 277 -7.88 32.69 8.50
C ILE A 277 -7.05 32.25 9.71
N PHE A 278 -7.65 32.28 10.91
CA PHE A 278 -6.92 31.99 12.14
C PHE A 278 -7.35 30.77 12.91
N PHE A 279 -6.54 29.73 12.82
CA PHE A 279 -6.77 28.47 13.48
C PHE A 279 -6.33 28.55 14.94
N ASN A 280 -7.30 28.72 15.84
CA ASN A 280 -7.06 28.80 17.28
C ASN A 280 -6.21 30.02 17.68
N ASN A 281 -6.28 31.10 16.88
CA ASN A 281 -5.53 32.34 17.12
C ASN A 281 -4.03 32.06 17.20
N GLU A 282 -3.51 31.18 16.33
CA GLU A 282 -2.09 30.84 16.35
C GLU A 282 -1.49 30.92 14.94
N ASN A 283 -2.04 30.13 14.02
CA ASN A 283 -1.61 30.01 12.64
C ASN A 283 -2.49 30.80 11.69
N SER A 284 -1.90 31.60 10.82
CA SER A 284 -2.64 32.38 9.84
C SER A 284 -2.42 31.86 8.44
N ILE A 285 -3.33 32.16 7.51
CA ILE A 285 -3.12 31.87 6.10
C ILE A 285 -3.68 33.05 5.33
N LEU A 286 -2.86 33.66 4.46
CA LEU A 286 -3.34 34.78 3.66
C LEU A 286 -3.76 34.26 2.30
N ILE A 287 -5.01 34.54 1.96
CA ILE A 287 -5.61 34.14 0.71
C ILE A 287 -5.63 35.36 -0.22
N LYS A 288 -4.87 35.27 -1.31
CA LYS A 288 -4.74 36.37 -2.26
C LYS A 288 -5.79 36.18 -3.34
N PRO A 289 -6.82 37.04 -3.36
CA PRO A 289 -7.90 36.86 -4.33
C PRO A 289 -7.59 37.16 -5.79
N GLU A 290 -6.36 37.54 -6.10
CA GLU A 290 -5.99 37.84 -7.47
C GLU A 290 -5.61 36.57 -8.25
N LYS A 291 -6.32 35.46 -7.98
CA LYS A 291 -6.12 34.23 -8.73
C LYS A 291 -7.21 34.12 -9.82
N TYR A 292 -6.85 33.56 -10.99
CA TYR A 292 -7.66 33.46 -12.23
C TYR A 292 -7.57 34.78 -13.04
N GLY A 293 -6.47 35.54 -12.88
CA GLY A 293 -6.28 36.82 -13.55
C GLY A 293 -7.36 37.80 -13.18
N ASN A 294 -7.40 38.22 -11.90
CA ASN A 294 -8.45 39.12 -11.43
C ASN A 294 -7.93 40.40 -10.78
N THR A 295 -7.97 41.51 -11.55
CA THR A 295 -7.60 42.89 -11.17
C THR A 295 -8.63 43.42 -10.14
N ALA A 296 -9.94 43.37 -10.52
CA ALA A 296 -11.11 43.76 -9.72
C ALA A 296 -11.53 42.55 -8.90
N ALA A 297 -10.77 42.26 -7.83
CA ALA A 297 -11.03 41.09 -6.99
C ALA A 297 -10.84 41.40 -5.51
N GLY A 298 -11.55 40.66 -4.67
CA GLY A 298 -11.53 40.79 -3.22
C GLY A 298 -12.16 39.60 -2.53
N CYS A 299 -12.40 39.69 -1.22
CA CYS A 299 -12.97 38.57 -0.48
C CYS A 299 -14.21 38.96 0.32
N TYR A 300 -15.00 39.93 -0.17
CA TYR A 300 -16.24 40.34 0.49
C TYR A 300 -17.22 39.19 0.43
N GLY A 301 -17.85 38.89 1.56
CA GLY A 301 -18.78 37.78 1.64
C GLY A 301 -18.08 36.44 1.74
N GLY A 302 -16.90 36.44 2.37
CA GLY A 302 -16.15 35.20 2.58
C GLY A 302 -16.89 34.33 3.56
N THR A 303 -17.10 33.07 3.21
CA THR A 303 -17.90 32.18 4.04
C THR A 303 -17.26 30.81 4.27
N PHE A 304 -17.65 30.13 5.35
CA PHE A 304 -17.17 28.82 5.74
C PHE A 304 -18.24 27.76 5.57
N VAL A 305 -17.89 26.63 4.98
CA VAL A 305 -18.82 25.52 4.82
C VAL A 305 -18.18 24.30 5.51
N LYS A 306 -18.42 24.07 6.82
CA LYS A 306 -17.75 22.94 7.50
C LYS A 306 -18.17 21.60 6.89
N ILE A 307 -17.18 20.75 6.59
CA ILE A 307 -17.40 19.44 5.96
C ILE A 307 -16.99 18.26 6.89
N ASP A 308 -16.32 18.55 8.01
CA ASP A 308 -15.74 17.55 8.89
C ASP A 308 -15.11 18.30 10.06
N GLU A 309 -14.90 17.64 11.24
CA GLU A 309 -14.22 18.30 12.36
C GLU A 309 -12.77 18.77 11.95
N ASN A 310 -12.32 18.44 10.71
CA ASN A 310 -11.03 18.83 10.16
C ASN A 310 -11.18 19.69 8.90
N ARG A 311 -11.98 19.27 7.91
CA ARG A 311 -12.19 20.06 6.69
C ARG A 311 -13.28 21.12 6.82
N ALA A 312 -13.21 22.17 5.99
CA ALA A 312 -14.15 23.30 5.91
C ALA A 312 -13.73 24.13 4.71
N LEU A 313 -14.64 24.55 3.80
CA LEU A 313 -14.23 25.37 2.67
C LEU A 313 -14.39 26.85 2.97
N PHE A 314 -13.58 27.68 2.33
CA PHE A 314 -13.69 29.12 2.48
C PHE A 314 -14.01 29.66 1.11
N ILE A 315 -15.28 30.02 0.89
CA ILE A 315 -15.74 30.45 -0.41
C ILE A 315 -16.25 31.91 -0.46
N TYR A 316 -15.88 32.61 -1.54
CA TYR A 316 -16.28 33.98 -1.91
C TYR A 316 -16.36 34.11 -3.45
N SER A 317 -17.04 35.15 -3.95
CA SER A 317 -17.17 35.34 -5.39
C SER A 317 -16.52 36.65 -5.83
N SER A 318 -15.23 36.59 -6.25
CA SER A 318 -14.45 37.77 -6.65
C SER A 318 -14.93 38.49 -7.94
N SER A 319 -16.03 37.98 -8.55
CA SER A 319 -16.72 38.50 -9.74
C SER A 319 -17.96 37.63 -10.05
N GLN A 320 -18.89 38.10 -10.90
CA GLN A 320 -20.10 37.34 -11.19
C GLN A 320 -19.85 36.05 -12.01
N GLY A 321 -20.41 34.95 -11.51
CA GLY A 321 -20.35 33.61 -12.09
C GLY A 321 -19.02 32.94 -11.85
N ILE A 322 -18.34 33.30 -10.75
CA ILE A 322 -17.00 32.83 -10.41
C ILE A 322 -16.88 32.57 -8.90
N TYR A 323 -16.62 31.32 -8.50
CA TYR A 323 -16.49 30.96 -7.10
C TYR A 323 -15.09 30.50 -6.74
N ASN A 324 -14.46 31.15 -5.74
CA ASN A 324 -13.10 30.82 -5.26
C ASN A 324 -13.19 29.89 -4.05
N ILE A 325 -12.78 28.62 -4.26
CA ILE A 325 -12.85 27.56 -3.25
C ILE A 325 -11.56 27.39 -2.50
N HIS A 326 -11.52 27.82 -1.23
CA HIS A 326 -10.32 27.67 -0.44
C HIS A 326 -10.52 26.41 0.36
N THR A 327 -9.89 25.34 -0.07
CA THR A 327 -10.08 24.03 0.54
C THR A 327 -9.17 23.86 1.76
N ILE A 328 -9.71 24.19 2.95
CA ILE A 328 -9.01 24.14 4.24
C ILE A 328 -9.08 22.77 4.93
N TYR A 329 -7.95 22.34 5.50
CA TYR A 329 -7.81 21.12 6.31
C TYR A 329 -6.96 21.52 7.53
N TYR A 330 -7.34 21.08 8.73
CA TYR A 330 -6.61 21.44 9.94
C TYR A 330 -6.58 20.26 10.92
N ALA A 331 -5.43 20.02 11.58
CA ALA A 331 -5.33 18.88 12.49
C ALA A 331 -4.43 19.10 13.74
N ASN A 332 -4.77 20.06 14.63
CA ASN A 332 -3.99 20.28 15.87
C ASN A 332 -4.05 19.08 16.86
N TYR A 333 -2.97 18.28 16.96
CA TYR A 333 -2.94 17.17 17.93
C TYR A 333 -1.56 17.10 18.65
N VAL B 1 -41.82 -3.21 20.66
CA VAL B 1 -43.07 -2.59 21.13
C VAL B 1 -44.36 -3.32 20.74
N THR B 2 -45.37 -3.24 21.62
CA THR B 2 -46.68 -3.83 21.34
C THR B 2 -47.77 -2.75 21.37
N LEU B 3 -48.61 -2.74 20.34
CA LEU B 3 -49.68 -1.77 20.16
C LEU B 3 -51.01 -2.40 20.46
N ASP B 4 -51.70 -1.91 21.49
CA ASP B 4 -52.98 -2.47 21.90
C ASP B 4 -54.18 -1.55 21.65
N GLU B 5 -54.62 -1.45 20.40
CA GLU B 5 -55.76 -0.63 20.07
C GLU B 5 -57.00 -1.40 20.47
N SER B 6 -57.79 -0.77 21.32
CA SER B 6 -59.04 -1.29 21.89
C SER B 6 -60.07 -0.13 21.93
N GLY B 7 -61.28 -0.38 22.42
CA GLY B 7 -62.28 0.68 22.51
C GLY B 7 -63.05 0.96 21.24
N GLY B 8 -63.46 -0.11 20.55
CA GLY B 8 -64.25 -0.01 19.34
C GLY B 8 -65.09 -1.24 19.14
N GLY B 9 -66.33 -1.06 18.68
CA GLY B 9 -67.21 -2.19 18.44
C GLY B 9 -68.45 -1.84 17.64
N LEU B 10 -69.59 -2.42 18.03
CA LEU B 10 -70.85 -2.16 17.35
C LEU B 10 -71.43 -0.83 17.78
N GLN B 11 -71.21 0.19 16.97
CA GLN B 11 -71.66 1.55 17.23
C GLN B 11 -72.88 1.89 16.40
N THR B 12 -73.68 2.82 16.89
CA THR B 12 -74.90 3.25 16.20
C THR B 12 -74.58 4.33 15.17
N PRO B 13 -75.21 4.25 13.98
CA PRO B 13 -74.92 5.23 12.92
C PRO B 13 -75.33 6.65 13.27
N GLY B 14 -74.42 7.58 12.97
CA GLY B 14 -74.55 8.98 13.33
C GLY B 14 -74.31 9.09 14.83
N GLY B 15 -73.07 8.86 15.22
CA GLY B 15 -72.66 8.90 16.62
C GLY B 15 -71.15 9.07 16.78
N ALA B 16 -70.64 9.07 18.03
CA ALA B 16 -69.20 9.25 18.26
C ALA B 16 -68.46 7.94 18.58
N LEU B 17 -67.15 7.90 18.34
CA LEU B 17 -66.38 6.69 18.58
C LEU B 17 -64.96 6.98 19.07
N SER B 18 -64.66 6.64 20.34
CA SER B 18 -63.30 6.82 20.82
C SER B 18 -62.56 5.51 21.03
N LEU B 19 -61.59 5.24 20.15
CA LEU B 19 -60.72 4.07 20.27
C LEU B 19 -59.47 4.52 21.03
N VAL B 20 -58.81 3.59 21.73
CA VAL B 20 -57.58 3.88 22.47
C VAL B 20 -56.53 2.81 22.15
N CYS B 21 -55.39 3.24 21.60
CA CYS B 21 -54.29 2.36 21.28
C CYS B 21 -53.27 2.49 22.39
N LYS B 22 -53.16 1.43 23.20
CA LYS B 22 -52.27 1.33 24.33
C LYS B 22 -50.87 0.87 23.93
N GLY B 23 -49.93 1.80 23.99
CA GLY B 23 -48.54 1.54 23.66
C GLY B 23 -47.84 0.87 24.81
N SER B 24 -47.11 -0.20 24.52
CA SER B 24 -46.39 -0.96 25.53
C SER B 24 -45.00 -1.23 25.03
N GLY B 25 -44.03 -1.17 25.94
CA GLY B 25 -42.63 -1.42 25.64
C GLY B 25 -41.95 -0.33 24.86
N PHE B 26 -42.44 0.91 25.00
CA PHE B 26 -41.87 2.04 24.27
C PHE B 26 -40.76 2.76 25.01
N PHE B 27 -39.78 3.25 24.25
CA PHE B 27 -38.71 4.08 24.77
C PHE B 27 -38.88 5.38 24.04
N SER B 28 -39.24 6.44 24.78
CA SER B 28 -39.53 7.79 24.29
C SER B 28 -40.57 7.71 23.19
N PHE B 29 -41.76 7.27 23.55
CA PHE B 29 -42.91 7.14 22.64
C PHE B 29 -43.19 8.47 21.93
N SER B 30 -43.06 9.58 22.70
CA SER B 30 -43.18 11.00 22.33
C SER B 30 -42.56 11.26 20.97
N SER B 31 -41.38 10.68 20.72
CA SER B 31 -40.59 10.83 19.52
C SER B 31 -41.20 10.22 18.27
N TYR B 32 -41.90 9.09 18.38
CA TYR B 32 -42.50 8.42 17.22
C TYR B 32 -43.67 9.17 16.64
N THR B 33 -43.92 9.00 15.33
CA THR B 33 -45.13 9.56 14.72
C THR B 33 -46.17 8.43 14.83
N MET B 34 -47.38 8.75 15.28
CA MET B 34 -48.40 7.73 15.50
C MET B 34 -49.53 7.77 14.50
N GLN B 35 -50.03 6.60 14.13
CA GLN B 35 -51.05 6.51 13.10
C GLN B 35 -52.26 5.56 13.31
N TRP B 36 -53.33 5.81 12.52
CA TRP B 36 -54.54 5.01 12.46
C TRP B 36 -54.79 4.69 10.99
N VAL B 37 -55.00 3.41 10.66
CA VAL B 37 -55.25 2.90 9.32
C VAL B 37 -56.44 1.94 9.42
N ARG B 38 -57.37 1.91 8.44
CA ARG B 38 -58.51 1.00 8.50
C ARG B 38 -58.68 0.15 7.24
N GLN B 39 -59.43 -0.96 7.36
CA GLN B 39 -59.72 -1.86 6.25
C GLN B 39 -61.20 -2.29 6.23
N ALA B 40 -62.00 -1.73 5.32
CA ALA B 40 -63.40 -2.11 5.20
C ALA B 40 -63.49 -3.55 4.68
N PRO B 41 -64.53 -4.31 5.09
CA PRO B 41 -64.63 -5.71 4.66
C PRO B 41 -64.64 -5.94 3.15
N GLY B 42 -63.69 -6.76 2.70
CA GLY B 42 -63.51 -7.06 1.27
C GLY B 42 -62.87 -5.92 0.49
N LYS B 43 -62.36 -4.91 1.21
CA LYS B 43 -61.70 -3.74 0.66
C LYS B 43 -60.21 -3.71 1.07
N GLY B 44 -59.45 -2.73 0.58
CA GLY B 44 -58.03 -2.64 0.86
C GLY B 44 -57.65 -1.80 2.07
N LEU B 45 -56.42 -1.28 2.07
CA LEU B 45 -55.94 -0.48 3.18
C LEU B 45 -56.19 1.00 3.00
N GLU B 46 -56.60 1.67 4.08
CA GLU B 46 -56.90 3.10 4.02
C GLU B 46 -56.27 3.87 5.15
N TRP B 47 -55.50 4.92 4.85
CA TRP B 47 -54.93 5.76 5.91
C TRP B 47 -56.04 6.63 6.51
N VAL B 48 -56.10 6.66 7.84
CA VAL B 48 -57.14 7.38 8.57
C VAL B 48 -56.64 8.68 9.19
N ALA B 49 -55.54 8.63 9.97
CA ALA B 49 -54.99 9.81 10.62
C ALA B 49 -53.54 9.62 11.10
N SER B 50 -52.77 10.73 11.17
CA SER B 50 -51.39 10.75 11.66
C SER B 50 -51.17 11.85 12.70
N ILE B 51 -50.16 11.67 13.58
CA ILE B 51 -49.76 12.64 14.59
C ILE B 51 -48.23 12.60 14.82
N SER B 52 -47.55 13.67 14.43
CA SER B 52 -46.11 13.77 14.59
C SER B 52 -45.73 14.01 16.06
N SER B 53 -44.42 13.96 16.39
CA SER B 53 -43.99 14.17 17.76
C SER B 53 -44.38 15.54 18.32
N GLY B 54 -44.49 16.55 17.48
CA GLY B 54 -44.89 17.87 17.91
C GLY B 54 -46.38 18.17 17.85
N GLY B 55 -47.18 17.13 17.56
CA GLY B 55 -48.63 17.27 17.45
C GLY B 55 -49.16 17.43 16.03
N GLY B 56 -48.34 17.04 15.05
CA GLY B 56 -48.64 17.16 13.63
C GLY B 56 -49.78 16.29 13.14
N THR B 57 -51.00 16.81 13.28
CA THR B 57 -52.26 16.16 12.92
C THR B 57 -52.67 16.26 11.46
N ASN B 58 -52.92 15.13 10.81
CA ASN B 58 -53.38 15.09 9.43
C ASN B 58 -54.40 13.97 9.31
N TYR B 59 -55.55 14.23 8.69
CA TYR B 59 -56.63 13.23 8.55
C TYR B 59 -56.90 12.86 7.08
N GLY B 60 -57.23 11.59 6.86
CA GLY B 60 -57.55 11.05 5.54
C GLY B 60 -58.73 11.75 4.94
N ALA B 61 -58.73 11.95 3.63
CA ALA B 61 -59.83 12.67 2.93
C ALA B 61 -61.22 12.16 3.30
N ALA B 62 -61.30 10.85 3.58
CA ALA B 62 -62.54 10.19 3.95
C ALA B 62 -63.08 10.65 5.28
N VAL B 63 -62.22 10.82 6.30
CA VAL B 63 -62.72 11.17 7.63
C VAL B 63 -62.49 12.64 8.04
N LYS B 64 -61.69 13.40 7.29
CA LYS B 64 -61.39 14.81 7.66
C LYS B 64 -62.67 15.57 8.03
N GLY B 65 -62.68 16.32 9.13
CA GLY B 65 -63.82 17.15 9.50
C GLY B 65 -64.62 16.66 10.69
N ARG B 66 -64.65 15.34 10.89
CA ARG B 66 -65.36 14.71 12.02
C ARG B 66 -64.42 13.86 12.91
N ALA B 67 -63.16 13.67 12.47
CA ALA B 67 -62.17 12.89 13.18
C ALA B 67 -61.24 13.76 13.98
N THR B 68 -60.69 13.20 15.07
CA THR B 68 -59.73 13.87 15.93
C THR B 68 -58.79 12.84 16.54
N ILE B 69 -57.52 12.89 16.12
CA ILE B 69 -56.48 12.02 16.62
C ILE B 69 -55.64 12.80 17.64
N SER B 70 -55.20 12.12 18.69
CA SER B 70 -54.45 12.72 19.77
C SER B 70 -53.51 11.70 20.41
N ARG B 71 -52.54 12.17 21.19
CA ARG B 71 -51.63 11.27 21.89
C ARG B 71 -51.43 11.70 23.32
N ASP B 72 -51.62 10.77 24.23
CA ASP B 72 -51.37 11.03 25.64
C ASP B 72 -50.03 10.42 25.87
N ASN B 73 -49.00 11.22 25.62
CA ASN B 73 -47.59 10.85 25.71
C ASN B 73 -47.24 10.16 27.02
N GLY B 74 -47.69 10.73 28.13
CA GLY B 74 -47.45 10.20 29.47
C GLY B 74 -47.83 8.74 29.64
N GLN B 75 -48.99 8.35 29.15
CA GLN B 75 -49.45 6.97 29.24
C GLN B 75 -49.14 6.15 27.98
N SER B 76 -48.36 6.69 27.04
CA SER B 76 -48.07 6.09 25.75
C SER B 76 -49.35 5.61 25.04
N THR B 77 -50.39 6.46 24.99
CA THR B 77 -51.63 6.09 24.33
C THR B 77 -51.91 6.99 23.14
N LEU B 78 -52.58 6.42 22.16
CA LEU B 78 -52.98 7.08 20.94
C LEU B 78 -54.51 6.99 20.89
N ARG B 79 -55.23 8.11 20.72
CA ARG B 79 -56.71 8.08 20.70
C ARG B 79 -57.32 8.59 19.39
N LEU B 80 -58.57 8.22 19.10
CA LEU B 80 -59.25 8.68 17.89
C LEU B 80 -60.76 8.82 18.13
N GLN B 81 -61.25 10.07 18.17
CA GLN B 81 -62.68 10.35 18.30
C GLN B 81 -63.18 10.63 16.87
N LEU B 82 -64.23 9.93 16.42
CA LEU B 82 -64.77 10.10 15.07
C LEU B 82 -66.28 10.22 15.19
N ASN B 83 -66.87 11.39 14.87
CA ASN B 83 -68.32 11.56 15.01
C ASN B 83 -69.10 11.34 13.68
N ASN B 84 -70.46 11.26 13.74
CA ASN B 84 -71.35 10.99 12.60
C ASN B 84 -70.87 9.75 11.83
N LEU B 85 -71.03 8.57 12.44
CA LEU B 85 -70.57 7.35 11.83
C LEU B 85 -71.44 6.93 10.64
N ARG B 86 -70.85 6.23 9.66
CA ARG B 86 -71.51 5.79 8.42
C ARG B 86 -71.13 4.34 8.07
N ALA B 87 -71.64 3.76 6.96
CA ALA B 87 -71.25 2.39 6.54
C ALA B 87 -69.80 2.37 6.04
N GLU B 88 -69.36 3.48 5.43
CA GLU B 88 -67.99 3.67 4.96
C GLU B 88 -67.01 3.54 6.14
N ASP B 89 -67.46 3.88 7.36
CA ASP B 89 -66.70 3.78 8.59
C ASP B 89 -66.67 2.38 9.19
N THR B 90 -67.19 1.37 8.50
CA THR B 90 -67.15 0.00 8.99
C THR B 90 -65.85 -0.66 8.53
N GLY B 91 -65.37 -1.60 9.33
CA GLY B 91 -64.14 -2.33 9.05
C GLY B 91 -63.20 -2.39 10.23
N THR B 92 -62.09 -3.14 10.08
CA THR B 92 -61.10 -3.25 11.15
C THR B 92 -60.25 -2.00 11.23
N TYR B 93 -59.83 -1.63 12.43
CA TYR B 93 -59.01 -0.44 12.63
C TYR B 93 -57.66 -0.85 13.20
N TYR B 94 -56.59 -0.58 12.47
CA TYR B 94 -55.24 -0.88 12.91
C TYR B 94 -54.48 0.34 13.38
N CYS B 95 -53.75 0.16 14.45
CA CYS B 95 -52.96 1.19 15.08
C CYS B 95 -51.56 0.99 14.55
N ALA B 96 -50.98 2.04 14.00
CA ALA B 96 -49.66 1.94 13.41
C ALA B 96 -48.67 2.88 14.07
N LYS B 97 -47.41 2.47 14.04
CA LYS B 97 -46.30 3.24 14.53
C LYS B 97 -45.39 3.53 13.35
N HIS B 98 -44.83 4.74 13.31
CA HIS B 98 -43.86 5.09 12.28
C HIS B 98 -42.50 4.73 12.79
N GLY B 99 -41.63 4.28 11.89
CA GLY B 99 -40.23 3.93 12.19
C GLY B 99 -39.52 4.96 13.04
N VAL B 100 -38.48 4.57 13.76
CA VAL B 100 -37.81 5.48 14.68
C VAL B 100 -37.17 6.70 13.97
N ASN B 101 -36.43 6.48 12.88
CA ASN B 101 -35.77 7.59 12.18
C ASN B 101 -36.73 8.56 11.50
N GLY B 102 -37.97 8.14 11.23
CA GLY B 102 -39.01 8.96 10.62
C GLY B 102 -39.37 8.65 9.19
N CYS B 103 -39.93 9.64 8.49
CA CYS B 103 -40.33 9.56 7.08
C CYS B 103 -40.24 10.95 6.44
N ASP B 104 -40.61 11.07 5.15
CA ASP B 104 -40.63 12.35 4.44
C ASP B 104 -41.64 13.28 5.15
N TRP B 105 -42.88 12.82 5.26
CA TRP B 105 -43.94 13.56 5.90
C TRP B 105 -44.60 12.67 6.95
N SER B 106 -44.98 13.23 8.10
CA SER B 106 -45.58 12.46 9.19
C SER B 106 -46.84 11.68 8.78
N TYR B 107 -47.53 12.15 7.73
CA TYR B 107 -48.73 11.51 7.24
C TYR B 107 -48.48 10.51 6.11
N SER B 108 -47.28 9.95 6.04
CA SER B 108 -46.97 8.99 5.00
C SER B 108 -47.23 7.58 5.50
N VAL B 109 -47.47 6.65 4.58
CA VAL B 109 -47.63 5.25 4.97
C VAL B 109 -46.53 4.38 4.36
N GLY B 110 -45.36 4.96 4.14
CA GLY B 110 -44.21 4.22 3.65
C GLY B 110 -43.15 4.04 4.70
N CYS B 111 -43.50 4.27 5.98
CA CYS B 111 -42.58 4.17 7.08
C CYS B 111 -43.20 3.51 8.30
N VAL B 112 -44.22 2.66 8.13
CA VAL B 112 -44.80 1.96 9.26
C VAL B 112 -44.02 0.70 9.47
N ASP B 113 -43.53 0.47 10.68
CA ASP B 113 -42.81 -0.75 11.04
C ASP B 113 -43.60 -1.63 12.03
N ALA B 114 -44.52 -1.01 12.80
CA ALA B 114 -45.31 -1.73 13.78
C ALA B 114 -46.82 -1.54 13.57
N TRP B 115 -47.58 -2.64 13.69
CA TRP B 115 -49.05 -2.68 13.58
C TRP B 115 -49.63 -3.38 14.81
N GLY B 116 -50.84 -2.98 15.19
CA GLY B 116 -51.53 -3.61 16.31
C GLY B 116 -52.42 -4.76 15.86
N HIS B 117 -53.13 -5.38 16.82
CA HIS B 117 -54.03 -6.52 16.61
C HIS B 117 -55.24 -6.22 15.75
N GLY B 118 -55.82 -5.05 15.94
CA GLY B 118 -56.98 -4.61 15.19
C GLY B 118 -58.29 -4.64 15.93
N THR B 119 -58.90 -3.46 16.14
CA THR B 119 -60.22 -3.38 16.77
C THR B 119 -61.24 -3.22 15.64
N GLU B 120 -62.14 -4.20 15.49
CA GLU B 120 -63.12 -4.15 14.43
C GLU B 120 -64.27 -3.23 14.82
N VAL B 121 -64.46 -2.16 14.04
CA VAL B 121 -65.54 -1.21 14.29
C VAL B 121 -66.66 -1.45 13.26
N ILE B 122 -67.90 -1.73 13.75
CA ILE B 122 -69.10 -1.97 12.94
C ILE B 122 -70.10 -0.87 13.21
N VAL B 123 -70.45 -0.08 12.18
CA VAL B 123 -71.45 0.97 12.33
C VAL B 123 -72.75 0.38 11.81
N SER B 124 -73.73 0.24 12.69
CA SER B 124 -75.01 -0.38 12.34
C SER B 124 -76.04 -0.14 13.43
N SER B 125 -77.33 -0.19 13.08
CA SER B 125 -78.40 -0.05 14.08
C SER B 125 -79.03 -1.41 14.47
N ALA B 126 -78.65 -2.50 13.77
CA ALA B 126 -79.12 -3.84 14.08
C ALA B 126 -78.40 -4.33 15.33
N SER B 127 -79.14 -4.99 16.23
CA SER B 127 -78.54 -5.47 17.48
C SER B 127 -77.96 -6.89 17.35
N THR B 128 -77.13 -7.27 18.35
CA THR B 128 -76.43 -8.55 18.44
C THR B 128 -77.35 -9.77 18.23
N LYS B 129 -76.79 -10.80 17.60
CA LYS B 129 -77.52 -12.02 17.31
C LYS B 129 -76.57 -13.20 17.37
N GLY B 130 -76.97 -14.22 18.10
CA GLY B 130 -76.22 -15.47 18.21
C GLY B 130 -76.59 -16.39 17.07
N PRO B 131 -75.67 -17.29 16.69
CA PRO B 131 -75.93 -18.15 15.54
C PRO B 131 -76.59 -19.48 15.89
N SER B 132 -76.99 -20.21 14.86
CA SER B 132 -77.62 -21.52 15.05
C SER B 132 -76.79 -22.58 14.34
N VAL B 133 -76.17 -23.46 15.11
CA VAL B 133 -75.32 -24.51 14.56
C VAL B 133 -76.14 -25.69 14.05
N PHE B 134 -75.85 -26.14 12.83
CA PHE B 134 -76.54 -27.28 12.22
C PHE B 134 -75.50 -28.20 11.58
N PRO B 135 -75.60 -29.51 11.80
CA PRO B 135 -74.60 -30.43 11.23
C PRO B 135 -74.61 -30.65 9.70
N LEU B 136 -73.48 -31.17 9.20
CA LEU B 136 -73.21 -31.51 7.80
C LEU B 136 -72.56 -32.90 7.88
N ALA B 137 -73.33 -33.88 8.40
CA ALA B 137 -72.92 -35.26 8.65
C ALA B 137 -72.30 -36.00 7.45
N PRO B 138 -71.47 -37.04 7.74
CA PRO B 138 -70.84 -37.81 6.63
C PRO B 138 -71.81 -38.74 5.87
N SER B 139 -71.29 -39.51 4.88
CA SER B 139 -72.12 -40.44 4.09
C SER B 139 -72.25 -41.82 4.76
N GLY B 145 -65.26 -46.49 3.20
CA GLY B 145 -63.82 -46.76 3.09
C GLY B 145 -63.03 -45.63 2.48
N GLY B 146 -61.83 -45.41 3.03
CA GLY B 146 -60.93 -44.35 2.55
C GLY B 146 -61.12 -43.03 3.27
N THR B 147 -61.34 -41.95 2.50
CA THR B 147 -61.55 -40.60 3.03
C THR B 147 -63.00 -40.15 2.92
N ALA B 148 -63.47 -39.39 3.91
CA ALA B 148 -64.82 -38.83 3.96
C ALA B 148 -64.79 -37.38 4.55
N ALA B 149 -65.91 -36.63 4.51
CA ALA B 149 -65.91 -35.27 5.05
C ALA B 149 -67.18 -34.92 5.78
N LEU B 150 -67.03 -34.10 6.82
CA LEU B 150 -68.11 -33.61 7.65
C LEU B 150 -67.88 -32.10 7.95
N GLY B 151 -68.78 -31.50 8.71
CA GLY B 151 -68.69 -30.09 9.07
C GLY B 151 -69.91 -29.60 9.80
N CYS B 152 -69.93 -28.32 10.19
CA CYS B 152 -71.10 -27.77 10.88
C CYS B 152 -71.29 -26.29 10.64
N LEU B 153 -72.44 -26.00 10.06
CA LEU B 153 -72.89 -24.69 9.65
C LEU B 153 -73.34 -23.80 10.81
N VAL B 154 -72.67 -22.66 10.99
CA VAL B 154 -73.03 -21.61 11.95
C VAL B 154 -74.00 -20.74 11.13
N LYS B 155 -75.31 -20.63 11.53
CA LYS B 155 -76.26 -19.99 10.63
C LYS B 155 -76.51 -18.47 10.75
N ASP B 156 -77.19 -17.92 11.78
CA ASP B 156 -77.49 -16.48 11.71
C ASP B 156 -76.99 -15.69 12.86
N TYR B 157 -75.98 -14.86 12.58
CA TYR B 157 -75.37 -14.04 13.60
C TYR B 157 -74.99 -12.64 13.13
N PHE B 158 -74.76 -11.76 14.10
CA PHE B 158 -74.33 -10.38 13.87
C PHE B 158 -73.79 -9.84 15.19
N PRO B 159 -72.62 -9.15 15.24
CA PRO B 159 -71.70 -8.84 14.14
C PRO B 159 -70.86 -10.05 13.69
N GLU B 160 -69.97 -9.84 12.71
CA GLU B 160 -69.14 -10.83 12.00
C GLU B 160 -68.15 -11.78 12.84
N PRO B 161 -67.55 -11.46 14.03
CA PRO B 161 -66.59 -12.44 14.63
C PRO B 161 -67.17 -13.70 15.29
N VAL B 162 -66.95 -14.87 14.65
CA VAL B 162 -67.34 -16.19 15.18
C VAL B 162 -66.09 -17.11 15.14
N THR B 163 -65.88 -17.91 16.20
CA THR B 163 -64.71 -18.78 16.24
C THR B 163 -65.08 -20.24 16.43
N VAL B 164 -64.79 -21.05 15.40
CA VAL B 164 -65.11 -22.47 15.40
C VAL B 164 -63.89 -23.34 15.69
N SER B 165 -63.70 -23.71 16.95
CA SER B 165 -62.60 -24.59 17.34
C SER B 165 -63.10 -26.03 17.15
N TRP B 166 -62.39 -26.88 16.40
CA TRP B 166 -62.85 -28.27 16.19
C TRP B 166 -62.29 -29.22 17.24
N ASN B 167 -63.14 -30.10 17.82
CA ASN B 167 -62.74 -31.07 18.85
C ASN B 167 -61.92 -30.45 19.96
N SER B 168 -62.34 -29.25 20.38
CA SER B 168 -61.73 -28.42 21.41
C SER B 168 -60.25 -28.17 21.12
N GLY B 169 -59.94 -27.83 19.87
CA GLY B 169 -58.58 -27.53 19.42
C GLY B 169 -57.73 -28.70 18.92
N ALA B 170 -58.02 -29.93 19.37
CA ALA B 170 -57.27 -31.14 19.02
C ALA B 170 -57.29 -31.47 17.52
N LEU B 171 -58.39 -31.12 16.85
CA LEU B 171 -58.56 -31.37 15.41
C LEU B 171 -58.33 -30.09 14.60
N THR B 172 -57.22 -30.05 13.88
CA THR B 172 -56.81 -28.92 13.02
C THR B 172 -56.43 -29.39 11.61
N SER B 173 -55.87 -30.61 11.51
CA SER B 173 -55.49 -31.21 10.24
C SER B 173 -56.75 -31.60 9.48
N GLY B 174 -56.92 -31.01 8.29
CA GLY B 174 -58.10 -31.24 7.46
C GLY B 174 -59.14 -30.14 7.57
N VAL B 175 -59.09 -29.36 8.65
CA VAL B 175 -60.01 -28.28 8.98
C VAL B 175 -59.92 -27.06 8.07
N HIS B 176 -61.03 -26.73 7.39
CA HIS B 176 -61.16 -25.57 6.50
C HIS B 176 -62.36 -24.73 6.96
N THR B 177 -62.15 -23.79 7.89
CA THR B 177 -63.24 -22.92 8.34
C THR B 177 -63.39 -21.82 7.30
N PHE B 178 -64.56 -21.75 6.69
CA PHE B 178 -64.83 -20.78 5.63
C PHE B 178 -65.00 -19.35 6.14
N PRO B 179 -64.91 -18.36 5.24
CA PRO B 179 -65.08 -16.97 5.66
C PRO B 179 -66.54 -16.58 5.52
N ALA B 180 -67.20 -16.22 6.63
CA ALA B 180 -68.62 -15.87 6.66
C ALA B 180 -69.11 -14.96 5.55
N VAL B 181 -70.38 -15.11 5.16
CA VAL B 181 -70.99 -14.30 4.11
C VAL B 181 -72.11 -13.47 4.68
N LEU B 182 -72.29 -12.23 4.20
CA LEU B 182 -73.43 -11.44 4.63
C LEU B 182 -74.58 -11.97 3.80
N GLN B 183 -75.63 -12.42 4.46
CA GLN B 183 -76.80 -12.95 3.75
C GLN B 183 -77.73 -11.83 3.30
N SER B 184 -78.77 -12.16 2.52
CA SER B 184 -79.77 -11.20 2.05
C SER B 184 -80.35 -10.38 3.25
N SER B 185 -80.69 -11.12 4.33
CA SER B 185 -81.23 -10.69 5.62
C SER B 185 -80.45 -9.59 6.36
N GLY B 186 -79.14 -9.75 6.47
CA GLY B 186 -78.27 -8.82 7.19
C GLY B 186 -77.27 -9.53 8.08
N LEU B 187 -77.62 -10.77 8.47
CA LEU B 187 -76.85 -11.66 9.33
C LEU B 187 -75.91 -12.54 8.51
N TYR B 188 -74.86 -13.03 9.14
CA TYR B 188 -73.87 -13.84 8.45
C TYR B 188 -74.04 -15.34 8.62
N SER B 189 -73.63 -16.09 7.59
CA SER B 189 -73.62 -17.54 7.60
C SER B 189 -72.19 -17.95 7.27
N LEU B 190 -71.62 -18.81 8.12
CA LEU B 190 -70.25 -19.31 8.05
C LEU B 190 -70.31 -20.86 8.03
N SER B 191 -69.35 -21.51 7.35
CA SER B 191 -69.38 -22.96 7.27
C SER B 191 -68.03 -23.65 7.46
N SER B 192 -67.72 -24.10 8.68
CA SER B 192 -66.46 -24.80 8.97
C SER B 192 -66.62 -26.29 8.69
N VAL B 193 -65.75 -26.84 7.85
CA VAL B 193 -65.78 -28.27 7.52
C VAL B 193 -64.45 -28.94 7.94
N VAL B 194 -64.42 -30.29 7.95
CA VAL B 194 -63.21 -31.06 8.29
C VAL B 194 -63.19 -32.39 7.52
N THR B 195 -62.04 -32.75 6.92
CA THR B 195 -61.93 -34.00 6.18
C THR B 195 -61.20 -35.06 7.02
N VAL B 196 -61.88 -36.19 7.28
CA VAL B 196 -61.37 -37.30 8.10
C VAL B 196 -61.56 -38.66 7.39
N PRO B 197 -60.91 -39.76 7.83
CA PRO B 197 -61.15 -41.06 7.18
C PRO B 197 -62.46 -41.71 7.59
N SER B 198 -62.97 -42.64 6.77
CA SER B 198 -64.22 -43.35 7.04
C SER B 198 -64.06 -44.39 8.17
N SER B 199 -62.85 -44.93 8.35
CA SER B 199 -62.55 -45.92 9.39
C SER B 199 -62.70 -45.32 10.79
N SER B 200 -62.30 -44.05 10.93
CA SER B 200 -62.36 -43.33 12.21
C SER B 200 -63.75 -42.76 12.54
N LEU B 201 -64.72 -42.83 11.62
CA LEU B 201 -66.05 -42.27 11.85
C LEU B 201 -66.74 -42.81 13.10
N GLY B 202 -66.82 -44.12 13.23
CA GLY B 202 -67.46 -44.75 14.37
C GLY B 202 -66.67 -44.64 15.66
N THR B 203 -65.35 -44.82 15.57
CA THR B 203 -64.47 -44.77 16.73
C THR B 203 -64.22 -43.36 17.28
N GLN B 204 -64.48 -42.31 16.47
CA GLN B 204 -64.23 -40.94 16.93
C GLN B 204 -65.48 -40.08 17.01
N THR B 205 -65.48 -39.20 18.01
CA THR B 205 -66.52 -38.22 18.28
C THR B 205 -65.97 -36.87 17.79
N TYR B 206 -66.74 -36.17 16.94
CA TYR B 206 -66.33 -34.89 16.36
C TYR B 206 -67.22 -33.75 16.86
N ILE B 207 -66.63 -32.83 17.64
CA ILE B 207 -67.35 -31.72 18.27
C ILE B 207 -67.11 -30.35 17.64
N CYS B 208 -68.19 -29.71 17.25
CA CYS B 208 -68.24 -28.36 16.72
C CYS B 208 -68.05 -27.44 17.92
N ASN B 209 -67.04 -26.55 17.93
CA ASN B 209 -66.87 -25.64 19.07
C ASN B 209 -67.04 -24.21 18.66
N VAL B 210 -68.29 -23.83 18.47
CA VAL B 210 -68.65 -22.50 18.04
C VAL B 210 -68.58 -21.51 19.18
N ASN B 211 -68.20 -20.27 18.86
CA ASN B 211 -68.06 -19.23 19.86
C ASN B 211 -68.35 -17.85 19.30
N HIS B 212 -69.50 -17.28 19.68
CA HIS B 212 -69.86 -15.92 19.27
C HIS B 212 -69.63 -15.03 20.49
N LYS B 213 -68.61 -14.15 20.43
CA LYS B 213 -68.24 -13.27 21.54
C LYS B 213 -69.22 -12.12 21.81
N PRO B 214 -69.68 -11.33 20.81
CA PRO B 214 -70.59 -10.20 21.12
C PRO B 214 -71.91 -10.60 21.77
N SER B 215 -72.39 -11.82 21.50
CA SER B 215 -73.66 -12.28 22.06
C SER B 215 -73.50 -13.47 23.04
N ASN B 216 -72.25 -13.81 23.43
CA ASN B 216 -71.91 -14.92 24.34
C ASN B 216 -72.65 -16.23 24.03
N THR B 217 -72.51 -16.70 22.78
CA THR B 217 -73.18 -17.92 22.31
C THR B 217 -72.18 -19.07 22.12
N LYS B 218 -71.69 -19.63 23.24
CA LYS B 218 -70.75 -20.76 23.17
C LYS B 218 -71.53 -22.04 22.89
N VAL B 219 -71.77 -22.34 21.60
CA VAL B 219 -72.51 -23.54 21.20
C VAL B 219 -71.55 -24.70 20.96
N ASP B 220 -71.93 -25.90 21.40
CA ASP B 220 -71.07 -27.08 21.23
C ASP B 220 -71.87 -28.28 20.71
N LYS B 221 -71.97 -28.40 19.38
CA LYS B 221 -72.69 -29.46 18.67
C LYS B 221 -71.80 -30.71 18.47
N LYS B 222 -72.43 -31.88 18.26
CA LYS B 222 -71.72 -33.13 18.01
C LYS B 222 -72.14 -33.68 16.67
N VAL B 223 -71.28 -33.55 15.66
CA VAL B 223 -71.60 -34.05 14.34
C VAL B 223 -71.43 -35.58 14.31
N GLU B 224 -72.49 -36.27 13.89
CA GLU B 224 -72.52 -37.74 13.83
C GLU B 224 -73.44 -38.18 12.67
N PRO B 225 -73.09 -39.27 11.96
CA PRO B 225 -73.94 -39.70 10.83
C PRO B 225 -75.31 -40.25 11.25
N LYS B 226 -76.34 -39.98 10.42
CA LYS B 226 -77.73 -40.37 10.70
C LYS B 226 -78.01 -41.86 10.51
N ALA C 1 -53.02 7.48 -5.30
CA ALA C 1 -52.56 7.36 -6.68
C ALA C 1 -51.48 6.28 -6.87
N LEU C 2 -51.38 5.31 -5.94
CA LEU C 2 -50.41 4.21 -6.04
C LEU C 2 -50.96 3.11 -6.94
N THR C 3 -50.22 2.76 -7.99
CA THR C 3 -50.65 1.75 -8.94
C THR C 3 -49.72 0.56 -8.91
N GLN C 4 -50.19 -0.50 -8.28
CA GLN C 4 -49.48 -1.76 -8.21
C GLN C 4 -50.43 -2.85 -8.76
N PRO C 5 -49.90 -4.01 -9.18
CA PRO C 5 -50.77 -5.04 -9.76
C PRO C 5 -51.81 -5.66 -8.82
N SER C 6 -52.72 -6.42 -9.41
CA SER C 6 -53.71 -7.14 -8.65
C SER C 6 -53.14 -8.53 -8.40
N SER C 7 -52.60 -9.19 -9.45
CA SER C 7 -52.04 -10.53 -9.28
C SER C 7 -50.64 -10.68 -9.81
N VAL C 8 -49.89 -11.56 -9.15
CA VAL C 8 -48.52 -11.96 -9.50
C VAL C 8 -48.40 -13.46 -9.17
N SER C 9 -47.83 -14.25 -10.09
CA SER C 9 -47.76 -15.70 -9.90
C SER C 9 -46.37 -16.24 -10.01
N ALA C 10 -45.96 -17.03 -9.01
CA ALA C 10 -44.61 -17.61 -8.98
C ALA C 10 -44.57 -19.07 -8.57
N ASN C 11 -43.69 -19.84 -9.18
CA ASN C 11 -43.46 -21.21 -8.76
C ASN C 11 -42.44 -21.17 -7.61
N PRO C 12 -42.50 -22.12 -6.65
CA PRO C 12 -41.53 -22.09 -5.54
C PRO C 12 -40.09 -22.12 -6.03
N GLY C 13 -39.24 -21.30 -5.44
CA GLY C 13 -37.83 -21.22 -5.80
C GLY C 13 -37.49 -20.05 -6.71
N GLU C 14 -38.47 -19.59 -7.48
CA GLU C 14 -38.26 -18.47 -8.40
C GLU C 14 -38.23 -17.13 -7.68
N THR C 15 -37.57 -16.14 -8.28
CA THR C 15 -37.53 -14.80 -7.70
C THR C 15 -38.67 -14.01 -8.28
N VAL C 16 -39.47 -13.37 -7.44
CA VAL C 16 -40.60 -12.59 -7.94
C VAL C 16 -40.42 -11.09 -7.64
N LYS C 17 -41.16 -10.24 -8.37
CA LYS C 17 -41.07 -8.79 -8.21
C LYS C 17 -42.43 -8.13 -8.30
N ILE C 18 -42.74 -7.29 -7.33
CA ILE C 18 -43.98 -6.51 -7.32
C ILE C 18 -43.59 -5.04 -7.46
N THR C 19 -44.27 -4.31 -8.35
CA THR C 19 -43.92 -2.93 -8.60
C THR C 19 -45.01 -1.92 -8.19
N CYS C 20 -44.68 -1.04 -7.24
CA CYS C 20 -45.61 -0.01 -6.77
C CYS C 20 -45.20 1.33 -7.34
N SER C 21 -46.07 1.93 -8.16
CA SER C 21 -45.76 3.16 -8.89
C SER C 21 -46.65 4.35 -8.55
N GLY C 22 -46.05 5.53 -8.46
CA GLY C 22 -46.78 6.76 -8.19
C GLY C 22 -46.49 7.41 -6.86
N GLY C 23 -47.09 8.57 -6.62
CA GLY C 23 -46.91 9.30 -5.38
C GLY C 23 -45.76 10.28 -5.38
N SER C 24 -45.89 11.36 -4.59
CA SER C 24 -44.83 12.34 -4.45
C SER C 24 -44.13 12.04 -3.11
N SER C 25 -43.22 11.05 -3.09
CA SER C 25 -42.58 10.66 -1.83
C SER C 25 -41.10 10.30 -1.93
N SER C 26 -40.42 10.30 -0.78
CA SER C 26 -39.03 9.88 -0.64
C SER C 26 -38.93 8.38 -0.24
N TYR C 27 -40.01 7.81 0.35
CA TYR C 27 -40.03 6.44 0.84
C TYR C 27 -41.30 5.69 0.53
N TYR C 28 -41.14 4.39 0.24
CA TYR C 28 -42.20 3.41 0.01
C TYR C 28 -42.18 2.38 1.17
N GLY C 29 -43.18 1.50 1.24
CA GLY C 29 -43.27 0.51 2.29
C GLY C 29 -44.16 -0.64 1.89
N TRP C 30 -43.75 -1.86 2.21
CA TRP C 30 -44.52 -3.05 1.87
C TRP C 30 -45.07 -3.75 3.07
N TYR C 31 -46.34 -4.09 2.98
CA TYR C 31 -47.04 -4.72 4.09
C TYR C 31 -47.72 -5.99 3.62
N GLN C 32 -47.57 -7.07 4.39
CA GLN C 32 -48.18 -8.34 4.05
C GLN C 32 -49.37 -8.62 4.93
N GLN C 33 -50.43 -9.16 4.33
CA GLN C 33 -51.64 -9.61 5.01
C GLN C 33 -51.93 -11.02 4.45
N LYS C 34 -52.09 -12.03 5.31
CA LYS C 34 -52.36 -13.39 4.85
C LYS C 34 -53.84 -13.61 4.55
N SER C 35 -54.70 -13.25 5.50
CA SER C 35 -56.15 -13.35 5.32
C SER C 35 -56.77 -11.96 5.49
N PRO C 36 -57.96 -11.70 4.95
CA PRO C 36 -58.54 -10.33 5.04
C PRO C 36 -58.69 -9.77 6.45
N GLY C 37 -59.00 -10.62 7.43
CA GLY C 37 -59.12 -10.17 8.81
C GLY C 37 -57.79 -9.98 9.53
N SER C 38 -56.69 -10.48 8.91
CA SER C 38 -55.34 -10.43 9.45
C SER C 38 -54.75 -9.05 9.49
N ALA C 39 -54.04 -8.79 10.58
CA ALA C 39 -53.33 -7.55 10.79
C ALA C 39 -52.13 -7.50 9.85
N PRO C 40 -51.79 -6.30 9.33
CA PRO C 40 -50.64 -6.20 8.43
C PRO C 40 -49.35 -6.43 9.18
N VAL C 41 -48.39 -6.95 8.46
CA VAL C 41 -47.05 -7.20 8.96
C VAL C 41 -46.13 -6.42 8.02
N THR C 42 -45.31 -5.50 8.56
CA THR C 42 -44.40 -4.73 7.69
C THR C 42 -43.32 -5.67 7.19
N LEU C 43 -43.07 -5.68 5.87
CA LEU C 43 -42.00 -6.48 5.31
C LEU C 43 -40.79 -5.60 5.11
N ILE C 44 -40.99 -4.42 4.51
CA ILE C 44 -39.94 -3.45 4.24
C ILE C 44 -40.52 -2.07 4.49
N TYR C 45 -39.92 -1.29 5.36
CA TYR C 45 -40.32 0.09 5.57
C TYR C 45 -39.21 1.00 5.04
N ASN C 46 -39.51 2.28 4.80
CA ASN C 46 -38.52 3.25 4.31
C ASN C 46 -37.67 2.73 3.11
N ASN C 47 -38.33 2.18 2.06
CA ASN C 47 -37.74 1.65 0.83
C ASN C 47 -36.97 0.35 0.91
N GLN C 48 -36.16 0.13 1.97
CA GLN C 48 -35.35 -1.08 2.04
C GLN C 48 -35.18 -1.68 3.42
N LYS C 49 -35.43 -0.88 4.48
CA LYS C 49 -35.30 -1.32 5.87
C LYS C 49 -36.19 -2.51 6.16
N ARG C 50 -35.59 -3.57 6.70
CA ARG C 50 -36.33 -4.79 6.96
C ARG C 50 -36.49 -5.08 8.46
N PRO C 51 -37.73 -5.01 8.96
CA PRO C 51 -37.96 -5.27 10.38
C PRO C 51 -37.59 -6.70 10.81
N SER C 52 -37.44 -6.91 12.11
CA SER C 52 -37.05 -8.18 12.69
C SER C 52 -37.90 -9.36 12.22
N ASP C 53 -37.37 -10.59 12.32
CA ASP C 53 -38.05 -11.84 11.92
C ASP C 53 -38.71 -11.79 10.51
N ILE C 54 -38.10 -11.07 9.52
CA ILE C 54 -38.55 -10.97 8.12
C ILE C 54 -37.43 -11.58 7.30
N PRO C 55 -37.69 -12.59 6.44
CA PRO C 55 -36.59 -13.26 5.74
C PRO C 55 -35.73 -12.40 4.85
N SER C 56 -34.49 -12.85 4.62
CA SER C 56 -33.54 -12.15 3.75
C SER C 56 -34.08 -12.06 2.33
N ARG C 57 -34.85 -13.08 1.88
CA ARG C 57 -35.44 -13.07 0.54
C ARG C 57 -36.36 -11.87 0.28
N PHE C 58 -36.77 -11.16 1.33
CA PHE C 58 -37.60 -9.97 1.18
C PHE C 58 -36.67 -8.78 1.00
N SER C 59 -36.68 -8.20 -0.21
CA SER C 59 -35.77 -7.12 -0.57
C SER C 59 -36.50 -5.86 -0.97
N GLY C 60 -36.06 -4.71 -0.46
CA GLY C 60 -36.68 -3.45 -0.81
C GLY C 60 -35.90 -2.72 -1.89
N SER C 61 -36.61 -2.03 -2.80
CA SER C 61 -35.95 -1.30 -3.87
C SER C 61 -36.73 -0.02 -4.27
N LYS C 62 -36.05 0.98 -4.89
CA LYS C 62 -36.72 2.20 -5.30
C LYS C 62 -36.03 2.91 -6.47
N SER C 63 -36.67 2.94 -7.67
CA SER C 63 -36.09 3.67 -8.79
C SER C 63 -37.07 4.76 -9.22
N GLY C 64 -36.71 6.00 -8.95
CA GLY C 64 -37.55 7.15 -9.26
C GLY C 64 -38.79 7.12 -8.40
N SER C 65 -39.96 7.44 -8.99
CA SER C 65 -41.20 7.34 -8.22
C SER C 65 -41.85 5.94 -8.34
N THR C 66 -41.05 4.86 -8.15
CA THR C 66 -41.51 3.48 -8.19
C THR C 66 -40.74 2.59 -7.22
N GLY C 67 -41.43 2.12 -6.20
CA GLY C 67 -40.87 1.16 -5.25
C GLY C 67 -41.05 -0.25 -5.77
N THR C 68 -40.17 -1.18 -5.35
CA THR C 68 -40.23 -2.56 -5.83
C THR C 68 -39.86 -3.58 -4.76
N LEU C 69 -40.76 -4.53 -4.50
CA LEU C 69 -40.48 -5.60 -3.56
C LEU C 69 -39.95 -6.77 -4.35
N THR C 70 -38.87 -7.39 -3.87
CA THR C 70 -38.27 -8.51 -4.56
C THR C 70 -38.22 -9.70 -3.62
N ILE C 71 -38.90 -10.79 -3.98
CA ILE C 71 -38.90 -12.00 -3.16
C ILE C 71 -37.95 -13.00 -3.81
N THR C 72 -36.68 -12.96 -3.42
CA THR C 72 -35.65 -13.79 -4.04
C THR C 72 -35.68 -15.23 -3.54
N GLY C 73 -36.41 -16.07 -4.25
CA GLY C 73 -36.53 -17.47 -3.87
C GLY C 73 -37.79 -17.71 -3.07
N VAL C 74 -38.92 -17.60 -3.77
CA VAL C 74 -40.26 -17.76 -3.24
C VAL C 74 -40.48 -19.10 -2.54
N GLN C 75 -41.28 -19.06 -1.45
CA GLN C 75 -41.70 -20.22 -0.66
C GLN C 75 -43.23 -20.28 -0.67
N ALA C 76 -43.81 -21.47 -0.47
CA ALA C 76 -45.27 -21.63 -0.46
C ALA C 76 -45.96 -20.69 0.52
N GLU C 77 -45.35 -20.49 1.70
CA GLU C 77 -45.85 -19.61 2.74
C GLU C 77 -45.81 -18.11 2.41
N ASP C 78 -45.42 -17.76 1.17
CA ASP C 78 -45.41 -16.36 0.75
C ASP C 78 -46.69 -15.94 0.02
N GLU C 79 -47.71 -16.81 -0.04
CA GLU C 79 -49.01 -16.54 -0.65
C GLU C 79 -49.68 -15.53 0.28
N ALA C 80 -49.98 -14.30 -0.20
CA ALA C 80 -50.56 -13.23 0.64
C ALA C 80 -50.86 -11.96 -0.18
N VAL C 81 -51.62 -11.00 0.39
CA VAL C 81 -51.85 -9.71 -0.24
C VAL C 81 -50.66 -8.86 0.19
N TYR C 82 -50.04 -8.18 -0.78
CA TYR C 82 -48.88 -7.36 -0.51
C TYR C 82 -49.18 -5.93 -0.85
N PHE C 83 -49.54 -5.11 0.14
CA PHE C 83 -49.84 -3.70 -0.10
C PHE C 83 -48.60 -2.84 -0.04
N CYS C 84 -48.58 -1.77 -0.81
CA CYS C 84 -47.50 -0.79 -0.76
C CYS C 84 -48.09 0.50 -0.18
N GLY C 85 -47.29 1.26 0.54
CA GLY C 85 -47.75 2.50 1.15
C GLY C 85 -46.76 3.59 0.90
N SER C 86 -47.25 4.80 0.62
CA SER C 86 -46.35 5.92 0.32
C SER C 86 -46.98 7.28 0.72
N ARG C 87 -46.70 8.38 -0.02
CA ARG C 87 -47.24 9.67 0.32
C ARG C 87 -47.58 10.47 -0.93
N ASP C 88 -48.79 11.03 -0.96
CA ASP C 88 -49.35 11.89 -1.99
C ASP C 88 -49.43 13.31 -1.41
N ASN C 89 -49.89 14.30 -2.21
CA ASN C 89 -50.16 15.63 -1.66
C ASN C 89 -51.42 15.60 -0.74
N SER C 90 -52.28 14.57 -0.88
CA SER C 90 -53.46 14.41 -0.04
C SER C 90 -53.00 13.93 1.37
N GLY C 91 -52.50 12.70 1.44
CA GLY C 91 -52.02 12.10 2.67
C GLY C 91 -51.26 10.82 2.39
N GLY C 92 -51.44 9.84 3.27
CA GLY C 92 -50.83 8.54 3.11
C GLY C 92 -51.64 7.73 2.11
N ILE C 93 -51.00 7.31 1.03
CA ILE C 93 -51.67 6.53 -0.01
C ILE C 93 -51.25 5.07 0.02
N PHE C 94 -52.17 4.18 -0.36
CA PHE C 94 -51.89 2.75 -0.41
C PHE C 94 -52.10 2.19 -1.80
N GLY C 95 -51.59 0.98 -2.01
CA GLY C 95 -51.78 0.27 -3.25
C GLY C 95 -52.93 -0.71 -3.12
N ALA C 96 -53.48 -1.15 -4.28
CA ALA C 96 -54.56 -2.15 -4.36
C ALA C 96 -54.22 -3.45 -3.61
N GLY C 97 -52.92 -3.72 -3.43
CA GLY C 97 -52.39 -4.90 -2.78
C GLY C 97 -52.25 -6.01 -3.80
N THR C 98 -51.02 -6.46 -4.05
CA THR C 98 -50.82 -7.53 -5.02
C THR C 98 -50.89 -8.89 -4.36
N THR C 99 -51.85 -9.66 -4.81
CA THR C 99 -52.08 -11.00 -4.31
C THR C 99 -51.08 -11.87 -5.00
N LEU C 100 -50.27 -12.55 -4.20
CA LEU C 100 -49.27 -13.46 -4.74
C LEU C 100 -49.88 -14.83 -4.78
N THR C 101 -49.75 -15.48 -5.93
CA THR C 101 -50.24 -16.83 -6.15
C THR C 101 -49.04 -17.73 -6.33
N VAL C 102 -48.99 -18.84 -5.58
CA VAL C 102 -47.90 -19.79 -5.74
C VAL C 102 -48.38 -20.90 -6.65
N LEU C 103 -47.63 -21.14 -7.74
CA LEU C 103 -48.02 -22.14 -8.71
C LEU C 103 -47.67 -23.54 -8.25
N ARG C 104 -48.52 -24.52 -8.59
CA ARG C 104 -48.33 -25.94 -8.27
C ARG C 104 -49.06 -26.84 -9.29
N THR C 105 -48.99 -28.18 -9.14
CA THR C 105 -49.66 -29.11 -10.08
C THR C 105 -51.20 -28.98 -10.10
N VAL C 106 -51.83 -29.42 -11.18
CA VAL C 106 -53.28 -29.31 -11.30
C VAL C 106 -53.99 -30.39 -10.51
N ALA C 107 -54.72 -29.96 -9.47
CA ALA C 107 -55.44 -30.88 -8.60
C ALA C 107 -56.93 -30.80 -8.84
N ALA C 108 -57.58 -31.97 -8.82
CA ALA C 108 -59.04 -32.07 -8.97
C ALA C 108 -59.68 -31.97 -7.58
N PRO C 109 -60.84 -31.28 -7.46
CA PRO C 109 -61.46 -31.13 -6.13
C PRO C 109 -62.13 -32.38 -5.59
N SER C 110 -62.26 -32.44 -4.26
CA SER C 110 -62.96 -33.53 -3.59
C SER C 110 -64.39 -32.99 -3.46
N VAL C 111 -65.29 -33.46 -4.32
CA VAL C 111 -66.66 -32.97 -4.33
C VAL C 111 -67.51 -33.67 -3.25
N PHE C 112 -68.20 -32.88 -2.41
CA PHE C 112 -69.06 -33.39 -1.33
C PHE C 112 -70.43 -32.68 -1.33
N ILE C 113 -71.48 -33.36 -0.84
CA ILE C 113 -72.80 -32.73 -0.74
C ILE C 113 -73.40 -32.99 0.64
N PHE C 114 -74.04 -31.96 1.21
CA PHE C 114 -74.60 -32.04 2.55
C PHE C 114 -76.06 -31.60 2.64
N PRO C 115 -76.97 -32.55 2.92
CA PRO C 115 -78.39 -32.19 3.06
C PRO C 115 -78.67 -31.37 4.33
N PRO C 116 -79.81 -30.66 4.40
CA PRO C 116 -80.10 -29.87 5.60
C PRO C 116 -80.46 -30.76 6.78
N SER C 117 -80.04 -30.36 7.99
CA SER C 117 -80.35 -31.12 9.19
C SER C 117 -81.85 -31.04 9.46
N ASP C 118 -82.48 -32.15 9.88
CA ASP C 118 -83.91 -32.13 10.19
C ASP C 118 -84.26 -31.16 11.32
N GLU C 119 -83.30 -30.80 12.18
CA GLU C 119 -83.52 -29.79 13.22
C GLU C 119 -83.75 -28.41 12.56
N GLN C 120 -83.05 -28.13 11.45
CA GLN C 120 -83.14 -26.89 10.68
C GLN C 120 -84.43 -26.80 9.88
N LEU C 121 -84.94 -27.92 9.34
CA LEU C 121 -86.18 -27.91 8.57
C LEU C 121 -87.36 -27.36 9.37
N LYS C 122 -87.41 -27.71 10.68
CA LYS C 122 -88.44 -27.26 11.61
C LYS C 122 -88.49 -25.72 11.74
N SER C 123 -87.35 -25.04 11.50
CA SER C 123 -87.25 -23.59 11.56
C SER C 123 -88.01 -22.93 10.40
N GLY C 124 -87.97 -23.56 9.23
CA GLY C 124 -88.65 -23.06 8.04
C GLY C 124 -87.75 -22.89 6.83
N THR C 125 -86.42 -23.00 7.03
CA THR C 125 -85.41 -22.82 5.99
C THR C 125 -84.63 -24.12 5.71
N ALA C 126 -84.12 -24.28 4.49
CA ALA C 126 -83.37 -25.47 4.13
C ALA C 126 -82.07 -25.14 3.37
N SER C 127 -80.92 -25.29 4.05
CA SER C 127 -79.62 -25.02 3.45
C SER C 127 -78.92 -26.27 2.94
N VAL C 128 -78.72 -26.34 1.62
CA VAL C 128 -77.99 -27.45 0.99
C VAL C 128 -76.58 -26.95 0.72
N VAL C 129 -75.57 -27.72 1.13
CA VAL C 129 -74.18 -27.29 0.99
C VAL C 129 -73.36 -28.19 0.05
N CYS C 130 -72.52 -27.58 -0.79
CA CYS C 130 -71.64 -28.32 -1.68
C CYS C 130 -70.21 -27.98 -1.30
N LEU C 131 -69.38 -29.01 -1.08
CA LEU C 131 -68.01 -28.80 -0.66
C LEU C 131 -66.98 -29.21 -1.71
N LEU C 132 -66.13 -28.26 -2.11
CA LEU C 132 -65.02 -28.49 -3.01
C LEU C 132 -63.78 -28.48 -2.11
N ASN C 133 -62.94 -29.54 -2.14
CA ASN C 133 -61.82 -29.62 -1.19
C ASN C 133 -60.44 -29.79 -1.82
N ASN C 134 -59.46 -29.01 -1.32
CA ASN C 134 -58.05 -29.04 -1.70
C ASN C 134 -57.81 -29.24 -3.19
N PHE C 135 -58.18 -28.24 -3.98
CA PHE C 135 -58.04 -28.28 -5.44
C PHE C 135 -57.17 -27.13 -6.00
N TYR C 136 -56.73 -27.25 -7.27
CA TYR C 136 -55.92 -26.20 -7.92
C TYR C 136 -56.20 -26.13 -9.42
N PRO C 137 -56.48 -24.94 -9.99
CA PRO C 137 -56.54 -23.60 -9.37
C PRO C 137 -57.92 -23.19 -8.84
N ARG C 138 -58.08 -21.93 -8.40
CA ARG C 138 -59.32 -21.40 -7.84
C ARG C 138 -60.49 -21.35 -8.84
N GLU C 139 -60.19 -21.37 -10.14
CA GLU C 139 -61.19 -21.28 -11.18
C GLU C 139 -62.06 -22.54 -11.33
N ALA C 140 -63.24 -22.52 -10.69
CA ALA C 140 -64.20 -23.63 -10.73
C ALA C 140 -65.65 -23.14 -10.89
N LYS C 141 -66.55 -24.00 -11.38
CA LYS C 141 -67.95 -23.63 -11.58
C LYS C 141 -68.89 -24.52 -10.79
N VAL C 142 -69.78 -23.93 -10.00
CA VAL C 142 -70.75 -24.71 -9.23
C VAL C 142 -72.18 -24.41 -9.67
N GLN C 143 -72.85 -25.42 -10.23
CA GLN C 143 -74.24 -25.26 -10.68
C GLN C 143 -75.16 -26.19 -9.90
N TRP C 144 -76.24 -25.65 -9.32
CA TRP C 144 -77.18 -26.46 -8.54
C TRP C 144 -78.32 -26.95 -9.47
N LYS C 145 -78.67 -28.25 -9.39
CA LYS C 145 -79.67 -28.87 -10.27
C LYS C 145 -80.84 -29.52 -9.50
N VAL C 146 -81.75 -28.68 -8.98
CA VAL C 146 -82.93 -29.13 -8.24
C VAL C 146 -83.96 -29.72 -9.21
N ASP C 147 -84.14 -31.06 -9.17
CA ASP C 147 -85.02 -31.81 -10.06
C ASP C 147 -84.65 -31.60 -11.53
N ASN C 148 -83.35 -31.46 -11.82
CA ASN C 148 -82.74 -31.22 -13.14
C ASN C 148 -82.99 -29.81 -13.69
N ALA C 149 -83.04 -28.80 -12.82
CA ALA C 149 -83.27 -27.41 -13.24
C ALA C 149 -82.24 -26.46 -12.65
N LEU C 150 -81.67 -25.57 -13.48
CA LEU C 150 -80.65 -24.61 -13.05
C LEU C 150 -81.16 -23.64 -11.99
N GLN C 151 -80.42 -23.51 -10.88
CA GLN C 151 -80.79 -22.61 -9.80
C GLN C 151 -79.94 -21.36 -9.85
N SER C 152 -80.56 -20.21 -10.16
CA SER C 152 -79.86 -18.94 -10.25
C SER C 152 -80.46 -17.90 -9.30
N GLY C 153 -79.59 -17.15 -8.64
CA GLY C 153 -79.98 -16.10 -7.72
C GLY C 153 -80.38 -16.55 -6.34
N ASN C 154 -80.17 -17.83 -6.01
CA ASN C 154 -80.50 -18.36 -4.68
C ASN C 154 -79.35 -19.09 -3.96
N SER C 155 -78.12 -18.97 -4.50
CA SER C 155 -76.96 -19.62 -3.91
C SER C 155 -75.78 -18.65 -3.77
N GLN C 156 -75.00 -18.81 -2.69
CA GLN C 156 -73.84 -17.97 -2.42
C GLN C 156 -72.56 -18.81 -2.36
N GLU C 157 -71.42 -18.21 -2.74
CA GLU C 157 -70.14 -18.92 -2.73
C GLU C 157 -69.18 -18.33 -1.69
N SER C 158 -68.39 -19.20 -1.06
CA SER C 158 -67.41 -18.76 -0.07
C SER C 158 -66.09 -19.49 -0.34
N VAL C 159 -64.99 -18.75 -0.46
CA VAL C 159 -63.68 -19.32 -0.79
C VAL C 159 -62.65 -19.03 0.29
N THR C 160 -61.95 -20.07 0.79
CA THR C 160 -60.88 -19.88 1.76
C THR C 160 -59.59 -19.44 1.06
N GLU C 161 -58.62 -18.90 1.82
CA GLU C 161 -57.32 -18.48 1.29
C GLU C 161 -56.52 -19.70 0.76
N GLN C 162 -55.51 -19.46 -0.08
CA GLN C 162 -54.68 -20.54 -0.59
C GLN C 162 -53.85 -21.14 0.55
N ASP C 163 -53.63 -22.47 0.55
CA ASP C 163 -52.89 -23.11 1.63
C ASP C 163 -51.41 -22.80 1.60
N SER C 164 -50.78 -22.76 2.77
CA SER C 164 -49.34 -22.50 2.86
C SER C 164 -48.51 -23.79 2.99
N LYS C 165 -49.13 -24.95 2.73
CA LYS C 165 -48.43 -26.24 2.81
C LYS C 165 -48.60 -27.01 1.50
N ASP C 166 -49.80 -26.95 0.92
CA ASP C 166 -50.10 -27.63 -0.34
C ASP C 166 -50.46 -26.68 -1.49
N SER C 167 -50.80 -25.42 -1.16
CA SER C 167 -51.19 -24.35 -2.10
C SER C 167 -52.37 -24.73 -2.97
N THR C 168 -53.41 -25.23 -2.30
CA THR C 168 -54.71 -25.62 -2.86
C THR C 168 -55.81 -24.71 -2.24
N TYR C 169 -57.04 -24.79 -2.77
CA TYR C 169 -58.16 -23.98 -2.32
C TYR C 169 -59.34 -24.84 -1.80
N SER C 170 -60.45 -24.20 -1.37
CA SER C 170 -61.67 -24.83 -0.88
C SER C 170 -62.87 -23.89 -1.11
N LEU C 171 -64.00 -24.41 -1.64
CA LEU C 171 -65.17 -23.56 -1.91
C LEU C 171 -66.45 -24.19 -1.37
N SER C 172 -67.26 -23.37 -0.68
CA SER C 172 -68.55 -23.80 -0.14
C SER C 172 -69.65 -23.06 -0.87
N SER C 173 -70.61 -23.79 -1.45
CA SER C 173 -71.74 -23.18 -2.13
C SER C 173 -72.97 -23.51 -1.30
N THR C 174 -73.64 -22.47 -0.76
CA THR C 174 -74.81 -22.69 0.08
C THR C 174 -76.11 -22.28 -0.59
N LEU C 175 -76.88 -23.27 -1.05
CA LEU C 175 -78.17 -23.00 -1.66
C LEU C 175 -79.23 -22.91 -0.56
N THR C 176 -79.84 -21.73 -0.40
CA THR C 176 -80.86 -21.49 0.61
C THR C 176 -82.27 -21.39 0.00
N LEU C 177 -83.12 -22.34 0.37
CA LEU C 177 -84.50 -22.45 -0.09
C LEU C 177 -85.47 -22.54 1.11
N SER C 178 -86.80 -22.45 0.86
CA SER C 178 -87.78 -22.58 1.93
C SER C 178 -88.03 -24.06 2.24
N LYS C 179 -88.58 -24.37 3.44
CA LYS C 179 -88.86 -25.73 3.88
C LYS C 179 -89.77 -26.46 2.90
N ALA C 180 -90.79 -25.76 2.38
CA ALA C 180 -91.72 -26.33 1.42
C ALA C 180 -91.05 -26.60 0.08
N ASP C 181 -90.22 -25.65 -0.40
CA ASP C 181 -89.49 -25.78 -1.66
C ASP C 181 -88.54 -26.98 -1.63
N TYR C 182 -88.00 -27.32 -0.45
CA TYR C 182 -87.09 -28.45 -0.31
C TYR C 182 -87.82 -29.80 -0.40
N GLU C 183 -88.94 -29.97 0.31
CA GLU C 183 -89.68 -31.22 0.29
C GLU C 183 -90.35 -31.52 -1.05
N LYS C 184 -90.68 -30.48 -1.83
CA LYS C 184 -91.35 -30.71 -3.12
C LYS C 184 -90.46 -31.41 -4.17
N HIS C 185 -89.15 -31.13 -4.18
CA HIS C 185 -88.24 -31.80 -5.11
C HIS C 185 -87.54 -32.98 -4.43
N LYS C 186 -87.08 -33.96 -5.23
CA LYS C 186 -86.44 -35.15 -4.67
C LYS C 186 -84.94 -35.25 -5.00
N VAL C 187 -84.57 -35.07 -6.28
CA VAL C 187 -83.18 -35.17 -6.70
C VAL C 187 -82.42 -33.86 -6.51
N TYR C 188 -81.43 -33.85 -5.62
CA TYR C 188 -80.63 -32.66 -5.36
C TYR C 188 -79.19 -32.85 -5.80
N ALA C 189 -78.89 -32.44 -7.03
CA ALA C 189 -77.58 -32.59 -7.63
C ALA C 189 -76.74 -31.31 -7.53
N CYS C 190 -75.42 -31.48 -7.46
CA CYS C 190 -74.49 -30.36 -7.42
C CYS C 190 -73.39 -30.63 -8.45
N GLU C 191 -73.47 -29.97 -9.61
CA GLU C 191 -72.49 -30.16 -10.68
C GLU C 191 -71.26 -29.28 -10.50
N VAL C 192 -70.09 -29.90 -10.40
CA VAL C 192 -68.83 -29.16 -10.25
C VAL C 192 -67.96 -29.30 -11.49
N THR C 193 -67.67 -28.17 -12.14
CA THR C 193 -66.84 -28.14 -13.32
C THR C 193 -65.47 -27.55 -12.96
N HIS C 194 -64.41 -28.34 -13.09
CA HIS C 194 -63.06 -27.87 -12.79
C HIS C 194 -62.08 -28.37 -13.86
N GLN C 195 -60.89 -27.73 -13.95
CA GLN C 195 -59.85 -28.08 -14.92
C GLN C 195 -59.22 -29.45 -14.64
N GLY C 196 -59.10 -29.79 -13.37
CA GLY C 196 -58.54 -31.07 -12.94
C GLY C 196 -59.45 -32.26 -13.17
N LEU C 197 -60.73 -32.01 -13.47
CA LEU C 197 -61.71 -33.06 -13.73
C LEU C 197 -61.97 -33.17 -15.23
N SER C 198 -61.79 -34.37 -15.80
CA SER C 198 -62.03 -34.61 -17.23
C SER C 198 -63.51 -34.43 -17.57
N SER C 199 -64.40 -34.88 -16.68
CA SER C 199 -65.84 -34.74 -16.85
C SER C 199 -66.44 -34.15 -15.57
N PRO C 200 -67.39 -33.20 -15.68
CA PRO C 200 -67.96 -32.58 -14.46
C PRO C 200 -68.56 -33.56 -13.46
N VAL C 201 -68.02 -33.57 -12.24
CA VAL C 201 -68.47 -34.45 -11.17
C VAL C 201 -69.74 -33.92 -10.53
N THR C 202 -70.77 -34.77 -10.45
CA THR C 202 -72.04 -34.37 -9.87
C THR C 202 -72.36 -35.18 -8.62
N LYS C 203 -72.22 -34.57 -7.44
CA LYS C 203 -72.52 -35.22 -6.17
C LYS C 203 -73.98 -34.96 -5.82
N SER C 204 -74.80 -36.02 -5.74
CA SER C 204 -76.22 -35.84 -5.49
C SER C 204 -76.80 -36.81 -4.44
N PHE C 205 -77.93 -36.41 -3.82
CA PHE C 205 -78.67 -37.21 -2.84
C PHE C 205 -80.17 -37.30 -3.21
N ASN C 206 -81.02 -37.92 -2.36
CA ASN C 206 -82.46 -38.03 -2.68
C ASN C 206 -83.36 -37.89 -1.44
N ARG C 207 -83.54 -36.66 -0.95
CA ARG C 207 -84.39 -36.44 0.23
C ARG C 207 -85.18 -35.13 0.12
N ALA D 1 -24.46 23.76 -35.61
CA ALA D 1 -23.80 22.67 -36.31
C ALA D 1 -23.84 21.36 -35.51
N VAL D 2 -24.87 21.17 -34.69
CA VAL D 2 -25.01 19.99 -33.84
C VAL D 2 -25.40 18.74 -34.63
N THR D 3 -24.65 17.65 -34.44
CA THR D 3 -24.91 16.40 -35.14
C THR D 3 -24.94 15.24 -34.14
N LEU D 4 -26.04 14.47 -34.10
CA LEU D 4 -26.14 13.32 -33.22
C LEU D 4 -26.23 12.04 -34.04
N ASP D 5 -25.20 11.21 -33.97
CA ASP D 5 -25.15 9.96 -34.71
C ASP D 5 -25.37 8.78 -33.78
N GLU D 6 -26.02 7.72 -34.25
CA GLU D 6 -26.32 6.54 -33.43
C GLU D 6 -25.50 5.30 -33.82
N SER D 7 -25.44 4.29 -32.92
CA SER D 7 -24.75 3.03 -33.22
C SER D 7 -25.59 2.19 -34.21
N GLY D 8 -25.00 1.11 -34.73
CA GLY D 8 -25.68 0.24 -35.68
C GLY D 8 -26.94 -0.41 -35.12
N GLY D 9 -27.88 -0.72 -36.01
CA GLY D 9 -29.15 -1.35 -35.68
C GLY D 9 -29.01 -2.70 -35.00
N GLY D 10 -30.08 -3.14 -34.35
CA GLY D 10 -30.06 -4.41 -33.64
C GLY D 10 -31.22 -5.33 -33.92
N LEU D 11 -31.03 -6.61 -33.63
CA LEU D 11 -32.01 -7.68 -33.79
C LEU D 11 -31.72 -8.82 -32.81
N GLN D 12 -31.37 -8.46 -31.55
CA GLN D 12 -31.02 -9.39 -30.49
C GLN D 12 -32.18 -10.26 -30.03
N THR D 13 -31.87 -11.41 -29.41
CA THR D 13 -32.88 -12.35 -28.92
C THR D 13 -33.45 -11.91 -27.56
N PRO D 14 -34.74 -12.22 -27.29
CA PRO D 14 -35.34 -11.79 -26.01
C PRO D 14 -34.66 -12.34 -24.76
N GLY D 15 -34.73 -11.58 -23.67
CA GLY D 15 -34.09 -11.93 -22.41
C GLY D 15 -32.62 -11.55 -22.32
N GLY D 16 -32.09 -10.98 -23.41
CA GLY D 16 -30.70 -10.57 -23.51
C GLY D 16 -30.46 -9.10 -23.26
N THR D 17 -29.25 -8.63 -23.57
CA THR D 17 -28.88 -7.24 -23.35
C THR D 17 -28.79 -6.46 -24.66
N LEU D 18 -28.92 -5.13 -24.57
CA LEU D 18 -28.85 -4.25 -25.73
C LEU D 18 -27.89 -3.11 -25.48
N SER D 19 -26.93 -2.89 -26.39
CA SER D 19 -25.98 -1.79 -26.25
C SER D 19 -26.15 -0.76 -27.36
N LEU D 20 -26.22 0.53 -26.98
CA LEU D 20 -26.37 1.64 -27.92
C LEU D 20 -25.37 2.76 -27.67
N VAL D 21 -25.19 3.70 -28.63
CA VAL D 21 -24.25 4.82 -28.47
C VAL D 21 -24.65 6.07 -29.30
N CYS D 22 -24.35 7.27 -28.79
CA CYS D 22 -24.61 8.50 -29.56
C CYS D 22 -23.35 9.31 -29.70
N LYS D 23 -22.80 9.35 -30.89
CA LYS D 23 -21.60 10.12 -31.19
C LYS D 23 -22.04 11.58 -31.32
N GLY D 24 -21.78 12.38 -30.31
CA GLY D 24 -22.15 13.79 -30.32
C GLY D 24 -21.11 14.71 -30.92
N SER D 25 -21.55 15.77 -31.63
CA SER D 25 -20.62 16.72 -32.25
C SER D 25 -21.26 18.08 -32.54
N GLY D 26 -20.43 19.12 -32.67
CA GLY D 26 -20.90 20.47 -32.97
C GLY D 26 -21.34 21.27 -31.76
N PHE D 27 -20.96 20.82 -30.55
CA PHE D 27 -21.29 21.49 -29.29
C PHE D 27 -20.39 21.02 -28.13
N THR D 28 -20.51 21.66 -26.96
CA THR D 28 -19.71 21.28 -25.80
C THR D 28 -20.41 20.17 -25.00
N PHE D 29 -20.15 18.89 -25.33
CA PHE D 29 -20.67 17.76 -24.54
C PHE D 29 -20.00 17.83 -23.14
N SER D 30 -20.59 17.21 -22.11
CA SER D 30 -20.08 17.28 -20.74
C SER D 30 -20.34 18.66 -20.09
N SER D 31 -21.39 19.31 -20.52
CA SER D 31 -21.92 20.57 -20.04
C SER D 31 -23.47 20.60 -20.22
N TYR D 32 -24.02 19.65 -21.01
CA TYR D 32 -25.44 19.50 -21.22
C TYR D 32 -25.89 18.10 -20.78
N GLU D 33 -27.12 18.01 -20.27
CA GLU D 33 -27.77 16.77 -19.85
C GLU D 33 -28.22 15.99 -21.10
N MET D 34 -28.00 14.68 -21.13
CA MET D 34 -28.39 13.87 -22.27
C MET D 34 -29.47 12.87 -21.92
N GLN D 35 -30.33 12.54 -22.88
CA GLN D 35 -31.40 11.58 -22.64
C GLN D 35 -31.69 10.67 -23.84
N TRP D 36 -32.40 9.56 -23.58
CA TRP D 36 -32.80 8.59 -24.59
C TRP D 36 -34.33 8.61 -24.70
N VAL D 37 -34.86 8.50 -25.92
CA VAL D 37 -36.31 8.50 -26.18
C VAL D 37 -36.60 7.42 -27.23
N ARG D 38 -37.46 6.45 -26.91
CA ARG D 38 -37.81 5.41 -27.86
C ARG D 38 -39.21 5.62 -28.46
N GLN D 39 -39.43 5.12 -29.66
CA GLN D 39 -40.74 5.22 -30.31
C GLN D 39 -41.17 3.86 -30.85
N ALA D 40 -42.22 3.29 -30.25
CA ALA D 40 -42.75 1.98 -30.64
C ALA D 40 -43.44 2.03 -32.03
N PRO D 41 -43.60 0.88 -32.73
CA PRO D 41 -44.21 0.91 -34.07
C PRO D 41 -45.61 1.54 -34.11
N GLY D 42 -45.69 2.74 -34.66
CA GLY D 42 -46.94 3.48 -34.79
C GLY D 42 -47.46 4.08 -33.49
N LYS D 43 -46.60 4.11 -32.45
CA LYS D 43 -46.96 4.65 -31.14
C LYS D 43 -46.21 5.98 -30.85
N GLY D 44 -46.56 6.64 -29.73
CA GLY D 44 -45.96 7.90 -29.33
C GLY D 44 -44.52 7.84 -28.88
N LEU D 45 -44.03 8.93 -28.29
CA LEU D 45 -42.67 9.04 -27.81
C LEU D 45 -42.58 8.65 -26.34
N GLU D 46 -41.65 7.76 -25.97
CA GLU D 46 -41.50 7.33 -24.57
C GLU D 46 -40.10 7.64 -24.11
N TRP D 47 -39.95 8.49 -23.09
CA TRP D 47 -38.63 8.83 -22.55
C TRP D 47 -38.07 7.61 -21.84
N VAL D 48 -36.82 7.28 -22.14
CA VAL D 48 -36.19 6.10 -21.59
C VAL D 48 -35.23 6.40 -20.45
N ALA D 49 -34.26 7.34 -20.60
CA ALA D 49 -33.30 7.60 -19.52
C ALA D 49 -32.63 8.95 -19.60
N ASP D 50 -32.40 9.62 -18.46
CA ASP D 50 -31.73 10.92 -18.45
C ASP D 50 -30.49 10.92 -17.55
N ILE D 51 -29.37 11.41 -18.08
CA ILE D 51 -28.12 11.45 -17.32
C ILE D 51 -27.58 12.87 -17.22
N CYS D 52 -27.27 13.30 -16.02
CA CYS D 52 -26.80 14.64 -15.72
C CYS D 52 -25.37 14.92 -16.17
N ILE D 53 -24.93 16.20 -16.05
CA ILE D 53 -23.58 16.61 -16.37
C ILE D 53 -22.64 15.98 -15.36
N GLY D 54 -21.61 15.31 -15.85
CA GLY D 54 -20.65 14.62 -14.98
C GLY D 54 -21.17 13.31 -14.42
N GLY D 55 -22.17 12.73 -15.10
CA GLY D 55 -22.83 11.48 -14.74
C GLY D 55 -23.33 11.43 -13.31
N SER D 56 -23.49 12.60 -12.68
CA SER D 56 -23.89 12.76 -11.29
C SER D 56 -25.22 12.14 -10.98
N TYR D 57 -26.23 12.38 -11.82
CA TYR D 57 -27.55 11.83 -11.59
C TYR D 57 -28.05 10.98 -12.73
N THR D 58 -28.80 9.93 -12.41
CA THR D 58 -29.33 9.02 -13.40
C THR D 58 -30.83 8.81 -13.15
N GLY D 59 -31.59 8.63 -14.21
CA GLY D 59 -33.02 8.41 -14.11
C GLY D 59 -33.54 7.56 -15.25
N TYR D 60 -34.36 6.54 -14.98
CA TYR D 60 -34.90 5.69 -16.04
C TYR D 60 -36.42 5.81 -16.17
N GLY D 61 -36.95 5.30 -17.26
CA GLY D 61 -38.37 5.29 -17.59
C GLY D 61 -39.10 4.16 -16.91
N PRO D 62 -40.43 4.17 -16.97
CA PRO D 62 -41.21 3.14 -16.29
C PRO D 62 -41.08 1.72 -16.86
N ALA D 63 -41.00 1.58 -18.18
CA ALA D 63 -40.87 0.26 -18.80
C ALA D 63 -39.47 -0.33 -18.61
N VAL D 64 -38.45 0.55 -18.55
CA VAL D 64 -37.06 0.13 -18.40
C VAL D 64 -36.52 0.27 -16.98
N LYS D 65 -37.43 0.33 -16.00
CA LYS D 65 -37.01 0.45 -14.57
C LYS D 65 -36.25 -0.80 -14.16
N GLY D 66 -35.08 -0.64 -13.54
CA GLY D 66 -34.29 -1.76 -13.05
C GLY D 66 -33.66 -2.63 -14.13
N ARG D 67 -33.70 -2.17 -15.38
CA ARG D 67 -33.14 -2.91 -16.53
C ARG D 67 -32.19 -2.00 -17.33
N ALA D 68 -32.57 -0.73 -17.49
CA ALA D 68 -31.77 0.24 -18.22
C ALA D 68 -30.52 0.64 -17.44
N THR D 69 -29.48 1.11 -18.17
CA THR D 69 -28.23 1.61 -17.59
C THR D 69 -27.57 2.58 -18.59
N ILE D 70 -27.43 3.85 -18.21
CA ILE D 70 -26.81 4.86 -19.06
C ILE D 70 -25.33 5.06 -18.71
N SER D 71 -24.52 5.54 -19.68
CA SER D 71 -23.10 5.77 -19.43
C SER D 71 -22.55 6.86 -20.35
N ARG D 72 -22.39 8.09 -19.84
CA ARG D 72 -21.82 9.16 -20.66
C ARG D 72 -20.30 9.11 -20.56
N ASP D 73 -19.63 8.94 -21.70
CA ASP D 73 -18.19 8.91 -21.79
C ASP D 73 -17.86 10.30 -22.27
N ASP D 74 -17.37 11.17 -21.39
CA ASP D 74 -17.10 12.55 -21.74
C ASP D 74 -15.92 12.73 -22.69
N GLY D 75 -14.88 11.93 -22.50
CA GLY D 75 -13.70 11.96 -23.36
C GLY D 75 -14.02 11.50 -24.77
N GLN D 76 -14.91 10.50 -24.88
CA GLN D 76 -15.34 9.97 -26.19
C GLN D 76 -16.54 10.72 -26.78
N SER D 77 -17.24 11.55 -25.96
CA SER D 77 -18.45 12.30 -26.30
C SER D 77 -19.58 11.35 -26.76
N THR D 78 -19.74 10.23 -26.04
CA THR D 78 -20.74 9.22 -26.38
C THR D 78 -21.61 8.82 -25.20
N VAL D 79 -22.91 8.63 -25.44
CA VAL D 79 -23.86 8.18 -24.41
C VAL D 79 -24.24 6.74 -24.67
N ARG D 80 -23.99 5.86 -23.71
CA ARG D 80 -24.27 4.44 -23.86
C ARG D 80 -25.63 4.06 -23.29
N LEU D 81 -26.25 3.03 -23.87
CA LEU D 81 -27.53 2.55 -23.38
C LEU D 81 -27.56 1.04 -23.24
N GLN D 82 -27.51 0.57 -21.99
CA GLN D 82 -27.56 -0.85 -21.68
C GLN D 82 -29.01 -1.22 -21.29
N LEU D 83 -29.50 -2.37 -21.74
CA LEU D 83 -30.87 -2.80 -21.43
C LEU D 83 -30.98 -4.31 -21.37
N ASN D 84 -31.03 -4.88 -20.17
CA ASN D 84 -31.14 -6.32 -20.00
C ASN D 84 -32.61 -6.80 -19.89
N ASN D 85 -32.84 -8.12 -20.09
CA ASN D 85 -34.17 -8.76 -20.05
C ASN D 85 -35.08 -8.26 -21.15
N LEU D 86 -34.56 -8.27 -22.38
CA LEU D 86 -35.28 -7.78 -23.54
C LEU D 86 -36.69 -8.36 -23.71
N ARG D 87 -37.66 -7.47 -23.97
CA ARG D 87 -39.06 -7.85 -24.16
C ARG D 87 -39.58 -7.37 -25.53
N ALA D 88 -40.75 -7.87 -25.96
CA ALA D 88 -41.37 -7.47 -27.23
C ALA D 88 -41.62 -5.96 -27.30
N GLU D 89 -42.00 -5.36 -26.16
CA GLU D 89 -42.28 -3.93 -26.00
C GLU D 89 -41.08 -3.05 -26.32
N ASP D 90 -39.85 -3.58 -26.17
CA ASP D 90 -38.63 -2.82 -26.44
C ASP D 90 -38.29 -2.68 -27.93
N THR D 91 -39.19 -3.11 -28.83
CA THR D 91 -38.97 -3.01 -30.27
C THR D 91 -39.38 -1.62 -30.73
N GLY D 92 -38.50 -0.94 -31.45
CA GLY D 92 -38.80 0.40 -31.95
C GLY D 92 -37.58 1.20 -32.35
N THR D 93 -37.79 2.45 -32.79
CA THR D 93 -36.68 3.33 -33.20
C THR D 93 -36.25 4.19 -32.01
N TYR D 94 -34.95 4.16 -31.67
CA TYR D 94 -34.40 4.88 -30.52
C TYR D 94 -33.70 6.16 -30.93
N TYR D 95 -33.90 7.25 -30.18
CA TYR D 95 -33.27 8.53 -30.45
C TYR D 95 -32.49 9.06 -29.24
N CYS D 96 -31.56 10.00 -29.48
CA CYS D 96 -30.80 10.66 -28.40
C CYS D 96 -31.20 12.14 -28.35
N ALA D 97 -31.14 12.76 -27.18
CA ALA D 97 -31.55 14.16 -27.04
C ALA D 97 -30.59 14.99 -26.19
N LYS D 98 -30.57 16.30 -26.41
CA LYS D 98 -29.71 17.21 -25.66
C LYS D 98 -30.55 18.34 -25.13
N THR D 99 -30.46 18.64 -23.83
CA THR D 99 -31.19 19.77 -23.25
C THR D 99 -30.62 21.09 -23.80
N ALA D 100 -31.44 22.14 -23.85
CA ALA D 100 -31.01 23.42 -24.40
C ALA D 100 -30.12 24.22 -23.46
N ARG D 101 -30.36 24.12 -22.14
CA ARG D 101 -29.57 24.90 -21.19
C ARG D 101 -28.31 24.18 -20.69
N SER D 102 -27.22 24.93 -20.62
CA SER D 102 -25.93 24.46 -20.11
C SER D 102 -26.03 24.38 -18.58
N ASP D 103 -25.34 23.39 -17.97
CA ASP D 103 -25.32 23.19 -16.50
C ASP D 103 -26.73 23.29 -15.90
N TYR D 104 -27.66 22.48 -16.42
CA TYR D 104 -29.08 22.47 -16.04
C TYR D 104 -29.55 21.04 -16.11
N CYS D 105 -30.22 20.57 -15.06
CA CYS D 105 -30.64 19.19 -14.96
C CYS D 105 -32.04 18.99 -14.39
N ILE D 106 -32.91 20.02 -14.40
CA ILE D 106 -34.25 19.86 -13.84
C ILE D 106 -35.03 18.78 -14.58
N THR D 107 -35.82 18.02 -13.84
CA THR D 107 -36.62 16.96 -14.41
C THR D 107 -37.79 17.58 -15.16
N GLY D 108 -37.93 17.21 -16.43
CA GLY D 108 -38.98 17.75 -17.28
C GLY D 108 -38.57 17.62 -18.74
N LEU D 109 -39.51 17.24 -19.61
CA LEU D 109 -39.21 17.02 -21.04
C LEU D 109 -39.58 18.17 -21.97
N ASP D 110 -39.48 19.40 -21.47
CA ASP D 110 -39.78 20.59 -22.25
C ASP D 110 -38.56 21.33 -22.78
N ASP D 111 -37.33 20.82 -22.54
CA ASP D 111 -36.12 21.56 -22.90
C ASP D 111 -35.21 20.96 -23.97
N ILE D 112 -35.57 19.84 -24.58
CA ILE D 112 -34.74 19.23 -25.63
C ILE D 112 -34.59 20.13 -26.87
N ASP D 113 -33.35 20.42 -27.32
CA ASP D 113 -33.14 21.23 -28.53
C ASP D 113 -32.31 20.52 -29.63
N ALA D 114 -32.05 19.22 -29.46
CA ALA D 114 -31.27 18.47 -30.43
C ALA D 114 -31.75 17.04 -30.48
N TRP D 115 -31.85 16.46 -31.68
CA TRP D 115 -32.32 15.09 -31.82
C TRP D 115 -31.47 14.26 -32.80
N GLY D 116 -31.23 13.01 -32.44
CA GLY D 116 -30.49 12.07 -33.29
C GLY D 116 -31.35 11.50 -34.40
N HIS D 117 -30.73 11.01 -35.49
CA HIS D 117 -31.44 10.45 -36.64
C HIS D 117 -32.32 9.24 -36.28
N GLY D 118 -31.82 8.40 -35.40
CA GLY D 118 -32.52 7.22 -34.93
C GLY D 118 -31.97 5.91 -35.45
N THR D 119 -32.08 4.86 -34.64
CA THR D 119 -31.64 3.53 -35.04
C THR D 119 -32.68 2.48 -34.62
N GLU D 120 -32.89 1.47 -35.46
CA GLU D 120 -33.91 0.47 -35.22
C GLU D 120 -33.44 -0.74 -34.41
N VAL D 121 -34.27 -1.18 -33.47
CA VAL D 121 -34.03 -2.35 -32.65
C VAL D 121 -35.29 -3.25 -32.68
N ILE D 122 -35.12 -4.50 -33.10
CA ILE D 122 -36.21 -5.46 -33.21
C ILE D 122 -35.98 -6.64 -32.26
N VAL D 123 -36.77 -6.74 -31.18
CA VAL D 123 -36.62 -7.85 -30.24
C VAL D 123 -37.36 -9.09 -30.72
N SER D 124 -36.63 -10.02 -31.35
CA SER D 124 -37.19 -11.26 -31.88
C SER D 124 -36.09 -12.32 -32.04
N SER D 125 -36.43 -13.59 -31.82
CA SER D 125 -35.46 -14.68 -31.96
C SER D 125 -35.57 -15.40 -33.31
N ALA D 126 -36.13 -14.73 -34.33
CA ALA D 126 -36.28 -15.33 -35.66
C ALA D 126 -35.07 -15.08 -36.55
N SER D 127 -34.81 -16.01 -37.47
CA SER D 127 -33.69 -15.89 -38.41
C SER D 127 -33.98 -14.79 -39.43
N THR D 128 -32.93 -14.05 -39.83
CA THR D 128 -33.09 -12.96 -40.80
C THR D 128 -33.42 -13.51 -42.19
N LYS D 129 -34.68 -13.36 -42.61
CA LYS D 129 -35.14 -13.85 -43.91
C LYS D 129 -34.63 -13.00 -45.07
N GLY D 130 -34.23 -13.66 -46.15
CA GLY D 130 -33.73 -13.00 -47.35
C GLY D 130 -34.84 -12.29 -48.10
N PRO D 131 -34.57 -11.05 -48.56
CA PRO D 131 -35.62 -10.30 -49.26
C PRO D 131 -35.87 -10.75 -50.70
N SER D 132 -37.15 -10.87 -51.08
CA SER D 132 -37.51 -11.28 -52.43
C SER D 132 -38.13 -10.08 -53.15
N VAL D 133 -37.51 -9.65 -54.25
CA VAL D 133 -38.00 -8.50 -55.00
C VAL D 133 -38.74 -8.99 -56.25
N PHE D 134 -40.00 -8.58 -56.41
CA PHE D 134 -40.79 -8.99 -57.57
C PHE D 134 -41.23 -7.80 -58.41
N PRO D 135 -41.03 -7.85 -59.74
CA PRO D 135 -41.43 -6.72 -60.58
C PRO D 135 -42.92 -6.68 -60.91
N LEU D 136 -43.54 -5.51 -60.71
CA LEU D 136 -44.96 -5.34 -61.00
C LEU D 136 -45.16 -4.43 -62.20
N ALA D 137 -45.69 -4.96 -63.31
CA ALA D 137 -45.90 -4.18 -64.52
C ALA D 137 -47.37 -4.08 -64.88
N PRO D 138 -47.83 -2.87 -65.30
CA PRO D 138 -49.24 -2.73 -65.67
C PRO D 138 -49.56 -3.28 -67.06
N SER D 139 -50.83 -3.64 -67.29
CA SER D 139 -51.25 -4.18 -68.58
C SER D 139 -51.96 -3.11 -69.40
N SER D 144 -53.30 2.60 -69.60
CA SER D 144 -53.24 3.80 -68.78
C SER D 144 -53.48 5.07 -69.61
N GLY D 145 -52.90 5.10 -70.80
CA GLY D 145 -53.06 6.23 -71.71
C GLY D 145 -52.07 7.36 -71.48
N GLY D 146 -52.25 8.09 -70.39
CA GLY D 146 -51.38 9.21 -70.05
C GLY D 146 -50.33 8.91 -69.00
N THR D 147 -50.77 8.63 -67.77
CA THR D 147 -49.84 8.35 -66.67
C THR D 147 -49.76 6.87 -66.33
N ALA D 148 -48.59 6.27 -66.51
CA ALA D 148 -48.37 4.86 -66.20
C ALA D 148 -47.78 4.68 -64.79
N ALA D 149 -47.98 3.50 -64.20
CA ALA D 149 -47.47 3.23 -62.86
C ALA D 149 -46.58 1.99 -62.80
N LEU D 150 -45.31 2.18 -62.47
CA LEU D 150 -44.35 1.10 -62.33
C LEU D 150 -43.86 1.01 -60.89
N GLY D 151 -43.54 -0.19 -60.44
CA GLY D 151 -43.07 -0.40 -59.08
C GLY D 151 -42.56 -1.79 -58.80
N CYS D 152 -42.19 -2.04 -57.56
CA CYS D 152 -41.66 -3.32 -57.11
C CYS D 152 -42.28 -3.72 -55.76
N LEU D 153 -42.07 -4.97 -55.34
CA LEU D 153 -42.64 -5.49 -54.12
C LEU D 153 -41.60 -6.30 -53.33
N VAL D 154 -41.52 -6.05 -52.01
CA VAL D 154 -40.58 -6.78 -51.15
C VAL D 154 -41.38 -7.68 -50.22
N LYS D 155 -41.45 -8.99 -50.53
CA LYS D 155 -42.21 -9.93 -49.70
C LYS D 155 -41.30 -10.96 -49.02
N ASP D 156 -41.77 -11.51 -47.89
CA ASP D 156 -41.10 -12.53 -47.08
C ASP D 156 -39.74 -12.08 -46.54
N TYR D 157 -39.68 -10.86 -45.99
CA TYR D 157 -38.43 -10.34 -45.43
C TYR D 157 -38.63 -9.99 -43.95
N PHE D 158 -37.59 -10.19 -43.14
CA PHE D 158 -37.64 -9.92 -41.71
C PHE D 158 -36.22 -9.86 -41.16
N PRO D 159 -35.86 -8.86 -40.34
CA PRO D 159 -36.69 -7.78 -39.80
C PRO D 159 -36.51 -6.44 -40.54
N GLU D 160 -37.20 -5.38 -40.06
CA GLU D 160 -37.12 -4.02 -40.60
C GLU D 160 -35.76 -3.38 -40.25
N PRO D 161 -35.30 -2.34 -40.99
CA PRO D 161 -35.93 -1.62 -42.10
C PRO D 161 -35.38 -2.00 -43.48
N VAL D 162 -35.88 -1.33 -44.54
CA VAL D 162 -35.42 -1.57 -45.91
C VAL D 162 -35.37 -0.25 -46.69
N THR D 163 -34.18 0.13 -47.20
CA THR D 163 -34.03 1.36 -47.94
C THR D 163 -34.10 1.13 -49.45
N VAL D 164 -35.18 1.58 -50.09
CA VAL D 164 -35.35 1.42 -51.53
C VAL D 164 -35.16 2.76 -52.23
N SER D 165 -34.16 2.86 -53.11
CA SER D 165 -33.90 4.10 -53.83
C SER D 165 -33.89 3.88 -55.34
N TRP D 166 -34.70 4.65 -56.07
CA TRP D 166 -34.75 4.52 -57.52
C TRP D 166 -33.58 5.24 -58.17
N ASN D 167 -32.84 4.54 -59.05
CA ASN D 167 -31.67 5.05 -59.77
C ASN D 167 -30.55 5.51 -58.84
N SER D 168 -30.39 4.84 -57.69
CA SER D 168 -29.39 5.13 -56.66
C SER D 168 -29.49 6.53 -56.08
N GLY D 169 -30.71 7.04 -55.95
CA GLY D 169 -30.96 8.36 -55.38
C GLY D 169 -31.15 9.48 -56.38
N ALA D 170 -31.16 9.15 -57.69
CA ALA D 170 -31.34 10.17 -58.72
C ALA D 170 -32.82 10.48 -58.94
N LEU D 171 -33.67 9.46 -58.93
CA LEU D 171 -35.10 9.64 -59.13
C LEU D 171 -35.82 9.79 -57.80
N THR D 172 -36.25 11.01 -57.47
CA THR D 172 -36.94 11.28 -56.21
C THR D 172 -38.36 11.81 -56.41
N SER D 173 -38.65 12.44 -57.56
CA SER D 173 -39.97 12.99 -57.84
C SER D 173 -40.99 11.91 -58.19
N GLY D 174 -42.13 11.93 -57.49
CA GLY D 174 -43.20 10.97 -57.72
C GLY D 174 -42.93 9.60 -57.13
N VAL D 175 -42.11 9.53 -56.08
CA VAL D 175 -41.79 8.26 -55.44
C VAL D 175 -42.54 8.11 -54.11
N HIS D 176 -43.39 7.08 -54.00
CA HIS D 176 -44.16 6.86 -52.78
C HIS D 176 -43.69 5.59 -52.06
N THR D 177 -43.34 5.72 -50.77
CA THR D 177 -42.90 4.57 -49.98
C THR D 177 -43.99 4.16 -49.01
N PHE D 178 -44.46 2.91 -49.11
CA PHE D 178 -45.53 2.41 -48.26
C PHE D 178 -44.98 1.64 -47.07
N PRO D 179 -45.58 1.80 -45.87
CA PRO D 179 -45.09 1.06 -44.70
C PRO D 179 -45.44 -0.41 -44.77
N ALA D 180 -44.59 -1.27 -44.20
CA ALA D 180 -44.82 -2.71 -44.23
C ALA D 180 -45.88 -3.16 -43.22
N VAL D 181 -46.60 -4.24 -43.55
CA VAL D 181 -47.64 -4.78 -42.68
C VAL D 181 -47.32 -6.23 -42.28
N LEU D 182 -47.71 -6.63 -41.07
CA LEU D 182 -47.45 -7.99 -40.59
C LEU D 182 -48.46 -8.97 -41.17
N GLN D 183 -48.01 -9.84 -42.07
CA GLN D 183 -48.88 -10.84 -42.71
C GLN D 183 -49.28 -12.00 -41.78
N SER D 184 -50.21 -12.86 -42.22
CA SER D 184 -50.71 -13.99 -41.45
C SER D 184 -49.62 -15.01 -41.06
N SER D 185 -48.59 -15.16 -41.91
CA SER D 185 -47.50 -16.09 -41.63
C SER D 185 -46.54 -15.54 -40.56
N GLY D 186 -46.35 -14.23 -40.56
CA GLY D 186 -45.47 -13.56 -39.61
C GLY D 186 -44.34 -12.77 -40.24
N LEU D 187 -44.48 -12.44 -41.53
CA LEU D 187 -43.47 -11.68 -42.27
C LEU D 187 -44.02 -10.33 -42.77
N TYR D 188 -43.14 -9.37 -43.05
CA TYR D 188 -43.56 -8.06 -43.53
C TYR D 188 -43.63 -7.96 -45.05
N SER D 189 -44.42 -7.01 -45.57
CA SER D 189 -44.57 -6.81 -47.00
C SER D 189 -44.53 -5.31 -47.33
N LEU D 190 -43.41 -4.83 -47.90
CA LEU D 190 -43.26 -3.42 -48.25
C LEU D 190 -43.42 -3.20 -49.75
N SER D 191 -44.05 -2.08 -50.14
CA SER D 191 -44.25 -1.77 -51.54
C SER D 191 -43.83 -0.34 -51.87
N SER D 192 -43.40 -0.10 -53.12
CA SER D 192 -42.98 1.23 -53.55
C SER D 192 -43.29 1.45 -55.02
N VAL D 193 -43.98 2.55 -55.36
CA VAL D 193 -44.35 2.85 -56.74
C VAL D 193 -43.84 4.21 -57.19
N VAL D 194 -43.67 4.39 -58.51
CA VAL D 194 -43.21 5.65 -59.08
C VAL D 194 -44.07 6.05 -60.29
N THR D 195 -44.71 7.23 -60.23
CA THR D 195 -45.57 7.69 -61.32
C THR D 195 -44.79 8.38 -62.44
N VAL D 196 -44.75 7.74 -63.61
CA VAL D 196 -44.07 8.27 -64.79
C VAL D 196 -45.00 8.25 -66.01
N PRO D 197 -44.88 9.23 -66.93
CA PRO D 197 -45.78 9.24 -68.10
C PRO D 197 -45.56 8.09 -69.06
N SER D 198 -46.53 7.83 -69.94
CA SER D 198 -46.47 6.74 -70.91
C SER D 198 -45.48 6.97 -72.06
N SER D 199 -45.00 8.21 -72.24
CA SER D 199 -44.05 8.52 -73.31
C SER D 199 -42.63 8.01 -73.01
N SER D 200 -42.29 7.80 -71.74
CA SER D 200 -40.96 7.32 -71.37
C SER D 200 -40.84 5.80 -71.26
N LEU D 201 -41.87 5.05 -71.70
CA LEU D 201 -41.84 3.58 -71.63
C LEU D 201 -41.05 3.01 -72.80
N GLY D 202 -39.73 2.89 -72.62
CA GLY D 202 -38.86 2.35 -73.65
C GLY D 202 -37.54 3.09 -73.75
N THR D 203 -37.58 4.42 -73.62
CA THR D 203 -36.38 5.25 -73.71
C THR D 203 -35.63 5.37 -72.36
N GLN D 204 -36.31 5.09 -71.24
CA GLN D 204 -35.68 5.19 -69.92
C GLN D 204 -35.60 3.85 -69.21
N THR D 205 -34.62 3.70 -68.31
CA THR D 205 -34.43 2.47 -67.56
C THR D 205 -34.69 2.70 -66.07
N TYR D 206 -35.64 1.95 -65.50
CA TYR D 206 -35.97 2.10 -64.07
C TYR D 206 -35.58 0.83 -63.30
N ILE D 207 -34.67 0.96 -62.34
CA ILE D 207 -34.22 -0.19 -61.55
C ILE D 207 -34.55 0.01 -60.06
N CYS D 208 -35.39 -0.87 -59.47
CA CYS D 208 -35.77 -0.83 -58.05
C CYS D 208 -34.66 -1.48 -57.21
N ASN D 209 -33.83 -0.67 -56.56
CA ASN D 209 -32.72 -1.17 -55.74
C ASN D 209 -33.17 -1.36 -54.29
N VAL D 210 -33.24 -2.61 -53.82
CA VAL D 210 -33.65 -2.93 -52.46
C VAL D 210 -32.44 -3.24 -51.57
N ASN D 211 -32.38 -2.66 -50.37
CA ASN D 211 -31.28 -2.91 -49.44
C ASN D 211 -31.78 -3.42 -48.09
N HIS D 212 -31.33 -4.62 -47.70
CA HIS D 212 -31.71 -5.20 -46.42
C HIS D 212 -30.46 -5.30 -45.56
N LYS D 213 -30.32 -4.41 -44.56
CA LYS D 213 -29.17 -4.35 -43.68
C LYS D 213 -28.94 -5.58 -42.78
N PRO D 214 -29.95 -6.20 -42.14
CA PRO D 214 -29.67 -7.36 -41.27
C PRO D 214 -29.16 -8.61 -41.99
N SER D 215 -29.57 -8.81 -43.24
CA SER D 215 -29.13 -9.98 -44.01
C SER D 215 -28.09 -9.68 -45.10
N ASN D 216 -27.80 -8.38 -45.35
CA ASN D 216 -26.86 -7.91 -46.36
C ASN D 216 -27.18 -8.41 -47.77
N THR D 217 -28.35 -8.04 -48.29
CA THR D 217 -28.78 -8.47 -49.62
C THR D 217 -29.12 -7.28 -50.51
N LYS D 218 -28.37 -7.09 -51.60
CA LYS D 218 -28.62 -6.00 -52.53
C LYS D 218 -28.97 -6.54 -53.91
N VAL D 219 -30.27 -6.63 -54.22
CA VAL D 219 -30.73 -7.15 -55.50
C VAL D 219 -31.30 -6.03 -56.38
N ASP D 220 -30.71 -5.80 -57.56
CA ASP D 220 -31.17 -4.77 -58.48
C ASP D 220 -32.17 -5.35 -59.48
N LYS D 221 -33.47 -5.20 -59.21
CA LYS D 221 -34.50 -5.72 -60.09
C LYS D 221 -35.01 -4.63 -61.02
N LYS D 222 -34.93 -4.84 -62.35
CA LYS D 222 -35.44 -3.87 -63.31
C LYS D 222 -36.93 -4.15 -63.53
N VAL D 223 -37.74 -3.10 -63.71
CA VAL D 223 -39.19 -3.28 -63.92
C VAL D 223 -39.56 -2.85 -65.35
N GLU D 224 -39.94 -3.83 -66.20
CA GLU D 224 -40.27 -3.63 -67.61
C GLU D 224 -41.67 -4.14 -67.99
N PRO D 225 -42.49 -3.31 -68.66
CA PRO D 225 -43.83 -3.77 -69.05
C PRO D 225 -43.85 -4.36 -70.45
N ALA E 1 -49.44 10.98 -18.05
CA ALA E 1 -50.55 11.10 -19.00
C ALA E 1 -50.79 12.55 -19.43
N LEU E 2 -50.05 12.99 -20.45
CA LEU E 2 -50.16 14.35 -20.93
C LEU E 2 -51.30 14.49 -21.93
N THR E 3 -52.42 15.12 -21.52
CA THR E 3 -53.56 15.30 -22.42
C THR E 3 -53.18 16.14 -23.63
N GLN E 4 -53.47 15.60 -24.80
CA GLN E 4 -53.17 16.27 -26.05
C GLN E 4 -54.14 15.72 -27.11
N PRO E 5 -54.86 16.60 -27.85
CA PRO E 5 -55.85 16.11 -28.83
C PRO E 5 -55.35 15.07 -29.81
N SER E 6 -56.23 14.12 -30.17
CA SER E 6 -55.90 13.05 -31.10
C SER E 6 -55.55 13.60 -32.48
N SER E 7 -56.33 14.59 -32.95
CA SER E 7 -56.11 15.22 -34.24
C SER E 7 -56.69 16.62 -34.30
N VAL E 8 -56.07 17.46 -35.13
CA VAL E 8 -56.54 18.82 -35.36
C VAL E 8 -56.50 19.13 -36.87
N SER E 9 -57.46 19.93 -37.35
CA SER E 9 -57.56 20.21 -38.78
C SER E 9 -57.86 21.67 -39.10
N ALA E 10 -56.95 22.32 -39.83
CA ALA E 10 -57.12 23.72 -40.23
C ALA E 10 -56.57 24.01 -41.63
N ASN E 11 -57.26 24.89 -42.38
CA ASN E 11 -56.92 25.27 -43.76
C ASN E 11 -55.70 26.19 -43.83
N PRO E 12 -54.93 26.15 -44.95
CA PRO E 12 -53.72 27.02 -45.04
C PRO E 12 -53.99 28.52 -44.95
N GLY E 13 -52.99 29.26 -44.47
CA GLY E 13 -53.08 30.70 -44.29
C GLY E 13 -53.71 31.09 -42.96
N GLU E 14 -54.49 30.16 -42.38
CA GLU E 14 -55.21 30.32 -41.12
C GLU E 14 -54.34 29.93 -39.92
N THR E 15 -54.71 30.40 -38.73
CA THR E 15 -53.98 30.10 -37.49
C THR E 15 -54.45 28.77 -36.89
N VAL E 16 -53.52 28.01 -36.29
CA VAL E 16 -53.83 26.70 -35.66
C VAL E 16 -53.41 26.75 -34.18
N LYS E 17 -54.23 26.20 -33.27
CA LYS E 17 -53.90 26.18 -31.84
C LYS E 17 -53.96 24.77 -31.25
N ILE E 18 -52.83 24.23 -30.79
CA ILE E 18 -52.80 22.89 -30.19
C ILE E 18 -52.58 22.98 -28.69
N THR E 19 -53.52 22.44 -27.92
CA THR E 19 -53.46 22.49 -26.46
C THR E 19 -52.83 21.21 -25.86
N CYS E 20 -52.01 21.36 -24.83
CA CYS E 20 -51.47 20.25 -24.07
C CYS E 20 -51.73 20.66 -22.63
N SER E 21 -52.60 19.91 -21.93
CA SER E 21 -52.98 20.28 -20.57
C SER E 21 -52.57 19.27 -19.48
N GLY E 22 -51.90 18.19 -19.87
CA GLY E 22 -51.47 17.16 -18.93
C GLY E 22 -50.62 17.64 -17.77
N ASP E 26 -43.53 23.03 -17.08
CA ASP E 26 -43.24 23.68 -18.37
C ASP E 26 -43.47 22.74 -19.58
N TYR E 27 -43.68 23.28 -20.81
CA TYR E 27 -44.00 22.44 -21.99
C TYR E 27 -43.12 22.65 -23.25
N GLY E 28 -42.75 21.54 -23.89
CA GLY E 28 -41.91 21.55 -25.09
C GLY E 28 -42.57 20.85 -26.25
N TRP E 29 -42.60 21.49 -27.42
CA TRP E 29 -43.26 20.93 -28.60
C TRP E 29 -42.28 20.40 -29.64
N TYR E 30 -42.48 19.15 -30.08
CA TYR E 30 -41.59 18.52 -31.06
C TYR E 30 -42.39 17.93 -32.24
N GLN E 31 -42.05 18.33 -33.48
CA GLN E 31 -42.76 17.82 -34.66
C GLN E 31 -42.11 16.59 -35.26
N GLN E 32 -42.92 15.63 -35.72
CA GLN E 32 -42.40 14.44 -36.39
C GLN E 32 -43.23 14.20 -37.64
N LYS E 33 -42.63 14.43 -38.80
CA LYS E 33 -43.26 14.31 -40.11
C LYS E 33 -43.82 12.91 -40.41
N SER E 34 -42.99 11.87 -40.26
CA SER E 34 -43.36 10.48 -40.54
C SER E 34 -42.81 9.57 -39.45
N PRO E 35 -43.61 8.60 -38.97
CA PRO E 35 -43.12 7.69 -37.92
C PRO E 35 -41.83 6.97 -38.29
N GLY E 36 -40.77 7.24 -37.52
CA GLY E 36 -39.45 6.69 -37.76
C GLY E 36 -38.43 7.77 -38.03
N SER E 37 -38.87 8.89 -38.66
CA SER E 37 -38.00 10.02 -38.95
C SER E 37 -37.71 10.83 -37.68
N ALA E 38 -36.48 11.36 -37.58
CA ALA E 38 -36.04 12.15 -36.43
C ALA E 38 -36.91 13.37 -36.19
N PRO E 39 -37.46 13.51 -34.98
CA PRO E 39 -38.30 14.69 -34.68
C PRO E 39 -37.48 15.98 -34.58
N VAL E 40 -38.14 17.12 -34.77
CA VAL E 40 -37.47 18.42 -34.71
C VAL E 40 -38.15 19.29 -33.68
N THR E 41 -37.36 19.92 -32.79
CA THR E 41 -37.92 20.80 -31.77
C THR E 41 -38.47 22.08 -32.38
N VAL E 42 -39.78 22.28 -32.30
CA VAL E 42 -40.44 23.46 -32.84
C VAL E 42 -40.43 24.59 -31.79
N ILE E 43 -40.64 24.24 -30.52
CA ILE E 43 -40.62 25.18 -29.41
C ILE E 43 -39.87 24.47 -28.24
N TYR E 44 -38.72 25.04 -27.80
CA TYR E 44 -37.90 24.36 -26.78
C TYR E 44 -38.18 24.79 -25.34
N GLU E 45 -39.26 25.49 -25.08
CA GLU E 45 -39.70 25.93 -23.75
C GLU E 45 -41.12 26.49 -23.94
N ASN E 46 -41.75 27.07 -22.91
CA ASN E 46 -43.06 27.70 -23.03
C ASN E 46 -43.05 28.77 -24.13
N ASN E 47 -42.10 29.72 -24.07
CA ASN E 47 -42.00 30.80 -25.03
C ASN E 47 -40.61 30.90 -25.69
N LYS E 48 -39.95 29.76 -25.97
CA LYS E 48 -38.63 29.80 -26.63
C LYS E 48 -38.63 29.02 -27.93
N ARG E 49 -38.08 29.63 -28.98
CA ARG E 49 -38.04 29.03 -30.30
C ARG E 49 -36.62 28.93 -30.85
N PRO E 50 -36.23 27.76 -31.38
CA PRO E 50 -34.87 27.63 -31.95
C PRO E 50 -34.66 28.52 -33.18
N SER E 51 -33.41 28.91 -33.42
CA SER E 51 -33.00 29.79 -34.52
C SER E 51 -33.50 29.34 -35.90
N ASP E 52 -33.31 28.05 -36.24
CA ASP E 52 -33.72 27.50 -37.53
C ASP E 52 -35.20 27.21 -37.69
N ILE E 53 -36.05 27.77 -36.82
CA ILE E 53 -37.49 27.52 -36.88
C ILE E 53 -38.25 28.79 -37.31
N PRO E 54 -39.26 28.63 -38.19
CA PRO E 54 -40.02 29.80 -38.67
C PRO E 54 -40.68 30.65 -37.59
N SER E 55 -40.81 31.96 -37.85
CA SER E 55 -41.45 32.88 -36.90
C SER E 55 -42.96 32.63 -36.70
N ARG E 56 -43.59 31.90 -37.64
CA ARG E 56 -45.01 31.53 -37.55
C ARG E 56 -45.29 30.70 -36.29
N PHE E 57 -44.31 29.89 -35.87
CA PHE E 57 -44.41 29.05 -34.69
C PHE E 57 -44.20 29.85 -33.42
N SER E 58 -45.16 29.76 -32.49
CA SER E 58 -45.13 30.45 -31.19
C SER E 58 -45.79 29.61 -30.10
N GLY E 59 -45.42 29.87 -28.85
CA GLY E 59 -45.96 29.12 -27.72
C GLY E 59 -46.45 30.01 -26.59
N SER E 60 -47.36 29.48 -25.77
CA SER E 60 -47.89 30.21 -24.62
C SER E 60 -48.45 29.28 -23.55
N LYS E 61 -48.03 29.52 -22.30
CA LYS E 61 -48.50 28.68 -21.16
C LYS E 61 -49.40 29.50 -20.23
N PHE E 62 -50.57 28.97 -19.90
CA PHE E 62 -51.54 29.63 -19.01
C PHE E 62 -51.98 28.59 -17.98
N GLY E 63 -51.51 28.74 -16.75
CA GLY E 63 -51.78 27.79 -15.68
C GLY E 63 -51.04 26.51 -15.95
N SER E 64 -51.79 25.41 -16.11
CA SER E 64 -51.17 24.10 -16.43
C SER E 64 -51.58 23.68 -17.85
N THR E 65 -51.77 24.64 -18.75
CA THR E 65 -52.16 24.33 -20.12
C THR E 65 -51.35 25.17 -21.10
N HIS E 66 -50.74 24.52 -22.07
CA HIS E 66 -49.93 25.20 -23.05
C HIS E 66 -50.53 25.10 -24.44
N THR E 67 -50.37 26.15 -25.25
CA THR E 67 -50.92 26.16 -26.59
C THR E 67 -49.89 26.54 -27.65
N LEU E 68 -49.63 25.62 -28.58
CA LEU E 68 -48.73 25.85 -29.70
C LEU E 68 -49.54 26.54 -30.80
N THR E 69 -49.22 27.80 -31.11
CA THR E 69 -49.95 28.57 -32.11
C THR E 69 -49.18 28.73 -33.42
N ILE E 70 -49.70 28.16 -34.50
CA ILE E 70 -49.07 28.25 -35.82
C ILE E 70 -49.78 29.32 -36.65
N THR E 71 -49.44 30.60 -36.41
CA THR E 71 -50.03 31.73 -37.12
C THR E 71 -49.71 31.67 -38.60
N GLY E 72 -50.68 31.26 -39.41
CA GLY E 72 -50.48 31.09 -40.83
C GLY E 72 -49.86 29.73 -41.09
N VAL E 73 -50.68 28.74 -41.46
CA VAL E 73 -50.17 27.39 -41.68
C VAL E 73 -49.92 27.09 -43.17
N GLN E 74 -48.88 26.32 -43.47
CA GLN E 74 -48.51 25.93 -44.84
C GLN E 74 -48.56 24.39 -45.03
N ALA E 75 -48.08 23.89 -46.19
CA ALA E 75 -48.00 22.46 -46.48
C ALA E 75 -46.74 21.81 -45.88
N ASP E 76 -45.68 22.60 -45.64
CA ASP E 76 -44.47 22.08 -44.99
C ASP E 76 -44.65 21.89 -43.46
N ASP E 77 -45.81 22.29 -42.91
CA ASP E 77 -46.13 22.15 -41.50
C ASP E 77 -47.01 20.88 -41.26
N GLU E 78 -47.09 19.95 -42.23
CA GLU E 78 -47.88 18.73 -42.10
C GLU E 78 -47.09 17.67 -41.33
N ALA E 79 -47.35 17.54 -40.01
CA ALA E 79 -46.65 16.59 -39.14
C ALA E 79 -47.46 16.27 -37.84
N VAL E 80 -47.05 15.22 -37.09
CA VAL E 80 -47.67 14.85 -35.81
C VAL E 80 -46.89 15.60 -34.75
N TYR E 81 -47.54 16.51 -34.02
CA TYR E 81 -46.88 17.30 -33.00
C TYR E 81 -46.99 16.66 -31.63
N PHE E 82 -45.92 16.71 -30.82
CA PHE E 82 -45.90 16.09 -29.49
C PHE E 82 -45.53 17.08 -28.41
N CYS E 83 -46.29 17.08 -27.29
CA CYS E 83 -45.91 17.93 -26.15
C CYS E 83 -45.08 17.10 -25.18
N GLY E 84 -44.21 17.77 -24.45
CA GLY E 84 -43.32 17.14 -23.51
C GLY E 84 -43.27 17.93 -22.23
N SER E 85 -43.47 17.25 -21.10
CA SER E 85 -43.45 17.90 -19.80
C SER E 85 -43.29 16.87 -18.69
N ARG E 86 -43.76 17.14 -17.48
CA ARG E 86 -43.66 16.24 -16.37
C ARG E 86 -45.02 16.04 -15.74
N ASP E 87 -45.40 14.79 -15.50
CA ASP E 87 -46.62 14.51 -14.75
C ASP E 87 -46.20 14.42 -13.25
N THR E 88 -46.95 13.69 -12.40
CA THR E 88 -46.59 13.55 -10.99
C THR E 88 -45.21 12.90 -10.84
N ASN E 89 -44.19 13.73 -10.55
CA ASN E 89 -42.80 13.24 -10.31
C ASN E 89 -42.03 12.90 -11.59
N ASN E 90 -42.58 12.06 -12.47
CA ASN E 90 -41.88 11.55 -13.64
C ASN E 90 -42.04 12.45 -14.88
N GLY E 91 -41.21 12.23 -15.89
CA GLY E 91 -41.25 12.96 -17.14
C GLY E 91 -41.83 12.11 -18.24
N ALA E 92 -42.70 12.69 -19.09
CA ALA E 92 -43.36 11.94 -20.16
C ALA E 92 -43.77 12.82 -21.37
N PHE E 93 -44.15 12.18 -22.51
CA PHE E 93 -44.61 12.87 -23.73
C PHE E 93 -46.13 12.73 -23.92
N GLY E 94 -46.68 13.57 -24.80
CA GLY E 94 -48.10 13.54 -25.12
C GLY E 94 -48.44 12.42 -26.09
N ALA E 95 -49.76 12.21 -26.32
CA ALA E 95 -50.24 11.16 -27.23
C ALA E 95 -49.90 11.46 -28.69
N GLY E 96 -49.95 12.74 -29.04
CA GLY E 96 -49.64 13.20 -30.40
C GLY E 96 -50.84 13.81 -31.07
N THR E 97 -50.66 15.01 -31.64
CA THR E 97 -51.72 15.70 -32.37
C THR E 97 -51.35 15.65 -33.85
N THR E 98 -52.12 14.90 -34.64
CA THR E 98 -51.85 14.81 -36.07
C THR E 98 -52.43 16.02 -36.77
N LEU E 99 -51.58 16.77 -37.49
CA LEU E 99 -52.05 17.94 -38.20
C LEU E 99 -52.44 17.62 -39.62
N THR E 100 -53.74 17.48 -39.84
CA THR E 100 -54.30 17.23 -41.17
C THR E 100 -54.72 18.59 -41.69
N VAL E 101 -54.20 18.98 -42.85
CA VAL E 101 -54.51 20.29 -43.44
C VAL E 101 -55.78 20.23 -44.31
N LEU E 102 -56.71 21.16 -44.10
CA LEU E 102 -57.97 21.21 -44.83
C LEU E 102 -57.79 21.54 -46.31
N ARG E 103 -58.11 20.58 -47.19
CA ARG E 103 -58.01 20.72 -48.65
C ARG E 103 -59.29 20.17 -49.38
N THR E 104 -59.36 20.30 -50.73
CA THR E 104 -60.53 19.84 -51.49
C THR E 104 -60.58 18.31 -51.69
N VAL E 105 -61.77 17.77 -51.96
CA VAL E 105 -61.97 16.33 -52.13
C VAL E 105 -61.28 15.77 -53.38
N ALA E 106 -60.36 14.82 -53.19
CA ALA E 106 -59.66 14.20 -54.32
C ALA E 106 -60.08 12.74 -54.50
N ALA E 107 -60.08 12.26 -55.74
CA ALA E 107 -60.46 10.88 -56.05
C ALA E 107 -59.21 10.00 -56.22
N PRO E 108 -59.25 8.74 -55.74
CA PRO E 108 -58.07 7.88 -55.87
C PRO E 108 -57.88 7.26 -57.24
N SER E 109 -56.63 7.23 -57.73
CA SER E 109 -56.30 6.61 -59.01
C SER E 109 -56.01 5.14 -58.72
N VAL E 110 -56.94 4.25 -59.08
CA VAL E 110 -56.80 2.83 -58.77
C VAL E 110 -56.01 2.06 -59.84
N PHE E 111 -55.04 1.25 -59.42
CA PHE E 111 -54.23 0.42 -60.30
C PHE E 111 -54.09 -0.98 -59.69
N ILE E 112 -54.65 -2.01 -60.33
CA ILE E 112 -54.56 -3.37 -59.81
C ILE E 112 -53.32 -4.09 -60.38
N PHE E 113 -52.60 -4.83 -59.53
CA PHE E 113 -51.37 -5.53 -59.96
C PHE E 113 -51.44 -7.04 -59.77
N PRO E 114 -51.11 -7.81 -60.81
CA PRO E 114 -51.15 -9.28 -60.68
C PRO E 114 -49.86 -9.87 -60.10
N PRO E 115 -49.92 -11.07 -59.49
CA PRO E 115 -48.69 -11.68 -58.94
C PRO E 115 -47.70 -11.99 -60.06
N SER E 116 -46.41 -11.72 -59.82
CA SER E 116 -45.35 -11.92 -60.80
C SER E 116 -45.10 -13.40 -61.15
N ASP E 117 -44.37 -13.65 -62.25
CA ASP E 117 -44.02 -15.01 -62.66
C ASP E 117 -43.07 -15.68 -61.65
N GLU E 118 -42.20 -14.89 -61.01
CA GLU E 118 -41.28 -15.39 -60.00
C GLU E 118 -42.00 -15.73 -58.68
N GLN E 119 -43.08 -15.02 -58.38
CA GLN E 119 -43.88 -15.22 -57.17
C GLN E 119 -44.62 -16.56 -57.21
N LEU E 120 -45.15 -16.91 -58.39
CA LEU E 120 -45.92 -18.15 -58.56
C LEU E 120 -45.07 -19.41 -58.33
N LYS E 121 -43.80 -19.37 -58.75
CA LYS E 121 -42.88 -20.51 -58.59
C LYS E 121 -42.62 -20.82 -57.10
N SER E 122 -42.64 -19.79 -56.24
CA SER E 122 -42.40 -19.96 -54.82
C SER E 122 -43.53 -20.72 -54.11
N GLY E 123 -44.76 -20.49 -54.54
CA GLY E 123 -45.93 -21.15 -53.96
C GLY E 123 -46.97 -20.22 -53.38
N THR E 124 -46.82 -18.90 -53.61
CA THR E 124 -47.76 -17.91 -53.10
C THR E 124 -48.10 -16.89 -54.19
N ALA E 125 -49.32 -16.31 -54.12
CA ALA E 125 -49.73 -15.33 -55.12
C ALA E 125 -50.59 -14.25 -54.48
N SER E 126 -50.03 -13.06 -54.30
CA SER E 126 -50.76 -11.96 -53.69
C SER E 126 -51.08 -10.85 -54.69
N VAL E 127 -52.36 -10.51 -54.81
CA VAL E 127 -52.80 -9.45 -55.72
C VAL E 127 -52.80 -8.14 -54.95
N VAL E 128 -52.16 -7.10 -55.50
CA VAL E 128 -52.06 -5.81 -54.81
C VAL E 128 -52.93 -4.73 -55.46
N CYS E 129 -53.86 -4.15 -54.70
CA CYS E 129 -54.70 -3.07 -55.19
C CYS E 129 -54.17 -1.75 -54.66
N LEU E 130 -53.68 -0.91 -55.57
CA LEU E 130 -53.08 0.37 -55.22
C LEU E 130 -54.02 1.55 -55.44
N LEU E 131 -54.09 2.46 -54.46
CA LEU E 131 -54.86 3.70 -54.52
C LEU E 131 -53.86 4.85 -54.45
N ASN E 132 -54.04 5.93 -55.25
CA ASN E 132 -53.08 7.03 -55.24
C ASN E 132 -53.68 8.42 -55.24
N ASN E 133 -53.11 9.29 -54.40
CA ASN E 133 -53.46 10.70 -54.23
C ASN E 133 -54.95 10.97 -54.04
N PHE E 134 -55.46 10.72 -52.83
CA PHE E 134 -56.87 10.95 -52.52
C PHE E 134 -57.06 11.66 -51.17
N TYR E 135 -58.24 12.27 -50.98
CA TYR E 135 -58.58 12.98 -49.75
C TYR E 135 -60.10 12.94 -49.55
N PRO E 136 -60.60 12.62 -48.34
CA PRO E 136 -59.86 12.35 -47.09
C PRO E 136 -59.36 10.91 -46.93
N ARG E 137 -58.74 10.61 -45.79
CA ARG E 137 -58.19 9.30 -45.43
C ARG E 137 -59.23 8.18 -45.40
N GLU E 138 -60.51 8.51 -45.21
CA GLU E 138 -61.58 7.52 -45.16
C GLU E 138 -61.83 6.86 -46.51
N ALA E 139 -61.49 5.57 -46.62
CA ALA E 139 -61.67 4.81 -47.87
C ALA E 139 -62.05 3.36 -47.59
N LYS E 140 -62.75 2.71 -48.54
CA LYS E 140 -63.16 1.32 -48.37
C LYS E 140 -62.69 0.45 -49.53
N VAL E 141 -61.95 -0.62 -49.23
CA VAL E 141 -61.46 -1.53 -50.26
C VAL E 141 -62.06 -2.93 -50.07
N GLN E 142 -62.83 -3.41 -51.05
CA GLN E 142 -63.44 -4.73 -50.96
C GLN E 142 -63.01 -5.59 -52.14
N TRP E 143 -62.66 -6.86 -51.87
CA TRP E 143 -62.21 -7.77 -52.92
C TRP E 143 -63.34 -8.64 -53.45
N LYS E 144 -63.31 -8.93 -54.75
CA LYS E 144 -64.33 -9.76 -55.41
C LYS E 144 -63.72 -10.80 -56.35
N VAL E 145 -63.49 -12.01 -55.83
CA VAL E 145 -62.93 -13.10 -56.63
C VAL E 145 -64.09 -13.84 -57.29
N ASP E 146 -64.27 -13.66 -58.61
CA ASP E 146 -65.35 -14.26 -59.38
C ASP E 146 -66.72 -13.84 -58.83
N ASN E 147 -66.89 -12.53 -58.60
CA ASN E 147 -68.12 -11.91 -58.06
C ASN E 147 -68.52 -12.41 -56.68
N ALA E 148 -67.55 -12.74 -55.83
CA ALA E 148 -67.82 -13.22 -54.47
C ALA E 148 -67.09 -12.36 -53.46
N LEU E 149 -67.76 -11.96 -52.38
CA LEU E 149 -67.18 -11.11 -51.33
C LEU E 149 -66.08 -11.81 -50.54
N GLN E 150 -64.91 -11.18 -50.44
CA GLN E 150 -63.79 -11.75 -49.71
C GLN E 150 -63.50 -10.93 -48.44
N SER E 151 -63.42 -11.61 -47.29
CA SER E 151 -63.16 -10.92 -46.03
C SER E 151 -62.26 -11.74 -45.11
N GLY E 152 -61.35 -11.06 -44.41
CA GLY E 152 -60.43 -11.70 -43.50
C GLY E 152 -59.06 -12.00 -44.07
N ASN E 153 -58.93 -11.97 -45.40
CA ASN E 153 -57.66 -12.27 -46.07
C ASN E 153 -57.09 -11.06 -46.82
N SER E 154 -57.38 -9.85 -46.34
CA SER E 154 -56.88 -8.64 -47.00
C SER E 154 -56.31 -7.64 -45.98
N GLN E 155 -55.08 -7.19 -46.20
CA GLN E 155 -54.43 -6.24 -45.29
C GLN E 155 -54.07 -4.94 -45.99
N GLU E 156 -54.65 -3.82 -45.54
CA GLU E 156 -54.41 -2.52 -46.13
C GLU E 156 -53.26 -1.76 -45.43
N SER E 157 -52.60 -0.86 -46.17
CA SER E 157 -51.49 -0.07 -45.65
C SER E 157 -51.68 1.39 -46.10
N VAL E 158 -51.93 2.29 -45.14
CA VAL E 158 -52.15 3.70 -45.47
C VAL E 158 -50.90 4.55 -45.17
N THR E 159 -50.49 5.40 -46.12
CA THR E 159 -49.33 6.28 -45.94
C THR E 159 -49.72 7.61 -45.28
N GLU E 160 -48.72 8.34 -44.73
CA GLU E 160 -48.97 9.65 -44.14
C GLU E 160 -49.26 10.70 -45.23
N GLN E 161 -49.94 11.78 -44.85
CA GLN E 161 -50.31 12.85 -45.77
C GLN E 161 -49.08 13.46 -46.46
N ASP E 162 -49.14 13.59 -47.79
CA ASP E 162 -48.04 14.13 -48.60
C ASP E 162 -47.75 15.59 -48.25
N SER E 163 -46.48 15.97 -48.23
CA SER E 163 -46.08 17.34 -47.89
C SER E 163 -46.00 18.27 -49.11
N LYS E 164 -46.56 17.88 -50.26
CA LYS E 164 -46.54 18.70 -51.46
C LYS E 164 -47.95 19.00 -51.98
N ASP E 165 -48.87 18.03 -51.84
CA ASP E 165 -50.24 18.21 -52.31
C ASP E 165 -51.32 17.77 -51.31
N SER E 166 -50.91 17.29 -50.11
CA SER E 166 -51.81 16.86 -49.02
C SER E 166 -52.72 15.67 -49.41
N THR E 167 -52.15 14.65 -50.07
CA THR E 167 -52.93 13.48 -50.47
C THR E 167 -52.45 12.18 -49.84
N TYR E 168 -53.35 11.20 -49.74
CA TYR E 168 -53.06 9.88 -49.18
C TYR E 168 -52.91 8.80 -50.28
N SER E 169 -52.42 7.61 -49.92
CA SER E 169 -52.25 6.50 -50.85
C SER E 169 -52.43 5.19 -50.07
N LEU E 170 -53.30 4.29 -50.56
CA LEU E 170 -53.57 3.03 -49.88
C LEU E 170 -52.95 1.83 -50.60
N SER E 171 -52.66 0.75 -49.86
CA SER E 171 -52.06 -0.45 -50.44
C SER E 171 -52.71 -1.73 -49.89
N SER E 172 -53.84 -2.15 -50.46
CA SER E 172 -54.52 -3.37 -50.02
C SER E 172 -53.90 -4.59 -50.69
N THR E 173 -53.71 -5.68 -49.94
CA THR E 173 -53.11 -6.89 -50.50
C THR E 173 -53.95 -8.13 -50.22
N LEU E 174 -54.34 -8.85 -51.27
CA LEU E 174 -55.14 -10.07 -51.17
C LEU E 174 -54.20 -11.28 -51.09
N THR E 175 -54.03 -11.85 -49.89
CA THR E 175 -53.14 -12.99 -49.71
C THR E 175 -53.83 -14.32 -50.00
N LEU E 176 -53.41 -15.02 -51.06
CA LEU E 176 -53.99 -16.31 -51.42
C LEU E 176 -52.89 -17.32 -51.79
N SER E 177 -53.14 -18.60 -51.54
CA SER E 177 -52.19 -19.66 -51.87
C SER E 177 -52.15 -19.92 -53.38
N LYS E 178 -51.07 -20.55 -53.87
CA LYS E 178 -50.90 -20.87 -55.29
C LYS E 178 -52.06 -21.71 -55.83
N ALA E 179 -52.57 -22.64 -55.01
CA ALA E 179 -53.67 -23.52 -55.39
C ALA E 179 -55.00 -22.77 -55.55
N ASP E 180 -55.29 -21.80 -54.67
CA ASP E 180 -56.52 -21.03 -54.76
C ASP E 180 -56.50 -19.94 -55.84
N TYR E 181 -55.31 -19.55 -56.31
CA TYR E 181 -55.19 -18.51 -57.33
C TYR E 181 -55.54 -19.08 -58.70
N GLU E 182 -55.08 -20.29 -59.01
CA GLU E 182 -55.33 -20.92 -60.30
C GLU E 182 -56.76 -21.44 -60.49
N LYS E 183 -57.59 -21.42 -59.44
CA LYS E 183 -58.98 -21.86 -59.54
C LYS E 183 -59.94 -20.78 -60.07
N HIS E 184 -59.52 -19.51 -60.05
CA HIS E 184 -60.37 -18.41 -60.50
C HIS E 184 -59.76 -17.64 -61.70
N LYS E 185 -60.56 -16.79 -62.36
CA LYS E 185 -60.10 -16.04 -63.53
C LYS E 185 -60.25 -14.53 -63.36
N VAL E 186 -61.36 -14.07 -62.76
CA VAL E 186 -61.62 -12.64 -62.61
C VAL E 186 -61.39 -12.15 -61.17
N TYR E 187 -60.53 -11.15 -61.02
CA TYR E 187 -60.23 -10.56 -59.72
C TYR E 187 -60.60 -9.08 -59.73
N ALA E 188 -61.77 -8.74 -59.19
CA ALA E 188 -62.27 -7.37 -59.15
C ALA E 188 -61.84 -6.64 -57.87
N CYS E 189 -61.87 -5.29 -57.88
CA CYS E 189 -61.46 -4.46 -56.75
C CYS E 189 -62.41 -3.29 -56.55
N GLU E 190 -63.46 -3.48 -55.76
CA GLU E 190 -64.45 -2.43 -55.52
C GLU E 190 -63.91 -1.35 -54.57
N VAL E 191 -63.66 -0.15 -55.10
CA VAL E 191 -63.13 0.97 -54.30
C VAL E 191 -64.23 1.97 -53.98
N THR E 192 -64.56 2.12 -52.68
CA THR E 192 -65.61 3.07 -52.26
C THR E 192 -65.02 4.25 -51.50
N HIS E 193 -65.01 5.42 -52.12
CA HIS E 193 -64.50 6.66 -51.53
C HIS E 193 -65.58 7.76 -51.47
N GLN E 194 -65.36 8.83 -50.68
CA GLN E 194 -66.33 9.93 -50.56
C GLN E 194 -66.46 10.70 -51.88
N GLY E 195 -65.35 10.88 -52.58
CA GLY E 195 -65.32 11.58 -53.86
C GLY E 195 -65.75 10.75 -55.05
N LEU E 196 -66.26 9.53 -54.81
CA LEU E 196 -66.71 8.66 -55.89
C LEU E 196 -68.18 8.30 -55.71
N SER E 197 -69.04 8.74 -56.63
CA SER E 197 -70.47 8.42 -56.57
C SER E 197 -70.71 6.96 -56.92
N SER E 198 -69.95 6.42 -57.88
CA SER E 198 -70.02 5.03 -58.30
C SER E 198 -68.68 4.37 -57.98
N PRO E 199 -68.68 3.29 -57.21
CA PRO E 199 -67.41 2.65 -56.83
C PRO E 199 -66.63 2.09 -58.02
N VAL E 200 -65.43 2.64 -58.26
CA VAL E 200 -64.57 2.20 -59.37
C VAL E 200 -64.03 0.80 -59.12
N THR E 201 -64.42 -0.14 -59.98
CA THR E 201 -64.00 -1.54 -59.84
C THR E 201 -62.98 -1.91 -60.92
N LYS E 202 -61.70 -2.02 -60.54
CA LYS E 202 -60.65 -2.40 -61.50
C LYS E 202 -60.43 -3.90 -61.46
N SER E 203 -60.69 -4.58 -62.58
CA SER E 203 -60.55 -6.03 -62.68
C SER E 203 -59.52 -6.47 -63.71
N PHE E 204 -58.96 -7.68 -63.53
CA PHE E 204 -58.00 -8.23 -64.47
C PHE E 204 -58.23 -9.73 -64.68
N ASN E 205 -57.91 -10.24 -65.87
CA ASN E 205 -58.08 -11.65 -66.19
C ASN E 205 -56.78 -12.43 -65.97
N ARG E 206 -56.89 -13.74 -65.70
CA ARG E 206 -55.74 -14.60 -65.48
C ARG E 206 -54.88 -14.77 -66.74
N GLY E 207 -55.53 -14.82 -67.90
CA GLY E 207 -54.84 -14.98 -69.18
C GLY E 207 -54.14 -13.73 -69.65
N ALA F 1 -70.02 47.36 7.45
CA ALA F 1 -70.68 47.20 6.17
C ALA F 1 -69.68 47.38 5.04
N VAL F 2 -69.33 46.30 4.35
CA VAL F 2 -68.34 46.38 3.28
C VAL F 2 -68.98 46.64 1.90
N THR F 3 -68.58 47.74 1.25
CA THR F 3 -69.09 48.14 -0.07
C THR F 3 -67.99 48.25 -1.13
N LEU F 4 -68.32 47.95 -2.40
CA LEU F 4 -67.39 48.05 -3.52
C LEU F 4 -68.09 48.75 -4.69
N ASP F 5 -67.85 50.08 -4.82
CA ASP F 5 -68.49 50.93 -5.82
C ASP F 5 -67.67 51.11 -7.10
N GLU F 6 -68.09 50.43 -8.16
CA GLU F 6 -67.44 50.55 -9.46
C GLU F 6 -67.84 51.87 -10.09
N SER F 7 -66.88 52.58 -10.68
CA SER F 7 -67.17 53.87 -11.30
C SER F 7 -66.31 54.19 -12.51
N GLY F 8 -66.89 54.08 -13.70
CA GLY F 8 -66.19 54.39 -14.93
C GLY F 8 -66.25 53.32 -15.99
N GLY F 9 -67.33 52.53 -15.97
CA GLY F 9 -67.50 51.44 -16.92
C GLY F 9 -68.79 51.46 -17.72
N GLY F 10 -68.72 51.97 -18.94
CA GLY F 10 -69.88 52.04 -19.82
C GLY F 10 -69.51 51.81 -21.27
N LEU F 11 -70.00 52.68 -22.15
CA LEU F 11 -69.69 52.57 -23.57
C LEU F 11 -68.34 53.18 -23.92
N GLN F 12 -67.41 52.33 -24.31
CA GLN F 12 -66.07 52.69 -24.73
C GLN F 12 -65.93 52.53 -26.27
N THR F 13 -64.74 52.79 -26.83
CA THR F 13 -64.54 52.73 -28.28
C THR F 13 -63.31 51.93 -28.73
N PRO F 14 -63.43 51.19 -29.86
CA PRO F 14 -62.29 50.40 -30.36
C PRO F 14 -61.00 51.19 -30.58
N GLY F 15 -59.93 50.67 -29.99
CA GLY F 15 -58.61 51.29 -30.01
C GLY F 15 -58.35 52.24 -28.85
N GLY F 16 -59.42 52.61 -28.14
CA GLY F 16 -59.40 53.55 -27.02
C GLY F 16 -58.98 52.97 -25.67
N ALA F 17 -59.26 53.74 -24.61
CA ALA F 17 -58.88 53.36 -23.26
C ALA F 17 -59.99 53.58 -22.21
N LEU F 18 -59.87 52.91 -21.04
CA LEU F 18 -60.82 53.06 -19.94
C LEU F 18 -60.09 53.30 -18.59
N SER F 19 -60.81 53.88 -17.63
CA SER F 19 -60.24 54.18 -16.32
C SER F 19 -61.23 53.73 -15.25
N LEU F 20 -61.33 52.41 -15.06
CA LEU F 20 -62.26 51.80 -14.09
C LEU F 20 -61.81 51.98 -12.65
N VAL F 21 -62.45 52.88 -11.91
CA VAL F 21 -62.11 53.09 -10.51
C VAL F 21 -63.06 52.31 -9.58
N CYS F 22 -62.60 51.92 -8.39
CA CYS F 22 -63.42 51.17 -7.44
C CYS F 22 -63.27 51.80 -6.06
N LYS F 23 -64.39 52.11 -5.39
CA LYS F 23 -64.33 52.71 -4.06
C LYS F 23 -64.73 51.70 -3.00
N ALA F 24 -63.89 51.54 -1.98
CA ALA F 24 -64.15 50.58 -0.92
C ALA F 24 -64.29 51.19 0.46
N SER F 25 -65.23 50.67 1.24
CA SER F 25 -65.46 51.14 2.58
C SER F 25 -65.94 50.02 3.50
N GLY F 26 -65.77 50.19 4.81
CA GLY F 26 -66.20 49.19 5.79
C GLY F 26 -65.13 48.24 6.26
N PHE F 27 -63.87 48.47 5.86
CA PHE F 27 -62.74 47.63 6.25
C PHE F 27 -61.38 48.36 6.09
N ASP F 28 -60.30 47.78 6.63
CA ASP F 28 -58.96 48.35 6.50
C ASP F 28 -58.46 48.08 5.09
N PHE F 29 -58.62 49.04 4.18
CA PHE F 29 -58.21 48.91 2.79
C PHE F 29 -56.75 48.56 2.59
N SER F 30 -55.85 49.24 3.30
CA SER F 30 -54.41 49.02 3.13
C SER F 30 -53.88 47.66 3.60
N SER F 31 -54.76 46.70 3.93
CA SER F 31 -54.32 45.38 4.38
C SER F 31 -54.80 44.22 3.52
N TYR F 32 -55.65 44.47 2.52
CA TYR F 32 -56.17 43.40 1.67
C TYR F 32 -55.83 43.59 0.21
N ALA F 33 -55.56 42.49 -0.49
CA ALA F 33 -55.24 42.51 -1.91
C ALA F 33 -56.53 42.71 -2.69
N MET F 34 -56.50 43.53 -3.75
CA MET F 34 -57.70 43.78 -4.57
C MET F 34 -57.50 43.33 -6.02
N GLY F 35 -58.59 43.05 -6.73
CA GLY F 35 -58.50 42.62 -8.12
C GLY F 35 -59.70 42.93 -8.98
N TRP F 36 -59.59 42.67 -10.29
CA TRP F 36 -60.69 42.91 -11.22
C TRP F 36 -60.99 41.66 -12.00
N VAL F 37 -62.25 41.26 -12.05
CA VAL F 37 -62.68 40.08 -12.80
C VAL F 37 -63.64 40.52 -13.92
N ARG F 38 -63.73 39.74 -15.01
CA ARG F 38 -64.64 40.09 -16.10
C ARG F 38 -65.40 38.89 -16.68
N GLN F 39 -66.69 39.09 -16.98
CA GLN F 39 -67.49 38.04 -17.56
C GLN F 39 -67.98 38.47 -18.92
N ALA F 40 -67.39 37.90 -19.96
CA ALA F 40 -67.79 38.16 -21.34
C ALA F 40 -69.19 37.59 -21.54
N PRO F 41 -70.06 38.28 -22.29
CA PRO F 41 -71.42 37.77 -22.48
C PRO F 41 -71.41 36.40 -23.16
N GLY F 42 -72.10 35.44 -22.55
CA GLY F 42 -72.14 34.07 -23.04
C GLY F 42 -70.92 33.25 -22.67
N LYS F 43 -70.02 33.82 -21.86
CA LYS F 43 -68.81 33.18 -21.40
C LYS F 43 -68.72 33.24 -19.86
N GLY F 44 -67.81 32.46 -19.28
CA GLY F 44 -67.63 32.39 -17.84
C GLY F 44 -66.77 33.48 -17.23
N LEU F 45 -66.34 33.26 -15.99
CA LEU F 45 -65.52 34.22 -15.25
C LEU F 45 -64.07 34.23 -15.66
N GLU F 46 -63.40 35.39 -15.57
CA GLU F 46 -62.00 35.51 -15.96
C GLU F 46 -61.27 36.58 -15.15
N TYR F 47 -60.19 36.21 -14.43
CA TYR F 47 -59.43 37.19 -13.66
C TYR F 47 -58.70 38.12 -14.61
N VAL F 48 -58.74 39.41 -14.33
CA VAL F 48 -58.12 40.42 -15.17
C VAL F 48 -56.79 40.93 -14.59
N ALA F 49 -56.82 41.58 -13.42
CA ALA F 49 -55.62 42.16 -12.84
C ALA F 49 -55.70 42.14 -11.34
N GLY F 50 -54.61 41.76 -10.70
CA GLY F 50 -54.56 41.71 -9.24
C GLY F 50 -53.48 42.61 -8.70
N ILE F 51 -53.71 43.18 -7.51
CA ILE F 51 -52.73 44.05 -6.88
C ILE F 51 -52.62 43.74 -5.39
N ARG F 52 -51.38 43.67 -4.89
CA ARG F 52 -51.03 43.36 -3.51
C ARG F 52 -51.45 44.48 -2.53
N ASN F 53 -51.50 44.19 -1.23
CA ASN F 53 -51.86 45.17 -0.19
C ASN F 53 -50.95 46.41 -0.22
N ASP F 54 -49.63 46.23 -0.33
CA ASP F 54 -48.71 47.37 -0.43
C ASP F 54 -48.50 47.88 -1.88
N GLY F 55 -49.33 47.41 -2.81
CA GLY F 55 -49.26 47.74 -4.22
C GLY F 55 -47.99 47.33 -4.94
N SER F 56 -47.07 46.64 -4.24
CA SER F 56 -45.78 46.24 -4.82
C SER F 56 -45.85 45.10 -5.82
N PHE F 57 -46.94 44.32 -5.80
CA PHE F 57 -47.07 43.21 -6.73
C PHE F 57 -48.33 43.31 -7.59
N THR F 58 -48.19 43.06 -8.91
CA THR F 58 -49.30 43.06 -9.86
C THR F 58 -49.22 41.88 -10.83
N LEU F 59 -50.37 41.38 -11.28
CA LEU F 59 -50.43 40.29 -12.26
C LEU F 59 -51.51 40.59 -13.31
N TYR F 60 -51.29 40.16 -14.56
CA TYR F 60 -52.27 40.41 -15.62
C TYR F 60 -52.58 39.17 -16.44
N THR F 61 -53.84 39.02 -16.83
CA THR F 61 -54.28 37.92 -17.69
C THR F 61 -53.60 38.04 -19.05
N PRO F 62 -53.14 36.92 -19.65
CA PRO F 62 -52.42 37.00 -20.94
C PRO F 62 -53.07 37.84 -22.02
N ALA F 63 -54.41 37.97 -21.98
CA ALA F 63 -55.14 38.78 -22.95
C ALA F 63 -54.84 40.28 -22.77
N VAL F 64 -54.89 40.80 -21.54
CA VAL F 64 -54.63 42.22 -21.28
C VAL F 64 -53.17 42.58 -21.07
N LYS F 65 -52.28 41.59 -20.90
CA LYS F 65 -50.86 41.78 -20.64
C LYS F 65 -50.21 42.82 -21.58
N GLY F 66 -49.57 43.82 -20.98
CA GLY F 66 -48.91 44.90 -21.71
C GLY F 66 -49.80 46.08 -22.03
N ARG F 67 -51.11 45.94 -21.82
CA ARG F 67 -52.09 47.00 -22.11
C ARG F 67 -52.78 47.48 -20.82
N ALA F 68 -52.96 46.59 -19.84
CA ALA F 68 -53.57 46.92 -18.56
C ALA F 68 -52.54 47.39 -17.55
N THR F 69 -52.99 48.25 -16.60
CA THR F 69 -52.13 48.84 -15.58
C THR F 69 -52.94 49.07 -14.29
N ILE F 70 -53.12 48.02 -13.48
CA ILE F 70 -53.87 48.14 -12.23
C ILE F 70 -53.07 48.93 -11.18
N SER F 71 -53.66 50.02 -10.70
CA SER F 71 -53.03 50.86 -9.68
C SER F 71 -53.93 50.90 -8.42
N ARG F 72 -53.42 51.44 -7.30
CA ARG F 72 -54.21 51.56 -6.08
C ARG F 72 -53.76 52.72 -5.22
N ASP F 73 -54.73 53.37 -4.59
CA ASP F 73 -54.47 54.48 -3.69
C ASP F 73 -55.01 54.07 -2.35
N ASN F 74 -54.14 53.61 -1.46
CA ASN F 74 -54.57 53.17 -0.14
C ASN F 74 -55.14 54.30 0.70
N GLY F 75 -54.55 55.49 0.58
CA GLY F 75 -55.00 56.67 1.31
C GLY F 75 -56.42 57.06 0.95
N GLN F 76 -56.77 56.96 -0.33
CA GLN F 76 -58.11 57.29 -0.80
C GLN F 76 -59.07 56.09 -0.83
N SER F 77 -58.54 54.85 -0.63
CA SER F 77 -59.24 53.57 -0.63
C SER F 77 -59.81 53.20 -2.02
N THR F 78 -59.04 53.50 -3.07
CA THR F 78 -59.42 53.23 -4.45
C THR F 78 -58.49 52.26 -5.18
N VAL F 79 -58.98 51.63 -6.26
CA VAL F 79 -58.17 50.70 -7.05
C VAL F 79 -58.54 50.83 -8.55
N ARG F 80 -57.83 51.75 -9.22
CA ARG F 80 -58.04 52.11 -10.63
C ARG F 80 -57.39 51.18 -11.66
N LEU F 81 -58.18 50.60 -12.56
CA LEU F 81 -57.66 49.75 -13.62
C LEU F 81 -57.69 50.50 -14.96
N GLN F 82 -56.53 50.61 -15.64
CA GLN F 82 -56.47 51.29 -16.93
C GLN F 82 -56.12 50.30 -18.03
N LEU F 83 -57.01 50.12 -19.00
CA LEU F 83 -56.76 49.22 -20.12
C LEU F 83 -56.68 50.01 -21.42
N ASN F 84 -55.68 49.73 -22.28
CA ASN F 84 -55.45 50.45 -23.54
C ASN F 84 -55.74 49.62 -24.81
N ASN F 85 -55.93 50.31 -25.96
CA ASN F 85 -56.20 49.74 -27.29
C ASN F 85 -57.29 48.69 -27.22
N LEU F 86 -58.43 49.09 -26.63
CA LEU F 86 -59.63 48.29 -26.36
C LEU F 86 -60.12 47.51 -27.57
N ARG F 87 -60.13 46.18 -27.46
CA ARG F 87 -60.56 45.30 -28.55
C ARG F 87 -62.04 44.90 -28.43
N ALA F 88 -62.61 44.30 -29.49
CA ALA F 88 -64.00 43.82 -29.48
C ALA F 88 -64.21 42.77 -28.36
N GLU F 89 -63.18 41.94 -28.13
CA GLU F 89 -63.12 40.88 -27.12
C GLU F 89 -63.18 41.43 -25.69
N ASP F 90 -62.88 42.73 -25.49
CA ASP F 90 -62.90 43.34 -24.16
C ASP F 90 -64.29 43.75 -23.69
N THR F 91 -65.37 43.33 -24.39
CA THR F 91 -66.73 43.62 -23.93
C THR F 91 -67.09 42.55 -22.91
N ALA F 92 -67.36 42.98 -21.65
CA ALA F 92 -67.66 42.12 -20.50
C ALA F 92 -68.14 42.97 -19.31
N THR F 93 -68.72 42.34 -18.27
CA THR F 93 -69.08 43.07 -17.05
C THR F 93 -67.88 42.99 -16.14
N TYR F 94 -67.39 44.13 -15.65
CA TYR F 94 -66.20 44.15 -14.81
C TYR F 94 -66.52 44.31 -13.31
N PHE F 95 -66.14 43.32 -12.48
CA PHE F 95 -66.38 43.37 -11.04
C PHE F 95 -65.10 43.63 -10.25
N CYS F 96 -65.17 44.55 -9.30
CA CYS F 96 -64.08 44.88 -8.40
C CYS F 96 -64.19 43.88 -7.24
N THR F 97 -63.10 43.19 -6.93
CA THR F 97 -63.09 42.16 -5.90
C THR F 97 -62.09 42.41 -4.78
N LYS F 98 -62.36 41.83 -3.61
CA LYS F 98 -61.50 42.00 -2.44
C LYS F 98 -61.08 40.65 -1.83
N SER F 99 -59.76 40.41 -1.76
CA SER F 99 -59.24 39.19 -1.14
C SER F 99 -59.21 39.36 0.36
N ALA F 100 -59.47 38.28 1.12
CA ALA F 100 -59.39 38.33 2.59
C ALA F 100 -57.96 38.01 3.06
N ASP F 101 -56.95 38.37 2.25
CA ASP F 101 -55.54 38.16 2.52
C ASP F 101 -54.73 39.29 1.87
N ASP F 102 -53.45 39.41 2.23
CA ASP F 102 -52.58 40.45 1.66
C ASP F 102 -52.19 40.20 0.18
N GLY F 103 -52.47 39.01 -0.33
CA GLY F 103 -52.08 38.62 -1.68
C GLY F 103 -50.68 38.00 -1.70
N GLY F 104 -50.28 37.41 -0.56
CA GLY F 104 -48.99 36.75 -0.38
C GLY F 104 -48.80 35.55 -1.27
N HIS F 105 -49.88 34.83 -1.51
CA HIS F 105 -49.88 33.69 -2.40
C HIS F 105 -50.78 33.96 -3.59
N TYR F 106 -50.45 33.37 -4.72
CA TYR F 106 -51.21 33.55 -5.96
C TYR F 106 -52.67 33.15 -5.80
N SER F 107 -52.94 32.13 -5.00
CA SER F 107 -54.32 31.67 -4.81
C SER F 107 -55.17 32.71 -4.11
N ASP F 108 -54.57 33.62 -3.31
CA ASP F 108 -55.26 34.70 -2.59
C ASP F 108 -56.13 35.58 -3.51
N PHE F 109 -55.80 35.61 -4.80
CA PHE F 109 -56.46 36.47 -5.75
C PHE F 109 -57.80 35.94 -6.25
N SER F 110 -57.88 34.68 -6.68
CA SER F 110 -59.14 34.12 -7.15
C SER F 110 -59.73 33.05 -6.25
N GLY F 111 -59.04 32.65 -5.18
CA GLY F 111 -59.55 31.64 -4.26
C GLY F 111 -59.73 32.07 -2.83
N GLU F 112 -59.68 33.38 -2.58
CA GLU F 112 -59.85 33.92 -1.24
C GLU F 112 -60.58 35.26 -1.33
N ILE F 113 -61.59 35.38 -2.22
CA ILE F 113 -62.36 36.64 -2.34
C ILE F 113 -63.55 36.68 -1.38
N ASP F 114 -63.57 37.61 -0.40
CA ASP F 114 -64.71 37.71 0.53
C ASP F 114 -65.57 38.97 0.30
N ALA F 115 -65.44 39.63 -0.87
CA ALA F 115 -66.22 40.84 -1.20
C ALA F 115 -66.27 41.16 -2.70
N TRP F 116 -67.47 41.41 -3.24
CA TRP F 116 -67.65 41.73 -4.65
C TRP F 116 -68.47 43.04 -4.82
N GLY F 117 -68.45 43.61 -6.02
CA GLY F 117 -69.22 44.81 -6.32
C GLY F 117 -70.41 44.54 -7.23
N HIS F 118 -71.24 45.57 -7.48
CA HIS F 118 -72.42 45.43 -8.35
C HIS F 118 -72.00 45.01 -9.77
N GLY F 119 -70.98 45.69 -10.29
CA GLY F 119 -70.45 45.48 -11.63
C GLY F 119 -70.52 46.73 -12.49
N THR F 120 -70.07 46.62 -13.74
CA THR F 120 -70.10 47.69 -14.75
C THR F 120 -69.99 47.08 -16.14
N GLU F 121 -71.04 47.23 -16.95
CA GLU F 121 -71.08 46.69 -18.30
C GLU F 121 -70.25 47.54 -19.23
N VAL F 122 -69.09 47.02 -19.65
CA VAL F 122 -68.21 47.76 -20.54
C VAL F 122 -68.37 47.29 -21.97
N ILE F 123 -68.78 48.19 -22.86
CA ILE F 123 -69.01 47.82 -24.25
C ILE F 123 -68.03 48.51 -25.19
N VAL F 124 -67.34 47.75 -26.03
CA VAL F 124 -66.36 48.32 -26.95
C VAL F 124 -66.90 48.33 -28.39
N SER F 125 -67.56 49.43 -28.79
CA SER F 125 -68.11 49.56 -30.14
C SER F 125 -68.24 51.01 -30.56
N SER F 126 -68.10 51.27 -31.86
CA SER F 126 -68.24 52.62 -32.41
C SER F 126 -69.69 52.81 -32.85
N ALA F 127 -70.61 52.74 -31.89
CA ALA F 127 -72.05 52.84 -32.12
C ALA F 127 -72.71 53.94 -31.25
N SER F 128 -73.91 54.41 -31.64
CA SER F 128 -74.62 55.46 -30.92
C SER F 128 -75.79 54.94 -30.05
N THR F 129 -76.21 55.73 -29.06
CA THR F 129 -77.27 55.37 -28.12
C THR F 129 -78.69 55.55 -28.69
N LYS F 130 -79.54 54.54 -28.50
CA LYS F 130 -80.94 54.58 -28.95
C LYS F 130 -81.92 54.62 -27.76
N GLY F 131 -83.17 54.99 -28.04
CA GLY F 131 -84.22 55.06 -27.03
C GLY F 131 -85.21 53.92 -27.13
N PRO F 132 -85.64 53.38 -25.99
CA PRO F 132 -86.57 52.24 -26.03
C PRO F 132 -88.01 52.58 -26.41
N SER F 133 -88.69 51.62 -27.06
CA SER F 133 -90.09 51.78 -27.47
C SER F 133 -90.95 50.74 -26.74
N VAL F 134 -91.59 51.16 -25.65
CA VAL F 134 -92.41 50.26 -24.86
C VAL F 134 -93.81 50.06 -25.45
N PHE F 135 -94.10 48.84 -25.89
CA PHE F 135 -95.42 48.51 -26.46
C PHE F 135 -96.13 47.56 -25.51
N PRO F 136 -97.41 47.81 -25.19
CA PRO F 136 -98.12 46.93 -24.25
C PRO F 136 -98.37 45.51 -24.79
N LEU F 137 -98.59 44.57 -23.85
CA LEU F 137 -98.90 43.18 -24.17
C LEU F 137 -100.23 42.88 -23.51
N ALA F 138 -101.32 43.17 -24.22
CA ALA F 138 -102.68 43.02 -23.72
C ALA F 138 -103.16 41.57 -23.61
N PRO F 139 -103.86 41.23 -22.52
CA PRO F 139 -104.38 39.87 -22.39
C PRO F 139 -105.65 39.63 -23.20
N THR F 144 -108.79 34.54 -24.45
CA THR F 144 -107.92 33.90 -23.47
C THR F 144 -108.37 34.24 -22.04
N SER F 145 -108.84 33.23 -21.30
CA SER F 145 -109.30 33.42 -19.92
C SER F 145 -109.19 32.14 -19.09
N GLY F 146 -109.03 32.30 -17.78
CA GLY F 146 -108.92 31.18 -16.86
C GLY F 146 -109.01 31.60 -15.41
N GLY F 147 -108.08 31.10 -14.61
CA GLY F 147 -108.03 31.42 -13.18
C GLY F 147 -107.05 32.55 -12.87
N THR F 148 -105.98 32.64 -13.65
CA THR F 148 -104.95 33.68 -13.49
C THR F 148 -104.55 34.19 -14.87
N ALA F 149 -104.65 35.50 -15.10
CA ALA F 149 -104.31 36.09 -16.39
C ALA F 149 -103.01 36.88 -16.34
N ALA F 150 -102.19 36.78 -17.39
CA ALA F 150 -100.92 37.49 -17.44
C ALA F 150 -100.97 38.69 -18.38
N LEU F 151 -100.11 39.68 -18.13
CA LEU F 151 -99.97 40.89 -18.93
C LEU F 151 -98.54 41.44 -18.81
N GLY F 152 -98.05 42.12 -19.84
CA GLY F 152 -96.70 42.65 -19.81
C GLY F 152 -96.43 43.86 -20.68
N CYS F 153 -95.13 44.19 -20.83
CA CYS F 153 -94.66 45.31 -21.63
C CYS F 153 -93.44 44.90 -22.45
N LEU F 154 -93.36 45.39 -23.70
CA LEU F 154 -92.27 45.04 -24.60
C LEU F 154 -91.30 46.19 -24.81
N VAL F 155 -90.16 46.16 -24.13
CA VAL F 155 -89.11 47.17 -24.27
C VAL F 155 -88.31 46.79 -25.52
N LYS F 156 -88.81 47.20 -26.69
CA LYS F 156 -88.18 46.86 -27.95
C LYS F 156 -87.33 48.00 -28.52
N ASP F 157 -86.17 47.64 -29.09
CA ASP F 157 -85.22 48.52 -29.76
C ASP F 157 -84.55 49.55 -28.85
N TYR F 158 -83.47 49.15 -28.17
CA TYR F 158 -82.69 50.05 -27.33
C TYR F 158 -81.23 49.62 -27.28
N PHE F 159 -80.31 50.58 -27.15
CA PHE F 159 -78.89 50.29 -27.09
C PHE F 159 -78.14 51.37 -26.31
N PRO F 160 -77.29 50.98 -25.35
CA PRO F 160 -76.92 49.63 -24.94
C PRO F 160 -77.65 49.16 -23.66
N GLU F 161 -77.09 48.17 -22.94
CA GLU F 161 -77.65 47.60 -21.72
C GLU F 161 -77.14 48.36 -20.46
N PRO F 162 -77.87 48.33 -19.33
CA PRO F 162 -79.10 47.59 -19.03
C PRO F 162 -80.38 48.43 -18.97
N VAL F 163 -81.53 47.78 -18.71
CA VAL F 163 -82.81 48.47 -18.59
C VAL F 163 -83.52 48.00 -17.29
N THR F 164 -84.11 48.94 -16.54
CA THR F 164 -84.78 48.59 -15.28
C THR F 164 -86.30 48.73 -15.41
N VAL F 165 -87.02 47.62 -15.27
CA VAL F 165 -88.47 47.64 -15.39
C VAL F 165 -89.17 47.29 -14.07
N SER F 166 -89.95 48.23 -13.53
CA SER F 166 -90.70 48.04 -12.29
C SER F 166 -92.22 48.12 -12.57
N TRP F 167 -93.05 47.55 -11.67
CA TRP F 167 -94.49 47.58 -11.86
C TRP F 167 -95.22 48.38 -10.77
N ASN F 168 -96.08 49.31 -11.20
CA ASN F 168 -96.88 50.19 -10.34
C ASN F 168 -96.03 51.04 -9.39
N SER F 169 -94.87 51.51 -9.87
CA SER F 169 -93.91 52.32 -9.11
C SER F 169 -93.34 51.58 -7.89
N GLY F 170 -93.08 50.29 -8.06
CA GLY F 170 -92.51 49.46 -7.01
C GLY F 170 -93.53 48.87 -6.05
N ALA F 171 -94.79 48.78 -6.47
CA ALA F 171 -95.85 48.22 -5.62
C ALA F 171 -96.05 46.74 -5.92
N LEU F 172 -96.01 46.37 -7.19
CA LEU F 172 -96.19 44.98 -7.60
C LEU F 172 -94.83 44.28 -7.65
N THR F 173 -94.61 43.33 -6.74
CA THR F 173 -93.34 42.61 -6.69
C THR F 173 -93.52 41.12 -6.97
N SER F 174 -94.52 40.49 -6.34
CA SER F 174 -94.78 39.07 -6.52
C SER F 174 -95.44 38.80 -7.87
N GLY F 175 -94.95 37.78 -8.57
CA GLY F 175 -95.46 37.43 -9.89
C GLY F 175 -94.83 38.18 -11.05
N VAL F 176 -93.95 39.15 -10.75
CA VAL F 176 -93.28 39.94 -11.79
C VAL F 176 -92.00 39.26 -12.24
N HIS F 177 -91.90 38.93 -13.53
CA HIS F 177 -90.71 38.29 -14.07
C HIS F 177 -90.07 39.20 -15.12
N THR F 178 -88.76 39.45 -14.99
CA THR F 178 -88.04 40.29 -15.95
C THR F 178 -87.13 39.43 -16.80
N PHE F 179 -87.40 39.36 -18.11
CA PHE F 179 -86.63 38.54 -19.04
C PHE F 179 -85.45 39.28 -19.64
N PRO F 180 -84.26 38.67 -19.69
CA PRO F 180 -83.10 39.37 -20.27
C PRO F 180 -83.32 39.78 -21.73
N ALA F 181 -82.73 40.90 -22.14
CA ALA F 181 -82.87 41.42 -23.49
C ALA F 181 -82.12 40.59 -24.52
N VAL F 182 -82.77 40.28 -25.64
CA VAL F 182 -82.18 39.47 -26.71
C VAL F 182 -81.59 40.42 -27.73
N LEU F 183 -80.29 40.28 -28.05
CA LEU F 183 -79.65 41.13 -29.06
C LEU F 183 -80.18 40.75 -30.43
N GLN F 184 -80.76 41.72 -31.13
CA GLN F 184 -81.36 41.53 -32.45
C GLN F 184 -80.32 41.51 -33.58
N SER F 185 -80.74 41.14 -34.81
CA SER F 185 -79.86 41.13 -35.99
C SER F 185 -79.40 42.53 -36.41
N SER F 186 -80.06 43.59 -35.91
CA SER F 186 -79.71 44.99 -36.18
C SER F 186 -78.73 45.58 -35.14
N GLY F 187 -78.58 44.90 -34.00
CA GLY F 187 -77.70 45.34 -32.92
C GLY F 187 -78.40 45.95 -31.72
N LEU F 188 -79.75 45.95 -31.71
CA LEU F 188 -80.50 46.52 -30.59
C LEU F 188 -80.88 45.45 -29.54
N TYR F 189 -81.67 45.82 -28.51
CA TYR F 189 -82.07 44.87 -27.47
C TYR F 189 -83.58 44.81 -27.31
N SER F 190 -84.11 43.61 -27.09
CA SER F 190 -85.55 43.44 -26.92
C SER F 190 -85.88 42.81 -25.57
N LEU F 191 -85.99 43.63 -24.53
CA LEU F 191 -86.32 43.17 -23.19
C LEU F 191 -87.83 43.04 -23.04
N SER F 192 -88.28 42.10 -22.19
CA SER F 192 -89.72 41.92 -21.94
C SER F 192 -89.95 41.67 -20.45
N SER F 193 -91.01 42.24 -19.89
CA SER F 193 -91.33 42.04 -18.47
C SER F 193 -92.80 41.71 -18.30
N VAL F 194 -93.11 40.50 -17.80
CA VAL F 194 -94.49 40.09 -17.60
C VAL F 194 -94.86 40.02 -16.12
N VAL F 195 -96.15 40.05 -15.80
CA VAL F 195 -96.63 39.96 -14.42
C VAL F 195 -97.93 39.15 -14.38
N THR F 196 -98.00 38.12 -13.53
CA THR F 196 -99.18 37.26 -13.43
C THR F 196 -100.16 37.72 -12.35
N VAL F 197 -101.19 38.48 -12.75
CA VAL F 197 -102.21 39.00 -11.84
C VAL F 197 -103.49 38.14 -11.90
N PRO F 198 -104.36 38.19 -10.85
CA PRO F 198 -105.60 37.40 -10.91
C PRO F 198 -106.50 37.79 -12.09
N SER F 199 -107.28 36.84 -12.61
CA SER F 199 -108.19 37.10 -13.72
C SER F 199 -109.30 38.09 -13.35
N SER F 200 -109.71 38.10 -12.06
CA SER F 200 -110.73 39.02 -11.56
C SER F 200 -110.22 40.45 -11.42
N SER F 201 -108.90 40.61 -11.17
CA SER F 201 -108.31 41.94 -11.02
C SER F 201 -108.17 42.72 -12.34
N LEU F 202 -108.45 42.08 -13.49
CA LEU F 202 -108.36 42.74 -14.78
C LEU F 202 -109.40 43.85 -14.91
N GLY F 203 -108.95 45.04 -15.29
CA GLY F 203 -109.85 46.18 -15.45
C GLY F 203 -110.03 47.01 -14.20
N THR F 204 -110.46 46.38 -13.10
CA THR F 204 -110.68 47.08 -11.83
C THR F 204 -109.37 47.59 -11.20
N GLN F 205 -108.23 46.95 -11.52
CA GLN F 205 -106.94 47.38 -11.01
C GLN F 205 -106.06 47.91 -12.14
N THR F 206 -105.41 49.05 -11.93
CA THR F 206 -104.55 49.65 -12.95
C THR F 206 -103.12 49.10 -12.88
N TYR F 207 -102.51 48.84 -14.04
CA TYR F 207 -101.16 48.31 -14.13
C TYR F 207 -100.31 49.14 -15.08
N ILE F 208 -99.35 49.91 -14.53
CA ILE F 208 -98.48 50.77 -15.33
C ILE F 208 -97.02 50.37 -15.21
N CYS F 209 -96.45 49.80 -16.28
CA CYS F 209 -95.04 49.41 -16.27
C CYS F 209 -94.13 50.63 -16.39
N ASN F 210 -93.15 50.76 -15.49
CA ASN F 210 -92.23 51.89 -15.51
C ASN F 210 -90.87 51.44 -16.03
N VAL F 211 -90.55 51.74 -17.29
CA VAL F 211 -89.26 51.36 -17.86
C VAL F 211 -88.30 52.54 -17.81
N ASN F 212 -87.17 52.37 -17.12
CA ASN F 212 -86.18 53.42 -17.01
C ASN F 212 -84.91 52.96 -17.73
N HIS F 213 -84.47 53.74 -18.72
CA HIS F 213 -83.27 53.46 -19.49
C HIS F 213 -82.25 54.56 -19.17
N LYS F 214 -81.23 54.22 -18.40
CA LYS F 214 -80.19 55.17 -17.99
C LYS F 214 -79.30 55.70 -19.13
N PRO F 215 -78.84 54.87 -20.11
CA PRO F 215 -77.95 55.41 -21.15
C PRO F 215 -78.52 56.57 -21.97
N SER F 216 -79.72 56.42 -22.53
CA SER F 216 -80.33 57.48 -23.32
C SER F 216 -81.17 58.47 -22.50
N ASN F 217 -81.19 58.33 -21.15
CA ASN F 217 -81.97 59.15 -20.23
C ASN F 217 -83.47 59.09 -20.54
N THR F 218 -83.94 57.95 -21.06
CA THR F 218 -85.33 57.75 -21.43
C THR F 218 -86.09 57.13 -20.27
N LYS F 219 -87.28 57.62 -19.96
CA LYS F 219 -88.10 57.06 -18.90
C LYS F 219 -89.55 57.05 -19.36
N VAL F 220 -90.02 55.90 -19.82
CA VAL F 220 -91.38 55.77 -20.34
C VAL F 220 -92.27 54.92 -19.45
N ASP F 221 -93.46 55.46 -19.11
CA ASP F 221 -94.45 54.76 -18.30
C ASP F 221 -95.57 54.34 -19.25
N LYS F 222 -95.93 53.05 -19.27
CA LYS F 222 -96.96 52.57 -20.18
C LYS F 222 -98.07 51.81 -19.46
N LYS F 223 -99.33 52.16 -19.75
CA LYS F 223 -100.48 51.53 -19.12
C LYS F 223 -100.99 50.38 -19.98
N VAL F 224 -100.80 49.14 -19.53
CA VAL F 224 -101.27 47.97 -20.27
C VAL F 224 -102.73 47.71 -19.92
N GLU F 225 -103.62 47.77 -20.92
CA GLU F 225 -105.05 47.60 -20.69
C GLU F 225 -105.66 46.46 -21.51
N PRO F 226 -106.50 45.63 -20.87
CA PRO F 226 -107.13 44.53 -21.62
C PRO F 226 -108.36 44.97 -22.42
N LYS F 227 -108.78 44.14 -23.38
CA LYS F 227 -109.95 44.45 -24.21
C LYS F 227 -110.89 43.26 -24.30
N ALA G 1 -55.58 22.57 -16.23
CA ALA G 1 -56.19 23.79 -15.71
C ALA G 1 -57.24 23.47 -14.58
N LEU G 2 -57.99 24.48 -14.03
CA LEU G 2 -58.95 24.20 -12.95
C LEU G 2 -60.26 23.60 -13.46
N THR G 3 -60.23 22.29 -13.75
CA THR G 3 -61.37 21.54 -14.26
C THR G 3 -62.50 21.39 -13.22
N GLN G 4 -63.71 21.68 -13.66
CA GLN G 4 -64.92 21.73 -12.85
C GLN G 4 -66.08 21.23 -13.71
N PRO G 5 -66.94 20.32 -13.19
CA PRO G 5 -68.05 19.79 -14.00
C PRO G 5 -68.93 20.80 -14.70
N SER G 6 -69.42 20.47 -15.89
CA SER G 6 -70.28 21.37 -16.65
C SER G 6 -71.60 21.60 -15.91
N SER G 7 -72.18 20.53 -15.38
CA SER G 7 -73.43 20.60 -14.64
C SER G 7 -73.58 19.45 -13.66
N VAL G 8 -74.32 19.70 -12.58
CA VAL G 8 -74.64 18.70 -11.57
C VAL G 8 -76.11 18.88 -11.13
N SER G 9 -76.81 17.79 -10.78
CA SER G 9 -78.22 17.90 -10.41
C SER G 9 -78.69 16.95 -9.33
N ALA G 10 -79.46 17.46 -8.35
CA ALA G 10 -80.00 16.66 -7.24
C ALA G 10 -81.34 17.17 -6.69
N ASN G 11 -82.15 16.29 -6.08
CA ASN G 11 -83.45 16.60 -5.49
C ASN G 11 -83.29 17.41 -4.21
N PRO G 12 -84.19 18.37 -3.90
CA PRO G 12 -84.07 19.11 -2.64
C PRO G 12 -83.99 18.22 -1.41
N GLY G 13 -82.97 18.50 -0.61
CA GLY G 13 -82.65 17.73 0.58
C GLY G 13 -81.43 16.86 0.40
N GLU G 14 -81.18 16.42 -0.85
CA GLU G 14 -80.02 15.59 -1.14
C GLU G 14 -78.72 16.37 -0.97
N THR G 15 -77.66 15.71 -0.51
CA THR G 15 -76.37 16.36 -0.37
C THR G 15 -75.71 16.48 -1.76
N VAL G 16 -75.20 17.67 -2.09
CA VAL G 16 -74.59 17.91 -3.40
C VAL G 16 -73.08 18.12 -3.25
N LYS G 17 -72.27 17.53 -4.13
CA LYS G 17 -70.82 17.69 -4.05
C LYS G 17 -70.23 18.16 -5.38
N ILE G 18 -69.61 19.34 -5.38
CA ILE G 18 -68.99 19.88 -6.58
C ILE G 18 -67.48 19.87 -6.47
N THR G 19 -66.80 19.12 -7.35
CA THR G 19 -65.35 19.03 -7.35
C THR G 19 -64.68 20.05 -8.27
N CYS G 20 -63.49 20.50 -7.91
CA CYS G 20 -62.69 21.43 -8.71
C CYS G 20 -61.27 20.90 -8.57
N SER G 21 -60.60 20.54 -9.69
CA SER G 21 -59.28 19.93 -9.58
C SER G 21 -58.24 20.52 -10.52
N GLY G 22 -57.02 20.54 -10.03
CA GLY G 22 -55.90 21.12 -10.77
C GLY G 22 -55.10 22.10 -9.94
N SER G 23 -55.47 22.31 -8.66
CA SER G 23 -54.73 23.19 -7.78
C SER G 23 -54.74 22.67 -6.36
N THR G 24 -53.65 22.91 -5.66
CA THR G 24 -53.48 22.43 -4.30
C THR G 24 -53.45 23.56 -3.25
N TYR G 25 -53.84 24.79 -3.61
CA TYR G 25 -53.78 25.91 -2.68
C TYR G 25 -55.19 26.35 -2.23
N ASN G 26 -55.46 27.65 -1.97
CA ASN G 26 -56.75 28.07 -1.43
C ASN G 26 -57.89 28.18 -2.44
N TYR G 27 -58.88 27.30 -2.28
CA TYR G 27 -60.07 27.27 -3.12
C TYR G 27 -61.07 28.29 -2.64
N GLY G 28 -61.78 28.86 -3.57
CA GLY G 28 -62.82 29.81 -3.28
C GLY G 28 -64.02 29.57 -4.17
N TRP G 29 -65.20 29.37 -3.59
CA TRP G 29 -66.41 29.13 -4.36
C TRP G 29 -67.33 30.34 -4.39
N TYR G 30 -67.74 30.75 -5.60
CA TYR G 30 -68.59 31.93 -5.77
C TYR G 30 -69.84 31.59 -6.59
N GLN G 31 -71.03 31.87 -6.03
CA GLN G 31 -72.28 31.56 -6.73
C GLN G 31 -72.76 32.77 -7.52
N GLN G 32 -73.34 32.52 -8.71
CA GLN G 32 -73.89 33.60 -9.53
C GLN G 32 -75.22 33.10 -10.08
N LYS G 33 -76.34 33.69 -9.63
CA LYS G 33 -77.68 33.27 -10.04
C LYS G 33 -78.02 33.53 -11.53
N SER G 34 -77.64 34.71 -12.06
CA SER G 34 -77.91 35.03 -13.46
C SER G 34 -76.69 35.70 -14.09
N PRO G 35 -76.29 35.28 -15.30
CA PRO G 35 -75.13 35.92 -15.95
C PRO G 35 -75.25 37.44 -16.07
N GLY G 36 -74.33 38.13 -15.41
CA GLY G 36 -74.32 39.60 -15.37
C GLY G 36 -74.48 40.12 -13.96
N SER G 37 -75.24 39.40 -13.13
CA SER G 37 -75.49 39.77 -11.73
C SER G 37 -74.27 39.51 -10.88
N ALA G 38 -74.04 40.38 -9.89
CA ALA G 38 -72.90 40.29 -8.98
C ALA G 38 -72.85 38.96 -8.22
N PRO G 39 -71.74 38.23 -8.35
CA PRO G 39 -71.63 36.95 -7.64
C PRO G 39 -71.48 37.12 -6.14
N VAL G 40 -71.80 36.07 -5.39
CA VAL G 40 -71.71 36.11 -3.94
C VAL G 40 -70.79 35.00 -3.47
N THR G 41 -69.82 35.33 -2.61
CA THR G 41 -68.90 34.33 -2.10
C THR G 41 -69.60 33.37 -1.15
N VAL G 42 -69.58 32.09 -1.50
CA VAL G 42 -70.18 31.01 -0.72
C VAL G 42 -69.17 30.51 0.33
N ILE G 43 -67.95 30.17 -0.12
CA ILE G 43 -66.86 29.67 0.71
C ILE G 43 -65.57 30.29 0.20
N TYR G 44 -64.72 30.79 1.08
CA TYR G 44 -63.43 31.34 0.72
C TYR G 44 -62.33 30.67 1.59
N TYR G 45 -61.08 30.59 1.11
CA TYR G 45 -59.99 30.02 1.90
C TYR G 45 -60.17 28.53 2.20
N ASN G 46 -60.68 27.78 1.21
CA ASN G 46 -60.93 26.34 1.24
C ASN G 46 -62.22 25.95 1.95
N ASP G 47 -62.39 26.38 3.21
CA ASP G 47 -63.55 26.00 4.01
C ASP G 47 -64.22 27.14 4.74
N LYS G 48 -63.53 28.30 4.88
CA LYS G 48 -64.08 29.45 5.60
C LYS G 48 -65.38 29.91 4.95
N ARG G 49 -66.42 30.16 5.76
CA ARG G 49 -67.73 30.56 5.24
C ARG G 49 -68.14 31.92 5.79
N PRO G 50 -68.59 32.85 4.93
CA PRO G 50 -69.03 34.17 5.42
C PRO G 50 -70.25 34.08 6.34
N SER G 51 -70.36 35.02 7.29
CA SER G 51 -71.43 35.07 8.28
C SER G 51 -72.85 35.00 7.71
N ASP G 52 -73.13 35.76 6.65
CA ASP G 52 -74.45 35.82 6.02
C ASP G 52 -74.76 34.65 5.06
N ILE G 53 -73.98 33.56 5.14
CA ILE G 53 -74.18 32.41 4.28
C ILE G 53 -74.72 31.21 5.07
N PRO G 54 -75.69 30.46 4.51
CA PRO G 54 -76.27 29.32 5.24
C PRO G 54 -75.29 28.25 5.69
N SER G 55 -75.61 27.59 6.82
CA SER G 55 -74.78 26.52 7.38
C SER G 55 -74.70 25.28 6.48
N ARG G 56 -75.68 25.10 5.56
CA ARG G 56 -75.70 23.98 4.64
C ARG G 56 -74.51 23.98 3.66
N PHE G 57 -73.86 25.13 3.47
CA PHE G 57 -72.69 25.27 2.63
C PHE G 57 -71.42 25.00 3.42
N SER G 58 -70.54 24.14 2.87
CA SER G 58 -69.25 23.76 3.48
C SER G 58 -68.21 23.44 2.39
N GLY G 59 -66.93 23.54 2.75
CA GLY G 59 -65.86 23.27 1.80
C GLY G 59 -64.76 22.37 2.34
N SER G 60 -64.03 21.68 1.45
CA SER G 60 -62.95 20.78 1.85
C SER G 60 -61.94 20.52 0.74
N LYS G 61 -60.64 20.55 1.07
CA LYS G 61 -59.61 20.29 0.06
C LYS G 61 -58.86 19.00 0.39
N SER G 62 -58.63 18.16 -0.63
CA SER G 62 -57.88 16.90 -0.50
C SER G 62 -56.90 16.82 -1.66
N GLY G 63 -55.62 17.01 -1.38
CA GLY G 63 -54.59 17.01 -2.40
C GLY G 63 -54.75 18.20 -3.30
N SER G 64 -55.00 17.96 -4.59
CA SER G 64 -55.22 19.04 -5.54
C SER G 64 -56.68 19.09 -6.00
N THR G 65 -57.63 18.70 -5.13
CA THR G 65 -59.04 18.70 -5.48
C THR G 65 -59.87 19.24 -4.33
N GLY G 66 -60.73 20.20 -4.60
CA GLY G 66 -61.61 20.78 -3.59
C GLY G 66 -63.06 20.42 -3.85
N THR G 67 -63.86 20.22 -2.79
CA THR G 67 -65.25 19.85 -2.95
C THR G 67 -66.22 20.71 -2.14
N LEU G 68 -67.12 21.42 -2.84
CA LEU G 68 -68.15 22.24 -2.22
C LEU G 68 -69.33 21.35 -1.91
N THR G 69 -69.61 21.18 -0.63
CA THR G 69 -70.69 20.31 -0.18
C THR G 69 -71.88 21.13 0.28
N ILE G 70 -73.07 20.88 -0.30
CA ILE G 70 -74.30 21.54 0.10
C ILE G 70 -75.21 20.49 0.69
N THR G 71 -75.18 20.32 2.01
CA THR G 71 -76.02 19.31 2.68
C THR G 71 -77.47 19.78 2.75
N GLY G 72 -78.39 19.03 2.16
CA GLY G 72 -79.80 19.40 2.16
C GLY G 72 -80.03 20.62 1.30
N VAL G 73 -80.00 20.45 -0.03
CA VAL G 73 -80.14 21.54 -0.99
C VAL G 73 -81.58 22.11 -1.04
N GLN G 74 -81.71 23.44 -1.24
CA GLN G 74 -83.00 24.14 -1.33
C GLN G 74 -83.21 24.81 -2.73
N ALA G 75 -84.28 25.64 -2.87
CA ALA G 75 -84.61 26.34 -4.10
C ALA G 75 -83.54 27.37 -4.49
N GLU G 76 -83.17 28.28 -3.56
CA GLU G 76 -82.20 29.38 -3.75
C GLU G 76 -80.80 28.91 -4.12
N ASP G 77 -80.47 27.66 -3.79
CA ASP G 77 -79.17 27.11 -4.09
C ASP G 77 -78.92 26.74 -5.54
N GLU G 78 -79.87 27.02 -6.42
CA GLU G 78 -79.68 26.82 -7.85
C GLU G 78 -78.80 28.00 -8.28
N ALA G 79 -77.73 27.77 -9.06
CA ALA G 79 -76.87 28.84 -9.59
C ALA G 79 -75.66 28.25 -10.32
N VAL G 80 -74.91 29.06 -11.07
CA VAL G 80 -73.66 28.59 -11.62
C VAL G 80 -72.64 28.89 -10.54
N TYR G 81 -71.98 27.85 -10.06
CA TYR G 81 -70.97 27.97 -9.03
C TYR G 81 -69.62 27.96 -9.70
N TYR G 82 -68.76 28.91 -9.32
CA TYR G 82 -67.44 29.01 -9.90
C TYR G 82 -66.38 28.76 -8.85
N CYS G 83 -65.37 27.95 -9.17
CA CYS G 83 -64.25 27.74 -8.24
C CYS G 83 -63.09 28.69 -8.62
N GLY G 84 -62.26 29.01 -7.64
CA GLY G 84 -61.16 29.92 -7.83
C GLY G 84 -59.96 29.49 -7.05
N ASN G 85 -58.79 29.59 -7.64
CA ASN G 85 -57.54 29.19 -6.99
C ASN G 85 -56.34 29.67 -7.85
N SER G 86 -55.15 29.20 -7.52
CA SER G 86 -53.98 29.46 -8.30
C SER G 86 -53.78 28.17 -9.09
N ASP G 87 -53.70 28.25 -10.40
CA ASP G 87 -53.46 27.10 -11.23
C ASP G 87 -52.06 27.26 -11.68
N SER G 88 -51.11 26.60 -11.01
CA SER G 88 -49.70 26.72 -11.39
C SER G 88 -49.19 28.17 -11.42
N ARG G 89 -49.22 28.84 -10.27
CA ARG G 89 -48.76 30.20 -10.05
C ARG G 89 -49.41 31.21 -11.00
N ASN G 90 -50.69 30.97 -11.31
CA ASN G 90 -51.53 31.81 -12.17
C ASN G 90 -52.88 31.90 -11.52
N VAL G 91 -53.44 33.10 -11.46
CA VAL G 91 -54.76 33.28 -10.86
C VAL G 91 -55.82 32.89 -11.88
N ALA G 92 -56.64 31.87 -11.59
CA ALA G 92 -57.64 31.42 -12.56
C ALA G 92 -58.91 30.87 -11.93
N PHE G 93 -60.03 30.92 -12.68
CA PHE G 93 -61.34 30.43 -12.27
C PHE G 93 -61.72 29.15 -13.03
N GLY G 94 -62.70 28.42 -12.51
CA GLY G 94 -63.19 27.22 -13.17
C GLY G 94 -64.19 27.55 -14.28
N ALA G 95 -64.60 26.52 -15.03
CA ALA G 95 -65.55 26.68 -16.14
C ALA G 95 -66.95 27.07 -15.65
N GLY G 96 -67.34 26.52 -14.51
CA GLY G 96 -68.64 26.78 -13.93
C GLY G 96 -69.49 25.54 -13.84
N THR G 97 -70.01 25.24 -12.65
CA THR G 97 -70.88 24.08 -12.45
C THR G 97 -72.28 24.60 -12.21
N THR G 98 -73.23 24.29 -13.11
CA THR G 98 -74.61 24.77 -12.96
C THR G 98 -75.45 23.83 -12.12
N LEU G 99 -76.16 24.39 -11.14
CA LEU G 99 -76.99 23.66 -10.19
C LEU G 99 -78.46 23.67 -10.57
N THR G 100 -78.91 22.62 -11.24
CA THR G 100 -80.32 22.50 -11.59
C THR G 100 -80.94 21.64 -10.46
N VAL G 101 -81.91 22.17 -9.69
CA VAL G 101 -82.54 21.42 -8.58
C VAL G 101 -83.64 20.50 -9.08
N LEU G 102 -83.50 19.19 -8.90
CA LEU G 102 -84.48 18.22 -9.39
C LEU G 102 -85.80 18.17 -8.62
N ARG G 103 -86.63 19.20 -8.78
CA ARG G 103 -87.97 19.23 -8.17
C ARG G 103 -88.94 18.46 -9.08
N THR G 104 -90.18 18.19 -8.62
CA THR G 104 -91.17 17.48 -9.47
C THR G 104 -91.38 18.19 -10.81
N VAL G 105 -91.68 17.43 -11.87
CA VAL G 105 -91.85 18.00 -13.21
C VAL G 105 -93.03 18.96 -13.32
N ALA G 106 -92.77 20.22 -13.69
CA ALA G 106 -93.81 21.23 -13.82
C ALA G 106 -94.12 21.55 -15.27
N ALA G 107 -95.39 21.87 -15.57
CA ALA G 107 -95.83 22.19 -16.91
C ALA G 107 -95.91 23.70 -17.10
N PRO G 108 -95.53 24.23 -18.28
CA PRO G 108 -95.58 25.69 -18.49
C PRO G 108 -96.98 26.22 -18.81
N SER G 109 -97.34 27.35 -18.21
CA SER G 109 -98.62 28.00 -18.48
C SER G 109 -98.40 28.92 -19.68
N VAL G 110 -98.90 28.55 -20.85
CA VAL G 110 -98.67 29.31 -22.08
C VAL G 110 -99.70 30.43 -22.29
N PHE G 111 -99.22 31.64 -22.62
CA PHE G 111 -100.07 32.80 -22.88
C PHE G 111 -99.54 33.53 -24.11
N ILE G 112 -100.32 33.55 -25.21
CA ILE G 112 -99.88 34.22 -26.43
C ILE G 112 -100.37 35.68 -26.44
N PHE G 113 -99.51 36.62 -26.86
CA PHE G 113 -99.87 38.04 -26.87
C PHE G 113 -99.78 38.66 -28.26
N PRO G 114 -100.84 39.37 -28.69
CA PRO G 114 -100.81 40.00 -30.02
C PRO G 114 -100.17 41.39 -30.01
N PRO G 115 -99.65 41.86 -31.16
CA PRO G 115 -99.04 43.20 -31.19
C PRO G 115 -100.08 44.29 -30.90
N SER G 116 -99.71 45.29 -30.12
CA SER G 116 -100.60 46.38 -29.72
C SER G 116 -101.01 47.30 -30.88
N ASP G 117 -102.04 48.12 -30.67
CA ASP G 117 -102.52 49.07 -31.68
C ASP G 117 -101.46 50.15 -31.96
N GLU G 118 -100.68 50.52 -30.94
CA GLU G 118 -99.61 51.52 -31.07
C GLU G 118 -98.45 50.92 -31.90
N GLN G 119 -98.14 49.64 -31.65
CA GLN G 119 -97.06 48.93 -32.33
C GLN G 119 -97.28 48.89 -33.85
N LEU G 120 -98.51 48.64 -34.28
CA LEU G 120 -98.83 48.55 -35.71
C LEU G 120 -98.62 49.86 -36.45
N LYS G 121 -98.91 51.00 -35.79
CA LYS G 121 -98.73 52.31 -36.41
C LYS G 121 -97.25 52.66 -36.63
N SER G 122 -96.34 52.07 -35.85
CA SER G 122 -94.91 52.32 -36.00
C SER G 122 -94.33 51.65 -37.26
N GLY G 123 -94.87 50.50 -37.62
CA GLY G 123 -94.42 49.75 -38.79
C GLY G 123 -93.87 48.38 -38.51
N THR G 124 -94.00 47.90 -37.26
CA THR G 124 -93.53 46.57 -36.87
C THR G 124 -94.58 45.83 -36.06
N ALA G 125 -94.57 44.50 -36.13
CA ALA G 125 -95.55 43.68 -35.42
C ALA G 125 -94.93 42.43 -34.82
N SER G 126 -94.56 42.48 -33.53
CA SER G 126 -93.95 41.33 -32.86
C SER G 126 -94.95 40.57 -32.00
N VAL G 127 -95.07 39.27 -32.23
CA VAL G 127 -95.98 38.40 -31.46
C VAL G 127 -95.15 37.75 -30.36
N VAL G 128 -95.60 37.82 -29.09
CA VAL G 128 -94.83 37.27 -27.97
C VAL G 128 -95.49 36.04 -27.35
N CYS G 129 -94.80 34.90 -27.33
CA CYS G 129 -95.32 33.69 -26.72
C CYS G 129 -94.69 33.58 -25.33
N LEU G 130 -95.52 33.46 -24.28
CA LEU G 130 -95.02 33.41 -22.91
C LEU G 130 -95.20 32.06 -22.25
N LEU G 131 -94.09 31.49 -21.79
CA LEU G 131 -94.09 30.24 -21.03
C LEU G 131 -93.80 30.63 -19.58
N ASN G 132 -94.53 30.07 -18.62
CA ASN G 132 -94.33 30.45 -17.22
C ASN G 132 -94.37 29.29 -16.24
N ASN G 133 -93.50 29.32 -15.21
CA ASN G 133 -93.39 28.33 -14.16
C ASN G 133 -93.31 26.89 -14.66
N PHE G 134 -92.11 26.46 -15.10
CA PHE G 134 -91.92 25.09 -15.58
C PHE G 134 -90.57 24.50 -15.19
N TYR G 135 -90.46 23.16 -15.15
CA TYR G 135 -89.23 22.45 -14.84
C TYR G 135 -89.19 21.14 -15.63
N PRO G 136 -88.06 20.77 -16.28
CA PRO G 136 -86.76 21.47 -16.32
C PRO G 136 -86.64 22.58 -17.38
N ARG G 137 -85.46 23.20 -17.48
CA ARG G 137 -85.14 24.28 -18.41
C ARG G 137 -85.30 23.89 -19.89
N GLU G 138 -85.21 22.58 -20.20
CA GLU G 138 -85.34 22.09 -21.57
C GLU G 138 -86.76 22.26 -22.11
N ALA G 139 -86.92 23.17 -23.08
CA ALA G 139 -88.22 23.44 -23.69
C ALA G 139 -88.08 23.77 -25.17
N LYS G 140 -89.13 23.49 -25.97
CA LYS G 140 -89.09 23.76 -27.40
C LYS G 140 -90.25 24.65 -27.83
N VAL G 141 -89.93 25.79 -28.47
CA VAL G 141 -90.97 26.71 -28.95
C VAL G 141 -90.92 26.82 -30.46
N GLN G 142 -92.00 26.41 -31.14
CA GLN G 142 -92.06 26.48 -32.59
C GLN G 142 -93.24 27.34 -33.04
N TRP G 143 -93.01 28.21 -34.03
CA TRP G 143 -94.06 29.10 -34.53
C TRP G 143 -94.76 28.53 -35.76
N LYS G 144 -96.07 28.76 -35.87
CA LYS G 144 -96.87 28.27 -36.99
C LYS G 144 -97.79 29.35 -37.54
N VAL G 145 -97.34 30.08 -38.56
CA VAL G 145 -98.15 31.12 -39.19
C VAL G 145 -98.96 30.48 -40.30
N ASP G 146 -100.28 30.31 -40.09
CA ASP G 146 -101.20 29.68 -41.04
C ASP G 146 -100.77 28.24 -41.35
N ASN G 147 -100.44 27.47 -40.29
CA ASN G 147 -100.00 26.07 -40.35
C ASN G 147 -98.71 25.87 -41.14
N ALA G 148 -97.78 26.83 -41.06
CA ALA G 148 -96.49 26.72 -41.75
C ALA G 148 -95.35 26.92 -40.75
N LEU G 149 -94.33 26.07 -40.82
CA LEU G 149 -93.18 26.14 -39.90
C LEU G 149 -92.33 27.39 -40.11
N GLN G 150 -92.08 28.12 -39.02
CA GLN G 150 -91.27 29.35 -39.08
C GLN G 150 -89.95 29.15 -38.36
N SER G 151 -88.82 29.47 -39.03
CA SER G 151 -87.51 29.32 -38.43
C SER G 151 -86.57 30.45 -38.83
N GLY G 152 -85.74 30.90 -37.89
CA GLY G 152 -84.78 31.97 -38.14
C GLY G 152 -85.25 33.35 -37.73
N ASN G 153 -86.56 33.53 -37.51
CA ASN G 153 -87.11 34.82 -37.12
C ASN G 153 -87.72 34.82 -35.71
N SER G 154 -87.19 33.97 -34.82
CA SER G 154 -87.71 33.90 -33.45
C SER G 154 -86.58 33.88 -32.42
N GLN G 155 -86.65 34.78 -31.43
CA GLN G 155 -85.62 34.85 -30.39
C GLN G 155 -86.20 34.59 -29.01
N GLU G 156 -85.74 33.53 -28.34
CA GLU G 156 -86.22 33.19 -27.01
C GLU G 156 -85.37 33.80 -25.89
N SER G 157 -85.98 34.01 -24.72
CA SER G 157 -85.30 34.59 -23.56
C SER G 157 -85.66 33.78 -22.32
N VAL G 158 -84.68 33.09 -21.74
CA VAL G 158 -84.92 32.25 -20.56
C VAL G 158 -84.45 32.94 -19.27
N THR G 159 -85.29 32.95 -18.24
CA THR G 159 -84.95 33.57 -16.96
C THR G 159 -84.25 32.61 -16.00
N GLU G 160 -83.57 33.21 -15.00
CA GLU G 160 -82.92 32.55 -13.88
C GLU G 160 -84.05 31.90 -13.05
N GLN G 161 -83.82 30.67 -12.58
CA GLN G 161 -84.79 29.92 -11.80
C GLN G 161 -85.25 30.66 -10.55
N ASP G 162 -86.53 30.47 -10.16
CA ASP G 162 -87.13 31.14 -9.03
C ASP G 162 -86.57 30.64 -7.69
N SER G 163 -86.29 31.56 -6.77
CA SER G 163 -85.73 31.24 -5.46
C SER G 163 -86.74 30.74 -4.43
N LYS G 164 -88.00 30.48 -4.84
CA LYS G 164 -89.01 30.00 -3.91
C LYS G 164 -89.62 28.67 -4.36
N ASP G 165 -90.06 28.59 -5.64
CA ASP G 165 -90.65 27.35 -6.13
C ASP G 165 -89.79 26.60 -7.16
N SER G 166 -88.61 27.12 -7.51
CA SER G 166 -87.66 26.54 -8.46
C SER G 166 -88.22 26.36 -9.88
N THR G 167 -88.85 27.41 -10.42
CA THR G 167 -89.43 27.34 -11.77
C THR G 167 -88.81 28.31 -12.77
N TYR G 168 -88.82 27.93 -14.06
CA TYR G 168 -88.30 28.76 -15.15
C TYR G 168 -89.45 29.47 -15.91
N SER G 169 -89.12 30.44 -16.77
CA SER G 169 -90.09 31.16 -17.58
C SER G 169 -89.42 31.54 -18.91
N LEU G 170 -90.07 31.25 -20.04
CA LEU G 170 -89.51 31.53 -21.37
C LEU G 170 -90.25 32.64 -22.10
N SER G 171 -89.54 33.41 -22.94
CA SER G 171 -90.14 34.52 -23.68
C SER G 171 -89.74 34.52 -25.16
N SER G 172 -90.45 33.74 -25.99
CA SER G 172 -90.15 33.68 -27.41
C SER G 172 -90.83 34.83 -28.15
N THR G 173 -90.14 35.47 -29.10
CA THR G 173 -90.71 36.60 -29.83
C THR G 173 -90.59 36.42 -31.35
N LEU G 174 -91.73 36.48 -32.06
CA LEU G 174 -91.77 36.34 -33.50
C LEU G 174 -91.68 37.73 -34.13
N THR G 175 -90.52 38.07 -34.70
CA THR G 175 -90.32 39.38 -35.31
C THR G 175 -90.75 39.40 -36.77
N LEU G 176 -91.81 40.16 -37.08
CA LEU G 176 -92.30 40.28 -38.45
C LEU G 176 -92.63 41.71 -38.82
N SER G 177 -92.49 42.08 -40.10
CA SER G 177 -92.80 43.42 -40.58
C SER G 177 -94.32 43.65 -40.63
N LYS G 178 -94.74 44.92 -40.66
CA LYS G 178 -96.16 45.30 -40.71
C LYS G 178 -96.86 44.68 -41.93
N ALA G 179 -96.15 44.61 -43.06
CA ALA G 179 -96.68 44.05 -44.31
C ALA G 179 -96.92 42.55 -44.22
N ASP G 180 -96.02 41.80 -43.59
CA ASP G 180 -96.17 40.35 -43.45
C ASP G 180 -97.17 39.93 -42.38
N TYR G 181 -97.50 40.83 -41.44
CA TYR G 181 -98.44 40.52 -40.37
C TYR G 181 -99.87 40.54 -40.89
N GLU G 182 -100.20 41.53 -41.73
CA GLU G 182 -101.55 41.68 -42.28
C GLU G 182 -101.88 40.68 -43.40
N LYS G 183 -100.87 40.03 -43.98
CA LYS G 183 -101.07 39.05 -45.04
C LYS G 183 -101.55 37.69 -44.46
N HIS G 184 -101.22 37.40 -43.20
CA HIS G 184 -101.62 36.17 -42.52
C HIS G 184 -102.68 36.46 -41.42
N LYS G 185 -103.19 35.42 -40.73
CA LYS G 185 -104.23 35.62 -39.73
C LYS G 185 -104.13 34.69 -38.51
N VAL G 186 -104.07 33.37 -38.71
CA VAL G 186 -103.93 32.43 -37.59
C VAL G 186 -102.45 32.29 -37.18
N TYR G 187 -102.15 32.60 -35.91
CA TYR G 187 -100.79 32.51 -35.38
C TYR G 187 -100.75 31.51 -34.24
N ALA G 188 -100.22 30.31 -34.51
CA ALA G 188 -100.13 29.24 -33.52
C ALA G 188 -98.78 29.21 -32.80
N CYS G 189 -98.73 28.61 -31.61
CA CYS G 189 -97.49 28.53 -30.84
C CYS G 189 -97.35 27.13 -30.24
N GLU G 190 -96.74 26.20 -30.98
CA GLU G 190 -96.55 24.82 -30.54
C GLU G 190 -95.49 24.72 -29.45
N VAL G 191 -95.90 24.42 -28.21
CA VAL G 191 -94.99 24.31 -27.08
C VAL G 191 -94.72 22.85 -26.72
N THR G 192 -93.47 22.40 -26.88
CA THR G 192 -93.10 21.03 -26.57
C THR G 192 -92.20 20.94 -25.33
N HIS G 193 -92.76 20.44 -24.23
CA HIS G 193 -92.04 20.28 -22.97
C HIS G 193 -92.03 18.82 -22.50
N GLN G 194 -91.15 18.46 -21.55
CA GLN G 194 -91.07 17.09 -21.03
C GLN G 194 -92.33 16.71 -20.25
N GLY G 195 -92.89 17.66 -19.51
CA GLY G 195 -94.10 17.44 -18.74
C GLY G 195 -95.39 17.54 -19.53
N LEU G 196 -95.31 17.62 -20.86
CA LEU G 196 -96.48 17.71 -21.71
C LEU G 196 -96.52 16.56 -22.69
N SER G 197 -97.53 15.70 -22.58
CA SER G 197 -97.70 14.55 -23.46
C SER G 197 -98.11 15.02 -24.87
N SER G 198 -98.99 16.02 -24.93
CA SER G 198 -99.45 16.61 -26.18
C SER G 198 -99.02 18.07 -26.20
N PRO G 199 -98.30 18.51 -27.23
CA PRO G 199 -97.83 19.91 -27.26
C PRO G 199 -98.96 20.93 -27.28
N VAL G 200 -99.06 21.75 -26.23
CA VAL G 200 -100.09 22.77 -26.12
C VAL G 200 -99.89 23.89 -27.14
N THR G 201 -100.83 24.04 -28.06
CA THR G 201 -100.74 25.05 -29.11
C THR G 201 -101.72 26.17 -28.86
N LYS G 202 -101.22 27.34 -28.42
CA LYS G 202 -102.09 28.49 -28.18
C LYS G 202 -102.13 29.38 -29.42
N SER G 203 -103.31 29.52 -30.01
CA SER G 203 -103.49 30.31 -31.23
C SER G 203 -104.44 31.49 -31.04
N PHE G 204 -104.28 32.53 -31.88
CA PHE G 204 -105.16 33.70 -31.83
C PHE G 204 -105.46 34.18 -33.25
N ASN G 205 -106.64 34.78 -33.42
CA ASN G 205 -107.08 35.31 -34.71
C ASN G 205 -106.73 36.78 -34.84
N ARG G 206 -106.34 37.22 -36.03
CA ARG G 206 -105.97 38.61 -36.26
C ARG G 206 -107.20 39.50 -36.41
N GLY G 207 -107.39 40.39 -35.44
CA GLY G 207 -108.52 41.31 -35.46
C GLY G 207 -109.73 40.87 -34.65
N GLU G 208 -109.61 39.77 -33.90
CA GLU G 208 -110.71 39.27 -33.08
C GLU G 208 -110.80 39.98 -31.72
N CYS G 209 -111.97 39.87 -31.05
CA CYS G 209 -112.25 40.47 -29.74
C CYS G 209 -112.06 41.98 -29.71
N ARG H 3 -6.23 -20.33 -19.16
CA ARG H 3 -6.39 -20.77 -17.77
C ARG H 3 -5.25 -20.28 -16.87
N HIS H 4 -5.60 -19.98 -15.61
CA HIS H 4 -4.69 -19.45 -14.60
C HIS H 4 -4.65 -20.38 -13.42
N VAL H 5 -3.52 -21.02 -13.13
CA VAL H 5 -3.42 -21.93 -11.98
C VAL H 5 -2.44 -21.37 -10.97
N PHE H 6 -2.81 -21.32 -9.69
CA PHE H 6 -1.91 -20.85 -8.65
C PHE H 6 -1.83 -21.91 -7.58
N ILE H 7 -0.63 -22.32 -7.18
CA ILE H 7 -0.47 -23.28 -6.08
C ILE H 7 0.50 -22.70 -5.02
N ARG H 8 0.41 -23.17 -3.80
CA ARG H 8 1.23 -22.67 -2.71
C ARG H 8 1.21 -23.77 -1.64
N THR H 9 2.39 -24.30 -1.24
CA THR H 9 2.41 -25.40 -0.27
C THR H 9 3.56 -25.39 0.75
N GLU H 10 3.31 -24.96 1.99
CA GLU H 10 4.37 -24.99 3.02
C GLU H 10 4.18 -26.17 3.96
N LEU H 11 5.28 -26.76 4.42
CA LEU H 11 5.24 -27.82 5.42
C LEU H 11 5.53 -27.17 6.75
N SER H 12 4.65 -27.37 7.71
CA SER H 12 4.78 -26.88 9.07
C SER H 12 4.63 -28.10 10.01
N PHE H 13 5.08 -27.97 11.27
CA PHE H 13 5.00 -29.09 12.21
C PHE H 13 4.27 -28.72 13.47
N ILE H 14 3.49 -29.66 14.01
CA ILE H 14 2.79 -29.45 15.28
C ILE H 14 3.17 -30.54 16.25
N LYS H 15 3.58 -30.15 17.46
CA LYS H 15 3.99 -31.06 18.52
C LYS H 15 2.82 -31.39 19.41
N ASN H 16 2.74 -32.64 19.90
CA ASN H 16 1.66 -33.01 20.81
C ASN H 16 2.09 -33.88 21.98
N ASN H 17 2.17 -33.28 23.18
CA ASN H 17 2.57 -34.04 24.36
C ASN H 17 1.45 -34.96 24.92
N VAL H 18 0.34 -35.08 24.19
CA VAL H 18 -0.76 -35.94 24.55
C VAL H 18 -0.80 -36.97 23.42
N PRO H 19 -0.42 -38.22 23.71
CA PRO H 19 -0.37 -39.23 22.64
C PRO H 19 -1.73 -39.75 22.26
N CYS H 20 -2.43 -39.08 21.33
CA CYS H 20 -3.75 -39.52 20.90
C CYS H 20 -3.69 -40.87 20.22
N ILE H 21 -4.72 -41.65 20.41
CA ILE H 21 -4.89 -42.94 19.76
C ILE H 21 -5.59 -42.70 18.41
N ARG H 22 -6.54 -41.75 18.40
CA ARG H 22 -7.34 -41.36 17.26
C ARG H 22 -7.35 -39.83 17.17
N ASP H 23 -7.32 -39.30 15.95
CA ASP H 23 -7.32 -37.86 15.75
C ASP H 23 -8.51 -37.37 14.98
N MET H 24 -9.04 -36.21 15.34
CA MET H 24 -10.18 -35.65 14.64
C MET H 24 -9.96 -34.16 14.49
N PHE H 25 -9.70 -33.66 13.27
CA PHE H 25 -9.39 -32.24 13.11
C PHE H 25 -10.53 -31.46 12.54
N PHE H 26 -10.64 -30.19 12.93
CA PHE H 26 -11.66 -29.30 12.39
C PHE H 26 -11.24 -27.85 12.49
N ILE H 27 -11.72 -27.00 11.57
CA ILE H 27 -11.42 -25.57 11.61
C ILE H 27 -12.60 -24.88 12.21
N TYR H 28 -12.34 -23.89 13.04
CA TYR H 28 -13.39 -23.08 13.60
C TYR H 28 -12.87 -21.68 13.79
N LYS H 29 -13.64 -20.69 13.35
CA LYS H 29 -13.29 -19.27 13.46
C LYS H 29 -11.87 -18.97 12.94
N ARG H 30 -11.48 -19.71 11.87
CA ARG H 30 -10.23 -19.67 11.12
C ARG H 30 -9.06 -20.41 11.78
N GLU H 31 -9.26 -21.02 12.97
CA GLU H 31 -8.18 -21.74 13.66
C GLU H 31 -8.39 -23.25 13.68
N LEU H 32 -7.32 -24.01 13.85
CA LEU H 32 -7.40 -25.45 13.85
C LEU H 32 -7.67 -26.00 15.24
N TYR H 33 -8.46 -27.07 15.33
CA TYR H 33 -8.74 -27.75 16.59
C TYR H 33 -8.61 -29.28 16.40
N ASN H 34 -8.50 -30.02 17.51
CA ASN H 34 -8.38 -31.48 17.48
C ASN H 34 -9.16 -32.13 18.61
N ILE H 35 -9.87 -33.22 18.30
CA ILE H 35 -10.64 -34.01 19.25
C ILE H 35 -9.85 -35.30 19.50
N CYS H 36 -8.94 -35.20 20.45
CA CYS H 36 -7.96 -36.21 20.83
C CYS H 36 -8.48 -37.29 21.76
N LEU H 37 -8.36 -38.55 21.33
CA LEU H 37 -8.75 -39.67 22.17
C LEU H 37 -7.50 -40.19 22.88
N ASP H 38 -7.25 -39.73 24.10
CA ASP H 38 -6.09 -40.22 24.86
C ASP H 38 -6.59 -41.43 25.63
N ASP H 39 -6.24 -42.63 25.19
CA ASP H 39 -6.65 -43.85 25.89
C ASP H 39 -5.50 -44.88 25.97
N LEU H 40 -4.85 -45.03 27.14
CA LEU H 40 -3.79 -46.05 27.26
C LEU H 40 -4.13 -47.07 28.36
N ASP H 45 -3.38 -44.36 34.47
CA ASP H 45 -3.75 -44.41 33.05
C ASP H 45 -5.28 -44.36 32.90
N GLU H 46 -5.84 -43.21 32.54
CA GLU H 46 -7.28 -43.07 32.34
C GLU H 46 -7.58 -42.79 30.84
N THR H 47 -8.86 -42.66 30.49
CA THR H 47 -9.30 -42.32 29.14
C THR H 47 -9.80 -40.87 29.16
N HIS H 48 -9.34 -40.04 28.21
CA HIS H 48 -9.77 -38.65 28.08
C HIS H 48 -10.14 -38.36 26.64
N ILE H 49 -10.99 -37.36 26.42
CA ILE H 49 -11.31 -36.89 25.08
C ILE H 49 -11.10 -35.39 25.14
N TYR H 50 -9.97 -34.94 24.62
CA TYR H 50 -9.58 -33.56 24.72
C TYR H 50 -9.86 -32.70 23.51
N VAL H 51 -10.16 -31.43 23.73
CA VAL H 51 -10.35 -30.46 22.67
C VAL H 51 -9.08 -29.60 22.66
N GLN H 52 -8.23 -29.79 21.65
CA GLN H 52 -6.97 -29.10 21.55
C GLN H 52 -6.98 -28.05 20.46
N LYS H 53 -6.11 -27.05 20.55
CA LYS H 53 -6.04 -25.98 19.57
C LYS H 53 -4.59 -25.69 19.20
N LYS H 54 -4.29 -25.51 17.91
CA LYS H 54 -2.92 -25.16 17.50
C LYS H 54 -2.71 -23.67 17.86
N VAL H 55 -1.64 -23.31 18.61
CA VAL H 55 -1.40 -21.89 18.95
C VAL H 55 -0.02 -21.39 18.32
N LYS H 56 0.92 -22.31 18.14
CA LYS H 56 2.16 -22.01 17.46
C LYS H 56 2.51 -23.28 16.67
N ASP H 57 3.68 -23.90 16.85
CA ASP H 57 3.97 -25.17 16.21
C ASP H 57 3.71 -26.19 17.33
N SER H 58 2.49 -26.16 17.93
CA SER H 58 2.16 -26.99 19.08
C SER H 58 0.66 -26.89 19.46
N TRP H 59 0.08 -28.03 19.88
CA TRP H 59 -1.31 -28.19 20.30
C TRP H 59 -1.49 -27.85 21.77
N ILE H 60 -2.58 -27.18 22.12
CA ILE H 60 -2.88 -26.80 23.50
C ILE H 60 -4.19 -27.43 23.98
N THR H 61 -4.13 -28.21 25.05
CA THR H 61 -5.32 -28.87 25.60
C THR H 61 -6.25 -27.87 26.30
N LEU H 62 -7.45 -27.66 25.74
CA LEU H 62 -8.43 -26.70 26.26
C LEU H 62 -9.46 -27.29 27.21
N ASN H 63 -9.90 -28.55 27.00
CA ASN H 63 -10.83 -29.18 27.93
C ASN H 63 -11.02 -30.70 27.64
N ASP H 64 -11.51 -31.44 28.65
CA ASP H 64 -11.77 -32.89 28.62
C ASP H 64 -13.27 -33.11 28.59
N LEU H 65 -13.79 -33.45 27.41
CA LEU H 65 -15.19 -33.70 27.18
C LEU H 65 -15.65 -34.97 27.86
N PHE H 66 -14.88 -36.06 27.74
CA PHE H 66 -15.21 -37.35 28.36
C PHE H 66 -15.38 -37.26 29.85
N LYS H 67 -14.63 -36.36 30.50
CA LYS H 67 -14.72 -36.13 31.94
C LYS H 67 -16.14 -35.73 32.35
N GLU H 68 -16.82 -34.94 31.51
CA GLU H 68 -18.19 -34.50 31.79
C GLU H 68 -19.26 -35.52 31.39
N THR H 69 -18.85 -36.70 30.88
CA THR H 69 -19.71 -37.77 30.37
C THR H 69 -19.85 -38.94 31.33
N ASP H 70 -21.06 -39.51 31.43
CA ASP H 70 -21.32 -40.69 32.28
C ASP H 70 -21.04 -42.02 31.52
N LEU H 71 -20.43 -41.97 30.31
CA LEU H 71 -20.10 -43.13 29.49
C LEU H 71 -19.05 -43.99 30.18
N THR H 72 -19.11 -45.27 29.88
CA THR H 72 -18.22 -46.27 30.43
C THR H 72 -17.32 -46.92 29.34
N GLY H 73 -17.54 -46.56 28.07
CA GLY H 73 -16.79 -47.10 26.95
C GLY H 73 -16.43 -46.06 25.92
N ARG H 74 -15.97 -46.53 24.76
CA ARG H 74 -15.56 -45.63 23.70
C ARG H 74 -16.75 -44.95 23.03
N PRO H 75 -16.85 -43.63 23.17
CA PRO H 75 -17.95 -42.93 22.52
C PRO H 75 -17.72 -42.69 21.04
N HIS H 76 -18.80 -42.51 20.30
CA HIS H 76 -18.73 -42.15 18.89
C HIS H 76 -18.76 -40.65 18.91
N ILE H 77 -17.71 -40.00 18.42
CA ILE H 77 -17.64 -38.54 18.45
C ILE H 77 -18.11 -37.91 17.14
N PHE H 78 -19.22 -37.15 17.21
CA PHE H 78 -19.73 -36.45 16.02
C PHE H 78 -19.64 -34.95 16.27
N ALA H 79 -18.80 -34.27 15.51
CA ALA H 79 -18.59 -32.85 15.70
C ALA H 79 -19.17 -32.07 14.55
N TYR H 80 -19.88 -30.98 14.85
CA TYR H 80 -20.49 -30.16 13.83
C TYR H 80 -20.06 -28.72 14.02
N VAL H 81 -19.49 -28.15 12.96
CA VAL H 81 -19.03 -26.77 13.00
C VAL H 81 -19.90 -25.88 12.18
N ASP H 82 -20.36 -24.82 12.79
CA ASP H 82 -21.13 -23.79 12.12
C ASP H 82 -20.39 -22.44 12.34
N VAL H 83 -21.01 -21.32 11.93
CA VAL H 83 -20.42 -20.01 12.17
C VAL H 83 -20.65 -19.70 13.65
N GLU H 84 -19.61 -19.17 14.33
CA GLU H 84 -19.62 -18.85 15.77
C GLU H 84 -20.37 -19.88 16.65
N GLU H 85 -20.25 -21.19 16.36
CA GLU H 85 -20.85 -22.25 17.18
C GLU H 85 -20.35 -23.64 16.79
N ILE H 86 -20.07 -24.48 17.80
CA ILE H 86 -19.58 -25.84 17.66
C ILE H 86 -20.44 -26.75 18.49
N ILE H 87 -20.94 -27.84 17.91
CA ILE H 87 -21.76 -28.80 18.64
C ILE H 87 -21.08 -30.17 18.55
N ILE H 88 -20.69 -30.73 19.69
CA ILE H 88 -20.05 -32.05 19.71
C ILE H 88 -20.91 -33.03 20.48
N LEU H 89 -21.09 -34.21 19.91
CA LEU H 89 -21.90 -35.25 20.51
C LEU H 89 -21.05 -36.47 20.76
N LEU H 90 -21.24 -37.10 21.92
CA LEU H 90 -20.55 -38.30 22.29
C LEU H 90 -21.60 -39.38 22.45
N CYS H 91 -21.74 -40.25 21.46
CA CYS H 91 -22.79 -41.29 21.50
C CYS H 91 -22.28 -42.65 21.97
N GLU H 92 -23.16 -43.56 22.40
CA GLU H 92 -22.74 -44.87 22.90
C GLU H 92 -22.46 -45.91 21.83
N ASP H 93 -21.58 -46.89 22.12
CA ASP H 93 -21.24 -47.97 21.19
C ASP H 93 -22.21 -49.19 21.24
N GLU H 94 -22.43 -49.85 20.09
CA GLU H 94 -23.36 -50.97 19.90
C GLU H 94 -22.59 -52.29 19.72
N GLU H 95 -21.57 -52.49 20.53
CA GLU H 95 -20.74 -53.69 20.47
C GLU H 95 -21.55 -55.00 20.54
N PHE H 96 -21.70 -55.70 19.39
CA PHE H 96 -22.41 -56.97 19.23
C PHE H 96 -23.96 -56.80 19.48
N SER H 97 -24.59 -57.60 20.40
CA SER H 97 -26.02 -57.59 20.68
C SER H 97 -26.48 -56.45 21.59
N ASN H 98 -26.10 -55.22 21.23
CA ASN H 98 -26.52 -54.02 21.94
C ASN H 98 -27.72 -53.49 21.13
N ARG H 99 -28.75 -54.35 20.93
CA ARG H 99 -29.92 -53.93 20.16
C ARG H 99 -30.84 -53.09 21.03
N LYS H 100 -30.48 -51.81 21.15
CA LYS H 100 -31.17 -50.81 21.95
C LYS H 100 -32.18 -50.09 21.09
N LYS H 101 -33.37 -49.84 21.65
CA LYS H 101 -34.40 -49.10 20.95
C LYS H 101 -34.00 -47.63 20.89
N ASP H 102 -33.51 -47.08 22.01
CA ASP H 102 -33.08 -45.68 22.09
C ASP H 102 -31.55 -45.57 22.03
N MET H 103 -31.02 -44.38 21.77
CA MET H 103 -29.57 -44.17 21.75
C MET H 103 -29.23 -42.96 22.60
N THR H 104 -28.18 -43.04 23.38
CA THR H 104 -27.81 -41.99 24.30
C THR H 104 -26.56 -41.26 23.90
N CYS H 105 -26.71 -39.98 23.56
CA CYS H 105 -25.57 -39.14 23.24
C CYS H 105 -25.39 -38.07 24.33
N HIS H 106 -24.24 -37.40 24.38
CA HIS H 106 -24.03 -36.33 25.35
C HIS H 106 -23.70 -35.09 24.56
N ARG H 107 -24.57 -34.08 24.62
CA ARG H 107 -24.39 -32.86 23.84
C ARG H 107 -23.55 -31.78 24.52
N PHE H 108 -22.59 -31.20 23.74
CA PHE H 108 -21.65 -30.15 24.12
C PHE H 108 -21.77 -29.00 23.13
N TYR H 109 -21.91 -27.77 23.60
CA TYR H 109 -22.06 -26.61 22.72
C TYR H 109 -21.12 -25.50 23.09
N SER H 110 -20.43 -24.91 22.10
CA SER H 110 -19.57 -23.78 22.37
C SER H 110 -19.55 -22.73 21.29
N ASN H 111 -19.59 -21.47 21.72
CA ASN H 111 -19.48 -20.32 20.84
C ASN H 111 -18.07 -19.66 20.96
N ASP H 112 -17.05 -20.45 21.39
CA ASP H 112 -15.66 -20.05 21.52
C ASP H 112 -14.68 -21.25 21.47
N GLY H 113 -15.19 -22.48 21.57
CA GLY H 113 -14.38 -23.70 21.48
C GLY H 113 -13.46 -23.99 22.65
N LYS H 114 -13.70 -23.32 23.77
CA LYS H 114 -12.92 -23.54 24.98
C LYS H 114 -13.89 -23.85 26.10
N GLU H 115 -14.94 -23.02 26.25
CA GLU H 115 -15.98 -23.12 27.27
C GLU H 115 -17.19 -23.81 26.67
N TYR H 116 -17.50 -25.04 27.12
CA TYR H 116 -18.63 -25.80 26.59
C TYR H 116 -19.73 -26.01 27.61
N ASN H 117 -20.98 -26.18 27.13
CA ASN H 117 -22.16 -26.44 27.96
C ASN H 117 -22.61 -27.85 27.63
N ASN H 118 -22.83 -28.67 28.66
CA ASN H 118 -23.22 -30.04 28.40
C ASN H 118 -24.50 -30.49 29.07
N ALA H 119 -25.14 -31.49 28.45
CA ALA H 119 -26.32 -32.20 28.91
C ALA H 119 -26.50 -33.45 28.07
N GLU H 120 -26.97 -34.52 28.70
CA GLU H 120 -27.17 -35.80 28.04
C GLU H 120 -28.46 -35.81 27.28
N ILE H 121 -28.41 -36.31 26.07
CA ILE H 121 -29.53 -36.41 25.16
C ILE H 121 -29.92 -37.86 24.92
N THR H 122 -31.21 -38.11 24.67
CA THR H 122 -31.67 -39.45 24.36
C THR H 122 -32.50 -39.43 23.10
N ILE H 123 -32.17 -40.31 22.16
CA ILE H 123 -32.88 -40.42 20.89
C ILE H 123 -33.70 -41.70 20.99
N SER H 124 -34.90 -41.62 21.59
CA SER H 124 -35.74 -42.78 21.75
C SER H 124 -36.24 -43.27 20.40
N ASP H 125 -36.09 -44.57 20.11
CA ASP H 125 -36.44 -45.22 18.83
C ASP H 125 -35.60 -44.68 17.67
N TYR H 126 -34.29 -44.52 17.91
CA TYR H 126 -33.38 -43.96 16.90
C TYR H 126 -33.33 -44.83 15.63
N ILE H 127 -33.33 -44.19 14.46
CA ILE H 127 -33.33 -44.84 13.13
C ILE H 127 -32.17 -45.83 12.90
N LEU H 128 -31.01 -45.53 13.46
CA LEU H 128 -29.78 -46.28 13.23
C LEU H 128 -29.57 -47.49 14.13
N LYS H 129 -30.67 -48.11 14.56
CA LYS H 129 -30.57 -49.37 15.29
C LYS H 129 -30.21 -50.42 14.24
N ASP H 130 -29.29 -51.31 14.61
CA ASP H 130 -28.74 -52.31 13.69
C ASP H 130 -28.07 -51.65 12.51
N LYS H 131 -27.38 -50.53 12.76
CA LYS H 131 -26.56 -49.76 11.82
C LYS H 131 -25.25 -49.46 12.52
N LEU H 132 -24.13 -49.69 11.82
CA LEU H 132 -22.80 -49.44 12.34
C LEU H 132 -22.48 -47.95 12.16
N LEU H 133 -21.84 -47.34 13.16
CA LEU H 133 -21.47 -45.93 13.07
C LEU H 133 -19.98 -45.71 13.25
N SER H 134 -19.44 -44.63 12.69
CA SER H 134 -18.02 -44.28 12.87
C SER H 134 -17.87 -42.78 13.08
N SER H 135 -17.08 -42.37 14.09
CA SER H 135 -16.82 -41.00 14.54
C SER H 135 -16.33 -40.08 13.41
N TYR H 136 -16.83 -38.82 13.35
CA TYR H 136 -16.38 -37.87 12.31
C TYR H 136 -16.73 -36.40 12.60
N VAL H 137 -16.12 -35.49 11.81
CA VAL H 137 -16.41 -34.06 11.87
C VAL H 137 -17.25 -33.74 10.63
N SER H 138 -18.23 -32.85 10.80
CA SER H 138 -19.10 -32.44 9.71
C SER H 138 -19.64 -31.01 9.93
N LEU H 139 -20.59 -30.59 9.09
CA LEU H 139 -21.14 -29.25 9.14
C LEU H 139 -22.62 -29.24 8.68
N PRO H 140 -23.37 -28.13 8.88
CA PRO H 140 -24.79 -28.12 8.49
C PRO H 140 -25.03 -28.28 6.99
N LEU H 141 -25.98 -29.16 6.61
CA LEU H 141 -26.35 -29.40 5.21
C LEU H 141 -27.75 -28.82 4.97
N LYS H 142 -27.85 -27.85 4.06
CA LYS H 142 -29.13 -27.22 3.77
C LYS H 142 -29.92 -28.00 2.73
N ILE H 143 -31.03 -28.60 3.16
CA ILE H 143 -31.94 -29.33 2.29
C ILE H 143 -33.25 -28.55 2.29
N GLU H 144 -33.57 -27.85 1.19
CA GLU H 144 -34.82 -27.08 1.04
C GLU H 144 -35.02 -26.02 2.12
N ASN H 145 -34.05 -25.10 2.24
CA ASN H 145 -34.05 -23.99 3.19
C ASN H 145 -34.24 -24.44 4.64
N ARG H 146 -33.56 -25.51 5.01
CA ARG H 146 -33.57 -26.06 6.35
C ARG H 146 -32.22 -26.68 6.50
N GLU H 147 -31.49 -26.32 7.55
CA GLU H 147 -30.15 -26.86 7.77
C GLU H 147 -30.14 -28.00 8.75
N TYR H 148 -29.41 -29.06 8.43
CA TYR H 148 -29.38 -30.24 9.27
C TYR H 148 -27.99 -30.79 9.57
N PHE H 149 -27.69 -31.08 10.83
CA PHE H 149 -26.47 -31.80 11.19
C PHE H 149 -26.79 -33.29 10.86
N LEU H 150 -25.80 -34.12 10.47
CA LEU H 150 -26.10 -35.51 10.09
C LEU H 150 -25.32 -36.57 10.83
N ILE H 151 -25.99 -37.58 11.37
CA ILE H 151 -25.33 -38.71 12.01
C ILE H 151 -25.63 -39.85 11.08
N CYS H 152 -24.69 -40.17 10.22
CA CYS H 152 -24.89 -41.16 9.18
C CYS H 152 -24.22 -42.50 9.54
N GLY H 153 -24.88 -43.61 9.21
CA GLY H 153 -24.39 -44.95 9.52
C GLY H 153 -24.50 -45.94 8.37
N VAL H 154 -23.86 -47.11 8.48
CA VAL H 154 -23.85 -48.09 7.41
C VAL H 154 -24.28 -49.52 7.86
N SER H 155 -24.67 -50.40 6.91
CA SER H 155 -25.13 -51.77 7.20
C SER H 155 -23.98 -52.78 7.40
N PRO H 156 -24.16 -53.75 8.35
CA PRO H 156 -23.07 -54.70 8.68
C PRO H 156 -22.61 -55.72 7.64
N TYR H 157 -23.52 -56.55 7.09
CA TYR H 157 -23.13 -57.60 6.15
C TYR H 157 -24.11 -57.72 5.00
N LYS H 158 -23.67 -58.25 3.84
CA LYS H 158 -24.57 -58.33 2.68
C LYS H 158 -24.70 -59.72 2.05
N PHE H 159 -25.93 -60.28 2.14
CA PHE H 159 -26.28 -61.61 1.58
C PHE H 159 -27.67 -61.60 0.90
N LYS H 160 -28.50 -60.56 1.12
CA LYS H 160 -29.85 -60.46 0.54
C LYS H 160 -30.09 -59.14 -0.22
N ASP H 161 -31.05 -59.13 -1.17
CA ASP H 161 -31.35 -57.92 -1.94
C ASP H 161 -32.18 -56.92 -1.13
N ASP H 162 -31.58 -55.76 -0.85
CA ASP H 162 -32.21 -54.69 -0.07
C ASP H 162 -32.52 -53.49 -0.98
N ASP H 166 -31.00 -47.62 1.66
CA ASP H 166 -31.32 -48.78 2.49
C ASP H 166 -30.10 -49.18 3.38
N ASP H 167 -28.96 -49.46 2.72
CA ASP H 167 -27.74 -49.90 3.39
C ASP H 167 -26.84 -48.79 3.94
N ILE H 168 -27.21 -47.53 3.67
CA ILE H 168 -26.63 -46.29 4.19
C ILE H 168 -27.85 -45.48 4.67
N LEU H 169 -27.71 -44.73 5.78
CA LEU H 169 -28.83 -43.98 6.32
C LEU H 169 -28.38 -42.97 7.35
N CYS H 170 -29.01 -41.79 7.40
CA CYS H 170 -28.67 -40.81 8.44
C CYS H 170 -29.88 -40.28 9.16
N MET H 171 -29.66 -39.75 10.36
CA MET H 171 -30.66 -39.02 11.11
C MET H 171 -30.16 -37.59 11.15
N ALA H 172 -31.08 -36.64 11.03
CA ALA H 172 -30.72 -35.24 10.98
C ALA H 172 -31.29 -34.40 12.15
N SER H 173 -30.81 -33.15 12.31
CA SER H 173 -31.35 -32.26 13.31
C SER H 173 -31.45 -30.84 12.76
N HIS H 174 -32.61 -30.25 12.89
CA HIS H 174 -32.84 -28.86 12.52
C HIS H 174 -33.03 -28.00 13.80
N ASP H 175 -32.41 -28.44 14.93
CA ASP H 175 -32.48 -27.80 16.24
C ASP H 175 -31.15 -27.95 17.04
N LYS H 176 -30.02 -27.99 16.31
CA LYS H 176 -28.65 -28.05 16.81
C LYS H 176 -28.28 -29.34 17.52
N GLY H 177 -28.85 -30.45 17.10
CA GLY H 177 -28.48 -31.75 17.65
C GLY H 177 -29.22 -32.23 18.88
N GLU H 178 -30.28 -31.52 19.30
CA GLU H 178 -31.05 -31.93 20.46
C GLU H 178 -32.01 -33.08 20.13
N THR H 179 -32.53 -33.11 18.89
CA THR H 179 -33.46 -34.16 18.44
C THR H 179 -32.97 -34.70 17.10
N TRP H 180 -33.03 -36.03 16.91
CA TRP H 180 -32.58 -36.62 15.66
C TRP H 180 -33.73 -37.34 14.99
N GLY H 181 -34.84 -36.63 14.87
CA GLY H 181 -36.08 -37.15 14.31
C GLY H 181 -36.07 -37.30 12.81
N THR H 182 -35.64 -36.25 12.12
CA THR H 182 -35.60 -36.21 10.66
C THR H 182 -34.78 -37.36 10.08
N LYS H 183 -35.31 -38.06 9.08
CA LYS H 183 -34.62 -39.20 8.48
C LYS H 183 -34.29 -38.94 7.02
N ILE H 184 -33.01 -39.09 6.66
CA ILE H 184 -32.49 -38.89 5.30
C ILE H 184 -32.27 -40.25 4.62
N VAL H 185 -32.85 -40.46 3.44
CA VAL H 185 -32.72 -41.74 2.73
C VAL H 185 -31.54 -41.72 1.78
N ILE H 186 -30.76 -42.81 1.69
CA ILE H 186 -29.65 -42.88 0.73
C ILE H 186 -29.81 -44.04 -0.26
N LYS H 187 -29.88 -43.72 -1.55
CA LYS H 187 -30.04 -44.71 -2.60
C LYS H 187 -28.72 -44.98 -3.33
N TYR H 188 -27.99 -46.02 -2.93
CA TYR H 188 -26.74 -46.38 -3.59
C TYR H 188 -26.80 -47.84 -4.04
N ASP H 189 -27.23 -48.09 -5.29
CA ASP H 189 -27.42 -49.45 -5.82
C ASP H 189 -26.14 -50.28 -6.08
N ASN H 190 -24.95 -49.78 -5.75
CA ASN H 190 -23.71 -50.52 -6.01
C ASN H 190 -23.24 -51.36 -4.79
N TYR H 191 -24.18 -51.77 -3.92
CA TYR H 191 -23.83 -52.65 -2.80
C TYR H 191 -23.95 -54.09 -3.35
N LYS H 192 -22.84 -54.86 -3.31
CA LYS H 192 -22.82 -56.23 -3.81
C LYS H 192 -22.69 -57.26 -2.66
N LEU H 193 -22.72 -58.58 -2.96
CA LEU H 193 -22.61 -59.59 -1.90
C LEU H 193 -21.15 -59.89 -1.53
N GLY H 194 -20.89 -60.02 -0.24
CA GLY H 194 -19.55 -60.28 0.29
C GLY H 194 -18.80 -59.02 0.68
N VAL H 195 -19.39 -57.84 0.45
CA VAL H 195 -18.74 -56.57 0.80
C VAL H 195 -19.35 -55.94 2.03
N GLN H 196 -18.54 -55.16 2.74
CA GLN H 196 -18.95 -54.42 3.92
C GLN H 196 -18.39 -53.01 3.79
N TYR H 197 -19.11 -52.01 4.31
CA TYR H 197 -18.62 -50.62 4.25
C TYR H 197 -18.02 -50.21 5.58
N PHE H 198 -16.99 -49.35 5.56
CA PHE H 198 -16.32 -48.96 6.79
C PHE H 198 -16.04 -47.48 6.89
N PHE H 199 -15.87 -47.00 8.13
CA PHE H 199 -15.51 -45.63 8.50
C PHE H 199 -16.21 -44.52 7.71
N LEU H 200 -17.47 -44.74 7.34
CA LEU H 200 -18.23 -43.77 6.55
C LEU H 200 -18.26 -42.37 7.14
N ARG H 201 -17.73 -41.42 6.40
CA ARG H 201 -17.74 -40.04 6.81
C ARG H 201 -18.35 -39.23 5.68
N PRO H 202 -19.37 -38.43 5.97
CA PRO H 202 -20.00 -37.63 4.95
C PRO H 202 -19.31 -36.29 4.77
N TYR H 203 -19.06 -35.95 3.53
CA TYR H 203 -18.47 -34.70 3.15
C TYR H 203 -19.55 -33.82 2.51
N ILE H 204 -19.78 -32.65 3.11
CA ILE H 204 -20.76 -31.71 2.61
C ILE H 204 -20.02 -30.51 2.07
N SER H 205 -20.14 -30.26 0.76
CA SER H 205 -19.53 -29.12 0.10
C SER H 205 -20.61 -28.14 -0.37
N LYS H 206 -20.95 -27.14 0.45
CA LYS H 206 -21.99 -26.13 0.16
C LYS H 206 -23.28 -26.73 -0.38
N ASN H 207 -24.00 -27.49 0.47
CA ASN H 207 -25.29 -28.16 0.19
C ASN H 207 -25.20 -29.36 -0.75
N ASP H 208 -23.99 -29.86 -1.02
CA ASP H 208 -23.81 -31.02 -1.87
C ASP H 208 -23.34 -32.17 -1.00
N LEU H 209 -24.14 -33.24 -0.90
CA LEU H 209 -23.80 -34.40 -0.05
C LEU H 209 -22.99 -35.41 -0.83
N SER H 210 -21.96 -35.99 -0.20
CA SER H 210 -21.09 -36.99 -0.81
C SER H 210 -20.49 -37.85 0.30
N PHE H 211 -20.41 -39.18 0.08
CA PHE H 211 -19.88 -40.06 1.11
C PHE H 211 -18.53 -40.71 0.81
N HIS H 212 -17.61 -40.64 1.77
CA HIS H 212 -16.28 -41.22 1.69
C HIS H 212 -16.24 -42.41 2.65
N PHE H 213 -15.84 -43.59 2.18
CA PHE H 213 -15.83 -44.79 3.01
C PHE H 213 -14.94 -45.88 2.41
N TYR H 214 -14.53 -46.85 3.22
CA TYR H 214 -13.69 -47.97 2.74
C TYR H 214 -14.56 -49.18 2.34
N VAL H 215 -13.99 -50.17 1.64
CA VAL H 215 -14.73 -51.35 1.18
C VAL H 215 -13.98 -52.66 1.50
N GLY H 216 -14.47 -53.40 2.47
CA GLY H 216 -13.86 -54.65 2.93
C GLY H 216 -14.52 -55.91 2.43
N ASP H 217 -13.70 -56.94 2.26
CA ASP H 217 -14.13 -58.22 1.71
C ASP H 217 -13.83 -59.37 2.68
N ASN H 221 -10.51 -58.06 3.93
CA ASN H 221 -9.22 -57.70 4.53
C ASN H 221 -8.70 -56.33 4.02
N VAL H 222 -8.32 -56.21 2.72
CA VAL H 222 -7.77 -54.95 2.18
C VAL H 222 -8.87 -53.91 1.92
N LYS H 223 -8.76 -52.75 2.60
CA LYS H 223 -9.76 -51.68 2.58
C LYS H 223 -9.53 -50.61 1.52
N ASN H 224 -10.10 -50.79 0.33
CA ASN H 224 -9.98 -49.79 -0.74
C ASN H 224 -11.02 -48.69 -0.53
N VAL H 225 -10.63 -47.41 -0.71
CA VAL H 225 -11.56 -46.28 -0.53
C VAL H 225 -12.66 -46.28 -1.62
N ASN H 226 -13.72 -45.47 -1.44
CA ASN H 226 -14.84 -45.35 -2.36
C ASN H 226 -15.51 -44.02 -2.09
N PHE H 227 -15.68 -43.19 -3.11
CA PHE H 227 -16.28 -41.88 -2.95
C PHE H 227 -17.50 -41.80 -3.83
N ILE H 228 -18.67 -41.51 -3.24
CA ILE H 228 -19.91 -41.42 -4.00
C ILE H 228 -20.54 -40.03 -3.91
N GLU H 229 -21.18 -39.58 -5.00
CA GLU H 229 -21.82 -38.27 -5.07
C GLU H 229 -23.32 -38.35 -4.92
N CYS H 230 -23.88 -37.58 -4.00
CA CYS H 230 -25.31 -37.60 -3.75
C CYS H 230 -26.02 -36.37 -4.22
N THR H 231 -26.96 -36.58 -5.13
CA THR H 231 -27.82 -35.55 -5.69
C THR H 231 -29.22 -35.69 -5.05
N HIS H 232 -29.86 -34.57 -4.71
CA HIS H 232 -31.17 -34.61 -4.06
C HIS H 232 -32.25 -35.10 -5.01
N GLU H 233 -32.91 -36.20 -4.67
CA GLU H 233 -33.98 -36.78 -5.47
C GLU H 233 -35.36 -36.22 -5.03
N LYS H 234 -36.09 -36.90 -4.14
CA LYS H 234 -37.38 -36.44 -3.64
C LYS H 234 -37.16 -35.70 -2.31
N ASP H 235 -38.25 -35.28 -1.65
CA ASP H 235 -38.20 -34.61 -0.34
C ASP H 235 -37.38 -35.42 0.65
N LEU H 236 -36.22 -34.88 1.07
CA LEU H 236 -35.32 -35.57 2.01
C LEU H 236 -34.91 -36.97 1.55
N GLU H 237 -34.69 -37.15 0.26
CA GLU H 237 -34.28 -38.45 -0.29
C GLU H 237 -33.14 -38.21 -1.26
N PHE H 238 -31.98 -38.91 -1.10
CA PHE H 238 -30.85 -38.67 -1.99
C PHE H 238 -30.42 -39.89 -2.76
N VAL H 239 -30.14 -39.73 -4.05
CA VAL H 239 -29.67 -40.84 -4.87
C VAL H 239 -28.19 -40.63 -5.17
N CYS H 240 -27.36 -41.63 -4.90
CA CYS H 240 -25.92 -41.48 -5.10
C CYS H 240 -25.35 -42.43 -6.16
N SER H 241 -24.19 -42.04 -6.71
CA SER H 241 -23.47 -42.79 -7.74
C SER H 241 -21.97 -42.73 -7.43
N ASN H 242 -21.23 -43.80 -7.75
CA ASN H 242 -19.80 -43.84 -7.47
C ASN H 242 -18.97 -42.94 -8.39
N ARG H 243 -18.21 -42.02 -7.78
CA ARG H 243 -17.30 -41.17 -8.55
C ARG H 243 -15.98 -41.95 -8.62
N ASP H 244 -15.57 -42.33 -9.83
CA ASP H 244 -14.34 -43.09 -10.02
C ASP H 244 -13.14 -42.19 -9.88
N PHE H 245 -12.24 -42.56 -8.98
CA PHE H 245 -10.99 -41.82 -8.80
C PHE H 245 -9.77 -42.74 -8.97
N LEU H 246 -9.91 -43.89 -9.63
CA LEU H 246 -8.81 -44.84 -9.83
C LEU H 246 -7.58 -44.25 -10.54
N LYS H 247 -6.39 -44.69 -10.12
CA LYS H 247 -5.14 -44.27 -10.73
C LYS H 247 -4.19 -45.47 -10.67
N ASP H 248 -3.85 -46.07 -11.83
CA ASP H 248 -2.99 -47.26 -11.86
C ASP H 248 -1.67 -47.08 -11.10
N ASN H 249 -1.39 -48.02 -10.18
CA ASN H 249 -0.22 -48.04 -9.30
C ASN H 249 -0.21 -46.87 -8.33
N LYS H 250 -1.39 -46.59 -7.77
CA LYS H 250 -1.60 -45.50 -6.81
C LYS H 250 -2.92 -45.76 -6.13
N VAL H 251 -2.90 -45.87 -4.82
CA VAL H 251 -4.12 -46.12 -4.05
C VAL H 251 -4.76 -44.83 -3.54
N LEU H 252 -6.06 -44.65 -3.81
CA LEU H 252 -6.79 -43.46 -3.37
C LEU H 252 -6.77 -43.37 -1.84
N GLN H 253 -6.70 -42.15 -1.30
CA GLN H 253 -6.64 -41.94 0.13
C GLN H 253 -7.78 -41.01 0.58
N ASP H 254 -7.60 -39.68 0.49
CA ASP H 254 -8.65 -38.73 0.88
C ASP H 254 -9.12 -37.92 -0.34
N VAL H 255 -10.29 -37.26 -0.24
CA VAL H 255 -10.88 -36.46 -1.31
C VAL H 255 -11.51 -35.22 -0.70
N SER H 256 -11.24 -34.04 -1.25
CA SER H 256 -11.84 -32.79 -0.80
C SER H 256 -12.21 -31.91 -2.01
N THR H 257 -12.68 -30.66 -1.80
CA THR H 257 -12.98 -29.77 -2.93
C THR H 257 -12.42 -28.38 -2.72
N LEU H 258 -11.87 -27.81 -3.78
CA LEU H 258 -11.36 -26.45 -3.80
C LEU H 258 -11.69 -25.89 -5.17
N ASN H 259 -12.28 -24.70 -5.21
CA ASN H 259 -12.73 -24.05 -6.44
C ASN H 259 -13.83 -24.85 -7.13
N ASP H 260 -14.54 -25.73 -6.41
CA ASP H 260 -15.55 -26.62 -6.98
C ASP H 260 -14.91 -27.77 -7.79
N GLU H 261 -13.60 -28.04 -7.58
CA GLU H 261 -12.84 -29.10 -8.23
C GLU H 261 -12.32 -30.05 -7.14
N TYR H 262 -12.14 -31.33 -7.46
CA TYR H 262 -11.67 -32.30 -6.46
C TYR H 262 -10.18 -32.20 -6.19
N ILE H 263 -9.80 -32.47 -4.94
CA ILE H 263 -8.43 -32.50 -4.45
C ILE H 263 -8.30 -33.93 -3.98
N VAL H 264 -7.53 -34.78 -4.66
CA VAL H 264 -7.48 -36.19 -4.29
C VAL H 264 -6.11 -36.67 -3.86
N SER H 265 -6.04 -37.13 -2.63
CA SER H 265 -4.82 -37.66 -2.04
C SER H 265 -4.64 -39.12 -2.46
N TYR H 266 -3.40 -39.54 -2.70
CA TYR H 266 -3.08 -40.92 -3.08
C TYR H 266 -1.79 -41.37 -2.41
N GLY H 267 -1.62 -42.67 -2.28
CA GLY H 267 -0.39 -43.26 -1.78
C GLY H 267 0.28 -44.08 -2.87
N ASN H 268 1.61 -44.24 -2.78
CA ASN H 268 2.32 -45.03 -3.78
C ASN H 268 1.91 -46.52 -3.68
N ASP H 269 2.11 -47.11 -2.50
CA ASP H 269 1.72 -48.49 -2.21
C ASP H 269 0.74 -48.52 -1.02
N ASN H 270 0.30 -49.70 -0.58
CA ASN H 270 -0.58 -49.80 0.60
C ASN H 270 0.15 -49.46 1.93
N ASN H 271 1.47 -49.15 1.87
CA ASN H 271 2.31 -48.77 3.01
C ASN H 271 2.50 -47.25 3.13
N PHE H 272 2.22 -46.50 2.05
CA PHE H 272 2.23 -45.04 2.00
C PHE H 272 3.58 -44.39 2.31
N ALA H 273 4.58 -44.67 1.49
CA ALA H 273 5.89 -44.07 1.67
C ALA H 273 5.85 -42.60 1.25
N GLU H 274 5.21 -42.30 0.10
CA GLU H 274 5.06 -40.96 -0.45
C GLU H 274 3.59 -40.71 -0.80
N CYS H 275 3.19 -39.44 -0.74
CA CYS H 275 1.82 -39.05 -1.05
C CYS H 275 1.75 -38.05 -2.20
N TYR H 276 0.66 -38.09 -2.99
CA TYR H 276 0.44 -37.20 -4.14
C TYR H 276 -0.90 -36.48 -4.00
N ILE H 277 -1.01 -35.23 -4.49
CA ILE H 277 -2.26 -34.47 -4.39
C ILE H 277 -2.68 -33.93 -5.77
N PHE H 278 -3.85 -34.32 -6.28
CA PHE H 278 -4.26 -33.94 -7.63
C PHE H 278 -5.35 -32.90 -7.71
N PHE H 279 -4.99 -31.67 -8.06
CA PHE H 279 -5.94 -30.59 -8.24
C PHE H 279 -6.60 -30.70 -9.61
N ASN H 280 -7.90 -31.08 -9.63
CA ASN H 280 -8.67 -31.26 -10.86
C ASN H 280 -8.08 -32.35 -11.79
N ASN H 281 -7.29 -33.28 -11.23
CA ASN H 281 -6.61 -34.37 -11.94
C ASN H 281 -5.62 -33.87 -12.97
N GLU H 282 -5.05 -32.68 -12.77
CA GLU H 282 -4.12 -32.10 -13.73
C GLU H 282 -2.76 -31.75 -13.09
N ASN H 283 -2.82 -31.05 -11.96
CA ASN H 283 -1.65 -30.58 -11.23
C ASN H 283 -1.38 -31.48 -10.03
N SER H 284 -0.12 -31.90 -9.82
CA SER H 284 0.19 -32.84 -8.75
C SER H 284 1.41 -32.52 -7.90
N ILE H 285 1.17 -32.00 -6.69
CA ILE H 285 2.26 -31.76 -5.75
C ILE H 285 2.51 -33.05 -4.96
N LEU H 286 3.78 -33.45 -4.80
CA LEU H 286 4.13 -34.67 -4.09
C LEU H 286 4.82 -34.36 -2.76
N ILE H 287 4.31 -34.96 -1.67
CA ILE H 287 4.89 -34.76 -0.36
C ILE H 287 5.75 -35.95 0.08
N LYS H 288 6.98 -35.64 0.48
CA LYS H 288 7.94 -36.60 0.98
C LYS H 288 8.08 -36.37 2.47
N PRO H 289 7.74 -37.38 3.29
CA PRO H 289 7.82 -37.22 4.75
C PRO H 289 9.21 -37.45 5.34
N GLU H 290 10.24 -37.57 4.51
CA GLU H 290 11.61 -37.78 4.99
C GLU H 290 12.26 -36.52 5.62
N LYS H 291 11.45 -35.48 5.85
CA LYS H 291 11.82 -34.23 6.51
C LYS H 291 11.88 -34.52 8.02
N TYR H 292 12.67 -33.72 8.77
CA TYR H 292 12.86 -33.90 10.21
C TYR H 292 13.77 -35.10 10.53
N GLY H 293 14.64 -35.48 9.58
CA GLY H 293 15.52 -36.64 9.71
C GLY H 293 14.75 -37.93 9.97
N ASN H 294 13.54 -38.00 9.38
CA ASN H 294 12.63 -39.12 9.57
C ASN H 294 12.90 -40.28 8.63
N THR H 295 13.71 -41.25 9.07
CA THR H 295 14.02 -42.43 8.27
C THR H 295 12.80 -43.37 8.27
N ALA H 296 12.20 -43.57 9.45
CA ALA H 296 11.01 -44.41 9.63
C ALA H 296 9.74 -43.55 9.54
N ALA H 297 9.56 -42.89 8.40
CA ALA H 297 8.41 -42.01 8.19
C ALA H 297 7.56 -42.44 7.01
N GLY H 298 6.27 -42.12 7.09
CA GLY H 298 5.28 -42.41 6.06
C GLY H 298 4.12 -41.44 6.11
N CYS H 299 3.35 -41.34 5.03
CA CYS H 299 2.19 -40.44 5.00
C CYS H 299 0.87 -41.13 5.30
N TYR H 300 0.90 -42.38 5.83
CA TYR H 300 -0.30 -43.13 6.18
C TYR H 300 -1.20 -42.34 7.12
N GLY H 301 -2.49 -42.33 6.83
CA GLY H 301 -3.45 -41.59 7.63
C GLY H 301 -3.48 -40.13 7.28
N GLY H 302 -3.41 -39.82 6.01
CA GLY H 302 -3.47 -38.44 5.53
C GLY H 302 -4.90 -37.99 5.42
N THR H 303 -5.16 -36.71 5.68
CA THR H 303 -6.52 -36.15 5.61
C THR H 303 -6.49 -34.71 5.17
N PHE H 304 -7.57 -34.26 4.56
CA PHE H 304 -7.71 -32.89 4.14
C PHE H 304 -8.61 -32.19 5.15
N VAL H 305 -8.18 -31.05 5.66
CA VAL H 305 -8.96 -30.23 6.58
C VAL H 305 -9.24 -28.93 5.84
N LYS H 306 -10.39 -28.83 5.14
CA LYS H 306 -10.70 -27.64 4.36
C LYS H 306 -10.92 -26.43 5.23
N ILE H 307 -10.38 -25.29 4.83
CA ILE H 307 -10.44 -24.04 5.60
C ILE H 307 -11.19 -22.92 4.84
N ASP H 308 -11.23 -23.03 3.54
CA ASP H 308 -11.80 -22.06 2.63
C ASP H 308 -12.01 -22.78 1.29
N GLU H 309 -12.66 -22.14 0.31
CA GLU H 309 -12.77 -22.77 -1.01
C GLU H 309 -11.46 -22.62 -1.84
N ASN H 310 -10.40 -22.06 -1.22
CA ASN H 310 -9.08 -21.92 -1.81
C ASN H 310 -8.05 -22.60 -0.91
N ARG H 311 -8.18 -22.47 0.41
CA ARG H 311 -7.25 -23.09 1.34
C ARG H 311 -7.74 -24.44 1.84
N ALA H 312 -6.80 -25.31 2.21
CA ALA H 312 -7.04 -26.65 2.79
C ALA H 312 -5.72 -27.13 3.41
N LEU H 313 -5.77 -28.04 4.40
CA LEU H 313 -4.53 -28.55 4.99
C LEU H 313 -4.46 -30.04 4.80
N PHE H 314 -3.28 -30.57 4.45
CA PHE H 314 -3.12 -32.02 4.35
C PHE H 314 -2.35 -32.44 5.57
N ILE H 315 -2.99 -33.16 6.50
CA ILE H 315 -2.34 -33.56 7.75
C ILE H 315 -2.20 -35.07 7.91
N TYR H 316 -1.03 -35.50 8.31
CA TYR H 316 -0.74 -36.89 8.63
C TYR H 316 0.30 -36.93 9.74
N SER H 317 0.38 -38.06 10.45
CA SER H 317 1.39 -38.21 11.49
C SER H 317 2.42 -39.26 11.12
N SER H 318 3.67 -38.84 10.95
CA SER H 318 4.74 -39.77 10.61
C SER H 318 5.58 -40.21 11.85
N SER H 319 5.10 -39.88 13.05
CA SER H 319 5.72 -40.19 14.34
C SER H 319 4.73 -39.88 15.47
N GLN H 320 4.96 -40.44 16.68
CA GLN H 320 4.07 -40.16 17.80
C GLN H 320 4.35 -38.74 18.28
N GLY H 321 3.29 -37.92 18.32
CA GLY H 321 3.38 -36.52 18.73
C GLY H 321 3.83 -35.57 17.64
N ILE H 322 4.08 -36.07 16.43
CA ILE H 322 4.55 -35.23 15.32
C ILE H 322 3.53 -35.12 14.20
N TYR H 323 2.97 -33.93 14.03
CA TYR H 323 1.98 -33.68 13.00
C TYR H 323 2.61 -32.95 11.81
N ASN H 324 2.28 -33.40 10.60
CA ASN H 324 2.81 -32.77 9.40
C ASN H 324 1.71 -31.95 8.76
N ILE H 325 1.88 -30.63 8.76
CA ILE H 325 0.86 -29.69 8.26
C ILE H 325 1.21 -29.11 6.91
N HIS H 326 0.57 -29.63 5.86
CA HIS H 326 0.79 -29.10 4.53
C HIS H 326 -0.26 -28.05 4.26
N THR H 327 0.09 -26.78 4.39
CA THR H 327 -0.87 -25.70 4.19
C THR H 327 -1.00 -25.39 2.72
N ILE H 328 -2.02 -25.97 2.09
CA ILE H 328 -2.28 -25.81 0.67
C ILE H 328 -3.09 -24.55 0.36
N TYR H 329 -2.92 -24.03 -0.84
CA TYR H 329 -3.68 -22.93 -1.39
C TYR H 329 -3.85 -23.22 -2.88
N TYR H 330 -5.06 -23.01 -3.43
CA TYR H 330 -5.29 -23.29 -4.83
C TYR H 330 -6.30 -22.34 -5.48
N ALA H 331 -6.05 -21.97 -6.74
CA ALA H 331 -6.90 -21.07 -7.52
C ALA H 331 -6.89 -21.53 -8.98
N ASN H 332 -8.04 -21.49 -9.70
CA ASN H 332 -8.04 -21.90 -11.11
C ASN H 332 -8.49 -20.81 -12.08
N TYR H 333 -9.20 -19.77 -11.59
CA TYR H 333 -9.72 -18.64 -12.40
C TYR H 333 -8.91 -18.32 -13.72
N VAL I 1 -43.25 -10.53 14.68
CA VAL I 1 -44.27 -11.44 15.21
C VAL I 1 -45.07 -10.85 16.37
N THR I 2 -46.31 -11.34 16.54
CA THR I 2 -47.19 -10.97 17.62
C THR I 2 -47.60 -12.25 18.32
N LEU I 3 -47.35 -12.33 19.62
CA LEU I 3 -47.70 -13.48 20.42
C LEU I 3 -48.97 -13.14 21.21
N ASP I 4 -50.04 -13.92 21.01
CA ASP I 4 -51.34 -13.67 21.63
C ASP I 4 -51.80 -14.87 22.42
N GLU I 5 -51.50 -14.88 23.73
CA GLU I 5 -51.88 -15.98 24.59
C GLU I 5 -53.27 -15.82 25.22
N SER I 6 -54.00 -16.93 25.30
CA SER I 6 -55.35 -16.96 25.84
C SER I 6 -55.62 -18.31 26.51
N GLY I 7 -56.73 -18.41 27.24
CA GLY I 7 -57.07 -19.65 27.94
C GLY I 7 -56.92 -19.61 29.44
N GLY I 8 -56.38 -18.52 29.96
CA GLY I 8 -56.19 -18.34 31.40
C GLY I 8 -57.34 -17.67 32.12
N GLY I 9 -57.40 -17.86 33.42
CA GLY I 9 -58.43 -17.25 34.26
C GLY I 9 -58.63 -17.99 35.57
N LEU I 10 -59.66 -17.60 36.31
CA LEU I 10 -59.97 -18.23 37.59
C LEU I 10 -60.32 -19.71 37.40
N GLN I 11 -59.36 -20.59 37.71
CA GLN I 11 -59.53 -22.03 37.64
C GLN I 11 -59.76 -22.59 39.07
N THR I 12 -60.09 -23.88 39.20
CA THR I 12 -60.33 -24.47 40.52
C THR I 12 -59.18 -25.40 40.92
N PRO I 13 -58.75 -25.32 42.19
CA PRO I 13 -57.61 -26.13 42.64
C PRO I 13 -57.74 -27.64 42.41
N GLY I 14 -56.65 -28.23 41.95
CA GLY I 14 -56.57 -29.64 41.61
C GLY I 14 -57.41 -29.99 40.40
N GLY I 15 -57.47 -29.07 39.45
CA GLY I 15 -58.25 -29.25 38.23
C GLY I 15 -57.38 -29.54 37.04
N ALA I 16 -57.30 -28.58 36.07
CA ALA I 16 -56.50 -28.57 34.84
C ALA I 16 -56.56 -27.18 34.18
N LEU I 17 -55.56 -26.84 33.37
CA LEU I 17 -55.49 -25.54 32.72
C LEU I 17 -54.96 -25.62 31.29
N SER I 18 -55.81 -25.29 30.31
CA SER I 18 -55.40 -25.31 28.91
C SER I 18 -55.10 -23.90 28.43
N LEU I 19 -53.87 -23.69 27.97
CA LEU I 19 -53.40 -22.41 27.47
C LEU I 19 -53.14 -22.49 25.96
N VAL I 20 -53.28 -21.36 25.26
CA VAL I 20 -53.05 -21.32 23.82
C VAL I 20 -52.31 -20.03 23.45
N CYS I 21 -51.45 -20.07 22.42
CA CYS I 21 -50.68 -18.91 22.02
C CYS I 21 -50.69 -18.78 20.49
N LYS I 22 -51.43 -17.79 19.97
CA LYS I 22 -51.55 -17.56 18.55
C LYS I 22 -50.42 -16.68 17.98
N GLY I 23 -49.71 -17.19 16.99
CA GLY I 23 -48.57 -16.52 16.39
C GLY I 23 -48.84 -15.78 15.10
N SER I 24 -48.96 -14.46 15.18
CA SER I 24 -49.23 -13.64 14.01
C SER I 24 -47.95 -13.31 13.28
N GLY I 25 -48.02 -13.30 11.94
CA GLY I 25 -46.90 -12.94 11.08
C GLY I 25 -45.61 -13.71 11.28
N PHE I 26 -45.67 -15.04 11.18
CA PHE I 26 -44.47 -15.86 11.33
C PHE I 26 -43.91 -16.30 10.01
N PHE I 27 -42.60 -16.13 9.84
CA PHE I 27 -41.94 -16.65 8.66
C PHE I 27 -41.20 -17.87 9.12
N SER I 28 -41.70 -19.03 8.69
CA SER I 28 -41.28 -20.39 9.05
C SER I 28 -41.30 -20.57 10.55
N PHE I 29 -42.50 -20.63 11.14
CA PHE I 29 -42.70 -20.79 12.58
C PHE I 29 -42.04 -22.05 13.09
N SER I 30 -42.15 -23.14 12.33
CA SER I 30 -41.57 -24.44 12.68
C SER I 30 -40.09 -24.38 12.99
N SER I 31 -39.40 -23.33 12.56
CA SER I 31 -37.96 -23.18 12.81
C SER I 31 -37.67 -22.61 14.20
N TYR I 32 -38.60 -21.83 14.77
CA TYR I 32 -38.38 -21.20 16.06
C TYR I 32 -38.57 -22.13 17.25
N THR I 33 -37.83 -21.84 18.32
CA THR I 33 -38.00 -22.59 19.56
C THR I 33 -38.94 -21.71 20.43
N MET I 34 -40.07 -22.30 20.87
CA MET I 34 -41.14 -21.64 21.62
C MET I 34 -41.17 -21.99 23.10
N GLN I 35 -41.48 -20.99 23.94
CA GLN I 35 -41.48 -21.21 25.38
C GLN I 35 -42.70 -20.64 26.14
N TRP I 36 -42.81 -21.00 27.42
CA TRP I 36 -43.83 -20.52 28.35
C TRP I 36 -43.08 -20.11 29.64
N VAL I 37 -43.40 -18.92 30.16
CA VAL I 37 -42.77 -18.34 31.35
C VAL I 37 -43.88 -17.77 32.24
N ARG I 38 -43.88 -18.02 33.56
CA ARG I 38 -44.89 -17.47 34.45
C ARG I 38 -44.31 -16.52 35.50
N GLN I 39 -45.13 -15.66 36.09
CA GLN I 39 -44.68 -14.75 37.15
C GLN I 39 -45.74 -14.67 38.27
N ALA I 40 -45.38 -15.12 39.48
CA ALA I 40 -46.29 -15.09 40.63
C ALA I 40 -46.48 -13.66 41.14
N PRO I 41 -47.67 -13.31 41.63
CA PRO I 41 -47.91 -11.93 42.11
C PRO I 41 -46.93 -11.45 43.18
N GLY I 42 -46.16 -10.43 42.83
CA GLY I 42 -45.16 -9.86 43.73
C GLY I 42 -43.83 -10.58 43.73
N LYS I 43 -43.71 -11.67 42.95
CA LYS I 43 -42.49 -12.48 42.83
C LYS I 43 -41.80 -12.24 41.47
N GLY I 44 -40.63 -12.86 41.25
CA GLY I 44 -39.90 -12.70 40.00
C GLY I 44 -40.39 -13.57 38.86
N LEU I 45 -39.55 -13.77 37.84
CA LEU I 45 -39.86 -14.56 36.64
C LEU I 45 -39.50 -16.03 36.82
N GLU I 46 -40.20 -16.91 36.12
CA GLU I 46 -39.94 -18.34 36.24
C GLU I 46 -40.16 -19.06 34.92
N TRP I 47 -39.22 -19.92 34.53
CA TRP I 47 -39.36 -20.68 33.27
C TRP I 47 -40.31 -21.87 33.48
N VAL I 48 -41.27 -22.03 32.56
CA VAL I 48 -42.27 -23.07 32.67
C VAL I 48 -42.03 -24.25 31.74
N ALA I 49 -41.90 -24.03 30.42
CA ALA I 49 -41.65 -25.12 29.48
C ALA I 49 -41.06 -24.61 28.15
N SER I 50 -40.35 -25.48 27.42
CA SER I 50 -39.76 -25.13 26.12
C SER I 50 -40.01 -26.23 25.08
N ILE I 51 -40.01 -25.85 23.80
CA ILE I 51 -40.10 -26.78 22.70
C ILE I 51 -39.27 -26.28 21.53
N SER I 52 -38.44 -27.13 20.94
CA SER I 52 -37.56 -26.74 19.85
C SER I 52 -38.17 -27.12 18.47
N SER I 53 -37.45 -26.87 17.36
CA SER I 53 -37.92 -27.22 16.02
C SER I 53 -38.26 -28.72 15.88
N GLY I 54 -37.40 -29.59 16.41
CA GLY I 54 -37.60 -31.04 16.31
C GLY I 54 -38.55 -31.65 17.32
N GLY I 55 -39.11 -30.83 18.20
CA GLY I 55 -40.03 -31.27 19.24
C GLY I 55 -39.33 -31.46 20.58
N GLY I 56 -38.33 -30.63 20.84
CA GLY I 56 -37.54 -30.69 22.06
C GLY I 56 -38.25 -30.20 23.30
N THR I 57 -39.09 -31.06 23.87
CA THR I 57 -39.86 -30.73 25.05
C THR I 57 -39.07 -30.90 26.34
N ASN I 58 -38.99 -29.83 27.13
CA ASN I 58 -38.33 -29.79 28.43
C ASN I 58 -39.15 -28.89 29.33
N TYR I 59 -39.48 -29.34 30.55
CA TYR I 59 -40.35 -28.58 31.46
C TYR I 59 -39.65 -28.18 32.75
N GLY I 60 -40.08 -27.05 33.31
CA GLY I 60 -39.58 -26.46 34.53
C GLY I 60 -39.72 -27.35 35.74
N ALA I 61 -38.78 -27.22 36.68
CA ALA I 61 -38.71 -28.00 37.91
C ALA I 61 -40.02 -28.07 38.69
N ALA I 62 -40.78 -26.97 38.68
CA ALA I 62 -42.03 -26.90 39.44
C ALA I 62 -43.24 -27.56 38.76
N VAL I 63 -43.42 -27.36 37.45
CA VAL I 63 -44.57 -27.93 36.74
C VAL I 63 -44.28 -29.28 36.04
N LYS I 64 -43.11 -29.88 36.30
CA LYS I 64 -42.70 -31.15 35.70
C LYS I 64 -43.62 -32.29 36.11
N GLY I 65 -44.11 -33.04 35.13
CA GLY I 65 -45.01 -34.16 35.38
C GLY I 65 -46.48 -33.81 35.45
N ARG I 66 -46.82 -32.52 35.27
CA ARG I 66 -48.19 -32.02 35.27
C ARG I 66 -48.46 -31.29 33.94
N ALA I 67 -47.46 -30.55 33.44
CA ALA I 67 -47.55 -29.77 32.21
C ALA I 67 -47.20 -30.60 30.97
N THR I 68 -47.70 -30.16 29.79
CA THR I 68 -47.45 -30.73 28.47
C THR I 68 -47.50 -29.65 27.41
N ILE I 69 -46.35 -29.41 26.73
CA ILE I 69 -46.19 -28.40 25.70
C ILE I 69 -46.26 -29.03 24.30
N SER I 70 -46.90 -28.33 23.37
CA SER I 70 -47.11 -28.82 22.01
C SER I 70 -47.12 -27.70 20.99
N ARG I 71 -46.92 -28.04 19.71
CA ARG I 71 -46.94 -27.04 18.66
C ARG I 71 -47.78 -27.46 17.45
N ASP I 72 -48.68 -26.58 17.03
CA ASP I 72 -49.53 -26.79 15.87
C ASP I 72 -48.91 -25.91 14.82
N ASN I 73 -47.86 -26.43 14.19
CA ASN I 73 -47.06 -25.73 13.20
C ASN I 73 -47.88 -25.09 12.10
N GLY I 74 -48.71 -25.89 11.42
CA GLY I 74 -49.54 -25.42 10.33
C GLY I 74 -50.37 -24.20 10.65
N GLN I 75 -50.75 -24.03 11.92
CA GLN I 75 -51.57 -22.90 12.33
C GLN I 75 -50.84 -21.90 13.22
N SER I 76 -49.51 -21.92 13.28
CA SER I 76 -48.73 -21.01 14.12
C SER I 76 -49.27 -20.89 15.57
N THR I 77 -49.40 -22.01 16.29
CA THR I 77 -49.92 -21.95 17.65
C THR I 77 -49.14 -22.89 18.58
N LEU I 78 -48.94 -22.44 19.82
CA LEU I 78 -48.21 -23.13 20.89
C LEU I 78 -49.18 -23.36 22.06
N ARG I 79 -49.24 -24.58 22.61
CA ARG I 79 -50.13 -24.86 23.73
C ARG I 79 -49.38 -25.34 24.98
N LEU I 80 -50.05 -25.26 26.14
CA LEU I 80 -49.55 -25.74 27.43
C LEU I 80 -50.73 -26.37 28.16
N GLN I 81 -50.63 -27.64 28.53
CA GLN I 81 -51.69 -28.29 29.29
C GLN I 81 -51.19 -28.63 30.71
N LEU I 82 -51.43 -27.72 31.66
CA LEU I 82 -51.00 -27.88 33.04
C LEU I 82 -52.12 -28.41 33.93
N ASN I 83 -52.23 -29.75 34.05
CA ASN I 83 -53.27 -30.34 34.89
C ASN I 83 -52.84 -30.42 36.36
N ASN I 84 -53.78 -30.72 37.28
CA ASN I 84 -53.56 -30.82 38.73
C ASN I 84 -52.94 -29.52 39.27
N LEU I 85 -53.78 -28.51 39.38
CA LEU I 85 -53.40 -27.16 39.80
C LEU I 85 -53.10 -27.00 41.30
N ARG I 86 -52.53 -25.82 41.69
CA ARG I 86 -52.14 -25.41 43.04
C ARG I 86 -51.90 -23.88 43.15
N ALA I 87 -51.76 -23.35 44.39
CA ALA I 87 -51.52 -21.92 44.64
C ALA I 87 -50.19 -21.45 44.05
N GLU I 88 -49.20 -22.34 43.99
CA GLU I 88 -47.92 -22.05 43.37
C GLU I 88 -48.09 -21.82 41.85
N ASP I 89 -49.20 -22.31 41.25
CA ASP I 89 -49.53 -22.13 39.84
C ASP I 89 -50.27 -20.82 39.55
N THR I 90 -50.42 -19.94 40.55
CA THR I 90 -51.06 -18.66 40.36
C THR I 90 -50.04 -17.68 39.76
N GLY I 91 -50.46 -16.86 38.82
CA GLY I 91 -49.57 -15.90 38.19
C GLY I 91 -49.89 -15.64 36.73
N THR I 92 -49.18 -14.70 36.11
CA THR I 92 -49.42 -14.37 34.71
C THR I 92 -48.60 -15.30 33.84
N TYR I 93 -49.23 -15.93 32.84
CA TYR I 93 -48.51 -16.87 31.97
C TYR I 93 -48.20 -16.27 30.61
N TYR I 94 -46.90 -16.04 30.33
CA TYR I 94 -46.39 -15.46 29.09
C TYR I 94 -45.92 -16.51 28.13
N CYS I 95 -46.15 -16.25 26.86
CA CYS I 95 -45.73 -17.06 25.72
C CYS I 95 -44.56 -16.29 25.13
N ALA I 96 -43.37 -16.88 25.16
CA ALA I 96 -42.17 -16.21 24.66
C ALA I 96 -41.53 -16.99 23.52
N LYS I 97 -40.77 -16.29 22.67
CA LYS I 97 -40.12 -16.87 21.52
C LYS I 97 -38.60 -16.74 21.62
N HIS I 98 -37.88 -17.73 21.10
CA HIS I 98 -36.42 -17.68 21.01
C HIS I 98 -36.07 -17.08 19.68
N GLY I 99 -34.93 -16.41 19.59
CA GLY I 99 -34.44 -15.83 18.34
C GLY I 99 -34.43 -16.78 17.16
N VAL I 100 -34.40 -16.23 15.94
CA VAL I 100 -34.41 -17.04 14.71
C VAL I 100 -33.18 -17.96 14.63
N ASN I 101 -32.01 -17.47 15.05
CA ASN I 101 -30.80 -18.27 15.01
C ASN I 101 -30.71 -19.37 16.08
N GLY I 102 -31.59 -19.34 17.07
CA GLY I 102 -31.61 -20.35 18.11
C GLY I 102 -30.70 -20.01 19.26
N CYS I 103 -30.29 -21.02 20.04
CA CYS I 103 -29.40 -20.81 21.18
C CYS I 103 -28.66 -22.09 21.60
N ASP I 104 -27.90 -22.02 22.72
CA ASP I 104 -27.20 -23.14 23.33
C ASP I 104 -28.16 -24.30 23.54
N TRP I 105 -29.22 -24.06 24.33
CA TRP I 105 -30.20 -25.07 24.62
C TRP I 105 -31.58 -24.50 24.46
N SER I 106 -32.48 -25.24 23.81
CA SER I 106 -33.86 -24.81 23.57
C SER I 106 -34.56 -24.34 24.86
N TYR I 107 -34.14 -24.90 26.01
CA TYR I 107 -34.69 -24.60 27.32
C TYR I 107 -33.99 -23.47 28.04
N SER I 108 -33.27 -22.60 27.33
CA SER I 108 -32.61 -21.46 27.96
C SER I 108 -33.53 -20.27 27.94
N VAL I 109 -33.38 -19.36 28.89
CA VAL I 109 -34.13 -18.10 28.87
C VAL I 109 -33.21 -16.90 28.76
N GLY I 110 -32.02 -17.12 28.21
CA GLY I 110 -31.05 -16.06 28.03
C GLY I 110 -31.00 -15.59 26.59
N CYS I 111 -32.06 -15.85 25.83
CA CYS I 111 -32.10 -15.51 24.42
C CYS I 111 -33.53 -15.48 23.88
N VAL I 112 -34.42 -14.86 24.63
CA VAL I 112 -35.80 -14.70 24.20
C VAL I 112 -35.91 -13.29 23.61
N ASP I 113 -36.43 -13.16 22.40
CA ASP I 113 -36.55 -11.86 21.74
C ASP I 113 -37.96 -11.31 21.76
N ALA I 114 -38.97 -12.21 21.76
CA ALA I 114 -40.36 -11.83 21.74
C ALA I 114 -41.12 -12.31 22.96
N TRP I 115 -42.14 -11.54 23.37
CA TRP I 115 -43.03 -11.83 24.49
C TRP I 115 -44.51 -11.62 24.09
N GLY I 116 -45.42 -12.08 24.93
CA GLY I 116 -46.85 -11.88 24.73
C GLY I 116 -47.42 -10.85 25.69
N HIS I 117 -48.74 -10.65 25.67
CA HIS I 117 -49.40 -9.69 26.57
C HIS I 117 -49.50 -10.21 28.01
N GLY I 118 -49.65 -11.53 28.14
CA GLY I 118 -49.77 -12.21 29.42
C GLY I 118 -51.18 -12.47 29.85
N THR I 119 -51.60 -13.75 29.84
CA THR I 119 -52.94 -14.11 30.30
C THR I 119 -52.81 -14.49 31.78
N GLU I 120 -53.60 -13.84 32.65
CA GLU I 120 -53.49 -14.11 34.09
C GLU I 120 -54.18 -15.42 34.45
N VAL I 121 -53.57 -16.23 35.33
CA VAL I 121 -54.11 -17.49 35.81
C VAL I 121 -54.21 -17.43 37.35
N ILE I 122 -55.42 -17.67 37.90
CA ILE I 122 -55.70 -17.65 39.33
C ILE I 122 -56.17 -19.05 39.75
N VAL I 123 -55.46 -19.71 40.67
CA VAL I 123 -55.87 -21.01 41.17
C VAL I 123 -56.38 -20.80 42.59
N SER I 124 -57.72 -20.85 42.76
CA SER I 124 -58.40 -20.60 44.02
C SER I 124 -59.83 -21.15 43.96
N SER I 125 -60.41 -21.52 45.10
CA SER I 125 -61.80 -21.99 45.13
C SER I 125 -62.65 -20.99 45.91
N ALA I 126 -62.47 -19.69 45.60
CA ALA I 126 -63.18 -18.60 46.25
C ALA I 126 -64.26 -18.00 45.32
N SER I 127 -65.28 -17.34 45.90
CA SER I 127 -66.38 -16.74 45.14
C SER I 127 -65.95 -15.56 44.27
N THR I 128 -66.65 -15.37 43.15
CA THR I 128 -66.31 -14.30 42.22
C THR I 128 -66.98 -13.00 42.65
N LYS I 129 -66.53 -12.44 43.78
CA LYS I 129 -67.08 -11.21 44.35
C LYS I 129 -66.88 -9.97 43.48
N GLY I 130 -67.93 -9.16 43.40
CA GLY I 130 -67.89 -7.90 42.67
C GLY I 130 -67.27 -6.79 43.50
N PRO I 131 -66.98 -5.65 42.87
CA PRO I 131 -66.35 -4.55 43.61
C PRO I 131 -67.33 -3.59 44.29
N SER I 132 -66.81 -2.63 45.06
CA SER I 132 -67.63 -1.66 45.77
C SER I 132 -67.06 -0.26 45.58
N VAL I 133 -67.87 0.66 45.03
CA VAL I 133 -67.39 2.02 44.78
C VAL I 133 -67.87 3.02 45.83
N PHE I 134 -66.93 3.63 46.57
CA PHE I 134 -67.23 4.62 47.60
C PHE I 134 -66.39 5.86 47.33
N PRO I 135 -66.99 7.06 47.21
CA PRO I 135 -66.19 8.25 46.93
C PRO I 135 -65.33 8.80 48.07
N LEU I 136 -64.25 9.49 47.72
CA LEU I 136 -63.31 10.11 48.64
C LEU I 136 -63.25 11.60 48.31
N ALA I 137 -64.26 12.35 48.79
CA ALA I 137 -64.45 13.78 48.57
C ALA I 137 -63.30 14.65 49.10
N PRO I 138 -63.05 15.82 48.48
CA PRO I 138 -61.95 16.68 48.96
C PRO I 138 -62.32 17.51 50.19
N SER I 139 -61.30 18.06 50.86
CA SER I 139 -61.51 18.88 52.04
C SER I 139 -61.96 20.30 51.68
N GLY I 145 -57.38 24.80 49.54
CA GLY I 145 -56.26 25.68 49.82
C GLY I 145 -55.11 25.51 48.86
N GLY I 146 -55.27 26.03 47.64
CA GLY I 146 -54.26 25.96 46.60
C GLY I 146 -54.55 24.92 45.54
N THR I 147 -54.22 23.66 45.83
CA THR I 147 -54.46 22.51 44.93
C THR I 147 -54.90 21.31 45.78
N ALA I 148 -56.09 20.75 45.48
CA ALA I 148 -56.63 19.65 46.25
C ALA I 148 -56.75 18.33 45.50
N ALA I 149 -56.55 17.21 46.22
CA ALA I 149 -56.68 15.89 45.61
C ALA I 149 -57.99 15.22 46.02
N LEU I 150 -58.55 14.39 45.13
CA LEU I 150 -59.79 13.63 45.35
C LEU I 150 -59.65 12.22 44.79
N GLY I 151 -60.55 11.31 45.16
CA GLY I 151 -60.51 9.94 44.65
C GLY I 151 -61.76 9.13 44.91
N CYS I 152 -61.64 7.82 44.74
CA CYS I 152 -62.72 6.86 44.97
C CYS I 152 -62.11 5.50 45.26
N LEU I 153 -62.63 4.81 46.27
CA LEU I 153 -62.10 3.52 46.68
C LEU I 153 -62.90 2.33 46.15
N VAL I 154 -62.19 1.35 45.61
CA VAL I 154 -62.77 0.08 45.17
C VAL I 154 -62.39 -0.83 46.33
N LYS I 155 -63.33 -1.07 47.27
CA LYS I 155 -62.99 -1.80 48.49
C LYS I 155 -62.91 -3.34 48.38
N ASP I 156 -64.02 -4.08 48.09
CA ASP I 156 -63.91 -5.55 48.07
C ASP I 156 -64.23 -6.19 46.74
N TYR I 157 -63.25 -6.91 46.15
CA TYR I 157 -63.44 -7.63 44.88
C TYR I 157 -62.50 -8.84 44.75
N PHE I 158 -62.83 -9.76 43.81
CA PHE I 158 -62.04 -10.96 43.55
C PHE I 158 -62.57 -11.63 42.30
N PRO I 159 -61.70 -12.05 41.37
CA PRO I 159 -60.24 -11.88 41.35
C PRO I 159 -59.83 -10.58 40.62
N GLU I 160 -58.53 -10.39 40.37
CA GLU I 160 -58.06 -9.24 39.60
C GLU I 160 -58.34 -9.48 38.09
N PRO I 161 -58.40 -8.43 37.25
CA PRO I 161 -58.08 -7.04 37.49
C PRO I 161 -59.28 -6.09 37.45
N VAL I 162 -59.04 -4.80 37.74
CA VAL I 162 -60.08 -3.78 37.68
C VAL I 162 -59.64 -2.59 36.80
N THR I 163 -60.57 -2.00 36.04
CA THR I 163 -60.22 -0.88 35.16
C THR I 163 -60.85 0.43 35.64
N VAL I 164 -60.02 1.32 36.22
CA VAL I 164 -60.48 2.60 36.72
C VAL I 164 -59.90 3.74 35.88
N SER I 165 -60.78 4.48 35.19
CA SER I 165 -60.35 5.61 34.36
C SER I 165 -61.01 6.90 34.83
N TRP I 166 -60.24 7.99 34.90
CA TRP I 166 -60.78 9.27 35.34
C TRP I 166 -61.22 10.17 34.20
N ASN I 167 -62.47 10.62 34.26
CA ASN I 167 -63.12 11.52 33.28
C ASN I 167 -63.10 10.98 31.85
N SER I 168 -63.49 9.71 31.69
CA SER I 168 -63.60 8.98 30.41
C SER I 168 -62.29 8.92 29.61
N GLY I 169 -61.15 8.94 30.29
CA GLY I 169 -59.86 8.83 29.64
C GLY I 169 -59.10 10.13 29.45
N ALA I 170 -59.79 11.27 29.52
CA ALA I 170 -59.15 12.57 29.30
C ALA I 170 -58.20 13.00 30.43
N LEU I 171 -58.63 12.93 31.70
CA LEU I 171 -57.79 13.35 32.83
C LEU I 171 -56.85 12.23 33.27
N THR I 172 -55.56 12.41 32.99
CA THR I 172 -54.55 11.39 33.31
C THR I 172 -53.29 11.93 34.02
N SER I 173 -53.21 13.26 34.29
CA SER I 173 -52.02 13.81 34.98
C SER I 173 -52.17 13.72 36.51
N GLY I 174 -51.19 13.09 37.16
CA GLY I 174 -51.23 12.91 38.60
C GLY I 174 -52.13 11.79 39.08
N VAL I 175 -52.74 11.03 38.14
CA VAL I 175 -53.62 9.91 38.46
C VAL I 175 -52.78 8.76 38.99
N HIS I 176 -53.04 8.36 40.23
CA HIS I 176 -52.29 7.28 40.86
C HIS I 176 -53.20 6.10 41.24
N THR I 177 -53.59 5.26 40.24
CA THR I 177 -54.41 4.06 40.46
C THR I 177 -53.52 3.06 41.18
N PHE I 178 -53.54 3.11 42.51
CA PHE I 178 -52.71 2.30 43.39
C PHE I 178 -52.79 0.78 43.12
N PRO I 179 -51.80 0.00 43.58
CA PRO I 179 -51.88 -1.45 43.42
C PRO I 179 -52.98 -2.03 44.33
N ALA I 180 -53.60 -3.13 43.89
CA ALA I 180 -54.64 -3.77 44.69
C ALA I 180 -54.02 -4.46 45.91
N VAL I 181 -54.74 -4.47 47.04
CA VAL I 181 -54.22 -5.05 48.28
C VAL I 181 -55.07 -6.23 48.73
N LEU I 182 -54.49 -7.44 48.85
CA LEU I 182 -55.26 -8.59 49.36
C LEU I 182 -55.41 -8.40 50.88
N GLN I 183 -56.64 -8.22 51.36
CA GLN I 183 -56.91 -8.03 52.79
C GLN I 183 -56.97 -9.37 53.53
N SER I 184 -57.05 -9.35 54.87
CA SER I 184 -57.17 -10.58 55.67
C SER I 184 -58.40 -11.41 55.26
N SER I 185 -59.45 -10.74 54.75
CA SER I 185 -60.68 -11.37 54.27
C SER I 185 -60.40 -12.18 52.99
N GLY I 186 -59.57 -11.62 52.11
CA GLY I 186 -59.19 -12.25 50.85
C GLY I 186 -59.63 -11.49 49.61
N LEU I 187 -60.04 -10.23 49.78
CA LEU I 187 -60.51 -9.38 48.69
C LEU I 187 -59.57 -8.19 48.47
N TYR I 188 -59.52 -7.64 47.25
CA TYR I 188 -58.60 -6.55 46.91
C TYR I 188 -59.15 -5.13 47.13
N SER I 189 -58.40 -4.27 47.83
CA SER I 189 -58.81 -2.88 48.06
C SER I 189 -57.93 -1.88 47.29
N LEU I 190 -58.23 -1.73 46.01
CA LEU I 190 -57.51 -0.83 45.11
C LEU I 190 -58.05 0.58 45.24
N SER I 191 -57.18 1.57 45.53
CA SER I 191 -57.63 2.97 45.64
C SER I 191 -57.12 3.76 44.44
N SER I 192 -57.94 4.67 43.90
CA SER I 192 -57.54 5.47 42.74
C SER I 192 -57.70 6.97 43.00
N VAL I 193 -56.59 7.70 43.07
CA VAL I 193 -56.63 9.15 43.33
C VAL I 193 -56.27 9.98 42.10
N VAL I 194 -56.69 11.27 42.11
CA VAL I 194 -56.41 12.22 41.05
C VAL I 194 -56.34 13.66 41.61
N THR I 195 -55.26 14.38 41.31
CA THR I 195 -55.07 15.74 41.81
C THR I 195 -55.52 16.81 40.79
N VAL I 196 -56.32 17.78 41.27
CA VAL I 196 -56.85 18.91 40.48
C VAL I 196 -56.83 20.19 41.33
N PRO I 197 -56.66 21.37 40.72
CA PRO I 197 -56.63 22.62 41.52
C PRO I 197 -57.87 22.88 42.40
N SER I 198 -57.74 23.79 43.37
CA SER I 198 -58.84 24.13 44.29
C SER I 198 -59.93 25.01 43.69
N SER I 199 -59.62 25.71 42.59
CA SER I 199 -60.62 26.56 41.93
C SER I 199 -61.52 25.76 40.98
N SER I 200 -60.99 24.69 40.38
CA SER I 200 -61.75 23.85 39.46
C SER I 200 -62.40 22.64 40.16
N LEU I 201 -62.91 22.84 41.38
CA LEU I 201 -63.54 21.75 42.13
C LEU I 201 -65.01 21.52 41.76
N GLY I 202 -65.84 22.55 41.88
CA GLY I 202 -67.25 22.46 41.55
C GLY I 202 -67.59 22.83 40.12
N THR I 203 -66.67 23.51 39.44
CA THR I 203 -66.86 23.93 38.05
C THR I 203 -66.76 22.72 37.12
N GLN I 204 -65.74 21.88 37.32
CA GLN I 204 -65.49 20.70 36.50
C GLN I 204 -66.19 19.45 37.06
N THR I 205 -66.69 18.56 36.17
CA THR I 205 -67.33 17.31 36.58
C THR I 205 -66.28 16.19 36.73
N TYR I 206 -66.40 15.36 37.78
CA TYR I 206 -65.44 14.28 38.02
C TYR I 206 -66.17 12.93 38.22
N ILE I 207 -65.87 11.93 37.35
CA ILE I 207 -66.53 10.62 37.41
C ILE I 207 -65.54 9.45 37.67
N CYS I 208 -65.96 8.48 38.49
CA CYS I 208 -65.20 7.29 38.87
C CYS I 208 -65.75 6.07 38.08
N ASN I 209 -65.28 5.89 36.84
CA ASN I 209 -65.73 4.78 35.98
C ASN I 209 -65.01 3.49 36.33
N VAL I 210 -65.70 2.54 36.99
CA VAL I 210 -65.08 1.28 37.37
C VAL I 210 -65.70 0.09 36.60
N ASN I 211 -64.88 -0.89 36.21
CA ASN I 211 -65.33 -2.07 35.46
C ASN I 211 -64.54 -3.33 35.87
N HIS I 212 -65.27 -4.40 36.25
CA HIS I 212 -64.73 -5.68 36.71
C HIS I 212 -65.45 -6.79 35.93
N LYS I 213 -64.76 -7.42 34.97
CA LYS I 213 -65.38 -8.41 34.10
C LYS I 213 -65.62 -9.82 34.68
N PRO I 214 -64.85 -10.37 35.64
CA PRO I 214 -65.19 -11.72 36.15
C PRO I 214 -66.60 -11.78 36.76
N SER I 215 -67.08 -10.67 37.35
CA SER I 215 -68.44 -10.61 37.92
C SER I 215 -69.41 -9.72 37.11
N ASN I 216 -68.90 -8.99 36.10
CA ASN I 216 -69.61 -8.07 35.21
C ASN I 216 -70.24 -6.89 35.95
N THR I 217 -69.43 -6.22 36.78
CA THR I 217 -69.90 -5.07 37.56
C THR I 217 -69.50 -3.73 36.93
N LYS I 218 -70.49 -2.87 36.64
CA LYS I 218 -70.25 -1.56 36.04
C LYS I 218 -70.78 -0.45 36.96
N VAL I 219 -69.92 0.03 37.88
CA VAL I 219 -70.31 1.07 38.82
C VAL I 219 -69.73 2.44 38.48
N ASP I 220 -70.57 3.40 38.04
CA ASP I 220 -70.11 4.75 37.75
C ASP I 220 -70.52 5.67 38.90
N LYS I 221 -69.57 6.45 39.46
CA LYS I 221 -69.85 7.30 40.62
C LYS I 221 -69.30 8.71 40.48
N LYS I 222 -70.14 9.74 40.63
CA LYS I 222 -69.68 11.12 40.56
C LYS I 222 -69.16 11.56 41.93
N VAL I 223 -67.83 11.74 42.04
CA VAL I 223 -67.23 12.15 43.31
C VAL I 223 -67.41 13.66 43.55
N GLU I 224 -68.33 14.02 44.46
CA GLU I 224 -68.61 15.41 44.80
C GLU I 224 -68.56 15.65 46.32
N PRO I 225 -68.19 16.87 46.78
CA PRO I 225 -68.08 17.11 48.23
C PRO I 225 -69.39 17.00 49.01
N LYS I 226 -69.29 16.74 50.31
CA LYS I 226 -70.45 16.59 51.19
C LYS I 226 -70.95 17.94 51.70
N ALA J 1 -29.92 -20.67 39.57
CA ALA J 1 -28.69 -20.29 40.26
C ALA J 1 -28.13 -18.94 39.79
N LEU J 2 -28.99 -18.07 39.20
CA LEU J 2 -28.56 -16.74 38.75
C LEU J 2 -28.59 -15.77 39.89
N THR J 3 -27.48 -15.07 40.09
CA THR J 3 -27.37 -14.12 41.17
C THR J 3 -27.13 -12.75 40.65
N GLN J 4 -28.10 -11.89 40.84
CA GLN J 4 -28.01 -10.49 40.42
C GLN J 4 -28.53 -9.59 41.56
N PRO J 5 -28.15 -8.30 41.58
CA PRO J 5 -28.57 -7.43 42.69
C PRO J 5 -30.07 -7.18 42.82
N SER J 6 -30.46 -6.58 43.94
CA SER J 6 -31.84 -6.21 44.15
C SER J 6 -31.98 -4.76 43.71
N SER J 7 -31.06 -3.88 44.11
CA SER J 7 -31.15 -2.47 43.74
C SER J 7 -29.87 -1.92 43.13
N VAL J 8 -30.02 -0.95 42.24
CA VAL J 8 -28.95 -0.19 41.59
C VAL J 8 -29.46 1.26 41.43
N SER J 9 -28.62 2.25 41.77
CA SER J 9 -29.07 3.64 41.73
C SER J 9 -28.16 4.53 40.91
N ALA J 10 -28.74 5.25 39.93
CA ALA J 10 -27.97 6.16 39.08
C ALA J 10 -28.67 7.47 38.76
N ASN J 11 -27.91 8.56 38.78
CA ASN J 11 -28.41 9.88 38.42
C ASN J 11 -28.55 9.95 36.89
N PRO J 12 -29.49 10.76 36.36
CA PRO J 12 -29.62 10.85 34.89
C PRO J 12 -28.32 11.28 34.21
N GLY J 13 -28.00 10.64 33.11
CA GLY J 13 -26.78 10.90 32.35
C GLY J 13 -25.65 9.94 32.64
N GLU J 14 -25.68 9.30 33.82
CA GLU J 14 -24.63 8.37 34.21
C GLU J 14 -24.77 7.03 33.52
N THR J 15 -23.67 6.30 33.38
CA THR J 15 -23.70 4.98 32.79
C THR J 15 -23.90 3.98 33.91
N VAL J 16 -24.88 3.07 33.77
CA VAL J 16 -25.14 2.09 34.83
C VAL J 16 -24.81 0.66 34.37
N LYS J 17 -24.54 -0.24 35.32
CA LYS J 17 -24.19 -1.61 35.00
C LYS J 17 -24.87 -2.57 35.95
N ILE J 18 -25.61 -3.53 35.38
CA ILE J 18 -26.32 -4.56 36.13
C ILE J 18 -25.66 -5.90 35.82
N THR J 19 -25.28 -6.67 36.85
CA THR J 19 -24.54 -7.90 36.65
C THR J 19 -25.28 -9.19 37.01
N CYS J 20 -25.42 -10.04 36.02
CA CYS J 20 -25.99 -11.37 36.19
C CYS J 20 -24.83 -12.33 36.35
N SER J 21 -24.93 -13.28 37.28
CA SER J 21 -23.82 -14.22 37.49
C SER J 21 -24.28 -15.64 37.77
N GLY J 22 -23.60 -16.60 37.17
CA GLY J 22 -23.92 -18.01 37.39
C GLY J 22 -24.49 -18.71 36.17
N GLY J 23 -24.73 -20.01 36.31
CA GLY J 23 -25.30 -20.81 35.24
C GLY J 23 -24.30 -21.42 34.28
N SER J 24 -24.63 -22.57 33.69
CA SER J 24 -23.77 -23.23 32.71
C SER J 24 -24.31 -22.88 31.33
N SER J 25 -23.98 -21.68 30.81
CA SER J 25 -24.54 -21.24 29.54
C SER J 25 -23.58 -20.51 28.61
N SER J 26 -23.94 -20.44 27.33
CA SER J 26 -23.22 -19.71 26.29
C SER J 26 -23.81 -18.30 26.14
N TYR J 27 -25.09 -18.07 26.53
CA TYR J 27 -25.78 -16.79 26.38
C TYR J 27 -26.65 -16.40 27.57
N TYR J 28 -26.69 -15.09 27.86
CA TYR J 28 -27.47 -14.40 28.89
C TYR J 28 -28.42 -13.41 28.21
N GLY J 29 -29.52 -13.10 28.87
CA GLY J 29 -30.52 -12.17 28.35
C GLY J 29 -30.97 -11.18 29.41
N TRP J 30 -31.63 -10.09 29.00
CA TRP J 30 -32.12 -9.08 29.95
C TRP J 30 -33.51 -8.65 29.55
N TYR J 31 -34.43 -8.59 30.52
CA TYR J 31 -35.83 -8.28 30.26
C TYR J 31 -36.29 -7.20 31.20
N GLN J 32 -36.63 -6.04 30.65
CA GLN J 32 -37.11 -4.93 31.46
C GLN J 32 -38.59 -5.10 31.71
N GLN J 33 -39.03 -4.87 32.95
CA GLN J 33 -40.43 -4.86 33.37
C GLN J 33 -40.63 -3.54 34.11
N LYS J 34 -41.58 -2.69 33.69
CA LYS J 34 -41.79 -1.39 34.33
C LYS J 34 -42.65 -1.52 35.62
N SER J 35 -43.78 -2.19 35.51
CA SER J 35 -44.65 -2.43 36.65
C SER J 35 -44.84 -3.95 36.81
N PRO J 36 -45.19 -4.45 38.01
CA PRO J 36 -45.35 -5.91 38.19
C PRO J 36 -46.29 -6.63 37.21
N GLY J 37 -47.38 -5.97 36.83
CA GLY J 37 -48.33 -6.55 35.88
C GLY J 37 -47.87 -6.48 34.43
N SER J 38 -46.84 -5.66 34.15
CA SER J 38 -46.29 -5.43 32.82
C SER J 38 -45.61 -6.62 32.22
N ALA J 39 -45.83 -6.83 30.93
CA ALA J 39 -45.20 -7.90 30.17
C ALA J 39 -43.72 -7.55 29.98
N PRO J 40 -42.83 -8.57 30.03
CA PRO J 40 -41.40 -8.27 29.87
C PRO J 40 -41.10 -7.83 28.46
N VAL J 41 -40.10 -7.01 28.34
CA VAL J 41 -39.63 -6.50 27.07
C VAL J 41 -38.15 -6.89 27.01
N THR J 42 -37.75 -7.65 25.97
CA THR J 42 -36.35 -8.05 25.85
C THR J 42 -35.54 -6.81 25.50
N LEU J 43 -34.45 -6.58 26.21
CA LEU J 43 -33.57 -5.45 25.90
C LEU J 43 -32.40 -5.97 25.08
N ILE J 44 -31.84 -7.12 25.51
CA ILE J 44 -30.70 -7.80 24.94
C ILE J 44 -30.94 -9.31 25.00
N TYR J 45 -30.95 -9.98 23.85
CA TYR J 45 -31.01 -11.44 23.81
C TYR J 45 -29.65 -11.96 23.28
N ASN J 46 -29.34 -13.25 23.46
CA ASN J 46 -28.07 -13.83 22.98
C ASN J 46 -26.81 -12.98 23.28
N ASN J 47 -26.66 -12.55 24.55
CA ASN J 47 -25.53 -11.79 25.08
C ASN J 47 -25.41 -10.33 24.65
N GLN J 48 -25.68 -10.01 23.38
CA GLN J 48 -25.49 -8.63 22.91
C GLN J 48 -26.52 -8.16 21.89
N LYS J 49 -27.22 -9.10 21.23
CA LYS J 49 -28.24 -8.79 20.23
C LYS J 49 -29.34 -7.91 20.80
N ARG J 50 -29.60 -6.79 20.13
CA ARG J 50 -30.59 -5.84 20.60
C ARG J 50 -31.82 -5.77 19.71
N PRO J 51 -32.97 -6.22 20.22
CA PRO J 51 -34.20 -6.17 19.42
C PRO J 51 -34.60 -4.76 19.01
N SER J 52 -35.46 -4.67 17.99
CA SER J 52 -35.90 -3.38 17.45
C SER J 52 -36.45 -2.43 18.51
N ASP J 53 -36.48 -1.12 18.22
CA ASP J 53 -36.99 -0.08 19.11
C ASP J 53 -36.48 -0.17 20.58
N ILE J 54 -35.20 -0.56 20.76
CA ILE J 54 -34.49 -0.61 22.05
C ILE J 54 -33.33 0.37 21.88
N PRO J 55 -33.15 1.36 22.78
CA PRO J 55 -32.11 2.37 22.58
C PRO J 55 -30.69 1.85 22.49
N SER J 56 -29.83 2.64 21.82
CA SER J 56 -28.42 2.31 21.69
C SER J 56 -27.75 2.21 23.06
N ARG J 57 -28.19 3.04 24.03
CA ARG J 57 -27.65 3.01 25.39
C ARG J 57 -27.77 1.65 26.08
N PHE J 58 -28.61 0.74 25.55
CA PHE J 58 -28.73 -0.59 26.11
C PHE J 58 -27.71 -1.49 25.43
N SER J 59 -26.71 -1.92 26.22
CA SER J 59 -25.57 -2.68 25.71
C SER J 59 -25.45 -4.04 26.38
N GLY J 60 -25.20 -5.07 25.59
CA GLY J 60 -25.02 -6.41 26.12
C GLY J 60 -23.56 -6.78 26.27
N SER J 61 -23.21 -7.51 27.34
CA SER J 61 -21.83 -7.91 27.59
C SER J 61 -21.72 -9.29 28.28
N LYS J 62 -20.58 -9.99 28.14
CA LYS J 62 -20.40 -11.29 28.78
C LYS J 62 -18.94 -11.67 29.03
N SER J 63 -18.51 -11.73 30.30
CA SER J 63 -17.15 -12.16 30.63
C SER J 63 -17.24 -13.39 31.51
N GLY J 64 -16.85 -14.54 30.96
CA GLY J 64 -16.92 -15.82 31.66
C GLY J 64 -18.36 -16.20 31.92
N SER J 65 -18.66 -16.73 33.12
CA SER J 65 -20.05 -17.08 33.44
C SER J 65 -20.74 -15.90 34.12
N THR J 66 -20.61 -14.71 33.51
CA THR J 66 -21.21 -13.49 34.04
C THR J 66 -21.64 -12.58 32.90
N GLY J 67 -22.95 -12.34 32.79
CA GLY J 67 -23.53 -11.45 31.80
C GLY J 67 -23.73 -10.06 32.39
N THR J 68 -23.61 -9.02 31.56
CA THR J 68 -23.73 -7.64 32.07
C THR J 68 -24.48 -6.70 31.16
N LEU J 69 -25.50 -6.03 31.70
CA LEU J 69 -26.24 -5.02 30.95
C LEU J 69 -25.61 -3.67 31.27
N THR J 70 -25.39 -2.87 30.24
CA THR J 70 -24.78 -1.56 30.43
C THR J 70 -25.71 -0.50 29.87
N ILE J 71 -26.19 0.42 30.71
CA ILE J 71 -27.07 1.50 30.25
C ILE J 71 -26.20 2.75 30.16
N THR J 72 -25.65 3.01 28.98
CA THR J 72 -24.74 4.11 28.79
C THR J 72 -25.47 5.44 28.64
N GLY J 73 -25.76 6.07 29.77
CA GLY J 73 -26.43 7.36 29.76
C GLY J 73 -27.89 7.26 30.15
N VAL J 74 -28.12 6.85 31.39
CA VAL J 74 -29.41 6.68 32.04
C VAL J 74 -30.35 7.86 31.83
N GLN J 75 -31.61 7.55 31.52
CA GLN J 75 -32.71 8.51 31.37
C GLN J 75 -33.75 8.20 32.46
N ALA J 76 -34.56 9.19 32.87
CA ALA J 76 -35.58 8.96 33.91
C ALA J 76 -36.49 7.77 33.62
N GLU J 77 -36.87 7.61 32.34
CA GLU J 77 -37.72 6.52 31.87
C GLU J 77 -37.07 5.12 31.91
N ASP J 78 -35.86 5.02 32.44
CA ASP J 78 -35.18 3.73 32.57
C ASP J 78 -35.44 3.07 33.94
N GLU J 79 -36.24 3.70 34.83
CA GLU J 79 -36.60 3.17 36.13
C GLU J 79 -37.44 1.91 35.87
N ALA J 80 -36.97 0.72 36.27
CA ALA J 80 -37.66 -0.55 35.99
C ALA J 80 -36.95 -1.75 36.65
N VAL J 81 -37.63 -2.91 36.73
CA VAL J 81 -36.98 -4.12 37.21
C VAL J 81 -36.37 -4.75 35.96
N TYR J 82 -35.10 -5.13 36.03
CA TYR J 82 -34.44 -5.78 34.90
C TYR J 82 -34.19 -7.22 35.31
N PHE J 83 -34.57 -8.15 34.46
CA PHE J 83 -34.46 -9.57 34.77
C PHE J 83 -33.47 -10.27 33.89
N CYS J 84 -32.42 -10.86 34.47
CA CYS J 84 -31.49 -11.63 33.67
C CYS J 84 -31.96 -13.07 33.56
N GLY J 85 -31.69 -13.69 32.43
CA GLY J 85 -32.08 -15.07 32.20
C GLY J 85 -30.96 -15.85 31.55
N SER J 86 -30.84 -17.15 31.82
CA SER J 86 -29.79 -17.96 31.22
C SER J 86 -30.13 -19.48 31.24
N ARG J 87 -29.14 -20.38 31.32
CA ARG J 87 -29.39 -21.82 31.31
C ARG J 87 -28.54 -22.54 32.34
N ASP J 88 -29.20 -23.39 33.14
CA ASP J 88 -28.62 -24.26 34.16
C ASP J 88 -28.72 -25.71 33.64
N ASN J 89 -28.24 -26.69 34.41
CA ASN J 89 -28.47 -28.10 34.06
C ASN J 89 -29.96 -28.49 34.31
N SER J 90 -30.71 -27.69 35.09
CA SER J 90 -32.13 -27.92 35.33
C SER J 90 -32.91 -27.50 34.05
N GLY J 91 -32.92 -26.20 33.76
CA GLY J 91 -33.58 -25.62 32.61
C GLY J 91 -33.24 -24.16 32.46
N GLY J 92 -34.22 -23.36 32.12
CA GLY J 92 -34.04 -21.94 31.97
C GLY J 92 -34.08 -21.27 33.33
N ILE J 93 -33.01 -20.58 33.69
CA ILE J 93 -32.94 -19.91 34.98
C ILE J 93 -33.07 -18.41 34.89
N PHE J 94 -33.65 -17.79 35.90
CA PHE J 94 -33.82 -16.33 35.93
C PHE J 94 -33.16 -15.74 37.18
N GLY J 95 -32.92 -14.45 37.14
CA GLY J 95 -32.34 -13.70 38.25
C GLY J 95 -33.39 -13.03 39.10
N ALA J 96 -33.02 -12.63 40.33
CA ALA J 96 -33.88 -11.97 41.32
C ALA J 96 -34.63 -10.75 40.78
N GLY J 97 -33.94 -9.96 39.97
CA GLY J 97 -34.52 -8.75 39.40
C GLY J 97 -33.91 -7.53 40.03
N THR J 98 -33.14 -6.78 39.24
CA THR J 98 -32.53 -5.56 39.74
C THR J 98 -33.38 -4.37 39.39
N THR J 99 -33.90 -3.72 40.41
CA THR J 99 -34.70 -2.54 40.26
C THR J 99 -33.75 -1.37 40.13
N LEU J 100 -33.94 -0.57 39.10
CA LEU J 100 -33.11 0.59 38.87
C LEU J 100 -33.83 1.77 39.46
N THR J 101 -33.11 2.55 40.24
CA THR J 101 -33.62 3.74 40.88
C THR J 101 -32.92 4.93 40.27
N VAL J 102 -33.69 5.93 39.81
CA VAL J 102 -33.10 7.13 39.25
C VAL J 102 -33.06 8.19 40.33
N LEU J 103 -31.87 8.71 40.63
CA LEU J 103 -31.70 9.69 41.68
C LEU J 103 -32.13 11.08 41.25
N ARG J 104 -32.72 11.85 42.19
CA ARG J 104 -33.18 13.22 42.00
C ARG J 104 -33.18 14.01 43.34
N THR J 105 -33.57 15.30 43.33
CA THR J 105 -33.59 16.12 44.56
C THR J 105 -34.57 15.60 45.63
N VAL J 106 -34.34 15.98 46.90
CA VAL J 106 -35.19 15.55 48.00
C VAL J 106 -36.50 16.32 48.04
N ALA J 107 -37.61 15.64 47.74
CA ALA J 107 -38.92 16.27 47.72
C ALA J 107 -39.83 15.81 48.86
N ALA J 108 -40.48 16.76 49.51
CA ALA J 108 -41.41 16.52 50.62
C ALA J 108 -42.77 16.08 50.07
N PRO J 109 -43.46 15.14 50.73
CA PRO J 109 -44.76 14.66 50.21
C PRO J 109 -45.92 15.62 50.40
N SER J 110 -46.94 15.50 49.53
CA SER J 110 -48.18 16.27 49.63
C SER J 110 -49.11 15.39 50.46
N VAL J 111 -49.20 15.67 51.76
CA VAL J 111 -50.00 14.87 52.69
C VAL J 111 -51.50 15.20 52.58
N PHE J 112 -52.34 14.17 52.39
CA PHE J 112 -53.78 14.31 52.28
C PHE J 112 -54.51 13.32 53.18
N ILE J 113 -55.73 13.68 53.61
CA ILE J 113 -56.54 12.83 54.48
C ILE J 113 -57.97 12.71 53.92
N PHE J 114 -58.54 11.48 53.91
CA PHE J 114 -59.87 11.25 53.35
C PHE J 114 -60.84 10.46 54.25
N PRO J 115 -61.89 11.11 54.75
CA PRO J 115 -62.88 10.40 55.58
C PRO J 115 -63.73 9.41 54.78
N PRO J 116 -64.32 8.40 55.45
CA PRO J 116 -65.12 7.41 54.71
C PRO J 116 -66.44 7.99 54.22
N SER J 117 -66.91 7.52 53.07
CA SER J 117 -68.17 7.98 52.52
C SER J 117 -69.33 7.47 53.37
N ASP J 118 -70.34 8.30 53.62
CA ASP J 118 -71.50 7.89 54.42
C ASP J 118 -72.24 6.69 53.82
N GLU J 119 -72.12 6.48 52.49
CA GLU J 119 -72.71 5.31 51.84
C GLU J 119 -72.03 4.02 52.32
N GLN J 120 -70.71 4.08 52.54
CA GLN J 120 -69.90 2.98 53.03
C GLN J 120 -70.20 2.66 54.49
N LEU J 121 -70.39 3.69 55.36
CA LEU J 121 -70.67 3.46 56.79
C LEU J 121 -71.86 2.53 57.02
N LYS J 122 -72.91 2.67 56.19
CA LYS J 122 -74.12 1.85 56.24
C LYS J 122 -73.83 0.36 56.06
N SER J 123 -72.74 0.02 55.34
CA SER J 123 -72.33 -1.36 55.11
C SER J 123 -71.82 -2.02 56.39
N GLY J 124 -71.15 -1.26 57.24
CA GLY J 124 -70.63 -1.78 58.50
C GLY J 124 -69.15 -1.57 58.73
N THR J 125 -68.41 -1.21 57.67
CA THR J 125 -66.97 -0.99 57.77
C THR J 125 -66.60 0.48 57.47
N ALA J 126 -65.38 0.88 57.86
CA ALA J 126 -64.91 2.24 57.63
C ALA J 126 -63.45 2.24 57.16
N SER J 127 -63.17 2.96 56.07
CA SER J 127 -61.81 3.02 55.54
C SER J 127 -61.28 4.44 55.47
N VAL J 128 -60.32 4.78 56.35
CA VAL J 128 -59.71 6.10 56.37
C VAL J 128 -58.47 6.05 55.46
N VAL J 129 -58.39 6.96 54.48
CA VAL J 129 -57.27 6.95 53.53
C VAL J 129 -56.30 8.11 53.71
N CYS J 130 -54.99 7.83 53.85
CA CYS J 130 -53.98 8.87 53.94
C CYS J 130 -53.20 8.84 52.63
N LEU J 131 -53.08 9.99 51.98
CA LEU J 131 -52.40 10.07 50.70
C LEU J 131 -51.08 10.83 50.75
N LEU J 132 -50.00 10.14 50.39
CA LEU J 132 -48.69 10.75 50.27
C LEU J 132 -48.51 10.95 48.76
N ASN J 133 -48.14 12.16 48.32
CA ASN J 133 -48.06 12.41 46.88
C ASN J 133 -46.75 13.01 46.38
N ASN J 134 -46.22 12.43 45.28
CA ASN J 134 -45.04 12.88 44.56
C ASN J 134 -43.88 13.35 45.46
N PHE J 135 -43.26 12.43 46.22
CA PHE J 135 -42.15 12.71 47.14
C PHE J 135 -40.88 11.90 46.81
N TYR J 136 -39.73 12.25 47.41
CA TYR J 136 -38.48 11.52 47.19
C TYR J 136 -37.59 11.56 48.44
N PRO J 137 -37.04 10.41 48.91
CA PRO J 137 -37.16 9.05 48.38
C PRO J 137 -38.39 8.28 48.88
N ARG J 138 -38.53 7.00 48.51
CA ARG J 138 -39.68 6.17 48.91
C ARG J 138 -39.76 5.92 50.42
N GLU J 139 -38.65 6.11 51.15
CA GLU J 139 -38.56 5.91 52.59
C GLU J 139 -39.38 6.92 53.41
N ALA J 140 -40.59 6.53 53.84
CA ALA J 140 -41.47 7.37 54.66
C ALA J 140 -42.18 6.54 55.76
N LYS J 141 -42.63 7.22 56.83
CA LYS J 141 -43.32 6.53 57.93
C LYS J 141 -44.73 7.06 58.13
N VAL J 142 -45.72 6.16 58.17
CA VAL J 142 -47.12 6.57 58.37
C VAL J 142 -47.65 6.00 59.67
N GLN J 143 -47.99 6.87 60.62
CA GLN J 143 -48.53 6.45 61.90
C GLN J 143 -49.95 6.99 62.08
N TRP J 144 -50.89 6.13 62.47
CA TRP J 144 -52.26 6.56 62.67
C TRP J 144 -52.47 6.92 64.15
N LYS J 145 -53.18 8.03 64.42
CA LYS J 145 -53.41 8.46 65.80
C LYS J 145 -54.90 8.68 66.13
N VAL J 146 -55.67 7.58 66.20
CA VAL J 146 -57.09 7.61 66.52
C VAL J 146 -57.26 8.02 67.99
N ASP J 147 -57.78 9.25 68.21
CA ASP J 147 -57.96 9.84 69.55
C ASP J 147 -56.65 9.89 70.33
N ASN J 148 -55.54 10.17 69.62
CA ASN J 148 -54.17 10.26 70.14
C ASN J 148 -53.57 8.91 70.54
N ALA J 149 -53.95 7.82 69.85
CA ALA J 149 -53.42 6.50 70.17
C ALA J 149 -52.85 5.81 68.93
N LEU J 150 -51.70 5.13 69.07
CA LEU J 150 -51.05 4.44 67.96
C LEU J 150 -51.86 3.25 67.46
N GLN J 151 -52.10 3.19 66.14
CA GLN J 151 -52.85 2.08 65.56
C GLN J 151 -51.91 1.09 64.88
N SER J 152 -51.81 -0.11 65.44
CA SER J 152 -50.93 -1.15 64.89
C SER J 152 -51.71 -2.42 64.58
N GLY J 153 -51.41 -3.04 63.45
CA GLY J 153 -52.04 -4.28 63.02
C GLY J 153 -53.41 -4.13 62.38
N ASN J 154 -53.82 -2.89 62.07
CA ASN J 154 -55.11 -2.64 61.42
C ASN J 154 -55.03 -1.77 60.17
N SER J 155 -53.82 -1.49 59.67
CA SER J 155 -53.66 -0.65 58.48
C SER J 155 -52.73 -1.31 57.45
N GLN J 156 -53.00 -1.06 56.17
CA GLN J 156 -52.21 -1.63 55.06
C GLN J 156 -51.57 -0.52 54.24
N GLU J 157 -50.38 -0.77 53.69
CA GLU J 157 -49.70 0.24 52.87
C GLU J 157 -49.59 -0.21 51.41
N SER J 158 -49.74 0.73 50.48
CA SER J 158 -49.64 0.43 49.06
C SER J 158 -48.77 1.49 48.40
N VAL J 159 -47.74 1.06 47.64
CA VAL J 159 -46.82 1.99 46.99
C VAL J 159 -46.81 1.82 45.48
N THR J 160 -46.99 2.93 44.74
CA THR J 160 -46.93 2.90 43.28
C THR J 160 -45.48 2.93 42.80
N GLU J 161 -45.25 2.59 41.52
CA GLU J 161 -43.91 2.62 40.91
C GLU J 161 -43.37 4.07 40.84
N GLN J 162 -42.05 4.22 40.67
CA GLN J 162 -41.43 5.53 40.57
C GLN J 162 -41.85 6.19 39.23
N ASP J 163 -42.05 7.51 39.22
CA ASP J 163 -42.48 8.22 38.00
C ASP J 163 -41.38 8.31 36.95
N SER J 164 -41.78 8.29 35.69
CA SER J 164 -40.83 8.40 34.58
C SER J 164 -40.70 9.84 34.04
N LYS J 165 -41.21 10.83 34.77
CA LYS J 165 -41.14 12.23 34.37
C LYS J 165 -40.53 13.07 35.49
N ASP J 166 -40.92 12.78 36.74
CA ASP J 166 -40.41 13.50 37.91
C ASP J 166 -39.61 12.63 38.88
N SER J 167 -39.73 11.29 38.76
CA SER J 167 -39.06 10.28 39.57
C SER J 167 -39.32 10.44 41.06
N THR J 168 -40.63 10.56 41.39
CA THR J 168 -41.19 10.71 42.72
C THR J 168 -42.09 9.47 43.09
N TYR J 169 -42.60 9.39 44.32
CA TYR J 169 -43.38 8.26 44.82
C TYR J 169 -44.80 8.60 45.29
N SER J 170 -45.63 7.58 45.58
CA SER J 170 -46.96 7.79 46.14
C SER J 170 -47.33 6.62 47.05
N LEU J 171 -47.86 6.91 48.23
CA LEU J 171 -48.23 5.87 49.20
C LEU J 171 -49.64 6.10 49.74
N SER J 172 -50.43 5.02 49.88
CA SER J 172 -51.79 5.13 50.40
C SER J 172 -51.99 4.22 51.59
N SER J 173 -52.14 4.81 52.78
CA SER J 173 -52.38 4.05 53.99
C SER J 173 -53.87 3.79 54.16
N THR J 174 -54.28 2.53 54.05
CA THR J 174 -55.67 2.14 54.19
C THR J 174 -55.94 1.72 55.62
N LEU J 175 -56.70 2.55 56.37
CA LEU J 175 -57.02 2.29 57.77
C LEU J 175 -58.37 1.56 57.85
N THR J 176 -58.35 0.27 58.23
CA THR J 176 -59.55 -0.55 58.29
C THR J 176 -60.13 -0.70 59.72
N LEU J 177 -61.36 -0.20 59.94
CA LEU J 177 -62.03 -0.29 61.24
C LEU J 177 -63.53 -0.60 61.09
N SER J 178 -64.20 -0.96 62.20
CA SER J 178 -65.65 -1.22 62.15
C SER J 178 -66.43 0.11 62.24
N LYS J 179 -67.71 0.11 61.81
CA LYS J 179 -68.56 1.29 61.80
C LYS J 179 -68.67 1.90 63.21
N ALA J 180 -68.79 1.04 64.22
CA ALA J 180 -68.90 1.47 65.61
C ALA J 180 -67.58 2.08 66.10
N ASP J 181 -66.44 1.44 65.76
CA ASP J 181 -65.11 1.91 66.13
C ASP J 181 -64.83 3.30 65.56
N TYR J 182 -65.39 3.61 64.39
CA TYR J 182 -65.20 4.92 63.76
C TYR J 182 -65.98 6.04 64.46
N GLU J 183 -67.26 5.80 64.77
CA GLU J 183 -68.08 6.82 65.42
C GLU J 183 -67.68 7.10 66.87
N LYS J 184 -67.06 6.13 67.56
CA LYS J 184 -66.67 6.33 68.96
C LYS J 184 -65.56 7.36 69.14
N HIS J 185 -64.63 7.45 68.18
CA HIS J 185 -63.56 8.44 68.26
C HIS J 185 -63.87 9.67 67.42
N LYS J 186 -63.26 10.81 67.75
CA LYS J 186 -63.52 12.06 67.05
C LYS J 186 -62.31 12.57 66.25
N VAL J 187 -61.13 12.65 66.88
CA VAL J 187 -59.93 13.15 66.20
C VAL J 187 -59.22 12.06 65.41
N TYR J 188 -59.18 12.21 64.07
CA TYR J 188 -58.50 11.24 63.22
C TYR J 188 -57.29 11.85 62.54
N ALA J 189 -56.13 11.68 63.18
CA ALA J 189 -54.88 12.23 62.68
C ALA J 189 -54.04 11.21 61.92
N CYS J 190 -53.26 11.68 60.95
CA CYS J 190 -52.37 10.84 60.17
C CYS J 190 -50.99 11.49 60.15
N GLU J 191 -50.06 11.01 60.97
CA GLU J 191 -48.72 11.58 61.05
C GLU J 191 -47.78 11.01 59.99
N VAL J 192 -47.24 11.87 59.14
CA VAL J 192 -46.32 11.45 58.09
C VAL J 192 -44.91 11.96 58.36
N THR J 193 -43.96 11.03 58.54
CA THR J 193 -42.56 11.35 58.80
C THR J 193 -41.75 11.08 57.53
N HIS J 194 -41.13 12.13 56.98
CA HIS J 194 -40.32 12.00 55.77
C HIS J 194 -39.02 12.82 55.87
N GLN J 195 -38.01 12.46 55.08
CA GLN J 195 -36.72 13.17 55.06
C GLN J 195 -36.87 14.61 54.53
N GLY J 196 -37.78 14.80 53.57
CA GLY J 196 -38.04 16.11 52.99
C GLY J 196 -38.80 17.06 53.90
N LEU J 197 -39.38 16.55 54.98
CA LEU J 197 -40.11 17.35 55.95
C LEU J 197 -39.27 17.57 57.19
N SER J 198 -39.06 18.83 57.59
CA SER J 198 -38.28 19.16 58.79
C SER J 198 -39.01 18.69 60.05
N SER J 199 -40.35 18.81 60.07
CA SER J 199 -41.18 18.37 61.18
C SER J 199 -42.33 17.50 60.63
N PRO J 200 -42.64 16.37 61.29
CA PRO J 200 -43.70 15.49 60.77
C PRO J 200 -45.06 16.16 60.56
N VAL J 201 -45.54 16.14 59.32
CA VAL J 201 -46.83 16.74 58.95
C VAL J 201 -47.99 15.84 59.34
N THR J 202 -48.95 16.39 60.07
CA THR J 202 -50.10 15.61 60.51
C THR J 202 -51.40 16.16 59.92
N LYS J 203 -51.97 15.43 58.94
CA LYS J 203 -53.23 15.82 58.31
C LYS J 203 -54.38 15.16 59.07
N SER J 204 -55.25 15.96 59.70
CA SER J 204 -56.34 15.42 60.51
C SER J 204 -57.70 16.08 60.28
N PHE J 205 -58.78 15.36 60.61
CA PHE J 205 -60.16 15.84 60.52
C PHE J 205 -60.93 15.56 61.85
N ASN J 206 -62.24 15.86 61.92
CA ASN J 206 -63.00 15.63 63.15
C ASN J 206 -64.42 15.09 62.92
N ARG J 207 -64.54 13.79 62.64
CA ARG J 207 -65.83 13.13 62.41
C ARG J 207 -65.73 11.67 62.90
N VAL K 2 12.52 -24.16 39.97
CA VAL K 2 11.53 -23.13 39.61
C VAL K 2 11.48 -22.00 40.62
N THR K 3 11.59 -20.75 40.15
CA THR K 3 11.57 -19.58 41.01
C THR K 3 10.58 -18.55 40.46
N LEU K 4 9.61 -18.13 41.29
CA LEU K 4 8.65 -17.10 40.87
C LEU K 4 8.81 -15.83 41.69
N ASP K 5 9.10 -14.71 41.02
CA ASP K 5 9.23 -13.44 41.73
C ASP K 5 8.15 -12.44 41.33
N GLU K 6 7.90 -11.43 42.16
CA GLU K 6 6.88 -10.43 41.89
C GLU K 6 7.43 -9.00 41.93
N SER K 7 6.74 -8.07 41.26
CA SER K 7 7.13 -6.66 41.21
C SER K 7 7.03 -6.02 42.61
N GLY K 8 7.56 -4.80 42.75
CA GLY K 8 7.52 -4.06 44.01
C GLY K 8 6.12 -3.81 44.53
N GLY K 9 6.01 -3.69 45.85
CA GLY K 9 4.75 -3.44 46.55
C GLY K 9 4.05 -2.17 46.13
N GLY K 10 2.76 -2.08 46.39
CA GLY K 10 1.97 -0.91 46.01
C GLY K 10 1.14 -0.30 47.11
N LEU K 11 0.75 0.95 46.91
CA LEU K 11 -0.08 1.74 47.82
C LEU K 11 -0.83 2.83 47.04
N GLN K 12 -1.35 2.47 45.86
CA GLN K 12 -2.06 3.37 44.95
C GLN K 12 -3.40 3.87 45.51
N THR K 13 -3.88 5.00 44.99
CA THR K 13 -5.13 5.61 45.43
C THR K 13 -6.35 4.92 44.77
N PRO K 14 -7.50 4.84 45.47
CA PRO K 14 -8.68 4.18 44.89
C PRO K 14 -9.21 4.81 43.60
N GLY K 15 -9.79 3.97 42.75
CA GLY K 15 -10.29 4.38 41.45
C GLY K 15 -9.24 4.39 40.34
N GLY K 16 -8.00 4.07 40.70
CA GLY K 16 -6.88 4.05 39.77
C GLY K 16 -6.53 2.67 39.27
N THR K 17 -5.36 2.54 38.64
CA THR K 17 -4.93 1.27 38.07
C THR K 17 -3.80 0.63 38.87
N LEU K 18 -3.62 -0.69 38.72
CA LEU K 18 -2.58 -1.43 39.42
C LEU K 18 -1.81 -2.32 38.44
N SER K 19 -0.48 -2.20 38.43
CA SER K 19 0.35 -3.02 37.56
C SER K 19 1.25 -3.94 38.40
N LEU K 20 1.25 -5.24 38.08
CA LEU K 20 2.08 -6.25 38.74
C LEU K 20 2.84 -7.09 37.69
N VAL K 21 3.89 -7.81 38.12
CA VAL K 21 4.67 -8.63 37.17
C VAL K 21 5.17 -9.92 37.83
N CYS K 22 5.51 -10.96 37.03
CA CYS K 22 6.00 -12.21 37.59
C CYS K 22 7.15 -12.84 36.82
N LYS K 23 8.33 -12.87 37.42
CA LYS K 23 9.49 -13.48 36.80
C LYS K 23 9.41 -15.00 36.96
N GLY K 24 9.33 -15.70 35.84
CA GLY K 24 9.28 -17.15 35.84
C GLY K 24 10.59 -17.75 35.37
N SER K 25 11.37 -18.30 36.32
CA SER K 25 12.67 -18.88 35.99
C SER K 25 12.77 -20.36 36.44
N GLY K 26 13.68 -21.10 35.83
CA GLY K 26 13.89 -22.50 36.16
C GLY K 26 12.98 -23.47 35.45
N PHE K 27 12.31 -23.02 34.38
CA PHE K 27 11.37 -23.84 33.60
C PHE K 27 11.08 -23.24 32.21
N THR K 28 10.38 -24.00 31.36
CA THR K 28 10.04 -23.53 30.02
C THR K 28 8.75 -22.71 30.06
N PHE K 29 8.88 -21.40 30.32
CA PHE K 29 7.77 -20.44 30.28
C PHE K 29 7.30 -20.38 28.79
N SER K 30 6.00 -20.10 28.55
CA SER K 30 5.40 -20.13 27.20
C SER K 30 5.13 -21.55 26.70
N SER K 31 5.05 -22.48 27.65
CA SER K 31 4.70 -23.89 27.53
C SER K 31 3.78 -24.32 28.72
N TYR K 32 3.45 -23.37 29.64
CA TYR K 32 2.59 -23.56 30.80
C TYR K 32 1.64 -22.37 30.99
N GLU K 33 0.38 -22.64 31.35
CA GLU K 33 -0.61 -21.61 31.65
C GLU K 33 -0.21 -20.92 32.97
N MET K 34 -0.40 -19.61 33.05
CA MET K 34 -0.07 -18.86 34.27
C MET K 34 -1.31 -18.24 34.90
N GLN K 35 -1.33 -18.10 36.22
CA GLN K 35 -2.50 -17.50 36.89
C GLN K 35 -2.15 -16.61 38.07
N TRP K 36 -3.04 -15.67 38.40
CA TRP K 36 -2.85 -14.78 39.54
C TRP K 36 -3.79 -15.17 40.67
N VAL K 37 -3.31 -15.10 41.92
CA VAL K 37 -4.09 -15.42 43.12
C VAL K 37 -3.92 -14.28 44.13
N ARG K 38 -4.98 -13.90 44.87
CA ARG K 38 -4.87 -12.88 45.90
C ARG K 38 -5.39 -13.37 47.24
N GLN K 39 -4.86 -12.84 48.33
CA GLN K 39 -5.30 -13.21 49.68
C GLN K 39 -5.57 -11.97 50.51
N ALA K 40 -6.83 -11.72 50.85
CA ALA K 40 -7.24 -10.57 51.65
C ALA K 40 -6.76 -10.69 53.12
N PRO K 41 -6.67 -9.56 53.87
CA PRO K 41 -6.21 -9.64 55.27
C PRO K 41 -7.02 -10.58 56.15
N GLY K 42 -6.43 -11.72 56.49
CA GLY K 42 -7.05 -12.74 57.33
C GLY K 42 -8.14 -13.53 56.65
N LYS K 43 -8.22 -13.45 55.30
CA LYS K 43 -9.23 -14.16 54.52
C LYS K 43 -8.59 -15.28 53.66
N GLY K 44 -9.43 -16.08 53.00
CA GLY K 44 -8.98 -17.18 52.16
C GLY K 44 -8.31 -16.80 50.86
N LEU K 45 -8.10 -17.78 49.99
CA LEU K 45 -7.45 -17.58 48.71
C LEU K 45 -8.48 -17.28 47.62
N GLU K 46 -8.21 -16.26 46.81
CA GLU K 46 -9.13 -15.83 45.77
C GLU K 46 -8.45 -15.80 44.40
N TRP K 47 -8.86 -16.70 43.48
CA TRP K 47 -8.28 -16.73 42.15
C TRP K 47 -8.62 -15.46 41.40
N VAL K 48 -7.57 -14.76 40.96
CA VAL K 48 -7.65 -13.48 40.25
C VAL K 48 -7.81 -13.66 38.74
N ALA K 49 -6.88 -14.38 38.08
CA ALA K 49 -6.94 -14.55 36.62
C ALA K 49 -6.18 -15.83 36.14
N ASP K 50 -6.29 -16.21 34.84
CA ASP K 50 -5.58 -17.34 34.24
C ASP K 50 -5.42 -17.12 32.72
N ILE K 51 -4.18 -17.19 32.23
CA ILE K 51 -3.86 -16.95 30.83
C ILE K 51 -3.23 -18.17 30.18
N CYS K 52 -3.88 -18.72 29.14
CA CYS K 52 -3.38 -19.89 28.45
C CYS K 52 -2.12 -19.58 27.60
N ILE K 53 -1.39 -20.65 27.23
CA ILE K 53 -0.16 -20.66 26.43
C ILE K 53 -0.36 -19.88 25.15
N GLY K 54 0.52 -18.92 24.91
CA GLY K 54 0.44 -18.06 23.75
C GLY K 54 -0.63 -16.98 23.84
N GLY K 55 -1.04 -16.67 25.08
CA GLY K 55 -2.07 -15.68 25.38
C GLY K 55 -3.37 -15.88 24.64
N SER K 56 -3.58 -17.10 24.11
CA SER K 56 -4.74 -17.46 23.31
C SER K 56 -6.05 -17.30 24.06
N TYR K 57 -6.10 -17.75 25.32
CA TYR K 57 -7.32 -17.62 26.11
C TYR K 57 -7.10 -16.86 27.40
N THR K 58 -8.10 -16.10 27.81
CA THR K 58 -8.01 -15.30 29.03
C THR K 58 -9.23 -15.53 29.93
N GLY K 59 -9.04 -15.40 31.23
CA GLY K 59 -10.13 -15.60 32.18
C GLY K 59 -9.93 -14.81 33.47
N TYR K 60 -10.96 -14.09 33.93
CA TYR K 60 -10.85 -13.29 35.15
C TYR K 60 -11.76 -13.80 36.29
N GLY K 61 -11.49 -13.32 37.50
CA GLY K 61 -12.26 -13.67 38.69
C GLY K 61 -13.51 -12.84 38.83
N PRO K 62 -14.39 -13.21 39.78
CA PRO K 62 -15.65 -12.48 39.93
C PRO K 62 -15.53 -11.04 40.44
N ALA K 63 -14.60 -10.77 41.36
CA ALA K 63 -14.41 -9.43 41.89
C ALA K 63 -13.75 -8.49 40.89
N VAL K 64 -12.88 -9.02 40.03
CA VAL K 64 -12.15 -8.22 39.06
C VAL K 64 -12.73 -8.29 37.64
N LYS K 65 -13.94 -8.82 37.47
CA LYS K 65 -14.58 -8.95 36.15
C LYS K 65 -14.76 -7.57 35.51
N GLY K 66 -14.30 -7.42 34.28
CA GLY K 66 -14.38 -6.16 33.54
C GLY K 66 -13.43 -5.08 34.02
N ARG K 67 -12.46 -5.44 34.87
CA ARG K 67 -11.47 -4.51 35.42
C ARG K 67 -10.06 -5.06 35.25
N ALA K 68 -9.91 -6.38 35.41
CA ALA K 68 -8.62 -7.05 35.27
C ALA K 68 -8.18 -7.17 33.81
N THR K 69 -6.86 -7.32 33.59
CA THR K 69 -6.26 -7.53 32.27
C THR K 69 -4.88 -8.19 32.44
N ILE K 70 -4.75 -9.42 31.92
CA ILE K 70 -3.48 -10.16 32.02
C ILE K 70 -2.63 -10.00 30.76
N SER K 71 -1.30 -10.15 30.87
CA SER K 71 -0.42 -10.00 29.72
C SER K 71 0.86 -10.79 29.84
N ARG K 72 1.03 -11.85 29.04
CA ARG K 72 2.27 -12.61 29.05
C ARG K 72 3.24 -12.12 27.97
N ASP K 73 4.45 -11.75 28.37
CA ASP K 73 5.49 -11.35 27.43
C ASP K 73 6.42 -12.54 27.44
N ASP K 74 6.23 -13.46 26.50
CA ASP K 74 6.99 -14.70 26.42
C ASP K 74 8.49 -14.48 26.19
N GLY K 75 8.85 -13.42 25.47
CA GLY K 75 10.24 -13.07 25.26
C GLY K 75 10.91 -12.61 26.54
N GLN K 76 10.16 -11.91 27.40
CA GLN K 76 10.65 -11.44 28.70
C GLN K 76 10.44 -12.47 29.83
N SER K 77 9.59 -13.49 29.60
CA SER K 77 9.15 -14.54 30.53
C SER K 77 8.47 -13.94 31.77
N THR K 78 7.43 -13.12 31.54
CA THR K 78 6.68 -12.42 32.59
C THR K 78 5.15 -12.40 32.39
N VAL K 79 4.40 -12.24 33.50
CA VAL K 79 2.94 -12.16 33.55
C VAL K 79 2.53 -10.85 34.18
N ARG K 80 1.86 -10.00 33.43
CA ARG K 80 1.42 -8.69 33.92
C ARG K 80 -0.02 -8.73 34.46
N LEU K 81 -0.32 -7.86 35.43
CA LEU K 81 -1.66 -7.79 36.03
C LEU K 81 -2.16 -6.35 36.07
N GLN K 82 -3.05 -5.98 35.15
CA GLN K 82 -3.63 -4.65 35.13
C GLN K 82 -4.97 -4.71 35.87
N LEU K 83 -5.29 -3.70 36.69
CA LEU K 83 -6.55 -3.67 37.42
C LEU K 83 -7.03 -2.24 37.66
N ASN K 84 -8.02 -1.80 36.88
CA ASN K 84 -8.56 -0.44 37.02
C ASN K 84 -9.74 -0.39 38.00
N ASN K 85 -10.09 0.84 38.48
CA ASN K 85 -11.18 1.12 39.43
C ASN K 85 -10.91 0.47 40.79
N LEU K 86 -9.69 0.67 41.34
CA LEU K 86 -9.23 0.11 42.61
C LEU K 86 -10.16 0.33 43.82
N ARG K 87 -10.61 -0.76 44.44
CA ARG K 87 -11.52 -0.73 45.59
C ARG K 87 -10.84 -1.22 46.88
N ALA K 88 -11.48 -1.02 48.04
CA ALA K 88 -10.95 -1.45 49.33
C ALA K 88 -10.71 -2.97 49.35
N GLU K 89 -11.60 -3.73 48.70
CA GLU K 89 -11.54 -5.20 48.60
C GLU K 89 -10.28 -5.70 47.91
N ASP K 90 -9.66 -4.89 47.05
CA ASP K 90 -8.44 -5.27 46.33
C ASP K 90 -7.16 -5.19 47.18
N THR K 91 -7.28 -4.95 48.49
CA THR K 91 -6.14 -4.86 49.38
C THR K 91 -5.74 -6.25 49.85
N GLY K 92 -4.45 -6.60 49.74
CA GLY K 92 -3.95 -7.89 50.17
C GLY K 92 -2.61 -8.31 49.59
N THR K 93 -2.23 -9.60 49.79
CA THR K 93 -0.98 -10.14 49.27
C THR K 93 -1.27 -10.98 48.02
N TYR K 94 -0.62 -10.64 46.90
CA TYR K 94 -0.87 -11.31 45.62
C TYR K 94 0.26 -12.26 45.23
N TYR K 95 -0.08 -13.49 44.85
CA TYR K 95 0.87 -14.51 44.41
C TYR K 95 0.56 -14.93 42.98
N CYS K 96 1.57 -15.36 42.22
CA CYS K 96 1.33 -15.93 40.89
C CYS K 96 1.59 -17.43 40.93
N ALA K 97 0.93 -18.18 40.05
CA ALA K 97 1.00 -19.63 40.05
C ALA K 97 1.31 -20.21 38.65
N LYS K 98 1.70 -21.49 38.58
CA LYS K 98 2.01 -22.14 37.33
C LYS K 98 1.39 -23.53 37.33
N THR K 99 0.71 -23.92 36.25
CA THR K 99 0.15 -25.26 36.15
C THR K 99 1.27 -26.29 35.95
N ALA K 100 1.03 -27.54 36.32
CA ALA K 100 2.04 -28.60 36.20
C ALA K 100 2.11 -29.25 34.84
N ARG K 101 1.05 -29.11 34.03
CA ARG K 101 1.01 -29.74 32.73
C ARG K 101 1.39 -28.81 31.59
N SER K 102 2.28 -29.30 30.75
CA SER K 102 2.73 -28.57 29.57
C SER K 102 1.62 -28.59 28.53
N ASP K 103 1.45 -27.48 27.76
CA ASP K 103 0.42 -27.36 26.71
C ASP K 103 -0.95 -27.85 27.19
N TYR K 104 -1.35 -27.35 28.36
CA TYR K 104 -2.58 -27.75 29.01
C TYR K 104 -3.10 -26.54 29.73
N CYS K 105 -4.36 -26.20 29.48
CA CYS K 105 -5.03 -25.09 30.11
C CYS K 105 -6.55 -25.33 30.13
N ILE K 106 -7.04 -25.97 31.21
CA ILE K 106 -8.47 -26.28 31.44
C ILE K 106 -8.96 -25.46 32.65
N THR K 107 -10.27 -25.24 32.75
CA THR K 107 -10.84 -24.51 33.88
C THR K 107 -10.82 -25.40 35.12
N GLY K 108 -10.15 -24.94 36.18
CA GLY K 108 -10.02 -25.71 37.40
C GLY K 108 -8.76 -25.37 38.15
N LEU K 109 -8.86 -25.24 39.49
CA LEU K 109 -7.74 -24.84 40.33
C LEU K 109 -6.99 -25.97 41.01
N ASP K 110 -6.85 -27.06 40.29
CA ASP K 110 -5.98 -28.16 40.68
C ASP K 110 -4.74 -28.02 39.73
N ASP K 111 -3.73 -28.86 39.93
CA ASP K 111 -2.54 -28.87 39.10
C ASP K 111 -1.60 -27.66 39.26
N ILE K 112 -1.90 -26.63 40.13
CA ILE K 112 -0.90 -25.57 40.37
C ILE K 112 0.30 -26.25 41.09
N ASP K 113 1.51 -26.21 40.50
CA ASP K 113 2.67 -26.84 41.14
C ASP K 113 3.71 -25.82 41.65
N ALA K 114 3.58 -24.54 41.28
CA ALA K 114 4.51 -23.52 41.68
C ALA K 114 3.82 -22.32 42.27
N TRP K 115 4.42 -21.68 43.27
CA TRP K 115 3.86 -20.48 43.87
C TRP K 115 4.92 -19.39 44.11
N GLY K 116 4.56 -18.15 43.83
CA GLY K 116 5.43 -17.01 44.06
C GLY K 116 5.47 -16.58 45.51
N HIS K 117 6.50 -15.82 45.90
CA HIS K 117 6.66 -15.35 47.28
C HIS K 117 5.53 -14.44 47.76
N GLY K 118 5.06 -13.58 46.88
CA GLY K 118 3.97 -12.65 47.17
C GLY K 118 4.40 -11.21 47.35
N THR K 119 3.52 -10.27 46.99
CA THR K 119 3.79 -8.86 47.16
C THR K 119 2.53 -8.15 47.68
N GLU K 120 2.71 -7.16 48.56
CA GLU K 120 1.60 -6.47 49.19
C GLU K 120 1.07 -5.26 48.42
N VAL K 121 -0.26 -5.13 48.36
CA VAL K 121 -0.95 -4.02 47.73
C VAL K 121 -2.00 -3.47 48.70
N ILE K 122 -1.91 -2.19 49.04
CA ILE K 122 -2.83 -1.54 49.97
C ILE K 122 -3.60 -0.42 49.27
N VAL K 123 -4.90 -0.63 49.02
CA VAL K 123 -5.72 0.40 48.36
C VAL K 123 -6.21 1.44 49.37
N SER K 124 -5.50 2.58 49.44
CA SER K 124 -5.83 3.67 50.36
C SER K 124 -5.23 4.99 49.86
N SER K 125 -5.95 6.10 50.08
CA SER K 125 -5.47 7.42 49.67
C SER K 125 -4.83 8.21 50.83
N ALA K 126 -4.35 7.50 51.86
CA ALA K 126 -3.72 8.15 53.01
C ALA K 126 -2.21 8.31 52.81
N SER K 127 -1.64 9.36 53.42
CA SER K 127 -0.20 9.61 53.33
C SER K 127 0.58 8.57 54.12
N THR K 128 1.76 8.17 53.62
CA THR K 128 2.59 7.18 54.30
C THR K 128 3.16 7.74 55.60
N LYS K 129 2.62 7.28 56.73
CA LYS K 129 3.06 7.73 58.06
C LYS K 129 4.41 7.16 58.46
N GLY K 130 5.25 8.00 59.06
CA GLY K 130 6.56 7.61 59.52
C GLY K 130 6.50 6.70 60.72
N PRO K 131 7.31 5.63 60.73
CA PRO K 131 7.26 4.69 61.86
C PRO K 131 7.95 5.20 63.13
N SER K 132 7.31 5.02 64.29
CA SER K 132 7.87 5.44 65.57
C SER K 132 8.23 4.22 66.39
N VAL K 133 9.53 4.01 66.65
CA VAL K 133 10.00 2.85 67.39
C VAL K 133 10.20 3.21 68.86
N PHE K 134 9.54 2.49 69.78
CA PHE K 134 9.67 2.77 71.21
C PHE K 134 10.24 1.58 71.98
N PRO K 135 11.25 1.80 72.82
CA PRO K 135 11.85 0.67 73.57
C PRO K 135 11.05 0.26 74.79
N LEU K 136 10.78 -1.05 74.93
CA LEU K 136 10.04 -1.58 76.07
C LEU K 136 10.98 -2.40 76.96
N ALA K 137 11.21 -1.94 78.18
CA ALA K 137 12.10 -2.64 79.12
C ALA K 137 11.35 -3.12 80.35
N PRO K 138 11.62 -4.36 80.81
CA PRO K 138 10.92 -4.86 82.00
C PRO K 138 11.49 -4.30 83.31
N SER K 139 10.67 -4.30 84.37
CA SER K 139 11.10 -3.80 85.67
C SER K 139 11.43 -4.94 86.61
N SER K 144 12.17 -10.72 86.94
CA SER K 144 11.96 -11.93 86.16
C SER K 144 12.68 -13.13 86.77
N GLY K 145 13.89 -12.90 87.25
CA GLY K 145 14.69 -13.95 87.88
C GLY K 145 15.50 -14.78 86.91
N GLY K 146 14.82 -15.62 86.14
CA GLY K 146 15.48 -16.50 85.18
C GLY K 146 15.42 -16.03 83.74
N THR K 147 14.21 -15.97 83.17
CA THR K 147 14.04 -15.56 81.78
C THR K 147 13.48 -14.15 81.66
N ALA K 148 14.27 -13.24 81.07
CA ALA K 148 13.84 -11.85 80.87
C ALA K 148 13.25 -11.64 79.48
N ALA K 149 12.40 -10.61 79.31
CA ALA K 149 11.79 -10.33 78.03
C ALA K 149 12.05 -8.90 77.54
N LEU K 150 12.77 -8.77 76.44
CA LEU K 150 13.06 -7.47 75.84
C LEU K 150 12.36 -7.38 74.48
N GLY K 151 11.88 -6.19 74.14
CA GLY K 151 11.18 -5.99 72.88
C GLY K 151 10.94 -4.54 72.53
N CYS K 152 10.48 -4.32 71.30
CA CYS K 152 10.18 -2.98 70.79
C CYS K 152 8.76 -2.88 70.23
N LEU K 153 8.28 -1.67 69.96
CA LEU K 153 6.92 -1.47 69.47
C LEU K 153 6.86 -0.44 68.33
N VAL K 154 6.17 -0.78 67.24
CA VAL K 154 6.04 0.11 66.08
C VAL K 154 4.62 0.68 66.08
N LYS K 155 4.45 1.93 66.52
CA LYS K 155 3.12 2.55 66.56
C LYS K 155 3.01 3.74 65.58
N ASP K 156 1.78 4.04 65.14
CA ASP K 156 1.44 5.14 64.22
C ASP K 156 2.12 5.03 62.86
N TYR K 157 2.11 3.83 62.27
CA TYR K 157 2.71 3.62 60.95
C TYR K 157 1.66 3.10 59.97
N PHE K 158 1.78 3.50 58.69
CA PHE K 158 0.84 3.10 57.65
C PHE K 158 1.47 3.39 56.29
N PRO K 159 1.41 2.45 55.33
CA PRO K 159 0.75 1.14 55.37
C PRO K 159 1.72 -0.03 55.61
N GLU K 160 1.19 -1.26 55.59
CA GLU K 160 1.96 -2.51 55.77
C GLU K 160 2.81 -2.79 54.52
N PRO K 161 3.89 -3.60 54.60
CA PRO K 161 4.40 -4.35 55.76
C PRO K 161 5.63 -3.72 56.44
N VAL K 162 6.17 -4.40 57.46
CA VAL K 162 7.36 -3.94 58.18
C VAL K 162 8.27 -5.13 58.55
N THR K 163 9.51 -5.11 58.07
CA THR K 163 10.44 -6.20 58.35
C THR K 163 11.37 -5.87 59.51
N VAL K 164 11.16 -6.54 60.66
CA VAL K 164 11.99 -6.32 61.84
C VAL K 164 12.93 -7.48 62.06
N SER K 165 14.25 -7.22 62.03
CA SER K 165 15.24 -8.28 62.22
C SER K 165 16.21 -7.94 63.34
N TRP K 166 16.35 -8.83 64.32
CA TRP K 166 17.26 -8.60 65.44
C TRP K 166 18.69 -8.93 65.03
N ASN K 167 19.62 -7.99 65.28
CA ASN K 167 21.05 -8.09 64.94
C ASN K 167 21.31 -8.31 63.45
N SER K 168 20.46 -7.71 62.59
CA SER K 168 20.52 -7.80 61.13
C SER K 168 20.42 -9.22 60.59
N GLY K 169 19.62 -10.05 61.25
CA GLY K 169 19.40 -11.43 60.83
C GLY K 169 20.22 -12.48 61.56
N ALA K 170 21.02 -12.06 62.55
CA ALA K 170 21.86 -13.00 63.30
C ALA K 170 21.06 -13.69 64.41
N LEU K 171 20.22 -12.93 65.11
CA LEU K 171 19.41 -13.49 66.20
C LEU K 171 18.05 -13.93 65.69
N THR K 172 17.84 -15.25 65.58
CA THR K 172 16.57 -15.79 65.09
C THR K 172 15.87 -16.67 66.13
N SER K 173 16.61 -17.25 67.08
CA SER K 173 16.03 -18.11 68.11
C SER K 173 15.29 -17.33 69.18
N GLY K 174 14.04 -17.71 69.44
CA GLY K 174 13.21 -17.07 70.45
C GLY K 174 12.64 -15.72 70.01
N VAL K 175 12.49 -15.52 68.70
CA VAL K 175 11.95 -14.28 68.17
C VAL K 175 10.49 -14.44 67.73
N HIS K 176 9.57 -13.71 68.35
CA HIS K 176 8.16 -13.79 68.00
C HIS K 176 7.66 -12.53 67.32
N THR K 177 7.07 -12.65 66.12
CA THR K 177 6.54 -11.50 65.40
C THR K 177 5.02 -11.49 65.47
N PHE K 178 4.45 -10.42 66.02
CA PHE K 178 3.01 -10.29 66.18
C PHE K 178 2.37 -9.51 65.04
N PRO K 179 1.20 -9.93 64.55
CA PRO K 179 0.55 -9.19 63.46
C PRO K 179 -0.03 -7.86 63.94
N ALA K 180 -0.05 -6.85 63.07
CA ALA K 180 -0.56 -5.53 63.42
C ALA K 180 -2.08 -5.48 63.45
N VAL K 181 -2.63 -4.61 64.31
CA VAL K 181 -4.08 -4.45 64.44
C VAL K 181 -4.49 -3.01 64.12
N LEU K 182 -5.68 -2.84 63.55
CA LEU K 182 -6.17 -1.51 63.19
C LEU K 182 -6.73 -0.79 64.42
N GLN K 183 -6.04 0.25 64.88
CA GLN K 183 -6.44 1.02 66.06
C GLN K 183 -7.66 1.95 65.78
N SER K 184 -8.22 2.56 66.84
CA SER K 184 -9.38 3.45 66.75
C SER K 184 -9.14 4.68 65.87
N SER K 185 -7.91 5.18 65.82
CA SER K 185 -7.58 6.34 64.99
C SER K 185 -7.51 5.98 63.50
N GLY K 186 -7.04 4.78 63.20
CA GLY K 186 -6.91 4.30 61.83
C GLY K 186 -5.50 3.89 61.45
N LEU K 187 -4.63 3.65 62.44
CA LEU K 187 -3.25 3.26 62.20
C LEU K 187 -2.94 1.86 62.77
N TYR K 188 -1.90 1.21 62.27
CA TYR K 188 -1.53 -0.12 62.73
C TYR K 188 -0.52 -0.11 63.88
N SER K 189 -0.46 -1.20 64.66
CA SER K 189 0.46 -1.31 65.78
C SER K 189 1.09 -2.70 65.81
N LEU K 190 2.36 -2.80 65.42
CA LEU K 190 3.07 -4.08 65.39
C LEU K 190 4.03 -4.22 66.56
N SER K 191 4.14 -5.42 67.13
CA SER K 191 5.05 -5.66 68.25
C SER K 191 5.93 -6.89 68.03
N SER K 192 7.12 -6.90 68.62
CA SER K 192 8.05 -8.02 68.48
C SER K 192 8.89 -8.19 69.73
N VAL K 193 8.92 -9.40 70.30
CA VAL K 193 9.69 -9.67 71.51
C VAL K 193 10.69 -10.80 71.33
N VAL K 194 11.75 -10.81 72.16
CA VAL K 194 12.77 -11.85 72.11
C VAL K 194 13.11 -12.36 73.53
N THR K 195 12.93 -13.66 73.76
CA THR K 195 13.18 -14.25 75.07
C THR K 195 14.66 -14.60 75.28
N VAL K 196 15.32 -13.88 76.20
CA VAL K 196 16.73 -14.10 76.53
C VAL K 196 16.90 -14.21 78.05
N PRO K 197 17.86 -15.04 78.52
CA PRO K 197 18.03 -15.20 79.98
C PRO K 197 18.55 -13.94 80.68
N SER K 198 18.40 -13.88 82.01
CA SER K 198 18.82 -12.73 82.81
C SER K 198 20.35 -12.58 82.95
N SER K 199 21.11 -13.63 82.61
CA SER K 199 22.57 -13.58 82.71
C SER K 199 23.22 -12.74 81.61
N SER K 200 22.54 -12.55 80.47
CA SER K 200 23.08 -11.78 79.36
C SER K 200 22.71 -10.28 79.39
N LEU K 201 22.09 -9.81 80.49
CA LEU K 201 21.71 -8.40 80.60
C LEU K 201 22.89 -7.53 81.00
N GLY K 202 23.65 -7.08 80.00
CA GLY K 202 24.82 -6.24 80.22
C GLY K 202 25.99 -6.59 79.33
N THR K 203 26.21 -7.89 79.10
CA THR K 203 27.30 -8.35 78.24
C THR K 203 26.94 -8.38 76.75
N GLN K 204 25.64 -8.40 76.41
CA GLN K 204 25.21 -8.45 75.02
C GLN K 204 24.44 -7.19 74.61
N THR K 205 24.47 -6.86 73.31
CA THR K 205 23.77 -5.69 72.78
C THR K 205 22.65 -6.11 71.84
N TYR K 206 21.41 -5.71 72.14
CA TYR K 206 20.26 -6.05 71.32
C TYR K 206 19.67 -4.82 70.64
N ILE K 207 19.55 -4.85 69.31
CA ILE K 207 18.98 -3.72 68.56
C ILE K 207 17.77 -4.11 67.74
N CYS K 208 16.64 -3.43 67.97
CA CYS K 208 15.44 -3.69 67.18
C CYS K 208 15.46 -2.84 65.91
N ASN K 209 15.88 -3.45 64.79
CA ASN K 209 15.99 -2.76 63.51
C ASN K 209 14.67 -2.82 62.75
N VAL K 210 14.04 -1.65 62.55
CA VAL K 210 12.74 -1.54 61.88
C VAL K 210 12.88 -1.00 60.46
N ASN K 211 12.24 -1.66 59.48
CA ASN K 211 12.29 -1.22 58.09
C ASN K 211 10.90 -1.00 57.50
N HIS K 212 10.60 0.25 57.12
CA HIS K 212 9.32 0.60 56.52
C HIS K 212 9.58 0.95 55.06
N LYS K 213 9.23 0.04 54.14
CA LYS K 213 9.45 0.22 52.70
C LYS K 213 8.67 1.40 52.04
N PRO K 214 7.38 1.65 52.34
CA PRO K 214 6.68 2.76 51.66
C PRO K 214 7.20 4.16 51.99
N SER K 215 7.72 4.36 53.20
CA SER K 215 8.24 5.67 53.61
C SER K 215 9.78 5.74 53.68
N ASN K 216 10.48 4.61 53.49
CA ASN K 216 11.93 4.50 53.55
C ASN K 216 12.54 5.02 54.85
N THR K 217 12.18 4.38 55.98
CA THR K 217 12.68 4.80 57.28
C THR K 217 13.35 3.64 58.02
N LYS K 218 14.66 3.76 58.27
CA LYS K 218 15.39 2.72 58.98
C LYS K 218 15.96 3.26 60.29
N VAL K 219 15.25 3.03 61.40
CA VAL K 219 15.68 3.51 62.72
C VAL K 219 16.16 2.35 63.60
N ASP K 220 17.42 2.40 64.03
CA ASP K 220 17.98 1.35 64.89
C ASP K 220 17.82 1.73 66.35
N LYS K 221 16.78 1.21 67.01
CA LYS K 221 16.52 1.51 68.41
C LYS K 221 17.10 0.41 69.31
N LYS K 222 17.83 0.80 70.35
CA LYS K 222 18.41 -0.14 71.30
C LYS K 222 17.49 -0.33 72.51
N VAL K 223 17.52 -1.52 73.12
CA VAL K 223 16.67 -1.84 74.27
C VAL K 223 17.51 -2.07 75.50
N GLU K 224 17.44 -1.14 76.46
CA GLU K 224 18.24 -1.24 77.67
C GLU K 224 17.39 -1.16 78.93
N PRO K 225 17.46 -2.16 79.81
CA PRO K 225 16.67 -2.14 81.04
C PRO K 225 17.43 -1.49 82.20
N LEU L 2 -18.32 -25.43 47.13
CA LEU L 2 -16.98 -25.89 47.52
C LEU L 2 -16.82 -25.96 49.05
N THR L 3 -17.29 -27.04 49.67
CA THR L 3 -17.22 -27.18 51.12
C THR L 3 -15.96 -27.90 51.60
N GLN L 4 -15.30 -27.29 52.60
CA GLN L 4 -14.08 -27.80 53.21
C GLN L 4 -14.16 -27.51 54.72
N PRO L 5 -13.92 -28.51 55.58
CA PRO L 5 -14.03 -28.29 57.03
C PRO L 5 -13.30 -27.07 57.59
N SER L 6 -13.90 -26.42 58.59
CA SER L 6 -13.31 -25.25 59.22
C SER L 6 -12.01 -25.59 59.93
N SER L 7 -11.98 -26.74 60.62
CA SER L 7 -10.80 -27.20 61.34
C SER L 7 -10.84 -28.71 61.57
N VAL L 8 -9.66 -29.33 61.73
CA VAL L 8 -9.57 -30.76 62.03
C VAL L 8 -8.65 -30.99 63.24
N SER L 9 -8.91 -32.05 64.02
CA SER L 9 -8.10 -32.35 65.19
C SER L 9 -7.43 -33.72 65.09
N ALA L 10 -6.09 -33.78 65.30
CA ALA L 10 -5.29 -35.01 65.25
C ALA L 10 -3.90 -34.85 65.86
N ASN L 11 -3.53 -35.75 66.79
CA ASN L 11 -2.23 -35.79 67.49
C ASN L 11 -1.10 -36.40 66.61
N PRO L 12 0.19 -36.16 66.94
CA PRO L 12 1.29 -36.70 66.10
C PRO L 12 1.43 -38.22 65.99
N GLY L 13 1.89 -38.68 64.83
CA GLY L 13 2.06 -40.09 64.55
C GLY L 13 0.82 -40.77 63.97
N GLU L 14 -0.34 -40.19 64.25
CA GLU L 14 -1.63 -40.68 63.79
C GLU L 14 -1.90 -40.20 62.35
N THR L 15 -2.83 -40.85 61.64
CA THR L 15 -3.15 -40.48 60.27
C THR L 15 -4.36 -39.51 60.23
N VAL L 16 -4.27 -38.46 59.41
CA VAL L 16 -5.27 -37.39 59.31
C VAL L 16 -5.97 -37.42 57.94
N LYS L 17 -7.30 -37.18 57.89
CA LYS L 17 -8.03 -37.18 56.63
C LYS L 17 -8.85 -35.90 56.44
N ILE L 18 -8.53 -35.08 55.43
CA ILE L 18 -9.27 -33.85 55.16
C ILE L 18 -10.10 -33.98 53.90
N THR L 19 -11.44 -33.96 54.02
CA THR L 19 -12.31 -34.11 52.85
C THR L 19 -12.59 -32.76 52.18
N CYS L 20 -13.09 -32.77 50.94
CA CYS L 20 -13.43 -31.57 50.19
C CYS L 20 -14.50 -31.90 49.17
N SER L 21 -15.68 -31.30 49.29
CA SER L 21 -16.79 -31.53 48.37
C SER L 21 -17.12 -30.28 47.57
N GLY L 22 -17.92 -30.40 46.51
CA GLY L 22 -18.27 -29.27 45.66
C GLY L 22 -17.86 -29.45 44.21
N ASP L 26 -11.79 -32.79 39.20
CA ASP L 26 -10.43 -32.98 39.73
C ASP L 26 -10.16 -32.07 40.95
N TYR L 27 -9.28 -32.49 41.89
CA TYR L 27 -8.97 -31.69 43.09
C TYR L 27 -7.48 -31.47 43.38
N GLY L 28 -7.16 -30.37 44.04
CA GLY L 28 -5.81 -30.00 44.45
C GLY L 28 -5.76 -29.47 45.87
N TRP L 29 -4.60 -29.59 46.54
CA TRP L 29 -4.38 -29.18 47.94
C TRP L 29 -3.13 -28.33 48.14
N TYR L 30 -3.27 -27.15 48.74
CA TYR L 30 -2.15 -26.24 48.94
C TYR L 30 -2.05 -25.81 50.39
N GLN L 31 -0.89 -26.03 51.04
CA GLN L 31 -0.72 -25.64 52.44
C GLN L 31 -0.16 -24.24 52.62
N GLN L 32 -0.66 -23.51 53.63
CA GLN L 32 -0.14 -22.17 53.94
C GLN L 32 0.03 -22.07 55.44
N LYS L 33 1.28 -22.06 55.92
CA LYS L 33 1.62 -22.02 57.34
C LYS L 33 1.12 -20.76 58.07
N SER L 34 1.39 -19.58 57.51
CA SER L 34 0.99 -18.32 58.13
C SER L 34 0.42 -17.38 57.09
N PRO L 35 -0.70 -16.71 57.38
CA PRO L 35 -1.29 -15.77 56.40
C PRO L 35 -0.31 -14.71 55.91
N GLY L 36 -0.03 -14.73 54.62
CA GLY L 36 0.93 -13.83 54.01
C GLY L 36 2.08 -14.58 53.37
N SER L 37 2.48 -15.72 53.97
CA SER L 37 3.56 -16.56 53.46
C SER L 37 3.10 -17.35 52.24
N ALA L 38 4.02 -17.54 51.27
CA ALA L 38 3.76 -18.25 50.04
C ALA L 38 3.28 -19.68 50.27
N PRO L 39 2.11 -20.05 49.72
CA PRO L 39 1.62 -21.42 49.90
C PRO L 39 2.43 -22.44 49.10
N VAL L 40 2.39 -23.71 49.54
CA VAL L 40 3.15 -24.77 48.88
C VAL L 40 2.20 -25.88 48.46
N THR L 41 2.31 -26.34 47.21
CA THR L 41 1.45 -27.42 46.72
C THR L 41 1.79 -28.75 47.35
N VAL L 42 0.81 -29.32 48.06
CA VAL L 42 0.95 -30.61 48.72
C VAL L 42 0.58 -31.75 47.76
N ILE L 43 -0.59 -31.66 47.12
CA ILE L 43 -1.09 -32.65 46.14
C ILE L 43 -1.73 -31.84 44.97
N TYR L 44 -1.38 -32.11 43.68
CA TYR L 44 -1.95 -31.28 42.60
C TYR L 44 -3.04 -31.98 41.74
N GLU L 45 -2.93 -33.28 41.46
CA GLU L 45 -3.96 -33.99 40.70
C GLU L 45 -4.80 -34.81 41.72
N ASN L 46 -5.78 -35.61 41.27
CA ASN L 46 -6.58 -36.47 42.14
C ASN L 46 -5.68 -37.40 42.98
N ASN L 47 -4.58 -37.88 42.37
CA ASN L 47 -3.65 -38.79 43.02
C ASN L 47 -2.18 -38.44 42.71
N LYS L 48 -1.82 -37.14 42.62
CA LYS L 48 -0.42 -36.79 42.29
C LYS L 48 0.27 -35.93 43.34
N ARG L 49 1.54 -36.27 43.64
CA ARG L 49 2.34 -35.60 44.67
C ARG L 49 3.65 -35.05 44.10
N PRO L 50 3.98 -33.76 44.36
CA PRO L 50 5.26 -33.23 43.88
C PRO L 50 6.45 -33.99 44.50
N SER L 51 7.58 -34.04 43.77
CA SER L 51 8.78 -34.76 44.20
C SER L 51 9.31 -34.34 45.58
N ASP L 52 9.36 -33.03 45.85
CA ASP L 52 9.84 -32.51 47.13
C ASP L 52 8.82 -32.55 48.27
N ILE L 53 7.84 -33.44 48.21
CA ILE L 53 6.80 -33.53 49.23
C ILE L 53 6.80 -34.90 49.89
N PRO L 54 6.76 -34.93 51.26
CA PRO L 54 6.75 -36.21 51.99
C PRO L 54 5.78 -37.26 51.48
N SER L 55 6.26 -38.50 51.31
CA SER L 55 5.45 -39.63 50.82
C SER L 55 4.15 -39.80 51.62
N ARG L 56 4.18 -39.45 52.91
CA ARG L 56 3.05 -39.48 53.85
C ARG L 56 1.87 -38.74 53.26
N PHE L 57 2.13 -37.57 52.64
CA PHE L 57 1.09 -36.81 51.98
C PHE L 57 0.59 -37.59 50.78
N SER L 58 -0.60 -38.14 50.91
CA SER L 58 -1.25 -38.88 49.83
C SER L 58 -2.64 -38.26 49.57
N GLY L 59 -3.24 -38.56 48.44
CA GLY L 59 -4.57 -38.02 48.11
C GLY L 59 -5.36 -38.95 47.23
N SER L 60 -6.71 -38.90 47.33
CA SER L 60 -7.59 -39.75 46.52
C SER L 60 -8.98 -39.11 46.35
N LYS L 61 -9.57 -39.24 45.16
CA LYS L 61 -10.89 -38.69 44.89
C LYS L 61 -11.90 -39.81 44.65
N PHE L 62 -13.06 -39.71 45.28
CA PHE L 62 -14.15 -40.69 45.18
C PHE L 62 -15.43 -39.93 44.97
N GLY L 63 -16.00 -40.06 43.79
CA GLY L 63 -17.20 -39.33 43.44
C GLY L 63 -16.87 -37.86 43.35
N SER L 64 -17.66 -37.04 44.00
CA SER L 64 -17.40 -35.60 44.03
C SER L 64 -16.78 -35.22 45.38
N THR L 65 -15.94 -36.09 45.93
CA THR L 65 -15.29 -35.87 47.23
C THR L 65 -13.83 -36.31 47.17
N HIS L 66 -12.93 -35.53 47.76
CA HIS L 66 -11.52 -35.86 47.76
C HIS L 66 -11.01 -35.76 49.17
N THR L 67 -10.26 -36.76 49.62
CA THR L 67 -9.75 -36.74 50.99
C THR L 67 -8.22 -36.82 51.03
N LEU L 68 -7.58 -35.73 51.47
CA LEU L 68 -6.13 -35.64 51.62
C LEU L 68 -5.75 -36.51 52.83
N THR L 69 -4.83 -37.45 52.64
CA THR L 69 -4.43 -38.37 53.71
C THR L 69 -3.00 -38.12 54.16
N ILE L 70 -2.80 -37.78 55.44
CA ILE L 70 -1.46 -37.55 55.97
C ILE L 70 -1.14 -38.65 56.98
N THR L 71 -0.51 -39.74 56.53
CA THR L 71 -0.18 -40.85 57.43
C THR L 71 1.00 -40.50 58.32
N GLY L 72 0.79 -40.49 59.63
CA GLY L 72 1.83 -40.13 60.59
C GLY L 72 2.10 -38.64 60.57
N VAL L 73 1.28 -37.87 61.30
CA VAL L 73 1.43 -36.41 61.29
C VAL L 73 2.61 -35.93 62.17
N GLN L 74 3.18 -34.78 61.81
CA GLN L 74 4.27 -34.15 62.56
C GLN L 74 3.89 -32.71 62.95
N ALA L 75 4.86 -31.93 63.45
CA ALA L 75 4.67 -30.52 63.81
C ALA L 75 4.95 -29.58 62.63
N ASP L 76 5.72 -30.03 61.64
CA ASP L 76 5.95 -29.25 60.43
C ASP L 76 4.66 -29.19 59.57
N ASP L 77 3.76 -30.18 59.75
CA ASP L 77 2.49 -30.27 59.06
C ASP L 77 1.42 -29.34 59.64
N GLU L 78 1.79 -28.41 60.54
CA GLU L 78 0.86 -27.47 61.14
C GLU L 78 0.64 -26.32 60.16
N ALA L 79 -0.46 -26.36 59.40
CA ALA L 79 -0.75 -25.33 58.39
C ALA L 79 -2.25 -25.30 58.03
N VAL L 80 -2.71 -24.22 57.38
CA VAL L 80 -4.09 -24.13 56.93
C VAL L 80 -4.12 -24.69 55.50
N TYR L 81 -4.61 -25.93 55.36
CA TYR L 81 -4.66 -26.61 54.05
C TYR L 81 -5.85 -26.10 53.26
N PHE L 82 -5.62 -25.72 52.00
CA PHE L 82 -6.67 -25.17 51.13
C PHE L 82 -7.03 -26.16 50.03
N CYS L 83 -8.27 -26.12 49.60
CA CYS L 83 -8.76 -26.96 48.52
C CYS L 83 -8.71 -26.14 47.21
N GLY L 84 -8.67 -26.80 46.06
CA GLY L 84 -8.74 -26.11 44.78
C GLY L 84 -9.39 -26.96 43.72
N SER L 85 -10.45 -26.44 43.09
CA SER L 85 -11.18 -27.19 42.07
C SER L 85 -12.12 -26.29 41.25
N ARG L 86 -12.95 -26.87 40.36
CA ARG L 86 -13.91 -26.15 39.54
C ARG L 86 -15.24 -26.12 40.27
N ASP L 87 -15.65 -24.92 40.70
CA ASP L 87 -16.91 -24.68 41.40
C ASP L 87 -17.96 -24.31 40.36
N THR L 88 -18.82 -25.27 40.01
CA THR L 88 -19.86 -25.13 38.98
C THR L 88 -19.15 -24.75 37.63
N ASN L 89 -19.28 -23.51 37.09
CA ASN L 89 -18.67 -23.18 35.80
C ASN L 89 -17.30 -22.43 35.86
N ASN L 90 -16.89 -21.91 37.03
CA ASN L 90 -15.61 -21.18 37.13
C ASN L 90 -14.60 -21.94 38.02
N GLY L 91 -13.54 -21.27 38.46
CA GLY L 91 -12.52 -21.88 39.30
C GLY L 91 -12.49 -21.20 40.65
N ALA L 92 -12.43 -21.99 41.74
CA ALA L 92 -12.44 -21.42 43.08
C ALA L 92 -11.67 -22.27 44.12
N PHE L 93 -11.34 -21.67 45.28
CA PHE L 93 -10.64 -22.33 46.39
C PHE L 93 -11.60 -22.61 47.56
N GLY L 94 -11.18 -23.49 48.45
CA GLY L 94 -11.97 -23.80 49.64
C GLY L 94 -11.80 -22.76 50.73
N ALA L 95 -12.58 -22.90 51.82
CA ALA L 95 -12.53 -21.98 52.95
C ALA L 95 -11.21 -22.07 53.71
N GLY L 96 -10.70 -23.28 53.83
CA GLY L 96 -9.45 -23.55 54.53
C GLY L 96 -9.67 -24.45 55.73
N THR L 97 -8.85 -25.50 55.84
CA THR L 97 -8.90 -26.43 56.96
C THR L 97 -7.71 -26.15 57.87
N THR L 98 -7.99 -25.67 59.09
CA THR L 98 -6.95 -25.38 60.07
C THR L 98 -6.59 -26.67 60.80
N LEU L 99 -5.33 -27.12 60.66
CA LEU L 99 -4.91 -28.37 61.28
C LEU L 99 -4.48 -28.20 62.73
N THR L 100 -5.40 -28.51 63.64
CA THR L 100 -5.13 -28.44 65.06
C THR L 100 -4.36 -29.68 65.46
N VAL L 101 -3.07 -29.52 65.77
CA VAL L 101 -2.27 -30.64 66.22
C VAL L 101 -2.48 -30.79 67.74
N LEU L 102 -2.73 -32.02 68.19
CA LEU L 102 -3.03 -32.25 69.60
C LEU L 102 -1.81 -32.20 70.50
N ARG L 103 -1.89 -31.37 71.57
CA ARG L 103 -0.81 -31.25 72.55
C ARG L 103 -1.35 -30.98 73.99
N THR L 104 -0.46 -30.99 75.01
CA THR L 104 -0.84 -30.80 76.42
C THR L 104 -1.10 -29.34 76.79
N VAL L 105 -1.87 -29.10 77.88
CA VAL L 105 -2.23 -27.76 78.31
C VAL L 105 -1.04 -26.93 78.81
N ALA L 106 -0.77 -25.79 78.17
CA ALA L 106 0.32 -24.91 78.57
C ALA L 106 -0.20 -23.61 79.17
N ALA L 107 0.55 -23.03 80.12
CA ALA L 107 0.15 -21.78 80.77
C ALA L 107 0.88 -20.59 80.15
N PRO L 108 0.21 -19.43 80.00
CA PRO L 108 0.88 -18.28 79.38
C PRO L 108 1.79 -17.50 80.33
N SER L 109 2.98 -17.10 79.82
CA SER L 109 3.92 -16.31 80.60
C SER L 109 3.54 -14.84 80.39
N VAL L 110 2.93 -14.21 81.39
CA VAL L 110 2.46 -12.84 81.26
C VAL L 110 3.52 -11.79 81.60
N PHE L 111 3.69 -10.78 80.73
CA PHE L 111 4.64 -9.68 80.92
C PHE L 111 3.96 -8.37 80.56
N ILE L 112 3.76 -7.48 81.55
CA ILE L 112 3.12 -6.18 81.28
C ILE L 112 4.18 -5.12 80.95
N PHE L 113 3.90 -4.27 79.94
CA PHE L 113 4.86 -3.24 79.51
C PHE L 113 4.29 -1.83 79.61
N PRO L 114 5.03 -0.91 80.24
CA PRO L 114 4.54 0.47 80.36
C PRO L 114 4.90 1.34 79.14
N PRO L 115 4.13 2.41 78.89
CA PRO L 115 4.46 3.29 77.75
C PRO L 115 5.82 3.97 77.95
N SER L 116 6.63 4.03 76.88
CA SER L 116 7.97 4.60 76.92
C SER L 116 7.99 6.12 77.18
N ASP L 117 9.17 6.67 77.53
CA ASP L 117 9.34 8.10 77.76
C ASP L 117 9.14 8.89 76.46
N GLU L 118 9.52 8.31 75.32
CA GLU L 118 9.35 8.96 74.02
C GLU L 118 7.88 8.96 73.57
N GLN L 119 7.10 7.96 73.99
CA GLN L 119 5.69 7.82 73.66
C GLN L 119 4.86 8.91 74.35
N LEU L 120 5.19 9.22 75.60
CA LEU L 120 4.46 10.21 76.39
C LEU L 120 4.57 11.62 75.80
N LYS L 121 5.73 11.97 75.25
CA LYS L 121 5.96 13.29 74.65
C LYS L 121 5.07 13.52 73.41
N SER L 122 4.73 12.45 72.68
CA SER L 122 3.89 12.54 71.49
C SER L 122 2.44 12.91 71.83
N GLY L 123 1.94 12.39 72.94
CA GLY L 123 0.57 12.66 73.38
C GLY L 123 -0.30 11.43 73.53
N THR L 124 0.30 10.24 73.44
CA THR L 124 -0.44 8.99 73.59
C THR L 124 0.32 8.01 74.49
N ALA L 125 -0.41 7.13 75.20
CA ALA L 125 0.22 6.16 76.09
C ALA L 125 -0.54 4.85 76.07
N SER L 126 0.03 3.84 75.41
CA SER L 126 -0.60 2.53 75.31
C SER L 126 0.14 1.48 76.13
N VAL L 127 -0.58 0.81 77.03
CA VAL L 127 0.00 -0.23 77.87
C VAL L 127 -0.19 -1.56 77.15
N VAL L 128 0.89 -2.34 76.99
CA VAL L 128 0.80 -3.61 76.26
C VAL L 128 0.93 -4.83 77.19
N CYS L 129 -0.07 -5.70 77.21
CA CYS L 129 -0.02 -6.93 78.01
C CYS L 129 0.39 -8.05 77.08
N LEU L 130 1.44 -8.78 77.44
CA LEU L 130 1.96 -9.85 76.59
C LEU L 130 1.78 -11.26 77.17
N LEU L 131 1.21 -12.17 76.38
CA LEU L 131 1.05 -13.58 76.76
C LEU L 131 1.98 -14.42 75.87
N ASN L 132 2.71 -15.39 76.44
CA ASN L 132 3.63 -16.19 75.64
C ASN L 132 3.57 -17.69 75.88
N ASN L 133 3.60 -18.45 74.77
CA ASN L 133 3.59 -19.91 74.70
C ASN L 133 2.52 -20.58 75.56
N PHE L 134 1.28 -20.58 75.06
CA PHE L 134 0.16 -21.20 75.78
C PHE L 134 -0.73 -22.05 74.86
N TYR L 135 -1.51 -22.97 75.45
CA TYR L 135 -2.40 -23.85 74.70
C TYR L 135 -3.59 -24.22 75.60
N PRO L 136 -4.84 -24.16 75.12
CA PRO L 136 -5.27 -23.82 73.75
C PRO L 136 -5.41 -22.32 73.47
N ARG L 137 -5.84 -21.95 72.26
CA ARG L 137 -6.04 -20.59 71.78
C ARG L 137 -7.05 -19.78 72.61
N GLU L 138 -7.97 -20.46 73.31
CA GLU L 138 -8.99 -19.81 74.13
C GLU L 138 -8.39 -19.11 75.35
N ALA L 139 -8.40 -17.78 75.36
CA ALA L 139 -7.85 -17.00 76.46
C ALA L 139 -8.66 -15.72 76.70
N LYS L 140 -8.66 -15.21 77.93
CA LYS L 140 -9.41 -14.01 78.26
C LYS L 140 -8.51 -12.94 78.87
N VAL L 141 -8.49 -11.74 78.28
CA VAL L 141 -7.67 -10.64 78.80
C VAL L 141 -8.56 -9.49 79.24
N GLN L 142 -8.54 -9.14 80.53
CA GLN L 142 -9.35 -8.05 81.04
C GLN L 142 -8.48 -6.99 81.71
N TRP L 143 -8.73 -5.71 81.43
CA TRP L 143 -7.95 -4.62 81.99
C TRP L 143 -8.58 -4.03 83.25
N LYS L 144 -7.75 -3.63 84.21
CA LYS L 144 -8.22 -3.06 85.47
C LYS L 144 -7.43 -1.81 85.86
N VAL L 145 -7.93 -0.63 85.48
CA VAL L 145 -7.27 0.63 85.82
C VAL L 145 -7.81 1.09 87.17
N ASP L 146 -6.99 0.99 88.23
CA ASP L 146 -7.35 1.35 89.59
C ASP L 146 -8.57 0.54 90.07
N ASN L 147 -8.52 -0.79 89.85
CA ASN L 147 -9.55 -1.77 90.22
C ASN L 147 -10.91 -1.51 89.55
N ALA L 148 -10.90 -1.01 88.31
CA ALA L 148 -12.14 -0.76 87.57
C ALA L 148 -12.09 -1.46 86.23
N LEU L 149 -13.20 -2.13 85.85
CA LEU L 149 -13.29 -2.88 84.60
C LEU L 149 -13.26 -1.98 83.36
N GLN L 150 -12.35 -2.30 82.41
CA GLN L 150 -12.23 -1.51 81.20
C GLN L 150 -12.69 -2.33 79.99
N SER L 151 -13.58 -1.76 79.17
CA SER L 151 -14.09 -2.47 77.99
C SER L 151 -14.31 -1.51 76.82
N GLY L 152 -13.98 -1.97 75.62
CA GLY L 152 -14.14 -1.19 74.41
C GLY L 152 -12.88 -0.48 73.94
N ASN L 153 -11.88 -0.37 74.82
CA ASN L 153 -10.63 0.31 74.48
C ASN L 153 -9.42 -0.62 74.49
N SER L 154 -9.63 -1.91 74.20
CA SER L 154 -8.54 -2.88 74.19
C SER L 154 -8.59 -3.77 72.96
N GLN L 155 -7.49 -3.85 72.21
CA GLN L 155 -7.43 -4.67 71.00
C GLN L 155 -6.37 -5.76 71.11
N GLU L 156 -6.80 -7.03 71.05
CA GLU L 156 -5.90 -8.17 71.14
C GLU L 156 -5.41 -8.64 69.78
N SER L 157 -4.23 -9.27 69.75
CA SER L 157 -3.62 -9.79 68.52
C SER L 157 -3.08 -11.19 68.79
N VAL L 158 -3.69 -12.21 68.17
CA VAL L 158 -3.26 -13.60 68.38
C VAL L 158 -2.42 -14.11 67.20
N THR L 159 -1.28 -14.74 67.50
CA THR L 159 -0.40 -15.29 66.47
C THR L 159 -0.78 -16.74 66.09
N GLU L 160 -0.31 -17.22 64.94
CA GLU L 160 -0.58 -18.61 64.53
C GLU L 160 0.25 -19.59 65.37
N GLN L 161 -0.20 -20.84 65.44
CA GLN L 161 0.45 -21.90 66.23
C GLN L 161 1.90 -22.09 65.79
N ASP L 162 2.82 -22.12 66.77
CA ASP L 162 4.25 -22.29 66.53
C ASP L 162 4.57 -23.65 65.92
N SER L 163 5.52 -23.70 65.00
CA SER L 163 5.90 -24.95 64.33
C SER L 163 7.01 -25.72 65.04
N LYS L 164 7.35 -25.36 66.29
CA LYS L 164 8.39 -26.04 67.04
C LYS L 164 7.85 -26.64 68.34
N ASP L 165 6.90 -25.96 68.98
CA ASP L 165 6.32 -26.45 70.23
C ASP L 165 4.78 -26.40 70.29
N SER L 166 4.12 -25.95 69.21
CA SER L 166 2.66 -25.85 69.09
C SER L 166 2.01 -24.92 70.13
N THR L 167 2.59 -23.73 70.34
CA THR L 167 2.05 -22.78 71.31
C THR L 167 1.63 -21.44 70.69
N TYR L 168 0.70 -20.75 71.35
CA TYR L 168 0.18 -19.45 70.90
C TYR L 168 0.78 -18.28 71.72
N SER L 169 0.57 -17.04 71.27
CA SER L 169 1.04 -15.84 71.96
C SER L 169 0.07 -14.71 71.70
N LEU L 170 -0.41 -14.03 72.75
CA LEU L 170 -1.38 -12.95 72.61
C LEU L 170 -0.75 -11.57 72.86
N SER L 171 -1.33 -10.51 72.25
CA SER L 171 -0.83 -9.15 72.43
C SER L 171 -1.97 -8.15 72.62
N SER L 172 -2.45 -7.99 73.86
CA SER L 172 -3.53 -7.05 74.15
C SER L 172 -2.96 -5.65 74.35
N THR L 173 -3.62 -4.61 73.82
CA THR L 173 -3.13 -3.25 73.97
C THR L 173 -4.21 -2.30 74.49
N LEU L 174 -3.94 -1.62 75.60
CA LEU L 174 -4.87 -0.67 76.20
C LEU L 174 -4.57 0.72 75.66
N THR L 175 -5.42 1.22 74.75
CA THR L 175 -5.22 2.54 74.15
C THR L 175 -5.83 3.65 74.98
N LEU L 176 -5.00 4.52 75.56
CA LEU L 176 -5.47 5.63 76.36
C LEU L 176 -4.73 6.93 76.01
N SER L 177 -5.40 8.07 76.16
CA SER L 177 -4.78 9.37 75.88
C SER L 177 -3.80 9.76 76.99
N LYS L 178 -2.89 10.70 76.70
CA LYS L 178 -1.89 11.18 77.66
C LYS L 178 -2.53 11.73 78.94
N ALA L 179 -3.68 12.41 78.79
CA ALA L 179 -4.41 12.99 79.91
C ALA L 179 -5.02 11.93 80.83
N ASP L 180 -5.56 10.86 80.27
CA ASP L 180 -6.17 9.78 81.07
C ASP L 180 -5.14 8.84 81.72
N TYR L 181 -3.90 8.83 81.21
CA TYR L 181 -2.86 7.96 81.76
C TYR L 181 -2.32 8.53 83.07
N GLU L 182 -2.11 9.85 83.11
CA GLU L 182 -1.56 10.50 84.30
C GLU L 182 -2.55 10.63 85.46
N LYS L 183 -3.83 10.30 85.25
CA LYS L 183 -4.83 10.37 86.32
C LYS L 183 -4.85 9.13 87.22
N HIS L 184 -4.25 8.01 86.77
CA HIS L 184 -4.24 6.77 87.54
C HIS L 184 -2.81 6.30 87.91
N LYS L 185 -2.69 5.31 88.81
CA LYS L 185 -1.40 4.83 89.24
C LYS L 185 -1.23 3.32 89.04
N VAL L 186 -2.26 2.53 89.33
CA VAL L 186 -2.19 1.08 89.21
C VAL L 186 -2.89 0.53 87.97
N TYR L 187 -2.14 -0.21 87.15
CA TYR L 187 -2.67 -0.83 85.93
C TYR L 187 -2.54 -2.34 86.00
N ALA L 188 -3.65 -3.03 86.28
CA ALA L 188 -3.67 -4.47 86.42
C ALA L 188 -4.04 -5.20 85.12
N CYS L 189 -3.68 -6.48 85.01
CA CYS L 189 -3.96 -7.26 83.82
C CYS L 189 -4.45 -8.66 84.19
N GLU L 190 -5.76 -8.82 84.37
CA GLU L 190 -6.33 -10.11 84.74
C GLU L 190 -6.34 -11.09 83.56
N VAL L 191 -5.50 -12.13 83.62
CA VAL L 191 -5.41 -13.12 82.56
C VAL L 191 -6.13 -14.42 82.95
N THR L 192 -7.20 -14.77 82.23
CA THR L 192 -7.95 -15.99 82.52
C THR L 192 -7.78 -17.04 81.43
N HIS L 193 -7.05 -18.10 81.74
CA HIS L 193 -6.78 -19.20 80.81
C HIS L 193 -7.27 -20.55 81.39
N GLN L 194 -7.41 -21.59 80.54
CA GLN L 194 -7.86 -22.90 80.99
C GLN L 194 -6.84 -23.57 81.91
N GLY L 195 -5.55 -23.38 81.62
CA GLY L 195 -4.49 -23.94 82.43
C GLY L 195 -4.13 -23.13 83.67
N LEU L 196 -4.94 -22.13 84.00
CA LEU L 196 -4.71 -21.31 85.18
C LEU L 196 -5.88 -21.39 86.14
N SER L 197 -5.64 -21.94 87.33
CA SER L 197 -6.64 -22.09 88.37
C SER L 197 -7.03 -20.72 88.94
N SER L 198 -6.03 -19.86 89.15
CA SER L 198 -6.24 -18.51 89.65
C SER L 198 -5.73 -17.55 88.58
N PRO L 199 -6.57 -16.59 88.14
CA PRO L 199 -6.15 -15.67 87.09
C PRO L 199 -4.95 -14.80 87.47
N VAL L 200 -3.82 -14.99 86.77
CA VAL L 200 -2.60 -14.23 87.04
C VAL L 200 -2.76 -12.76 86.68
N THR L 201 -2.68 -11.88 87.67
CA THR L 201 -2.84 -10.45 87.46
C THR L 201 -1.51 -9.73 87.59
N LYS L 202 -0.91 -9.30 86.46
CA LYS L 202 0.36 -8.59 86.50
C LYS L 202 0.09 -7.09 86.51
N SER L 203 0.52 -6.41 87.58
CA SER L 203 0.29 -4.98 87.75
C SER L 203 1.59 -4.19 87.85
N PHE L 204 1.54 -2.89 87.50
CA PHE L 204 2.70 -2.02 87.60
C PHE L 204 2.28 -0.63 88.09
N ASN L 205 3.19 0.05 88.79
CA ASN L 205 2.93 1.40 89.31
C ASN L 205 3.47 2.47 88.37
N ARG L 206 2.89 3.67 88.41
CA ARG L 206 3.30 4.80 87.56
C ARG L 206 4.71 5.29 87.92
N GLY L 207 5.03 5.27 89.21
CA GLY L 207 6.33 5.73 89.69
C GLY L 207 7.47 4.75 89.42
N ALA M 1 -40.29 -65.21 34.17
CA ALA M 1 -40.08 -65.21 35.61
C ALA M 1 -38.61 -64.98 35.85
N VAL M 2 -38.24 -63.81 36.38
CA VAL M 2 -36.84 -63.49 36.60
C VAL M 2 -36.36 -63.91 38.01
N THR M 3 -35.34 -64.79 38.05
CA THR M 3 -34.75 -65.28 39.30
C THR M 3 -33.24 -65.02 39.36
N LEU M 4 -32.70 -64.73 40.55
CA LEU M 4 -31.28 -64.51 40.80
C LEU M 4 -30.93 -65.31 42.06
N ASP M 5 -30.23 -66.44 41.90
CA ASP M 5 -29.91 -67.35 43.01
C ASP M 5 -28.42 -67.31 43.45
N GLU M 6 -28.15 -66.77 44.65
CA GLU M 6 -26.78 -66.66 45.18
C GLU M 6 -26.23 -68.00 45.68
N SER M 7 -25.24 -68.57 44.99
CA SER M 7 -24.68 -69.86 45.37
C SER M 7 -23.28 -69.73 45.93
N GLY M 8 -23.17 -69.83 47.24
CA GLY M 8 -21.92 -69.71 47.97
C GLY M 8 -22.03 -68.77 49.15
N GLY M 9 -20.91 -68.47 49.77
CA GLY M 9 -20.88 -67.54 50.90
C GLY M 9 -21.22 -68.14 52.26
N GLY M 10 -21.59 -67.28 53.18
CA GLY M 10 -21.88 -67.70 54.53
C GLY M 10 -20.68 -67.49 55.42
N LEU M 11 -20.22 -68.55 56.08
CA LEU M 11 -19.08 -68.45 56.96
C LEU M 11 -17.79 -68.67 56.23
N GLN M 12 -16.96 -67.63 56.18
CA GLN M 12 -15.64 -67.68 55.56
C GLN M 12 -14.56 -67.43 56.64
N THR M 13 -13.26 -67.60 56.32
CA THR M 13 -12.23 -67.40 57.35
C THR M 13 -11.44 -66.14 57.08
N PRO M 14 -11.07 -65.37 58.13
CA PRO M 14 -10.33 -64.12 57.89
C PRO M 14 -9.02 -64.32 57.13
N GLY M 15 -8.88 -63.58 56.05
CA GLY M 15 -7.73 -63.70 55.17
C GLY M 15 -7.97 -64.60 53.96
N GLY M 16 -9.09 -65.34 53.98
CA GLY M 16 -9.46 -66.28 52.94
C GLY M 16 -10.09 -65.66 51.72
N ALA M 17 -10.78 -66.49 50.93
CA ALA M 17 -11.43 -66.04 49.71
C ALA M 17 -12.87 -66.58 49.56
N LEU M 18 -13.67 -65.96 48.70
CA LEU M 18 -15.04 -66.42 48.44
C LEU M 18 -15.26 -66.58 46.93
N SER M 19 -16.43 -67.13 46.54
CA SER M 19 -16.76 -67.34 45.14
C SER M 19 -18.29 -67.30 44.98
N LEU M 20 -18.91 -66.11 45.17
CA LEU M 20 -20.37 -65.94 45.09
C LEU M 20 -20.85 -66.14 43.66
N VAL M 21 -21.57 -67.23 43.37
CA VAL M 21 -22.02 -67.51 42.00
C VAL M 21 -23.53 -67.37 41.84
N CYS M 22 -23.99 -66.16 41.53
CA CYS M 22 -25.41 -65.93 41.29
C CYS M 22 -25.74 -66.39 39.87
N LYS M 23 -26.80 -67.20 39.70
CA LYS M 23 -27.25 -67.70 38.40
C LYS M 23 -28.68 -67.20 38.15
N ALA M 24 -28.98 -66.83 36.89
CA ALA M 24 -30.25 -66.23 36.56
C ALA M 24 -31.05 -66.87 35.43
N SER M 25 -32.39 -66.77 35.51
CA SER M 25 -33.30 -67.27 34.46
C SER M 25 -34.43 -66.27 34.15
N GLY M 26 -35.13 -66.52 33.05
CA GLY M 26 -36.23 -65.69 32.58
C GLY M 26 -35.78 -64.78 31.46
N PHE M 27 -34.95 -63.79 31.81
CA PHE M 27 -34.43 -62.80 30.88
C PHE M 27 -33.20 -63.25 30.09
N ASP M 28 -32.91 -62.55 28.99
CA ASP M 28 -31.74 -62.75 28.15
C ASP M 28 -30.53 -62.23 28.93
N PHE M 29 -29.81 -63.15 29.60
CA PHE M 29 -28.65 -62.82 30.41
C PHE M 29 -27.57 -62.04 29.69
N SER M 30 -27.21 -62.45 28.46
CA SER M 30 -26.11 -61.83 27.73
C SER M 30 -26.38 -60.41 27.25
N SER M 31 -27.47 -59.77 27.71
CA SER M 31 -27.77 -58.41 27.29
C SER M 31 -27.87 -57.39 28.42
N TYR M 32 -27.79 -57.82 29.68
CA TYR M 32 -27.89 -56.89 30.79
C TYR M 32 -26.65 -56.89 31.68
N ALA M 33 -26.31 -55.72 32.24
CA ALA M 33 -25.17 -55.56 33.14
C ALA M 33 -25.54 -56.12 34.50
N MET M 34 -24.63 -56.85 35.16
CA MET M 34 -24.92 -57.42 36.49
C MET M 34 -23.97 -56.86 37.54
N GLY M 35 -24.39 -56.86 38.81
CA GLY M 35 -23.56 -56.34 39.89
C GLY M 35 -23.78 -56.97 41.25
N TRP M 36 -22.93 -56.63 42.22
CA TRP M 36 -23.07 -57.15 43.57
C TRP M 36 -23.19 -56.00 44.56
N VAL M 37 -24.25 -55.99 45.36
CA VAL M 37 -24.47 -54.94 46.37
C VAL M 37 -24.42 -55.56 47.74
N ARG M 38 -23.80 -54.89 48.72
CA ARG M 38 -23.74 -55.42 50.06
C ARG M 38 -24.27 -54.44 51.11
N GLN M 39 -24.79 -55.00 52.19
CA GLN M 39 -25.27 -54.22 53.31
C GLN M 39 -24.62 -54.73 54.59
N ALA M 40 -23.68 -53.95 55.14
CA ALA M 40 -23.03 -54.29 56.41
C ALA M 40 -24.08 -54.17 57.51
N PRO M 41 -24.08 -55.08 58.50
CA PRO M 41 -25.09 -55.01 59.56
C PRO M 41 -25.02 -53.69 60.32
N GLY M 42 -26.15 -53.02 60.42
CA GLY M 42 -26.24 -51.72 61.06
C GLY M 42 -25.82 -50.57 60.17
N LYS M 43 -25.52 -50.86 58.90
CA LYS M 43 -25.10 -49.89 57.92
C LYS M 43 -25.99 -49.98 56.67
N GLY M 44 -25.92 -48.98 55.81
CA GLY M 44 -26.73 -48.90 54.59
C GLY M 44 -26.20 -49.68 53.41
N LEU M 45 -26.75 -49.37 52.22
CA LEU M 45 -26.40 -50.05 50.99
C LEU M 45 -25.09 -49.59 50.40
N GLU M 46 -24.37 -50.50 49.71
CA GLU M 46 -23.08 -50.15 49.13
C GLU M 46 -22.79 -51.03 47.91
N TYR M 47 -22.51 -50.41 46.75
CA TYR M 47 -22.20 -51.19 45.56
C TYR M 47 -20.81 -51.82 45.70
N VAL M 48 -20.66 -53.08 45.33
CA VAL M 48 -19.38 -53.78 45.43
C VAL M 48 -18.67 -53.90 44.06
N ALA M 49 -19.32 -54.56 43.08
CA ALA M 49 -18.70 -54.78 41.79
C ALA M 49 -19.71 -54.84 40.68
N GLY M 50 -19.39 -54.18 39.58
CA GLY M 50 -20.26 -54.17 38.41
C GLY M 50 -19.57 -54.79 37.21
N ILE M 51 -20.35 -55.33 36.29
CA ILE M 51 -19.83 -55.91 35.07
C ILE M 51 -20.78 -55.64 33.91
N ARG M 52 -20.21 -55.35 32.75
CA ARG M 52 -20.93 -55.03 31.52
C ARG M 52 -21.56 -56.27 30.87
N ASN M 53 -22.50 -56.07 29.93
CA ASN M 53 -23.16 -57.16 29.19
C ASN M 53 -22.17 -58.07 28.45
N ASP M 54 -21.19 -57.48 27.74
CA ASP M 54 -20.17 -58.28 27.06
C ASP M 54 -18.96 -58.62 27.97
N GLY M 55 -19.09 -58.38 29.28
CA GLY M 55 -18.04 -58.63 30.26
C GLY M 55 -16.78 -57.81 30.10
N SER M 56 -16.73 -56.90 29.10
CA SER M 56 -15.53 -56.11 28.82
C SER M 56 -15.25 -55.00 29.82
N PHE M 57 -16.25 -54.58 30.59
CA PHE M 57 -16.06 -53.52 31.57
C PHE M 57 -16.39 -53.96 33.00
N THR M 58 -15.52 -53.63 33.97
CA THR M 58 -15.72 -53.93 35.38
C THR M 58 -15.36 -52.74 36.28
N LEU M 59 -16.04 -52.62 37.42
CA LEU M 59 -15.75 -51.57 38.40
C LEU M 59 -15.79 -52.14 39.82
N TYR M 60 -14.96 -51.62 40.74
CA TYR M 60 -14.93 -52.13 42.11
C TYR M 60 -14.96 -51.02 43.13
N THR M 61 -15.66 -51.24 44.26
CA THR M 61 -15.71 -50.27 45.36
C THR M 61 -14.31 -50.13 45.95
N PRO M 62 -13.87 -48.90 46.28
CA PRO M 62 -12.49 -48.70 46.77
C PRO M 62 -12.06 -49.63 47.91
N ALA M 63 -13.03 -50.14 48.70
CA ALA M 63 -12.73 -51.07 49.79
C ALA M 63 -12.22 -52.41 49.23
N VAL M 64 -12.93 -53.00 48.23
CA VAL M 64 -12.53 -54.29 47.66
C VAL M 64 -11.51 -54.22 46.55
N LYS M 65 -11.24 -53.01 46.01
CA LYS M 65 -10.33 -52.79 44.88
C LYS M 65 -8.99 -53.52 45.02
N GLY M 66 -8.64 -54.34 44.05
CA GLY M 66 -7.40 -55.11 44.08
C GLY M 66 -7.51 -56.50 44.67
N ARG M 67 -8.66 -56.81 45.30
CA ARG M 67 -8.93 -58.10 45.92
C ARG M 67 -10.09 -58.80 45.19
N ALA M 68 -11.10 -58.02 44.83
CA ALA M 68 -12.25 -58.54 44.12
C ALA M 68 -11.99 -58.71 42.61
N THR M 69 -12.68 -59.69 42.00
CA THR M 69 -12.54 -60.02 40.58
C THR M 69 -13.89 -60.54 40.06
N ILE M 70 -14.82 -59.64 39.72
CA ILE M 70 -16.13 -60.04 39.21
C ILE M 70 -16.02 -60.60 37.80
N SER M 71 -16.45 -61.84 37.63
CA SER M 71 -16.43 -62.50 36.33
C SER M 71 -17.87 -62.85 35.91
N ARG M 72 -18.07 -63.22 34.65
CA ARG M 72 -19.39 -63.61 34.17
C ARG M 72 -19.31 -64.59 33.01
N ASP M 73 -20.18 -65.59 33.06
CA ASP M 73 -20.28 -66.58 32.00
C ASP M 73 -21.67 -66.47 31.42
N ASN M 74 -21.79 -65.82 30.27
CA ASN M 74 -23.08 -65.66 29.63
C ASN M 74 -23.69 -67.01 29.24
N GLY M 75 -22.84 -68.00 28.91
CA GLY M 75 -23.26 -69.36 28.59
C GLY M 75 -24.11 -70.00 29.68
N GLN M 76 -23.51 -70.28 30.85
CA GLN M 76 -24.28 -70.84 31.95
C GLN M 76 -25.02 -69.78 32.77
N SER M 77 -25.11 -68.54 32.25
CA SER M 77 -25.81 -67.42 32.86
C SER M 77 -25.45 -67.21 34.33
N THR M 78 -24.16 -67.18 34.61
CA THR M 78 -23.62 -67.00 35.96
C THR M 78 -22.79 -65.72 36.09
N VAL M 79 -22.67 -65.20 37.30
CA VAL M 79 -21.85 -64.00 37.55
C VAL M 79 -21.12 -64.16 38.92
N ARG M 80 -19.95 -64.77 38.86
CA ARG M 80 -19.10 -65.13 40.00
C ARG M 80 -18.22 -63.99 40.52
N LEU M 81 -18.40 -63.59 41.79
CA LEU M 81 -17.53 -62.59 42.42
C LEU M 81 -16.50 -63.31 43.27
N GLN M 82 -15.20 -63.06 43.05
CA GLN M 82 -14.16 -63.65 43.88
C GLN M 82 -13.51 -62.57 44.71
N LEU M 83 -13.58 -62.68 46.05
CA LEU M 83 -12.99 -61.72 46.97
C LEU M 83 -11.92 -62.35 47.87
N ASN M 84 -10.66 -61.94 47.70
CA ASN M 84 -9.52 -62.45 48.46
C ASN M 84 -9.26 -61.67 49.76
N ASN M 85 -8.32 -62.15 50.60
CA ASN M 85 -7.89 -61.59 51.90
C ASN M 85 -9.02 -60.89 52.65
N LEU M 86 -10.07 -61.66 52.89
CA LEU M 86 -11.29 -61.25 53.55
C LEU M 86 -11.06 -60.59 54.89
N ARG M 87 -11.56 -59.36 55.03
CA ARG M 87 -11.37 -58.61 56.28
C ARG M 87 -12.60 -58.70 57.17
N ALA M 88 -12.46 -58.32 58.45
CA ALA M 88 -13.56 -58.30 59.40
C ALA M 88 -14.68 -57.34 58.93
N GLU M 89 -14.28 -56.22 58.30
CA GLU M 89 -15.14 -55.19 57.75
C GLU M 89 -16.01 -55.71 56.60
N ASP M 90 -15.62 -56.82 55.96
CA ASP M 90 -16.36 -57.40 54.84
C ASP M 90 -17.60 -58.20 55.24
N THR M 91 -17.96 -58.25 56.54
CA THR M 91 -19.16 -58.96 56.95
C THR M 91 -20.35 -58.13 56.53
N ALA M 92 -21.25 -58.70 55.71
CA ALA M 92 -22.44 -58.03 55.15
C ALA M 92 -23.34 -59.07 54.42
N THR M 93 -24.55 -58.66 53.96
CA THR M 93 -25.39 -59.54 53.15
C THR M 93 -25.11 -59.12 51.70
N TYR M 94 -24.75 -60.08 50.86
CA TYR M 94 -24.45 -59.80 49.48
C TYR M 94 -25.62 -60.17 48.55
N PHE M 95 -26.13 -59.18 47.80
CA PHE M 95 -27.21 -59.33 46.84
C PHE M 95 -26.70 -59.23 45.42
N CYS M 96 -27.11 -60.18 44.58
CA CYS M 96 -26.80 -60.19 43.16
C CYS M 96 -27.87 -59.31 42.52
N THR M 97 -27.46 -58.32 41.73
CA THR M 97 -28.40 -57.38 41.11
C THR M 97 -28.32 -57.38 39.58
N LYS M 98 -29.43 -57.06 38.92
CA LYS M 98 -29.47 -57.03 37.46
C LYS M 98 -29.97 -55.69 36.95
N SER M 99 -29.10 -54.96 36.25
CA SER M 99 -29.45 -53.68 35.64
C SER M 99 -30.36 -53.92 34.44
N ALA M 100 -31.26 -52.97 34.14
CA ALA M 100 -32.13 -53.06 32.95
C ALA M 100 -31.49 -52.37 31.75
N ASP M 101 -30.16 -52.38 31.67
CA ASP M 101 -29.37 -51.75 30.62
C ASP M 101 -28.08 -52.55 30.41
N ASP M 102 -27.36 -52.28 29.32
CA ASP M 102 -26.10 -52.98 29.03
C ASP M 102 -24.93 -52.56 29.96
N GLY M 103 -25.13 -51.49 30.72
CA GLY M 103 -24.08 -50.95 31.58
C GLY M 103 -23.22 -49.93 30.85
N GLY M 104 -23.79 -49.31 29.81
CA GLY M 104 -23.11 -48.31 28.99
C GLY M 104 -22.77 -47.05 29.74
N HIS M 105 -23.61 -46.69 30.70
CA HIS M 105 -23.38 -45.54 31.54
C HIS M 105 -23.17 -45.99 32.97
N TYR M 106 -22.36 -45.26 33.72
CA TYR M 106 -22.06 -45.60 35.10
C TYR M 106 -23.31 -45.65 35.97
N SER M 107 -24.29 -44.79 35.69
CA SER M 107 -25.52 -44.77 36.47
C SER M 107 -26.33 -46.06 36.34
N ASP M 108 -26.18 -46.78 35.21
CA ASP M 108 -26.86 -48.06 34.95
C ASP M 108 -26.68 -49.08 36.06
N PHE M 109 -25.59 -48.96 36.81
CA PHE M 109 -25.24 -49.94 37.81
C PHE M 109 -26.01 -49.81 39.10
N SER M 110 -26.11 -48.61 39.69
CA SER M 110 -26.89 -48.46 40.92
C SER M 110 -28.18 -47.65 40.77
N GLY M 111 -28.46 -47.13 39.58
CA GLY M 111 -29.68 -46.36 39.35
C GLY M 111 -30.61 -46.90 38.27
N GLU M 112 -30.40 -48.14 37.86
CA GLU M 112 -31.22 -48.79 36.85
C GLU M 112 -31.33 -50.28 37.18
N ILE M 113 -31.49 -50.65 38.47
CA ILE M 113 -31.61 -52.07 38.83
C ILE M 113 -33.05 -52.56 38.86
N ASP M 114 -33.45 -53.44 37.93
CA ASP M 114 -34.82 -53.94 37.92
C ASP M 114 -34.95 -55.39 38.40
N ALA M 115 -33.93 -55.94 39.10
CA ALA M 115 -33.97 -57.31 39.62
C ALA M 115 -32.98 -57.52 40.78
N TRP M 116 -33.43 -58.16 41.87
CA TRP M 116 -32.56 -58.44 43.04
C TRP M 116 -32.65 -59.91 43.48
N GLY M 117 -31.68 -60.38 44.27
CA GLY M 117 -31.70 -61.74 44.78
C GLY M 117 -32.16 -61.81 46.23
N HIS M 118 -32.18 -63.03 46.80
CA HIS M 118 -32.54 -63.20 48.22
C HIS M 118 -31.45 -62.56 49.09
N GLY M 119 -30.20 -62.77 48.72
CA GLY M 119 -29.05 -62.22 49.41
C GLY M 119 -28.48 -63.16 50.44
N THR M 120 -27.31 -63.74 50.17
CA THR M 120 -26.65 -64.62 51.14
C THR M 120 -25.88 -63.77 52.15
N GLU M 121 -25.83 -64.23 53.40
CA GLU M 121 -25.09 -63.54 54.44
C GLU M 121 -23.63 -63.98 54.36
N VAL M 122 -22.67 -63.08 54.63
CA VAL M 122 -21.28 -63.49 54.71
C VAL M 122 -20.68 -63.01 56.03
N ILE M 123 -20.39 -63.97 56.90
CA ILE M 123 -19.76 -63.77 58.19
C ILE M 123 -18.33 -64.26 58.01
N VAL M 124 -17.38 -63.37 58.26
CA VAL M 124 -15.97 -63.73 58.09
C VAL M 124 -15.36 -64.42 59.32
N SER M 125 -16.10 -64.57 60.42
CA SER M 125 -15.57 -65.18 61.64
C SER M 125 -15.00 -66.59 61.48
N SER M 126 -13.98 -66.89 62.28
CA SER M 126 -13.34 -68.19 62.35
C SER M 126 -13.92 -68.92 63.59
N ALA M 127 -15.25 -69.09 63.63
CA ALA M 127 -15.89 -69.72 64.78
C ALA M 127 -16.97 -70.72 64.36
N SER M 128 -16.86 -71.97 64.82
CA SER M 128 -17.79 -73.05 64.48
C SER M 128 -19.27 -72.76 64.79
N THR M 129 -20.15 -73.34 63.95
CA THR M 129 -21.61 -73.20 63.95
C THR M 129 -22.31 -73.95 65.14
N LYS M 130 -23.30 -73.30 65.79
CA LYS M 130 -24.03 -73.84 66.95
C LYS M 130 -25.51 -74.16 66.64
N GLY M 131 -26.16 -74.92 67.53
CA GLY M 131 -27.55 -75.31 67.35
C GLY M 131 -28.51 -74.54 68.24
N PRO M 132 -29.69 -74.16 67.72
CA PRO M 132 -30.63 -73.40 68.53
C PRO M 132 -31.37 -74.19 69.61
N SER M 133 -31.71 -73.51 70.72
CA SER M 133 -32.44 -74.11 71.83
C SER M 133 -33.79 -73.43 71.97
N VAL M 134 -34.84 -74.04 71.39
CA VAL M 134 -36.18 -73.47 71.43
C VAL M 134 -36.90 -73.74 72.75
N PHE M 135 -37.15 -72.69 73.52
CA PHE M 135 -37.87 -72.81 74.80
C PHE M 135 -39.22 -72.14 74.67
N PRO M 136 -40.30 -72.79 75.13
CA PRO M 136 -41.63 -72.18 75.00
C PRO M 136 -41.84 -70.92 75.84
N LEU M 137 -42.81 -70.10 75.43
CA LEU M 137 -43.19 -68.88 76.15
C LEU M 137 -44.68 -69.03 76.48
N ALA M 138 -44.95 -69.64 77.62
CA ALA M 138 -46.31 -69.95 78.05
C ALA M 138 -47.08 -68.73 78.55
N PRO M 139 -48.38 -68.65 78.21
CA PRO M 139 -49.19 -67.53 78.69
C PRO M 139 -49.67 -67.72 80.13
N THR M 144 -52.90 -64.38 84.10
CA THR M 144 -53.02 -63.41 83.01
C THR M 144 -54.09 -63.83 82.01
N SER M 145 -55.18 -63.04 81.91
CA SER M 145 -56.27 -63.34 80.99
C SER M 145 -57.04 -62.08 80.57
N GLY M 146 -57.62 -62.13 79.38
CA GLY M 146 -58.39 -61.01 78.84
C GLY M 146 -59.23 -61.40 77.65
N GLY M 147 -59.14 -60.61 76.58
CA GLY M 147 -59.89 -60.87 75.35
C GLY M 147 -59.06 -61.62 74.32
N THR M 148 -57.77 -61.32 74.28
CA THR M 148 -56.83 -61.96 73.35
C THR M 148 -55.53 -62.28 74.09
N ALA M 149 -55.10 -63.55 74.06
CA ALA M 149 -53.88 -63.96 74.76
C ALA M 149 -52.76 -64.28 73.79
N ALA M 150 -51.52 -63.91 74.14
CA ALA M 150 -50.37 -64.17 73.29
C ALA M 150 -49.50 -65.31 73.80
N LEU M 151 -48.78 -65.97 72.89
CA LEU M 151 -47.85 -67.07 73.18
C LEU M 151 -46.74 -67.12 72.12
N GLY M 152 -45.56 -67.61 72.50
CA GLY M 152 -44.45 -67.67 71.56
C GLY M 152 -43.40 -68.72 71.82
N CYS M 153 -42.27 -68.61 71.11
CA CYS M 153 -41.13 -69.52 71.23
C CYS M 153 -39.83 -68.73 71.24
N LEU M 154 -38.87 -69.17 72.06
CA LEU M 154 -37.59 -68.49 72.21
C LEU M 154 -36.44 -69.26 71.57
N VAL M 155 -36.04 -68.86 70.37
CA VAL M 155 -34.92 -69.46 69.66
C VAL M 155 -33.65 -68.85 70.25
N LYS M 156 -33.17 -69.39 71.38
CA LYS M 156 -32.01 -68.84 72.05
C LYS M 156 -30.73 -69.63 71.77
N ASP M 157 -29.63 -68.89 71.59
CA ASP M 157 -28.27 -69.40 71.37
C ASP M 157 -28.08 -70.19 70.07
N TYR M 158 -27.83 -69.48 68.96
CA TYR M 158 -27.55 -70.09 67.66
C TYR M 158 -26.60 -69.21 66.85
N PHE M 159 -25.73 -69.83 66.05
CA PHE M 159 -24.79 -69.07 65.24
C PHE M 159 -24.45 -69.83 63.96
N PRO M 160 -24.54 -69.18 62.79
CA PRO M 160 -24.86 -67.78 62.53
C PRO M 160 -26.31 -67.57 62.06
N GLU M 161 -26.60 -66.45 61.36
CA GLU M 161 -27.92 -66.10 60.83
C GLU M 161 -28.14 -66.65 59.41
N PRO M 162 -29.39 -66.88 58.96
CA PRO M 162 -30.67 -66.55 59.60
C PRO M 162 -31.44 -67.77 60.14
N VAL M 163 -32.62 -67.52 60.74
CA VAL M 163 -33.49 -68.58 61.27
C VAL M 163 -34.93 -68.36 60.76
N THR M 164 -35.60 -69.43 60.31
CA THR M 164 -36.97 -69.32 59.80
C THR M 164 -37.97 -69.96 60.76
N VAL M 165 -38.88 -69.15 61.32
CA VAL M 165 -39.88 -69.65 62.25
C VAL M 165 -41.30 -69.55 61.69
N SER M 166 -41.97 -70.69 61.54
CA SER M 166 -43.35 -70.74 61.06
C SER M 166 -44.29 -71.32 62.14
N TRP M 167 -45.59 -71.05 62.04
CA TRP M 167 -46.55 -71.56 63.03
C TRP M 167 -47.56 -72.54 62.45
N ASN M 168 -47.68 -73.72 63.10
CA ASN M 168 -48.59 -74.81 62.71
C ASN M 168 -48.35 -75.32 61.30
N SER M 169 -47.07 -75.39 60.88
CA SER M 169 -46.64 -75.83 59.55
C SER M 169 -47.15 -74.94 58.43
N GLY M 170 -47.18 -73.64 58.67
CA GLY M 170 -47.64 -72.66 57.69
C GLY M 170 -49.14 -72.44 57.67
N ALA M 171 -49.83 -72.78 58.76
CA ALA M 171 -51.28 -72.59 58.84
C ALA M 171 -51.62 -71.25 59.49
N LEU M 172 -50.89 -70.89 60.55
CA LEU M 172 -51.13 -69.64 61.26
C LEU M 172 -50.27 -68.54 60.65
N THR M 173 -50.91 -67.56 60.00
CA THR M 173 -50.19 -66.47 59.36
C THR M 173 -50.53 -65.12 59.99
N SER M 174 -51.83 -64.85 60.22
CA SER M 174 -52.27 -63.60 60.82
C SER M 174 -51.97 -63.57 62.32
N GLY M 175 -51.43 -62.45 62.79
CA GLY M 175 -51.08 -62.29 64.19
C GLY M 175 -49.69 -62.79 64.56
N VAL M 176 -48.98 -63.41 63.61
CA VAL M 176 -47.65 -63.94 63.86
C VAL M 176 -46.59 -62.87 63.59
N HIS M 177 -45.80 -62.55 64.61
CA HIS M 177 -44.75 -61.55 64.47
C HIS M 177 -43.38 -62.20 64.72
N THR M 178 -42.43 -61.99 63.80
CA THR M 178 -41.09 -62.56 63.95
C THR M 178 -40.11 -61.42 64.25
N PHE M 179 -39.54 -61.43 65.45
CA PHE M 179 -38.62 -60.38 65.90
C PHE M 179 -37.18 -60.64 65.44
N PRO M 180 -36.48 -59.59 64.98
CA PRO M 180 -35.09 -59.78 64.54
C PRO M 180 -34.17 -60.24 65.67
N ALA M 181 -33.25 -61.14 65.36
CA ALA M 181 -32.34 -61.68 66.37
C ALA M 181 -31.35 -60.65 66.89
N VAL M 182 -31.01 -60.74 68.17
CA VAL M 182 -30.07 -59.82 68.79
C VAL M 182 -28.73 -60.49 69.08
N LEU M 183 -27.63 -59.78 68.83
CA LEU M 183 -26.30 -60.33 69.06
C LEU M 183 -25.87 -60.21 70.51
N GLN M 184 -25.79 -61.34 71.21
CA GLN M 184 -25.39 -61.36 72.62
C GLN M 184 -23.88 -61.11 72.77
N SER M 185 -23.45 -60.77 74.01
CA SER M 185 -22.03 -60.56 74.33
C SER M 185 -21.17 -61.84 74.19
N SER M 186 -21.82 -63.02 74.12
CA SER M 186 -21.14 -64.31 73.95
C SER M 186 -20.99 -64.73 72.47
N GLY M 187 -21.51 -63.94 71.53
CA GLY M 187 -21.41 -64.24 70.11
C GLY M 187 -22.49 -65.17 69.62
N LEU M 188 -23.68 -65.10 70.23
CA LEU M 188 -24.82 -65.94 69.83
C LEU M 188 -26.08 -65.10 69.58
N TYR M 189 -27.01 -65.58 68.76
CA TYR M 189 -28.24 -64.85 68.45
C TYR M 189 -29.45 -65.31 69.28
N SER M 190 -30.41 -64.40 69.53
CA SER M 190 -31.60 -64.72 70.31
C SER M 190 -32.88 -64.24 69.63
N LEU M 191 -33.46 -65.08 68.77
CA LEU M 191 -34.69 -64.74 68.05
C LEU M 191 -35.93 -65.14 68.85
N SER M 192 -37.01 -64.34 68.76
CA SER M 192 -38.26 -64.65 69.44
C SER M 192 -39.44 -64.45 68.49
N SER M 193 -40.32 -65.44 68.36
CA SER M 193 -41.48 -65.31 67.48
C SER M 193 -42.75 -65.48 68.29
N VAL M 194 -43.60 -64.44 68.33
CA VAL M 194 -44.85 -64.52 69.09
C VAL M 194 -46.07 -64.56 68.15
N VAL M 195 -47.22 -65.00 68.65
CA VAL M 195 -48.46 -65.07 67.88
C VAL M 195 -49.65 -64.74 68.79
N THR M 196 -50.50 -63.80 68.37
CA THR M 196 -51.66 -63.39 69.16
C THR M 196 -52.93 -64.13 68.81
N VAL M 197 -53.25 -65.18 69.58
CA VAL M 197 -54.45 -65.98 69.37
C VAL M 197 -55.51 -65.67 70.46
N PRO M 198 -56.82 -65.92 70.19
CA PRO M 198 -57.84 -65.59 71.21
C PRO M 198 -57.71 -66.37 72.51
N SER M 199 -58.27 -65.83 73.60
CA SER M 199 -58.22 -66.47 74.92
C SER M 199 -59.07 -67.74 74.99
N SER M 200 -60.15 -67.81 74.21
CA SER M 200 -61.01 -69.00 74.19
C SER M 200 -60.34 -70.20 73.51
N SER M 201 -59.39 -69.94 72.59
CA SER M 201 -58.65 -70.98 71.87
C SER M 201 -57.52 -71.63 72.68
N LEU M 202 -57.18 -71.07 73.84
CA LEU M 202 -56.12 -71.61 74.69
C LEU M 202 -56.49 -72.99 75.18
N GLY M 203 -55.69 -73.98 74.82
CA GLY M 203 -55.94 -75.35 75.24
C GLY M 203 -56.64 -76.20 74.20
N THR M 204 -57.82 -75.74 73.73
CA THR M 204 -58.58 -76.47 72.73
C THR M 204 -57.90 -76.48 71.35
N GLN M 205 -57.02 -75.51 71.07
CA GLN M 205 -56.29 -75.48 69.80
C GLN M 205 -54.80 -75.68 70.04
N THR M 206 -54.16 -76.53 69.24
CA THR M 206 -52.74 -76.85 69.37
C THR M 206 -51.88 -75.83 68.59
N TYR M 207 -50.78 -75.39 69.21
CA TYR M 207 -49.86 -74.44 68.59
C TYR M 207 -48.42 -74.96 68.66
N ILE M 208 -47.87 -75.36 67.50
CA ILE M 208 -46.50 -75.89 67.44
C ILE M 208 -45.61 -75.03 66.56
N CYS M 209 -44.65 -74.32 67.17
CA CYS M 209 -43.72 -73.48 66.42
C CYS M 209 -42.67 -74.35 65.73
N ASN M 210 -42.48 -74.14 64.42
CA ASN M 210 -41.50 -74.91 63.64
C ASN M 210 -40.28 -74.03 63.35
N VAL M 211 -39.18 -74.22 64.09
CA VAL M 211 -37.97 -73.44 63.86
C VAL M 211 -36.99 -74.23 62.99
N ASN M 212 -36.64 -73.69 61.82
CA ASN M 212 -35.69 -74.35 60.92
C ASN M 212 -34.43 -73.50 60.86
N HIS M 213 -33.29 -74.09 61.22
CA HIS M 213 -32.00 -73.44 61.18
C HIS M 213 -31.15 -74.17 60.14
N LYS M 214 -30.95 -73.52 58.98
CA LYS M 214 -30.18 -74.08 57.87
C LYS M 214 -28.67 -74.30 58.15
N PRO M 215 -27.96 -73.37 58.83
CA PRO M 215 -26.51 -73.58 59.04
C PRO M 215 -26.12 -74.86 59.76
N SER M 216 -26.71 -75.12 60.93
CA SER M 216 -26.40 -76.33 61.69
C SER M 216 -27.29 -77.54 61.34
N ASN M 217 -28.14 -77.41 60.31
CA ASN M 217 -29.10 -78.44 59.88
C ASN M 217 -30.04 -78.86 61.01
N THR M 218 -30.36 -77.93 61.90
CA THR M 218 -31.22 -78.17 63.05
C THR M 218 -32.65 -77.84 62.67
N LYS M 219 -33.57 -78.76 62.97
CA LYS M 219 -35.00 -78.64 62.69
C LYS M 219 -35.72 -79.04 63.97
N VAL M 220 -36.20 -78.06 64.75
CA VAL M 220 -36.87 -78.32 66.05
C VAL M 220 -38.30 -77.81 66.10
N ASP M 221 -39.25 -78.70 66.43
CA ASP M 221 -40.66 -78.35 66.55
C ASP M 221 -40.99 -78.33 68.04
N LYS M 222 -41.57 -77.23 68.52
CA LYS M 222 -41.89 -77.11 69.95
C LYS M 222 -43.35 -76.76 70.20
N LYS M 223 -44.01 -77.51 71.09
CA LYS M 223 -45.41 -77.29 71.41
C LYS M 223 -45.54 -76.36 72.62
N VAL M 224 -46.00 -75.13 72.41
CA VAL M 224 -46.18 -74.19 73.52
C VAL M 224 -47.54 -74.40 74.16
N GLU M 225 -47.55 -74.76 75.46
CA GLU M 225 -48.79 -75.06 76.16
C GLU M 225 -49.01 -74.19 77.40
N PRO M 226 -50.24 -73.67 77.57
CA PRO M 226 -50.52 -72.84 78.75
C PRO M 226 -50.85 -73.67 79.99
N LYS M 227 -50.89 -73.03 81.17
CA LYS M 227 -51.22 -73.73 82.41
C LYS M 227 -52.21 -72.93 83.25
N ALA N 1 -21.15 -36.23 47.14
CA ALA N 1 -21.87 -37.41 47.63
C ALA N 1 -23.38 -37.35 47.32
N LEU N 2 -24.07 -38.51 47.33
CA LEU N 2 -25.51 -38.58 47.08
C LEU N 2 -26.36 -38.26 48.32
N THR N 3 -26.54 -36.96 48.63
CA THR N 3 -27.28 -36.53 49.81
C THR N 3 -28.78 -36.84 49.72
N GLN N 4 -29.27 -37.56 50.72
CA GLN N 4 -30.64 -38.02 50.83
C GLN N 4 -31.06 -37.88 52.30
N PRO N 5 -32.25 -37.29 52.58
CA PRO N 5 -32.68 -37.11 53.98
C PRO N 5 -32.62 -38.34 54.87
N SER N 6 -32.27 -38.14 56.14
CA SER N 6 -32.18 -39.23 57.11
C SER N 6 -33.55 -39.87 57.33
N SER N 7 -34.58 -39.04 57.47
CA SER N 7 -35.94 -39.53 57.70
C SER N 7 -36.99 -38.53 57.24
N VAL N 8 -38.18 -39.05 56.89
CA VAL N 8 -39.34 -38.27 56.48
C VAL N 8 -40.58 -38.97 57.09
N SER N 9 -41.56 -38.20 57.56
CA SER N 9 -42.76 -38.77 58.17
C SER N 9 -44.03 -38.21 57.48
N ALA N 10 -45.07 -39.05 57.29
CA ALA N 10 -46.33 -38.57 56.68
C ALA N 10 -47.56 -39.38 57.13
N ASN N 11 -48.71 -38.71 57.20
CA ASN N 11 -50.00 -39.29 57.61
C ASN N 11 -50.64 -39.99 56.41
N PRO N 12 -51.17 -41.23 56.55
CA PRO N 12 -51.77 -41.93 55.39
C PRO N 12 -52.70 -41.09 54.54
N GLY N 13 -52.58 -41.24 53.23
CA GLY N 13 -53.37 -40.47 52.27
C GLY N 13 -52.60 -39.26 51.75
N GLU N 14 -51.54 -38.83 52.44
CA GLU N 14 -50.76 -37.67 52.03
C GLU N 14 -49.75 -37.99 50.94
N THR N 15 -49.29 -36.96 50.20
CA THR N 15 -48.28 -37.14 49.16
C THR N 15 -46.90 -36.96 49.80
N VAL N 16 -45.99 -37.92 49.54
CA VAL N 16 -44.65 -37.87 50.12
C VAL N 16 -43.61 -37.61 49.03
N LYS N 17 -42.63 -36.74 49.30
CA LYS N 17 -41.59 -36.43 48.31
C LYS N 17 -40.20 -36.63 48.88
N ILE N 18 -39.44 -37.54 48.27
CA ILE N 18 -38.10 -37.87 48.73
C ILE N 18 -37.05 -37.34 47.77
N THR N 19 -36.22 -36.37 48.20
CA THR N 19 -35.18 -35.82 47.33
C THR N 19 -33.86 -36.57 47.47
N CYS N 20 -33.09 -36.62 46.38
CA CYS N 20 -31.76 -37.23 46.34
C CYS N 20 -30.94 -36.31 45.44
N SER N 21 -29.86 -35.71 45.95
CA SER N 21 -29.13 -34.73 45.14
C SER N 21 -27.60 -34.89 45.12
N GLY N 22 -27.06 -34.56 43.96
CA GLY N 22 -25.64 -34.64 43.65
C GLY N 22 -25.38 -35.18 42.26
N SER N 23 -26.27 -36.07 41.77
CA SER N 23 -26.10 -36.68 40.46
C SER N 23 -27.12 -36.23 39.45
N THR N 24 -26.70 -36.17 38.22
CA THR N 24 -27.55 -35.71 37.13
C THR N 24 -27.91 -36.82 36.13
N TYR N 25 -27.64 -38.09 36.45
CA TYR N 25 -27.91 -39.17 35.51
C TYR N 25 -29.12 -40.02 35.94
N ASN N 26 -29.15 -41.35 35.70
CA ASN N 26 -30.33 -42.16 36.00
C ASN N 26 -30.49 -42.57 37.46
N TYR N 27 -31.53 -42.02 38.10
CA TYR N 27 -31.89 -42.31 39.48
C TYR N 27 -32.67 -43.60 39.57
N GLY N 28 -32.48 -44.31 40.66
CA GLY N 28 -33.19 -45.55 40.91
C GLY N 28 -33.57 -45.63 42.37
N TRP N 29 -34.84 -45.89 42.69
CA TRP N 29 -35.31 -45.95 44.07
C TRP N 29 -35.65 -47.35 44.47
N TYR N 30 -35.05 -47.82 45.56
CA TYR N 30 -35.25 -49.18 46.03
C TYR N 30 -35.73 -49.20 47.48
N GLN N 31 -36.86 -49.87 47.75
CA GLN N 31 -37.39 -49.93 49.11
C GLN N 31 -36.93 -51.17 49.85
N GLN N 32 -36.67 -51.03 51.15
CA GLN N 32 -36.26 -52.16 51.98
C GLN N 32 -36.98 -52.07 53.32
N LYS N 33 -37.91 -53.00 53.60
CA LYS N 33 -38.72 -53.01 54.81
C LYS N 33 -37.92 -53.24 56.12
N SER N 34 -36.97 -54.19 56.12
CA SER N 34 -36.17 -54.46 57.32
C SER N 34 -34.71 -54.68 56.95
N PRO N 35 -33.76 -54.06 57.67
CA PRO N 35 -32.34 -54.24 57.33
C PRO N 35 -31.90 -55.69 57.27
N GLY N 36 -31.46 -56.12 56.09
CA GLY N 36 -31.05 -57.49 55.83
C GLY N 36 -31.90 -58.13 54.75
N SER N 37 -33.21 -57.80 54.75
CA SER N 37 -34.18 -58.34 53.78
C SER N 37 -33.96 -57.76 52.39
N ALA N 38 -34.20 -58.59 51.36
CA ALA N 38 -34.03 -58.21 49.97
C ALA N 38 -34.85 -56.98 49.56
N PRO N 39 -34.16 -55.95 49.04
CA PRO N 39 -34.87 -54.75 48.60
C PRO N 39 -35.67 -54.97 47.33
N VAL N 40 -36.67 -54.11 47.09
CA VAL N 40 -37.51 -54.20 45.92
C VAL N 40 -37.45 -52.90 45.15
N THR N 41 -37.22 -52.96 43.83
CA THR N 41 -37.14 -51.76 43.01
C THR N 41 -38.50 -51.13 42.85
N VAL N 42 -38.61 -49.88 43.29
CA VAL N 42 -39.83 -49.08 43.21
C VAL N 42 -39.89 -48.33 41.85
N ILE N 43 -38.80 -47.63 41.50
CA ILE N 43 -38.65 -46.87 40.26
C ILE N 43 -37.20 -47.05 39.80
N TYR N 44 -37.00 -47.32 38.51
CA TYR N 44 -35.66 -47.42 37.94
C TYR N 44 -35.57 -46.51 36.69
N TYR N 45 -34.37 -46.01 36.33
CA TYR N 45 -34.21 -45.18 35.12
C TYR N 45 -34.96 -43.84 35.24
N ASN N 46 -34.91 -43.22 36.44
CA ASN N 46 -35.52 -41.93 36.78
C ASN N 46 -37.03 -41.99 37.05
N ASP N 47 -37.80 -42.52 36.07
CA ASP N 47 -39.25 -42.55 36.10
C ASP N 47 -39.87 -43.88 35.72
N LYS N 48 -39.11 -44.82 35.15
CA LYS N 48 -39.66 -46.12 34.77
C LYS N 48 -40.11 -46.88 36.02
N ARG N 49 -41.31 -47.47 35.99
CA ARG N 49 -41.84 -48.20 37.14
C ARG N 49 -42.13 -49.64 36.75
N PRO N 50 -41.69 -50.62 37.56
CA PRO N 50 -41.97 -52.02 37.23
C PRO N 50 -43.47 -52.33 37.27
N SER N 51 -43.92 -53.29 36.43
CA SER N 51 -45.33 -53.68 36.31
C SER N 51 -46.02 -54.04 37.63
N ASP N 52 -45.36 -54.81 38.49
CA ASP N 52 -45.92 -55.25 39.78
C ASP N 52 -45.83 -54.19 40.90
N ILE N 53 -45.60 -52.93 40.54
CA ILE N 53 -45.49 -51.86 41.54
C ILE N 53 -46.68 -50.91 41.45
N PRO N 54 -47.23 -50.48 42.61
CA PRO N 54 -48.41 -49.60 42.60
C PRO N 54 -48.27 -48.30 41.82
N SER N 55 -49.39 -47.82 41.26
CA SER N 55 -49.42 -46.56 40.51
C SER N 55 -49.13 -45.32 41.38
N ARG N 56 -49.31 -45.44 42.71
CA ARG N 56 -49.03 -44.36 43.65
C ARG N 56 -47.56 -43.95 43.71
N PHE N 57 -46.66 -44.82 43.21
CA PHE N 57 -45.22 -44.57 43.13
C PHE N 57 -44.84 -43.95 41.78
N SER N 58 -44.10 -42.84 41.82
CA SER N 58 -43.64 -42.09 40.63
C SER N 58 -42.28 -41.41 40.87
N GLY N 59 -41.55 -41.10 39.79
CA GLY N 59 -40.24 -40.47 39.93
C GLY N 59 -40.01 -39.30 38.97
N SER N 60 -39.07 -38.39 39.32
CA SER N 60 -38.78 -37.21 38.47
C SER N 60 -37.40 -36.61 38.75
N LYS N 61 -36.66 -36.24 37.70
CA LYS N 61 -35.33 -35.66 37.86
C LYS N 61 -35.31 -34.23 37.33
N SER N 62 -34.73 -33.29 38.08
CA SER N 62 -34.56 -31.90 37.66
C SER N 62 -33.14 -31.47 37.99
N GLY N 63 -32.31 -31.32 36.97
CA GLY N 63 -30.92 -30.95 37.16
C GLY N 63 -30.17 -32.11 37.79
N SER N 64 -29.61 -31.89 38.98
CA SER N 64 -28.91 -32.94 39.70
C SER N 64 -29.69 -33.39 40.93
N THR N 65 -31.03 -33.33 40.89
CA THR N 65 -31.86 -33.71 42.01
C THR N 65 -33.06 -34.52 41.55
N GLY N 66 -33.25 -35.71 42.10
CA GLY N 66 -34.38 -36.57 41.77
C GLY N 66 -35.36 -36.66 42.93
N THR N 67 -36.65 -36.96 42.67
CA THR N 67 -37.65 -36.99 43.75
C THR N 67 -38.65 -38.14 43.63
N LEU N 68 -38.70 -39.01 44.66
CA LEU N 68 -39.65 -40.12 44.69
C LEU N 68 -40.97 -39.61 45.26
N THR N 69 -42.02 -39.63 44.45
CA THR N 69 -43.31 -39.14 44.87
C THR N 69 -44.25 -40.30 45.12
N ILE N 70 -44.79 -40.38 46.33
CA ILE N 70 -45.76 -41.41 46.69
C ILE N 70 -47.08 -40.72 46.99
N THR N 71 -47.94 -40.61 45.98
CA THR N 71 -49.23 -39.94 46.15
C THR N 71 -50.22 -40.83 46.89
N GLY N 72 -50.76 -40.35 48.00
CA GLY N 72 -51.71 -41.13 48.79
C GLY N 72 -51.02 -42.33 49.42
N VAL N 73 -50.22 -42.06 50.42
CA VAL N 73 -49.40 -43.08 51.06
C VAL N 73 -50.23 -44.05 51.91
N GLN N 74 -49.76 -45.29 52.06
CA GLN N 74 -50.41 -46.34 52.85
C GLN N 74 -49.49 -46.88 53.99
N ALA N 75 -49.93 -47.91 54.74
CA ALA N 75 -49.14 -48.47 55.85
C ALA N 75 -48.03 -49.40 55.37
N GLU N 76 -48.19 -50.01 54.17
CA GLU N 76 -47.19 -50.90 53.55
C GLU N 76 -45.95 -50.13 53.10
N ASP N 77 -46.14 -48.85 52.76
CA ASP N 77 -45.11 -47.95 52.29
C ASP N 77 -44.13 -47.50 53.38
N GLU N 78 -44.06 -48.24 54.50
CA GLU N 78 -43.05 -47.97 55.51
C GLU N 78 -41.82 -48.72 55.00
N ALA N 79 -40.68 -48.05 54.87
CA ALA N 79 -39.43 -48.66 54.42
C ALA N 79 -38.31 -47.63 54.46
N VAL N 80 -37.05 -48.08 54.44
CA VAL N 80 -35.95 -47.16 54.32
C VAL N 80 -35.69 -47.17 52.81
N TYR N 81 -36.07 -46.08 52.15
CA TYR N 81 -35.96 -45.93 50.71
C TYR N 81 -34.55 -45.51 50.35
N TYR N 82 -33.95 -46.14 49.34
CA TYR N 82 -32.58 -45.82 48.95
C TYR N 82 -32.53 -45.32 47.52
N CYS N 83 -31.79 -44.22 47.27
CA CYS N 83 -31.61 -43.75 45.90
C CYS N 83 -30.30 -44.32 45.34
N GLY N 84 -30.21 -44.40 44.02
CA GLY N 84 -29.05 -44.96 43.36
C GLY N 84 -28.78 -44.22 42.07
N ASN N 85 -27.50 -43.96 41.78
CA ASN N 85 -27.10 -43.24 40.57
C ASN N 85 -25.56 -43.33 40.40
N SER N 86 -24.99 -42.51 39.53
CA SER N 86 -23.55 -42.40 39.37
C SER N 86 -23.18 -41.07 40.00
N ASP N 87 -22.24 -41.03 40.93
CA ASP N 87 -21.79 -39.77 41.50
C ASP N 87 -20.45 -39.52 40.87
N SER N 88 -20.40 -38.73 39.80
CA SER N 88 -19.16 -38.40 39.12
C SER N 88 -18.31 -39.63 38.76
N ARG N 89 -18.84 -40.47 37.84
CA ARG N 89 -18.19 -41.69 37.35
C ARG N 89 -17.87 -42.70 38.45
N ASN N 90 -18.76 -42.82 39.44
CA ASN N 90 -18.66 -43.77 40.54
C ASN N 90 -20.04 -44.29 40.86
N VAL N 91 -20.22 -45.61 40.87
CA VAL N 91 -21.54 -46.18 41.16
C VAL N 91 -21.79 -46.04 42.65
N ALA N 92 -22.88 -45.39 43.08
CA ALA N 92 -23.10 -45.17 44.52
C ALA N 92 -24.56 -45.07 44.91
N PHE N 93 -24.89 -45.37 46.20
CA PHE N 93 -26.23 -45.29 46.77
C PHE N 93 -26.35 -44.14 47.77
N GLY N 94 -27.58 -43.78 48.11
CA GLY N 94 -27.83 -42.75 49.11
C GLY N 94 -27.76 -43.31 50.52
N ALA N 95 -27.84 -42.43 51.51
CA ALA N 95 -27.76 -42.81 52.92
C ALA N 95 -28.97 -43.63 53.40
N GLY N 96 -30.14 -43.33 52.88
CA GLY N 96 -31.37 -44.01 53.26
C GLY N 96 -32.35 -43.02 53.81
N THR N 97 -33.61 -43.18 53.45
CA THR N 97 -34.66 -42.28 53.90
C THR N 97 -35.72 -43.14 54.55
N THR N 98 -35.79 -43.12 55.89
CA THR N 98 -36.76 -43.95 56.60
C THR N 98 -38.13 -43.32 56.55
N LEU N 99 -39.09 -44.02 55.98
CA LEU N 99 -40.44 -43.48 55.87
C LEU N 99 -41.30 -43.99 57.00
N THR N 100 -41.65 -43.09 57.93
CA THR N 100 -42.51 -43.43 59.05
C THR N 100 -43.95 -42.98 58.74
N VAL N 101 -44.93 -43.87 59.00
CA VAL N 101 -46.34 -43.64 58.71
C VAL N 101 -47.08 -43.16 59.97
N LEU N 102 -47.77 -42.02 59.86
CA LEU N 102 -48.44 -41.33 60.95
C LEU N 102 -49.84 -41.85 61.33
N ARG N 103 -49.91 -42.65 62.38
CA ARG N 103 -51.16 -43.22 62.92
C ARG N 103 -51.56 -42.48 64.25
N THR N 104 -52.72 -42.83 64.84
CA THR N 104 -53.09 -42.28 66.15
C THR N 104 -52.23 -42.95 67.24
N VAL N 105 -52.15 -42.34 68.44
CA VAL N 105 -51.33 -42.90 69.54
C VAL N 105 -51.87 -44.22 70.09
N ALA N 106 -51.07 -45.29 69.98
CA ALA N 106 -51.48 -46.60 70.48
C ALA N 106 -50.71 -47.00 71.74
N ALA N 107 -51.35 -47.76 72.62
CA ALA N 107 -50.72 -48.20 73.86
C ALA N 107 -50.21 -49.64 73.71
N PRO N 108 -49.04 -49.96 74.30
CA PRO N 108 -48.51 -51.33 74.16
C PRO N 108 -49.17 -52.36 75.09
N SER N 109 -49.46 -53.55 74.56
CA SER N 109 -50.02 -54.64 75.35
C SER N 109 -48.83 -55.41 75.94
N VAL N 110 -48.57 -55.25 77.23
CA VAL N 110 -47.41 -55.87 77.88
C VAL N 110 -47.68 -57.29 78.38
N PHE N 111 -46.76 -58.22 78.10
CA PHE N 111 -46.85 -59.61 78.54
C PHE N 111 -45.49 -60.07 79.04
N ILE N 112 -45.37 -60.37 80.35
CA ILE N 112 -44.11 -60.85 80.92
C ILE N 112 -44.04 -62.39 80.90
N PHE N 113 -42.88 -62.94 80.55
CA PHE N 113 -42.71 -64.39 80.44
C PHE N 113 -41.59 -64.92 81.33
N PRO N 114 -41.87 -65.96 82.13
CA PRO N 114 -40.83 -66.53 83.01
C PRO N 114 -39.95 -67.57 82.32
N PRO N 115 -38.71 -67.78 82.81
CA PRO N 115 -37.84 -68.80 82.17
C PRO N 115 -38.42 -70.19 82.33
N SER N 116 -38.36 -70.98 81.26
CA SER N 116 -38.93 -72.33 81.22
C SER N 116 -38.23 -73.32 82.16
N ASP N 117 -38.88 -74.47 82.42
CA ASP N 117 -38.29 -75.52 83.24
C ASP N 117 -37.06 -76.15 82.56
N GLU N 118 -37.05 -76.19 81.22
CA GLU N 118 -35.93 -76.73 80.44
C GLU N 118 -34.73 -75.78 80.49
N GLN N 119 -34.98 -74.45 80.50
CA GLN N 119 -33.94 -73.43 80.50
C GLN N 119 -33.18 -73.38 81.82
N LEU N 120 -33.88 -73.59 82.94
CA LEU N 120 -33.27 -73.54 84.25
C LEU N 120 -32.30 -74.70 84.52
N LYS N 121 -32.53 -75.87 83.90
CA LYS N 121 -31.64 -77.02 84.07
C LYS N 121 -30.29 -76.80 83.37
N SER N 122 -30.27 -76.01 82.28
CA SER N 122 -29.06 -75.70 81.52
C SER N 122 -28.09 -74.85 82.34
N GLY N 123 -28.62 -73.90 83.10
CA GLY N 123 -27.80 -73.02 83.92
C GLY N 123 -28.00 -71.54 83.66
N THR N 124 -29.00 -71.19 82.86
CA THR N 124 -29.30 -69.78 82.55
C THR N 124 -30.80 -69.51 82.64
N ALA N 125 -31.19 -68.29 82.99
CA ALA N 125 -32.61 -67.94 83.13
C ALA N 125 -32.87 -66.53 82.65
N SER N 126 -33.49 -66.38 81.49
CA SER N 126 -33.79 -65.06 80.95
C SER N 126 -35.28 -64.76 80.95
N VAL N 127 -35.65 -63.64 81.57
CA VAL N 127 -37.04 -63.19 81.65
C VAL N 127 -37.31 -62.27 80.49
N VAL N 128 -38.41 -62.49 79.76
CA VAL N 128 -38.73 -61.66 78.60
C VAL N 128 -39.96 -60.79 78.78
N CYS N 129 -39.81 -59.46 78.64
CA CYS N 129 -40.96 -58.56 78.67
C CYS N 129 -41.30 -58.26 77.21
N LEU N 130 -42.56 -58.45 76.84
CA LEU N 130 -43.03 -58.26 75.47
C LEU N 130 -43.99 -57.11 75.33
N LEU N 131 -43.72 -56.19 74.41
CA LEU N 131 -44.61 -55.06 74.11
C LEU N 131 -45.28 -55.32 72.76
N ASN N 132 -46.58 -55.01 72.64
CA ASN N 132 -47.30 -55.33 71.41
C ASN N 132 -48.19 -54.22 70.83
N ASN N 133 -48.01 -53.92 69.53
CA ASN N 133 -48.79 -52.95 68.76
C ASN N 133 -48.91 -51.58 69.43
N PHE N 134 -47.85 -50.76 69.32
CA PHE N 134 -47.85 -49.43 69.91
C PHE N 134 -47.29 -48.36 68.95
N TYR N 135 -47.61 -47.10 69.21
CA TYR N 135 -47.15 -45.97 68.38
C TYR N 135 -47.06 -44.72 69.26
N PRO N 136 -45.96 -43.94 69.19
CA PRO N 136 -44.79 -44.08 68.31
C PRO N 136 -43.71 -45.05 68.82
N ARG N 137 -42.60 -45.18 68.07
CA ARG N 137 -41.45 -46.03 68.38
C ARG N 137 -40.78 -45.70 69.73
N GLU N 138 -40.98 -44.45 70.21
CA GLU N 138 -40.44 -43.97 71.48
C GLU N 138 -41.03 -44.78 72.64
N ALA N 139 -40.20 -45.58 73.34
CA ALA N 139 -40.66 -46.37 74.50
C ALA N 139 -39.53 -46.61 75.50
N LYS N 140 -39.87 -46.80 76.77
CA LYS N 140 -38.87 -47.03 77.81
C LYS N 140 -39.16 -48.31 78.59
N VAL N 141 -38.19 -49.23 78.65
CA VAL N 141 -38.36 -50.47 79.41
C VAL N 141 -37.35 -50.55 80.54
N GLN N 142 -37.82 -50.57 81.78
CA GLN N 142 -36.95 -50.64 82.94
C GLN N 142 -37.25 -51.88 83.78
N TRP N 143 -36.21 -52.59 84.22
CA TRP N 143 -36.38 -53.81 85.02
C TRP N 143 -36.28 -53.54 86.52
N LYS N 144 -37.10 -54.24 87.31
CA LYS N 144 -37.11 -54.07 88.76
C LYS N 144 -37.13 -55.42 89.48
N VAL N 145 -35.94 -55.92 89.84
CA VAL N 145 -35.83 -57.18 90.58
C VAL N 145 -35.91 -56.87 92.08
N ASP N 146 -37.05 -57.21 92.70
CA ASP N 146 -37.31 -56.95 94.12
C ASP N 146 -37.21 -55.45 94.44
N ASN N 147 -37.86 -54.62 93.60
CA ASN N 147 -37.91 -53.16 93.71
C ASN N 147 -36.54 -52.49 93.62
N ALA N 148 -35.63 -53.04 92.79
CA ALA N 148 -34.31 -52.46 92.60
C ALA N 148 -34.06 -52.24 91.12
N LEU N 149 -33.52 -51.06 90.75
CA LEU N 149 -33.26 -50.69 89.36
C LEU N 149 -32.14 -51.54 88.72
N GLN N 150 -32.43 -52.14 87.56
CA GLN N 150 -31.44 -52.97 86.87
C GLN N 150 -30.99 -52.31 85.58
N SER N 151 -29.66 -52.22 85.36
CA SER N 151 -29.12 -51.62 84.16
C SER N 151 -27.86 -52.33 83.69
N GLY N 152 -27.71 -52.45 82.37
CA GLY N 152 -26.55 -53.09 81.78
C GLY N 152 -26.74 -54.52 81.33
N ASN N 153 -27.73 -55.23 81.89
CA ASN N 153 -27.96 -56.63 81.52
C ASN N 153 -29.27 -56.86 80.76
N SER N 154 -29.81 -55.82 80.11
CA SER N 154 -31.07 -55.95 79.39
C SER N 154 -30.92 -55.52 77.93
N GLN N 155 -31.33 -56.39 76.99
CA GLN N 155 -31.23 -56.07 75.58
C GLN N 155 -32.59 -56.05 74.89
N GLU N 156 -32.97 -54.89 74.36
CA GLU N 156 -34.25 -54.73 73.67
C GLU N 156 -34.12 -54.99 72.16
N SER N 157 -35.23 -55.40 71.54
CA SER N 157 -35.29 -55.67 70.10
C SER N 157 -36.55 -55.04 69.54
N VAL N 158 -36.41 -54.01 68.68
CA VAL N 158 -37.57 -53.33 68.11
C VAL N 158 -37.82 -53.77 66.67
N THR N 159 -39.08 -54.10 66.32
CA THR N 159 -39.44 -54.52 64.96
C THR N 159 -39.80 -53.33 64.06
N GLU N 160 -39.86 -53.57 62.74
CA GLU N 160 -40.26 -52.58 61.75
C GLU N 160 -41.77 -52.32 61.81
N GLN N 161 -42.20 -51.05 61.70
CA GLN N 161 -43.60 -50.60 61.69
C GLN N 161 -44.45 -51.46 60.74
N ASP N 162 -45.58 -51.98 61.22
CA ASP N 162 -46.46 -52.91 60.51
C ASP N 162 -46.98 -52.46 59.11
N SER N 163 -47.28 -53.45 58.25
CA SER N 163 -47.81 -53.25 56.89
C SER N 163 -49.31 -52.92 56.86
N LYS N 164 -50.03 -53.19 57.96
CA LYS N 164 -51.47 -52.92 58.01
C LYS N 164 -51.86 -52.04 59.19
N ASP N 165 -51.28 -52.31 60.38
CA ASP N 165 -51.61 -51.56 61.58
C ASP N 165 -50.73 -50.33 61.82
N SER N 166 -49.55 -50.27 61.20
CA SER N 166 -48.57 -49.20 61.40
C SER N 166 -48.06 -49.18 62.87
N THR N 167 -48.07 -50.34 63.54
CA THR N 167 -47.67 -50.46 64.93
C THR N 167 -46.32 -51.16 65.12
N TYR N 168 -45.67 -50.85 66.25
CA TYR N 168 -44.37 -51.42 66.62
C TYR N 168 -44.54 -52.50 67.72
N SER N 169 -43.47 -53.27 67.98
CA SER N 169 -43.48 -54.31 69.01
C SER N 169 -42.06 -54.42 69.56
N LEU N 170 -41.90 -54.34 70.88
CA LEU N 170 -40.58 -54.41 71.51
C LEU N 170 -40.34 -55.75 72.21
N SER N 171 -39.08 -56.16 72.35
CA SER N 171 -38.74 -57.42 73.01
C SER N 171 -37.55 -57.27 73.94
N SER N 172 -37.78 -56.82 75.19
CA SER N 172 -36.70 -56.66 76.16
C SER N 172 -36.41 -57.98 76.86
N THR N 173 -35.13 -58.32 77.06
CA THR N 173 -34.76 -59.57 77.71
C THR N 173 -33.77 -59.35 78.85
N LEU N 174 -34.12 -59.83 80.05
CA LEU N 174 -33.28 -59.71 81.23
C LEU N 174 -32.40 -60.95 81.35
N THR N 175 -31.11 -60.82 81.03
CA THR N 175 -30.20 -61.95 81.07
C THR N 175 -29.56 -62.10 82.45
N LEU N 176 -29.89 -63.19 83.14
CA LEU N 176 -29.34 -63.46 84.47
C LEU N 176 -28.91 -64.92 84.62
N SER N 177 -27.89 -65.16 85.45
CA SER N 177 -27.42 -66.52 85.71
C SER N 177 -28.42 -67.29 86.60
N LYS N 178 -28.33 -68.63 86.58
CA LYS N 178 -29.20 -69.50 87.37
C LYS N 178 -29.12 -69.18 88.86
N ALA N 179 -27.91 -68.84 89.34
CA ALA N 179 -27.68 -68.51 90.74
C ALA N 179 -28.35 -67.20 91.16
N ASP N 180 -28.32 -66.18 90.31
CA ASP N 180 -28.94 -64.88 90.61
C ASP N 180 -30.47 -64.88 90.46
N TYR N 181 -31.02 -65.85 89.72
CA TYR N 181 -32.47 -65.93 89.53
C TYR N 181 -33.15 -66.48 90.76
N GLU N 182 -32.57 -67.51 91.37
CA GLU N 182 -33.16 -68.15 92.55
C GLU N 182 -33.04 -67.33 93.85
N LYS N 183 -32.29 -66.22 93.83
CA LYS N 183 -32.15 -65.37 95.00
C LYS N 183 -33.32 -64.38 95.19
N HIS N 184 -34.15 -64.18 94.16
CA HIS N 184 -35.25 -63.22 94.24
C HIS N 184 -36.60 -63.81 93.75
N LYS N 185 -37.74 -63.21 94.15
CA LYS N 185 -39.06 -63.72 93.76
C LYS N 185 -39.86 -62.80 92.86
N VAL N 186 -39.84 -61.48 93.15
CA VAL N 186 -40.64 -60.53 92.37
C VAL N 186 -39.84 -59.87 91.24
N TYR N 187 -40.32 -60.06 90.01
CA TYR N 187 -39.71 -59.47 88.82
C TYR N 187 -40.69 -58.54 88.12
N ALA N 188 -40.48 -57.24 88.29
CA ALA N 188 -41.35 -56.23 87.70
C ALA N 188 -40.85 -55.72 86.36
N CYS N 189 -41.76 -55.23 85.50
CA CYS N 189 -41.42 -54.68 84.18
C CYS N 189 -42.09 -53.30 84.01
N GLU N 190 -41.41 -52.21 84.43
CA GLU N 190 -41.97 -50.85 84.32
C GLU N 190 -41.90 -50.34 82.87
N VAL N 191 -43.06 -50.24 82.21
CA VAL N 191 -43.14 -49.79 80.83
C VAL N 191 -43.61 -48.34 80.73
N THR N 192 -42.75 -47.45 80.24
CA THR N 192 -43.10 -46.03 80.11
C THR N 192 -43.26 -45.62 78.65
N HIS N 193 -44.51 -45.38 78.23
CA HIS N 193 -44.82 -44.97 76.86
C HIS N 193 -45.55 -43.61 76.83
N GLN N 194 -45.60 -42.97 75.65
CA GLN N 194 -46.27 -41.69 75.45
C GLN N 194 -47.78 -41.80 75.71
N GLY N 195 -48.39 -42.88 75.24
CA GLY N 195 -49.81 -43.13 75.41
C GLY N 195 -50.21 -43.71 76.76
N LEU N 196 -49.28 -43.76 77.72
CA LEU N 196 -49.57 -44.29 79.04
C LEU N 196 -49.34 -43.23 80.12
N SER N 197 -50.41 -42.84 80.81
CA SER N 197 -50.35 -41.85 81.88
C SER N 197 -49.62 -42.43 83.10
N SER N 198 -49.91 -43.70 83.43
CA SER N 198 -49.27 -44.40 84.53
C SER N 198 -48.50 -45.59 83.94
N PRO N 199 -47.20 -45.70 84.22
CA PRO N 199 -46.42 -46.81 83.64
C PRO N 199 -46.90 -48.19 84.06
N VAL N 200 -47.38 -49.00 83.10
CA VAL N 200 -47.90 -50.33 83.35
C VAL N 200 -46.76 -51.28 83.77
N THR N 201 -46.84 -51.79 85.01
CA THR N 201 -45.80 -52.66 85.52
C THR N 201 -46.26 -54.11 85.58
N LYS N 202 -45.75 -54.97 84.70
CA LYS N 202 -46.13 -56.38 84.71
C LYS N 202 -45.19 -57.16 85.62
N SER N 203 -45.71 -57.76 86.71
CA SER N 203 -44.89 -58.54 87.63
C SER N 203 -45.35 -59.98 87.74
N PHE N 204 -44.42 -60.87 88.10
CA PHE N 204 -44.71 -62.27 88.33
C PHE N 204 -43.89 -62.80 89.51
N ASN N 205 -44.39 -63.81 90.23
CA ASN N 205 -43.65 -64.32 91.39
C ASN N 205 -43.23 -65.77 91.22
N ARG N 206 -41.91 -66.00 91.31
CA ARG N 206 -41.24 -67.29 91.21
C ARG N 206 -41.99 -68.42 91.93
N GLY N 207 -42.46 -69.41 91.17
CA GLY N 207 -43.18 -70.55 91.74
C GLY N 207 -44.70 -70.48 91.64
N GLU N 208 -45.23 -69.53 90.84
CA GLU N 208 -46.67 -69.38 90.68
C GLU N 208 -47.24 -70.34 89.60
N CYS N 209 -48.57 -70.56 89.62
CA CYS N 209 -49.33 -71.43 88.72
C CYS N 209 -48.80 -72.87 88.69
N ARG O 3 -3.47 28.53 -5.69
CA ARG O 3 -2.32 28.22 -4.85
C ARG O 3 -2.54 27.02 -3.92
N HIS O 4 -1.43 26.37 -3.52
CA HIS O 4 -1.48 25.21 -2.64
C HIS O 4 -0.49 25.36 -1.51
N VAL O 5 -0.94 25.49 -0.25
CA VAL O 5 -0.03 25.65 0.89
C VAL O 5 -0.12 24.46 1.80
N PHE O 6 1.02 23.87 2.21
CA PHE O 6 1.02 22.74 3.15
C PHE O 6 1.94 23.08 4.29
N ILE O 7 1.49 22.94 5.53
CA ILE O 7 2.37 23.16 6.70
C ILE O 7 2.33 21.91 7.61
N ARG O 8 3.36 21.72 8.44
CA ARG O 8 3.46 20.58 9.33
C ARG O 8 4.47 20.99 10.41
N THR O 9 4.07 21.03 11.70
CA THR O 9 5.01 21.48 12.76
C THR O 9 4.93 20.58 14.01
N GLU O 10 6.05 19.94 14.39
CA GLU O 10 6.07 19.04 15.56
C GLU O 10 7.09 19.44 16.62
N LEU O 11 6.63 19.64 17.86
CA LEU O 11 7.54 19.99 18.95
C LEU O 11 8.11 18.73 19.55
N SER O 12 9.43 18.66 19.56
CA SER O 12 10.18 17.57 20.15
C SER O 12 11.17 18.19 21.16
N PHE O 13 11.70 17.38 22.09
CA PHE O 13 12.63 17.89 23.09
C PHE O 13 13.93 17.15 23.09
N ILE O 14 15.04 17.87 23.31
CA ILE O 14 16.36 17.23 23.41
C ILE O 14 17.00 17.62 24.74
N LYS O 15 17.49 16.62 25.48
CA LYS O 15 18.15 16.80 26.76
C LYS O 15 19.67 16.94 26.58
N ASN O 16 20.32 17.79 27.38
CA ASN O 16 21.77 17.95 27.29
C ASN O 16 22.47 18.06 28.64
N ASN O 17 23.13 16.98 29.06
CA ASN O 17 23.86 16.99 30.33
C ASN O 17 25.21 17.77 30.29
N VAL O 18 25.48 18.46 29.17
CA VAL O 18 26.65 19.28 28.98
C VAL O 18 26.11 20.70 28.84
N PRO O 19 26.33 21.54 29.86
CA PRO O 19 25.76 22.90 29.81
C PRO O 19 26.54 23.84 28.90
N CYS O 20 26.21 23.86 27.61
CA CYS O 20 26.91 24.73 26.67
C CYS O 20 26.69 26.19 27.01
N ILE O 21 27.71 26.97 26.77
CA ILE O 21 27.67 28.42 26.93
C ILE O 21 27.16 29.01 25.60
N ARG O 22 27.60 28.42 24.48
CA ARG O 22 27.25 28.82 23.13
C ARG O 22 26.86 27.55 22.33
N ASP O 23 25.86 27.67 21.45
CA ASP O 23 25.42 26.54 20.65
C ASP O 23 25.63 26.77 19.17
N MET O 24 25.99 25.72 18.45
CA MET O 24 26.22 25.83 17.01
C MET O 24 25.64 24.58 16.36
N PHE O 25 24.51 24.69 15.65
CA PHE O 25 23.87 23.50 15.07
C PHE O 25 24.09 23.38 13.59
N PHE O 26 24.17 22.13 13.11
CA PHE O 26 24.30 21.84 11.69
C PHE O 26 23.76 20.47 11.33
N ILE O 27 23.28 20.30 10.11
CA ILE O 27 22.79 19.00 9.64
C ILE O 27 23.89 18.38 8.81
N TYR O 28 24.08 17.09 8.96
CA TYR O 28 25.05 16.37 8.15
C TYR O 28 24.52 14.99 7.91
N LYS O 29 24.56 14.55 6.65
CA LYS O 29 24.10 13.22 6.25
C LYS O 29 22.68 12.90 6.73
N ARG O 30 21.84 13.96 6.84
CA ARG O 30 20.44 13.97 7.27
C ARG O 30 20.24 13.99 8.80
N GLU O 31 21.32 13.99 9.61
CA GLU O 31 21.19 14.04 11.08
C GLU O 31 21.66 15.35 11.69
N LEU O 32 21.19 15.68 12.89
CA LEU O 32 21.56 16.92 13.55
C LEU O 32 22.84 16.78 14.37
N TYR O 33 23.65 17.82 14.41
CA TYR O 33 24.86 17.87 15.22
C TYR O 33 24.98 19.22 15.94
N ASN O 34 25.83 19.30 16.99
CA ASN O 34 26.04 20.51 17.76
C ASN O 34 27.50 20.71 18.14
N ILE O 35 28.00 21.94 18.01
CA ILE O 35 29.37 22.31 18.38
C ILE O 35 29.25 23.12 19.67
N CYS O 36 29.29 22.38 20.77
CA CYS O 36 29.08 22.83 22.13
C CYS O 36 30.30 23.43 22.79
N LEU O 37 30.19 24.69 23.22
CA LEU O 37 31.28 25.33 23.95
C LEU O 37 31.02 25.16 25.45
N ASP O 38 31.61 24.13 26.07
CA ASP O 38 31.46 23.94 27.50
C ASP O 38 32.61 24.70 28.14
N ASP O 39 32.33 25.87 28.71
CA ASP O 39 33.37 26.67 29.35
C ASP O 39 32.88 27.18 30.69
N LEU O 40 33.18 26.42 31.72
CA LEU O 40 32.79 26.79 33.06
C LEU O 40 33.91 27.58 33.76
N LYS O 41 33.53 28.36 34.77
CA LYS O 41 34.43 29.19 35.56
C LYS O 41 34.44 28.64 36.95
N GLY O 42 35.61 28.24 37.43
CA GLY O 42 35.75 27.68 38.76
C GLY O 42 36.82 26.61 38.86
N GLU O 43 36.89 25.96 40.03
CA GLU O 43 37.87 24.90 40.29
C GLU O 43 37.52 23.67 39.46
N GLU O 44 38.54 23.09 38.77
CA GLU O 44 38.38 21.93 37.87
C GLU O 44 37.28 22.17 36.83
N ASP O 45 37.12 23.42 36.40
CA ASP O 45 36.14 23.77 35.40
C ASP O 45 36.95 24.10 34.18
N GLU O 46 37.13 23.11 33.30
CA GLU O 46 37.93 23.26 32.09
C GLU O 46 37.10 23.67 30.88
N THR O 47 37.78 23.99 29.78
CA THR O 47 37.12 24.39 28.56
C THR O 47 37.16 23.25 27.55
N HIS O 48 36.01 22.90 26.98
CA HIS O 48 35.91 21.86 25.95
C HIS O 48 35.09 22.38 24.79
N ILE O 49 35.31 21.80 23.61
CA ILE O 49 34.51 22.11 22.44
C ILE O 49 34.09 20.76 21.91
N TYR O 50 32.84 20.39 22.18
CA TYR O 50 32.34 19.08 21.85
C TYR O 50 31.51 19.00 20.59
N VAL O 51 31.60 17.88 19.88
CA VAL O 51 30.77 17.60 18.72
C VAL O 51 29.73 16.61 19.17
N GLN O 52 28.49 17.06 19.30
CA GLN O 52 27.38 16.24 19.78
C GLN O 52 26.41 15.88 18.67
N LYS O 53 25.67 14.79 18.84
CA LYS O 53 24.72 14.33 17.83
C LYS O 53 23.40 13.96 18.49
N LYS O 54 22.27 14.38 17.90
CA LYS O 54 20.96 14.03 18.45
C LYS O 54 20.73 12.57 18.15
N VAL O 55 20.51 11.81 19.22
CA VAL O 55 20.18 10.40 19.17
C VAL O 55 18.95 10.29 20.07
N LYS O 56 17.79 9.91 19.51
CA LYS O 56 16.56 9.83 20.28
C LYS O 56 16.19 11.25 20.83
N ASP O 57 15.86 11.43 22.12
CA ASP O 57 15.57 12.76 22.66
C ASP O 57 16.76 13.31 23.47
N SER O 58 17.98 12.97 23.06
CA SER O 58 19.18 13.36 23.81
C SER O 58 20.41 13.68 22.93
N TRP O 59 21.30 14.53 23.43
CA TRP O 59 22.51 14.89 22.70
C TRP O 59 23.66 13.98 23.14
N ILE O 60 24.34 13.35 22.20
CA ILE O 60 25.44 12.44 22.51
C ILE O 60 26.81 13.05 22.19
N THR O 61 27.68 13.18 23.19
CA THR O 61 29.01 13.74 22.99
C THR O 61 29.92 12.77 22.25
N LEU O 62 30.32 13.13 21.02
CA LEU O 62 31.16 12.28 20.16
C LEU O 62 32.65 12.55 20.25
N ASN O 63 33.08 13.81 20.45
CA ASN O 63 34.50 14.11 20.62
C ASN O 63 34.75 15.57 21.06
N ASP O 64 35.94 15.81 21.65
CA ASP O 64 36.41 17.12 22.14
C ASP O 64 37.50 17.62 21.21
N LEU O 65 37.12 18.57 20.35
CA LEU O 65 38.00 19.17 19.38
C LEU O 65 39.06 20.03 20.06
N PHE O 66 38.65 20.87 21.03
CA PHE O 66 39.57 21.74 21.76
C PHE O 66 40.72 20.98 22.40
N LYS O 67 40.45 19.74 22.86
CA LYS O 67 41.45 18.86 23.46
C LYS O 67 42.62 18.63 22.51
N GLU O 68 42.35 18.52 21.21
CA GLU O 68 43.40 18.30 20.21
C GLU O 68 44.13 19.57 19.75
N THR O 69 43.75 20.73 20.27
CA THR O 69 44.36 21.99 19.88
C THR O 69 45.52 22.34 20.81
N ASP O 70 46.27 23.38 20.48
CA ASP O 70 47.32 23.92 21.35
C ASP O 70 46.94 25.34 21.85
N LEU O 71 45.73 25.84 21.51
CA LEU O 71 45.25 27.16 21.87
C LEU O 71 45.17 27.38 23.39
N THR O 72 45.11 28.64 23.79
CA THR O 72 45.10 29.03 25.18
C THR O 72 43.79 29.78 25.58
N GLY O 73 42.86 29.96 24.65
CA GLY O 73 41.61 30.65 24.94
C GLY O 73 40.48 30.32 23.99
N ARG O 74 39.36 31.03 24.13
CA ARG O 74 38.19 30.79 23.29
C ARG O 74 38.48 30.98 21.80
N PRO O 75 38.48 29.88 21.05
CA PRO O 75 38.70 29.98 19.60
C PRO O 75 37.48 30.47 18.84
N HIS O 76 37.68 30.80 17.57
CA HIS O 76 36.60 31.16 16.67
C HIS O 76 36.32 29.86 15.95
N ILE O 77 35.12 29.33 16.08
CA ILE O 77 34.77 28.07 15.44
C ILE O 77 34.06 28.26 14.11
N PHE O 78 34.70 27.85 13.00
CA PHE O 78 34.09 27.93 11.68
C PHE O 78 33.87 26.53 11.15
N ALA O 79 32.60 26.14 11.00
CA ALA O 79 32.27 24.79 10.54
C ALA O 79 31.71 24.83 9.15
N TYR O 80 32.15 23.90 8.31
CA TYR O 80 31.69 23.82 6.94
C TYR O 80 31.18 22.45 6.66
N VAL O 81 30.02 22.40 6.03
CA VAL O 81 29.37 21.13 5.77
C VAL O 81 29.21 20.90 4.30
N ASP O 82 29.86 19.87 3.78
CA ASP O 82 29.72 19.44 2.40
C ASP O 82 29.21 18.00 2.45
N VAL O 83 28.64 17.49 1.34
CA VAL O 83 28.18 16.10 1.23
C VAL O 83 29.31 15.14 1.60
N GLU O 84 29.07 14.24 2.56
CA GLU O 84 30.07 13.28 3.03
C GLU O 84 31.37 13.92 3.62
N GLU O 85 31.36 15.20 4.04
CA GLU O 85 32.53 15.79 4.69
C GLU O 85 32.25 17.04 5.51
N ILE O 86 32.78 17.08 6.72
CA ILE O 86 32.67 18.23 7.60
C ILE O 86 34.06 18.72 7.91
N ILE O 87 34.31 20.00 7.65
CA ILE O 87 35.59 20.63 7.94
C ILE O 87 35.37 21.68 9.02
N ILE O 88 36.04 21.55 10.17
CA ILE O 88 35.91 22.50 11.26
C ILE O 88 37.24 23.16 11.54
N LEU O 89 37.22 24.48 11.68
CA LEU O 89 38.43 25.24 11.97
C LEU O 89 38.28 25.94 13.30
N LEU O 90 39.35 25.96 14.09
CA LEU O 90 39.38 26.64 15.37
C LEU O 90 40.46 27.69 15.27
N CYS O 91 40.08 28.96 15.07
CA CYS O 91 41.05 30.04 14.90
C CYS O 91 41.29 30.83 16.18
N GLU O 92 42.40 31.59 16.25
CA GLU O 92 42.72 32.36 17.45
C GLU O 92 42.00 33.71 17.52
N ASP O 93 41.71 34.19 18.73
CA ASP O 93 41.04 35.49 18.90
C ASP O 93 42.03 36.66 18.77
N GLU O 94 41.51 37.85 18.49
CA GLU O 94 42.34 39.05 18.32
C GLU O 94 42.51 39.82 19.62
N GLU O 95 41.49 39.78 20.50
CA GLU O 95 41.50 40.41 21.82
C GLU O 95 42.06 41.84 21.81
N PHE O 96 41.42 42.72 21.02
CA PHE O 96 41.83 44.13 20.90
C PHE O 96 43.27 44.24 20.28
N SER O 97 44.29 44.75 21.01
CA SER O 97 45.63 45.01 20.51
C SER O 97 46.57 43.81 20.44
N ASN O 98 46.04 42.58 20.55
CA ASN O 98 46.88 41.39 20.36
C ASN O 98 46.78 41.11 18.86
N ARG O 99 47.40 41.98 18.05
CA ARG O 99 47.32 41.89 16.62
C ARG O 99 48.46 41.08 16.01
N LYS O 100 48.17 40.39 14.90
CA LYS O 100 49.13 39.53 14.22
C LYS O 100 48.92 39.57 12.69
N LYS O 101 50.03 39.59 11.94
CA LYS O 101 50.06 39.60 10.47
C LYS O 101 49.43 38.30 9.94
N ASP O 102 49.79 37.17 10.57
CA ASP O 102 49.27 35.85 10.22
C ASP O 102 48.17 35.42 11.19
N MET O 103 47.42 34.36 10.81
CA MET O 103 46.39 33.81 11.67
C MET O 103 46.62 32.32 11.83
N THR O 104 46.41 31.81 13.05
CA THR O 104 46.61 30.39 13.30
C THR O 104 45.31 29.68 13.58
N CYS O 105 44.91 28.80 12.68
CA CYS O 105 43.71 27.99 12.85
C CYS O 105 44.10 26.52 13.01
N HIS O 106 43.18 25.67 13.48
CA HIS O 106 43.46 24.25 13.62
C HIS O 106 42.42 23.52 12.82
N ARG O 107 42.84 22.83 11.75
CA ARG O 107 41.91 22.15 10.86
C ARG O 107 41.57 20.72 11.27
N PHE O 108 40.24 20.40 11.24
CA PHE O 108 39.61 19.11 11.57
C PHE O 108 38.75 18.65 10.41
N TYR O 109 38.91 17.40 9.97
CA TYR O 109 38.16 16.87 8.83
C TYR O 109 37.51 15.53 9.15
N SER O 110 36.22 15.38 8.79
CA SER O 110 35.57 14.09 8.98
C SER O 110 34.58 13.70 7.92
N ASN O 111 34.63 12.44 7.52
CA ASN O 111 33.72 11.84 6.56
C ASN O 111 32.69 10.92 7.28
N ASP O 112 32.44 11.18 8.59
CA ASP O 112 31.47 10.48 9.43
C ASP O 112 31.01 11.30 10.66
N GLY O 113 31.69 12.41 10.95
CA GLY O 113 31.32 13.31 12.03
C GLY O 113 31.57 12.82 13.44
N LYS O 114 32.37 11.77 13.57
CA LYS O 114 32.71 11.21 14.88
C LYS O 114 34.24 11.14 14.96
N GLU O 115 34.88 10.60 13.91
CA GLU O 115 36.32 10.42 13.81
C GLU O 115 36.90 11.55 12.97
N TYR O 116 37.67 12.45 13.59
CA TYR O 116 38.25 13.60 12.90
C TYR O 116 39.77 13.51 12.80
N ASN O 117 40.33 14.15 11.75
CA ASN O 117 41.78 14.22 11.52
C ASN O 117 42.17 15.65 11.73
N ASN O 118 43.23 15.91 12.51
CA ASN O 118 43.62 17.28 12.77
C ASN O 118 45.07 17.61 12.45
N ALA O 119 45.30 18.90 12.17
CA ALA O 119 46.59 19.54 11.92
C ALA O 119 46.41 21.05 11.95
N GLU O 120 47.41 21.74 12.48
CA GLU O 120 47.37 23.18 12.61
C GLU O 120 47.74 23.88 11.31
N ILE O 121 46.98 24.89 10.96
CA ILE O 121 47.12 25.67 9.74
C ILE O 121 47.52 27.12 10.06
N THR O 122 48.23 27.77 9.14
CA THR O 122 48.60 29.16 9.33
C THR O 122 48.26 29.94 8.09
N ILE O 123 47.54 31.06 8.26
CA ILE O 123 47.17 31.93 7.15
C ILE O 123 48.04 33.16 7.23
N SER O 124 49.22 33.10 6.62
CA SER O 124 50.13 34.24 6.66
C SER O 124 49.55 35.41 5.91
N ASP O 125 49.69 36.62 6.49
CA ASP O 125 49.18 37.87 5.94
C ASP O 125 47.69 37.78 5.64
N TYR O 126 46.93 37.19 6.57
CA TYR O 126 45.50 37.00 6.37
C TYR O 126 44.76 38.32 6.15
N ILE O 127 43.82 38.36 5.18
CA ILE O 127 43.06 39.55 4.77
C ILE O 127 42.30 40.25 5.92
N LEU O 128 41.82 39.47 6.89
CA LEU O 128 40.96 39.95 7.98
C LEU O 128 41.65 40.48 9.24
N LYS O 129 42.86 41.06 9.13
CA LYS O 129 43.45 41.73 10.31
C LYS O 129 42.67 43.05 10.49
N ASP O 130 42.44 43.45 11.75
CA ASP O 130 41.61 44.62 12.10
C ASP O 130 40.13 44.47 11.67
N LYS O 131 39.71 43.24 11.38
CA LYS O 131 38.34 42.87 11.06
C LYS O 131 37.87 42.00 12.21
N LEU O 132 36.65 42.24 12.70
CA LEU O 132 36.03 41.49 13.78
C LEU O 132 35.44 40.20 13.21
N LEU O 133 35.65 39.08 13.90
CA LEU O 133 35.09 37.80 13.46
C LEU O 133 34.21 37.17 14.54
N SER O 134 33.22 36.39 14.11
CA SER O 134 32.35 35.68 15.04
C SER O 134 32.10 34.27 14.52
N SER O 135 32.19 33.26 15.39
CA SER O 135 32.04 31.83 15.12
C SER O 135 30.73 31.48 14.41
N TYR O 136 30.75 30.56 13.41
CA TYR O 136 29.52 30.16 12.72
C TYR O 136 29.62 28.85 11.92
N VAL O 137 28.45 28.33 11.48
CA VAL O 137 28.35 27.16 10.60
C VAL O 137 28.01 27.68 9.21
N SER O 138 28.58 27.06 8.19
CA SER O 138 28.35 27.44 6.82
C SER O 138 28.57 26.23 5.88
N LEU O 139 28.52 26.47 4.57
CA LEU O 139 28.65 25.43 3.58
C LEU O 139 29.33 25.96 2.29
N PRO O 140 29.73 25.09 1.35
CA PRO O 140 30.40 25.60 0.15
C PRO O 140 29.54 26.49 -0.73
N LEU O 141 30.09 27.63 -1.18
CA LEU O 141 29.42 28.60 -2.05
C LEU O 141 30.07 28.53 -3.42
N LYS O 142 29.28 28.17 -4.44
CA LYS O 142 29.78 28.06 -5.80
C LYS O 142 29.79 29.42 -6.46
N ILE O 143 30.98 29.90 -6.80
CA ILE O 143 31.13 31.14 -7.53
C ILE O 143 31.85 30.76 -8.83
N GLU O 144 31.11 30.74 -9.95
CA GLU O 144 31.64 30.43 -11.28
C GLU O 144 32.31 29.05 -11.37
N ASN O 145 31.57 27.98 -11.01
CA ASN O 145 32.00 26.58 -11.06
C ASN O 145 33.23 26.27 -10.20
N ARG O 146 33.33 26.97 -9.09
CA ARG O 146 34.38 26.78 -8.12
C ARG O 146 33.71 26.95 -6.79
N GLU O 147 33.87 25.99 -5.89
CA GLU O 147 33.22 26.04 -4.59
C GLU O 147 34.16 26.55 -3.51
N TYR O 148 33.67 27.45 -2.66
CA TYR O 148 34.50 28.05 -1.64
C TYR O 148 33.89 28.06 -0.24
N PHE O 149 34.67 27.64 0.78
CA PHE O 149 34.25 27.81 2.17
C PHE O 149 34.57 29.29 2.49
N LEU O 150 33.81 29.97 3.36
CA LEU O 150 34.06 31.40 3.63
C LEU O 150 34.29 31.78 5.07
N ILE O 151 35.35 32.53 5.36
CA ILE O 151 35.58 33.04 6.71
C ILE O 151 35.35 34.52 6.54
N CYS O 152 34.17 34.98 6.87
CA CYS O 152 33.78 36.34 6.66
C CYS O 152 33.85 37.16 7.95
N GLY O 153 34.26 38.42 7.84
CA GLY O 153 34.40 39.31 8.99
C GLY O 153 33.82 40.68 8.76
N VAL O 154 33.64 41.46 9.83
CA VAL O 154 33.02 42.78 9.73
C VAL O 154 33.84 43.89 10.40
N SER O 155 33.52 45.15 10.09
CA SER O 155 34.16 46.29 10.73
C SER O 155 33.26 46.72 11.90
N PRO O 156 33.86 46.96 13.08
CA PRO O 156 33.04 47.30 14.25
C PRO O 156 32.37 48.66 14.22
N TYR O 157 33.11 49.73 13.88
CA TYR O 157 32.58 51.08 13.95
C TYR O 157 33.51 51.99 13.15
N LYS O 158 32.94 52.95 12.37
CA LYS O 158 33.73 53.88 11.57
C LYS O 158 33.00 55.21 11.29
N PHE O 159 33.66 56.18 10.62
CA PHE O 159 33.08 57.47 10.23
C PHE O 159 33.85 58.13 9.06
N LYS O 160 33.93 57.44 7.90
CA LYS O 160 34.61 57.96 6.70
C LYS O 160 34.06 57.45 5.36
N ASP O 161 34.18 58.26 4.30
CA ASP O 161 33.80 57.83 2.95
C ASP O 161 35.00 57.23 2.20
N ASP O 166 34.89 45.75 1.76
CA ASP O 166 35.43 46.97 2.38
C ASP O 166 35.12 46.98 3.91
N ASP O 167 33.84 47.21 4.28
CA ASP O 167 33.32 47.17 5.66
C ASP O 167 32.95 45.76 6.11
N ILE O 168 32.72 44.88 5.13
CA ILE O 168 32.51 43.47 5.23
C ILE O 168 33.52 42.83 4.26
N LEU O 169 34.03 41.63 4.58
CA LEU O 169 35.03 41.00 3.74
C LEU O 169 35.24 39.55 4.11
N CYS O 170 35.46 38.66 3.14
CA CYS O 170 35.75 37.26 3.47
C CYS O 170 36.97 36.74 2.75
N MET O 171 37.56 35.69 3.30
CA MET O 171 38.61 34.92 2.66
C MET O 171 37.99 33.56 2.33
N ALA O 172 38.31 33.02 1.18
CA ALA O 172 37.73 31.77 0.72
C ALA O 172 38.75 30.62 0.56
N SER O 173 38.30 29.35 0.42
CA SER O 173 39.24 28.23 0.27
C SER O 173 38.76 27.13 -0.65
N HIS O 174 39.19 27.13 -1.92
CA HIS O 174 38.82 26.11 -2.91
C HIS O 174 39.65 24.82 -2.78
N ASP O 175 40.17 24.55 -1.55
CA ASP O 175 40.98 23.38 -1.24
C ASP O 175 40.69 22.81 0.16
N LYS O 176 39.43 22.93 0.60
CA LYS O 176 38.86 22.41 1.84
C LYS O 176 39.40 23.08 3.11
N GLY O 177 39.72 24.36 3.03
CA GLY O 177 40.14 25.11 4.20
C GLY O 177 41.61 25.11 4.56
N GLU O 178 42.47 24.55 3.69
CA GLU O 178 43.90 24.53 3.96
C GLU O 178 44.55 25.89 3.66
N THR O 179 44.05 26.61 2.65
CA THR O 179 44.58 27.91 2.27
C THR O 179 43.43 28.90 2.15
N TRP O 180 43.61 30.14 2.63
CA TRP O 180 42.56 31.15 2.57
C TRP O 180 43.03 32.32 1.75
N GLY O 181 43.52 32.01 0.57
CA GLY O 181 44.08 32.99 -0.34
C GLY O 181 43.06 33.84 -1.05
N THR O 182 42.05 33.19 -1.63
CA THR O 182 40.99 33.84 -2.39
C THR O 182 40.28 34.90 -1.57
N LYS O 183 40.10 36.10 -2.13
CA LYS O 183 39.46 37.18 -1.41
C LYS O 183 38.17 37.58 -2.10
N ILE O 184 37.06 37.58 -1.33
CA ILE O 184 35.71 37.94 -1.80
C ILE O 184 35.38 39.37 -1.36
N VAL O 185 34.98 40.23 -2.31
CA VAL O 185 34.69 41.63 -2.00
C VAL O 185 33.22 41.81 -1.69
N ILE O 186 32.87 42.60 -0.67
CA ILE O 186 31.47 42.87 -0.36
C ILE O 186 31.16 44.37 -0.44
N LYS O 187 30.23 44.74 -1.31
CA LYS O 187 29.84 46.13 -1.50
C LYS O 187 28.52 46.42 -0.81
N TYR O 188 28.57 46.94 0.43
CA TYR O 188 27.36 47.28 1.17
C TYR O 188 27.40 48.76 1.52
N ASP O 189 27.08 49.59 0.54
CA ASP O 189 27.07 51.06 0.69
C ASP O 189 26.05 51.53 1.73
N ASN O 190 25.00 50.73 1.98
CA ASN O 190 23.99 51.05 2.98
C ASN O 190 24.47 50.72 4.41
N TYR O 191 25.79 50.55 4.64
CA TYR O 191 26.36 50.28 5.95
C TYR O 191 26.18 51.53 6.79
N LYS O 192 25.45 51.39 7.88
CA LYS O 192 25.21 52.51 8.77
C LYS O 192 26.46 52.74 9.57
N LEU O 193 27.17 53.84 9.29
CA LEU O 193 28.35 54.16 10.06
C LEU O 193 27.92 54.91 11.33
N GLY O 194 28.72 54.81 12.38
CA GLY O 194 28.36 55.42 13.66
C GLY O 194 27.61 54.47 14.59
N VAL O 195 27.41 53.23 14.14
CA VAL O 195 26.77 52.17 14.87
C VAL O 195 27.70 50.96 14.82
N GLN O 196 27.72 50.20 15.91
CA GLN O 196 28.61 49.05 16.03
C GLN O 196 27.98 47.83 15.44
N TYR O 197 28.77 47.06 14.69
CA TYR O 197 28.28 45.81 14.10
C TYR O 197 28.59 44.67 15.08
N PHE O 198 27.80 43.56 15.07
CA PHE O 198 28.00 42.58 16.13
C PHE O 198 28.25 41.12 15.73
N PHE O 199 27.32 40.43 15.03
CA PHE O 199 27.54 39.01 14.74
C PHE O 199 27.27 38.66 13.30
N LEU O 200 28.23 38.91 12.42
CA LEU O 200 28.08 38.61 11.00
C LEU O 200 28.14 37.13 10.72
N ARG O 201 27.03 36.54 10.25
CA ARG O 201 27.01 35.13 9.89
C ARG O 201 26.45 34.96 8.48
N PRO O 202 27.27 34.44 7.56
CA PRO O 202 26.82 34.24 6.18
C PRO O 202 25.82 33.11 6.01
N TYR O 203 24.78 33.37 5.23
CA TYR O 203 23.78 32.38 4.91
C TYR O 203 23.92 32.12 3.42
N ILE O 204 24.28 30.90 3.05
CA ILE O 204 24.38 30.54 1.64
C ILE O 204 23.24 29.61 1.29
N SER O 205 22.38 30.04 0.38
CA SER O 205 21.24 29.23 -0.08
C SER O 205 21.47 28.88 -1.56
N LYS O 206 22.12 27.74 -1.85
CA LYS O 206 22.38 27.29 -3.22
C LYS O 206 22.98 28.38 -4.12
N ASN O 207 24.23 28.77 -3.83
CA ASN O 207 24.98 29.78 -4.58
C ASN O 207 24.49 31.21 -4.41
N ASP O 208 23.61 31.47 -3.44
CA ASP O 208 23.12 32.81 -3.19
C ASP O 208 23.68 33.24 -1.86
N LEU O 209 24.51 34.29 -1.84
CA LEU O 209 25.13 34.78 -0.61
C LEU O 209 24.26 35.85 0.04
N SER O 210 24.12 35.81 1.37
CA SER O 210 23.33 36.77 2.12
C SER O 210 23.87 36.84 3.54
N PHE O 211 23.95 38.04 4.13
CA PHE O 211 24.51 38.18 5.48
C PHE O 211 23.52 38.55 6.56
N HIS O 212 23.55 37.81 7.67
CA HIS O 212 22.70 38.04 8.84
C HIS O 212 23.58 38.55 9.96
N PHE O 213 23.24 39.69 10.56
CA PHE O 213 24.06 40.29 11.61
C PHE O 213 23.27 41.29 12.43
N TYR O 214 23.74 41.64 13.62
CA TYR O 214 23.07 42.61 14.50
C TYR O 214 23.64 44.04 14.32
N VAL O 215 23.08 45.07 15.01
CA VAL O 215 23.54 46.46 14.97
C VAL O 215 23.19 47.12 16.30
N GLY O 216 24.16 47.78 16.92
CA GLY O 216 23.94 48.43 18.20
C GLY O 216 23.16 49.73 18.15
N ASP O 217 21.80 49.66 18.37
CA ASP O 217 20.87 50.82 18.45
C ASP O 217 21.42 51.71 19.58
N ASN O 218 21.82 52.95 19.23
CA ASN O 218 22.48 53.81 20.20
C ASN O 218 21.54 54.43 21.26
N ILE O 219 20.39 55.05 20.86
CA ILE O 219 19.47 55.62 21.88
C ILE O 219 18.84 54.45 22.68
N ASN O 220 18.14 53.54 22.01
CA ASN O 220 17.57 52.34 22.63
C ASN O 220 18.74 51.34 22.78
N ASN O 221 18.94 50.74 23.97
CA ASN O 221 20.09 49.85 24.17
C ASN O 221 19.87 48.39 23.73
N VAL O 222 19.61 48.17 22.43
CA VAL O 222 19.35 46.83 21.89
C VAL O 222 20.10 46.54 20.59
N LYS O 223 20.36 45.25 20.31
CA LYS O 223 21.01 44.80 19.06
C LYS O 223 19.92 44.39 18.06
N ASN O 224 19.50 45.28 17.15
CA ASN O 224 18.47 44.94 16.16
C ASN O 224 19.11 44.18 15.00
N VAL O 225 18.44 43.13 14.50
CA VAL O 225 18.97 42.32 13.39
C VAL O 225 19.01 43.12 12.06
N ASN O 226 19.70 42.60 11.04
CA ASN O 226 19.82 43.21 9.71
C ASN O 226 20.17 42.10 8.74
N PHE O 227 19.39 41.94 7.68
CA PHE O 227 19.64 40.88 6.71
C PHE O 227 19.85 41.52 5.37
N ILE O 228 21.00 41.25 4.72
CA ILE O 228 21.29 41.82 3.42
C ILE O 228 21.48 40.76 2.35
N GLU O 229 21.04 41.04 1.11
CA GLU O 229 21.12 40.09 0.00
C GLU O 229 22.25 40.41 -0.94
N CYS O 230 23.08 39.42 -1.22
CA CYS O 230 24.22 39.61 -2.10
C CYS O 230 24.08 38.94 -3.44
N THR O 231 24.09 39.77 -4.47
CA THR O 231 24.03 39.34 -5.85
C THR O 231 25.46 39.45 -6.44
N HIS O 232 25.87 38.47 -7.26
CA HIS O 232 27.22 38.47 -7.83
C HIS O 232 27.36 39.56 -8.89
N GLU O 233 28.31 40.51 -8.69
CA GLU O 233 28.51 41.58 -9.68
C GLU O 233 29.46 41.04 -10.79
N LYS O 234 30.77 41.31 -10.68
CA LYS O 234 31.77 40.77 -11.60
C LYS O 234 32.51 39.64 -10.84
N ASP O 235 33.43 38.93 -11.50
CA ASP O 235 34.17 37.81 -10.90
C ASP O 235 34.70 38.05 -9.45
N LEU O 236 34.11 37.34 -8.45
CA LEU O 236 34.47 37.35 -7.02
C LEU O 236 34.24 38.68 -6.29
N GLU O 237 33.25 39.45 -6.73
CA GLU O 237 32.90 40.72 -6.11
C GLU O 237 31.37 40.75 -6.03
N PHE O 238 30.83 40.88 -4.82
CA PHE O 238 29.38 40.86 -4.61
C PHE O 238 28.84 42.18 -4.14
N VAL O 239 27.71 42.62 -4.69
CA VAL O 239 27.07 43.86 -4.24
C VAL O 239 25.83 43.50 -3.44
N CYS O 240 25.70 44.05 -2.23
CA CYS O 240 24.58 43.72 -1.37
C CYS O 240 23.70 44.91 -1.06
N SER O 241 22.44 44.61 -0.70
CA SER O 241 21.44 45.60 -0.36
C SER O 241 20.61 45.08 0.82
N ASN O 242 20.16 45.98 1.70
CA ASN O 242 19.40 45.56 2.87
C ASN O 242 17.99 45.09 2.54
N ARG O 243 17.66 43.84 2.90
CA ARG O 243 16.32 43.32 2.73
C ARG O 243 15.55 43.70 4.00
N ASP O 244 14.53 44.53 3.83
CA ASP O 244 13.70 44.97 4.94
C ASP O 244 12.76 43.88 5.35
N PHE O 245 12.79 43.52 6.62
CA PHE O 245 11.89 42.52 7.19
C PHE O 245 11.09 43.09 8.37
N LEU O 246 10.99 44.42 8.51
CA LEU O 246 10.28 45.06 9.62
C LEU O 246 8.83 44.62 9.76
N LYS O 247 8.36 44.52 11.01
CA LYS O 247 6.98 44.16 11.32
C LYS O 247 6.60 44.92 12.58
N ASP O 248 5.67 45.89 12.48
CA ASP O 248 5.29 46.73 13.63
C ASP O 248 4.89 45.90 14.86
N ASN O 249 5.52 46.19 16.02
CA ASN O 249 5.31 45.52 17.30
C ASN O 249 5.74 44.06 17.25
N LYS O 250 6.88 43.81 16.60
CA LYS O 250 7.49 42.49 16.44
C LYS O 250 8.93 42.68 16.02
N VAL O 251 9.85 42.12 16.79
CA VAL O 251 11.27 42.24 16.51
C VAL O 251 11.79 41.04 15.71
N LEU O 252 12.47 41.32 14.58
CA LEU O 252 13.04 40.28 13.73
C LEU O 252 14.08 39.45 14.52
N GLN O 253 14.16 38.15 14.24
CA GLN O 253 15.05 37.25 14.93
C GLN O 253 15.92 36.51 13.91
N ASP O 254 15.46 35.39 13.34
CA ASP O 254 16.25 34.66 12.34
C ASP O 254 15.55 34.67 10.97
N VAL O 255 16.28 34.31 9.90
CA VAL O 255 15.77 34.30 8.53
C VAL O 255 16.35 33.09 7.80
N SER O 256 15.53 32.31 7.11
CA SER O 256 16.00 31.18 6.31
C SER O 256 15.23 31.11 4.97
N THR O 257 15.42 30.07 4.14
CA THR O 257 14.65 29.95 2.90
C THR O 257 14.09 28.55 2.70
N LEU O 258 12.85 28.47 2.23
CA LEU O 258 12.17 27.22 1.91
C LEU O 258 11.32 27.49 0.68
N ASN O 259 11.43 26.63 -0.34
CA ASN O 259 10.74 26.79 -1.61
C ASN O 259 11.19 28.05 -2.35
N ASP O 260 12.38 28.61 -2.01
CA ASP O 260 12.87 29.87 -2.57
C ASP O 260 12.10 31.09 -2.00
N GLU O 261 11.45 30.92 -0.85
CA GLU O 261 10.72 31.96 -0.14
C GLU O 261 11.36 32.12 1.26
N TYR O 262 11.30 33.32 1.85
CA TYR O 262 11.88 33.52 3.18
C TYR O 262 11.02 32.96 4.30
N ILE O 263 11.67 32.48 5.35
CA ILE O 263 11.07 31.95 6.57
C ILE O 263 11.61 32.90 7.62
N VAL O 264 10.78 33.78 8.20
CA VAL O 264 11.31 34.78 9.14
C VAL O 264 10.77 34.65 10.55
N SER O 265 11.68 34.42 11.48
CA SER O 265 11.36 34.30 12.90
C SER O 265 11.26 35.69 13.53
N TYR O 266 10.32 35.87 14.46
CA TYR O 266 10.14 37.14 15.16
C TYR O 266 9.79 36.90 16.62
N GLY O 267 10.04 37.89 17.45
CA GLY O 267 9.66 37.86 18.86
C GLY O 267 8.62 38.93 19.14
N ASN O 268 7.79 38.73 20.16
CA ASN O 268 6.77 39.72 20.51
C ASN O 268 7.45 41.02 21.01
N ASP O 269 8.25 40.91 22.07
CA ASP O 269 9.01 42.01 22.63
C ASP O 269 10.51 41.65 22.62
N ASN O 270 11.39 42.53 23.15
CA ASN O 270 12.82 42.23 23.24
C ASN O 270 13.15 41.13 24.30
N ASN O 271 12.12 40.62 25.01
CA ASN O 271 12.22 39.55 26.01
C ASN O 271 11.85 38.17 25.45
N PHE O 272 11.15 38.12 24.31
CA PHE O 272 10.81 36.91 23.55
C PHE O 272 9.95 35.91 24.32
N ALA O 273 8.74 36.33 24.69
CA ALA O 273 7.82 35.44 25.38
C ALA O 273 7.26 34.40 24.40
N GLU O 274 6.84 34.86 23.21
CA GLU O 274 6.29 34.04 22.13
C GLU O 274 7.02 34.33 20.83
N CYS O 275 7.08 33.32 19.96
CA CYS O 275 7.74 33.46 18.67
C CYS O 275 6.78 33.19 17.52
N TYR O 276 6.99 33.86 16.37
CA TYR O 276 6.17 33.72 15.16
C TYR O 276 7.05 33.36 13.96
N ILE O 277 6.53 32.57 13.00
CA ILE O 277 7.30 32.16 11.82
C ILE O 277 6.53 32.48 10.55
N PHE O 278 7.06 33.34 9.68
CA PHE O 278 6.32 33.76 8.48
C PHE O 278 6.79 33.18 7.17
N PHE O 279 6.03 32.23 6.63
CA PHE O 279 6.34 31.62 5.35
C PHE O 279 5.87 32.55 4.23
N ASN O 280 6.82 33.16 3.52
CA ASN O 280 6.56 34.11 2.43
C ASN O 280 5.77 35.34 2.87
N ASN O 281 5.81 35.67 4.18
CA ASN O 281 5.10 36.78 4.81
C ASN O 281 3.58 36.67 4.70
N GLU O 282 3.06 35.44 4.60
CA GLU O 282 1.63 35.22 4.44
C GLU O 282 1.06 34.30 5.54
N ASN O 283 1.72 33.16 5.74
CA ASN O 283 1.30 32.14 6.70
C ASN O 283 2.15 32.24 7.98
N SER O 284 1.52 32.19 9.16
CA SER O 284 2.26 32.38 10.40
C SER O 284 1.94 31.44 11.54
N ILE O 285 2.82 30.45 11.74
CA ILE O 285 2.67 29.54 12.87
C ILE O 285 3.30 30.18 14.11
N LEU O 286 2.61 30.14 15.25
CA LEU O 286 3.11 30.74 16.49
C LEU O 286 3.47 29.68 17.51
N ILE O 287 4.71 29.74 18.03
CA ILE O 287 5.18 28.80 19.03
C ILE O 287 5.18 29.42 20.43
N LYS O 288 4.58 28.71 21.41
CA LYS O 288 4.57 29.15 22.80
C LYS O 288 5.36 28.18 23.67
N PRO O 289 6.40 28.67 24.34
CA PRO O 289 7.24 27.79 25.15
C PRO O 289 6.63 27.29 26.46
N GLU O 290 5.45 27.80 26.83
CA GLU O 290 4.78 27.35 28.07
C GLU O 290 4.30 25.87 27.99
N LYS O 291 4.70 25.16 26.91
CA LYS O 291 4.38 23.77 26.62
C LYS O 291 5.19 22.74 27.42
N TYR O 292 5.96 23.19 28.43
CA TYR O 292 6.71 22.28 29.29
C TYR O 292 6.47 22.55 30.79
N GLY O 293 5.37 23.24 31.13
CA GLY O 293 5.06 23.61 32.51
C GLY O 293 5.93 24.73 33.05
N ASN O 294 6.99 25.12 32.29
CA ASN O 294 7.93 26.16 32.66
C ASN O 294 7.29 27.53 32.55
N THR O 295 7.09 28.14 33.71
CA THR O 295 6.57 29.48 33.90
C THR O 295 7.62 30.50 33.41
N ALA O 296 8.90 30.25 33.72
CA ALA O 296 10.02 31.10 33.30
C ALA O 296 10.60 30.55 31.98
N ALA O 297 9.75 30.50 30.94
CA ALA O 297 10.18 30.03 29.63
C ALA O 297 10.02 31.12 28.57
N GLY O 298 10.91 31.08 27.58
CA GLY O 298 10.91 32.03 26.47
C GLY O 298 11.57 31.45 25.24
N CYS O 299 11.34 32.08 24.08
CA CYS O 299 11.94 31.59 22.83
C CYS O 299 13.20 32.34 22.42
N TYR O 300 13.82 33.10 23.35
CA TYR O 300 15.05 33.85 23.09
C TYR O 300 16.16 32.94 22.58
N GLY O 301 16.85 33.39 21.53
CA GLY O 301 17.92 32.61 20.94
C GLY O 301 17.41 31.54 20.00
N GLY O 302 16.41 31.89 19.20
CA GLY O 302 15.84 30.97 18.23
C GLY O 302 16.65 30.98 16.96
N THR O 303 16.74 29.83 16.29
CA THR O 303 17.51 29.70 15.04
C THR O 303 16.89 28.65 14.14
N PHE O 304 17.06 28.82 12.83
CA PHE O 304 16.57 27.85 11.88
C PHE O 304 17.73 27.00 11.41
N VAL O 305 17.53 25.70 11.41
CA VAL O 305 18.52 24.76 10.93
C VAL O 305 17.92 24.08 9.70
N LYS O 306 18.19 24.63 8.50
CA LYS O 306 17.62 24.08 7.27
C LYS O 306 18.13 22.68 6.97
N ILE O 307 17.23 21.79 6.56
CA ILE O 307 17.54 20.38 6.30
C ILE O 307 17.25 20.01 4.81
N ASP O 308 16.41 20.81 4.12
CA ASP O 308 15.90 20.53 2.79
C ASP O 308 15.25 21.83 2.23
N GLU O 309 14.94 21.89 0.91
CA GLU O 309 14.20 23.05 0.36
C GLU O 309 12.72 23.05 0.93
N ASN O 310 12.31 21.99 1.68
CA ASN O 310 10.99 21.85 2.28
C ASN O 310 11.07 21.79 3.81
N ARG O 311 12.02 21.05 4.37
CA ARG O 311 12.17 20.93 5.81
C ARG O 311 13.16 21.91 6.40
N ALA O 312 12.97 22.25 7.67
CA ALA O 312 13.81 23.13 8.48
C ALA O 312 13.44 22.94 9.95
N LEU O 313 14.38 23.16 10.88
CA LEU O 313 14.05 23.03 12.31
C LEU O 313 14.14 24.39 12.95
N PHE O 314 13.32 24.67 13.96
CA PHE O 314 13.40 25.93 14.68
C PHE O 314 13.80 25.60 16.09
N ILE O 315 15.08 25.84 16.45
CA ILE O 315 15.57 25.47 17.77
C ILE O 315 15.93 26.66 18.67
N TYR O 316 15.51 26.57 19.92
CA TYR O 316 15.79 27.53 20.98
C TYR O 316 15.81 26.80 22.32
N SER O 317 16.45 27.39 23.33
CA SER O 317 16.50 26.79 24.66
C SER O 317 15.74 27.62 25.68
N SER O 318 14.67 27.06 26.24
CA SER O 318 13.89 27.76 27.26
C SER O 318 14.27 27.37 28.71
N SER O 319 15.38 26.64 28.87
CA SER O 319 15.91 26.16 30.15
C SER O 319 17.31 25.58 29.91
N GLN O 320 18.12 25.44 30.98
CA GLN O 320 19.45 24.86 30.82
C GLN O 320 19.29 23.36 30.60
N GLY O 321 19.86 22.88 29.51
CA GLY O 321 19.79 21.47 29.13
C GLY O 321 18.53 21.06 28.39
N ILE O 322 17.61 22.01 28.15
CA ILE O 322 16.36 21.73 27.46
C ILE O 322 16.27 22.41 26.09
N TYR O 323 16.30 21.59 25.03
CA TYR O 323 16.22 22.10 23.67
C TYR O 323 14.82 21.90 23.11
N ASN O 324 14.28 22.93 22.44
CA ASN O 324 12.96 22.84 21.84
C ASN O 324 13.13 22.70 20.33
N ILE O 325 12.73 21.55 19.81
CA ILE O 325 12.89 21.21 18.38
C ILE O 325 11.59 21.29 17.60
N HIS O 326 11.41 22.38 16.85
CA HIS O 326 10.23 22.53 16.03
C HIS O 326 10.55 22.02 14.64
N THR O 327 10.14 20.80 14.32
CA THR O 327 10.43 20.22 12.99
C THR O 327 9.41 20.71 11.98
N ILE O 328 9.76 21.75 11.24
CA ILE O 328 8.89 22.37 10.25
C ILE O 328 8.95 21.66 8.89
N TYR O 329 7.88 21.77 8.12
CA TYR O 329 7.78 21.30 6.75
C TYR O 329 6.91 22.32 6.01
N TYR O 330 7.29 22.69 4.78
CA TYR O 330 6.53 23.67 4.02
C TYR O 330 6.55 23.41 2.53
N ALA O 331 5.43 23.67 1.84
CA ALA O 331 5.28 23.50 0.41
C ALA O 331 4.36 24.61 -0.13
N ASN O 332 4.65 25.19 -1.32
CA ASN O 332 3.76 26.23 -1.85
C ASN O 332 3.16 25.91 -3.21
N TYR O 333 3.76 24.97 -3.96
CA TYR O 333 3.32 24.55 -5.31
C TYR O 333 1.81 24.78 -5.63
N VAL P 1 43.22 11.90 -17.93
CA VAL P 1 44.46 12.69 -18.02
C VAL P 1 45.72 11.84 -18.28
N THR P 2 46.74 12.47 -18.87
CA THR P 2 48.03 11.84 -19.12
C THR P 2 49.08 12.66 -18.41
N LEU P 3 49.83 12.02 -17.50
CA LEU P 3 50.89 12.70 -16.77
C LEU P 3 52.21 12.33 -17.43
N ASP P 4 52.96 13.33 -17.91
CA ASP P 4 54.22 13.13 -18.63
C ASP P 4 55.36 13.86 -17.92
N GLU P 5 56.09 13.17 -17.05
CA GLU P 5 57.19 13.79 -16.34
C GLU P 5 58.52 13.67 -17.07
N SER P 6 59.32 14.73 -17.01
CA SER P 6 60.61 14.82 -17.67
C SER P 6 61.58 15.70 -16.86
N GLY P 7 62.85 15.71 -17.24
CA GLY P 7 63.86 16.50 -16.54
C GLY P 7 64.81 15.70 -15.67
N GLY P 8 64.58 14.40 -15.56
CA GLY P 8 65.41 13.52 -14.76
C GLY P 8 66.55 12.87 -15.53
N GLY P 9 67.57 12.43 -14.80
CA GLY P 9 68.71 11.76 -15.39
C GLY P 9 69.92 11.81 -14.49
N LEU P 10 71.06 11.37 -15.02
CA LEU P 10 72.31 11.35 -14.29
C LEU P 10 72.75 12.77 -13.92
N GLN P 11 72.55 13.12 -12.65
CA GLN P 11 72.93 14.41 -12.08
C GLN P 11 74.22 14.24 -11.24
N THR P 12 74.79 15.33 -10.75
CA THR P 12 76.01 15.27 -9.96
C THR P 12 75.74 15.60 -8.49
N PRO P 13 76.34 14.83 -7.57
CA PRO P 13 76.08 15.03 -6.14
C PRO P 13 76.36 16.45 -5.61
N GLY P 14 75.43 16.92 -4.80
CA GLY P 14 75.47 18.26 -4.22
C GLY P 14 75.25 19.34 -5.26
N GLY P 15 74.39 19.04 -6.24
CA GLY P 15 74.11 19.96 -7.33
C GLY P 15 72.76 20.62 -7.19
N ALA P 16 71.82 20.22 -8.10
CA ALA P 16 70.39 20.63 -8.18
C ALA P 16 69.66 19.78 -9.25
N LEU P 17 68.34 19.67 -9.14
CA LEU P 17 67.57 18.85 -10.07
C LEU P 17 66.22 19.47 -10.39
N SER P 18 66.01 19.86 -11.67
CA SER P 18 64.74 20.43 -12.08
C SER P 18 63.88 19.40 -12.79
N LEU P 19 62.68 19.18 -12.27
CA LEU P 19 61.73 18.23 -12.83
C LEU P 19 60.50 18.96 -13.39
N VAL P 20 59.85 18.37 -14.39
CA VAL P 20 58.65 18.95 -14.97
C VAL P 20 57.59 17.86 -15.25
N CYS P 21 56.30 18.19 -15.14
CA CYS P 21 55.23 17.22 -15.37
C CYS P 21 54.14 17.83 -16.21
N LYS P 22 54.04 17.42 -17.49
CA LYS P 22 53.07 17.93 -18.44
C LYS P 22 51.71 17.21 -18.34
N GLY P 23 50.65 17.97 -18.10
CA GLY P 23 49.31 17.43 -17.95
C GLY P 23 48.46 17.50 -19.19
N SER P 24 48.31 16.36 -19.88
CA SER P 24 47.50 16.32 -21.10
C SER P 24 46.04 16.08 -20.75
N GLY P 25 45.16 16.76 -21.48
CA GLY P 25 43.71 16.64 -21.34
C GLY P 25 43.14 16.88 -19.96
N PHE P 26 43.40 18.05 -19.39
CA PHE P 26 42.89 18.38 -18.07
C PHE P 26 41.67 19.25 -18.10
N PHE P 27 40.67 18.87 -17.32
CA PHE P 27 39.49 19.70 -17.20
C PHE P 27 39.63 20.38 -15.86
N SER P 28 39.91 21.69 -15.91
CA SER P 28 40.20 22.57 -14.79
C SER P 28 41.30 22.00 -13.90
N PHE P 29 42.53 22.01 -14.42
CA PHE P 29 43.71 21.51 -13.74
C PHE P 29 43.91 22.21 -12.39
N SER P 30 43.70 23.53 -12.36
CA SER P 30 43.84 24.34 -11.15
C SER P 30 43.03 23.84 -9.96
N SER P 31 42.02 22.98 -10.20
CA SER P 31 41.22 22.41 -9.12
C SER P 31 41.86 21.20 -8.46
N TYR P 32 42.70 20.47 -9.18
CA TYR P 32 43.33 19.26 -8.66
C TYR P 32 44.49 19.53 -7.72
N THR P 33 44.71 18.60 -6.79
CA THR P 33 45.86 18.66 -5.90
C THR P 33 46.91 17.72 -6.53
N MET P 34 48.11 18.27 -6.82
CA MET P 34 49.21 17.58 -7.51
C MET P 34 50.34 17.16 -6.59
N GLN P 35 50.93 15.99 -6.85
CA GLN P 35 52.00 15.46 -6.01
C GLN P 35 53.23 14.91 -6.76
N TRP P 36 54.30 14.61 -6.00
CA TRP P 36 55.54 14.01 -6.48
C TRP P 36 55.86 12.88 -5.49
N VAL P 37 56.18 11.69 -6.02
CA VAL P 37 56.49 10.49 -5.24
C VAL P 37 57.72 9.81 -5.85
N ARG P 38 58.71 9.41 -5.04
CA ARG P 38 59.90 8.73 -5.57
C ARG P 38 60.04 7.29 -5.06
N GLN P 39 60.81 6.46 -5.77
CA GLN P 39 61.05 5.08 -5.36
C GLN P 39 62.53 4.71 -5.57
N ALA P 40 63.26 4.42 -4.49
CA ALA P 40 64.67 4.06 -4.56
C ALA P 40 64.83 2.64 -5.12
N PRO P 41 65.91 2.37 -5.87
CA PRO P 41 66.09 1.03 -6.45
C PRO P 41 66.11 -0.10 -5.42
N GLY P 42 65.13 -0.98 -5.52
CA GLY P 42 65.00 -2.12 -4.60
C GLY P 42 64.29 -1.79 -3.30
N LYS P 43 63.88 -0.52 -3.12
CA LYS P 43 63.18 -0.05 -1.92
C LYS P 43 61.69 0.25 -2.23
N GLY P 44 60.93 0.65 -1.21
CA GLY P 44 59.51 0.95 -1.38
C GLY P 44 59.21 2.33 -1.93
N LEU P 45 57.94 2.77 -1.78
CA LEU P 45 57.45 4.08 -2.25
C LEU P 45 57.64 5.16 -1.19
N GLU P 46 57.85 6.40 -1.63
CA GLU P 46 58.06 7.50 -0.69
C GLU P 46 57.43 8.78 -1.18
N TRP P 47 56.71 9.50 -0.29
CA TRP P 47 56.10 10.76 -0.68
C TRP P 47 57.13 11.89 -0.68
N VAL P 48 57.15 12.69 -1.76
CA VAL P 48 58.12 13.75 -1.91
C VAL P 48 57.55 15.14 -1.65
N ALA P 49 56.48 15.54 -2.35
CA ALA P 49 55.88 16.86 -2.14
C ALA P 49 54.43 16.93 -2.65
N SER P 50 53.63 17.86 -2.09
CA SER P 50 52.24 18.05 -2.52
C SER P 50 51.91 19.53 -2.69
N ILE P 51 50.90 19.82 -3.53
CA ILE P 51 50.41 21.17 -3.71
C ILE P 51 48.91 21.12 -3.98
N SER P 52 48.12 21.94 -3.28
CA SER P 52 46.67 21.95 -3.44
C SER P 52 46.21 23.09 -4.40
N SER P 53 44.89 23.26 -4.59
CA SER P 53 44.35 24.31 -5.46
C SER P 53 44.83 25.72 -5.05
N GLY P 54 44.81 26.02 -3.75
CA GLY P 54 45.21 27.32 -3.25
C GLY P 54 46.70 27.55 -3.07
N GLY P 55 47.51 26.55 -3.40
CA GLY P 55 48.95 26.62 -3.28
C GLY P 55 49.46 25.99 -1.99
N GLY P 56 48.79 24.92 -1.56
CA GLY P 56 49.11 24.20 -0.34
C GLY P 56 50.36 23.36 -0.45
N THR P 57 51.51 24.00 -0.33
CA THR P 57 52.80 23.34 -0.42
C THR P 57 53.21 22.67 0.88
N ASN P 58 53.47 21.37 0.83
CA ASN P 58 53.94 20.56 1.96
C ASN P 58 54.93 19.55 1.40
N TYR P 59 56.12 19.43 2.02
CA TYR P 59 57.16 18.54 1.50
C TYR P 59 57.53 17.41 2.48
N GLY P 60 57.96 16.30 1.91
CA GLY P 60 58.35 15.08 2.61
C GLY P 60 59.48 15.28 3.59
N ALA P 61 59.47 14.51 4.67
CA ALA P 61 60.46 14.57 5.74
C ALA P 61 61.91 14.54 5.28
N ALA P 62 62.20 13.80 4.21
CA ALA P 62 63.56 13.66 3.68
C ALA P 62 64.03 14.81 2.79
N VAL P 63 63.18 15.30 1.89
CA VAL P 63 63.56 16.39 0.96
C VAL P 63 63.16 17.81 1.45
N LYS P 64 62.72 17.93 2.71
CA LYS P 64 62.29 19.19 3.31
C LYS P 64 63.43 20.18 3.39
N GLY P 65 63.24 21.39 2.86
CA GLY P 65 64.28 22.42 2.90
C GLY P 65 65.27 22.39 1.74
N ARG P 66 65.07 21.48 0.79
CA ARG P 66 65.88 21.35 -0.42
C ARG P 66 64.96 21.43 -1.65
N ALA P 67 63.77 20.81 -1.56
CA ALA P 67 62.79 20.77 -2.64
C ALA P 67 61.86 22.00 -2.63
N THR P 68 61.26 22.31 -3.80
CA THR P 68 60.30 23.39 -4.01
C THR P 68 59.33 22.99 -5.13
N ILE P 69 58.04 22.87 -4.79
CA ILE P 69 56.99 22.48 -5.71
C ILE P 69 56.19 23.70 -6.19
N SER P 70 55.81 23.70 -7.47
CA SER P 70 55.10 24.82 -8.08
C SER P 70 54.12 24.36 -9.16
N ARG P 71 53.16 25.23 -9.52
CA ARG P 71 52.20 24.88 -10.56
C ARG P 71 52.00 26.01 -11.57
N ASP P 72 52.12 25.67 -12.86
CA ASP P 72 51.91 26.60 -13.96
C ASP P 72 50.57 26.21 -14.51
N ASN P 73 49.52 26.70 -13.85
CA ASN P 73 48.13 26.42 -14.15
C ASN P 73 47.76 26.59 -15.62
N GLY P 74 48.01 27.78 -16.17
CA GLY P 74 47.71 28.08 -17.56
C GLY P 74 48.27 27.10 -18.57
N GLN P 75 49.38 26.43 -18.23
CA GLN P 75 49.98 25.47 -19.14
C GLN P 75 49.89 24.02 -18.66
N SER P 76 49.03 23.72 -17.68
CA SER P 76 48.87 22.36 -17.12
C SER P 76 50.22 21.69 -16.79
N THR P 77 51.01 22.32 -15.90
CA THR P 77 52.32 21.78 -15.55
C THR P 77 52.63 21.87 -14.06
N LEU P 78 53.34 20.87 -13.55
CA LEU P 78 53.76 20.76 -12.16
C LEU P 78 55.27 20.63 -12.14
N ARG P 79 55.98 21.42 -11.30
CA ARG P 79 57.43 21.32 -11.23
C ARG P 79 57.92 20.96 -9.82
N LEU P 80 59.17 20.49 -9.74
CA LEU P 80 59.86 20.16 -8.50
C LEU P 80 61.31 20.60 -8.64
N GLN P 81 61.79 21.46 -7.75
CA GLN P 81 63.17 21.90 -7.79
C GLN P 81 63.91 21.38 -6.55
N LEU P 82 64.55 20.22 -6.67
CA LEU P 82 65.29 19.58 -5.59
C LEU P 82 66.78 19.88 -5.67
N ASN P 83 67.23 20.97 -5.02
CA ASN P 83 68.64 21.32 -5.03
C ASN P 83 69.42 20.58 -3.92
N ASN P 84 70.76 20.61 -3.96
CA ASN P 84 71.66 19.95 -3.01
C ASN P 84 71.34 18.44 -2.92
N LEU P 85 71.76 17.72 -3.95
CA LEU P 85 71.49 16.30 -4.12
C LEU P 85 72.33 15.37 -3.23
N ARG P 86 72.08 14.04 -3.30
CA ARG P 86 72.76 12.96 -2.59
C ARG P 86 72.25 11.58 -3.09
N ALA P 87 72.94 10.47 -2.73
CA ALA P 87 72.52 9.12 -3.17
C ALA P 87 71.18 8.67 -2.61
N GLU P 88 70.70 9.30 -1.52
CA GLU P 88 69.36 9.01 -0.99
C GLU P 88 68.26 9.58 -1.94
N ASP P 89 68.63 10.54 -2.81
CA ASP P 89 67.77 11.13 -3.82
C ASP P 89 67.79 10.33 -5.15
N THR P 90 68.41 9.16 -5.18
CA THR P 90 68.42 8.30 -6.36
C THR P 90 67.10 7.53 -6.40
N GLY P 91 66.53 7.38 -7.60
CA GLY P 91 65.29 6.66 -7.77
C GLY P 91 64.40 7.22 -8.86
N THR P 92 63.28 6.55 -9.13
CA THR P 92 62.36 7.00 -10.17
C THR P 92 61.43 8.04 -9.57
N TYR P 93 61.27 9.19 -10.23
CA TYR P 93 60.39 10.24 -9.72
C TYR P 93 59.08 10.31 -10.49
N TYR P 94 57.97 9.96 -9.82
CA TYR P 94 56.63 9.95 -10.38
C TYR P 94 55.85 11.19 -10.01
N CYS P 95 55.04 11.64 -10.96
CA CYS P 95 54.15 12.76 -10.86
C CYS P 95 52.79 12.13 -10.72
N ALA P 96 52.14 12.33 -9.57
CA ALA P 96 50.84 11.73 -9.30
C ALA P 96 49.78 12.81 -9.06
N LYS P 97 48.52 12.46 -9.31
CA LYS P 97 47.39 13.36 -9.15
C LYS P 97 46.44 12.86 -8.09
N HIS P 98 45.80 13.79 -7.37
CA HIS P 98 44.77 13.46 -6.39
C HIS P 98 43.43 13.51 -7.11
N GLY P 99 42.46 12.74 -6.63
CA GLY P 99 41.12 12.72 -7.22
C GLY P 99 40.47 14.09 -7.34
N VAL P 100 39.50 14.21 -8.26
CA VAL P 100 38.80 15.47 -8.51
C VAL P 100 38.09 15.99 -7.26
N ASN P 101 37.48 15.08 -6.48
CA ASN P 101 36.77 15.47 -5.29
C ASN P 101 37.65 15.93 -4.13
N GLY P 102 38.95 15.66 -4.19
CA GLY P 102 39.88 16.09 -3.15
C GLY P 102 40.03 15.07 -2.04
N CYS P 103 40.61 15.47 -0.89
CA CYS P 103 40.80 14.53 0.23
C CYS P 103 40.96 15.18 1.59
N ASP P 104 41.19 14.34 2.63
CA ASP P 104 41.41 14.75 4.01
C ASP P 104 42.48 15.82 4.08
N TRP P 105 43.65 15.53 3.50
CA TRP P 105 44.74 16.49 3.48
C TRP P 105 45.43 16.42 2.14
N SER P 106 45.70 17.58 1.51
CA SER P 106 46.34 17.64 0.19
C SER P 106 47.63 16.82 0.11
N TYR P 107 48.30 16.64 1.27
CA TYR P 107 49.54 15.89 1.40
C TYR P 107 49.35 14.41 1.73
N SER P 108 48.17 13.86 1.51
CA SER P 108 47.94 12.44 1.77
C SER P 108 48.25 11.64 0.52
N VAL P 109 48.58 10.37 0.67
CA VAL P 109 48.82 9.51 -0.49
C VAL P 109 47.83 8.35 -0.56
N GLY P 110 46.64 8.52 -0.01
CA GLY P 110 45.60 7.49 -0.09
C GLY P 110 44.45 7.93 -0.97
N CYS P 111 44.77 8.79 -1.95
CA CYS P 111 43.83 9.45 -2.83
C CYS P 111 44.37 9.63 -4.25
N VAL P 112 45.57 9.14 -4.53
CA VAL P 112 46.17 9.25 -5.83
C VAL P 112 45.39 8.36 -6.78
N ASP P 113 44.81 8.94 -7.83
CA ASP P 113 44.08 8.17 -8.83
C ASP P 113 44.89 8.02 -10.12
N ALA P 114 45.74 9.02 -10.44
CA ALA P 114 46.56 9.02 -11.63
C ALA P 114 48.05 9.02 -11.34
N TRP P 115 48.84 8.41 -12.23
CA TRP P 115 50.29 8.32 -12.14
C TRP P 115 50.96 8.68 -13.49
N GLY P 116 52.27 8.87 -13.48
CA GLY P 116 53.02 9.11 -14.69
C GLY P 116 53.84 7.89 -15.11
N HIS P 117 54.66 8.04 -16.14
CA HIS P 117 55.52 6.94 -16.62
C HIS P 117 56.73 6.71 -15.70
N GLY P 118 57.22 7.79 -15.10
CA GLY P 118 58.35 7.78 -14.19
C GLY P 118 59.66 8.14 -14.85
N THR P 119 60.22 9.31 -14.52
CA THR P 119 61.53 9.70 -15.06
C THR P 119 62.57 9.29 -14.03
N GLU P 120 63.58 8.50 -14.44
CA GLU P 120 64.58 8.02 -13.50
C GLU P 120 65.60 9.13 -13.18
N VAL P 121 65.99 9.25 -11.90
CA VAL P 121 66.98 10.22 -11.42
C VAL P 121 68.12 9.45 -10.73
N ILE P 122 69.36 9.68 -11.18
CA ILE P 122 70.58 9.05 -10.63
C ILE P 122 71.48 10.12 -10.07
N VAL P 123 71.81 10.05 -8.77
CA VAL P 123 72.73 11.01 -8.17
C VAL P 123 74.02 10.27 -7.89
N SER P 124 75.06 10.53 -8.73
CA SER P 124 76.37 9.87 -8.67
C SER P 124 77.44 10.67 -9.45
N SER P 125 78.73 10.35 -9.18
CA SER P 125 79.93 10.97 -9.77
C SER P 125 80.60 10.17 -10.91
N ALA P 126 80.28 8.87 -11.06
CA ALA P 126 80.90 8.04 -12.11
C ALA P 126 80.51 8.50 -13.51
N SER P 127 81.39 8.29 -14.49
CA SER P 127 81.14 8.71 -15.87
C SER P 127 80.25 7.73 -16.63
N THR P 128 79.57 8.22 -17.70
CA THR P 128 78.70 7.40 -18.55
C THR P 128 79.51 6.28 -19.18
N LYS P 129 79.15 5.04 -18.86
CA LYS P 129 79.88 3.88 -19.35
C LYS P 129 79.06 3.12 -20.38
N GLY P 130 79.69 2.80 -21.50
CA GLY P 130 79.04 2.02 -22.55
C GLY P 130 78.93 0.57 -22.15
N PRO P 131 77.89 -0.13 -22.64
CA PRO P 131 77.73 -1.54 -22.28
C PRO P 131 78.66 -2.48 -23.05
N SER P 132 78.64 -3.77 -22.71
CA SER P 132 79.48 -4.75 -23.36
C SER P 132 78.67 -5.98 -23.72
N VAL P 133 78.63 -6.34 -25.00
CA VAL P 133 77.86 -7.50 -25.44
C VAL P 133 78.72 -8.73 -25.69
N PHE P 134 78.47 -9.81 -24.92
CA PHE P 134 79.20 -11.06 -25.04
C PHE P 134 78.18 -12.19 -25.18
N PRO P 135 78.28 -13.02 -26.23
CA PRO P 135 77.28 -14.09 -26.40
C PRO P 135 77.39 -15.28 -25.44
N LEU P 136 76.27 -15.95 -25.21
CA LEU P 136 76.16 -17.13 -24.35
C LEU P 136 75.58 -18.27 -25.19
N ALA P 137 76.44 -18.88 -26.01
CA ALA P 137 76.12 -19.97 -26.93
C ALA P 137 75.53 -21.22 -26.26
N PRO P 138 74.67 -21.99 -26.97
CA PRO P 138 74.10 -23.18 -26.34
C PRO P 138 75.04 -24.39 -26.33
N SER P 139 74.69 -25.40 -25.51
CA SER P 139 75.50 -26.60 -25.40
C SER P 139 75.26 -27.55 -26.57
N GLY P 145 68.65 -32.03 -27.84
CA GLY P 145 68.13 -32.82 -26.73
C GLY P 145 66.72 -32.45 -26.32
N GLY P 146 65.92 -32.04 -27.28
CA GLY P 146 64.54 -31.66 -27.04
C GLY P 146 64.32 -30.17 -26.92
N THR P 147 64.82 -29.56 -25.84
CA THR P 147 64.67 -28.13 -25.62
C THR P 147 65.99 -27.52 -25.14
N ALA P 148 66.39 -26.38 -25.73
CA ALA P 148 67.64 -25.72 -25.35
C ALA P 148 67.47 -24.20 -25.23
N ALA P 149 68.34 -23.56 -24.44
CA ALA P 149 68.27 -22.12 -24.22
C ALA P 149 69.61 -21.44 -24.57
N LEU P 150 69.55 -20.19 -25.05
CA LEU P 150 70.72 -19.37 -25.40
C LEU P 150 70.53 -17.93 -24.91
N GLY P 151 71.60 -17.14 -24.91
CA GLY P 151 71.50 -15.74 -24.48
C GLY P 151 72.68 -14.87 -24.84
N CYS P 152 72.74 -13.69 -24.23
CA CYS P 152 73.83 -12.73 -24.40
C CYS P 152 73.89 -11.83 -23.17
N LEU P 153 75.09 -11.61 -22.64
CA LEU P 153 75.28 -10.82 -21.43
C LEU P 153 75.71 -9.38 -21.71
N VAL P 154 75.05 -8.43 -21.03
CA VAL P 154 75.42 -7.02 -21.08
C VAL P 154 76.19 -6.87 -19.76
N LYS P 155 77.53 -6.91 -19.81
CA LYS P 155 78.33 -6.93 -18.59
C LYS P 155 78.53 -5.59 -17.86
N ASP P 156 79.23 -4.58 -18.44
CA ASP P 156 79.46 -3.34 -17.71
C ASP P 156 78.87 -2.10 -18.34
N TYR P 157 77.95 -1.44 -17.63
CA TYR P 157 77.34 -0.18 -18.09
C TYR P 157 76.88 0.71 -16.93
N PHE P 158 76.63 1.99 -17.22
CA PHE P 158 76.18 2.96 -16.22
C PHE P 158 75.79 4.24 -16.93
N PRO P 159 74.64 4.84 -16.60
CA PRO P 159 73.61 4.36 -15.67
C PRO P 159 72.53 3.53 -16.39
N GLU P 160 71.43 3.20 -15.69
CA GLU P 160 70.31 2.49 -16.30
C GLU P 160 69.48 3.48 -17.16
N PRO P 161 68.67 3.00 -18.14
CA PRO P 161 68.31 1.62 -18.44
C PRO P 161 68.86 1.08 -19.76
N VAL P 162 68.62 -0.21 -20.03
CA VAL P 162 69.04 -0.85 -21.27
C VAL P 162 67.84 -1.60 -21.90
N THR P 163 67.77 -1.64 -23.24
CA THR P 163 66.66 -2.31 -23.92
C THR P 163 67.15 -3.47 -24.78
N VAL P 164 67.03 -4.70 -24.27
CA VAL P 164 67.47 -5.88 -25.00
C VAL P 164 66.29 -6.62 -25.60
N SER P 165 66.19 -6.63 -26.94
CA SER P 165 65.11 -7.31 -27.64
C SER P 165 65.66 -8.44 -28.50
N TRP P 166 65.00 -9.60 -28.48
CA TRP P 166 65.44 -10.74 -29.28
C TRP P 166 64.75 -10.81 -30.64
N ASN P 167 65.55 -10.85 -31.71
CA ASN P 167 65.11 -10.92 -33.10
C ASN P 167 64.18 -9.76 -33.50
N SER P 168 64.54 -8.54 -33.07
CA SER P 168 63.83 -7.29 -33.35
C SER P 168 62.37 -7.26 -32.88
N GLY P 169 62.10 -7.87 -31.73
CA GLY P 169 60.76 -7.88 -31.14
C GLY P 169 59.91 -9.08 -31.50
N ALA P 170 60.33 -9.86 -32.50
CA ALA P 170 59.57 -11.04 -32.93
C ALA P 170 59.69 -12.21 -31.96
N LEU P 171 60.89 -12.44 -31.42
CA LEU P 171 61.10 -13.55 -30.49
C LEU P 171 60.87 -13.12 -29.04
N THR P 172 59.73 -13.51 -28.46
CA THR P 172 59.36 -13.16 -27.08
C THR P 172 58.94 -14.37 -26.22
N SER P 173 58.88 -15.58 -26.80
CA SER P 173 58.49 -16.78 -26.07
C SER P 173 59.61 -17.34 -25.22
N GLY P 174 59.54 -17.11 -23.92
CA GLY P 174 60.54 -17.60 -22.98
C GLY P 174 61.73 -16.67 -22.85
N VAL P 175 61.47 -15.36 -22.93
CA VAL P 175 62.52 -14.35 -22.80
C VAL P 175 62.56 -13.85 -21.37
N HIS P 176 63.71 -13.97 -20.71
CA HIS P 176 63.86 -13.52 -19.33
C HIS P 176 64.98 -12.49 -19.21
N THR P 177 64.62 -11.20 -19.20
CA THR P 177 65.61 -10.14 -19.06
C THR P 177 65.82 -9.95 -17.56
N PHE P 178 66.91 -10.51 -17.03
CA PHE P 178 67.21 -10.45 -15.60
C PHE P 178 67.50 -9.03 -15.12
N PRO P 179 67.00 -8.67 -13.92
CA PRO P 179 67.23 -7.31 -13.41
C PRO P 179 68.72 -6.96 -13.34
N ALA P 180 69.07 -5.73 -13.71
CA ALA P 180 70.46 -5.29 -13.70
C ALA P 180 71.06 -5.37 -12.30
N VAL P 181 72.33 -5.78 -12.21
CA VAL P 181 72.99 -5.96 -10.92
C VAL P 181 74.15 -4.99 -10.74
N LEU P 182 74.12 -4.14 -9.71
CA LEU P 182 75.23 -3.23 -9.45
C LEU P 182 76.36 -4.06 -8.82
N GLN P 183 77.50 -4.18 -9.54
CA GLN P 183 78.65 -4.95 -9.05
C GLN P 183 79.51 -4.13 -8.09
N SER P 184 80.51 -4.77 -7.44
CA SER P 184 81.42 -4.05 -6.54
C SER P 184 82.14 -2.89 -7.24
N SER P 185 82.33 -2.99 -8.56
CA SER P 185 82.95 -1.96 -9.39
C SER P 185 82.02 -0.73 -9.48
N GLY P 186 80.72 -0.98 -9.63
CA GLY P 186 79.71 0.06 -9.73
C GLY P 186 78.96 0.06 -11.05
N LEU P 187 79.10 -1.01 -11.84
CA LEU P 187 78.44 -1.10 -13.15
C LEU P 187 77.38 -2.22 -13.16
N TYR P 188 76.38 -2.12 -14.03
CA TYR P 188 75.29 -3.09 -14.07
C TYR P 188 75.49 -4.29 -15.00
N SER P 189 75.26 -5.50 -14.48
CA SER P 189 75.39 -6.74 -15.25
C SER P 189 74.03 -7.36 -15.52
N LEU P 190 73.36 -6.86 -16.55
CA LEU P 190 72.05 -7.35 -16.94
C LEU P 190 72.20 -8.49 -17.95
N SER P 191 71.64 -9.66 -17.65
CA SER P 191 71.71 -10.81 -18.57
C SER P 191 70.36 -11.08 -19.20
N SER P 192 70.33 -11.45 -20.48
CA SER P 192 69.07 -11.72 -21.18
C SER P 192 69.07 -13.08 -21.87
N VAL P 193 68.24 -14.02 -21.40
CA VAL P 193 68.16 -15.35 -21.99
C VAL P 193 66.86 -15.55 -22.80
N VAL P 194 66.88 -16.51 -23.73
CA VAL P 194 65.74 -16.85 -24.59
C VAL P 194 65.77 -18.33 -24.98
N THR P 195 64.65 -19.04 -24.78
CA THR P 195 64.57 -20.47 -25.08
C THR P 195 63.95 -20.73 -26.46
N VAL P 196 64.60 -21.60 -27.26
CA VAL P 196 64.15 -22.00 -28.60
C VAL P 196 64.35 -23.52 -28.80
N PRO P 197 63.49 -24.19 -29.59
CA PRO P 197 63.65 -25.65 -29.77
C PRO P 197 65.00 -26.10 -30.34
N SER P 198 65.31 -27.39 -30.21
CA SER P 198 66.58 -27.96 -30.67
C SER P 198 66.69 -28.12 -32.19
N SER P 199 65.56 -28.19 -32.89
CA SER P 199 65.56 -28.33 -34.34
C SER P 199 65.77 -26.99 -35.05
N SER P 200 65.29 -25.89 -34.46
CA SER P 200 65.42 -24.57 -35.05
C SER P 200 66.67 -23.82 -34.56
N LEU P 201 67.79 -24.52 -34.37
CA LEU P 201 69.02 -23.89 -33.89
C LEU P 201 69.85 -23.24 -35.00
N GLY P 202 70.23 -24.00 -36.01
CA GLY P 202 71.02 -23.50 -37.12
C GLY P 202 70.20 -23.00 -38.29
N THR P 203 68.90 -23.36 -38.34
CA THR P 203 68.00 -22.94 -39.40
C THR P 203 67.66 -21.46 -39.27
N GLN P 204 67.24 -21.03 -38.08
CA GLN P 204 66.87 -19.64 -37.85
C GLN P 204 68.06 -18.81 -37.32
N THR P 205 68.09 -17.53 -37.68
CA THR P 205 69.11 -16.57 -37.27
C THR P 205 68.73 -15.95 -35.92
N TYR P 206 69.71 -15.73 -35.03
CA TYR P 206 69.46 -15.15 -33.72
C TYR P 206 70.37 -13.94 -33.45
N ILE P 207 69.76 -12.75 -33.25
CA ILE P 207 70.52 -11.51 -33.02
C ILE P 207 70.23 -10.90 -31.63
N CYS P 208 71.27 -10.35 -30.98
CA CYS P 208 71.23 -9.70 -29.67
C CYS P 208 71.27 -8.18 -29.87
N ASN P 209 70.10 -7.57 -30.13
CA ASN P 209 69.97 -6.12 -30.36
C ASN P 209 69.97 -5.37 -29.04
N VAL P 210 71.07 -4.67 -28.73
CA VAL P 210 71.16 -3.92 -27.47
C VAL P 210 71.18 -2.40 -27.73
N ASN P 211 70.54 -1.62 -26.84
CA ASN P 211 70.44 -0.17 -26.99
C ASN P 211 70.60 0.54 -25.63
N HIS P 212 71.63 1.38 -25.51
CA HIS P 212 71.92 2.18 -24.32
C HIS P 212 72.03 3.61 -24.82
N LYS P 213 71.21 4.53 -24.28
CA LYS P 213 71.20 5.91 -24.75
C LYS P 213 72.10 6.91 -23.99
N PRO P 214 72.40 6.78 -22.68
CA PRO P 214 73.31 7.76 -22.04
C PRO P 214 74.68 7.86 -22.74
N SER P 215 75.19 6.75 -23.28
CA SER P 215 76.47 6.71 -24.02
C SER P 215 76.30 6.51 -25.54
N ASN P 216 75.06 6.25 -26.01
CA ASN P 216 74.66 6.01 -27.40
C ASN P 216 75.32 4.77 -28.01
N THR P 217 75.27 3.65 -27.28
CA THR P 217 75.85 2.41 -27.76
C THR P 217 74.75 1.53 -28.37
N LYS P 218 74.72 1.46 -29.70
CA LYS P 218 73.72 0.65 -30.40
C LYS P 218 74.42 -0.50 -31.11
N VAL P 219 74.88 -1.49 -30.34
CA VAL P 219 75.58 -2.63 -30.91
C VAL P 219 74.68 -3.85 -31.08
N ASP P 220 75.00 -4.68 -32.08
CA ASP P 220 74.25 -5.89 -32.42
C ASP P 220 75.21 -7.09 -32.49
N LYS P 221 74.80 -8.25 -31.95
CA LYS P 221 75.65 -9.44 -31.92
C LYS P 221 74.90 -10.72 -32.30
N LYS P 222 75.42 -11.48 -33.28
CA LYS P 222 74.78 -12.75 -33.67
C LYS P 222 75.25 -13.88 -32.75
N VAL P 223 74.36 -14.38 -31.88
CA VAL P 223 74.71 -15.47 -30.96
C VAL P 223 74.68 -16.82 -31.68
N GLU P 224 75.86 -17.39 -31.97
CA GLU P 224 75.98 -18.67 -32.65
C GLU P 224 76.92 -19.63 -31.89
N PRO P 225 76.70 -20.95 -31.99
CA PRO P 225 77.58 -21.90 -31.25
C PRO P 225 79.02 -21.93 -31.75
N LYS P 226 79.94 -22.34 -30.87
CA LYS P 226 81.36 -22.42 -31.22
C LYS P 226 81.70 -23.74 -31.90
N ALA Q 1 54.07 5.31 9.39
CA ALA Q 1 53.57 4.39 10.41
C ALA Q 1 52.52 3.37 9.93
N LEU Q 2 52.36 3.19 8.60
CA LEU Q 2 51.41 2.21 8.07
C LEU Q 2 52.10 0.86 8.15
N THR Q 3 51.39 -0.16 8.60
CA THR Q 3 51.94 -1.50 8.73
C THR Q 3 51.11 -2.50 7.95
N GLN Q 4 51.72 -3.04 6.90
CA GLN Q 4 51.09 -4.03 6.04
C GLN Q 4 52.06 -5.21 5.82
N PRO Q 5 51.55 -6.41 5.46
CA PRO Q 5 52.45 -7.57 5.31
C PRO Q 5 53.47 -7.50 4.19
N SER Q 6 54.42 -8.43 4.21
CA SER Q 6 55.41 -8.54 3.16
C SER Q 6 54.88 -9.55 2.16
N SER Q 7 54.41 -10.71 2.63
CA SER Q 7 53.90 -11.75 1.74
C SER Q 7 52.49 -12.22 2.07
N VAL Q 8 51.77 -12.59 1.02
CA VAL Q 8 50.42 -13.16 1.07
C VAL Q 8 50.34 -14.17 -0.08
N SER Q 9 49.81 -15.37 0.19
CA SER Q 9 49.76 -16.41 -0.83
C SER Q 9 48.37 -16.99 -1.01
N ALA Q 10 47.89 -17.06 -2.26
CA ALA Q 10 46.58 -17.63 -2.55
C ALA Q 10 46.58 -18.38 -3.86
N ASN Q 11 45.73 -19.39 -3.94
CA ASN Q 11 45.54 -20.20 -5.13
C ASN Q 11 44.53 -19.49 -6.05
N PRO Q 12 44.61 -19.70 -7.38
CA PRO Q 12 43.65 -19.05 -8.28
C PRO Q 12 42.20 -19.40 -7.94
N GLY Q 13 41.34 -18.40 -7.97
CA GLY Q 13 39.93 -18.57 -7.65
C GLY Q 13 39.55 -18.16 -6.25
N GLU Q 14 40.51 -18.20 -5.33
CA GLU Q 14 40.28 -17.83 -3.94
C GLU Q 14 40.19 -16.32 -3.75
N THR Q 15 39.51 -15.88 -2.70
CA THR Q 15 39.41 -14.46 -2.38
C THR Q 15 40.54 -14.12 -1.45
N VAL Q 16 41.32 -13.06 -1.75
CA VAL Q 16 42.44 -12.69 -0.90
C VAL Q 16 42.19 -11.34 -0.20
N LYS Q 17 42.86 -11.12 0.94
CA LYS Q 17 42.72 -9.88 1.69
C LYS Q 17 44.04 -9.38 2.23
N ILE Q 18 44.36 -8.12 1.93
CA ILE Q 18 45.57 -7.47 2.41
C ILE Q 18 45.15 -6.35 3.35
N THR Q 19 45.81 -6.22 4.52
CA THR Q 19 45.39 -5.21 5.50
C THR Q 19 46.42 -4.16 5.85
N CYS Q 20 46.14 -2.91 5.49
CA CYS Q 20 46.96 -1.76 5.81
C CYS Q 20 46.48 -1.22 7.16
N SER Q 21 47.38 -1.01 8.11
CA SER Q 21 46.99 -0.54 9.46
C SER Q 21 47.82 0.64 9.96
N GLY Q 22 47.15 1.62 10.58
CA GLY Q 22 47.82 2.78 11.14
C GLY Q 22 47.51 4.08 10.44
N GLY Q 23 48.05 5.18 10.95
CA GLY Q 23 47.86 6.49 10.36
C GLY Q 23 46.64 7.25 10.86
N SER Q 24 46.73 8.59 10.88
CA SER Q 24 45.60 9.43 11.30
C SER Q 24 44.94 9.95 10.03
N SER Q 25 44.09 9.13 9.38
CA SER Q 25 43.47 9.54 8.13
C SER Q 25 42.01 9.16 7.97
N SER Q 26 41.32 9.81 7.03
CA SER Q 26 39.95 9.51 6.65
C SER Q 26 39.92 8.53 5.47
N TYR Q 27 41.00 8.48 4.64
CA TYR Q 27 41.08 7.63 3.45
C TYR Q 27 42.42 6.96 3.26
N TYR Q 28 42.38 5.71 2.77
CA TYR Q 28 43.51 4.86 2.44
C TYR Q 28 43.45 4.53 0.92
N GLY Q 29 44.57 4.14 0.35
CA GLY Q 29 44.66 3.80 -1.06
C GLY Q 29 45.37 2.48 -1.28
N TRP Q 30 45.41 1.99 -2.51
CA TRP Q 30 46.07 0.73 -2.85
C TRP Q 30 46.63 0.86 -4.24
N TYR Q 31 47.94 0.62 -4.40
CA TYR Q 31 48.63 0.79 -5.67
C TYR Q 31 49.35 -0.48 -6.08
N GLN Q 32 49.21 -0.88 -7.34
CA GLN Q 32 49.83 -2.09 -7.88
C GLN Q 32 51.05 -1.74 -8.68
N GLN Q 33 52.12 -2.52 -8.50
CA GLN Q 33 53.36 -2.39 -9.24
C GLN Q 33 53.76 -3.83 -9.56
N LYS Q 34 53.81 -4.19 -10.85
CA LYS Q 34 54.12 -5.57 -11.26
C LYS Q 34 55.63 -5.86 -11.16
N SER Q 35 56.45 -4.99 -11.73
CA SER Q 35 57.91 -5.14 -11.69
C SER Q 35 58.53 -3.88 -11.07
N PRO Q 36 59.77 -3.95 -10.54
CA PRO Q 36 60.39 -2.75 -9.93
C PRO Q 36 60.46 -1.50 -10.81
N GLY Q 37 60.69 -1.67 -12.10
CA GLY Q 37 60.74 -0.53 -13.02
C GLY Q 37 59.37 0.00 -13.43
N SER Q 38 58.30 -0.76 -13.10
CA SER Q 38 56.92 -0.42 -13.44
C SER Q 38 56.37 0.74 -12.65
N ALA Q 39 55.63 1.59 -13.34
CA ALA Q 39 54.96 2.72 -12.73
C ALA Q 39 53.79 2.19 -11.91
N PRO Q 40 53.46 2.83 -10.77
CA PRO Q 40 52.32 2.34 -9.99
C PRO Q 40 51.02 2.61 -10.71
N VAL Q 41 50.07 1.73 -10.49
CA VAL Q 41 48.74 1.84 -11.06
C VAL Q 41 47.80 1.85 -9.85
N THR Q 42 46.97 2.90 -9.72
CA THR Q 42 46.04 2.97 -8.60
C THR Q 42 45.00 1.89 -8.76
N LEU Q 43 44.85 1.03 -7.75
CA LEU Q 43 43.84 0.00 -7.78
C LEU Q 43 42.60 0.59 -7.15
N ILE Q 44 42.74 1.18 -5.94
CA ILE Q 44 41.66 1.80 -5.21
C ILE Q 44 42.18 3.09 -4.62
N TYR Q 45 41.46 4.19 -4.78
CA TYR Q 45 41.80 5.44 -4.11
C TYR Q 45 40.63 5.81 -3.19
N ASN Q 46 40.83 6.77 -2.28
CA ASN Q 46 39.74 7.21 -1.37
C ASN Q 46 38.88 6.06 -0.75
N ASN Q 47 39.55 5.06 -0.13
CA ASN Q 47 38.97 3.89 0.55
C ASN Q 47 38.30 2.82 -0.30
N GLN Q 48 37.52 3.21 -1.33
CA GLN Q 48 36.78 2.24 -2.13
C GLN Q 48 36.67 2.60 -3.59
N LYS Q 49 36.89 3.87 -3.95
CA LYS Q 49 36.80 4.36 -5.33
C LYS Q 49 37.75 3.59 -6.25
N ARG Q 50 37.21 3.05 -7.33
CA ARG Q 50 38.00 2.25 -8.25
C ARG Q 50 38.16 2.93 -9.62
N PRO Q 51 39.40 3.34 -9.94
CA PRO Q 51 39.64 3.99 -11.24
C PRO Q 51 39.31 3.09 -12.44
N SER Q 52 39.14 3.70 -13.61
CA SER Q 52 38.79 3.00 -14.84
C SER Q 52 39.70 1.82 -15.15
N ASP Q 53 39.22 0.86 -15.97
CA ASP Q 53 39.96 -0.34 -16.37
C ASP Q 53 40.65 -1.10 -15.21
N ILE Q 54 39.99 -1.16 -14.03
CA ILE Q 54 40.43 -1.91 -12.84
C ILE Q 54 39.33 -2.93 -12.58
N PRO Q 55 39.61 -4.24 -12.50
CA PRO Q 55 38.54 -5.22 -12.37
C PRO Q 55 37.65 -5.10 -11.17
N SER Q 56 36.41 -5.61 -11.31
CA SER Q 56 35.42 -5.59 -10.23
C SER Q 56 35.94 -6.36 -9.01
N ARG Q 57 36.74 -7.43 -9.26
CA ARG Q 57 37.33 -8.24 -8.20
C ARG Q 57 38.23 -7.45 -7.24
N PHE Q 58 38.59 -6.21 -7.58
CA PHE Q 58 39.37 -5.35 -6.72
C PHE Q 58 38.41 -4.50 -5.89
N SER Q 59 38.40 -4.76 -4.58
CA SER Q 59 37.45 -4.12 -3.66
C SER Q 59 38.16 -3.33 -2.56
N GLY Q 60 37.67 -2.13 -2.29
CA GLY Q 60 38.22 -1.30 -1.23
C GLY Q 60 37.42 -1.41 0.05
N SER Q 61 38.08 -1.38 1.21
CA SER Q 61 37.40 -1.47 2.50
C SER Q 61 38.11 -0.66 3.60
N LYS Q 62 37.38 -0.26 4.66
CA LYS Q 62 38.00 0.49 5.77
C LYS Q 62 37.25 0.36 7.09
N SER Q 63 37.86 -0.31 8.08
CA SER Q 63 37.25 -0.44 9.40
C SER Q 63 38.20 0.20 10.42
N GLY Q 64 37.78 1.34 10.97
CA GLY Q 64 38.59 2.09 11.93
C GLY Q 64 39.83 2.63 11.25
N SER Q 65 40.99 2.58 11.93
CA SER Q 65 42.23 3.03 11.31
C SER Q 65 42.91 1.87 10.57
N THR Q 66 42.14 1.16 9.74
CA THR Q 66 42.62 0.01 8.97
C THR Q 66 41.95 -0.10 7.61
N GLY Q 67 42.75 0.05 6.55
CA GLY Q 67 42.28 -0.13 5.18
C GLY Q 67 42.49 -1.56 4.75
N THR Q 68 41.63 -2.08 3.86
CA THR Q 68 41.73 -3.47 3.40
C THR Q 68 41.41 -3.66 1.93
N LEU Q 69 42.34 -4.26 1.17
CA LEU Q 69 42.10 -4.57 -0.23
C LEU Q 69 41.58 -6.00 -0.29
N THR Q 70 40.54 -6.22 -1.07
CA THR Q 70 39.96 -7.56 -1.20
C THR Q 70 39.95 -7.96 -2.67
N ILE Q 71 40.65 -9.04 -3.00
CA ILE Q 71 40.69 -9.54 -4.38
C ILE Q 71 39.77 -10.74 -4.43
N THR Q 72 38.53 -10.51 -4.80
CA THR Q 72 37.52 -11.55 -4.81
C THR Q 72 37.59 -12.44 -6.05
N GLY Q 73 38.36 -13.50 -5.95
CA GLY Q 73 38.52 -14.44 -7.05
C GLY Q 73 39.78 -14.14 -7.82
N VAL Q 74 40.93 -14.37 -7.18
CA VAL Q 74 42.27 -14.13 -7.70
C VAL Q 74 42.56 -14.85 -9.00
N GLN Q 75 43.29 -14.17 -9.90
CA GLN Q 75 43.75 -14.70 -11.17
C GLN Q 75 45.28 -14.70 -11.19
N ALA Q 76 45.91 -15.53 -12.04
CA ALA Q 76 47.38 -15.62 -12.10
C ALA Q 76 48.04 -14.26 -12.31
N GLU Q 77 47.42 -13.43 -13.17
CA GLU Q 77 47.89 -12.09 -13.49
C GLU Q 77 47.79 -11.07 -12.33
N ASP Q 78 47.39 -11.52 -11.14
CA ASP Q 78 47.31 -10.64 -9.98
C ASP Q 78 48.56 -10.69 -9.11
N GLU Q 79 49.61 -11.43 -9.53
CA GLU Q 79 50.89 -11.51 -8.83
C GLU Q 79 51.54 -10.12 -8.96
N ALA Q 80 51.79 -9.42 -7.83
CA ALA Q 80 52.34 -8.06 -7.85
C ALA Q 80 52.55 -7.51 -6.43
N VAL Q 81 53.33 -6.42 -6.29
CA VAL Q 81 53.50 -5.77 -5.00
C VAL Q 81 52.33 -4.77 -4.86
N TYR Q 82 51.80 -4.62 -3.65
CA TYR Q 82 50.66 -3.78 -3.40
C TYR Q 82 50.92 -2.83 -2.26
N PHE Q 83 51.18 -1.58 -2.59
CA PHE Q 83 51.47 -0.57 -1.58
C PHE Q 83 50.23 0.14 -1.15
N CYS Q 84 50.02 0.26 0.15
CA CYS Q 84 48.93 1.06 0.67
C CYS Q 84 49.50 2.44 1.02
N GLY Q 85 48.73 3.47 0.79
CA GLY Q 85 49.18 4.84 1.09
C GLY Q 85 48.12 5.56 1.88
N SER Q 86 48.52 6.50 2.76
CA SER Q 86 47.54 7.23 3.58
C SER Q 86 48.10 8.55 4.16
N ARG Q 87 47.69 8.96 5.39
CA ARG Q 87 48.16 10.21 5.97
C ARG Q 87 48.46 10.12 7.45
N ASP Q 88 49.65 10.59 7.84
CA ASP Q 88 50.14 10.70 9.22
C ASP Q 88 50.17 12.19 9.61
N ASN Q 89 50.57 12.53 10.84
CA ASN Q 89 50.77 13.94 11.20
C ASN Q 89 52.07 14.48 10.52
N SER Q 90 52.97 13.59 10.03
CA SER Q 90 54.16 14.00 9.30
C SER Q 90 53.75 14.45 7.88
N GLY Q 91 53.27 13.50 7.06
CA GLY Q 91 52.80 13.75 5.70
C GLY Q 91 52.14 12.51 5.13
N GLY Q 92 52.39 12.26 3.84
CA GLY Q 92 51.86 11.08 3.19
C GLY Q 92 52.68 9.87 3.54
N ILE Q 93 52.06 8.85 4.12
CA ILE Q 93 52.77 7.64 4.53
C ILE Q 93 52.44 6.46 3.64
N PHE Q 94 53.42 5.57 3.46
CA PHE Q 94 53.23 4.37 2.65
C PHE Q 94 53.50 3.10 3.47
N GLY Q 95 53.03 1.98 2.97
CA GLY Q 95 53.28 0.69 3.58
C GLY Q 95 54.43 -0.02 2.91
N ALA Q 96 54.93 -1.10 3.55
CA ALA Q 96 56.04 -1.93 3.06
C ALA Q 96 55.82 -2.48 1.63
N GLY Q 97 54.55 -2.65 1.26
CA GLY Q 97 54.12 -3.22 0.00
C GLY Q 97 54.04 -4.72 0.12
N THR Q 98 52.87 -5.31 -0.14
CA THR Q 98 52.74 -6.76 -0.02
C THR Q 98 52.86 -7.44 -1.36
N THR Q 99 53.83 -8.32 -1.49
CA THR Q 99 54.04 -9.07 -2.71
C THR Q 99 53.07 -10.24 -2.70
N LEU Q 100 52.29 -10.39 -3.78
CA LEU Q 100 51.27 -11.43 -3.87
C LEU Q 100 51.75 -12.66 -4.59
N THR Q 101 51.74 -13.80 -3.90
CA THR Q 101 52.21 -15.04 -4.50
C THR Q 101 51.04 -15.90 -4.91
N VAL Q 102 51.03 -16.34 -6.17
CA VAL Q 102 49.98 -17.22 -6.65
C VAL Q 102 50.49 -18.65 -6.52
N LEU Q 103 49.70 -19.52 -5.86
CA LEU Q 103 50.11 -20.90 -5.65
C LEU Q 103 49.80 -21.79 -6.87
N ARG Q 104 50.71 -22.72 -7.15
CA ARG Q 104 50.64 -23.69 -8.25
C ARG Q 104 51.48 -24.97 -7.91
N THR Q 105 51.52 -25.96 -8.82
CA THR Q 105 52.26 -27.21 -8.59
C THR Q 105 53.78 -27.02 -8.45
N VAL Q 106 54.46 -27.97 -7.82
CA VAL Q 106 55.92 -27.88 -7.63
C VAL Q 106 56.68 -28.24 -8.90
N ALA Q 107 57.40 -27.25 -9.46
CA ALA Q 107 58.16 -27.48 -10.69
C ALA Q 107 59.67 -27.47 -10.43
N ALA Q 108 60.39 -28.38 -11.10
CA ALA Q 108 61.84 -28.47 -11.02
C ALA Q 108 62.48 -27.53 -12.05
N PRO Q 109 63.60 -26.86 -11.72
CA PRO Q 109 64.19 -25.92 -12.68
C PRO Q 109 64.93 -26.56 -13.84
N SER Q 110 65.04 -25.81 -14.94
CA SER Q 110 65.80 -26.24 -16.11
C SER Q 110 67.19 -25.67 -15.88
N VAL Q 111 68.13 -26.52 -15.43
CA VAL Q 111 69.47 -26.07 -15.12
C VAL Q 111 70.35 -25.95 -16.38
N PHE Q 112 70.98 -24.79 -16.57
CA PHE Q 112 71.85 -24.50 -17.71
C PHE Q 112 73.17 -23.89 -17.26
N ILE Q 113 74.23 -24.10 -18.05
CA ILE Q 113 75.55 -23.58 -17.73
C ILE Q 113 76.15 -22.87 -18.96
N PHE Q 114 76.75 -21.67 -18.76
CA PHE Q 114 77.31 -20.89 -19.88
C PHE Q 114 78.74 -20.39 -19.64
N PRO Q 115 79.72 -20.93 -20.41
CA PRO Q 115 81.11 -20.47 -20.28
C PRO Q 115 81.32 -19.04 -20.78
N PRO Q 116 82.41 -18.37 -20.37
CA PRO Q 116 82.65 -17.00 -20.86
C PRO Q 116 83.07 -16.98 -22.33
N SER Q 117 82.64 -15.96 -23.07
CA SER Q 117 83.01 -15.84 -24.48
C SER Q 117 84.48 -15.53 -24.60
N ASP Q 118 85.18 -16.13 -25.57
CA ASP Q 118 86.61 -15.87 -25.77
C ASP Q 118 86.92 -14.39 -26.05
N GLU Q 119 85.93 -13.63 -26.57
CA GLU Q 119 86.09 -12.20 -26.79
C GLU Q 119 86.22 -11.47 -25.44
N GLN Q 120 85.49 -11.95 -24.41
CA GLN Q 120 85.50 -11.40 -23.06
C GLN Q 120 86.78 -11.74 -22.30
N LEU Q 121 87.36 -12.93 -22.53
CA LEU Q 121 88.61 -13.33 -21.85
C LEU Q 121 89.75 -12.33 -22.12
N LYS Q 122 89.82 -11.83 -23.35
CA LYS Q 122 90.82 -10.84 -23.80
C LYS Q 122 90.75 -9.54 -22.98
N SER Q 123 89.57 -9.20 -22.44
CA SER Q 123 89.37 -8.01 -21.62
C SER Q 123 90.08 -8.14 -20.26
N GLY Q 124 90.08 -9.34 -19.70
CA GLY Q 124 90.71 -9.59 -18.42
C GLY Q 124 89.81 -10.24 -17.37
N THR Q 125 88.50 -10.27 -17.62
CA THR Q 125 87.55 -10.87 -16.69
C THR Q 125 86.85 -12.10 -17.30
N ALA Q 126 86.29 -12.96 -16.45
CA ALA Q 126 85.62 -14.17 -16.90
C ALA Q 126 84.31 -14.41 -16.16
N SER Q 127 83.19 -14.19 -16.85
CA SER Q 127 81.87 -14.40 -16.25
C SER Q 127 81.25 -15.75 -16.63
N VAL Q 128 81.06 -16.61 -15.63
CA VAL Q 128 80.43 -17.91 -15.80
C VAL Q 128 78.97 -17.74 -15.34
N VAL Q 129 78.01 -18.17 -16.16
CA VAL Q 129 76.60 -17.99 -15.83
C VAL Q 129 75.85 -19.31 -15.63
N CYS Q 130 75.00 -19.38 -14.60
CA CYS Q 130 74.18 -20.55 -14.34
C CYS Q 130 72.72 -20.12 -14.48
N LEU Q 131 71.96 -20.84 -15.30
CA LEU Q 131 70.57 -20.48 -15.56
C LEU Q 131 69.57 -21.47 -14.98
N LEU Q 132 68.68 -20.99 -14.12
CA LEU Q 132 67.59 -21.77 -13.56
C LEU Q 132 66.35 -21.27 -14.31
N ASN Q 133 65.57 -22.17 -14.92
CA ASN Q 133 64.43 -21.73 -15.74
C ASN Q 133 63.07 -22.32 -15.37
N ASN Q 134 62.05 -21.43 -15.33
CA ASN Q 134 60.64 -21.75 -15.06
C ASN Q 134 60.43 -22.81 -13.98
N PHE Q 135 60.81 -22.49 -12.73
CA PHE Q 135 60.70 -23.41 -11.59
C PHE Q 135 59.76 -22.87 -10.49
N TYR Q 136 59.29 -23.76 -9.60
CA TYR Q 136 58.43 -23.35 -8.50
C TYR Q 136 58.70 -24.17 -7.24
N PRO Q 137 58.88 -23.54 -6.07
CA PRO Q 137 58.85 -22.09 -5.79
C PRO Q 137 60.18 -21.38 -6.01
N ARG Q 138 60.28 -20.07 -5.69
CA ARG Q 138 61.52 -19.32 -5.88
C ARG Q 138 62.68 -19.76 -4.98
N GLU Q 139 62.39 -20.54 -3.92
CA GLU Q 139 63.38 -21.03 -2.97
C GLU Q 139 64.31 -22.09 -3.56
N ALA Q 140 65.51 -21.65 -3.98
CA ALA Q 140 66.53 -22.54 -4.55
C ALA Q 140 67.94 -22.16 -4.06
N LYS Q 141 68.89 -23.12 -4.11
CA LYS Q 141 70.26 -22.87 -3.68
C LYS Q 141 71.26 -23.09 -4.80
N VAL Q 142 72.13 -22.09 -5.05
CA VAL Q 142 73.14 -22.21 -6.09
C VAL Q 142 74.53 -22.17 -5.50
N GLN Q 143 75.27 -23.29 -5.63
CA GLN Q 143 76.63 -23.38 -5.13
C GLN Q 143 77.60 -23.59 -6.27
N TRP Q 144 78.68 -22.81 -6.31
CA TRP Q 144 79.69 -22.95 -7.35
C TRP Q 144 80.79 -23.90 -6.89
N LYS Q 145 81.24 -24.79 -7.78
CA LYS Q 145 82.28 -25.74 -7.44
C LYS Q 145 83.47 -25.72 -8.41
N VAL Q 146 84.30 -24.67 -8.31
CA VAL Q 146 85.51 -24.51 -9.14
C VAL Q 146 86.58 -25.50 -8.67
N ASP Q 147 86.85 -26.54 -9.49
CA ASP Q 147 87.81 -27.61 -9.19
C ASP Q 147 87.45 -28.33 -7.88
N ASN Q 148 86.13 -28.47 -7.60
CA ASN Q 148 85.54 -29.10 -6.42
C ASN Q 148 85.72 -28.28 -5.13
N ALA Q 149 85.68 -26.94 -5.24
CA ALA Q 149 85.82 -26.07 -4.07
C ALA Q 149 84.72 -25.01 -4.02
N LEU Q 150 84.09 -24.83 -2.85
CA LEU Q 150 83.00 -23.86 -2.66
C LEU Q 150 83.44 -22.42 -2.92
N GLN Q 151 82.69 -21.71 -3.76
CA GLN Q 151 83.00 -20.32 -4.08
C GLN Q 151 82.08 -19.37 -3.32
N SER Q 152 82.62 -18.62 -2.37
CA SER Q 152 81.85 -17.68 -1.57
C SER Q 152 82.40 -16.26 -1.69
N GLY Q 153 81.50 -15.29 -1.79
CA GLY Q 153 81.86 -13.89 -1.88
C GLY Q 153 82.27 -13.40 -3.26
N ASN Q 154 82.10 -14.23 -4.29
CA ASN Q 154 82.47 -13.85 -5.66
C ASN Q 154 81.35 -14.06 -6.70
N SER Q 155 80.13 -14.34 -6.24
CA SER Q 155 79.01 -14.56 -7.15
C SER Q 155 77.77 -13.75 -6.75
N GLN Q 156 77.01 -13.28 -7.75
CA GLN Q 156 75.80 -12.49 -7.52
C GLN Q 156 74.58 -13.18 -8.11
N GLU Q 157 73.42 -13.01 -7.47
CA GLU Q 157 72.18 -13.64 -7.94
C GLU Q 157 71.17 -12.62 -8.44
N SER Q 158 70.43 -12.96 -9.49
CA SER Q 158 69.41 -12.08 -10.03
C SER Q 158 68.14 -12.89 -10.28
N VAL Q 159 66.99 -12.43 -9.76
CA VAL Q 159 65.73 -13.16 -9.90
C VAL Q 159 64.67 -12.33 -10.61
N THR Q 160 64.05 -12.90 -11.65
CA THR Q 160 62.96 -12.23 -12.37
C THR Q 160 61.64 -12.38 -11.58
N GLU Q 161 60.63 -11.56 -11.92
CA GLU Q 161 59.31 -11.61 -11.29
C GLU Q 161 58.59 -12.92 -11.62
N GLN Q 162 57.56 -13.27 -10.83
CA GLN Q 162 56.78 -14.48 -11.08
C GLN Q 162 55.98 -14.31 -12.38
N ASP Q 163 55.83 -15.39 -13.17
CA ASP Q 163 55.12 -15.30 -14.45
C ASP Q 163 53.61 -15.15 -14.26
N SER Q 164 52.97 -14.44 -15.20
CA SER Q 164 51.52 -14.24 -15.15
C SER Q 164 50.76 -15.24 -16.05
N LYS Q 165 51.43 -16.31 -16.50
CA LYS Q 165 50.80 -17.33 -17.34
C LYS Q 165 51.03 -18.72 -16.75
N ASP Q 166 52.23 -18.97 -16.22
CA ASP Q 166 52.57 -20.25 -15.61
C ASP Q 166 52.90 -20.16 -14.11
N SER Q 167 53.17 -18.93 -13.62
CA SER Q 167 53.50 -18.60 -12.23
C SER Q 167 54.72 -19.36 -11.70
N THR Q 168 55.84 -19.24 -12.45
CA THR Q 168 57.15 -19.83 -12.14
C THR Q 168 58.25 -18.73 -12.08
N TYR Q 169 59.48 -19.08 -11.66
CA TYR Q 169 60.58 -18.11 -11.52
C TYR Q 169 61.80 -18.43 -12.42
N SER Q 170 62.82 -17.55 -12.42
CA SER Q 170 64.07 -17.72 -13.17
C SER Q 170 65.21 -17.03 -12.39
N LEU Q 171 66.37 -17.70 -12.25
CA LEU Q 171 67.50 -17.14 -11.51
C LEU Q 171 68.81 -17.27 -12.28
N SER Q 172 69.60 -16.19 -12.33
CA SER Q 172 70.89 -16.22 -13.03
C SER Q 172 72.05 -15.91 -12.09
N SER Q 173 72.86 -16.93 -11.76
CA SER Q 173 74.01 -16.73 -10.89
C SER Q 173 75.23 -16.40 -11.74
N THR Q 174 75.82 -15.23 -11.52
CA THR Q 174 76.98 -14.82 -12.30
C THR Q 174 78.27 -14.85 -11.48
N LEU Q 175 79.11 -15.86 -11.75
CA LEU Q 175 80.39 -16.04 -11.06
C LEU Q 175 81.45 -15.20 -11.78
N THR Q 176 81.87 -14.08 -11.18
CA THR Q 176 82.87 -13.20 -11.80
C THR Q 176 84.26 -13.42 -11.21
N LEU Q 177 85.17 -13.92 -12.04
CA LEU Q 177 86.56 -14.21 -11.69
C LEU Q 177 87.53 -13.51 -12.66
N SER Q 178 88.84 -13.50 -12.35
CA SER Q 178 89.83 -12.90 -13.27
C SER Q 178 90.18 -13.90 -14.39
N LYS Q 179 90.74 -13.40 -15.50
CA LYS Q 179 91.12 -14.22 -16.66
C LYS Q 179 92.08 -15.33 -16.27
N ALA Q 180 93.04 -15.02 -15.40
CA ALA Q 180 94.01 -16.00 -14.93
C ALA Q 180 93.37 -17.06 -14.03
N ASP Q 181 92.48 -16.62 -13.11
CA ASP Q 181 91.75 -17.52 -12.21
C ASP Q 181 90.89 -18.53 -12.99
N TYR Q 182 90.38 -18.13 -14.16
CA TYR Q 182 89.56 -19.01 -14.97
C TYR Q 182 90.37 -20.10 -15.68
N GLU Q 183 91.50 -19.73 -16.30
CA GLU Q 183 92.32 -20.71 -17.00
C GLU Q 183 93.02 -21.70 -16.07
N LYS Q 184 93.29 -21.32 -14.80
CA LYS Q 184 93.98 -22.22 -13.88
C LYS Q 184 93.14 -23.46 -13.50
N HIS Q 185 91.81 -23.31 -13.37
CA HIS Q 185 90.97 -24.47 -13.06
C HIS Q 185 90.36 -25.06 -14.33
N LYS Q 186 89.96 -26.34 -14.26
CA LYS Q 186 89.40 -27.02 -15.44
C LYS Q 186 87.92 -27.39 -15.28
N VAL Q 187 87.54 -28.02 -14.16
CA VAL Q 187 86.15 -28.43 -13.95
C VAL Q 187 85.30 -27.31 -13.35
N TYR Q 188 84.31 -26.83 -14.11
CA TYR Q 188 83.43 -25.77 -13.63
C TYR Q 188 82.01 -26.26 -13.44
N ALA Q 189 81.70 -26.68 -12.21
CA ALA Q 189 80.39 -27.21 -11.87
C ALA Q 189 79.48 -26.19 -11.20
N CYS Q 190 78.17 -26.33 -11.42
CA CYS Q 190 77.17 -25.46 -10.81
C CYS Q 190 76.09 -26.34 -10.18
N GLU Q 191 76.15 -26.51 -8.86
CA GLU Q 191 75.19 -27.35 -8.16
C GLU Q 191 73.91 -26.61 -7.80
N VAL Q 192 72.77 -27.08 -8.30
CA VAL Q 192 71.48 -26.46 -8.02
C VAL Q 192 70.62 -27.35 -7.12
N THR Q 193 70.28 -26.85 -5.93
CA THR Q 193 69.45 -27.58 -4.98
C THR Q 193 68.05 -26.97 -4.95
N HIS Q 194 67.04 -27.77 -5.30
CA HIS Q 194 65.66 -27.29 -5.33
C HIS Q 194 64.67 -28.34 -4.77
N GLN Q 195 63.48 -27.90 -4.33
CA GLN Q 195 62.46 -28.80 -3.80
C GLN Q 195 61.90 -29.74 -4.87
N GLY Q 196 61.79 -29.25 -6.10
CA GLY Q 196 61.31 -30.04 -7.23
C GLY Q 196 62.29 -31.09 -7.73
N LEU Q 197 63.55 -31.00 -7.30
CA LEU Q 197 64.59 -31.96 -7.68
C LEU Q 197 64.85 -32.93 -6.54
N SER Q 198 64.75 -34.24 -6.79
CA SER Q 198 65.01 -35.25 -5.78
C SER Q 198 66.48 -35.26 -5.38
N SER Q 199 67.38 -35.06 -6.36
CA SER Q 199 68.82 -34.99 -6.12
C SER Q 199 69.37 -33.74 -6.78
N PRO Q 200 70.27 -33.00 -6.11
CA PRO Q 200 70.81 -31.75 -6.70
C PRO Q 200 71.46 -31.91 -8.07
N VAL Q 201 70.91 -31.22 -9.07
CA VAL Q 201 71.40 -31.26 -10.44
C VAL Q 201 72.65 -30.39 -10.60
N THR Q 202 73.72 -30.97 -11.14
CA THR Q 202 74.97 -30.25 -11.33
C THR Q 202 75.31 -30.13 -12.82
N LYS Q 203 75.15 -28.93 -13.40
CA LYS Q 203 75.48 -28.67 -14.79
C LYS Q 203 76.93 -28.19 -14.86
N SER Q 204 77.81 -28.96 -15.53
CA SER Q 204 79.22 -28.61 -15.58
C SER Q 204 79.86 -28.75 -16.96
N PHE Q 205 80.97 -28.02 -17.19
CA PHE Q 205 81.74 -28.06 -18.43
C PHE Q 205 83.25 -28.27 -18.14
N ASN Q 206 84.07 -28.44 -19.20
CA ASN Q 206 85.51 -28.69 -19.08
C ASN Q 206 86.34 -27.79 -20.01
N ARG Q 207 86.55 -26.53 -19.63
CA ARG Q 207 87.33 -25.60 -20.45
C ARG Q 207 88.06 -24.55 -19.59
N ALA R 1 24.86 0.05 42.61
CA ALA R 1 24.28 -1.29 42.55
C ALA R 1 24.35 -1.90 41.15
N VAL R 2 25.36 -1.52 40.36
CA VAL R 2 25.53 -1.99 38.99
C VAL R 2 26.01 -3.43 38.89
N THR R 3 25.30 -4.25 38.11
CA THR R 3 25.65 -5.65 37.95
C THR R 3 25.70 -6.01 36.47
N LEU R 4 26.83 -6.57 36.00
CA LEU R 4 26.98 -6.99 34.60
C LEU R 4 27.16 -8.50 34.55
N ASP R 5 26.12 -9.20 34.05
CA ASP R 5 26.03 -10.67 33.96
C ASP R 5 26.34 -11.18 32.56
N GLU R 6 27.41 -11.96 32.42
CA GLU R 6 27.78 -12.53 31.13
C GLU R 6 27.03 -13.82 30.79
N SER R 7 27.04 -14.20 29.49
CA SER R 7 26.41 -15.44 29.03
C SER R 7 27.31 -16.65 29.41
N GLY R 8 26.78 -17.87 29.24
CA GLY R 8 27.52 -19.09 29.54
C GLY R 8 28.81 -19.25 28.75
N GLY R 9 29.76 -19.97 29.34
CA GLY R 9 31.06 -20.23 28.74
C GLY R 9 31.01 -20.97 27.41
N GLY R 10 32.08 -20.90 26.65
CA GLY R 10 32.13 -21.52 25.33
C GLY R 10 33.35 -22.37 25.06
N LEU R 11 33.23 -23.25 24.07
CA LEU R 11 34.28 -24.16 23.60
C LEU R 11 34.05 -24.54 22.14
N GLN R 12 33.68 -23.55 21.32
CA GLN R 12 33.38 -23.72 19.90
C GLN R 12 34.59 -24.09 19.05
N THR R 13 34.35 -24.68 17.88
CA THR R 13 35.41 -25.11 16.97
C THR R 13 35.96 -23.94 16.13
N PRO R 14 37.27 -23.96 15.79
CA PRO R 14 37.84 -22.86 15.00
C PRO R 14 37.21 -22.64 13.63
N GLY R 15 37.21 -21.39 13.19
CA GLY R 15 36.59 -21.00 11.92
C GLY R 15 35.10 -20.71 12.01
N GLY R 16 34.51 -20.91 13.19
CA GLY R 16 33.09 -20.70 13.43
C GLY R 16 32.77 -19.36 14.06
N THR R 17 31.55 -19.22 14.58
CA THR R 17 31.11 -17.97 15.19
C THR R 17 30.99 -18.09 16.73
N LEU R 18 31.03 -16.95 17.41
CA LEU R 18 30.91 -16.89 18.87
C LEU R 18 29.88 -15.86 19.29
N SER R 19 28.91 -16.25 20.13
CA SER R 19 27.90 -15.31 20.61
C SER R 19 28.02 -15.09 22.12
N LEU R 20 28.00 -13.83 22.55
CA LEU R 20 28.10 -13.46 23.96
C LEU R 20 27.02 -12.44 24.37
N VAL R 21 26.77 -12.26 25.69
CA VAL R 21 25.75 -11.32 26.16
C VAL R 21 26.11 -10.70 27.54
N CYS R 22 25.51 -9.54 27.86
CA CYS R 22 25.73 -8.85 29.13
C CYS R 22 24.42 -8.28 29.66
N LYS R 23 23.76 -8.99 30.58
CA LYS R 23 22.52 -8.49 31.17
C LYS R 23 22.89 -7.36 32.14
N GLY R 24 22.64 -6.12 31.71
CA GLY R 24 22.96 -4.95 32.52
C GLY R 24 21.86 -4.59 33.48
N SER R 25 22.23 -4.30 34.73
CA SER R 25 21.27 -3.95 35.77
C SER R 25 21.85 -2.99 36.81
N GLY R 26 20.97 -2.28 37.52
CA GLY R 26 21.37 -1.33 38.55
C GLY R 26 21.73 0.05 38.05
N PHE R 27 21.33 0.37 36.81
CA PHE R 27 21.61 1.67 36.18
C PHE R 27 20.69 1.92 34.96
N THR R 28 20.73 3.14 34.41
CA THR R 28 19.94 3.47 33.24
C THR R 28 20.69 3.09 31.96
N PHE R 29 20.54 1.82 31.51
CA PHE R 29 21.10 1.32 30.24
C PHE R 29 20.41 2.12 29.11
N SER R 30 21.07 2.29 27.96
CA SER R 30 20.56 3.14 26.86
C SER R 30 20.73 4.65 27.15
N SER R 31 21.62 4.95 28.11
CA SER R 31 22.09 6.26 28.55
C SER R 31 23.65 6.25 28.75
N TYR R 32 24.32 5.10 28.51
CA TYR R 32 25.76 4.92 28.63
C TYR R 32 26.30 4.06 27.50
N GLU R 33 27.51 4.35 27.06
CA GLU R 33 28.25 3.63 26.02
C GLU R 33 28.75 2.29 26.62
N MET R 34 28.71 1.20 25.83
CA MET R 34 29.16 -0.10 26.33
C MET R 34 30.34 -0.64 25.53
N GLN R 35 31.25 -1.35 26.21
CA GLN R 35 32.40 -1.93 25.53
C GLN R 35 32.67 -3.40 25.93
N TRP R 36 33.58 -4.06 25.20
CA TRP R 36 34.00 -5.44 25.46
C TRP R 36 35.53 -5.46 25.60
N VAL R 37 36.08 -6.17 26.60
CA VAL R 37 37.53 -6.28 26.86
C VAL R 37 37.90 -7.75 27.11
N ARG R 38 38.82 -8.30 26.30
CA ARG R 38 39.24 -9.69 26.48
C ARG R 38 40.62 -9.79 27.12
N GLN R 39 40.88 -10.89 27.83
CA GLN R 39 42.18 -11.11 28.46
C GLN R 39 42.69 -12.50 28.13
N ALA R 40 43.77 -12.57 27.35
CA ALA R 40 44.40 -13.83 26.95
C ALA R 40 45.08 -14.55 28.14
N PRO R 41 45.31 -15.88 28.08
CA PRO R 41 45.93 -16.58 29.21
C PRO R 41 47.29 -16.03 29.64
N GLY R 42 47.30 -15.35 30.78
CA GLY R 42 48.49 -14.74 31.35
C GLY R 42 48.96 -13.48 30.64
N LYS R 43 48.09 -12.90 29.79
CA LYS R 43 48.42 -11.70 29.02
C LYS R 43 47.58 -10.48 29.50
N GLY R 44 47.88 -9.30 28.98
CA GLY R 44 47.20 -8.06 29.36
C GLY R 44 45.77 -7.92 28.90
N LEU R 45 45.21 -6.72 29.04
CA LEU R 45 43.84 -6.44 28.66
C LEU R 45 43.78 -5.91 27.22
N GLU R 46 42.90 -6.47 26.38
CA GLU R 46 42.77 -6.03 24.99
C GLU R 46 41.35 -5.58 24.75
N TRP R 47 41.15 -4.30 24.40
CA TRP R 47 39.81 -3.78 24.10
C TRP R 47 39.32 -4.43 22.80
N VAL R 48 38.15 -5.03 22.85
CA VAL R 48 37.59 -5.74 21.70
C VAL R 48 36.61 -4.91 20.88
N ALA R 49 35.64 -4.21 21.51
CA ALA R 49 34.66 -3.40 20.75
C ALA R 49 33.95 -2.35 21.61
N ASP R 50 33.36 -1.30 20.99
CA ASP R 50 32.60 -0.30 21.75
C ASP R 50 31.39 0.21 20.96
N ILE R 51 30.18 0.05 21.52
CA ILE R 51 28.96 0.52 20.89
C ILE R 51 28.51 1.82 21.55
N CYS R 52 27.87 2.70 20.78
CA CYS R 52 27.42 3.99 21.31
C CYS R 52 25.96 3.95 21.77
N ILE R 53 25.50 5.03 22.45
CA ILE R 53 24.11 5.16 22.92
C ILE R 53 23.17 5.09 21.73
N GLY R 54 22.27 4.12 21.76
CA GLY R 54 21.32 3.88 20.68
C GLY R 54 21.90 3.17 19.47
N GLY R 55 23.06 2.54 19.65
CA GLY R 55 23.77 1.82 18.59
C GLY R 55 24.20 2.66 17.40
N SER R 56 24.24 3.98 17.58
CA SER R 56 24.60 4.94 16.55
C SER R 56 26.00 4.73 15.99
N TYR R 57 26.98 4.48 16.86
CA TYR R 57 28.35 4.27 16.41
C TYR R 57 28.91 2.94 16.86
N THR R 58 29.76 2.34 16.02
CA THR R 58 30.38 1.07 16.33
C THR R 58 31.90 1.13 16.06
N GLY R 59 32.68 0.39 16.84
CA GLY R 59 34.13 0.36 16.69
C GLY R 59 34.73 -0.94 17.19
N TYR R 60 35.59 -1.58 16.39
CA TYR R 60 36.18 -2.87 16.78
C TYR R 60 37.69 -2.78 17.04
N GLY R 61 38.25 -3.81 17.67
CA GLY R 61 39.66 -3.93 17.99
C GLY R 61 40.48 -4.42 16.82
N PRO R 62 41.80 -4.36 16.94
CA PRO R 62 42.67 -4.77 15.81
C PRO R 62 42.63 -6.26 15.45
N ALA R 63 42.57 -7.14 16.46
CA ALA R 63 42.54 -8.58 16.20
C ALA R 63 41.21 -9.05 15.64
N VAL R 64 40.12 -8.39 16.03
CA VAL R 64 38.79 -8.76 15.58
C VAL R 64 38.22 -7.90 14.45
N LYS R 65 39.06 -7.07 13.80
CA LYS R 65 38.63 -6.21 12.70
C LYS R 65 38.05 -7.04 11.56
N GLY R 66 36.86 -6.67 11.12
CA GLY R 66 36.15 -7.37 10.05
C GLY R 66 35.61 -8.73 10.41
N ARG R 67 35.57 -9.05 11.72
CA ARG R 67 35.09 -10.33 12.23
C ARG R 67 34.08 -10.11 13.36
N ALA R 68 34.33 -9.10 14.20
CA ALA R 68 33.47 -8.76 15.32
C ALA R 68 32.19 -8.06 14.88
N THR R 69 31.14 -8.12 15.73
CA THR R 69 29.86 -7.46 15.52
C THR R 69 29.16 -7.27 16.87
N ILE R 70 28.95 -6.02 17.28
CA ILE R 70 28.28 -5.71 18.55
C ILE R 70 26.79 -5.40 18.34
N SER R 71 25.97 -5.61 19.39
CA SER R 71 24.53 -5.36 19.28
C SER R 71 23.87 -5.04 20.62
N ARG R 72 23.38 -3.80 20.79
CA ARG R 72 22.67 -3.47 22.02
C ARG R 72 21.16 -3.49 21.84
N ASP R 73 20.50 -4.30 22.66
CA ASP R 73 19.05 -4.41 22.67
C ASP R 73 18.67 -3.64 23.92
N ASP R 74 18.31 -2.37 23.75
CA ASP R 74 17.96 -1.46 24.85
C ASP R 74 16.78 -1.94 25.69
N GLY R 75 15.80 -2.56 25.04
CA GLY R 75 14.64 -3.11 25.73
C GLY R 75 15.03 -4.27 26.63
N GLN R 76 15.98 -5.09 26.18
CA GLN R 76 16.48 -6.23 26.95
C GLN R 76 17.64 -5.87 27.90
N SER R 77 18.24 -4.67 27.74
CA SER R 77 19.40 -4.15 28.48
C SER R 77 20.59 -5.09 28.32
N THR R 78 20.89 -5.44 27.06
CA THR R 78 21.95 -6.39 26.72
C THR R 78 22.97 -5.87 25.69
N VAL R 79 24.17 -6.47 25.70
CA VAL R 79 25.23 -6.18 24.74
C VAL R 79 25.66 -7.51 24.13
N ARG R 80 25.44 -7.70 22.84
CA ARG R 80 25.79 -8.94 22.16
C ARG R 80 27.18 -8.85 21.51
N LEU R 81 27.86 -10.00 21.42
CA LEU R 81 29.18 -10.04 20.79
C LEU R 81 29.30 -11.19 19.82
N GLN R 82 29.26 -10.87 18.52
CA GLN R 82 29.39 -11.85 17.45
C GLN R 82 30.85 -11.86 16.96
N LEU R 83 31.43 -13.04 16.69
CA LEU R 83 32.82 -13.13 16.23
C LEU R 83 33.03 -14.34 15.32
N ASN R 84 33.10 -14.11 14.01
CA ASN R 84 33.33 -15.20 13.05
C ASN R 84 34.82 -15.44 12.76
N ASN R 85 35.13 -16.62 12.18
CA ASN R 85 36.50 -17.07 11.84
C ASN R 85 37.36 -17.23 13.10
N LEU R 86 36.85 -17.96 14.11
CA LEU R 86 37.52 -18.20 15.39
C LEU R 86 38.95 -18.76 15.30
N ARG R 87 39.91 -18.04 15.89
CA ARG R 87 41.32 -18.41 15.91
C ARG R 87 41.82 -18.78 17.32
N ALA R 88 43.02 -19.37 17.42
CA ALA R 88 43.60 -19.74 18.71
C ALA R 88 43.76 -18.53 19.64
N GLU R 89 44.11 -17.37 19.05
CA GLU R 89 44.30 -16.10 19.75
C GLU R 89 43.03 -15.61 20.47
N ASP R 90 41.84 -15.99 19.97
CA ASP R 90 40.56 -15.61 20.55
C ASP R 90 40.26 -16.27 21.90
N THR R 91 41.11 -17.19 22.35
CA THR R 91 40.92 -17.90 23.61
C THR R 91 41.26 -16.98 24.79
N GLY R 92 40.39 -16.95 25.80
CA GLY R 92 40.61 -16.12 26.97
C GLY R 92 39.34 -15.77 27.71
N THR R 93 39.45 -15.01 28.82
CA THR R 93 38.31 -14.58 29.63
C THR R 93 37.79 -13.20 29.15
N TYR R 94 36.50 -13.12 28.80
CA TYR R 94 35.93 -11.91 28.24
C TYR R 94 35.04 -11.15 29.23
N TYR R 95 35.23 -9.82 29.31
CA TYR R 95 34.45 -8.96 30.21
C TYR R 95 33.77 -7.83 29.44
N CYS R 96 32.65 -7.29 29.95
CA CYS R 96 32.02 -6.10 29.34
C CYS R 96 32.09 -4.91 30.30
N ALA R 97 32.10 -3.69 29.75
CA ALA R 97 32.30 -2.51 30.56
C ALA R 97 31.35 -1.35 30.24
N LYS R 98 31.17 -0.44 31.21
CA LYS R 98 30.30 0.72 31.04
C LYS R 98 31.09 2.00 31.30
N THR R 99 30.90 3.02 30.46
CA THR R 99 31.53 4.31 30.66
C THR R 99 30.86 5.04 31.82
N ALA R 100 31.58 5.91 32.51
CA ALA R 100 31.04 6.62 33.66
C ALA R 100 30.11 7.77 33.31
N ARG R 101 30.37 8.44 32.18
CA ARG R 101 29.54 9.58 31.79
C ARG R 101 28.36 9.21 30.92
N SER R 102 27.21 9.83 31.23
CA SER R 102 25.97 9.65 30.49
C SER R 102 26.07 10.44 29.19
N ASP R 103 25.45 9.95 28.08
CA ASP R 103 25.48 10.61 26.77
C ASP R 103 26.89 11.10 26.38
N TYR R 104 27.86 10.18 26.42
CA TYR R 104 29.26 10.45 26.16
C TYR R 104 29.82 9.25 25.42
N CYS R 105 30.49 9.49 24.29
CA CYS R 105 31.00 8.46 23.42
C CYS R 105 32.37 8.77 22.84
N ILE R 106 33.18 9.65 23.48
CA ILE R 106 34.50 9.95 22.94
C ILE R 106 35.38 8.70 22.96
N THR R 107 36.22 8.57 21.94
CA THR R 107 37.11 7.42 21.84
C THR R 107 38.23 7.56 22.88
N GLY R 108 38.39 6.55 23.71
CA GLY R 108 39.38 6.55 24.78
C GLY R 108 38.97 5.59 25.87
N LEU R 109 39.96 4.87 26.45
CA LEU R 109 39.70 3.87 27.48
C LEU R 109 39.97 4.35 28.91
N ASP R 110 39.72 5.62 29.18
CA ASP R 110 39.96 6.20 30.49
C ASP R 110 38.71 6.42 31.34
N ASP R 111 37.51 6.03 30.85
CA ASP R 111 36.29 6.34 31.58
C ASP R 111 35.45 5.17 32.11
N ILE R 112 35.91 3.93 31.98
CA ILE R 112 35.15 2.77 32.46
C ILE R 112 34.92 2.78 33.98
N ASP R 113 33.64 2.65 34.44
CA ASP R 113 33.34 2.59 35.87
C ASP R 113 32.56 1.33 36.30
N ALA R 114 32.37 0.36 35.38
CA ALA R 114 31.66 -0.87 35.68
C ALA R 114 32.25 -2.01 34.90
N TRP R 115 32.41 -3.18 35.54
CA TRP R 115 33.00 -4.33 34.88
C TRP R 115 32.22 -5.62 35.14
N GLY R 116 32.10 -6.47 34.12
CA GLY R 116 31.43 -7.75 34.26
C GLY R 116 32.33 -8.79 34.92
N HIS R 117 31.73 -9.84 35.51
CA HIS R 117 32.50 -10.89 36.20
C HIS R 117 33.47 -11.65 35.29
N GLY R 118 33.05 -11.88 34.06
CA GLY R 118 33.88 -12.57 33.07
C GLY R 118 33.42 -13.97 32.75
N THR R 119 33.61 -14.39 31.50
CA THR R 119 33.26 -15.73 31.06
C THR R 119 34.36 -16.30 30.16
N GLU R 120 34.63 -17.61 30.30
CA GLU R 120 35.71 -18.24 29.55
C GLU R 120 35.29 -18.80 28.18
N VAL R 121 36.15 -18.57 27.18
CA VAL R 121 35.98 -19.06 25.82
C VAL R 121 37.28 -19.73 25.37
N ILE R 122 37.19 -21.02 24.98
CA ILE R 122 38.33 -21.81 24.55
C ILE R 122 38.17 -22.24 23.10
N VAL R 123 38.96 -21.65 22.18
CA VAL R 123 38.87 -22.02 20.77
C VAL R 123 39.69 -23.27 20.48
N SER R 124 39.01 -24.44 20.42
CA SER R 124 39.64 -25.72 20.17
C SER R 124 38.62 -26.74 19.65
N SER R 125 39.04 -27.62 18.74
CA SER R 125 38.14 -28.64 18.19
C SER R 125 38.31 -30.01 18.87
N ALA R 126 38.83 -30.04 20.10
CA ALA R 126 39.04 -31.27 20.82
C ALA R 126 37.82 -31.65 21.66
N SER R 127 37.60 -32.96 21.87
CA SER R 127 36.48 -33.45 22.66
C SER R 127 36.68 -33.13 24.13
N THR R 128 35.60 -32.81 24.85
CA THR R 128 35.69 -32.48 26.27
C THR R 128 36.05 -33.71 27.10
N LYS R 129 37.30 -33.78 27.58
CA LYS R 129 37.79 -34.90 28.38
C LYS R 129 37.23 -34.91 29.79
N GLY R 130 36.87 -36.09 30.27
CA GLY R 130 36.34 -36.27 31.61
C GLY R 130 37.40 -36.07 32.67
N PRO R 131 37.05 -35.35 33.74
CA PRO R 131 38.05 -35.10 34.80
C PRO R 131 38.32 -36.29 35.70
N SER R 132 39.60 -36.54 35.99
CA SER R 132 39.99 -37.64 36.88
C SER R 132 40.52 -37.06 38.18
N VAL R 133 39.87 -37.38 39.30
CA VAL R 133 40.27 -36.86 40.60
C VAL R 133 41.05 -37.92 41.38
N PHE R 134 42.28 -37.61 41.80
CA PHE R 134 43.10 -38.56 42.53
C PHE R 134 43.45 -38.05 43.94
N PRO R 135 43.27 -38.89 44.97
CA PRO R 135 43.59 -38.45 46.33
C PRO R 135 45.08 -38.51 46.68
N LEU R 136 45.62 -37.42 47.22
CA LEU R 136 47.03 -37.36 47.60
C LEU R 136 47.15 -37.30 49.12
N ALA R 137 47.71 -38.35 49.73
CA ALA R 137 47.86 -38.41 51.18
C ALA R 137 49.33 -38.44 51.60
N PRO R 138 49.71 -37.68 52.64
CA PRO R 138 51.11 -37.69 53.07
C PRO R 138 51.47 -38.92 53.90
N SER R 139 52.77 -39.27 53.93
CA SER R 139 53.23 -40.42 54.69
C SER R 139 53.89 -39.99 56.01
N SER R 144 54.82 -35.39 59.47
CA SER R 144 54.68 -33.93 59.49
C SER R 144 54.85 -33.38 60.91
N GLY R 145 54.26 -34.08 61.87
CA GLY R 145 54.34 -33.67 63.27
C GLY R 145 53.29 -32.68 63.70
N GLY R 146 53.42 -31.45 63.24
CA GLY R 146 52.49 -30.38 63.59
C GLY R 146 51.45 -30.06 62.53
N THR R 147 51.90 -29.57 61.38
CA THR R 147 50.99 -29.20 60.29
C THR R 147 51.01 -30.21 59.15
N ALA R 148 49.87 -30.87 58.90
CA ALA R 148 49.75 -31.84 57.82
C ALA R 148 49.17 -31.22 56.56
N ALA R 149 49.42 -31.83 55.39
CA ALA R 149 48.92 -31.31 54.13
C ALA R 149 48.14 -32.35 53.33
N LEU R 150 46.85 -32.11 53.10
CA LEU R 150 46.03 -33.02 52.29
C LEU R 150 45.72 -32.33 50.96
N GLY R 151 45.80 -33.07 49.85
CA GLY R 151 45.57 -32.48 48.54
C GLY R 151 44.69 -33.27 47.58
N CYS R 152 44.17 -32.57 46.56
CA CYS R 152 43.30 -33.14 45.54
C CYS R 152 43.92 -32.82 44.15
N LEU R 153 44.05 -33.80 43.22
CA LEU R 153 44.65 -33.50 41.90
C LEU R 153 43.71 -33.79 40.73
N VAL R 154 43.47 -32.77 39.88
CA VAL R 154 42.64 -32.90 38.68
C VAL R 154 43.59 -33.10 37.50
N LYS R 155 43.45 -34.22 36.79
CA LYS R 155 44.34 -34.54 35.66
C LYS R 155 43.57 -34.95 34.41
N ASP R 156 44.25 -34.96 33.24
CA ASP R 156 43.65 -35.35 31.95
C ASP R 156 42.27 -34.74 31.69
N TYR R 157 42.13 -33.44 31.97
CA TYR R 157 40.86 -32.76 31.76
C TYR R 157 41.03 -31.60 30.76
N PHE R 158 40.00 -31.35 29.94
CA PHE R 158 40.04 -30.29 28.94
C PHE R 158 38.61 -30.01 28.47
N PRO R 159 38.20 -28.74 28.37
CA PRO R 159 38.96 -27.50 28.60
C PRO R 159 38.69 -26.85 29.97
N GLU R 160 39.31 -25.67 30.21
CA GLU R 160 39.14 -24.88 31.42
C GLU R 160 37.75 -24.21 31.46
N PRO R 161 37.22 -23.82 32.64
CA PRO R 161 37.81 -23.85 33.98
C PRO R 161 37.27 -24.99 34.88
N VAL R 162 37.73 -25.04 36.14
CA VAL R 162 37.29 -26.04 37.10
C VAL R 162 37.14 -25.42 38.50
N THR R 163 35.94 -25.48 39.07
CA THR R 163 35.69 -24.89 40.39
C THR R 163 35.77 -25.96 41.49
N VAL R 164 36.83 -25.90 42.31
CA VAL R 164 37.01 -26.85 43.40
C VAL R 164 36.73 -26.18 44.74
N SER R 165 35.72 -26.68 45.47
CA SER R 165 35.37 -26.11 46.77
C SER R 165 35.37 -27.16 47.87
N TRP R 166 36.13 -26.91 48.94
CA TRP R 166 36.21 -27.84 50.06
C TRP R 166 34.99 -27.69 50.96
N ASN R 167 34.29 -28.81 51.24
CA ASN R 167 33.09 -28.88 52.07
C ASN R 167 31.94 -28.03 51.54
N SER R 168 31.83 -27.92 50.20
CA SER R 168 30.81 -27.15 49.49
C SER R 168 30.81 -25.66 49.82
N GLY R 169 32.00 -25.10 50.05
CA GLY R 169 32.15 -23.69 50.36
C GLY R 169 32.27 -23.34 51.83
N ALA R 170 32.30 -24.35 52.71
CA ALA R 170 32.41 -24.11 54.14
C ALA R 170 33.87 -23.89 54.56
N LEU R 171 34.79 -24.68 54.00
CA LEU R 171 36.21 -24.57 54.33
C LEU R 171 36.91 -23.64 53.35
N THR R 172 37.25 -22.42 53.80
CA THR R 172 37.93 -21.44 52.95
C THR R 172 39.31 -21.05 53.48
N SER R 173 39.55 -21.20 54.78
CA SER R 173 40.84 -20.82 55.38
C SER R 173 41.93 -21.86 55.09
N GLY R 174 43.05 -21.38 54.58
CA GLY R 174 44.19 -22.22 54.26
C GLY R 174 44.02 -23.02 52.97
N VAL R 175 43.21 -22.51 52.04
CA VAL R 175 42.97 -23.20 50.77
C VAL R 175 43.72 -22.51 49.63
N HIS R 176 44.65 -23.23 48.98
CA HIS R 176 45.42 -22.66 47.89
C HIS R 176 45.05 -23.30 46.55
N THR R 177 44.70 -22.48 45.56
CA THR R 177 44.33 -22.98 44.23
C THR R 177 45.46 -22.69 43.25
N PHE R 178 46.01 -23.74 42.64
CA PHE R 178 47.11 -23.61 41.69
C PHE R 178 46.61 -23.58 40.25
N PRO R 179 47.21 -22.73 39.39
CA PRO R 179 46.77 -22.68 37.99
C PRO R 179 47.22 -23.91 37.21
N ALA R 180 46.43 -24.33 36.22
CA ALA R 180 46.74 -25.51 35.42
C ALA R 180 47.83 -25.24 34.39
N VAL R 181 48.62 -26.27 34.06
CA VAL R 181 49.69 -26.15 33.08
C VAL R 181 49.46 -27.12 31.91
N LEU R 182 49.87 -26.72 30.70
CA LEU R 182 49.71 -27.56 29.52
C LEU R 182 50.78 -28.64 29.46
N GLN R 183 50.39 -29.91 29.68
CA GLN R 183 51.31 -31.04 29.66
C GLN R 183 51.79 -31.42 28.25
N SER R 184 52.77 -32.33 28.14
CA SER R 184 53.35 -32.78 26.86
C SER R 184 52.32 -33.43 25.94
N SER R 185 51.32 -34.11 26.49
CA SER R 185 50.28 -34.76 25.69
C SER R 185 49.29 -33.74 25.10
N GLY R 186 49.01 -32.68 25.85
CA GLY R 186 48.09 -31.63 25.42
C GLY R 186 46.92 -31.42 26.36
N LEU R 187 47.03 -31.89 27.61
CA LEU R 187 45.98 -31.74 28.61
C LEU R 187 46.44 -30.92 29.81
N TYR R 188 45.49 -30.35 30.57
CA TYR R 188 45.82 -29.52 31.72
C TYR R 188 45.88 -30.33 33.03
N SER R 189 46.61 -29.81 34.03
CA SER R 189 46.75 -30.45 35.33
C SER R 189 46.61 -29.42 36.45
N LEU R 190 45.47 -29.43 37.14
CA LEU R 190 45.22 -28.48 38.23
C LEU R 190 45.37 -29.14 39.60
N SER R 191 45.93 -28.43 40.58
CA SER R 191 46.11 -28.97 41.92
C SER R 191 45.59 -28.02 43.00
N SER R 192 45.15 -28.56 44.13
CA SER R 192 44.64 -27.75 45.23
C SER R 192 44.93 -28.42 46.57
N VAL R 193 45.54 -27.67 47.50
CA VAL R 193 45.89 -28.21 48.82
C VAL R 193 45.28 -27.39 49.96
N VAL R 194 45.11 -28.02 51.12
CA VAL R 194 44.56 -27.34 52.30
C VAL R 194 45.39 -27.67 53.55
N THR R 195 45.94 -26.65 54.20
CA THR R 195 46.78 -26.85 55.39
C THR R 195 45.95 -26.98 56.67
N VAL R 196 45.96 -28.19 57.26
CA VAL R 196 45.23 -28.47 58.50
C VAL R 196 46.16 -29.14 59.52
N PRO R 197 45.99 -28.89 60.83
CA PRO R 197 46.89 -29.51 61.82
C PRO R 197 46.74 -31.03 61.93
N SER R 198 47.74 -31.70 62.53
CA SER R 198 47.74 -33.15 62.69
C SER R 198 46.74 -33.68 63.72
N SER R 199 46.18 -32.80 64.57
CA SER R 199 45.21 -33.21 65.59
C SER R 199 43.83 -33.53 65.00
N SER R 200 43.49 -32.98 63.83
CA SER R 200 42.20 -33.22 63.20
C SER R 200 42.18 -34.42 62.24
N LEU R 201 43.26 -35.21 62.18
CA LEU R 201 43.31 -36.37 61.30
C LEU R 201 42.56 -37.55 61.87
N GLY R 202 41.26 -37.61 61.62
CA GLY R 202 40.42 -38.69 62.12
C GLY R 202 39.06 -38.22 62.59
N THR R 203 39.01 -37.06 63.25
CA THR R 203 37.76 -36.50 63.74
C THR R 203 37.01 -35.66 62.70
N GLN R 204 37.70 -35.20 61.65
CA GLN R 204 37.07 -34.39 60.61
C GLN R 204 37.08 -35.07 59.25
N THR R 205 36.10 -34.73 58.39
CA THR R 205 36.00 -35.31 57.05
C THR R 205 36.23 -34.26 55.98
N TYR R 206 37.24 -34.47 55.12
CA TYR R 206 37.56 -33.52 54.06
C TYR R 206 37.24 -34.09 52.68
N ILE R 207 36.41 -33.38 51.93
CA ILE R 207 35.98 -33.79 50.59
C ILE R 207 36.17 -32.67 49.58
N CYS R 208 36.85 -32.97 48.47
CA CYS R 208 37.06 -31.99 47.41
C CYS R 208 36.01 -32.21 46.33
N ASN R 209 35.16 -31.20 46.09
CA ASN R 209 34.09 -31.32 45.11
C ASN R 209 34.52 -30.72 43.78
N VAL R 210 35.05 -31.56 42.88
CA VAL R 210 35.51 -31.07 41.58
C VAL R 210 34.34 -30.86 40.62
N ASN R 211 34.26 -29.68 39.98
CA ASN R 211 33.18 -29.38 39.05
C ASN R 211 33.70 -28.98 37.67
N HIS R 212 33.41 -29.79 36.64
CA HIS R 212 33.82 -29.50 35.28
C HIS R 212 32.57 -29.14 34.48
N LYS R 213 32.39 -27.86 34.18
CA LYS R 213 31.22 -27.35 33.46
C LYS R 213 31.08 -27.85 32.00
N PRO R 214 32.13 -27.92 31.15
CA PRO R 214 31.93 -28.37 29.76
C PRO R 214 31.49 -29.83 29.62
N SER R 215 31.91 -30.71 30.53
CA SER R 215 31.55 -32.12 30.46
C SER R 215 30.49 -32.56 31.49
N ASN R 216 30.13 -31.67 32.43
CA ASN R 216 29.15 -31.92 33.50
C ASN R 216 29.51 -33.13 34.36
N THR R 217 30.65 -33.07 35.04
CA THR R 217 31.09 -34.16 35.89
C THR R 217 31.37 -33.69 37.32
N LYS R 218 30.60 -34.20 38.29
CA LYS R 218 30.77 -33.84 39.69
C LYS R 218 31.16 -35.05 40.52
N VAL R 219 32.46 -35.24 40.77
CA VAL R 219 32.94 -36.38 41.54
C VAL R 219 33.44 -35.94 42.91
N ASP R 220 32.84 -36.46 43.98
CA ASP R 220 33.24 -36.12 45.35
C ASP R 220 34.27 -37.13 45.86
N LYS R 221 35.56 -36.79 45.78
CA LYS R 221 36.63 -37.67 46.24
C LYS R 221 37.05 -37.32 47.67
N LYS R 222 37.15 -38.32 48.55
CA LYS R 222 37.57 -38.11 49.94
C LYS R 222 39.06 -38.38 50.09
N VAL R 223 39.75 -37.55 50.87
CA VAL R 223 41.21 -37.69 51.07
C VAL R 223 41.49 -38.26 52.45
N GLU R 224 41.95 -39.50 52.52
CA GLU R 224 42.23 -40.16 53.79
C GLU R 224 43.66 -40.70 53.88
N PRO R 225 44.41 -40.31 54.91
CA PRO R 225 45.79 -40.81 55.04
C PRO R 225 45.87 -42.09 55.87
N GLN S 4 54.11 1.88 30.36
CA GLN S 4 53.83 1.51 31.75
C GLN S 4 54.86 0.51 32.30
N PRO S 5 55.48 0.81 33.46
CA PRO S 5 56.48 -0.11 34.03
C PRO S 5 56.06 -1.56 34.18
N SER S 6 57.01 -2.48 33.99
CA SER S 6 56.78 -3.91 34.11
C SER S 6 56.39 -4.28 35.53
N SER S 7 57.07 -3.70 36.53
CA SER S 7 56.77 -3.97 37.92
C SER S 7 57.25 -2.84 38.82
N VAL S 8 56.58 -2.66 39.96
CA VAL S 8 56.99 -1.66 40.94
C VAL S 8 56.95 -2.29 42.36
N SER S 9 57.90 -1.89 43.22
CA SER S 9 57.97 -2.46 44.57
C SER S 9 58.15 -1.43 45.68
N ALA S 10 57.09 -1.19 46.46
CA ALA S 10 57.16 -0.25 47.57
C ALA S 10 56.61 -0.89 48.85
N ASN S 11 57.28 -0.66 50.00
CA ASN S 11 56.88 -1.27 51.28
C ASN S 11 55.62 -0.64 51.90
N PRO S 12 54.84 -1.42 52.69
CA PRO S 12 53.61 -0.88 53.31
C PRO S 12 53.83 0.36 54.18
N GLY S 13 53.01 1.38 53.97
CA GLY S 13 53.14 2.63 54.72
C GLY S 13 54.15 3.54 54.06
N GLU S 14 53.94 3.82 52.77
CA GLU S 14 54.79 4.67 51.95
C GLU S 14 54.07 5.02 50.64
N THR S 15 54.36 6.20 50.05
CA THR S 15 53.69 6.61 48.81
C THR S 15 54.25 5.89 47.57
N VAL S 16 53.38 5.20 46.82
CA VAL S 16 53.75 4.49 45.59
C VAL S 16 53.32 5.33 44.40
N LYS S 17 54.15 5.41 43.35
CA LYS S 17 53.79 6.18 42.16
C LYS S 17 53.96 5.36 40.88
N ILE S 18 52.85 5.12 40.15
CA ILE S 18 52.92 4.37 38.90
C ILE S 18 52.67 5.29 37.70
N THR S 19 53.67 5.43 36.82
CA THR S 19 53.55 6.28 35.64
C THR S 19 52.99 5.57 34.43
N CYS S 20 52.20 6.30 33.67
CA CYS S 20 51.59 5.85 32.44
C CYS S 20 51.92 6.85 31.38
N SER S 21 52.48 6.39 30.25
CA SER S 21 52.84 7.27 29.15
C SER S 21 52.96 6.50 27.84
N ASP S 26 43.57 11.15 27.86
CA ASP S 26 43.31 10.91 29.29
C ASP S 26 43.60 9.46 29.70
N TYR S 27 43.85 9.21 31.00
CA TYR S 27 44.17 7.86 31.47
C TYR S 27 43.24 7.32 32.57
N GLY S 28 42.98 6.01 32.55
CA GLY S 28 42.14 5.31 33.52
C GLY S 28 42.84 4.11 34.13
N TRP S 29 42.84 3.99 35.46
CA TRP S 29 43.53 2.91 36.17
C TRP S 29 42.60 1.84 36.71
N TYR S 30 42.89 0.57 36.38
CA TYR S 30 42.06 -0.57 36.78
C TYR S 30 42.90 -1.66 37.45
N GLN S 31 42.54 -2.07 38.68
CA GLN S 31 43.29 -3.11 39.39
C GLN S 31 42.74 -4.50 39.15
N GLN S 32 43.64 -5.49 39.04
CA GLN S 32 43.24 -6.88 38.87
C GLN S 32 44.11 -7.73 39.77
N LYS S 33 43.51 -8.28 40.84
CA LYS S 33 44.20 -9.08 41.83
C LYS S 33 44.88 -10.34 41.26
N SER S 34 44.11 -11.18 40.55
CA SER S 34 44.64 -12.42 40.00
C SER S 34 44.20 -12.55 38.54
N PRO S 35 45.11 -12.97 37.64
CA PRO S 35 44.71 -13.13 36.23
C PRO S 35 43.50 -14.05 36.02
N GLY S 36 42.43 -13.47 35.50
CA GLY S 36 41.17 -14.20 35.30
C GLY S 36 40.03 -13.56 36.08
N SER S 37 40.34 -12.99 37.25
CA SER S 37 39.35 -12.32 38.11
C SER S 37 38.97 -10.95 37.53
N ALA S 38 37.69 -10.56 37.69
CA ALA S 38 37.17 -9.29 37.19
C ALA S 38 37.90 -8.08 37.76
N PRO S 39 38.43 -7.21 36.88
CA PRO S 39 39.14 -6.01 37.36
C PRO S 39 38.20 -4.97 37.97
N VAL S 40 38.74 -4.09 38.81
CA VAL S 40 37.96 -3.04 39.48
C VAL S 40 38.56 -1.68 39.19
N THR S 41 37.73 -0.70 38.81
CA THR S 41 38.22 0.65 38.53
C THR S 41 38.67 1.37 39.79
N VAL S 42 39.95 1.75 39.82
CA VAL S 42 40.57 2.47 40.92
C VAL S 42 40.38 3.99 40.72
N ILE S 43 40.74 4.50 39.53
CA ILE S 43 40.59 5.92 39.18
C ILE S 43 40.31 6.08 37.69
N TYR S 44 39.14 6.60 37.36
CA TYR S 44 38.75 6.87 35.98
C TYR S 44 38.92 8.36 35.73
N GLU S 45 39.18 8.76 34.48
CA GLU S 45 39.49 10.15 34.12
C GLU S 45 40.79 10.58 34.86
N ASN S 46 41.21 11.84 34.69
CA ASN S 46 42.36 12.34 35.42
C ASN S 46 41.79 13.04 36.63
N ASN S 47 42.25 12.66 37.84
CA ASN S 47 41.76 13.26 39.08
C ASN S 47 40.28 12.96 39.37
N LYS S 48 39.88 11.67 39.37
CA LYS S 48 38.50 11.22 39.64
C LYS S 48 38.52 9.78 40.21
N ARG S 49 37.78 9.52 41.30
CA ARG S 49 37.79 8.22 42.00
C ARG S 49 36.39 7.75 42.39
N PRO S 50 36.06 6.45 42.19
CA PRO S 50 34.73 5.97 42.59
C PRO S 50 34.49 6.02 44.09
N SER S 51 33.24 6.19 44.52
CA SER S 51 32.84 6.31 45.92
C SER S 51 33.34 5.18 46.84
N ASP S 52 33.23 3.93 46.39
CA ASP S 52 33.64 2.77 47.17
C ASP S 52 35.15 2.47 47.14
N ILE S 53 35.97 3.43 46.71
CA ILE S 53 37.41 3.25 46.63
C ILE S 53 38.13 4.10 47.68
N PRO S 54 39.14 3.53 48.36
CA PRO S 54 39.85 4.28 49.43
C PRO S 54 40.43 5.62 49.01
N SER S 55 40.45 6.59 49.96
CA SER S 55 41.00 7.93 49.71
C SER S 55 42.52 7.92 49.45
N ARG S 56 43.22 6.83 49.82
CA ARG S 56 44.65 6.65 49.60
C ARG S 56 44.97 6.73 48.11
N PHE S 57 44.07 6.22 47.27
CA PHE S 57 44.21 6.22 45.81
C PHE S 57 43.92 7.63 45.25
N SER S 58 44.94 8.31 44.69
CA SER S 58 44.77 9.67 44.14
C SER S 58 45.84 10.03 43.09
N GLY S 59 45.45 10.08 41.82
CA GLY S 59 46.37 10.37 40.72
C GLY S 59 46.13 11.65 39.94
N SER S 60 47.21 12.15 39.28
CA SER S 60 47.18 13.37 38.47
C SER S 60 47.90 13.25 37.12
N LYS S 61 47.37 13.93 36.10
CA LYS S 61 47.93 13.93 34.76
C LYS S 61 48.74 15.20 34.52
N PHE S 62 49.94 15.05 33.94
CA PHE S 62 50.84 16.17 33.63
C PHE S 62 51.37 15.95 32.22
N GLY S 63 50.88 16.74 31.27
CA GLY S 63 51.27 16.58 29.88
C GLY S 63 50.60 15.34 29.32
N SER S 64 51.40 14.41 28.81
CA SER S 64 50.86 13.12 28.36
C SER S 64 51.34 11.98 29.27
N THR S 65 51.50 12.27 30.58
CA THR S 65 51.95 11.27 31.54
C THR S 65 51.08 11.33 32.79
N HIS S 66 50.54 10.20 33.18
CA HIS S 66 49.68 10.13 34.36
C HIS S 66 50.33 9.31 35.44
N THR S 67 50.09 9.68 36.70
CA THR S 67 50.68 8.96 37.82
C THR S 67 49.66 8.56 38.89
N LEU S 68 49.49 7.25 39.07
CA LEU S 68 48.61 6.71 40.10
C LEU S 68 49.38 6.72 41.42
N THR S 69 48.99 7.58 42.37
CA THR S 69 49.68 7.69 43.65
C THR S 69 48.92 7.00 44.77
N ILE S 70 49.52 5.97 45.35
CA ILE S 70 48.92 5.22 46.44
C ILE S 70 49.61 5.60 47.74
N THR S 71 49.08 6.60 48.47
CA THR S 71 49.69 7.03 49.72
C THR S 71 49.44 6.01 50.83
N GLY S 72 50.51 5.55 51.48
CA GLY S 72 50.47 4.56 52.54
C GLY S 72 49.86 3.26 52.10
N VAL S 73 50.55 2.49 51.24
CA VAL S 73 50.04 1.23 50.68
C VAL S 73 49.80 0.15 51.74
N GLN S 74 48.78 -0.71 51.52
CA GLN S 74 48.40 -1.79 52.44
C GLN S 74 48.56 -3.19 51.77
N ALA S 75 48.14 -4.26 52.46
CA ALA S 75 48.20 -5.63 51.93
C ALA S 75 47.03 -5.92 50.98
N ASP S 76 45.88 -5.25 51.17
CA ASP S 76 44.75 -5.43 50.26
C ASP S 76 44.95 -4.73 48.89
N ASP S 77 46.10 -4.06 48.70
CA ASP S 77 46.45 -3.36 47.46
C ASP S 77 47.39 -4.19 46.56
N GLU S 78 47.47 -5.53 46.75
CA GLU S 78 48.33 -6.40 45.93
C GLU S 78 47.64 -6.80 44.60
N ALA S 79 47.74 -5.97 43.56
CA ALA S 79 47.10 -6.26 42.28
C ALA S 79 47.97 -5.83 41.05
N VAL S 80 47.62 -6.30 39.84
CA VAL S 80 48.27 -5.93 38.59
C VAL S 80 47.50 -4.71 38.10
N TYR S 81 48.09 -3.51 38.18
CA TYR S 81 47.41 -2.29 37.79
C TYR S 81 47.55 -2.04 36.30
N PHE S 82 46.42 -1.77 35.64
CA PHE S 82 46.42 -1.53 34.20
C PHE S 82 46.02 -0.12 33.89
N CYS S 83 46.62 0.42 32.85
CA CYS S 83 46.33 1.75 32.38
C CYS S 83 45.44 1.66 31.15
N GLY S 84 44.67 2.70 30.90
CA GLY S 84 43.77 2.71 29.75
C GLY S 84 43.69 4.09 29.14
N SER S 85 43.90 4.17 27.82
CA SER S 85 43.87 5.44 27.11
C SER S 85 43.73 5.24 25.58
N ARG S 86 43.79 6.32 24.79
CA ARG S 86 43.72 6.23 23.34
C ARG S 86 45.14 6.26 22.82
N ASP S 87 45.57 5.22 22.10
CA ASP S 87 46.91 5.20 21.49
C ASP S 87 46.75 5.49 19.99
N THR S 88 47.03 6.74 19.60
CA THR S 88 46.87 7.24 18.22
C THR S 88 45.34 7.20 17.90
N ASN S 89 44.86 6.62 16.77
CA ASN S 89 43.44 6.56 16.44
C ASN S 89 42.70 5.44 17.25
N ASN S 90 43.45 4.44 17.76
CA ASN S 90 42.89 3.27 18.48
C ASN S 90 42.75 3.42 20.01
N GLY S 91 42.01 2.51 20.63
CA GLY S 91 41.87 2.46 22.08
C GLY S 91 42.59 1.24 22.60
N ALA S 92 43.49 1.42 23.59
CA ALA S 92 44.28 0.28 24.09
C ALA S 92 44.63 0.38 25.59
N PHE S 93 45.07 -0.76 26.19
CA PHE S 93 45.46 -0.84 27.59
C PHE S 93 47.00 -0.95 27.73
N GLY S 94 47.50 -0.70 28.93
CA GLY S 94 48.92 -0.81 29.21
C GLY S 94 49.34 -2.26 29.44
N ALA S 95 50.66 -2.48 29.58
CA ALA S 95 51.21 -3.82 29.80
C ALA S 95 50.84 -4.39 31.16
N GLY S 96 50.81 -3.53 32.16
CA GLY S 96 50.47 -3.93 33.53
C GLY S 96 51.63 -3.71 34.48
N THR S 97 51.33 -3.14 35.64
CA THR S 97 52.34 -2.90 36.68
C THR S 97 52.07 -3.89 37.79
N THR S 98 53.05 -4.76 38.09
CA THR S 98 52.88 -5.73 39.16
C THR S 98 53.45 -5.13 40.43
N LEU S 99 52.58 -4.63 41.29
CA LEU S 99 53.01 -4.01 42.55
C LEU S 99 53.28 -5.08 43.59
N THR S 100 54.48 -5.03 44.19
CA THR S 100 54.86 -5.98 45.23
C THR S 100 55.05 -5.24 46.56
N VAL S 101 54.65 -5.87 47.68
CA VAL S 101 54.78 -5.28 49.02
C VAL S 101 55.98 -5.88 49.78
N LEU S 102 56.97 -5.04 50.10
CA LEU S 102 58.18 -5.51 50.79
C LEU S 102 57.93 -6.06 52.18
N ARG S 103 58.33 -7.31 52.41
CA ARG S 103 58.17 -7.99 53.69
C ARG S 103 59.46 -8.79 54.08
N THR S 104 59.48 -9.42 55.27
CA THR S 104 60.65 -10.16 55.73
C THR S 104 60.80 -11.54 55.06
N VAL S 105 62.02 -12.08 55.05
CA VAL S 105 62.33 -13.35 54.42
C VAL S 105 61.67 -14.56 55.09
N ALA S 106 60.83 -15.28 54.33
CA ALA S 106 60.16 -16.47 54.86
C ALA S 106 60.72 -17.75 54.23
N ALA S 107 60.72 -18.85 54.99
CA ALA S 107 61.23 -20.13 54.51
C ALA S 107 60.09 -21.03 54.05
N PRO S 108 60.27 -21.80 52.96
CA PRO S 108 59.19 -22.67 52.49
C PRO S 108 59.03 -23.98 53.26
N SER S 109 57.78 -24.36 53.55
CA SER S 109 57.48 -25.61 54.23
C SER S 109 57.36 -26.68 53.16
N VAL S 110 58.37 -27.56 53.02
CA VAL S 110 58.38 -28.57 51.97
C VAL S 110 57.67 -29.87 52.37
N PHE S 111 56.79 -30.37 51.49
CA PHE S 111 56.04 -31.61 51.69
C PHE S 111 56.05 -32.42 50.40
N ILE S 112 56.71 -33.60 50.41
CA ILE S 112 56.78 -34.43 49.21
C ILE S 112 55.61 -35.45 49.21
N PHE S 113 54.99 -35.65 48.04
CA PHE S 113 53.85 -36.55 47.92
C PHE S 113 54.07 -37.69 46.92
N PRO S 114 53.82 -38.93 47.33
CA PRO S 114 54.01 -40.06 46.41
C PRO S 114 52.79 -40.32 45.51
N PRO S 115 52.99 -40.96 44.34
CA PRO S 115 51.83 -41.25 43.48
C PRO S 115 50.85 -42.21 44.16
N SER S 116 49.56 -41.93 44.04
CA SER S 116 48.49 -42.72 44.67
C SER S 116 48.36 -44.13 44.09
N ASP S 117 47.63 -45.02 44.80
CA ASP S 117 47.39 -46.39 44.35
C ASP S 117 46.52 -46.40 43.08
N GLU S 118 45.59 -45.43 42.96
CA GLU S 118 44.72 -45.32 41.79
C GLU S 118 45.49 -44.80 40.56
N GLN S 119 46.53 -43.97 40.78
CA GLN S 119 47.37 -43.41 39.71
C GLN S 119 48.21 -44.50 39.04
N LEU S 120 48.69 -45.46 39.84
CA LEU S 120 49.52 -46.57 39.41
C LEU S 120 48.80 -47.44 38.39
N LYS S 121 47.52 -47.74 38.64
CA LYS S 121 46.69 -48.59 37.78
C LYS S 121 46.49 -48.00 36.38
N SER S 122 46.48 -46.67 36.27
CA SER S 122 46.31 -45.99 34.99
C SER S 122 47.51 -46.19 34.06
N GLY S 123 48.71 -46.19 34.63
CA GLY S 123 49.93 -46.36 33.86
C GLY S 123 50.93 -45.22 33.98
N THR S 124 50.69 -44.28 34.90
CA THR S 124 51.57 -43.15 35.10
C THR S 124 51.80 -42.89 36.59
N ALA S 125 52.96 -42.32 36.94
CA ALA S 125 53.29 -42.03 38.35
C ALA S 125 54.03 -40.72 38.47
N SER S 126 53.34 -39.67 38.95
CA SER S 126 53.97 -38.36 39.11
C SER S 126 54.15 -37.99 40.57
N VAL S 127 55.38 -37.67 40.96
CA VAL S 127 55.72 -37.28 42.32
C VAL S 127 55.58 -35.76 42.42
N VAL S 128 54.84 -35.26 43.41
CA VAL S 128 54.62 -33.82 43.55
C VAL S 128 55.36 -33.24 44.76
N CYS S 129 56.23 -32.25 44.53
CA CYS S 129 56.96 -31.58 45.62
C CYS S 129 56.22 -30.28 45.90
N LEU S 130 55.82 -30.06 47.15
CA LEU S 130 55.05 -28.88 47.51
C LEU S 130 55.81 -27.90 48.40
N LEU S 131 55.84 -26.63 48.01
CA LEU S 131 56.47 -25.57 48.81
C LEU S 131 55.34 -24.65 49.32
N ASN S 132 55.40 -24.21 50.60
CA ASN S 132 54.33 -23.37 51.12
C ASN S 132 54.79 -22.17 51.95
N ASN S 133 54.14 -21.02 51.69
CA ASN S 133 54.35 -19.73 52.36
C ASN S 133 55.82 -19.31 52.46
N PHE S 134 56.37 -18.79 51.37
CA PHE S 134 57.76 -18.33 51.34
C PHE S 134 57.92 -16.98 50.64
N TYR S 135 59.04 -16.29 50.91
CA TYR S 135 59.34 -14.98 50.32
C TYR S 135 60.86 -14.80 50.24
N PRO S 136 61.41 -14.35 49.10
CA PRO S 136 60.75 -13.92 47.87
C PRO S 136 60.39 -15.05 46.89
N ARG S 137 59.83 -14.70 45.72
CA ARG S 137 59.41 -15.62 44.66
C ARG S 137 60.56 -16.46 44.09
N GLU S 138 61.81 -15.98 44.21
CA GLU S 138 62.97 -16.69 43.70
C GLU S 138 63.25 -17.98 44.47
N ALA S 139 63.04 -19.13 43.83
CA ALA S 139 63.26 -20.43 44.44
C ALA S 139 63.78 -21.46 43.42
N LYS S 140 64.52 -22.47 43.89
CA LYS S 140 65.07 -23.49 43.01
C LYS S 140 64.66 -24.89 43.44
N VAL S 141 64.04 -25.65 42.53
CA VAL S 141 63.62 -27.02 42.84
C VAL S 141 64.34 -28.01 41.95
N GLN S 142 65.14 -28.90 42.54
CA GLN S 142 65.89 -29.89 41.78
C GLN S 142 65.53 -31.30 42.23
N TRP S 143 65.32 -32.22 41.29
CA TRP S 143 64.94 -33.59 41.60
C TRP S 143 66.15 -34.52 41.63
N LYS S 144 66.13 -35.49 42.55
CA LYS S 144 67.23 -36.45 42.69
C LYS S 144 66.70 -37.89 42.84
N VAL S 145 66.61 -38.61 41.73
CA VAL S 145 66.17 -40.00 41.74
C VAL S 145 67.39 -40.89 41.96
N ASP S 146 67.52 -41.47 43.16
CA ASP S 146 68.66 -42.32 43.54
C ASP S 146 69.98 -41.56 43.41
N ASN S 147 70.03 -40.33 43.95
CA ASN S 147 71.19 -39.43 43.94
C ASN S 147 71.66 -39.03 42.53
N ALA S 148 70.73 -38.89 41.58
CA ALA S 148 71.08 -38.51 40.21
C ALA S 148 70.25 -37.29 39.81
N LEU S 149 70.90 -36.30 39.18
CA LEU S 149 70.25 -35.06 38.76
C LEU S 149 69.24 -35.28 37.64
N GLN S 150 68.01 -34.79 37.84
CA GLN S 150 66.95 -34.93 36.83
C GLN S 150 66.61 -33.57 36.22
N SER S 151 66.60 -33.48 34.89
CA SER S 151 66.29 -32.22 34.21
C SER S 151 65.50 -32.45 32.93
N GLY S 152 64.54 -31.57 32.67
CA GLY S 152 63.70 -31.66 31.49
C GLY S 152 62.35 -32.34 31.70
N ASN S 153 62.21 -33.07 32.81
CA ASN S 153 60.97 -33.79 33.11
C ASN S 153 60.27 -33.26 34.36
N SER S 154 60.43 -31.97 34.67
CA SER S 154 59.81 -31.38 35.85
C SER S 154 59.15 -30.04 35.53
N GLN S 155 57.87 -29.88 35.88
CA GLN S 155 57.16 -28.63 35.61
C GLN S 155 56.66 -27.98 36.89
N GLU S 156 57.13 -26.77 37.18
CA GLU S 156 56.74 -26.04 38.38
C GLU S 156 55.54 -25.11 38.14
N SER S 157 54.79 -24.82 39.21
CA SER S 157 53.63 -23.95 39.16
C SER S 157 53.66 -22.99 40.33
N VAL S 158 53.85 -21.68 40.07
CA VAL S 158 53.92 -20.69 41.14
C VAL S 158 52.61 -19.90 41.26
N THR S 159 52.10 -19.75 42.49
CA THR S 159 50.87 -19.00 42.75
C THR S 159 51.13 -17.50 42.96
N GLU S 160 50.08 -16.67 42.85
CA GLU S 160 50.20 -15.23 43.09
C GLU S 160 50.37 -14.95 44.59
N GLN S 161 50.97 -13.80 44.93
CA GLN S 161 51.22 -13.42 46.33
C GLN S 161 49.93 -13.37 47.14
N ASP S 162 49.93 -14.01 48.33
CA ASP S 162 48.78 -14.08 49.21
C ASP S 162 48.37 -12.69 49.70
N SER S 163 47.06 -12.42 49.78
CA SER S 163 46.56 -11.11 50.22
C SER S 163 46.35 -11.01 51.74
N LYS S 164 46.97 -11.90 52.52
CA LYS S 164 46.84 -11.87 53.98
C LYS S 164 48.19 -11.86 54.66
N ASP S 165 49.16 -12.62 54.14
CA ASP S 165 50.50 -12.67 54.72
C ASP S 165 51.64 -12.39 53.72
N SER S 166 51.31 -12.13 52.44
CA SER S 166 52.26 -11.83 51.37
C SER S 166 53.27 -12.97 51.07
N THR S 167 52.78 -14.22 51.02
CA THR S 167 53.66 -15.36 50.76
C THR S 167 53.31 -16.12 49.48
N TYR S 168 54.31 -16.81 48.91
CA TYR S 168 54.16 -17.60 47.69
C TYR S 168 54.08 -19.12 48.00
N SER S 169 53.72 -19.93 46.99
CA SER S 169 53.63 -21.39 47.13
C SER S 169 53.97 -22.02 45.78
N LEU S 170 54.90 -22.97 45.75
CA LEU S 170 55.33 -23.62 44.51
C LEU S 170 54.80 -25.06 44.39
N SER S 171 54.63 -25.56 43.17
CA SER S 171 54.15 -26.93 42.94
C SER S 171 54.93 -27.62 41.81
N SER S 172 56.09 -28.21 42.13
CA SER S 172 56.89 -28.91 41.13
C SER S 172 56.39 -30.34 40.96
N THR S 173 56.32 -30.83 39.71
CA THR S 173 55.84 -32.19 39.47
C THR S 173 56.80 -32.99 38.59
N LEU S 174 57.24 -34.16 39.10
CA LEU S 174 58.16 -35.03 38.38
C LEU S 174 57.35 -36.04 37.57
N THR S 175 57.24 -35.85 36.25
CA THR S 175 56.47 -36.75 35.39
C THR S 175 57.29 -37.96 34.98
N LEU S 176 56.93 -39.11 35.53
CA LEU S 176 57.63 -40.37 35.30
C LEU S 176 56.65 -41.49 34.96
N SER S 177 57.05 -42.40 34.07
CA SER S 177 56.20 -43.54 33.70
C SER S 177 56.23 -44.61 34.80
N LYS S 178 55.25 -45.53 34.78
CA LYS S 178 55.18 -46.59 35.79
C LYS S 178 56.30 -47.61 35.69
N ALA S 179 56.86 -47.83 34.48
CA ALA S 179 57.98 -48.75 34.32
C ALA S 179 59.24 -48.16 34.96
N ASP S 180 59.47 -46.85 34.77
CA ASP S 180 60.66 -46.21 35.33
C ASP S 180 60.51 -45.85 36.82
N TYR S 181 59.28 -45.82 37.36
CA TYR S 181 59.05 -45.52 38.76
C TYR S 181 59.43 -46.71 39.64
N GLU S 182 59.09 -47.92 39.20
CA GLU S 182 59.41 -49.13 39.97
C GLU S 182 60.89 -49.55 39.91
N LYS S 183 61.71 -48.89 39.09
CA LYS S 183 63.13 -49.19 39.00
C LYS S 183 63.97 -48.52 40.10
N HIS S 184 63.43 -47.48 40.76
CA HIS S 184 64.14 -46.76 41.81
C HIS S 184 63.46 -46.86 43.18
N LYS S 185 64.17 -46.47 44.25
CA LYS S 185 63.65 -46.57 45.61
C LYS S 185 63.61 -45.22 46.34
N VAL S 186 64.63 -44.38 46.15
CA VAL S 186 64.73 -43.10 46.85
C VAL S 186 64.49 -41.89 45.93
N TYR S 187 63.51 -41.05 46.30
CA TYR S 187 63.18 -39.86 45.54
C TYR S 187 63.38 -38.62 46.40
N ALA S 188 64.48 -37.89 46.15
CA ALA S 188 64.84 -36.70 46.91
C ALA S 188 64.26 -35.40 46.29
N CYS S 189 64.28 -34.29 47.06
CA CYS S 189 63.75 -33.02 46.58
C CYS S 189 64.60 -31.89 47.14
N GLU S 190 65.69 -31.55 46.44
CA GLU S 190 66.58 -30.48 46.91
C GLU S 190 65.96 -29.10 46.68
N VAL S 191 65.57 -28.43 47.77
CA VAL S 191 64.96 -27.11 47.70
C VAL S 191 65.96 -26.01 48.07
N THR S 192 66.31 -25.14 47.12
CA THR S 192 67.25 -24.07 47.38
C THR S 192 66.57 -22.69 47.37
N HIS S 193 66.44 -22.10 48.55
CA HIS S 193 65.81 -20.79 48.71
C HIS S 193 66.79 -19.79 49.38
N GLN S 194 66.49 -18.48 49.31
CA GLN S 194 67.33 -17.44 49.91
C GLN S 194 67.34 -17.53 51.43
N GLY S 195 66.20 -17.86 52.02
CA GLY S 195 66.06 -18.00 53.46
C GLY S 195 66.48 -19.34 54.02
N LEU S 196 67.05 -20.22 53.18
CA LEU S 196 67.53 -21.54 53.62
C LEU S 196 69.05 -21.59 53.42
N SER S 197 69.82 -21.66 54.52
CA SER S 197 71.28 -21.75 54.46
C SER S 197 71.72 -23.11 53.90
N SER S 198 71.03 -24.18 54.30
CA SER S 198 71.28 -25.53 53.81
C SER S 198 70.04 -25.98 53.07
N PRO S 199 70.18 -26.43 51.81
CA PRO S 199 68.99 -26.84 51.04
C PRO S 199 68.24 -28.03 51.65
N VAL S 200 66.99 -27.80 52.07
CA VAL S 200 66.16 -28.84 52.68
C VAL S 200 65.78 -29.90 51.65
N THR S 201 66.24 -31.13 51.86
CA THR S 201 65.95 -32.22 50.93
C THR S 201 64.95 -33.20 51.56
N LYS S 202 63.70 -33.18 51.10
CA LYS S 202 62.69 -34.11 51.61
C LYS S 202 62.63 -35.36 50.72
N SER S 203 62.96 -36.53 51.28
CA SER S 203 62.98 -37.79 50.54
C SER S 203 61.96 -38.80 51.07
N PHE S 204 61.56 -39.75 50.21
CA PHE S 204 60.64 -40.81 50.60
C PHE S 204 61.03 -42.14 49.94
N ASN S 205 60.73 -43.26 50.61
CA ASN S 205 61.02 -44.59 50.07
C ASN S 205 59.80 -45.16 49.36
N ARG S 206 60.01 -45.96 48.29
CA ARG S 206 58.90 -46.54 47.55
C ARG S 206 58.17 -47.61 48.35
N GLY S 207 58.92 -48.46 49.03
CA GLY S 207 58.35 -49.53 49.85
C GLY S 207 58.31 -49.19 51.31
N VAL T 2 68.88 42.80 25.87
CA VAL T 2 67.80 42.19 26.67
C VAL T 2 68.32 41.57 27.97
N THR T 3 67.81 42.02 29.12
CA THR T 3 68.21 41.52 30.44
C THR T 3 67.02 40.96 31.24
N LEU T 4 67.28 39.95 32.08
CA LEU T 4 66.25 39.36 32.93
C LEU T 4 66.79 39.22 34.35
N ASP T 5 66.41 40.13 35.23
CA ASP T 5 66.94 40.20 36.58
C ASP T 5 66.06 39.61 37.66
N GLU T 6 66.31 38.36 38.06
CA GLU T 6 65.59 37.71 39.13
C GLU T 6 65.98 38.39 40.45
N SER T 7 65.02 38.65 41.31
CA SER T 7 65.25 39.37 42.56
C SER T 7 64.28 38.95 43.67
N GLY T 8 64.78 38.23 44.65
CA GLY T 8 63.97 37.79 45.78
C GLY T 8 63.97 36.28 45.99
N GLY T 9 65.09 35.63 45.66
CA GLY T 9 65.22 34.19 45.80
C GLY T 9 66.42 33.73 46.59
N GLY T 10 66.20 33.39 47.86
CA GLY T 10 67.26 32.92 48.73
C GLY T 10 66.83 31.88 49.73
N LEU T 11 67.27 32.05 50.98
CA LEU T 11 66.95 31.14 52.09
C LEU T 11 65.56 31.46 52.60
N GLN T 12 64.68 30.45 52.65
CA GLN T 12 63.30 30.66 53.08
C GLN T 12 62.85 29.66 54.15
N THR T 13 61.86 30.07 54.96
CA THR T 13 61.29 29.28 56.06
C THR T 13 60.19 28.31 55.59
N PRO T 14 60.37 27.00 55.85
CA PRO T 14 59.38 26.00 55.43
C PRO T 14 57.95 26.26 55.90
N GLY T 15 57.01 26.20 54.95
CA GLY T 15 55.60 26.50 55.19
C GLY T 15 55.24 27.94 54.91
N GLY T 16 56.25 28.79 54.70
CA GLY T 16 56.05 30.20 54.42
C GLY T 16 55.80 30.52 52.96
N ALA T 17 56.15 31.73 52.55
CA ALA T 17 55.93 32.17 51.18
C ALA T 17 57.13 32.95 50.60
N LEU T 18 57.20 33.08 49.26
CA LEU T 18 58.27 33.83 48.59
C LEU T 18 57.67 34.85 47.59
N SER T 19 58.45 35.87 47.22
CA SER T 19 57.98 36.90 46.28
C SER T 19 59.07 37.16 45.24
N LEU T 20 59.32 36.18 44.38
CA LEU T 20 60.35 36.27 43.34
C LEU T 20 59.98 37.23 42.22
N VAL T 21 60.58 38.41 42.18
CA VAL T 21 60.32 39.40 41.13
C VAL T 21 61.36 39.28 39.99
N CYS T 22 61.01 39.70 38.78
CA CYS T 22 61.91 39.64 37.63
C CYS T 22 61.83 40.95 36.88
N LYS T 23 62.98 41.60 36.63
CA LYS T 23 63.01 42.86 35.90
C LYS T 23 63.50 42.64 34.48
N ALA T 24 62.69 43.02 33.49
CA ALA T 24 63.05 42.83 32.09
C ALA T 24 63.20 44.15 31.35
N SER T 25 64.31 44.31 30.64
CA SER T 25 64.59 45.53 29.87
C SER T 25 65.19 45.19 28.50
N GLY T 26 65.10 46.12 27.57
CA GLY T 26 65.66 45.94 26.23
C GLY T 26 64.68 45.48 25.17
N PHE T 27 63.39 45.41 25.51
CA PHE T 27 62.35 44.96 24.57
C PHE T 27 60.95 45.45 24.99
N ASP T 28 59.95 45.33 24.09
CA ASP T 28 58.58 45.70 24.41
C ASP T 28 58.00 44.61 25.30
N PHE T 29 58.09 44.82 26.62
CA PHE T 29 57.63 43.91 27.65
C PHE T 29 56.17 43.49 27.50
N SER T 30 55.27 44.46 27.29
CA SER T 30 53.85 44.16 27.20
C SER T 30 53.41 43.37 25.96
N SER T 31 54.38 42.91 25.15
CA SER T 31 54.12 42.18 23.92
C SER T 31 54.56 40.72 23.94
N TYR T 32 55.10 40.22 25.06
CA TYR T 32 55.59 38.86 25.12
C TYR T 32 55.11 38.11 26.35
N ALA T 33 54.93 36.80 26.24
CA ALA T 33 54.51 35.98 27.37
C ALA T 33 55.72 35.67 28.24
N MET T 34 55.54 35.56 29.56
CA MET T 34 56.65 35.28 30.47
C MET T 34 56.43 33.99 31.29
N GLY T 35 57.51 33.49 31.89
CA GLY T 35 57.40 32.30 32.73
C GLY T 35 58.51 32.05 33.71
N TRP T 36 58.31 31.08 34.60
CA TRP T 36 59.32 30.73 35.60
C TRP T 36 59.65 29.27 35.50
N VAL T 37 60.93 28.93 35.40
CA VAL T 37 61.38 27.54 35.29
C VAL T 37 62.28 27.22 36.47
N ARG T 38 62.24 25.98 36.99
CA ARG T 38 63.11 25.60 38.09
C ARG T 38 63.91 24.33 37.82
N GLN T 39 65.10 24.24 38.42
CA GLN T 39 65.92 23.06 38.32
C GLN T 39 66.31 22.61 39.70
N ALA T 40 65.72 21.50 40.14
CA ALA T 40 66.04 20.94 41.44
C ALA T 40 67.46 20.40 41.42
N PRO T 41 68.22 20.55 42.54
CA PRO T 41 69.58 20.02 42.55
C PRO T 41 69.58 18.50 42.34
N GLY T 42 70.36 18.06 41.36
CA GLY T 42 70.40 16.64 41.00
C GLY T 42 69.24 16.19 40.12
N LYS T 43 68.42 17.15 39.67
CA LYS T 43 67.27 16.91 38.82
C LYS T 43 67.31 17.84 37.59
N GLY T 44 66.54 17.52 36.57
CA GLY T 44 66.53 18.32 35.35
C GLY T 44 65.66 19.56 35.40
N LEU T 45 65.17 19.98 34.21
CA LEU T 45 64.35 21.17 34.04
C LEU T 45 62.85 20.89 34.13
N GLU T 46 62.10 21.85 34.67
CA GLU T 46 60.65 21.76 34.84
C GLU T 46 60.00 23.14 34.91
N TYR T 47 59.04 23.41 34.01
CA TYR T 47 58.31 24.68 33.96
C TYR T 47 57.46 24.84 35.22
N VAL T 48 57.45 26.04 35.79
CA VAL T 48 56.68 26.32 37.01
C VAL T 48 55.37 27.11 36.72
N ALA T 49 55.48 28.35 36.18
CA ALA T 49 54.31 29.18 35.93
C ALA T 49 54.44 30.03 34.69
N GLY T 50 53.37 30.09 33.91
CA GLY T 50 53.35 30.89 32.70
C GLY T 50 52.29 31.98 32.77
N ILE T 51 52.53 33.09 32.08
CA ILE T 51 51.58 34.20 32.01
C ILE T 51 51.58 34.82 30.62
N ARG T 52 50.39 35.14 30.12
CA ARG T 52 50.16 35.72 28.81
C ARG T 52 50.60 37.18 28.73
N ASN T 53 50.76 37.73 27.51
CA ASN T 53 51.14 39.13 27.29
C ASN T 53 50.19 40.12 27.99
N ASP T 54 48.88 39.91 27.87
CA ASP T 54 47.90 40.78 28.53
C ASP T 54 47.57 40.32 29.97
N GLY T 55 48.34 39.38 30.51
CA GLY T 55 48.15 38.82 31.85
C GLY T 55 46.86 38.07 32.07
N SER T 56 46.02 37.93 31.03
CA SER T 56 44.73 37.28 31.16
C SER T 56 44.80 35.75 31.32
N PHE T 57 45.88 35.13 30.87
CA PHE T 57 46.02 33.68 30.98
C PHE T 57 47.22 33.25 31.82
N THR T 58 47.01 32.28 32.73
CA THR T 58 48.06 31.72 33.58
C THR T 58 48.00 30.20 33.64
N LEU T 59 49.16 29.56 33.81
CA LEU T 59 49.23 28.11 33.96
C LEU T 59 50.24 27.74 35.06
N TYR T 60 49.98 26.65 35.78
CA TYR T 60 50.87 26.22 36.85
C TYR T 60 51.18 24.74 36.79
N THR T 61 52.43 24.37 37.11
CA THR T 61 52.85 22.97 37.16
C THR T 61 52.05 22.25 38.28
N PRO T 62 51.61 21.00 38.03
CA PRO T 62 50.78 20.31 39.04
C PRO T 62 51.31 20.31 40.47
N ALA T 63 52.63 20.43 40.63
CA ALA T 63 53.24 20.49 41.95
C ALA T 63 52.86 21.80 42.67
N VAL T 64 52.98 22.96 42.01
CA VAL T 64 52.67 24.25 42.62
C VAL T 64 51.22 24.67 42.54
N LYS T 65 50.41 23.98 41.74
CA LYS T 65 49.00 24.31 41.53
C LYS T 65 48.21 24.56 42.82
N GLY T 66 47.57 25.71 42.90
CA GLY T 66 46.80 26.08 44.08
C GLY T 66 47.56 26.91 45.11
N ARG T 67 48.89 26.96 45.00
CA ARG T 67 49.70 27.74 45.92
C ARG T 67 50.35 28.89 45.18
N ALA T 68 50.91 28.61 43.99
CA ALA T 68 51.58 29.64 43.20
C ALA T 68 50.60 30.64 42.59
N THR T 69 51.05 31.89 42.38
CA THR T 69 50.24 32.97 41.82
C THR T 69 51.12 33.92 41.00
N ILE T 70 51.42 33.56 39.74
CA ILE T 70 52.23 34.41 38.88
C ILE T 70 51.48 35.67 38.46
N SER T 71 52.05 36.83 38.76
CA SER T 71 51.46 38.11 38.39
C SER T 71 52.42 38.89 37.47
N ARG T 72 51.94 39.99 36.86
CA ARG T 72 52.78 40.81 35.98
C ARG T 72 52.35 42.28 35.93
N ASP T 73 53.33 43.19 36.01
CA ASP T 73 53.09 44.62 35.96
C ASP T 73 53.70 45.13 34.66
N ASN T 74 52.84 45.35 33.65
CA ASN T 74 53.26 45.82 32.32
C ASN T 74 53.52 47.32 32.20
N GLY T 75 53.39 48.04 33.32
CA GLY T 75 53.74 49.44 33.44
C GLY T 75 55.14 49.55 34.04
N GLN T 76 55.46 48.66 35.00
CA GLN T 76 56.77 48.61 35.65
C GLN T 76 57.75 47.65 34.99
N SER T 77 57.28 46.82 34.03
CA SER T 77 58.07 45.83 33.29
C SER T 77 58.53 44.63 34.15
N THR T 78 57.70 44.21 35.12
CA THR T 78 58.03 43.13 36.06
C THR T 78 57.11 41.91 36.02
N VAL T 79 57.56 40.75 36.55
CA VAL T 79 56.76 39.53 36.59
C VAL T 79 57.01 38.75 37.91
N ARG T 80 56.23 39.10 38.93
CA ARG T 80 56.32 38.56 40.29
C ARG T 80 55.64 37.20 40.52
N LEU T 81 56.40 36.19 40.99
CA LEU T 81 55.85 34.88 41.30
C LEU T 81 55.72 34.70 42.82
N GLN T 82 54.53 34.38 43.31
CA GLN T 82 54.32 34.16 44.74
C GLN T 82 53.94 32.71 45.01
N LEU T 83 54.76 31.96 45.77
CA LEU T 83 54.46 30.55 46.08
C LEU T 83 54.22 30.38 47.58
N ASN T 84 53.12 29.72 47.97
CA ASN T 84 52.74 29.54 49.37
C ASN T 84 53.04 28.15 49.94
N ASN T 85 53.06 28.02 51.29
CA ASN T 85 53.32 26.77 52.04
C ASN T 85 54.47 25.97 51.44
N LEU T 86 55.62 26.63 51.39
CA LEU T 86 56.85 26.09 50.82
C LEU T 86 57.27 24.73 51.36
N ARG T 87 57.40 23.77 50.44
CA ARG T 87 57.77 22.41 50.78
C ARG T 87 59.26 22.16 50.56
N ALA T 88 59.79 21.07 51.16
CA ALA T 88 61.19 20.68 51.00
C ALA T 88 61.54 20.43 49.53
N GLU T 89 60.58 19.86 48.78
CA GLU T 89 60.68 19.54 47.36
C GLU T 89 60.84 20.78 46.46
N ASP T 90 60.45 21.96 46.95
CA ASP T 90 60.53 23.18 46.16
C ASP T 90 61.92 23.83 46.19
N THR T 91 62.95 23.14 46.68
CA THR T 91 64.31 23.69 46.65
C THR T 91 64.81 23.47 45.23
N ALA T 92 65.15 24.57 44.52
CA ALA T 92 65.59 24.56 43.13
C ALA T 92 66.13 25.96 42.73
N THR T 93 66.82 26.09 41.57
CA THR T 93 67.23 27.39 41.08
C THR T 93 66.10 27.88 40.21
N TYR T 94 65.60 29.10 40.47
CA TYR T 94 64.49 29.64 39.71
C TYR T 94 64.92 30.68 38.68
N PHE T 95 64.69 30.36 37.41
CA PHE T 95 65.05 31.22 36.30
C PHE T 95 63.80 31.84 35.65
N CYS T 96 63.85 33.15 35.39
CA CYS T 96 62.81 33.96 34.74
C CYS T 96 63.03 33.86 33.23
N THR T 97 61.98 33.50 32.48
CA THR T 97 62.09 33.28 31.05
C THR T 97 61.15 34.14 30.21
N LYS T 98 61.52 34.40 28.95
CA LYS T 98 60.73 35.24 28.03
C LYS T 98 60.43 34.53 26.71
N SER T 99 59.14 34.39 26.41
CA SER T 99 58.65 33.76 25.19
C SER T 99 58.66 34.78 24.04
N ALA T 100 59.13 34.40 22.84
CA ALA T 100 59.12 35.30 21.67
C ALA T 100 57.74 35.31 20.98
N ASP T 101 56.67 35.09 21.75
CA ASP T 101 55.30 35.05 21.29
C ASP T 101 54.39 35.58 22.41
N ASP T 102 53.13 35.89 22.09
CA ASP T 102 52.18 36.38 23.08
C ASP T 102 51.71 35.33 24.10
N GLY T 103 52.01 34.06 23.84
CA GLY T 103 51.56 32.95 24.66
C GLY T 103 50.20 32.44 24.22
N GLY T 104 49.88 32.63 22.94
CA GLY T 104 48.62 32.20 22.33
C GLY T 104 48.46 30.70 22.33
N HIS T 105 49.56 29.98 22.19
CA HIS T 105 49.54 28.52 22.22
C HIS T 105 50.36 28.04 23.41
N TYR T 106 50.03 26.87 23.95
CA TYR T 106 50.74 26.30 25.08
C TYR T 106 52.22 26.12 24.81
N SER T 107 52.59 25.78 23.57
CA SER T 107 53.99 25.57 23.22
C SER T 107 54.84 26.83 23.33
N ASP T 108 54.25 28.02 23.14
CA ASP T 108 54.97 29.30 23.24
C ASP T 108 55.69 29.48 24.60
N PHE T 109 55.29 28.72 25.63
CA PHE T 109 55.86 28.83 26.96
C PHE T 109 57.19 28.10 27.17
N SER T 110 57.28 26.82 26.77
CA SER T 110 58.51 26.08 26.92
C SER T 110 59.22 25.75 25.60
N GLY T 111 58.64 26.11 24.46
CA GLY T 111 59.26 25.83 23.17
C GLY T 111 59.52 27.04 22.31
N GLU T 112 59.46 28.23 22.90
CA GLU T 112 59.70 29.48 22.17
C GLU T 112 60.35 30.52 23.11
N ILE T 113 61.32 30.12 23.98
CA ILE T 113 61.97 31.04 24.93
C ILE T 113 63.23 31.70 24.35
N ASP T 114 63.16 32.97 23.91
CA ASP T 114 64.35 33.62 23.35
C ASP T 114 65.12 34.48 24.38
N ALA T 115 64.85 34.29 25.69
CA ALA T 115 65.55 35.04 26.75
C ALA T 115 65.47 34.36 28.12
N TRP T 116 66.64 34.16 28.76
CA TRP T 116 66.73 33.58 30.10
C TRP T 116 67.42 34.55 31.08
N GLY T 117 67.24 34.32 32.38
CA GLY T 117 67.86 35.15 33.41
C GLY T 117 68.90 34.39 34.22
N HIS T 118 69.76 35.12 34.94
CA HIS T 118 70.84 34.52 35.76
C HIS T 118 70.38 33.36 36.66
N GLY T 119 69.35 33.59 37.45
CA GLY T 119 68.80 32.57 38.34
C GLY T 119 68.82 32.97 39.78
N THR T 120 68.11 32.23 40.62
CA THR T 120 68.04 32.50 42.07
C THR T 120 67.92 31.19 42.82
N GLU T 121 68.94 30.84 43.62
CA GLU T 121 68.92 29.60 44.37
C GLU T 121 67.98 29.72 45.55
N VAL T 122 66.84 29.02 45.51
CA VAL T 122 65.86 29.07 46.58
C VAL T 122 65.96 27.83 47.46
N ILE T 123 66.27 28.01 48.75
CA ILE T 123 66.46 26.92 49.72
C ILE T 123 65.40 26.94 50.83
N VAL T 124 64.57 25.90 50.88
CA VAL T 124 63.52 25.78 51.88
C VAL T 124 64.11 25.01 53.06
N SER T 125 64.70 25.72 54.02
CA SER T 125 65.33 25.08 55.16
C SER T 125 65.38 25.99 56.39
N SER T 126 65.51 25.40 57.59
CA SER T 126 65.58 26.16 58.83
C SER T 126 66.77 25.71 59.68
N ALA T 127 67.92 25.44 59.03
CA ALA T 127 69.12 25.00 59.73
C ALA T 127 70.15 26.10 59.93
N SER T 128 69.74 27.38 59.86
CA SER T 128 70.59 28.56 60.05
C SER T 128 71.77 28.65 59.02
N THR T 129 72.66 29.65 59.15
CA THR T 129 73.78 29.80 58.22
C THR T 129 75.09 29.33 58.83
N LYS T 130 75.58 28.16 58.40
CA LYS T 130 76.84 27.62 58.91
C LYS T 130 78.02 28.18 58.13
N GLY T 131 78.97 28.77 58.84
CA GLY T 131 80.16 29.35 58.23
C GLY T 131 81.16 28.31 57.77
N PRO T 132 81.78 28.52 56.59
CA PRO T 132 82.74 27.53 56.08
C PRO T 132 84.09 27.49 56.79
N SER T 133 84.69 26.30 56.83
CA SER T 133 86.00 26.09 57.44
C SER T 133 87.00 25.66 56.37
N VAL T 134 87.78 26.60 55.84
CA VAL T 134 88.75 26.30 54.79
C VAL T 134 90.04 25.71 55.33
N PHE T 135 90.33 24.45 55.00
CA PHE T 135 91.55 23.79 55.43
C PHE T 135 92.44 23.53 54.21
N PRO T 136 93.73 23.85 54.28
CA PRO T 136 94.60 23.65 53.11
C PRO T 136 94.83 22.19 52.73
N LEU T 137 95.21 21.98 51.46
CA LEU T 137 95.52 20.66 50.93
C LEU T 137 96.94 20.74 50.39
N ALA T 138 97.91 20.48 51.27
CA ALA T 138 99.33 20.59 50.96
C ALA T 138 99.87 19.47 50.08
N PRO T 139 100.73 19.80 49.10
CA PRO T 139 101.32 18.75 48.26
C PRO T 139 102.49 18.03 48.95
N GLY T 147 106.51 16.32 37.25
CA GLY T 147 106.62 17.47 36.36
C GLY T 147 105.65 18.57 36.70
N THR T 148 104.47 18.22 37.21
CA THR T 148 103.43 19.18 37.59
C THR T 148 102.81 18.76 38.92
N ALA T 149 102.78 19.66 39.91
CA ALA T 149 102.23 19.34 41.22
C ALA T 149 100.92 20.06 41.49
N ALA T 150 99.97 19.39 42.14
CA ALA T 150 98.67 20.00 42.44
C ALA T 150 98.55 20.39 43.92
N LEU T 151 97.70 21.38 44.19
CA LEU T 151 97.39 21.87 45.54
C LEU T 151 95.98 22.46 45.58
N GLY T 152 95.34 22.42 46.74
CA GLY T 152 93.98 22.95 46.85
C GLY T 152 93.55 23.41 48.22
N CYS T 153 92.23 23.66 48.36
CA CYS T 153 91.62 24.12 49.60
C CYS T 153 90.31 23.36 49.85
N LEU T 154 90.04 23.02 51.09
CA LEU T 154 88.84 22.27 51.45
C LEU T 154 87.81 23.12 52.17
N VAL T 155 86.78 23.56 51.44
CA VAL T 155 85.69 24.36 52.01
C VAL T 155 84.74 23.36 52.67
N LYS T 156 85.04 22.97 53.91
CA LYS T 156 84.24 21.97 54.62
C LYS T 156 83.27 22.60 55.62
N ASP T 157 82.05 22.04 55.68
CA ASP T 157 80.97 22.41 56.58
C ASP T 157 80.43 23.83 56.41
N TYR T 158 79.49 24.01 55.46
CA TYR T 158 78.82 25.28 55.23
C TYR T 158 77.39 25.07 54.74
N PHE T 159 76.47 25.97 55.10
CA PHE T 159 75.08 25.83 54.70
C PHE T 159 74.41 27.20 54.60
N PRO T 160 73.72 27.49 53.48
CA PRO T 160 73.47 26.66 52.31
C PRO T 160 74.38 27.01 51.11
N GLU T 161 73.97 26.67 49.87
CA GLU T 161 74.69 26.94 48.62
C GLU T 161 74.40 28.35 48.08
N PRO T 162 75.29 28.95 47.24
CA PRO T 162 76.55 28.46 46.71
C PRO T 162 77.81 29.06 47.37
N VAL T 163 78.99 28.63 46.93
CA VAL T 163 80.26 29.15 47.42
C VAL T 163 81.17 29.50 46.22
N THR T 164 81.83 30.67 46.27
CA THR T 164 82.71 31.09 45.17
C THR T 164 84.17 31.03 45.58
N VAL T 165 84.93 30.08 45.02
CA VAL T 165 86.35 29.92 45.36
C VAL T 165 87.26 30.38 44.23
N SER T 166 87.97 31.49 44.44
CA SER T 166 88.91 32.01 43.44
C SER T 166 90.37 31.79 43.87
N TRP T 167 91.34 31.95 42.95
CA TRP T 167 92.74 31.76 43.28
C TRP T 167 93.59 32.99 42.96
N ASN T 168 94.32 33.48 43.97
CA ASN T 168 95.20 34.65 43.91
C ASN T 168 94.46 35.95 43.55
N SER T 169 93.22 36.10 44.07
CA SER T 169 92.35 37.25 43.83
C SER T 169 91.97 37.41 42.36
N GLY T 170 91.73 36.29 41.69
CA GLY T 170 91.35 36.28 40.28
C GLY T 170 92.50 36.32 39.31
N ALA T 171 93.70 35.94 39.74
CA ALA T 171 94.87 35.93 38.88
C ALA T 171 95.08 34.56 38.25
N LEU T 172 94.89 33.49 39.03
CA LEU T 172 95.06 32.14 38.54
C LEU T 172 93.73 31.63 37.98
N THR T 173 93.67 31.41 36.67
CA THR T 173 92.45 30.94 36.02
C THR T 173 92.64 29.57 35.37
N SER T 174 93.75 29.39 34.64
CA SER T 174 94.04 28.13 33.96
C SER T 174 94.51 27.08 34.95
N GLY T 175 93.97 25.87 34.84
CA GLY T 175 94.32 24.77 35.73
C GLY T 175 93.50 24.71 37.01
N VAL T 176 92.64 25.71 37.25
CA VAL T 176 91.80 25.76 38.44
C VAL T 176 90.49 25.02 38.22
N HIS T 177 90.23 24.00 39.03
CA HIS T 177 89.00 23.22 38.91
C HIS T 177 88.18 23.35 40.19
N THR T 178 86.90 23.70 40.07
CA THR T 178 86.03 23.83 41.24
C THR T 178 85.03 22.68 41.24
N PHE T 179 85.13 21.80 42.24
CA PHE T 179 84.28 20.62 42.35
C PHE T 179 82.96 20.92 43.04
N PRO T 180 81.84 20.37 42.52
CA PRO T 180 80.54 20.62 43.15
C PRO T 180 80.47 20.07 44.57
N ALA T 181 79.81 20.81 45.47
CA ALA T 181 79.70 20.41 46.87
C ALA T 181 78.78 19.20 47.06
N VAL T 182 79.14 18.34 48.01
CA VAL T 182 78.36 17.14 48.31
C VAL T 182 77.62 17.29 49.64
N LEU T 183 76.37 16.79 49.71
CA LEU T 183 75.57 16.88 50.92
C LEU T 183 75.91 15.80 51.93
N GLN T 184 76.54 16.18 53.03
CA GLN T 184 76.91 15.24 54.09
C GLN T 184 75.68 14.78 54.90
N SER T 185 75.82 13.69 55.67
CA SER T 185 74.75 13.17 56.52
C SER T 185 74.37 14.13 57.68
N SER T 186 75.20 15.14 57.96
CA SER T 186 74.95 16.14 58.99
C SER T 186 74.22 17.41 58.47
N GLY T 187 73.96 17.48 57.17
CA GLY T 187 73.26 18.61 56.59
C GLY T 187 74.18 19.75 56.20
N LEU T 188 75.39 19.43 55.74
CA LEU T 188 76.40 20.43 55.33
C LEU T 188 76.93 20.15 53.91
N TYR T 189 77.64 21.13 53.31
CA TYR T 189 78.17 20.96 51.96
C TYR T 189 79.69 20.87 51.92
N SER T 190 80.23 19.74 51.43
CA SER T 190 81.69 19.58 51.34
C SER T 190 82.19 19.95 49.94
N LEU T 191 82.88 21.11 49.82
CA LEU T 191 83.39 21.58 48.54
C LEU T 191 84.93 21.55 48.50
N SER T 192 85.51 21.33 47.31
CA SER T 192 86.97 21.29 47.17
C SER T 192 87.40 21.94 45.86
N SER T 193 88.36 22.88 45.93
CA SER T 193 88.86 23.54 44.71
C SER T 193 90.34 23.29 44.58
N VAL T 194 90.76 22.62 43.51
CA VAL T 194 92.18 22.33 43.29
C VAL T 194 92.76 23.15 42.12
N VAL T 195 94.08 23.29 42.04
CA VAL T 195 94.75 24.01 40.96
C VAL T 195 96.08 23.32 40.64
N THR T 196 96.30 23.01 39.35
CA THR T 196 97.51 22.33 38.91
C THR T 196 98.62 23.28 38.46
N VAL T 197 99.56 23.58 39.37
CA VAL T 197 100.68 24.46 39.07
C VAL T 197 101.99 23.65 38.90
N PRO T 198 103.00 24.19 38.18
CA PRO T 198 104.24 23.41 37.98
C PRO T 198 105.00 23.10 39.27
N SER T 199 105.86 22.07 39.25
CA SER T 199 106.64 21.68 40.42
C SER T 199 107.74 22.68 40.76
N SER T 200 108.25 23.41 39.76
CA SER T 200 109.29 24.41 39.97
C SER T 200 108.76 25.66 40.69
N SER T 201 107.45 25.97 40.51
CA SER T 201 106.86 27.14 41.16
C SER T 201 106.39 26.89 42.61
N LEU T 202 106.59 25.67 43.15
CA LEU T 202 106.23 25.36 44.53
C LEU T 202 107.19 26.11 45.44
N GLY T 203 106.64 26.97 46.29
CA GLY T 203 107.45 27.74 47.22
C GLY T 203 107.77 29.15 46.75
N THR T 204 108.37 29.28 45.55
CA THR T 204 108.73 30.59 45.01
C THR T 204 107.49 31.42 44.62
N GLN T 205 106.35 30.77 44.34
CA GLN T 205 105.12 31.48 44.01
C GLN T 205 104.10 31.26 45.13
N THR T 206 103.42 32.34 45.53
CA THR T 206 102.43 32.28 46.61
C THR T 206 101.04 31.92 46.05
N TYR T 207 100.31 31.04 46.75
CA TYR T 207 98.98 30.62 46.33
C TYR T 207 97.98 30.77 47.48
N ILE T 208 97.09 31.77 47.38
CA ILE T 208 96.09 32.02 48.40
C ILE T 208 94.67 31.86 47.87
N CYS T 209 93.98 30.80 48.31
CA CYS T 209 92.60 30.57 47.86
C CYS T 209 91.65 31.53 48.57
N ASN T 210 90.80 32.22 47.80
CA ASN T 210 89.86 33.19 48.37
C ASN T 210 88.44 32.63 48.32
N VAL T 211 87.96 32.09 49.44
CA VAL T 211 86.62 31.53 49.49
C VAL T 211 85.64 32.55 50.01
N ASN T 212 84.64 32.90 49.20
CA ASN T 212 83.62 33.87 49.60
C ASN T 212 82.29 33.14 49.71
N HIS T 213 81.67 33.21 50.90
CA HIS T 213 80.37 32.59 51.18
C HIS T 213 79.36 33.71 51.44
N LYS T 214 78.51 34.00 50.46
CA LYS T 214 77.51 35.06 50.56
C LYS T 214 76.43 34.86 51.65
N PRO T 215 75.87 33.64 51.87
CA PRO T 215 74.82 33.50 52.88
C PRO T 215 75.21 33.92 54.30
N SER T 216 76.32 33.39 54.82
CA SER T 216 76.76 33.74 56.18
C SER T 216 77.68 34.97 56.24
N ASN T 217 77.89 35.66 55.08
CA ASN T 217 78.78 36.82 54.95
C ASN T 217 80.23 36.49 55.38
N THR T 218 80.64 35.24 55.17
CA THR T 218 81.97 34.78 55.54
C THR T 218 82.92 34.92 54.37
N LYS T 219 84.12 35.43 54.60
CA LYS T 219 85.11 35.56 53.53
C LYS T 219 86.47 35.20 54.10
N VAL T 220 86.91 33.96 53.85
CA VAL T 220 88.18 33.46 54.38
C VAL T 220 89.22 33.26 53.29
N ASP T 221 90.42 33.83 53.50
CA ASP T 221 91.55 33.69 52.58
C ASP T 221 92.54 32.73 53.24
N LYS T 222 92.93 31.66 52.53
CA LYS T 222 93.84 30.67 53.11
C LYS T 222 95.06 30.43 52.23
N LYS T 223 96.25 30.47 52.84
CA LYS T 223 97.50 30.27 52.13
C LYS T 223 97.92 28.81 52.18
N VAL T 224 97.83 28.09 51.05
CA VAL T 224 98.23 26.69 51.01
C VAL T 224 99.74 26.59 50.76
N GLU T 225 100.47 26.00 51.71
CA GLU T 225 101.92 25.92 51.61
C GLU T 225 102.47 24.51 51.64
N PRO T 226 103.41 24.17 50.74
CA PRO T 226 103.99 22.83 50.73
C PRO T 226 105.07 22.63 51.78
N LEU U 2 57.33 13.61 26.35
CA LEU U 2 58.36 14.34 25.60
C LEU U 2 59.75 13.67 25.74
N THR U 3 59.93 12.48 25.11
CA THR U 3 61.15 11.67 25.16
C THR U 3 62.34 12.26 24.40
N GLN U 4 63.51 12.26 25.06
CA GLN U 4 64.76 12.81 24.56
C GLN U 4 65.91 11.92 25.05
N PRO U 5 66.85 11.52 24.15
CA PRO U 5 67.94 10.62 24.55
C PRO U 5 68.71 11.03 25.81
N SER U 6 69.18 10.04 26.57
CA SER U 6 69.96 10.30 27.78
C SER U 6 71.29 10.97 27.42
N SER U 7 71.95 10.47 26.38
CA SER U 7 73.23 11.00 25.93
C SER U 7 73.49 10.70 24.47
N VAL U 8 74.27 11.57 23.83
CA VAL U 8 74.68 11.39 22.44
C VAL U 8 76.17 11.78 22.29
N SER U 9 76.87 11.12 21.36
CA SER U 9 78.29 11.38 21.15
C SER U 9 78.71 11.22 19.68
N ALA U 10 79.42 12.23 19.15
CA ALA U 10 79.93 12.23 17.78
C ALA U 10 81.17 13.11 17.69
N ASN U 11 82.27 12.58 17.12
CA ASN U 11 83.58 13.24 16.95
C ASN U 11 83.51 14.65 16.38
N PRO U 12 84.40 15.57 16.85
CA PRO U 12 84.42 16.93 16.28
C PRO U 12 84.54 16.99 14.76
N GLY U 13 83.86 17.95 14.16
CA GLY U 13 83.82 18.08 12.70
C GLY U 13 82.65 17.35 12.08
N GLU U 14 82.07 16.36 12.79
CA GLU U 14 80.94 15.56 12.32
C GLU U 14 79.58 16.17 12.69
N THR U 15 78.54 15.76 11.97
CA THR U 15 77.19 16.27 12.20
C THR U 15 76.48 15.50 13.30
N VAL U 16 75.84 16.22 14.24
CA VAL U 16 75.14 15.59 15.35
C VAL U 16 73.64 15.84 15.23
N LYS U 17 72.81 14.82 15.51
CA LYS U 17 71.36 14.98 15.45
C LYS U 17 70.68 14.54 16.74
N ILE U 18 70.00 15.48 17.42
CA ILE U 18 69.31 15.15 18.66
C ILE U 18 67.80 15.17 18.46
N THR U 19 67.14 14.03 18.69
CA THR U 19 65.69 13.94 18.54
C THR U 19 64.91 14.19 19.84
N CYS U 20 63.71 14.74 19.72
CA CYS U 20 62.82 15.00 20.84
C CYS U 20 61.42 14.64 20.30
N SER U 21 60.72 13.67 20.92
CA SER U 21 59.44 13.23 20.37
C SER U 21 58.32 13.11 21.39
N GLY U 22 57.12 13.37 20.91
CA GLY U 22 55.92 13.35 21.75
C GLY U 22 55.11 14.62 21.66
N SER U 23 55.55 15.59 20.83
CA SER U 23 54.84 16.84 20.63
C SER U 23 54.93 17.27 19.18
N THR U 24 53.85 17.86 18.68
CA THR U 24 53.78 18.29 17.30
C THR U 24 53.72 19.82 17.13
N TYR U 25 54.00 20.58 18.19
CA TYR U 25 53.91 22.03 18.10
C TYR U 25 55.32 22.69 18.05
N ASN U 26 55.53 23.88 18.64
CA ASN U 26 56.81 24.57 18.52
C ASN U 26 57.90 24.10 19.50
N TYR U 27 58.95 23.48 18.94
CA TYR U 27 60.10 22.98 19.67
C TYR U 27 61.07 24.09 19.96
N GLY U 28 61.70 24.00 21.10
CA GLY U 28 62.71 24.95 21.51
C GLY U 28 63.86 24.25 22.18
N TRP U 29 65.08 24.47 21.71
CA TRP U 29 66.27 23.84 22.27
C TRP U 29 67.10 24.80 23.12
N TYR U 30 67.41 24.41 24.36
CA TYR U 30 68.16 25.26 25.28
C TYR U 30 69.38 24.56 25.86
N GLN U 31 70.54 25.16 25.65
CA GLN U 31 71.82 24.71 26.17
C GLN U 31 71.91 25.10 27.64
N GLN U 32 72.70 24.37 28.42
CA GLN U 32 73.06 24.66 29.81
C GLN U 32 74.33 23.90 30.05
N LYS U 33 75.43 24.59 30.33
CA LYS U 33 76.72 23.93 30.48
C LYS U 33 76.94 23.29 31.85
N SER U 34 76.35 23.86 32.91
CA SER U 34 76.51 23.29 34.24
C SER U 34 75.25 23.47 35.07
N PRO U 35 74.79 22.43 35.79
CA PRO U 35 73.56 22.55 36.59
C PRO U 35 73.60 23.72 37.57
N GLY U 36 72.69 24.67 37.37
CA GLY U 36 72.62 25.87 38.19
C GLY U 36 72.84 27.12 37.37
N SER U 37 73.72 27.04 36.34
CA SER U 37 74.02 28.17 35.45
C SER U 37 72.87 28.47 34.51
N ALA U 38 72.66 29.75 34.19
CA ALA U 38 71.58 30.18 33.30
C ALA U 38 71.68 29.57 31.91
N PRO U 39 70.63 28.88 31.47
CA PRO U 39 70.65 28.28 30.12
C PRO U 39 70.57 29.30 29.00
N VAL U 40 71.01 28.92 27.81
CA VAL U 40 71.01 29.80 26.65
C VAL U 40 70.23 29.17 25.52
N THR U 41 69.30 29.92 24.92
CA THR U 41 68.50 29.41 23.82
C THR U 41 69.32 29.22 22.56
N VAL U 42 69.37 27.98 22.07
CA VAL U 42 70.08 27.61 20.86
C VAL U 42 69.16 27.80 19.63
N ILE U 43 67.94 27.24 19.68
CA ILE U 43 66.94 27.32 18.63
C ILE U 43 65.56 27.50 19.31
N TYR U 44 64.72 28.40 18.81
CA TYR U 44 63.37 28.58 19.32
C TYR U 44 62.36 28.56 18.15
N TYR U 45 61.08 28.18 18.37
CA TYR U 45 60.06 28.18 17.32
C TYR U 45 60.41 27.15 16.20
N ASN U 46 60.88 25.97 16.58
CA ASN U 46 61.25 24.86 15.69
C ASN U 46 62.57 25.03 14.96
N ASP U 47 62.72 26.14 14.21
CA ASP U 47 63.90 26.37 13.38
C ASP U 47 64.56 27.73 13.58
N LYS U 48 63.86 28.70 14.19
CA LYS U 48 64.41 30.05 14.38
C LYS U 48 65.65 30.03 15.27
N ARG U 49 66.70 30.75 14.88
CA ARG U 49 67.95 30.77 15.63
C ARG U 49 68.30 32.21 16.06
N PRO U 50 68.67 32.43 17.34
CA PRO U 50 69.04 33.78 17.77
C PRO U 50 70.31 34.29 17.09
N SER U 51 70.42 35.62 16.90
CA SER U 51 71.54 36.27 16.24
C SER U 51 72.92 35.89 16.78
N ASP U 52 73.08 35.86 18.10
CA ASP U 52 74.36 35.55 18.74
C ASP U 52 74.70 34.05 18.81
N ILE U 53 74.00 33.21 18.03
CA ILE U 53 74.24 31.78 18.04
C ILE U 53 74.88 31.31 16.74
N PRO U 54 75.88 30.40 16.82
CA PRO U 54 76.58 29.95 15.60
C PRO U 54 75.69 29.35 14.51
N SER U 55 76.11 29.51 13.24
CA SER U 55 75.37 28.96 12.10
C SER U 55 75.35 27.43 12.06
N ARG U 56 76.28 26.77 12.79
CA ARG U 56 76.36 25.30 12.90
C ARG U 56 75.08 24.70 13.53
N PHE U 57 74.36 25.50 14.31
CA PHE U 57 73.13 25.09 14.97
C PHE U 57 71.91 25.33 14.07
N SER U 58 71.07 24.29 13.90
CA SER U 58 69.85 24.34 13.08
C SER U 58 68.76 23.41 13.64
N GLY U 59 67.50 23.65 13.30
CA GLY U 59 66.39 22.82 13.79
C GLY U 59 65.41 22.40 12.73
N SER U 60 64.64 21.32 12.98
CA SER U 60 63.62 20.81 12.04
C SER U 60 62.57 19.93 12.70
N LYS U 61 61.28 20.12 12.37
CA LYS U 61 60.21 19.30 12.94
C LYS U 61 59.53 18.47 11.86
N SER U 62 59.30 17.18 12.13
CA SER U 62 58.57 16.28 11.22
C SER U 62 57.59 15.46 12.03
N GLY U 63 56.32 15.76 11.87
CA GLY U 63 55.25 15.10 12.62
C GLY U 63 55.32 15.52 14.07
N SER U 64 55.54 14.55 14.96
CA SER U 64 55.66 14.86 16.38
C SER U 64 57.10 14.65 16.85
N THR U 65 58.10 14.87 15.98
CA THR U 65 59.50 14.68 16.35
C THR U 65 60.34 15.82 15.80
N GLY U 66 61.13 16.43 16.67
CA GLY U 66 62.02 17.53 16.29
C GLY U 66 63.47 17.12 16.40
N THR U 67 64.33 17.60 15.48
CA THR U 67 65.74 17.24 15.50
C THR U 67 66.68 18.44 15.44
N LEU U 68 67.51 18.59 16.48
CA LEU U 68 68.51 19.65 16.56
C LEU U 68 69.77 19.15 15.86
N THR U 69 70.12 19.81 14.76
CA THR U 69 71.28 19.40 13.98
C THR U 69 72.45 20.35 14.20
N ILE U 70 73.61 19.81 14.61
CA ILE U 70 74.82 20.60 14.81
C ILE U 70 75.85 20.16 13.78
N THR U 71 75.90 20.83 12.63
CA THR U 71 76.84 20.46 11.58
C THR U 71 78.27 20.90 11.93
N GLY U 72 79.18 19.95 12.03
CA GLY U 72 80.55 20.24 12.40
C GLY U 72 80.64 20.65 13.86
N VAL U 73 80.52 19.69 14.76
CA VAL U 73 80.54 19.96 16.20
C VAL U 73 81.94 20.36 16.70
N GLN U 74 82.01 21.27 17.68
CA GLN U 74 83.28 21.73 18.25
C GLN U 74 83.40 21.33 19.75
N ALA U 75 84.49 21.71 20.42
CA ALA U 75 84.68 21.38 21.82
C ALA U 75 83.75 22.22 22.69
N GLU U 76 83.62 23.52 22.36
CA GLU U 76 82.77 24.46 23.11
C GLU U 76 81.25 24.15 23.03
N ASP U 77 80.86 23.09 22.30
CA ASP U 77 79.48 22.61 22.21
C ASP U 77 79.20 21.49 23.25
N GLU U 78 80.07 21.32 24.26
CA GLU U 78 79.86 20.32 25.30
C GLU U 78 78.93 20.93 26.33
N ALA U 79 77.67 20.49 26.37
CA ALA U 79 76.68 20.95 27.33
C ALA U 79 75.48 19.96 27.43
N VAL U 80 74.59 20.10 28.44
CA VAL U 80 73.39 19.28 28.50
C VAL U 80 72.27 20.06 27.82
N TYR U 81 71.76 19.53 26.70
CA TYR U 81 70.74 20.18 25.91
C TYR U 81 69.32 19.75 26.29
N TYR U 82 68.40 20.71 26.31
CA TYR U 82 67.02 20.42 26.69
C TYR U 82 66.04 20.84 25.60
N CYS U 83 65.06 20.00 25.28
CA CYS U 83 64.01 20.39 24.34
C CYS U 83 62.80 20.91 25.12
N GLY U 84 61.98 21.71 24.47
CA GLY U 84 60.82 22.30 25.09
C GLY U 84 59.67 22.42 24.11
N ASN U 85 58.45 22.16 24.59
CA ASN U 85 57.26 22.21 23.74
C ASN U 85 56.00 22.08 24.63
N SER U 86 54.84 21.84 24.01
CA SER U 86 53.63 21.55 24.75
C SER U 86 53.48 20.05 24.62
N ASP U 87 53.46 19.34 25.75
CA ASP U 87 53.26 17.91 25.73
C ASP U 87 51.82 17.71 26.09
N SER U 88 50.95 17.53 25.10
CA SER U 88 49.53 17.29 25.31
C SER U 88 48.83 18.33 26.21
N ARG U 89 48.81 19.59 25.75
CA ARG U 89 48.15 20.73 26.38
C ARG U 89 48.63 21.03 27.79
N ASN U 90 49.94 20.96 27.97
CA ASN U 90 50.68 21.28 29.18
C ASN U 90 52.11 21.63 28.78
N VAL U 91 52.67 22.66 29.40
CA VAL U 91 54.01 23.15 29.09
C VAL U 91 55.06 22.26 29.74
N ALA U 92 55.97 21.64 28.95
CA ALA U 92 56.96 20.74 29.53
C ALA U 92 58.29 20.70 28.78
N PHE U 93 59.37 20.27 29.48
CA PHE U 93 60.73 20.13 28.95
C PHE U 93 61.12 18.65 28.81
N GLY U 94 62.17 18.37 28.05
CA GLY U 94 62.70 17.02 27.90
C GLY U 94 63.56 16.61 29.08
N ALA U 95 63.97 15.32 29.10
CA ALA U 95 64.81 14.79 30.18
C ALA U 95 66.21 15.40 30.18
N GLY U 96 66.75 15.65 28.99
CA GLY U 96 68.08 16.22 28.85
C GLY U 96 69.00 15.30 28.09
N THR U 97 69.63 15.83 27.06
CA THR U 97 70.52 15.07 26.22
C THR U 97 71.95 15.63 26.37
N THR U 98 72.86 14.86 26.98
CA THR U 98 74.22 15.34 27.20
C THR U 98 75.09 15.16 25.97
N LEU U 99 75.62 16.27 25.45
CA LEU U 99 76.51 16.24 24.30
C LEU U 99 77.88 15.89 24.81
N THR U 100 78.38 14.69 24.50
CA THR U 100 79.71 14.30 24.94
C THR U 100 80.65 14.25 23.70
N VAL U 101 81.69 15.10 23.70
CA VAL U 101 82.66 15.23 22.60
C VAL U 101 83.62 14.01 22.59
N LEU U 102 84.03 13.54 21.40
CA LEU U 102 84.91 12.36 21.27
C LEU U 102 86.41 12.67 21.10
N ARG U 103 87.26 11.97 21.85
CA ARG U 103 88.71 12.15 21.80
C ARG U 103 89.46 10.84 22.18
N THR U 104 90.80 10.89 22.34
CA THR U 104 91.62 9.73 22.70
C THR U 104 91.66 9.46 24.20
N VAL U 105 91.99 8.23 24.60
CA VAL U 105 92.01 7.80 26.01
C VAL U 105 93.08 8.52 26.84
N ALA U 106 92.66 9.23 27.89
CA ALA U 106 93.59 9.93 28.76
C ALA U 106 93.69 9.26 30.14
N ALA U 107 94.87 9.31 30.77
CA ALA U 107 95.09 8.73 32.08
C ALA U 107 95.01 9.81 33.17
N PRO U 108 94.44 9.48 34.34
CA PRO U 108 94.33 10.50 35.40
C PRO U 108 95.61 10.71 36.21
N SER U 109 95.92 11.99 36.50
CA SER U 109 97.08 12.33 37.32
C SER U 109 96.61 12.31 38.78
N VAL U 110 97.00 11.29 39.54
CA VAL U 110 96.55 11.13 40.92
C VAL U 110 97.42 11.87 41.94
N PHE U 111 96.78 12.62 42.86
CA PHE U 111 97.46 13.35 43.92
C PHE U 111 96.72 13.16 45.24
N ILE U 112 97.33 12.49 46.23
CA ILE U 112 96.66 12.28 47.51
C ILE U 112 97.00 13.41 48.50
N PHE U 113 96.00 13.88 49.26
CA PHE U 113 96.20 14.99 50.19
C PHE U 113 95.83 14.62 51.63
N PRO U 114 96.73 14.91 52.59
CA PRO U 114 96.44 14.60 53.99
C PRO U 114 95.65 15.69 54.71
N PRO U 115 94.92 15.36 55.79
CA PRO U 115 94.17 16.40 56.50
C PRO U 115 95.11 17.43 57.12
N SER U 116 94.75 18.71 57.00
CA SER U 116 95.56 19.82 57.50
C SER U 116 95.69 19.85 59.03
N ASP U 117 96.65 20.64 59.53
CA ASP U 117 96.84 20.80 60.98
C ASP U 117 95.63 21.51 61.60
N GLU U 118 94.99 22.43 60.86
CA GLU U 118 93.82 23.13 61.37
C GLU U 118 92.59 22.22 61.41
N GLN U 119 92.50 21.25 60.49
CA GLN U 119 91.39 20.32 60.41
C GLN U 119 91.36 19.37 61.60
N LEU U 120 92.53 18.90 62.04
CA LEU U 120 92.62 17.97 63.16
C LEU U 120 92.18 18.58 64.48
N LYS U 121 92.44 19.89 64.66
CA LYS U 121 92.06 20.64 65.86
C LYS U 121 90.55 20.75 66.03
N SER U 122 89.79 20.73 64.92
CA SER U 122 88.33 20.84 64.92
C SER U 122 87.65 19.56 65.40
N GLY U 123 88.22 18.42 65.05
CA GLY U 123 87.66 17.13 65.44
C GLY U 123 87.31 16.21 64.28
N THR U 124 87.70 16.58 63.06
CA THR U 124 87.44 15.76 61.89
C THR U 124 88.68 15.68 61.00
N ALA U 125 88.85 14.56 60.29
CA ALA U 125 90.02 14.37 59.44
C ALA U 125 89.63 13.67 58.15
N SER U 126 89.59 14.40 57.04
CA SER U 126 89.20 13.82 55.76
C SER U 126 90.35 13.80 54.76
N VAL U 127 90.67 12.62 54.24
CA VAL U 127 91.74 12.47 53.26
C VAL U 127 91.14 12.62 51.87
N VAL U 128 91.71 13.49 51.03
CA VAL U 128 91.16 13.75 49.70
C VAL U 128 92.03 13.17 48.58
N CYS U 129 91.46 12.28 47.76
CA CYS U 129 92.19 11.72 46.63
C CYS U 129 91.76 12.50 45.39
N LEU U 130 92.73 13.05 44.64
CA LEU U 130 92.43 13.88 43.48
C LEU U 130 92.85 13.25 42.14
N LEU U 131 91.95 13.22 41.17
CA LEU U 131 92.26 12.73 39.83
C LEU U 131 92.16 13.92 38.87
N ASN U 132 93.07 14.03 37.90
CA ASN U 132 93.03 15.17 36.97
C ASN U 132 93.22 14.82 35.50
N ASN U 133 92.39 15.45 34.64
CA ASN U 133 92.37 15.34 33.19
C ASN U 133 92.41 13.91 32.67
N PHE U 134 91.26 13.22 32.70
CA PHE U 134 91.16 11.86 32.22
C PHE U 134 89.94 11.63 31.34
N TYR U 135 90.02 10.62 30.48
CA TYR U 135 88.97 10.30 29.53
C TYR U 135 88.94 8.79 29.37
N PRO U 136 87.78 8.12 29.51
CA PRO U 136 86.43 8.67 29.73
C PRO U 136 86.03 8.91 31.21
N ARG U 137 84.74 9.20 31.48
CA ARG U 137 84.19 9.47 32.82
C ARG U 137 84.20 8.26 33.73
N GLU U 138 84.24 7.04 33.15
CA GLU U 138 84.25 5.78 33.90
C GLU U 138 85.54 5.59 34.68
N ALA U 139 85.45 5.71 36.01
CA ALA U 139 86.62 5.56 36.87
C ALA U 139 86.23 4.90 38.20
N LYS U 140 87.17 4.19 38.81
CA LYS U 140 86.93 3.50 40.08
C LYS U 140 87.91 3.94 41.15
N VAL U 141 87.41 4.44 42.28
CA VAL U 141 88.28 4.87 43.37
C VAL U 141 88.02 4.01 44.61
N GLN U 142 89.03 3.27 45.07
CA GLN U 142 88.90 2.42 46.24
C GLN U 142 89.91 2.81 47.31
N TRP U 143 89.47 2.89 48.57
CA TRP U 143 90.34 3.27 49.67
C TRP U 143 90.92 2.06 50.39
N LYS U 144 92.18 2.17 50.83
CA LYS U 144 92.86 1.09 51.54
C LYS U 144 93.59 1.59 52.78
N VAL U 145 92.93 1.53 53.94
CA VAL U 145 93.52 1.95 55.20
C VAL U 145 94.24 0.75 55.81
N ASP U 146 95.59 0.76 55.76
CA ASP U 146 96.44 -0.33 56.26
C ASP U 146 96.11 -1.65 55.55
N ASN U 147 96.02 -1.59 54.21
CA ASN U 147 95.72 -2.72 53.31
C ASN U 147 94.36 -3.37 53.57
N ALA U 148 93.35 -2.57 53.95
CA ALA U 148 92.00 -3.08 54.19
C ALA U 148 91.00 -2.29 53.37
N LEU U 149 90.06 -3.00 52.72
CA LEU U 149 89.04 -2.38 51.86
C LEU U 149 88.05 -1.52 52.64
N GLN U 150 87.87 -0.26 52.21
CA GLN U 150 86.95 0.66 52.87
C GLN U 150 85.75 0.96 51.97
N SER U 151 84.54 0.80 52.49
CA SER U 151 83.33 1.05 51.71
C SER U 151 82.23 1.69 52.56
N GLY U 152 81.50 2.63 51.97
CA GLY U 152 80.42 3.32 52.65
C GLY U 152 80.79 4.67 53.25
N ASN U 153 82.09 4.93 53.41
CA ASN U 153 82.55 6.18 53.99
C ASN U 153 83.35 7.04 52.99
N SER U 154 83.03 6.94 51.69
CA SER U 154 83.74 7.72 50.68
C SER U 154 82.77 8.35 49.69
N GLN U 155 82.87 9.68 49.49
CA GLN U 155 82.00 10.38 48.56
C GLN U 155 82.79 11.05 47.43
N GLU U 156 82.53 10.63 46.19
CA GLU U 156 83.23 11.19 45.03
C GLU U 156 82.48 12.37 44.41
N SER U 157 83.22 13.25 43.74
CA SER U 157 82.65 14.43 43.09
C SER U 157 83.25 14.56 41.69
N VAL U 158 82.44 14.37 40.65
CA VAL U 158 82.93 14.45 39.28
C VAL U 158 82.56 15.79 38.61
N THR U 159 83.52 16.44 37.96
CA THR U 159 83.30 17.70 37.28
C THR U 159 82.81 17.50 35.83
N GLU U 160 82.25 18.57 35.23
CA GLU U 160 81.78 18.62 33.85
C GLU U 160 82.98 18.53 32.89
N GLN U 161 82.78 17.95 31.69
CA GLN U 161 83.82 17.83 30.67
C GLN U 161 84.40 19.20 30.30
N ASP U 162 85.74 19.31 30.30
CA ASP U 162 86.44 20.56 30.00
C ASP U 162 86.15 21.03 28.58
N SER U 163 85.95 22.34 28.41
CA SER U 163 85.63 22.95 27.13
C SER U 163 86.81 23.11 26.17
N LYS U 164 88.05 22.81 26.61
CA LYS U 164 89.21 22.96 25.75
C LYS U 164 89.85 21.63 25.35
N ASP U 165 90.04 20.70 26.32
CA ASP U 165 90.68 19.43 26.01
C ASP U 165 89.78 18.19 26.20
N SER U 166 88.52 18.39 26.61
CA SER U 166 87.53 17.33 26.82
C SER U 166 87.92 16.30 27.89
N THR U 167 88.42 16.77 29.04
CA THR U 167 88.83 15.86 30.12
C THR U 167 88.05 16.07 31.41
N TYR U 168 87.99 15.02 32.23
CA TYR U 168 87.28 15.02 33.51
C TYR U 168 88.26 15.12 34.72
N SER U 169 87.73 15.36 35.93
CA SER U 169 88.54 15.42 37.15
C SER U 169 87.67 14.93 38.32
N LEU U 170 88.17 13.98 39.11
CA LEU U 170 87.39 13.40 40.21
C LEU U 170 87.90 13.87 41.58
N SER U 171 87.03 13.88 42.60
CA SER U 171 87.41 14.29 43.95
C SER U 171 86.81 13.37 45.01
N SER U 172 87.47 12.23 45.30
CA SER U 172 86.99 11.30 46.31
C SER U 172 87.45 11.75 47.69
N THR U 173 86.57 11.65 48.69
CA THR U 173 86.91 12.08 50.04
C THR U 173 86.61 11.00 51.08
N LEU U 174 87.62 10.60 51.86
CA LEU U 174 87.47 9.60 52.90
C LEU U 174 87.15 10.30 54.22
N THR U 175 85.89 10.23 54.65
CA THR U 175 85.45 10.89 55.88
C THR U 175 85.68 10.02 57.11
N LEU U 176 86.58 10.45 57.99
CA LEU U 176 86.86 9.73 59.23
C LEU U 176 86.97 10.68 60.43
N SER U 177 86.65 10.19 61.63
CA SER U 177 86.75 10.99 62.85
C SER U 177 88.21 11.23 63.23
N LYS U 178 88.46 12.28 64.06
CA LYS U 178 89.80 12.66 64.54
C LYS U 178 90.51 11.51 65.23
N ALA U 179 89.75 10.69 65.99
CA ALA U 179 90.27 9.55 66.73
C ALA U 179 90.71 8.41 65.81
N ASP U 180 89.94 8.11 64.75
CA ASP U 180 90.27 7.04 63.81
C ASP U 180 91.44 7.39 62.87
N TYR U 181 91.96 8.63 62.92
CA TYR U 181 93.11 9.07 62.14
C TYR U 181 94.40 8.83 62.95
N GLU U 182 94.37 9.16 64.24
CA GLU U 182 95.51 8.91 65.12
C GLU U 182 95.71 7.40 65.44
N LYS U 183 94.82 6.53 64.93
CA LYS U 183 94.85 5.08 65.13
C LYS U 183 95.49 4.35 63.94
N HIS U 184 95.54 4.97 62.74
CA HIS U 184 96.12 4.32 61.56
C HIS U 184 97.23 5.16 60.91
N LYS U 185 98.05 4.54 60.04
CA LYS U 185 99.20 5.20 59.45
C LYS U 185 99.27 5.21 57.90
N VAL U 186 99.19 4.04 57.24
CA VAL U 186 99.28 3.96 55.78
C VAL U 186 97.90 4.12 55.12
N TYR U 187 97.76 5.13 54.26
CA TYR U 187 96.51 5.38 53.54
C TYR U 187 96.73 5.30 52.04
N ALA U 188 96.30 4.20 51.44
CA ALA U 188 96.46 3.95 50.01
C ALA U 188 95.24 4.39 49.19
N CYS U 189 95.42 4.63 47.89
CA CYS U 189 94.35 5.06 47.02
C CYS U 189 94.40 4.31 45.69
N GLU U 190 93.75 3.15 45.61
CA GLU U 190 93.76 2.36 44.38
C GLU U 190 92.86 2.97 43.30
N VAL U 191 93.47 3.51 42.24
CA VAL U 191 92.72 4.13 41.14
C VAL U 191 92.64 3.21 39.93
N THR U 192 91.44 2.77 39.57
CA THR U 192 91.26 1.89 38.41
C THR U 192 90.55 2.62 37.28
N HIS U 193 91.32 3.12 36.32
CA HIS U 193 90.76 3.83 35.17
C HIS U 193 90.59 2.84 34.02
N GLN U 194 89.62 3.10 33.14
CA GLN U 194 89.31 2.24 31.99
C GLN U 194 90.55 1.97 31.11
N GLY U 195 91.38 3.00 30.93
CA GLY U 195 92.60 2.88 30.14
C GLY U 195 93.77 2.39 30.96
N LEU U 196 93.86 2.80 32.23
CA LEU U 196 94.92 2.39 33.14
C LEU U 196 94.82 0.90 33.46
N SER U 197 95.69 0.08 32.86
CA SER U 197 95.70 -1.36 33.10
C SER U 197 96.20 -1.66 34.50
N SER U 198 97.32 -1.03 34.92
CA SER U 198 97.83 -1.24 36.28
C SER U 198 97.31 -0.13 37.17
N PRO U 199 96.50 -0.47 38.18
CA PRO U 199 95.93 0.58 39.04
C PRO U 199 96.95 1.35 39.86
N VAL U 200 97.10 2.65 39.58
CA VAL U 200 98.04 3.51 40.30
C VAL U 200 97.59 3.74 41.74
N THR U 201 98.39 3.29 42.70
CA THR U 201 98.05 3.43 44.11
C THR U 201 98.93 4.46 44.78
N LYS U 202 98.39 5.65 45.08
CA LYS U 202 99.17 6.70 45.74
C LYS U 202 98.96 6.62 47.25
N SER U 203 100.03 6.35 48.00
CA SER U 203 99.96 6.23 49.46
C SER U 203 100.79 7.28 50.20
N PHE U 204 100.43 7.57 51.46
CA PHE U 204 101.17 8.50 52.30
C PHE U 204 101.22 8.00 53.74
N ASN U 205 102.29 8.35 54.46
CA ASN U 205 102.45 7.94 55.86
C ASN U 205 101.92 8.98 56.82
N ARG U 206 101.38 8.53 57.97
CA ARG U 206 100.82 9.42 58.98
C ARG U 206 101.93 10.06 59.81
N GLY U 207 102.02 11.38 59.76
CA GLY U 207 103.02 12.11 60.53
C GLY U 207 104.38 12.26 59.86
N GLU U 208 104.49 11.87 58.57
CA GLU U 208 105.76 12.00 57.85
C GLU U 208 105.98 13.42 57.29
N CYS U 209 107.24 13.75 56.95
CA CYS U 209 107.66 15.05 56.41
C CYS U 209 107.28 16.23 57.30
N ARG V 3 9.88 -26.99 3.85
CA ARG V 3 9.72 -27.20 2.41
C ARG V 3 8.60 -26.32 1.85
N HIS V 4 8.90 -25.48 0.83
CA HIS V 4 7.93 -24.51 0.34
C HIS V 4 7.88 -24.51 -1.16
N VAL V 5 6.76 -24.89 -1.78
CA VAL V 5 6.65 -24.90 -3.24
C VAL V 5 5.64 -23.89 -3.70
N PHE V 6 5.95 -23.05 -4.70
CA PHE V 6 4.98 -22.08 -5.23
C PHE V 6 4.92 -22.27 -6.73
N ILE V 7 3.73 -22.41 -7.30
CA ILE V 7 3.58 -22.51 -8.76
C ILE V 7 2.60 -21.45 -9.27
N ARG V 8 2.70 -21.07 -10.54
CA ARG V 8 1.83 -20.06 -11.13
C ARG V 8 1.88 -20.27 -12.64
N THR V 9 0.75 -20.52 -13.30
CA THR V 9 0.73 -20.70 -14.76
C THR V 9 -0.34 -19.82 -15.39
N GLU V 10 -0.04 -19.23 -16.57
CA GLU V 10 -0.99 -18.34 -17.25
C GLU V 10 -0.98 -18.61 -18.75
N LEU V 11 -2.12 -19.07 -19.32
CA LEU V 11 -2.18 -19.29 -20.76
C LEU V 11 -2.56 -18.00 -21.44
N SER V 12 -1.71 -17.57 -22.35
CA SER V 12 -1.90 -16.38 -23.16
C SER V 12 -1.74 -16.81 -24.63
N PHE V 13 -2.25 -15.99 -25.57
CA PHE V 13 -2.16 -16.34 -26.98
C PHE V 13 -1.48 -15.27 -27.80
N ILE V 14 -0.67 -15.66 -28.79
CA ILE V 14 -0.03 -14.72 -29.67
C ILE V 14 -0.40 -15.03 -31.11
N LYS V 15 -0.87 -14.00 -31.85
CA LYS V 15 -1.26 -14.13 -33.24
C LYS V 15 -0.09 -13.80 -34.16
N ASN V 16 0.03 -14.51 -35.29
CA ASN V 16 1.10 -14.21 -36.24
C ASN V 16 0.67 -14.24 -37.70
N ASN V 17 0.50 -13.06 -38.30
CA ASN V 17 0.11 -12.98 -39.71
C ASN V 17 1.25 -13.29 -40.71
N VAL V 18 2.41 -13.74 -40.20
CA VAL V 18 3.55 -14.15 -40.99
C VAL V 18 3.69 -15.64 -40.71
N PRO V 19 3.37 -16.49 -41.70
CA PRO V 19 3.40 -17.93 -41.45
C PRO V 19 4.81 -18.51 -41.45
N CYS V 20 5.49 -18.50 -40.31
CA CYS V 20 6.85 -19.03 -40.21
C CYS V 20 6.86 -20.52 -40.50
N ILE V 21 7.93 -20.96 -41.13
CA ILE V 21 8.21 -22.36 -41.40
C ILE V 21 8.93 -22.94 -40.16
N ARG V 22 9.82 -22.13 -39.57
CA ARG V 22 10.62 -22.47 -38.41
C ARG V 22 10.54 -21.30 -37.41
N ASP V 23 10.51 -21.62 -36.11
CA ASP V 23 10.44 -20.59 -35.07
C ASP V 23 11.65 -20.60 -34.16
N MET V 24 12.11 -19.43 -33.76
CA MET V 24 13.26 -19.33 -32.88
C MET V 24 12.98 -18.24 -31.86
N PHE V 25 12.72 -18.60 -30.58
CA PHE V 25 12.35 -17.59 -29.59
C PHE V 25 13.49 -17.26 -28.66
N PHE V 26 13.53 -16.00 -28.22
CA PHE V 26 14.52 -15.55 -27.24
C PHE V 26 14.01 -14.36 -26.44
N ILE V 27 14.47 -14.22 -25.20
CA ILE V 27 14.11 -13.07 -24.37
C ILE V 27 15.25 -12.10 -24.42
N TYR V 28 14.93 -10.83 -24.50
CA TYR V 28 15.94 -9.79 -24.48
C TYR V 28 15.37 -8.60 -23.77
N LYS V 29 16.14 -8.05 -22.83
CA LYS V 29 15.77 -6.88 -22.05
C LYS V 29 14.37 -7.02 -21.39
N ARG V 30 14.01 -8.28 -21.04
CA ARG V 30 12.77 -8.74 -20.41
C ARG V 30 11.60 -8.96 -21.37
N GLU V 31 11.77 -8.74 -22.70
CA GLU V 31 10.69 -8.95 -23.67
C GLU V 31 10.95 -10.13 -24.61
N LEU V 32 9.88 -10.69 -25.18
CA LEU V 32 10.02 -11.84 -26.08
C LEU V 32 10.26 -11.43 -27.53
N TYR V 33 11.09 -12.18 -28.25
CA TYR V 33 11.36 -11.96 -29.65
C TYR V 33 11.32 -13.29 -30.43
N ASN V 34 11.20 -13.22 -31.76
CA ASN V 34 11.16 -14.40 -32.62
C ASN V 34 11.93 -14.19 -33.93
N ILE V 35 12.70 -15.21 -34.32
CA ILE V 35 13.47 -15.21 -35.57
C ILE V 35 12.73 -16.14 -36.53
N CYS V 36 11.80 -15.53 -37.24
CA CYS V 36 10.86 -16.16 -38.15
C CYS V 36 11.40 -16.44 -39.54
N LEU V 37 11.39 -17.71 -39.96
CA LEU V 37 11.80 -18.08 -41.30
C LEU V 37 10.56 -18.14 -42.19
N ASP V 38 10.24 -17.05 -42.91
CA ASP V 38 9.10 -17.07 -43.82
C ASP V 38 9.66 -17.51 -45.16
N ASP V 39 9.41 -18.77 -45.54
CA ASP V 39 9.91 -19.30 -46.81
C ASP V 39 8.83 -20.06 -47.54
N LEU V 40 8.18 -19.35 -48.43
CA LEU V 40 7.13 -19.93 -49.24
C LEU V 40 7.82 -20.42 -50.53
N LYS V 41 7.69 -21.72 -50.83
CA LYS V 41 8.34 -22.34 -51.99
C LYS V 41 7.48 -22.32 -53.25
N GLY V 42 7.01 -21.13 -53.62
CA GLY V 42 6.24 -20.94 -54.83
C GLY V 42 7.04 -20.21 -55.90
N GLU V 43 6.45 -20.01 -57.09
CA GLU V 43 7.15 -19.32 -58.18
C GLU V 43 7.38 -17.83 -57.82
N GLU V 44 6.30 -17.13 -57.48
CA GLU V 44 6.32 -15.73 -57.06
C GLU V 44 6.71 -15.55 -55.56
N ASP V 45 6.55 -16.62 -54.75
CA ASP V 45 6.84 -16.65 -53.32
C ASP V 45 8.35 -16.62 -53.06
N GLU V 46 8.79 -15.89 -52.01
CA GLU V 46 10.20 -15.66 -51.73
C GLU V 46 10.64 -16.06 -50.28
N THR V 47 11.78 -15.53 -49.78
CA THR V 47 12.31 -15.93 -48.48
C THR V 47 12.71 -14.73 -47.63
N HIS V 48 12.24 -14.68 -46.38
CA HIS V 48 12.58 -13.63 -45.43
C HIS V 48 12.97 -14.24 -44.10
N ILE V 49 13.77 -13.53 -43.31
CA ILE V 49 14.10 -13.93 -41.96
C ILE V 49 13.81 -12.71 -41.11
N TYR V 50 12.67 -12.74 -40.43
CA TYR V 50 12.19 -11.61 -39.67
C TYR V 50 12.49 -11.66 -38.18
N VAL V 51 12.71 -10.49 -37.59
CA VAL V 51 12.89 -10.35 -36.15
C VAL V 51 11.58 -9.75 -35.63
N GLN V 52 10.79 -10.55 -34.95
CA GLN V 52 9.50 -10.13 -34.45
C GLN V 52 9.50 -9.96 -32.93
N LYS V 53 8.57 -9.15 -32.41
CA LYS V 53 8.49 -8.90 -30.96
C LYS V 53 7.04 -8.96 -30.51
N LYS V 54 6.77 -9.62 -29.37
CA LYS V 54 5.42 -9.66 -28.84
C LYS V 54 5.10 -8.28 -28.23
N VAL V 55 3.91 -7.68 -28.51
CA VAL V 55 3.54 -6.40 -27.90
C VAL V 55 2.20 -6.51 -27.09
N LYS V 56 1.19 -7.24 -27.60
CA LYS V 56 -0.07 -7.40 -26.89
C LYS V 56 -0.76 -8.68 -27.36
N ASP V 57 -0.15 -9.84 -27.06
CA ASP V 57 -0.71 -11.11 -27.56
C ASP V 57 -0.63 -11.16 -29.10
N SER V 58 0.35 -10.44 -29.70
CA SER V 58 0.49 -10.34 -31.14
C SER V 58 1.93 -9.98 -31.52
N TRP V 59 2.48 -10.68 -32.49
CA TRP V 59 3.85 -10.47 -32.93
C TRP V 59 3.96 -9.30 -33.87
N ILE V 60 5.01 -8.49 -33.75
CA ILE V 60 5.25 -7.34 -34.60
C ILE V 60 6.57 -7.48 -35.38
N THR V 61 6.50 -7.46 -36.70
CA THR V 61 7.69 -7.58 -37.54
C THR V 61 8.56 -6.32 -37.49
N LEU V 62 9.77 -6.42 -36.92
CA LEU V 62 10.68 -5.29 -36.75
C LEU V 62 11.70 -5.13 -37.87
N ASN V 63 12.19 -6.23 -38.46
CA ASN V 63 13.15 -6.13 -39.58
C ASN V 63 13.41 -7.50 -40.26
N ASP V 64 13.90 -7.45 -41.53
CA ASP V 64 14.22 -8.60 -42.38
C ASP V 64 15.74 -8.70 -42.48
N LEU V 65 16.32 -9.65 -41.75
CA LEU V 65 17.75 -9.91 -41.71
C LEU V 65 18.24 -10.48 -43.01
N PHE V 66 17.53 -11.46 -43.58
CA PHE V 66 17.90 -12.09 -44.84
C PHE V 66 18.01 -11.10 -45.98
N LYS V 67 17.19 -10.04 -45.97
CA LYS V 67 17.22 -8.99 -46.97
C LYS V 67 18.59 -8.33 -47.03
N GLU V 68 19.26 -8.16 -45.89
CA GLU V 68 20.59 -7.56 -45.85
C GLU V 68 21.73 -8.55 -46.16
N THR V 69 21.41 -9.78 -46.52
CA THR V 69 22.39 -10.82 -46.74
C THR V 69 22.51 -11.19 -48.19
N ASP V 70 23.74 -11.48 -48.67
CA ASP V 70 23.94 -11.89 -50.06
C ASP V 70 23.84 -13.40 -50.27
N LEU V 71 23.26 -14.12 -49.29
CA LEU V 71 23.10 -15.57 -49.39
C LEU V 71 22.04 -15.95 -50.41
N THR V 72 22.07 -17.19 -50.87
CA THR V 72 21.13 -17.63 -51.89
C THR V 72 20.40 -18.95 -51.47
N GLY V 73 20.40 -19.26 -50.18
CA GLY V 73 19.75 -20.45 -49.66
C GLY V 73 19.56 -20.40 -48.15
N ARG V 74 18.75 -21.31 -47.62
CA ARG V 74 18.44 -21.36 -46.19
C ARG V 74 19.69 -21.30 -45.27
N PRO V 75 19.85 -20.17 -44.58
CA PRO V 75 21.01 -20.02 -43.69
C PRO V 75 20.85 -20.70 -42.35
N HIS V 76 21.95 -20.92 -41.65
CA HIS V 76 21.93 -21.48 -40.31
C HIS V 76 21.89 -20.26 -39.42
N ILE V 77 20.84 -20.10 -38.63
CA ILE V 77 20.71 -18.94 -37.78
C ILE V 77 21.19 -19.19 -36.35
N PHE V 78 22.25 -18.50 -35.93
CA PHE V 78 22.78 -18.62 -34.58
C PHE V 78 22.63 -17.29 -33.87
N ALA V 79 21.76 -17.26 -32.84
CA ALA V 79 21.50 -16.02 -32.12
C ALA V 79 22.10 -16.07 -30.75
N TYR V 80 22.72 -14.99 -30.32
CA TYR V 80 23.35 -14.92 -29.01
C TYR V 80 22.82 -13.73 -28.28
N VAL V 81 22.43 -13.95 -27.04
CA VAL V 81 21.83 -12.89 -26.23
C VAL V 81 22.67 -12.59 -25.02
N ASP V 82 23.16 -11.36 -24.95
CA ASP V 82 23.89 -10.85 -23.80
C ASP V 82 23.13 -9.62 -23.26
N VAL V 83 23.45 -9.18 -22.05
CA VAL V 83 22.87 -8.02 -21.39
C VAL V 83 23.11 -6.78 -22.29
N GLU V 84 22.04 -6.11 -22.75
CA GLU V 84 22.12 -4.92 -23.60
C GLU V 84 22.74 -5.13 -25.01
N GLU V 85 22.77 -6.37 -25.53
CA GLU V 85 23.29 -6.63 -26.87
C GLU V 85 22.92 -8.00 -27.44
N ILE V 86 22.56 -8.02 -28.71
CA ILE V 86 22.15 -9.23 -29.41
C ILE V 86 23.03 -9.39 -30.62
N ILE V 87 23.58 -10.60 -30.83
CA ILE V 87 24.41 -10.87 -31.99
C ILE V 87 23.80 -12.05 -32.76
N ILE V 88 23.43 -11.84 -34.02
CA ILE V 88 22.84 -12.89 -34.83
C ILE V 88 23.72 -13.16 -36.03
N LEU V 89 23.98 -14.44 -36.29
CA LEU V 89 24.79 -14.86 -37.42
C LEU V 89 23.98 -15.71 -38.37
N LEU V 90 24.16 -15.50 -39.67
CA LEU V 90 23.49 -16.27 -40.70
C LEU V 90 24.56 -16.97 -41.49
N CYS V 91 24.78 -18.25 -41.24
CA CYS V 91 25.85 -18.99 -41.92
C CYS V 91 25.37 -19.81 -43.12
N GLU V 92 26.27 -20.24 -44.01
CA GLU V 92 25.88 -20.99 -45.19
C GLU V 92 25.70 -22.48 -44.93
N ASP V 93 24.71 -23.12 -45.59
CA ASP V 93 24.42 -24.56 -45.42
C ASP V 93 25.08 -25.39 -46.54
N GLU V 94 25.65 -26.56 -46.22
CA GLU V 94 26.33 -27.39 -47.23
C GLU V 94 25.39 -28.36 -47.97
N GLU V 95 24.53 -27.82 -48.85
CA GLU V 95 23.63 -28.64 -49.68
C GLU V 95 24.52 -29.36 -50.69
N PHE V 96 24.37 -30.70 -50.80
CA PHE V 96 25.22 -31.52 -51.67
C PHE V 96 26.64 -31.66 -51.07
N SER V 97 26.80 -31.46 -49.71
CA SER V 97 28.07 -31.50 -48.98
C SER V 97 29.14 -30.70 -49.74
N ASN V 98 28.96 -29.37 -49.81
CA ASN V 98 29.81 -28.44 -50.56
C ASN V 98 31.33 -28.61 -50.38
N ARG V 99 31.76 -29.14 -49.22
CA ARG V 99 33.16 -29.36 -48.84
C ARG V 99 34.00 -28.08 -48.99
N LYS V 100 33.74 -27.09 -48.13
CA LYS V 100 34.46 -25.83 -48.17
C LYS V 100 35.35 -25.69 -46.94
N LYS V 101 36.63 -25.33 -47.14
CA LYS V 101 37.57 -25.18 -46.01
C LYS V 101 37.19 -24.00 -45.11
N ASP V 102 36.64 -22.93 -45.69
CA ASP V 102 36.20 -21.79 -44.90
C ASP V 102 34.68 -21.61 -44.97
N MET V 103 34.12 -20.97 -43.94
CA MET V 103 32.68 -20.75 -43.88
C MET V 103 32.34 -19.27 -43.93
N THR V 104 31.21 -18.93 -44.54
CA THR V 104 30.79 -17.55 -44.65
C THR V 104 29.52 -17.28 -43.86
N CYS V 105 29.63 -16.47 -42.83
CA CYS V 105 28.49 -16.06 -42.02
C CYS V 105 28.23 -14.56 -42.22
N HIS V 106 27.06 -14.06 -41.82
CA HIS V 106 26.76 -12.64 -41.92
C HIS V 106 26.42 -12.16 -40.54
N ARG V 107 27.24 -11.28 -39.97
CA ARG V 107 27.05 -10.81 -38.61
C ARG V 107 26.13 -9.58 -38.48
N PHE V 108 25.18 -9.65 -37.51
CA PHE V 108 24.18 -8.63 -37.16
C PHE V 108 24.28 -8.32 -35.68
N TYR V 109 24.34 -7.04 -35.31
CA TYR V 109 24.47 -6.65 -33.91
C TYR V 109 23.45 -5.59 -33.52
N SER V 110 22.79 -5.76 -32.37
CA SER V 110 21.88 -4.74 -31.90
C SER V 110 21.85 -4.55 -30.41
N ASN V 111 21.81 -3.29 -30.00
CA ASN V 111 21.68 -2.90 -28.60
C ASN V 111 20.25 -2.38 -28.29
N ASP V 112 19.26 -2.81 -29.10
CA ASP V 112 17.83 -2.49 -28.95
C ASP V 112 16.90 -3.53 -29.64
N GLY V 113 17.45 -4.42 -30.46
CA GLY V 113 16.70 -5.48 -31.11
C GLY V 113 15.76 -5.07 -32.23
N LYS V 114 15.91 -3.85 -32.73
CA LYS V 114 15.10 -3.35 -33.81
C LYS V 114 16.05 -2.85 -34.91
N GLU V 115 17.06 -2.05 -34.52
CA GLU V 115 18.06 -1.45 -35.39
C GLU V 115 19.32 -2.30 -35.34
N TYR V 116 19.66 -3.00 -36.42
CA TYR V 116 20.84 -3.86 -36.47
C TYR V 116 21.93 -3.33 -37.41
N ASN V 117 23.19 -3.69 -37.12
CA ASN V 117 24.36 -3.32 -37.95
C ASN V 117 24.88 -4.60 -38.54
N ASN V 118 25.12 -4.62 -39.85
CA ASN V 118 25.58 -5.85 -40.49
C ASN V 118 26.85 -5.73 -41.28
N ALA V 119 27.54 -6.87 -41.42
CA ALA V 119 28.75 -7.08 -42.22
C ALA V 119 29.01 -8.58 -42.32
N GLU V 120 29.51 -9.00 -43.47
CA GLU V 120 29.79 -10.41 -43.73
C GLU V 120 31.11 -10.82 -43.15
N ILE V 121 31.13 -11.97 -42.52
CA ILE V 121 32.28 -12.55 -41.85
C ILE V 121 32.73 -13.84 -42.55
N THR V 122 34.02 -14.16 -42.48
CA THR V 122 34.54 -15.39 -43.05
C THR V 122 35.40 -16.11 -42.03
N ILE V 123 35.15 -17.38 -41.81
CA ILE V 123 35.93 -18.19 -40.87
C ILE V 123 36.74 -19.15 -41.71
N SER V 124 37.97 -18.79 -42.13
CA SER V 124 38.77 -19.71 -42.93
C SER V 124 39.27 -20.86 -42.08
N ASP V 125 39.35 -22.09 -42.66
CA ASP V 125 39.74 -23.31 -41.96
C ASP V 125 38.83 -23.54 -40.75
N TYR V 126 37.51 -23.37 -40.95
CA TYR V 126 36.56 -23.52 -39.85
C TYR V 126 36.54 -24.96 -39.32
N ILE V 127 36.69 -25.10 -37.99
CA ILE V 127 36.77 -26.40 -37.29
C ILE V 127 35.67 -27.40 -37.68
N LEU V 128 34.48 -26.87 -37.96
CA LEU V 128 33.29 -27.67 -38.25
C LEU V 128 33.11 -28.08 -39.70
N LYS V 129 34.22 -28.30 -40.41
CA LYS V 129 34.17 -28.81 -41.77
C LYS V 129 33.70 -30.28 -41.70
N ASP V 130 32.82 -30.67 -42.63
CA ASP V 130 32.24 -32.01 -42.64
C ASP V 130 31.57 -32.38 -41.27
N LYS V 131 31.09 -31.36 -40.53
CA LYS V 131 30.30 -31.45 -39.30
C LYS V 131 28.93 -30.85 -39.66
N LEU V 132 27.85 -31.50 -39.25
CA LEU V 132 26.49 -31.04 -39.51
C LEU V 132 26.11 -29.98 -38.47
N LEU V 133 25.41 -28.93 -38.87
CA LEU V 133 24.98 -27.89 -37.95
C LEU V 133 23.46 -27.67 -37.98
N SER V 134 22.89 -27.19 -36.87
CA SER V 134 21.46 -26.87 -36.82
C SER V 134 21.26 -25.54 -36.08
N SER V 135 20.42 -24.64 -36.64
CA SER V 135 20.10 -23.29 -36.15
C SER V 135 19.61 -23.26 -34.69
N TYR V 136 20.05 -22.27 -33.88
CA TYR V 136 19.60 -22.17 -32.48
C TYR V 136 19.87 -20.81 -31.81
N VAL V 137 19.25 -20.58 -30.63
CA VAL V 137 19.47 -19.41 -29.80
C VAL V 137 20.34 -19.85 -28.62
N SER V 138 21.27 -19.01 -28.21
CA SER V 138 22.16 -19.30 -27.11
C SER V 138 22.63 -17.99 -26.43
N LEU V 139 23.56 -18.10 -25.49
CA LEU V 139 24.05 -16.98 -24.72
C LEU V 139 25.53 -17.18 -24.33
N PRO V 140 26.22 -16.14 -23.83
CA PRO V 140 27.64 -16.31 -23.49
C PRO V 140 27.93 -17.33 -22.38
N LEU V 141 28.92 -18.20 -22.59
CA LEU V 141 29.36 -19.22 -21.63
C LEU V 141 30.73 -18.83 -21.09
N LYS V 142 30.82 -18.64 -19.77
CA LYS V 142 32.07 -18.24 -19.15
C LYS V 142 32.95 -19.44 -18.83
N ILE V 143 34.08 -19.55 -19.52
CA ILE V 143 35.08 -20.60 -19.28
C ILE V 143 36.36 -19.90 -18.83
N GLU V 144 36.65 -19.97 -17.52
CA GLU V 144 37.84 -19.38 -16.90
C GLU V 144 37.99 -17.86 -17.13
N ASN V 145 37.03 -17.06 -16.63
CA ASN V 145 37.04 -15.60 -16.76
C ASN V 145 37.14 -15.13 -18.21
N ARG V 146 36.41 -15.79 -19.10
CA ARG V 146 36.36 -15.43 -20.50
C ARG V 146 35.04 -15.93 -21.00
N GLU V 147 34.25 -15.06 -21.62
CA GLU V 147 32.93 -15.44 -22.11
C GLU V 147 32.95 -15.76 -23.60
N TYR V 148 32.27 -16.84 -23.99
CA TYR V 148 32.29 -17.27 -25.38
C TYR V 148 30.93 -17.63 -25.95
N PHE V 149 30.62 -17.11 -27.15
CA PHE V 149 29.43 -17.54 -27.88
C PHE V 149 29.84 -18.88 -28.53
N LEU V 150 28.90 -19.84 -28.71
CA LEU V 150 29.29 -21.15 -29.26
C LEU V 150 28.53 -21.59 -30.50
N ILE V 151 29.24 -22.03 -31.53
CA ILE V 151 28.60 -22.59 -32.73
C ILE V 151 28.96 -24.04 -32.66
N CYS V 152 28.05 -24.86 -32.16
CA CYS V 152 28.32 -26.27 -31.94
C CYS V 152 27.70 -27.15 -33.04
N GLY V 153 28.40 -28.20 -33.45
CA GLY V 153 27.99 -29.10 -34.52
C GLY V 153 28.16 -30.56 -34.20
N VAL V 154 27.57 -31.46 -35.00
CA VAL V 154 27.61 -32.89 -34.73
C VAL V 154 28.09 -33.71 -35.94
N SER V 155 28.71 -34.87 -35.68
CA SER V 155 29.25 -35.73 -36.74
C SER V 155 28.14 -36.45 -37.51
N PRO V 156 28.18 -36.38 -38.86
CA PRO V 156 27.14 -37.02 -39.68
C PRO V 156 26.99 -38.54 -39.51
N TYR V 157 28.04 -39.34 -39.74
CA TYR V 157 27.94 -40.79 -39.53
C TYR V 157 29.26 -41.53 -39.31
N LYS V 158 29.33 -42.22 -38.16
CA LYS V 158 30.49 -43.03 -37.73
C LYS V 158 30.24 -44.53 -37.99
N PHE V 159 31.34 -45.31 -38.14
CA PHE V 159 31.35 -46.75 -38.41
C PHE V 159 30.33 -47.52 -37.57
N ASP V 166 34.52 -36.02 -29.59
CA ASP V 166 35.07 -36.21 -30.94
C ASP V 166 33.96 -36.03 -31.98
N ASP V 167 32.79 -36.63 -31.71
CA ASP V 167 31.61 -36.58 -32.59
C ASP V 167 30.66 -35.40 -32.33
N ILE V 168 31.01 -34.55 -31.37
CA ILE V 168 30.37 -33.27 -31.04
C ILE V 168 31.54 -32.27 -30.93
N LEU V 169 31.36 -31.02 -31.38
CA LEU V 169 32.45 -30.04 -31.35
C LEU V 169 31.92 -28.64 -31.55
N CYS V 170 32.51 -27.63 -30.88
CA CYS V 170 32.10 -26.25 -31.14
C CYS V 170 33.27 -25.33 -31.38
N MET V 171 33.00 -24.20 -32.03
CA MET V 171 33.95 -23.11 -32.18
C MET V 171 33.40 -21.96 -31.34
N ALA V 172 34.27 -21.24 -30.66
CA ALA V 172 33.86 -20.17 -29.76
C ALA V 172 34.34 -18.77 -30.19
N SER V 173 33.77 -17.70 -29.60
CA SER V 173 34.17 -16.34 -29.92
C SER V 173 34.17 -15.41 -28.73
N HIS V 174 35.36 -15.01 -28.27
CA HIS V 174 35.52 -14.07 -27.17
C HIS V 174 35.66 -12.62 -27.68
N ASP V 175 35.10 -12.33 -28.88
CA ASP V 175 35.11 -11.02 -29.51
C ASP V 175 33.79 -10.71 -30.25
N LYS V 176 32.67 -11.24 -29.71
CA LYS V 176 31.30 -11.04 -30.13
C LYS V 176 30.97 -11.64 -31.48
N GLY V 177 31.59 -12.76 -31.82
CA GLY V 177 31.26 -13.47 -33.05
C GLY V 177 31.99 -13.07 -34.32
N GLU V 178 33.01 -12.22 -34.21
CA GLU V 178 33.77 -11.82 -35.38
C GLU V 178 34.80 -12.90 -35.79
N THR V 179 35.35 -13.62 -34.81
CA THR V 179 36.33 -14.68 -35.07
C THR V 179 35.90 -15.94 -34.32
N TRP V 180 36.03 -17.10 -34.94
CA TRP V 180 35.65 -18.36 -34.32
C TRP V 180 36.86 -19.27 -34.20
N GLY V 181 37.94 -18.71 -33.67
CA GLY V 181 39.22 -19.39 -33.53
C GLY V 181 39.27 -20.41 -32.42
N THR V 182 38.89 -20.02 -31.21
CA THR V 182 38.92 -20.91 -30.05
C THR V 182 38.07 -22.18 -30.28
N LYS V 183 38.62 -23.34 -29.94
CA LYS V 183 37.97 -24.61 -30.17
C LYS V 183 37.66 -25.32 -28.86
N ILE V 184 36.40 -25.71 -28.65
CA ILE V 184 35.90 -26.39 -27.44
C ILE V 184 35.76 -27.90 -27.72
N VAL V 185 36.38 -28.74 -26.90
CA VAL V 185 36.33 -30.20 -27.09
C VAL V 185 35.16 -30.80 -26.32
N ILE V 186 34.44 -31.77 -26.91
CA ILE V 186 33.36 -32.45 -26.21
C ILE V 186 33.61 -33.96 -26.11
N LYS V 187 33.69 -34.48 -24.87
CA LYS V 187 33.93 -35.90 -24.64
C LYS V 187 32.64 -36.61 -24.22
N TYR V 188 31.95 -37.23 -25.17
CA TYR V 188 30.72 -37.98 -24.87
C TYR V 188 30.89 -39.41 -25.33
N ASP V 189 31.55 -40.21 -24.52
CA ASP V 189 31.84 -41.60 -24.82
C ASP V 189 30.60 -42.49 -25.02
N ASN V 190 29.39 -42.06 -24.58
CA ASN V 190 28.18 -42.88 -24.77
C ASN V 190 27.69 -42.95 -26.23
N TYR V 191 28.54 -42.58 -27.18
CA TYR V 191 28.24 -42.67 -28.59
C TYR V 191 28.19 -44.15 -28.98
N LYS V 192 26.98 -44.73 -29.05
CA LYS V 192 26.85 -46.12 -29.46
C LYS V 192 26.62 -46.20 -30.97
N LEU V 193 27.36 -47.09 -31.65
CA LEU V 193 27.28 -47.17 -33.10
C LEU V 193 25.92 -47.66 -33.62
N GLY V 194 25.31 -46.82 -34.46
CA GLY V 194 24.02 -47.07 -35.07
C GLY V 194 23.09 -45.87 -35.15
N VAL V 195 23.51 -44.72 -34.58
CA VAL V 195 22.66 -43.53 -34.57
C VAL V 195 23.40 -42.25 -34.92
N GLN V 196 22.68 -41.24 -35.43
CA GLN V 196 23.21 -39.92 -35.71
C GLN V 196 22.38 -38.90 -34.94
N TYR V 197 23.04 -37.94 -34.28
CA TYR V 197 22.34 -36.94 -33.47
C TYR V 197 21.76 -35.85 -34.33
N PHE V 198 20.53 -35.42 -34.05
CA PHE V 198 19.89 -34.36 -34.83
C PHE V 198 19.63 -33.11 -33.97
N PHE V 199 19.39 -31.97 -34.64
CA PHE V 199 19.02 -30.66 -34.07
C PHE V 199 19.74 -30.23 -32.78
N LEU V 200 21.02 -30.57 -32.63
CA LEU V 200 21.78 -30.25 -31.42
C LEU V 200 21.73 -28.77 -31.05
N ARG V 201 21.19 -28.48 -29.88
CA ARG V 201 21.14 -27.13 -29.37
C ARG V 201 21.75 -27.14 -27.97
N PRO V 202 22.72 -26.27 -27.74
CA PRO V 202 23.37 -26.22 -26.42
C PRO V 202 22.62 -25.29 -25.48
N TYR V 203 22.40 -25.78 -24.28
CA TYR V 203 21.76 -25.04 -23.21
C TYR V 203 22.83 -24.66 -22.19
N ILE V 204 22.99 -23.37 -21.96
CA ILE V 204 23.95 -22.88 -20.97
C ILE V 204 23.19 -22.25 -19.81
N SER V 205 23.42 -22.73 -18.58
CA SER V 205 22.75 -22.17 -17.41
C SER V 205 23.80 -21.88 -16.33
N LYS V 206 24.17 -20.61 -16.15
CA LYS V 206 25.16 -20.18 -15.18
C LYS V 206 26.51 -20.91 -15.38
N ASN V 207 27.16 -20.73 -16.55
CA ASN V 207 28.47 -21.34 -16.85
C ASN V 207 28.46 -22.87 -16.88
N ASP V 208 27.28 -23.48 -16.99
CA ASP V 208 27.17 -24.93 -17.04
C ASP V 208 26.70 -25.29 -18.42
N LEU V 209 27.52 -26.05 -19.17
CA LEU V 209 27.19 -26.46 -20.52
C LEU V 209 26.45 -27.79 -20.52
N SER V 210 25.42 -27.92 -21.35
CA SER V 210 24.61 -29.12 -21.45
C SER V 210 23.99 -29.18 -22.85
N PHE V 211 23.97 -30.36 -23.47
CA PHE V 211 23.44 -30.48 -24.83
C PHE V 211 22.13 -31.24 -24.96
N HIS V 212 21.19 -30.66 -25.68
CA HIS V 212 19.88 -31.24 -25.96
C HIS V 212 19.85 -31.59 -27.45
N PHE V 213 19.51 -32.84 -27.78
CA PHE V 213 19.51 -33.30 -29.16
C PHE V 213 18.68 -34.57 -29.32
N TYR V 214 18.27 -34.89 -30.54
CA TYR V 214 17.49 -36.10 -30.82
C TYR V 214 18.37 -37.28 -31.24
N VAL V 215 17.80 -38.48 -31.44
CA VAL V 215 18.58 -39.64 -31.86
C VAL V 215 17.84 -40.41 -32.99
N GLY V 216 18.53 -40.57 -34.12
CA GLY V 216 17.97 -41.21 -35.30
C GLY V 216 18.37 -42.64 -35.54
N ASP V 217 17.54 -43.57 -35.06
CA ASP V 217 17.74 -45.01 -35.25
C ASP V 217 17.24 -45.28 -36.66
N ASN V 218 18.14 -45.59 -37.59
CA ASN V 218 17.71 -45.80 -38.98
C ASN V 218 17.02 -47.15 -39.23
N ILE V 219 17.16 -48.10 -38.29
CA ILE V 219 16.44 -49.40 -38.33
C ILE V 219 14.90 -49.19 -38.15
N ASN V 220 14.49 -47.97 -37.73
CA ASN V 220 13.13 -47.49 -37.50
C ASN V 220 13.30 -45.99 -37.30
N ASN V 221 12.83 -45.17 -38.26
CA ASN V 221 13.00 -43.73 -38.20
C ASN V 221 12.15 -43.02 -37.13
N VAL V 222 12.71 -42.95 -35.92
CA VAL V 222 12.12 -42.24 -34.79
C VAL V 222 13.20 -41.36 -34.14
N LYS V 223 12.78 -40.24 -33.55
CA LYS V 223 13.73 -39.32 -32.93
C LYS V 223 13.50 -39.15 -31.43
N ASN V 224 14.11 -39.99 -30.60
CA ASN V 224 13.99 -39.86 -29.14
C ASN V 224 14.97 -38.79 -28.65
N VAL V 225 14.55 -37.92 -27.72
CA VAL V 225 15.43 -36.86 -27.19
C VAL V 225 16.58 -37.46 -26.34
N ASN V 226 17.59 -36.65 -26.00
CA ASN V 226 18.74 -37.04 -25.20
C ASN V 226 19.34 -35.78 -24.63
N PHE V 227 19.51 -35.73 -23.30
CA PHE V 227 20.07 -34.57 -22.65
C PHE V 227 21.31 -34.97 -21.91
N ILE V 228 22.44 -34.32 -22.21
CA ILE V 228 23.70 -34.65 -21.55
C ILE V 228 24.28 -33.46 -20.79
N GLU V 229 24.93 -33.71 -19.65
CA GLU V 229 25.51 -32.67 -18.80
C GLU V 229 27.01 -32.58 -18.97
N CYS V 230 27.51 -31.38 -19.24
CA CYS V 230 28.93 -31.17 -19.44
C CYS V 230 29.60 -30.43 -18.32
N THR V 231 30.58 -31.11 -17.72
CA THR V 231 31.39 -30.57 -16.64
C THR V 231 32.77 -30.22 -17.25
N HIS V 232 33.35 -29.09 -16.83
CA HIS V 232 34.64 -28.63 -17.38
C HIS V 232 35.81 -29.51 -16.95
N GLU V 233 36.56 -30.02 -17.92
CA GLU V 233 37.74 -30.84 -17.67
C GLU V 233 39.00 -30.06 -18.10
N LYS V 234 39.98 -29.91 -17.19
CA LYS V 234 41.24 -29.19 -17.44
C LYS V 234 40.97 -27.74 -17.97
N ASP V 235 41.09 -27.50 -19.28
CA ASP V 235 40.86 -26.18 -19.85
C ASP V 235 40.33 -26.32 -21.27
N LEU V 236 39.23 -25.61 -21.57
CA LEU V 236 38.56 -25.63 -22.87
C LEU V 236 38.25 -27.03 -23.40
N GLU V 237 38.10 -27.99 -22.48
CA GLU V 237 37.75 -29.38 -22.79
C GLU V 237 36.63 -29.72 -21.85
N PHE V 238 35.53 -30.28 -22.34
CA PHE V 238 34.40 -30.65 -21.48
C PHE V 238 34.07 -32.12 -21.59
N VAL V 239 33.84 -32.79 -20.47
CA VAL V 239 33.44 -34.19 -20.49
C VAL V 239 31.97 -34.28 -20.12
N CYS V 240 31.17 -34.97 -20.94
CA CYS V 240 29.73 -35.04 -20.71
C CYS V 240 29.25 -36.46 -20.44
N SER V 241 28.11 -36.54 -19.77
CA SER V 241 27.45 -37.80 -19.41
C SER V 241 25.94 -37.65 -19.61
N ASN V 242 25.27 -38.73 -20.01
CA ASN V 242 23.83 -38.68 -20.25
C ASN V 242 22.99 -38.57 -18.99
N ARG V 243 22.19 -37.50 -18.89
CA ARG V 243 21.28 -37.36 -17.77
C ARG V 243 20.00 -38.08 -18.19
N ASP V 244 19.64 -39.14 -17.46
CA ASP V 244 18.47 -39.91 -17.76
C ASP V 244 17.22 -39.19 -17.32
N PHE V 245 16.29 -38.99 -18.22
CA PHE V 245 15.03 -38.36 -17.91
C PHE V 245 13.84 -39.26 -18.30
N LEU V 246 14.03 -40.57 -18.46
CA LEU V 246 12.98 -41.51 -18.86
C LEU V 246 11.77 -41.53 -17.92
N LYS V 247 10.57 -41.68 -18.51
CA LYS V 247 9.33 -41.75 -17.77
C LYS V 247 8.39 -42.71 -18.50
N ASP V 248 8.04 -43.85 -17.87
CA ASP V 248 7.14 -44.86 -18.43
C ASP V 248 5.87 -44.26 -19.05
N ASN V 249 5.62 -44.56 -20.33
CA ASN V 249 4.46 -44.11 -21.10
C ASN V 249 4.39 -42.58 -21.20
N LYS V 250 5.55 -41.92 -21.41
CA LYS V 250 5.69 -40.47 -21.50
C LYS V 250 7.00 -40.13 -22.21
N VAL V 251 6.93 -39.60 -23.44
CA VAL V 251 8.13 -39.28 -24.21
C VAL V 251 8.71 -37.91 -23.84
N LEU V 252 10.01 -37.86 -23.53
CA LEU V 252 10.69 -36.60 -23.18
C LEU V 252 10.61 -35.61 -24.34
N GLN V 253 10.49 -34.32 -24.03
CA GLN V 253 10.36 -33.28 -25.04
C GLN V 253 11.46 -32.21 -24.84
N ASP V 254 11.24 -31.22 -23.97
CA ASP V 254 12.23 -30.19 -23.71
C ASP V 254 12.71 -30.24 -22.25
N VAL V 255 13.84 -29.58 -21.94
CA VAL V 255 14.45 -29.55 -20.61
C VAL V 255 14.99 -28.16 -20.35
N SER V 256 14.72 -27.59 -19.18
CA SER V 256 15.26 -26.28 -18.80
C SER V 256 15.62 -26.29 -17.29
N THR V 257 16.02 -25.14 -16.69
CA THR V 257 16.31 -25.10 -15.27
C THR V 257 15.69 -23.90 -14.58
N LEU V 258 15.15 -24.12 -13.38
CA LEU V 258 14.56 -23.08 -12.53
C LEU V 258 14.91 -23.45 -11.10
N ASN V 259 15.44 -22.48 -10.34
CA ASN V 259 15.90 -22.69 -8.96
C ASN V 259 17.07 -23.68 -8.90
N ASP V 260 17.80 -23.90 -10.01
CA ASP V 260 18.85 -24.90 -10.10
C ASP V 260 18.30 -26.34 -10.15
N GLU V 261 17.02 -26.50 -10.51
CA GLU V 261 16.33 -27.77 -10.62
C GLU V 261 15.84 -27.90 -12.08
N TYR V 262 15.73 -29.13 -12.61
CA TYR V 262 15.26 -29.32 -13.98
C TYR V 262 13.75 -29.15 -14.14
N ILE V 263 13.35 -28.63 -15.30
CA ILE V 263 11.95 -28.42 -15.70
C ILE V 263 11.87 -29.29 -16.94
N VAL V 264 11.16 -30.42 -16.90
CA VAL V 264 11.16 -31.34 -18.04
C VAL V 264 9.79 -31.52 -18.68
N SER V 265 9.69 -31.15 -19.94
CA SER V 265 8.47 -31.28 -20.72
C SER V 265 8.36 -32.70 -21.27
N TYR V 266 7.14 -33.24 -21.32
CA TYR V 266 6.89 -34.59 -21.85
C TYR V 266 5.58 -34.61 -22.64
N GLY V 267 5.47 -35.57 -23.54
CA GLY V 267 4.24 -35.79 -24.29
C GLY V 267 3.63 -37.13 -23.93
N ASN V 268 2.32 -37.29 -24.09
CA ASN V 268 1.67 -38.55 -23.78
C ASN V 268 2.13 -39.64 -24.76
N ASP V 269 1.93 -39.41 -26.06
CA ASP V 269 2.37 -40.30 -27.13
C ASP V 269 3.29 -39.54 -28.09
N ASN V 270 3.77 -40.19 -29.17
CA ASN V 270 4.60 -39.51 -30.16
C ASN V 270 3.80 -38.48 -31.02
N ASN V 271 2.49 -38.34 -30.78
CA ASN V 271 1.58 -37.41 -31.45
C ASN V 271 1.33 -36.13 -30.62
N PHE V 272 1.62 -36.18 -29.30
CA PHE V 272 1.55 -35.05 -28.37
C PHE V 272 0.17 -34.41 -28.23
N ALA V 273 -0.79 -35.19 -27.74
CA ALA V 273 -2.14 -34.68 -27.50
C ALA V 273 -2.13 -33.75 -26.25
N GLU V 274 -1.47 -34.19 -25.17
CA GLU V 274 -1.34 -33.44 -23.92
C GLU V 274 0.13 -33.37 -23.50
N CYS V 275 0.50 -32.32 -22.79
CA CYS V 275 1.86 -32.13 -22.32
C CYS V 275 1.93 -32.02 -20.80
N TYR V 276 3.04 -32.48 -20.19
CA TYR V 276 3.28 -32.45 -18.74
C TYR V 276 4.59 -31.72 -18.42
N ILE V 277 4.67 -31.01 -17.29
CA ILE V 277 5.90 -30.28 -16.92
C ILE V 277 6.33 -30.65 -15.50
N PHE V 278 7.52 -31.23 -15.33
CA PHE V 278 7.97 -31.71 -14.02
C PHE V 278 9.03 -30.88 -13.33
N PHE V 279 8.62 -30.13 -12.31
CA PHE V 279 9.53 -29.32 -11.52
C PHE V 279 10.24 -30.21 -10.51
N ASN V 280 11.54 -30.44 -10.72
CA ASN V 280 12.37 -31.30 -9.86
C ASN V 280 11.88 -32.75 -9.77
N ASN V 281 11.11 -33.20 -10.78
CA ASN V 281 10.50 -34.53 -10.88
C ASN V 281 9.53 -34.81 -9.75
N GLU V 282 8.89 -33.77 -9.18
CA GLU V 282 7.97 -33.95 -8.07
C GLU V 282 6.59 -33.35 -8.36
N ASN V 283 6.57 -32.11 -8.84
CA ASN V 283 5.35 -31.36 -9.12
C ASN V 283 5.08 -31.37 -10.64
N SER V 284 3.82 -31.63 -11.06
CA SER V 284 3.53 -31.73 -12.48
C SER V 284 2.26 -31.03 -12.98
N ILE V 285 2.44 -29.87 -13.62
CA ILE V 285 1.32 -29.17 -14.22
C ILE V 285 1.08 -29.74 -15.62
N LEU V 286 -0.19 -30.02 -15.97
CA LEU V 286 -0.53 -30.59 -17.26
C LEU V 286 -1.29 -29.59 -18.12
N ILE V 287 -0.75 -29.33 -19.32
CA ILE V 287 -1.31 -28.38 -20.27
C ILE V 287 -2.19 -29.07 -21.28
N LYS V 288 -3.44 -28.62 -21.38
CA LYS V 288 -4.36 -29.15 -22.37
C LYS V 288 -4.57 -28.10 -23.45
N PRO V 289 -4.22 -28.42 -24.70
CA PRO V 289 -4.37 -27.44 -25.78
C PRO V 289 -5.77 -27.33 -26.36
N GLU V 290 -6.77 -27.99 -25.76
CA GLU V 290 -8.14 -27.93 -26.26
C GLU V 290 -8.84 -26.56 -26.00
N LYS V 291 -8.06 -25.56 -25.55
CA LYS V 291 -8.51 -24.18 -25.34
C LYS V 291 -8.63 -23.52 -26.71
N TYR V 292 -9.48 -22.48 -26.82
CA TYR V 292 -9.74 -21.77 -28.08
C TYR V 292 -10.65 -22.60 -29.03
N GLY V 293 -11.45 -23.51 -28.47
CA GLY V 293 -12.31 -24.41 -29.23
C GLY V 293 -11.53 -25.25 -30.21
N ASN V 294 -10.27 -25.57 -29.86
CA ASN V 294 -9.33 -26.30 -30.71
C ASN V 294 -9.53 -27.82 -30.63
N THR V 295 -10.32 -28.36 -31.56
CA THR V 295 -10.56 -29.79 -31.64
C THR V 295 -9.31 -30.48 -32.21
N ALA V 296 -8.74 -29.91 -33.30
CA ALA V 296 -7.54 -30.42 -33.94
C ALA V 296 -6.31 -29.71 -33.36
N ALA V 297 -6.10 -29.86 -32.06
CA ALA V 297 -4.97 -29.23 -31.39
C ALA V 297 -4.06 -30.24 -30.71
N GLY V 298 -2.79 -29.86 -30.59
CA GLY V 298 -1.75 -30.65 -29.95
C GLY V 298 -0.61 -29.80 -29.44
N CYS V 299 0.19 -30.34 -28.53
CA CYS V 299 1.32 -29.59 -27.97
C CYS V 299 2.67 -29.89 -28.63
N TYR V 300 2.66 -30.55 -29.81
CA TYR V 300 3.87 -30.88 -30.55
C TYR V 300 4.73 -29.64 -30.82
N GLY V 301 6.02 -29.77 -30.57
CA GLY V 301 6.95 -28.67 -30.79
C GLY V 301 6.93 -27.70 -29.63
N GLY V 302 6.89 -28.23 -28.43
CA GLY V 302 6.92 -27.40 -27.23
C GLY V 302 8.34 -27.04 -26.87
N THR V 303 8.55 -25.84 -26.33
CA THR V 303 9.88 -25.36 -25.95
C THR V 303 9.79 -24.46 -24.75
N PHE V 304 10.86 -24.42 -23.95
CA PHE V 304 10.91 -23.54 -22.79
C PHE V 304 11.77 -22.35 -23.15
N VAL V 305 11.28 -21.17 -22.88
CA VAL V 305 12.02 -19.93 -23.11
C VAL V 305 12.27 -19.32 -21.72
N LYS V 306 13.42 -19.62 -21.11
CA LYS V 306 13.71 -19.13 -19.76
C LYS V 306 13.85 -17.62 -19.72
N ILE V 307 13.29 -16.99 -18.69
CA ILE V 307 13.29 -15.54 -18.55
C ILE V 307 13.99 -15.09 -17.22
N ASP V 308 14.11 -16.01 -16.26
CA ASP V 308 14.63 -15.76 -14.91
C ASP V 308 14.92 -17.12 -14.21
N GLU V 309 15.64 -17.13 -13.06
CA GLU V 309 15.84 -18.38 -12.31
C GLU V 309 14.46 -18.85 -11.70
N ASN V 310 13.38 -18.04 -11.84
CA ASN V 310 12.04 -18.35 -11.35
C ASN V 310 11.02 -18.45 -12.49
N ARG V 311 11.07 -17.51 -13.45
CA ARG V 311 10.16 -17.50 -14.59
C ARG V 311 10.70 -18.24 -15.81
N ALA V 312 9.78 -18.74 -16.65
CA ALA V 312 10.06 -19.43 -17.91
C ALA V 312 8.75 -19.51 -18.69
N LEU V 313 8.81 -19.57 -20.03
CA LEU V 313 7.58 -19.69 -20.83
C LEU V 313 7.59 -21.04 -21.52
N PHE V 314 6.42 -21.64 -21.71
CA PHE V 314 6.32 -22.90 -22.43
C PHE V 314 5.53 -22.63 -23.68
N ILE V 315 6.21 -22.53 -24.84
CA ILE V 315 5.53 -22.19 -26.09
C ILE V 315 5.50 -23.31 -27.10
N TYR V 316 4.33 -23.48 -27.72
CA TYR V 316 4.06 -24.43 -28.78
C TYR V 316 2.96 -23.85 -29.68
N SER V 317 2.87 -24.35 -30.92
CA SER V 317 1.83 -23.90 -31.84
C SER V 317 0.86 -25.01 -32.17
N SER V 318 -0.41 -24.83 -31.77
CA SER V 318 -1.44 -25.82 -32.05
C SER V 318 -2.30 -25.48 -33.30
N SER V 319 -1.84 -24.51 -34.10
CA SER V 319 -2.48 -24.02 -35.33
C SER V 319 -1.54 -23.04 -36.04
N GLN V 320 -1.77 -22.80 -37.34
CA GLN V 320 -0.93 -21.84 -38.07
C GLN V 320 -1.28 -20.43 -37.60
N GLY V 321 -0.27 -19.71 -37.13
CA GLY V 321 -0.43 -18.35 -36.63
C GLY V 321 -0.90 -18.25 -35.20
N ILE V 322 -1.10 -19.40 -34.52
CA ILE V 322 -1.57 -19.40 -33.14
C ILE V 322 -0.50 -19.93 -32.18
N TYR V 323 0.02 -19.03 -31.34
CA TYR V 323 1.04 -19.41 -30.36
C TYR V 323 0.42 -19.55 -28.97
N ASN V 324 0.79 -20.61 -28.25
CA ASN V 324 0.28 -20.84 -26.90
C ASN V 324 1.37 -20.51 -25.90
N ILE V 325 1.15 -19.45 -25.12
CA ILE V 325 2.14 -18.93 -24.16
C ILE V 325 1.83 -19.29 -22.73
N HIS V 326 2.51 -20.30 -22.19
CA HIS V 326 2.32 -20.69 -20.81
C HIS V 326 3.36 -19.98 -19.97
N THR V 327 2.96 -18.90 -19.31
CA THR V 327 3.89 -18.13 -18.48
C THR V 327 4.03 -18.77 -17.11
N ILE V 328 5.07 -19.58 -16.94
CA ILE V 328 5.35 -20.30 -15.70
C ILE V 328 6.11 -19.46 -14.68
N TYR V 329 5.95 -19.79 -13.41
CA TYR V 329 6.69 -19.21 -12.30
C TYR V 329 6.89 -20.34 -11.28
N TYR V 330 8.10 -20.45 -10.71
CA TYR V 330 8.36 -21.51 -9.76
C TYR V 330 9.33 -21.11 -8.65
N ALA V 331 9.10 -21.59 -7.42
CA ALA V 331 9.95 -21.32 -6.27
C ALA V 331 10.02 -22.57 -5.38
N ASN V 332 11.19 -22.91 -4.79
CA ASN V 332 11.24 -24.11 -3.93
C ASN V 332 11.68 -23.82 -2.49
N TYR V 333 12.34 -22.68 -2.24
CA TYR V 333 12.84 -22.26 -0.91
C TYR V 333 12.07 -22.86 0.33
N VAL W 1 44.90 2.53 -17.79
CA VAL W 1 46.00 2.14 -18.68
C VAL W 1 46.76 3.34 -19.26
N THR W 2 48.02 3.11 -19.66
CA THR W 2 48.87 4.10 -20.29
C THR W 2 49.30 3.52 -21.63
N LEU W 3 49.00 4.24 -22.72
CA LEU W 3 49.40 3.80 -24.04
C LEU W 3 50.61 4.62 -24.45
N ASP W 4 51.72 3.94 -24.75
CA ASP W 4 52.99 4.58 -25.09
C ASP W 4 53.47 4.12 -26.46
N GLU W 5 53.16 4.90 -27.50
CA GLU W 5 53.57 4.54 -28.85
C GLU W 5 54.93 5.12 -29.26
N SER W 6 55.70 4.34 -29.98
CA SER W 6 57.04 4.71 -30.43
C SER W 6 57.37 4.05 -31.78
N GLY W 7 58.47 4.47 -32.40
CA GLY W 7 58.90 3.93 -33.69
C GLY W 7 58.70 4.84 -34.89
N GLY W 8 58.10 6.01 -34.65
CA GLY W 8 57.83 6.98 -35.71
C GLY W 8 58.90 8.04 -35.86
N GLY W 9 58.94 8.64 -37.05
CA GLY W 9 59.90 9.69 -37.37
C GLY W 9 60.10 9.89 -38.86
N LEU W 10 61.08 10.70 -39.23
CA LEU W 10 61.36 10.98 -40.63
C LEU W 10 61.80 9.71 -41.36
N GLN W 11 60.89 9.16 -42.15
CA GLN W 11 61.13 7.98 -42.97
C GLN W 11 61.33 8.43 -44.45
N THR W 12 61.74 7.51 -45.32
CA THR W 12 61.94 7.85 -46.74
C THR W 12 60.82 7.26 -47.60
N PRO W 13 60.33 8.05 -48.58
CA PRO W 13 59.21 7.57 -49.41
C PRO W 13 59.45 6.25 -50.12
N GLY W 14 58.42 5.42 -50.11
CA GLY W 14 58.47 4.09 -50.69
C GLY W 14 59.37 3.15 -49.89
N GLY W 15 59.40 3.36 -48.58
CA GLY W 15 60.19 2.55 -47.67
C GLY W 15 59.31 1.59 -46.89
N ALA W 16 59.37 1.66 -45.56
CA ALA W 16 58.58 0.87 -44.60
C ALA W 16 58.60 1.58 -43.24
N LEU W 17 57.62 1.31 -42.38
CA LEU W 17 57.51 1.97 -41.09
C LEU W 17 57.03 1.02 -40.00
N SER W 18 57.90 0.75 -39.00
CA SER W 18 57.51 -0.12 -37.90
C SER W 18 57.14 0.70 -36.67
N LEU W 19 55.92 0.50 -36.18
CA LEU W 19 55.40 1.20 -35.02
C LEU W 19 55.18 0.21 -33.85
N VAL W 20 55.27 0.71 -32.61
CA VAL W 20 55.05 -0.12 -31.43
C VAL W 20 54.22 0.65 -30.38
N CYS W 21 53.40 -0.05 -29.59
CA CYS W 21 52.57 0.59 -28.57
C CYS W 21 52.61 -0.20 -27.27
N LYS W 22 53.30 0.31 -26.26
CA LYS W 22 53.47 -0.35 -24.97
C LYS W 22 52.31 -0.06 -24.00
N GLY W 23 51.66 -1.12 -23.53
CA GLY W 23 50.52 -1.00 -22.65
C GLY W 23 50.80 -1.17 -21.17
N SER W 24 50.85 -0.05 -20.44
CA SER W 24 51.12 -0.08 -19.01
C SER W 24 49.84 -0.32 -18.23
N GLY W 25 49.95 -1.12 -17.18
CA GLY W 25 48.85 -1.42 -16.26
C GLY W 25 47.59 -1.99 -16.88
N PHE W 26 47.71 -3.11 -17.60
CA PHE W 26 46.56 -3.74 -18.22
C PHE W 26 46.05 -4.91 -17.44
N PHE W 27 44.75 -4.96 -17.25
CA PHE W 27 44.11 -6.09 -16.61
C PHE W 27 43.45 -6.85 -17.74
N SER W 28 44.02 -8.01 -18.05
CA SER W 28 43.67 -8.89 -19.17
C SER W 28 43.63 -8.13 -20.48
N PHE W 29 44.82 -7.74 -20.97
CA PHE W 29 44.98 -7.00 -22.21
C PHE W 29 44.37 -7.75 -23.39
N SER W 30 44.56 -9.08 -23.43
CA SER W 30 44.05 -9.95 -24.49
C SER W 30 42.54 -9.82 -24.72
N SER W 31 41.80 -9.26 -23.75
CA SER W 31 40.37 -9.07 -23.88
C SER W 31 40.01 -7.80 -24.65
N TYR W 32 40.87 -6.78 -24.62
CA TYR W 32 40.59 -5.52 -25.29
C TYR W 32 40.79 -5.54 -26.79
N THR W 33 40.03 -4.70 -27.49
CA THR W 33 40.21 -4.55 -28.93
C THR W 33 41.07 -3.27 -29.09
N MET W 34 42.21 -3.41 -29.79
CA MET W 34 43.24 -2.38 -29.99
C MET W 34 43.24 -1.77 -31.37
N GLN W 35 43.47 -0.45 -31.44
CA GLN W 35 43.46 0.26 -32.72
C GLN W 35 44.64 1.22 -32.98
N TRP W 36 44.74 1.72 -34.23
CA TRP W 36 45.70 2.71 -34.68
C TRP W 36 44.90 3.76 -35.47
N VAL W 37 45.12 5.05 -35.16
CA VAL W 37 44.44 6.19 -35.78
C VAL W 37 45.48 7.25 -36.13
N ARG W 38 45.45 7.82 -37.34
CA ARG W 38 46.41 8.87 -37.72
C ARG W 38 45.73 10.23 -37.99
N GLN W 39 46.51 11.31 -37.94
CA GLN W 39 46.00 12.65 -38.24
C GLN W 39 47.01 13.44 -39.09
N ALA W 40 46.64 13.78 -40.33
CA ALA W 40 47.51 14.54 -41.23
C ALA W 40 47.62 16.01 -40.79
N PRO W 41 48.78 16.64 -40.98
CA PRO W 41 48.94 18.04 -40.54
C PRO W 41 47.91 19.00 -41.10
N GLY W 42 47.10 19.57 -40.22
CA GLY W 42 46.06 20.51 -40.62
C GLY W 42 44.76 19.86 -41.09
N LYS W 43 44.70 18.52 -41.10
CA LYS W 43 43.54 17.74 -41.51
C LYS W 43 42.87 17.07 -40.27
N GLY W 44 41.76 16.37 -40.47
CA GLY W 44 41.04 15.71 -39.40
C GLY W 44 41.61 14.36 -38.98
N LEU W 45 40.80 13.56 -38.27
CA LEU W 45 41.18 12.23 -37.78
C LEU W 45 40.88 11.14 -38.78
N GLU W 46 41.65 10.06 -38.76
CA GLU W 46 41.46 8.96 -39.72
C GLU W 46 41.75 7.62 -39.08
N TRP W 47 40.87 6.63 -39.30
CA TRP W 47 41.11 5.29 -38.77
C TRP W 47 42.11 4.52 -39.63
N VAL W 48 43.11 3.89 -38.98
CA VAL W 48 44.16 3.18 -39.69
C VAL W 48 44.01 1.66 -39.66
N ALA W 49 43.90 1.04 -38.47
CA ALA W 49 43.72 -0.40 -38.35
C ALA W 49 43.13 -0.83 -36.99
N SER W 50 42.50 -2.00 -36.94
CA SER W 50 41.93 -2.53 -35.70
C SER W 50 42.25 -4.02 -35.52
N ILE W 51 42.27 -4.48 -34.28
CA ILE W 51 42.43 -5.89 -33.96
C ILE W 51 41.60 -6.24 -32.72
N SER W 52 40.82 -7.32 -32.77
CA SER W 52 39.96 -7.72 -31.66
C SER W 52 40.61 -8.81 -30.79
N SER W 53 39.91 -9.32 -29.76
CA SER W 53 40.42 -10.38 -28.90
C SER W 53 40.86 -11.64 -29.67
N GLY W 54 40.06 -12.07 -30.63
CA GLY W 54 40.39 -13.26 -31.42
C GLY W 54 41.34 -13.07 -32.59
N GLY W 55 41.78 -11.85 -32.81
CA GLY W 55 42.68 -11.52 -33.91
C GLY W 55 41.96 -10.93 -35.10
N GLY W 56 40.91 -10.16 -34.81
CA GLY W 56 40.08 -9.53 -35.83
C GLY W 56 40.75 -8.36 -36.51
N THR W 57 41.61 -8.66 -37.47
CA THR W 57 42.34 -7.65 -38.22
C THR W 57 41.53 -7.04 -39.36
N ASN W 58 41.38 -5.71 -39.34
CA ASN W 58 40.68 -4.94 -40.36
C ASN W 58 41.43 -3.63 -40.54
N TYR W 59 41.76 -3.26 -41.77
CA TYR W 59 42.55 -2.05 -42.03
C TYR W 59 41.80 -0.99 -42.84
N GLY W 60 42.16 0.26 -42.61
CA GLY W 60 41.59 1.44 -43.23
C GLY W 60 41.74 1.47 -44.74
N ALA W 61 40.77 2.08 -45.41
CA ALA W 61 40.69 2.19 -46.87
C ALA W 61 41.97 2.69 -47.52
N ALA W 62 42.70 3.60 -46.86
CA ALA W 62 43.92 4.16 -47.42
C ALA W 62 45.18 3.29 -47.26
N VAL W 63 45.37 2.67 -46.09
CA VAL W 63 46.58 1.86 -45.83
C VAL W 63 46.37 0.35 -46.08
N LYS W 64 45.23 -0.04 -46.67
CA LYS W 64 44.89 -1.44 -46.95
C LYS W 64 45.86 -2.07 -47.93
N GLY W 65 46.42 -3.21 -47.58
CA GLY W 65 47.36 -3.92 -48.43
C GLY W 65 48.82 -3.51 -48.29
N ARG W 66 49.09 -2.58 -47.37
CA ARG W 66 50.45 -2.09 -47.07
C ARG W 66 50.71 -2.28 -45.56
N ALA W 67 49.69 -2.03 -44.72
CA ALA W 67 49.78 -2.15 -43.28
C ALA W 67 49.52 -3.58 -42.78
N THR W 68 50.01 -3.90 -41.56
CA THR W 68 49.82 -5.18 -40.86
C THR W 68 49.84 -4.94 -39.35
N ILE W 69 48.70 -5.22 -38.70
CA ILE W 69 48.52 -5.05 -37.25
C ILE W 69 48.64 -6.39 -36.51
N SER W 70 49.27 -6.34 -35.33
CA SER W 70 49.54 -7.54 -34.55
C SER W 70 49.51 -7.24 -33.05
N ARG W 71 49.37 -8.30 -32.22
CA ARG W 71 49.36 -8.12 -30.78
C ARG W 71 50.26 -9.13 -30.05
N ASP W 72 51.13 -8.62 -29.19
CA ASP W 72 52.02 -9.46 -28.40
C ASP W 72 51.41 -9.42 -27.02
N ASN W 73 50.39 -10.26 -26.83
CA ASN W 73 49.60 -10.34 -25.61
C ASN W 73 50.44 -10.45 -24.35
N GLY W 74 51.32 -11.44 -24.29
CA GLY W 74 52.20 -11.66 -23.14
C GLY W 74 52.98 -10.45 -22.69
N GLN W 75 53.28 -9.53 -23.61
CA GLN W 75 54.04 -8.32 -23.26
C GLN W 75 53.22 -7.04 -23.37
N SER W 76 51.88 -7.11 -23.42
CA SER W 76 51.01 -5.93 -23.54
C SER W 76 51.48 -4.94 -24.62
N THR W 77 51.57 -5.41 -25.87
CA THR W 77 52.04 -4.57 -26.96
C THR W 77 51.22 -4.74 -28.22
N LEU W 78 51.07 -3.64 -28.96
CA LEU W 78 50.35 -3.57 -30.22
C LEU W 78 51.32 -3.01 -31.29
N ARG W 79 51.43 -3.66 -32.45
CA ARG W 79 52.31 -3.17 -33.51
C ARG W 79 51.56 -2.85 -34.80
N LEU W 80 52.20 -2.06 -35.68
CA LEU W 80 51.71 -1.69 -37.00
C LEU W 80 52.89 -1.68 -37.95
N GLN W 81 52.85 -2.48 -39.01
CA GLN W 81 53.93 -2.49 -40.01
C GLN W 81 53.40 -1.95 -41.34
N LEU W 82 53.57 -0.63 -41.55
CA LEU W 82 53.12 0.05 -42.76
C LEU W 82 54.24 0.20 -43.79
N ASN W 83 54.40 -0.78 -44.67
CA ASN W 83 55.45 -0.71 -45.70
C ASN W 83 54.97 0.09 -46.93
N ASN W 84 55.90 0.43 -47.85
CA ASN W 84 55.65 1.21 -49.07
C ASN W 84 54.94 2.53 -48.74
N LEU W 85 55.70 3.47 -48.20
CA LEU W 85 55.22 4.77 -47.75
C LEU W 85 54.85 5.76 -48.87
N ARG W 86 54.27 6.93 -48.49
CA ARG W 86 53.85 8.05 -49.36
C ARG W 86 53.51 9.30 -48.50
N ALA W 87 53.40 10.50 -49.10
CA ALA W 87 53.08 11.72 -48.35
C ALA W 87 51.68 11.72 -47.74
N GLU W 88 50.79 10.85 -48.22
CA GLU W 88 49.47 10.68 -47.60
C GLU W 88 49.60 9.96 -46.23
N ASP W 89 50.74 9.26 -46.01
CA ASP W 89 51.07 8.59 -44.76
C ASP W 89 51.77 9.51 -43.74
N THR W 90 51.84 10.82 -44.02
CA THR W 90 52.43 11.78 -43.09
C THR W 90 51.38 12.13 -42.05
N GLY W 91 51.80 12.26 -40.79
CA GLY W 91 50.89 12.61 -39.71
C GLY W 91 51.23 11.96 -38.39
N THR W 92 50.51 12.32 -37.33
CA THR W 92 50.75 11.75 -36.01
C THR W 92 50.00 10.43 -35.88
N TYR W 93 50.69 9.37 -35.46
CA TYR W 93 50.06 8.05 -35.32
C TYR W 93 49.75 7.71 -33.87
N TYR W 94 48.46 7.65 -33.54
CA TYR W 94 47.95 7.34 -32.20
C TYR W 94 47.54 5.89 -32.05
N CYS W 95 47.80 5.35 -30.89
CA CYS W 95 47.46 4.00 -30.47
C CYS W 95 46.27 4.20 -29.55
N ALA W 96 45.10 3.70 -29.94
CA ALA W 96 43.89 3.86 -29.15
C ALA W 96 43.34 2.52 -28.71
N LYS W 97 42.56 2.52 -27.62
CA LYS W 97 41.96 1.33 -27.04
C LYS W 97 40.46 1.40 -27.07
N HIS W 98 39.80 0.25 -27.25
CA HIS W 98 38.35 0.16 -27.18
C HIS W 98 37.98 -0.18 -25.74
N GLY W 99 36.80 0.25 -25.30
CA GLY W 99 36.32 -0.03 -23.95
C GLY W 99 36.39 -1.50 -23.54
N VAL W 100 36.36 -1.77 -22.24
CA VAL W 100 36.42 -3.14 -21.72
C VAL W 100 35.25 -3.98 -22.22
N ASN W 101 34.05 -3.39 -22.24
CA ASN W 101 32.86 -4.08 -22.73
C ASN W 101 32.81 -4.23 -24.26
N GLY W 102 33.61 -3.43 -24.98
CA GLY W 102 33.74 -3.43 -26.43
C GLY W 102 32.71 -2.58 -27.12
N CYS W 103 32.33 -2.94 -28.36
CA CYS W 103 31.24 -2.27 -29.07
C CYS W 103 30.82 -3.00 -30.37
N ASP W 104 29.96 -2.38 -31.21
CA ASP W 104 29.37 -2.96 -32.41
C ASP W 104 30.35 -3.80 -33.23
N TRP W 105 31.39 -3.18 -33.74
CA TRP W 105 32.39 -3.83 -34.56
C TRP W 105 33.77 -3.44 -34.07
N SER W 106 34.72 -4.38 -33.99
CA SER W 106 36.07 -4.11 -33.51
C SER W 106 36.73 -2.93 -34.23
N TYR W 107 36.34 -2.71 -35.50
CA TYR W 107 36.84 -1.66 -36.35
C TYR W 107 36.06 -0.34 -36.28
N SER W 108 35.28 -0.13 -35.21
CA SER W 108 34.53 1.12 -35.06
C SER W 108 35.37 2.10 -34.28
N VAL W 109 35.08 3.40 -34.43
CA VAL W 109 35.78 4.42 -33.66
C VAL W 109 34.82 5.24 -32.80
N GLY W 110 33.74 4.62 -32.33
CA GLY W 110 32.81 5.27 -31.41
C GLY W 110 32.77 4.57 -30.07
N CYS W 111 33.90 3.99 -29.69
CA CYS W 111 34.07 3.18 -28.50
C CYS W 111 35.52 3.29 -27.97
N VAL W 112 36.30 4.25 -28.47
CA VAL W 112 37.65 4.48 -28.01
C VAL W 112 37.58 5.23 -26.70
N ASP W 113 38.09 4.64 -25.63
CA ASP W 113 38.12 5.30 -24.32
C ASP W 113 39.51 5.82 -23.99
N ALA W 114 40.56 5.14 -24.48
CA ALA W 114 41.94 5.52 -24.21
C ALA W 114 42.70 5.90 -25.46
N TRP W 115 43.65 6.82 -25.30
CA TRP W 115 44.53 7.30 -26.37
C TRP W 115 46.00 7.31 -25.91
N GLY W 116 46.92 7.50 -26.85
CA GLY W 116 48.33 7.61 -26.55
C GLY W 116 48.81 9.05 -26.69
N HIS W 117 50.12 9.27 -26.53
CA HIS W 117 50.70 10.61 -26.66
C HIS W 117 50.80 11.07 -28.13
N GLY W 118 51.02 10.11 -29.02
CA GLY W 118 51.14 10.33 -30.45
C GLY W 118 52.55 10.45 -30.96
N THR W 119 53.03 9.44 -31.71
CA THR W 119 54.38 9.52 -32.30
C THR W 119 54.23 10.09 -33.71
N GLU W 120 54.95 11.17 -34.03
CA GLU W 120 54.82 11.81 -35.33
C GLU W 120 55.58 11.01 -36.41
N VAL W 121 54.98 10.85 -37.60
CA VAL W 121 55.56 10.16 -38.75
C VAL W 121 55.60 11.13 -39.94
N ILE W 122 56.79 11.34 -40.53
CA ILE W 122 57.02 12.22 -41.68
C ILE W 122 57.54 11.40 -42.85
N VAL W 123 56.81 11.38 -43.98
CA VAL W 123 57.27 10.67 -45.17
C VAL W 123 57.69 11.72 -46.19
N SER W 124 59.02 11.89 -46.35
CA SER W 124 59.62 12.89 -47.22
C SER W 124 61.06 12.51 -47.54
N SER W 125 61.51 12.89 -48.73
CA SER W 125 62.88 12.61 -49.15
C SER W 125 63.84 13.70 -48.69
N ALA W 126 63.35 14.95 -48.48
CA ALA W 126 64.13 16.10 -48.00
C ALA W 126 65.01 15.75 -46.80
N SER W 127 66.17 16.40 -46.64
CA SER W 127 67.05 16.08 -45.53
C SER W 127 66.87 16.98 -44.32
N THR W 128 67.33 16.49 -43.16
CA THR W 128 67.19 17.13 -41.86
C THR W 128 68.01 18.41 -41.74
N LYS W 129 67.34 19.55 -41.90
CA LYS W 129 68.01 20.84 -41.73
C LYS W 129 67.75 21.32 -40.32
N GLY W 130 68.78 21.84 -39.69
CA GLY W 130 68.67 22.40 -38.36
C GLY W 130 68.00 23.76 -38.36
N PRO W 131 67.72 24.29 -37.19
CA PRO W 131 67.02 25.57 -37.10
C PRO W 131 67.94 26.79 -37.08
N SER W 132 67.35 27.99 -37.10
CA SER W 132 68.11 29.23 -37.09
C SER W 132 67.51 30.20 -36.07
N VAL W 133 68.30 30.64 -35.09
CA VAL W 133 67.80 31.55 -34.06
C VAL W 133 68.20 32.99 -34.30
N PHE W 134 67.21 33.88 -34.48
CA PHE W 134 67.42 35.31 -34.70
C PHE W 134 66.57 36.08 -33.73
N PRO W 135 67.14 36.99 -32.92
CA PRO W 135 66.33 37.71 -31.93
C PRO W 135 65.39 38.81 -32.47
N LEU W 136 64.31 39.10 -31.70
CA LEU W 136 63.30 40.12 -31.99
C LEU W 136 63.24 41.15 -30.84
N ALA W 137 64.28 42.00 -30.77
CA ALA W 137 64.47 43.05 -29.76
C ALA W 137 63.26 44.00 -29.63
N PRO W 138 63.01 44.52 -28.42
CA PRO W 138 61.87 45.44 -28.24
C PRO W 138 62.15 46.87 -28.71
N THR W 147 54.18 48.45 -20.77
CA THR W 147 54.53 47.05 -20.98
C THR W 147 54.74 46.72 -22.46
N ALA W 148 55.97 46.31 -22.83
CA ALA W 148 56.35 45.97 -24.20
C ALA W 148 56.52 44.43 -24.40
N ALA W 149 56.62 43.95 -25.66
CA ALA W 149 56.81 42.53 -25.97
C ALA W 149 58.12 42.30 -26.74
N LEU W 150 58.75 41.12 -26.54
CA LEU W 150 59.99 40.72 -27.22
C LEU W 150 59.89 39.24 -27.65
N GLY W 151 60.80 38.79 -28.53
CA GLY W 151 60.79 37.40 -28.96
C GLY W 151 62.04 36.94 -29.67
N CYS W 152 61.96 35.79 -30.35
CA CYS W 152 63.04 35.21 -31.14
C CYS W 152 62.44 34.28 -32.18
N LEU W 153 62.91 34.38 -33.43
CA LEU W 153 62.39 33.59 -34.53
C LEU W 153 63.24 32.38 -34.86
N VAL W 154 62.60 31.22 -35.03
CA VAL W 154 63.24 30.00 -35.48
C VAL W 154 62.85 29.96 -36.95
N LYS W 155 63.75 30.41 -37.86
CA LYS W 155 63.38 30.55 -39.27
C LYS W 155 63.35 29.27 -40.12
N ASP W 156 64.48 28.57 -40.35
CA ASP W 156 64.43 27.39 -41.22
C ASP W 156 64.83 26.08 -40.55
N TYR W 157 63.90 25.12 -40.51
CA TYR W 157 64.16 23.79 -39.96
C TYR W 157 63.29 22.71 -40.58
N PHE W 158 63.67 21.44 -40.40
CA PHE W 158 62.94 20.29 -40.92
C PHE W 158 63.55 19.03 -40.34
N PRO W 159 62.72 18.09 -39.86
CA PRO W 159 61.27 18.16 -39.72
C PRO W 159 60.84 18.68 -38.33
N GLU W 160 59.53 18.63 -38.01
CA GLU W 160 59.06 19.03 -36.69
C GLU W 160 59.38 17.92 -35.65
N PRO W 161 59.45 18.23 -34.33
CA PRO W 161 59.08 19.47 -33.66
C PRO W 161 60.25 20.25 -33.05
N VAL W 162 59.95 21.43 -32.49
CA VAL W 162 60.97 22.24 -31.85
C VAL W 162 60.55 22.60 -30.39
N THR W 163 61.53 22.56 -29.45
CA THR W 163 61.37 22.80 -28.01
C THR W 163 61.80 24.22 -27.59
N VAL W 164 60.87 25.17 -27.58
CA VAL W 164 61.19 26.55 -27.23
C VAL W 164 61.05 26.84 -25.74
N SER W 165 62.17 26.96 -25.04
CA SER W 165 62.19 27.36 -23.64
C SER W 165 62.41 28.90 -23.58
N TRP W 166 62.33 29.50 -22.39
CA TRP W 166 62.53 30.94 -22.21
C TRP W 166 63.06 31.07 -20.79
N ASN W 167 64.38 31.25 -20.63
CA ASN W 167 65.04 31.28 -19.31
C ASN W 167 64.85 29.94 -18.62
N SER W 168 65.12 28.86 -19.38
CA SER W 168 64.99 27.46 -18.98
C SER W 168 63.56 27.16 -18.54
N GLY W 169 62.60 27.60 -19.35
CA GLY W 169 61.17 27.40 -19.16
C GLY W 169 60.52 28.05 -17.96
N ALA W 170 61.16 29.07 -17.36
CA ALA W 170 60.63 29.73 -16.17
C ALA W 170 59.45 30.69 -16.46
N LEU W 171 59.64 31.66 -17.37
CA LEU W 171 58.60 32.64 -17.70
C LEU W 171 57.60 32.09 -18.70
N THR W 172 56.33 32.02 -18.29
CA THR W 172 55.28 31.45 -19.13
C THR W 172 54.03 32.35 -19.28
N SER W 173 54.05 33.56 -18.70
CA SER W 173 52.91 34.48 -18.84
C SER W 173 53.01 35.28 -20.14
N GLY W 174 51.96 35.21 -20.95
CA GLY W 174 51.92 35.90 -22.23
C GLY W 174 52.79 35.29 -23.31
N VAL W 175 53.24 34.04 -23.11
CA VAL W 175 54.08 33.35 -24.08
C VAL W 175 53.19 32.79 -25.17
N HIS W 176 53.39 33.30 -26.40
CA HIS W 176 52.63 32.86 -27.56
C HIS W 176 53.55 32.17 -28.57
N THR W 177 54.11 30.98 -28.23
CA THR W 177 54.93 30.20 -29.16
C THR W 177 54.02 29.80 -30.34
N PHE W 178 54.14 30.50 -31.47
CA PHE W 178 53.28 30.35 -32.63
C PHE W 178 53.38 28.97 -33.34
N PRO W 179 52.39 28.60 -34.17
CA PRO W 179 52.51 27.32 -34.90
C PRO W 179 53.58 27.41 -35.98
N ALA W 180 54.21 26.28 -36.32
CA ALA W 180 55.23 26.27 -37.37
C ALA W 180 54.59 26.43 -38.74
N VAL W 181 55.24 27.16 -39.65
CA VAL W 181 54.71 27.43 -40.98
C VAL W 181 55.59 26.80 -42.06
N LEU W 182 55.04 25.90 -42.89
CA LEU W 182 55.82 25.34 -44.00
C LEU W 182 55.90 26.41 -45.09
N GLN W 183 57.11 26.92 -45.39
CA GLN W 183 57.30 27.95 -46.40
C GLN W 183 57.39 27.33 -47.80
N SER W 184 57.41 28.17 -48.86
CA SER W 184 57.53 27.69 -50.23
C SER W 184 58.81 26.84 -50.44
N SER W 185 59.86 27.11 -49.64
CA SER W 185 61.12 26.38 -49.65
C SER W 185 60.91 24.95 -49.13
N GLY W 186 60.11 24.83 -48.07
CA GLY W 186 59.80 23.55 -47.45
C GLY W 186 60.26 23.43 -46.01
N LEU W 187 60.64 24.55 -45.40
CA LEU W 187 61.12 24.57 -44.01
C LEU W 187 60.15 25.33 -43.10
N TYR W 188 60.14 25.02 -41.79
CA TYR W 188 59.21 25.62 -40.86
C TYR W 188 59.69 26.89 -40.16
N SER W 189 58.85 27.94 -40.18
CA SER W 189 59.17 29.22 -39.55
C SER W 189 58.30 29.43 -38.31
N LEU W 190 58.73 28.85 -37.20
CA LEU W 190 58.03 28.96 -35.93
C LEU W 190 58.57 30.17 -35.18
N SER W 191 57.73 31.17 -34.89
CA SER W 191 58.20 32.32 -34.11
C SER W 191 58.05 32.00 -32.59
N SER W 192 58.24 32.96 -31.68
CA SER W 192 58.09 32.72 -30.24
C SER W 192 58.12 34.05 -29.51
N VAL W 193 56.97 34.59 -29.08
CA VAL W 193 56.95 35.88 -28.39
C VAL W 193 56.64 35.74 -26.90
N VAL W 194 57.05 36.75 -26.10
CA VAL W 194 56.82 36.82 -24.66
C VAL W 194 56.72 38.28 -24.19
N THR W 195 55.65 38.63 -23.46
CA THR W 195 55.44 40.00 -23.00
C THR W 195 55.94 40.21 -21.57
N VAL W 196 56.71 41.30 -21.36
CA VAL W 196 57.26 41.72 -20.07
C VAL W 196 57.17 43.26 -19.95
N PRO W 197 57.00 43.82 -18.74
CA PRO W 197 56.90 45.28 -18.62
C PRO W 197 58.10 46.07 -19.16
N SER W 198 57.91 47.39 -19.38
CA SER W 198 58.96 48.26 -19.93
C SER W 198 60.06 48.63 -18.93
N SER W 199 59.79 48.50 -17.62
CA SER W 199 60.78 48.81 -16.60
C SER W 199 61.74 47.63 -16.34
N SER W 200 61.25 46.39 -16.52
CA SER W 200 62.07 45.20 -16.31
C SER W 200 62.73 44.71 -17.60
N LEU W 201 63.19 45.63 -18.46
CA LEU W 201 63.82 45.26 -19.73
C LEU W 201 65.31 44.94 -19.60
N GLY W 202 66.09 45.87 -19.06
CA GLY W 202 67.52 45.68 -18.87
C GLY W 202 67.92 45.10 -17.52
N THR W 203 66.99 45.15 -16.55
CA THR W 203 67.22 44.63 -15.21
C THR W 203 67.25 43.10 -15.22
N GLN W 204 66.24 42.46 -15.82
CA GLN W 204 66.19 41.01 -15.88
C GLN W 204 66.80 40.47 -17.19
N THR W 205 67.38 39.27 -17.13
CA THR W 205 68.00 38.58 -18.26
C THR W 205 66.94 37.76 -19.02
N TYR W 206 67.02 37.73 -20.37
CA TYR W 206 66.08 36.98 -21.21
C TYR W 206 66.80 36.07 -22.21
N ILE W 207 66.57 34.74 -22.12
CA ILE W 207 67.25 33.77 -22.99
C ILE W 207 66.27 32.95 -23.86
N CYS W 208 66.65 32.71 -25.13
CA CYS W 208 65.89 31.96 -26.13
C CYS W 208 66.50 30.55 -26.27
N ASN W 209 66.13 29.61 -25.38
CA ASN W 209 66.66 28.24 -25.41
C ASN W 209 65.91 27.41 -26.45
N VAL W 210 66.59 27.08 -27.56
CA VAL W 210 65.95 26.29 -28.61
C VAL W 210 66.62 24.91 -28.75
N ASN W 211 65.82 23.87 -29.02
CA ASN W 211 66.30 22.50 -29.15
C ASN W 211 65.54 21.72 -30.24
N HIS W 212 66.28 21.15 -31.20
CA HIS W 212 65.77 20.36 -32.33
C HIS W 212 66.53 19.03 -32.27
N LYS W 213 65.84 17.90 -32.05
CA LYS W 213 66.51 16.61 -31.92
C LYS W 213 66.78 15.84 -33.24
N PRO W 214 65.98 15.94 -34.33
CA PRO W 214 66.34 15.22 -35.57
C PRO W 214 67.73 15.61 -36.10
N SER W 215 68.16 16.87 -35.90
CA SER W 215 69.47 17.36 -36.32
C SER W 215 70.45 17.61 -35.15
N ASN W 216 69.96 17.53 -33.89
CA ASN W 216 70.68 17.75 -32.63
C ASN W 216 71.24 19.16 -32.50
N THR W 217 70.40 20.17 -32.75
CA THR W 217 70.83 21.57 -32.67
C THR W 217 70.47 22.22 -31.33
N LYS W 218 71.48 22.75 -30.61
CA LYS W 218 71.26 23.42 -29.33
C LYS W 218 71.72 24.88 -29.39
N VAL W 219 70.83 25.77 -29.81
CA VAL W 219 71.08 27.20 -30.03
C VAL W 219 70.52 28.10 -28.93
N ASP W 220 71.37 28.63 -28.04
CA ASP W 220 70.90 29.53 -26.99
C ASP W 220 71.22 30.98 -27.37
N LYS W 221 70.24 31.88 -27.26
CA LYS W 221 70.43 33.28 -27.67
C LYS W 221 69.86 34.28 -26.67
N LYS W 222 70.69 35.24 -26.21
CA LYS W 222 70.20 36.26 -25.29
C LYS W 222 69.56 37.42 -26.07
N VAL W 223 68.23 37.56 -26.00
CA VAL W 223 67.54 38.63 -26.72
C VAL W 223 67.68 39.97 -25.99
N GLU W 224 68.51 40.87 -26.51
CA GLU W 224 68.75 42.18 -25.91
C GLU W 224 68.59 43.32 -26.95
N PRO W 225 68.19 44.54 -26.52
CA PRO W 225 68.01 45.61 -27.51
C PRO W 225 69.30 46.09 -28.17
N LYS W 226 69.19 46.68 -29.37
CA LYS W 226 70.37 47.17 -30.09
C LYS W 226 70.74 48.59 -29.67
N LEU X 2 30.15 10.26 -42.06
CA LEU X 2 29.83 11.09 -40.90
C LEU X 2 29.80 12.54 -41.27
N THR X 3 28.85 13.27 -40.68
CA THR X 3 28.69 14.69 -41.01
C THR X 3 28.34 15.51 -39.80
N GLN X 4 29.25 16.39 -39.41
CA GLN X 4 29.04 17.28 -38.29
C GLN X 4 29.41 18.69 -38.71
N PRO X 5 28.71 19.71 -38.14
CA PRO X 5 29.02 21.10 -38.52
C PRO X 5 30.49 21.50 -38.40
N SER X 6 30.82 22.68 -38.95
CA SER X 6 32.18 23.16 -38.87
C SER X 6 32.32 24.04 -37.64
N SER X 7 31.35 24.94 -37.40
CA SER X 7 31.43 25.83 -36.24
C SER X 7 30.18 25.84 -35.41
N VAL X 8 30.36 26.08 -34.10
CA VAL X 8 29.31 26.23 -33.09
C VAL X 8 29.78 27.30 -32.11
N SER X 9 28.90 28.26 -31.76
CA SER X 9 29.30 29.36 -30.89
C SER X 9 28.39 29.52 -29.68
N ALA X 10 28.97 29.51 -28.46
CA ALA X 10 28.21 29.64 -27.22
C ALA X 10 28.84 30.58 -26.21
N ASN X 11 28.02 31.39 -25.53
CA ASN X 11 28.49 32.25 -24.45
C ASN X 11 28.66 31.39 -23.18
N PRO X 12 29.59 31.75 -22.27
CA PRO X 12 29.76 30.96 -21.03
C PRO X 12 28.46 30.85 -20.24
N GLY X 13 28.18 29.65 -19.75
CA GLY X 13 26.99 29.36 -18.97
C GLY X 13 25.87 28.72 -19.78
N GLU X 14 25.86 28.95 -21.09
CA GLU X 14 24.82 28.39 -21.96
C GLU X 14 25.07 26.91 -22.25
N THR X 15 24.02 26.18 -22.61
CA THR X 15 24.14 24.78 -22.95
C THR X 15 24.37 24.68 -24.45
N VAL X 16 25.37 23.92 -24.89
CA VAL X 16 25.62 23.78 -26.33
C VAL X 16 25.35 22.35 -26.83
N LYS X 17 25.08 22.21 -28.13
CA LYS X 17 24.81 20.90 -28.72
C LYS X 17 25.48 20.75 -30.08
N ILE X 18 26.24 19.66 -30.23
CA ILE X 18 26.90 19.34 -31.49
C ILE X 18 26.27 18.06 -32.01
N THR X 19 25.97 18.03 -33.31
CA THR X 19 25.29 16.88 -33.89
C THR X 19 26.12 16.13 -34.92
N CYS X 20 26.40 14.86 -34.64
CA CYS X 20 27.08 13.95 -35.56
C CYS X 20 25.99 13.15 -36.26
N SER X 21 26.06 13.04 -37.59
CA SER X 21 25.01 12.37 -38.35
C SER X 21 25.52 11.41 -39.42
N GLY X 22 25.01 10.18 -39.40
CA GLY X 22 25.40 9.19 -40.40
C GLY X 22 26.01 7.92 -39.84
N GLY X 23 26.33 6.98 -40.71
CA GLY X 23 26.94 5.72 -40.35
C GLY X 23 25.97 4.62 -39.99
N SER X 24 26.41 3.37 -40.16
CA SER X 24 25.60 2.20 -39.79
C SER X 24 26.20 1.65 -38.50
N SER X 25 25.97 2.31 -37.35
CA SER X 25 26.57 1.88 -36.08
C SER X 25 25.60 1.95 -34.91
N SER X 26 25.89 1.15 -33.88
CA SER X 26 25.15 1.10 -32.63
C SER X 26 25.67 2.18 -31.65
N TYR X 27 26.93 2.65 -31.82
CA TYR X 27 27.56 3.62 -30.92
C TYR X 27 28.33 4.71 -31.61
N TYR X 28 28.33 5.89 -30.99
CA TYR X 28 29.08 7.07 -31.40
C TYR X 28 30.19 7.39 -30.37
N GLY X 29 31.07 8.32 -30.69
CA GLY X 29 32.16 8.73 -29.82
C GLY X 29 32.40 10.22 -29.94
N TRP X 30 32.82 10.88 -28.87
CA TRP X 30 33.07 12.31 -28.90
C TRP X 30 34.47 12.60 -28.39
N TYR X 31 35.35 13.10 -29.26
CA TYR X 31 36.75 13.31 -28.90
C TYR X 31 37.14 14.76 -29.02
N GLN X 32 37.72 15.31 -27.96
CA GLN X 32 38.15 16.69 -27.94
C GLN X 32 39.56 16.82 -28.55
N GLN X 33 39.90 18.01 -29.01
CA GLN X 33 41.23 18.32 -29.51
C GLN X 33 41.39 19.80 -29.26
N LYS X 34 42.31 20.21 -28.37
CA LYS X 34 42.47 21.63 -28.06
C LYS X 34 43.31 22.34 -29.12
N SER X 35 44.50 21.79 -29.42
CA SER X 35 45.38 22.34 -30.44
C SER X 35 45.67 21.24 -31.48
N PRO X 36 46.07 21.60 -32.70
CA PRO X 36 46.33 20.56 -33.73
C PRO X 36 47.34 19.47 -33.35
N GLY X 37 48.38 19.83 -32.60
CA GLY X 37 49.36 18.85 -32.16
C GLY X 37 48.91 18.00 -30.98
N SER X 38 47.79 18.40 -30.33
CA SER X 38 47.24 17.74 -29.16
C SER X 38 46.65 16.39 -29.44
N ALA X 39 46.91 15.46 -28.53
CA ALA X 39 46.38 14.12 -28.57
C ALA X 39 44.89 14.17 -28.25
N PRO X 40 44.06 13.33 -28.89
CA PRO X 40 42.63 13.36 -28.58
C PRO X 40 42.37 12.87 -27.17
N VAL X 41 41.32 13.41 -26.60
CA VAL X 41 40.86 13.05 -25.28
C VAL X 41 39.40 12.59 -25.48
N THR X 42 39.07 11.35 -25.10
CA THR X 42 37.70 10.87 -25.23
C THR X 42 36.85 11.60 -24.22
N LEU X 43 35.73 12.15 -24.66
CA LEU X 43 34.80 12.82 -23.76
C LEU X 43 33.69 11.84 -23.45
N ILE X 44 33.13 11.21 -24.49
CA ILE X 44 32.04 10.25 -24.38
C ILE X 44 32.31 9.09 -25.34
N TYR X 45 32.48 7.88 -24.82
CA TYR X 45 32.61 6.70 -25.68
C TYR X 45 31.31 5.90 -25.57
N ASN X 46 31.10 4.95 -26.49
CA ASN X 46 29.93 4.09 -26.45
C ASN X 46 28.60 4.83 -26.21
N ASN X 47 28.40 5.92 -26.97
CA ASN X 47 27.19 6.75 -26.94
C ASN X 47 27.00 7.73 -25.78
N GLN X 48 27.27 7.31 -24.53
CA GLN X 48 27.02 8.12 -23.33
C GLN X 48 28.04 7.93 -22.22
N LYS X 49 28.79 6.81 -22.24
CA LYS X 49 29.81 6.48 -21.24
C LYS X 49 30.85 7.57 -21.14
N ARG X 50 31.08 8.07 -19.94
CA ARG X 50 32.01 9.16 -19.74
C ARG X 50 33.27 8.73 -18.96
N PRO X 51 34.42 8.74 -19.64
CA PRO X 51 35.67 8.36 -18.96
C PRO X 51 36.01 9.25 -17.77
N SER X 52 36.91 8.76 -16.90
CA SER X 52 37.35 9.48 -15.70
C SER X 52 37.81 10.91 -15.98
N ASP X 53 37.79 11.77 -14.95
CA ASP X 53 38.21 13.18 -15.03
C ASP X 53 37.63 13.96 -16.24
N ILE X 54 36.35 13.69 -16.62
CA ILE X 54 35.61 14.38 -17.69
C ILE X 54 34.40 15.01 -17.00
N PRO X 55 34.17 16.32 -17.13
CA PRO X 55 33.08 16.96 -16.38
C PRO X 55 31.69 16.43 -16.63
N SER X 56 30.81 16.61 -15.65
CA SER X 56 29.42 16.20 -15.74
C SER X 56 28.73 16.92 -16.88
N ARG X 57 29.11 18.19 -17.17
CA ARG X 57 28.51 18.95 -18.26
C ARG X 57 28.67 18.29 -19.63
N PHE X 58 29.55 17.30 -19.76
CA PHE X 58 29.72 16.57 -21.00
C PHE X 58 28.73 15.41 -21.01
N SER X 59 27.74 15.49 -21.90
CA SER X 59 26.66 14.51 -21.97
C SER X 59 26.57 13.84 -23.33
N GLY X 60 26.42 12.53 -23.33
CA GLY X 60 26.31 11.77 -24.57
C GLY X 60 24.87 11.48 -24.91
N SER X 61 24.52 11.52 -26.21
CA SER X 61 23.13 11.25 -26.64
C SER X 61 23.07 10.56 -28.01
N LYS X 62 21.98 9.85 -28.32
CA LYS X 62 21.84 9.19 -29.62
C LYS X 62 20.39 8.96 -30.05
N SER X 63 19.93 9.65 -31.10
CA SER X 63 18.58 9.45 -31.62
C SER X 63 18.68 8.96 -33.05
N GLY X 64 18.36 7.70 -33.29
CA GLY X 64 18.44 7.08 -34.61
C GLY X 64 19.88 7.01 -35.06
N SER X 65 20.14 7.31 -36.35
CA SER X 65 21.52 7.33 -36.83
C SER X 65 22.14 8.72 -36.64
N THR X 66 22.01 9.25 -35.42
CA THR X 66 22.56 10.54 -35.06
C THR X 66 23.04 10.57 -33.59
N GLY X 67 24.30 10.92 -33.41
CA GLY X 67 24.89 11.09 -32.10
C GLY X 67 24.91 12.58 -31.74
N THR X 68 24.80 12.92 -30.45
CA THR X 68 24.79 14.33 -30.04
C THR X 68 25.54 14.58 -28.75
N LEU X 69 26.50 15.50 -28.79
CA LEU X 69 27.23 15.89 -27.58
C LEU X 69 26.53 17.11 -27.00
N THR X 70 26.31 17.11 -25.69
CA THR X 70 25.64 18.23 -25.04
C THR X 70 26.54 18.77 -23.95
N ILE X 71 26.93 20.03 -24.06
CA ILE X 71 27.77 20.67 -23.05
C ILE X 71 26.87 21.56 -22.21
N THR X 72 26.36 21.02 -21.12
CA THR X 72 25.39 21.73 -20.29
C THR X 72 26.06 22.73 -19.34
N GLY X 73 26.18 23.98 -19.79
CA GLY X 73 26.76 25.03 -18.98
C GLY X 73 28.23 25.24 -19.28
N VAL X 74 28.48 25.77 -20.50
CA VAL X 74 29.76 26.07 -21.16
C VAL X 74 30.76 26.89 -20.29
N GLN X 75 32.02 26.46 -20.27
CA GLN X 75 33.10 27.17 -19.61
C GLN X 75 34.12 27.64 -20.66
N ALA X 76 34.88 28.70 -20.36
CA ALA X 76 35.87 29.22 -21.31
C ALA X 76 36.83 28.14 -21.84
N GLU X 77 37.25 27.24 -20.94
CA GLU X 77 38.15 26.13 -21.25
C GLU X 77 37.55 25.03 -22.14
N ASP X 78 36.32 25.24 -22.64
CA ASP X 78 35.70 24.28 -23.55
C ASP X 78 35.89 24.63 -25.02
N GLU X 79 36.69 25.66 -25.33
CA GLU X 79 37.02 26.06 -26.70
C GLU X 79 37.92 24.92 -27.25
N ALA X 80 37.49 24.24 -28.34
CA ALA X 80 38.25 23.12 -28.92
C ALA X 80 37.56 22.57 -30.19
N VAL X 81 38.22 21.65 -30.95
CA VAL X 81 37.61 20.94 -32.06
C VAL X 81 37.12 19.63 -31.49
N TYR X 82 35.85 19.32 -31.73
CA TYR X 82 35.23 18.14 -31.22
C TYR X 82 34.89 17.24 -32.36
N PHE X 83 35.59 16.13 -32.48
CA PHE X 83 35.34 15.16 -33.53
C PHE X 83 34.36 14.11 -33.05
N CYS X 84 33.69 13.44 -33.97
CA CYS X 84 32.81 12.33 -33.65
C CYS X 84 33.29 11.11 -34.41
N GLY X 85 33.15 9.94 -33.81
CA GLY X 85 33.61 8.70 -34.44
C GLY X 85 32.52 7.66 -34.43
N SER X 86 32.48 6.79 -35.44
CA SER X 86 31.44 5.77 -35.50
C SER X 86 31.87 4.55 -36.38
N ARG X 87 30.93 3.88 -37.05
CA ARG X 87 31.23 2.74 -37.90
C ARG X 87 30.36 2.76 -39.15
N ASP X 88 31.01 2.61 -40.31
CA ASP X 88 30.42 2.51 -41.64
C ASP X 88 30.58 1.05 -42.11
N ASN X 89 30.08 0.72 -43.33
CA ASN X 89 30.36 -0.59 -43.90
C ASN X 89 31.83 -0.67 -44.38
N SER X 90 32.53 0.49 -44.54
CA SER X 90 33.94 0.52 -44.91
C SER X 90 34.80 0.13 -43.66
N GLY X 91 34.78 0.98 -42.63
CA GLY X 91 35.49 0.76 -41.38
C GLY X 91 35.10 1.79 -40.35
N GLY X 92 36.07 2.24 -39.57
CA GLY X 92 35.84 3.27 -38.58
C GLY X 92 35.81 4.63 -39.22
N ILE X 93 34.70 5.35 -39.08
CA ILE X 93 34.57 6.66 -39.70
C ILE X 93 34.65 7.79 -38.70
N PHE X 94 35.18 8.93 -39.13
CA PHE X 94 35.29 10.11 -38.29
C PHE X 94 34.57 11.30 -38.93
N GLY X 95 34.29 12.32 -38.14
CA GLY X 95 33.61 13.51 -38.62
C GLY X 95 34.56 14.63 -39.00
N ALA X 96 33.98 15.72 -39.49
CA ALA X 96 34.67 16.93 -39.91
C ALA X 96 35.46 17.59 -38.77
N GLY X 97 34.88 17.57 -37.58
CA GLY X 97 35.44 18.20 -36.40
C GLY X 97 34.81 19.56 -36.19
N THR X 98 33.99 19.70 -35.14
CA THR X 98 33.31 20.95 -34.87
C THR X 98 34.12 21.87 -33.97
N THR X 99 34.37 23.07 -34.46
CA THR X 99 35.15 24.07 -33.78
C THR X 99 34.26 24.90 -32.87
N LEU X 100 34.36 24.66 -31.57
CA LEU X 100 33.57 25.43 -30.61
C LEU X 100 34.24 26.76 -30.39
N THR X 101 33.44 27.81 -30.43
CA THR X 101 33.89 29.16 -30.20
C THR X 101 33.14 29.69 -28.98
N VAL X 102 33.86 30.22 -27.97
CA VAL X 102 33.19 30.78 -26.79
C VAL X 102 33.15 32.30 -26.90
N LEU X 103 31.95 32.84 -26.96
CA LEU X 103 31.71 34.24 -27.17
C LEU X 103 32.12 35.13 -25.99
N ARG X 104 32.67 36.31 -26.32
CA ARG X 104 33.10 37.35 -25.39
C ARG X 104 33.07 38.76 -26.07
N THR X 105 33.41 39.83 -25.34
CA THR X 105 33.39 41.21 -25.86
C THR X 105 34.38 41.44 -27.01
N VAL X 106 34.16 42.49 -27.82
CA VAL X 106 35.04 42.81 -28.94
C VAL X 106 36.29 43.55 -28.45
N ALA X 107 37.47 42.94 -28.60
CA ALA X 107 38.71 43.54 -28.13
C ALA X 107 39.67 43.94 -29.25
N ALA X 108 40.14 45.20 -29.22
CA ALA X 108 41.06 45.73 -30.21
C ALA X 108 42.45 45.10 -30.03
N PRO X 109 43.14 44.76 -31.12
CA PRO X 109 44.45 44.09 -30.99
C PRO X 109 45.59 44.98 -30.54
N SER X 110 46.62 44.36 -29.95
CA SER X 110 47.82 45.04 -29.52
C SER X 110 48.75 44.93 -30.71
N VAL X 111 48.86 46.00 -31.50
CA VAL X 111 49.69 45.99 -32.71
C VAL X 111 51.17 46.24 -32.40
N PHE X 112 52.05 45.33 -32.87
CA PHE X 112 53.49 45.43 -32.67
C PHE X 112 54.25 45.21 -33.98
N ILE X 113 55.45 45.79 -34.10
CA ILE X 113 56.26 45.67 -35.30
C ILE X 113 57.69 45.27 -34.94
N PHE X 114 58.29 44.31 -35.66
CA PHE X 114 59.63 43.81 -35.36
C PHE X 114 60.58 43.74 -36.57
N PRO X 115 61.62 44.58 -36.60
CA PRO X 115 62.60 44.53 -37.69
C PRO X 115 63.46 43.27 -37.68
N PRO X 116 64.09 42.90 -38.81
CA PRO X 116 64.93 41.69 -38.82
C PRO X 116 66.22 41.88 -38.04
N SER X 117 66.71 40.83 -37.39
CA SER X 117 67.96 40.90 -36.63
C SER X 117 69.11 41.06 -37.61
N ASP X 118 70.11 41.90 -37.28
CA ASP X 118 71.27 42.09 -38.14
C ASP X 118 72.06 40.79 -38.40
N GLU X 119 71.95 39.81 -37.49
CA GLU X 119 72.59 38.51 -37.69
C GLU X 119 71.92 37.78 -38.87
N GLN X 120 70.59 37.95 -39.03
CA GLN X 120 69.80 37.35 -40.10
C GLN X 120 70.03 38.03 -41.45
N LEU X 121 70.26 39.34 -41.48
CA LEU X 121 70.52 40.06 -42.74
C LEU X 121 71.73 39.48 -43.49
N LYS X 122 72.77 39.07 -42.75
CA LYS X 122 74.00 38.47 -43.27
C LYS X 122 73.71 37.17 -44.05
N SER X 123 72.62 36.46 -43.70
CA SER X 123 72.21 35.22 -44.35
C SER X 123 71.72 35.49 -45.78
N GLY X 124 71.02 36.61 -45.98
CA GLY X 124 70.52 36.96 -47.30
C GLY X 124 69.04 37.27 -47.39
N THR X 125 68.24 36.95 -46.36
CA THR X 125 66.81 37.27 -46.38
C THR X 125 66.51 38.44 -45.37
N ALA X 126 65.22 38.80 -45.11
CA ALA X 126 64.87 39.89 -44.19
C ALA X 126 63.43 39.72 -43.65
N SER X 127 63.24 38.92 -42.58
CA SER X 127 61.90 38.69 -42.03
C SER X 127 61.38 39.80 -41.12
N VAL X 128 60.35 40.50 -41.59
CA VAL X 128 59.70 41.57 -40.85
C VAL X 128 58.45 40.96 -40.22
N VAL X 129 58.30 41.07 -38.90
CA VAL X 129 57.16 40.49 -38.20
C VAL X 129 56.17 41.55 -37.70
N CYS X 130 54.86 41.29 -37.86
CA CYS X 130 53.82 42.14 -37.32
C CYS X 130 53.07 41.30 -36.30
N LEU X 131 52.94 41.79 -35.08
CA LEU X 131 52.30 41.04 -34.01
C LEU X 131 50.95 41.62 -33.57
N LEU X 132 49.90 40.80 -33.56
CA LEU X 132 48.58 41.21 -33.05
C LEU X 132 48.48 40.38 -31.78
N ASN X 133 48.76 40.97 -30.59
CA ASN X 133 48.82 40.19 -29.35
C ASN X 133 47.47 39.62 -28.86
N ASN X 134 46.45 40.45 -28.57
CA ASN X 134 45.17 39.91 -28.08
C ASN X 134 43.96 40.63 -28.69
N PHE X 135 43.16 39.91 -29.50
CA PHE X 135 42.01 40.48 -30.21
C PHE X 135 40.84 39.51 -30.43
N TYR X 136 39.61 40.02 -30.36
CA TYR X 136 38.41 39.22 -30.60
C TYR X 136 37.32 40.04 -31.35
N PRO X 137 36.74 39.50 -32.44
CA PRO X 137 36.97 38.16 -33.01
C PRO X 137 38.26 38.03 -33.82
N ARG X 138 38.65 36.78 -34.14
CA ARG X 138 39.85 36.46 -34.93
C ARG X 138 39.88 37.13 -36.32
N GLU X 139 38.75 37.68 -36.77
CA GLU X 139 38.63 38.34 -38.07
C GLU X 139 39.37 39.69 -38.12
N ALA X 140 40.60 39.69 -38.66
CA ALA X 140 41.45 40.87 -38.80
C ALA X 140 42.13 40.94 -40.17
N LYS X 141 42.52 42.15 -40.62
CA LYS X 141 43.18 42.32 -41.91
C LYS X 141 44.58 42.92 -41.76
N VAL X 142 45.60 42.26 -42.33
CA VAL X 142 46.97 42.76 -42.24
C VAL X 142 47.50 43.11 -43.63
N GLN X 143 47.79 44.39 -43.86
CA GLN X 143 48.31 44.86 -45.14
C GLN X 143 49.71 45.45 -44.95
N TRP X 144 50.66 45.04 -45.78
CA TRP X 144 52.02 45.56 -45.68
C TRP X 144 52.19 46.75 -46.61
N LYS X 145 52.87 47.80 -46.13
CA LYS X 145 53.07 49.01 -46.93
C LYS X 145 54.53 49.43 -47.05
N VAL X 146 55.32 48.68 -47.85
CA VAL X 146 56.73 48.96 -48.09
C VAL X 146 56.87 50.18 -49.00
N ASP X 147 57.33 51.32 -48.43
CA ASP X 147 57.47 52.61 -49.12
C ASP X 147 56.13 53.08 -49.72
N ASN X 148 55.02 52.78 -49.01
CA ASN X 148 53.63 53.10 -49.37
C ASN X 148 53.10 52.27 -50.57
N ALA X 149 53.53 51.01 -50.73
CA ALA X 149 53.06 50.14 -51.81
C ALA X 149 52.60 48.80 -51.26
N LEU X 150 51.39 48.35 -51.63
CA LEU X 150 50.79 47.09 -51.17
C LEU X 150 51.65 45.87 -51.51
N GLN X 151 51.91 45.02 -50.50
CA GLN X 151 52.71 43.82 -50.70
C GLN X 151 51.82 42.59 -50.77
N SER X 152 51.74 41.97 -51.95
CA SER X 152 50.92 40.79 -52.17
C SER X 152 51.77 39.61 -52.69
N GLY X 153 51.50 38.43 -52.17
CA GLY X 153 52.20 37.22 -52.59
C GLY X 153 53.55 36.99 -51.94
N ASN X 154 53.91 37.80 -50.93
CA ASN X 154 55.19 37.64 -50.24
C ASN X 154 55.09 37.56 -48.71
N SER X 155 53.87 37.42 -48.17
CA SER X 155 53.68 37.34 -46.73
C SER X 155 52.81 36.17 -46.32
N GLN X 156 53.12 35.56 -45.17
CA GLN X 156 52.36 34.42 -44.63
C GLN X 156 51.80 34.75 -43.26
N GLU X 157 50.62 34.21 -42.93
CA GLU X 157 49.96 34.47 -41.64
C GLU X 157 49.92 33.22 -40.78
N SER X 158 50.07 33.40 -39.46
CA SER X 158 50.01 32.27 -38.53
C SER X 158 49.13 32.68 -37.35
N VAL X 159 48.12 31.85 -37.01
CA VAL X 159 47.18 32.15 -35.94
C VAL X 159 47.21 31.09 -34.83
N THR X 160 47.38 31.51 -33.57
CA THR X 160 47.33 30.59 -32.44
C THR X 160 45.87 30.31 -32.05
N GLU X 161 45.64 29.26 -31.24
CA GLU X 161 44.32 28.86 -30.77
C GLU X 161 43.68 29.95 -29.87
N GLN X 162 42.35 29.89 -29.68
CA GLN X 162 41.64 30.83 -28.81
C GLN X 162 42.04 30.58 -27.35
N ASP X 163 42.11 31.64 -26.54
CA ASP X 163 42.52 31.51 -25.15
C ASP X 163 41.49 30.84 -24.25
N SER X 164 41.97 30.09 -23.26
CA SER X 164 41.09 29.44 -22.29
C SER X 164 40.95 30.24 -20.98
N LYS X 165 41.40 31.50 -20.97
CA LYS X 165 41.34 32.36 -19.80
C LYS X 165 40.67 33.69 -20.16
N ASP X 166 40.99 34.23 -21.33
CA ASP X 166 40.44 35.51 -21.81
C ASP X 166 39.62 35.37 -23.10
N SER X 167 39.82 34.29 -23.87
CA SER X 167 39.17 33.97 -25.15
C SER X 167 39.47 34.99 -26.25
N THR X 168 40.76 35.31 -26.43
CA THR X 168 41.27 36.20 -27.47
C THR X 168 42.34 35.49 -28.34
N TYR X 169 42.69 36.09 -29.49
CA TYR X 169 43.62 35.51 -30.47
C TYR X 169 44.99 36.23 -30.59
N SER X 170 45.93 35.65 -31.38
CA SER X 170 47.24 36.20 -31.69
C SER X 170 47.60 35.84 -33.15
N LEU X 171 48.06 36.83 -33.94
CA LEU X 171 48.41 36.59 -35.34
C LEU X 171 49.78 37.19 -35.66
N SER X 172 50.67 36.43 -36.31
CA SER X 172 52.00 36.95 -36.65
C SER X 172 52.26 36.92 -38.16
N SER X 173 52.14 38.07 -38.83
CA SER X 173 52.38 38.17 -40.27
C SER X 173 53.87 38.29 -40.54
N THR X 174 54.47 37.33 -41.24
CA THR X 174 55.91 37.38 -41.53
C THR X 174 56.20 37.73 -42.98
N LEU X 175 56.57 38.99 -43.23
CA LEU X 175 56.91 39.47 -44.56
C LEU X 175 58.33 39.05 -44.88
N THR X 176 58.50 38.07 -45.79
CA THR X 176 59.82 37.59 -46.14
C THR X 176 60.30 38.18 -47.47
N LEU X 177 61.36 38.99 -47.40
CA LEU X 177 61.97 39.67 -48.54
C LEU X 177 63.47 39.38 -48.63
N SER X 178 64.13 39.86 -49.70
CA SER X 178 65.57 39.71 -49.87
C SER X 178 66.31 40.72 -48.99
N LYS X 179 67.60 40.49 -48.76
CA LYS X 179 68.43 41.41 -48.00
C LYS X 179 68.52 42.75 -48.74
N ALA X 180 68.67 42.71 -50.07
CA ALA X 180 68.76 43.91 -50.89
C ALA X 180 67.41 44.65 -50.93
N ASP X 181 66.31 43.91 -51.09
CA ASP X 181 64.96 44.47 -51.12
C ASP X 181 64.62 45.21 -49.82
N TYR X 182 65.14 44.72 -48.69
CA TYR X 182 64.94 45.31 -47.38
C TYR X 182 65.66 46.66 -47.24
N GLU X 183 66.97 46.71 -47.51
CA GLU X 183 67.73 47.94 -47.40
C GLU X 183 67.30 49.02 -48.39
N LYS X 184 66.71 48.59 -49.53
CA LYS X 184 66.20 49.38 -50.64
C LYS X 184 65.20 50.43 -50.18
N HIS X 185 64.18 50.00 -49.44
CA HIS X 185 63.13 50.89 -48.97
C HIS X 185 63.43 51.38 -47.55
N LYS X 186 62.78 52.48 -47.14
CA LYS X 186 63.02 53.04 -45.81
C LYS X 186 61.82 52.91 -44.86
N VAL X 187 60.62 53.32 -45.30
CA VAL X 187 59.43 53.25 -44.45
C VAL X 187 58.75 51.89 -44.50
N TYR X 188 58.73 51.18 -43.35
CA TYR X 188 58.13 49.86 -43.25
C TYR X 188 56.92 49.87 -42.36
N ALA X 189 55.74 50.08 -42.97
CA ALA X 189 54.49 50.15 -42.24
C ALA X 189 53.69 48.85 -42.26
N CYS X 190 52.93 48.61 -41.20
CA CYS X 190 52.07 47.43 -41.09
C CYS X 190 50.68 47.90 -40.69
N GLU X 191 49.75 47.99 -41.64
CA GLU X 191 48.39 48.45 -41.37
C GLU X 191 47.48 47.32 -40.87
N VAL X 192 46.93 47.47 -39.68
CA VAL X 192 46.03 46.48 -39.11
C VAL X 192 44.62 47.01 -39.02
N THR X 193 43.70 46.43 -39.80
CA THR X 193 42.32 46.87 -39.76
C THR X 193 41.52 45.84 -39.01
N HIS X 194 40.87 46.27 -37.93
CA HIS X 194 40.06 45.38 -37.10
C HIS X 194 38.74 46.05 -36.69
N GLN X 195 37.74 45.24 -36.28
CA GLN X 195 36.44 45.75 -35.85
C GLN X 195 36.54 46.53 -34.52
N GLY X 196 37.44 46.11 -33.64
CA GLY X 196 37.66 46.77 -32.37
C GLY X 196 38.40 48.10 -32.46
N LEU X 197 38.99 48.39 -33.63
CA LEU X 197 39.70 49.64 -33.87
C LEU X 197 38.85 50.57 -34.72
N SER X 198 38.62 51.80 -34.24
CA SER X 198 37.83 52.80 -34.97
C SER X 198 38.56 53.23 -36.25
N SER X 199 39.88 53.36 -36.19
CA SER X 199 40.71 53.72 -37.34
C SER X 199 41.88 52.72 -37.43
N PRO X 200 42.22 52.24 -38.65
CA PRO X 200 43.29 51.24 -38.77
C PRO X 200 44.64 51.68 -38.20
N VAL X 201 45.13 50.91 -37.22
CA VAL X 201 46.40 51.21 -36.55
C VAL X 201 47.58 50.76 -37.41
N THR X 202 48.52 51.67 -37.66
CA THR X 202 49.69 51.36 -38.46
C THR X 202 50.97 51.46 -37.65
N LYS X 203 51.57 50.31 -37.31
CA LYS X 203 52.84 50.26 -36.58
C LYS X 203 53.99 50.24 -37.57
N SER X 204 54.83 51.27 -37.57
CA SER X 204 55.91 51.38 -38.55
C SER X 204 57.28 51.79 -37.97
N PHE X 205 58.36 51.45 -38.67
CA PHE X 205 59.74 51.81 -38.32
C PHE X 205 60.50 52.41 -39.54
N ASN X 206 61.80 52.72 -39.42
CA ASN X 206 62.54 53.31 -40.54
C ASN X 206 63.98 52.78 -40.74
N ARG X 207 64.13 51.67 -41.50
CA ARG X 207 65.44 51.08 -41.81
C ARG X 207 65.39 50.27 -43.12
N ALA Y 1 -12.17 2.23 -47.19
CA ALA Y 1 -12.93 3.33 -46.62
C ALA Y 1 -12.13 4.10 -45.56
N VAL Y 2 -10.81 4.15 -45.71
CA VAL Y 2 -9.92 4.82 -44.77
C VAL Y 2 -9.98 6.34 -44.87
N THR Y 3 -10.18 7.01 -43.73
CA THR Y 3 -10.28 8.47 -43.67
C THR Y 3 -9.34 9.02 -42.60
N LEU Y 4 -8.44 9.94 -42.96
CA LEU Y 4 -7.53 10.55 -42.00
C LEU Y 4 -7.82 12.05 -41.87
N ASP Y 5 -8.29 12.45 -40.69
CA ASP Y 5 -8.62 13.86 -40.42
C ASP Y 5 -7.57 14.46 -39.47
N GLU Y 6 -7.22 15.75 -39.63
CA GLU Y 6 -6.21 16.40 -38.80
C GLU Y 6 -6.81 17.36 -37.72
N SER Y 7 -5.95 18.13 -37.02
CA SER Y 7 -6.38 19.15 -36.06
C SER Y 7 -6.35 20.54 -36.74
N GLY Y 8 -6.90 21.56 -36.07
CA GLY Y 8 -6.93 22.92 -36.60
C GLY Y 8 -5.57 23.51 -36.88
N GLY Y 9 -5.52 24.44 -37.83
CA GLY Y 9 -4.28 25.11 -38.23
C GLY Y 9 -3.62 25.93 -37.14
N GLY Y 10 -2.35 26.27 -37.34
CA GLY Y 10 -1.60 27.03 -36.34
C GLY Y 10 -0.77 28.18 -36.88
N LEU Y 11 -0.56 29.17 -36.02
CA LEU Y 11 0.24 30.37 -36.29
C LEU Y 11 0.99 30.80 -35.02
N GLN Y 12 1.56 29.82 -34.30
CA GLN Y 12 2.29 30.02 -33.06
C GLN Y 12 3.59 30.80 -33.22
N THR Y 13 4.08 31.41 -32.13
CA THR Y 13 5.31 32.20 -32.13
C THR Y 13 6.56 31.32 -32.06
N PRO Y 14 7.67 31.75 -32.70
CA PRO Y 14 8.90 30.92 -32.67
C PRO Y 14 9.46 30.66 -31.27
N GLY Y 15 10.11 29.50 -31.13
CA GLY Y 15 10.68 29.06 -29.86
C GLY Y 15 9.70 28.36 -28.93
N GLY Y 16 8.42 28.30 -29.32
CA GLY Y 16 7.38 27.65 -28.53
C GLY Y 16 7.14 26.21 -28.93
N THR Y 17 5.94 25.69 -28.62
CA THR Y 17 5.57 24.30 -28.95
C THR Y 17 4.41 24.23 -29.94
N LEU Y 18 4.27 23.07 -30.61
CA LEU Y 18 3.21 22.87 -31.59
C LEU Y 18 2.51 21.54 -31.33
N SER Y 19 1.17 21.56 -31.22
CA SER Y 19 0.41 20.33 -31.00
C SER Y 19 -0.48 20.00 -32.20
N LEU Y 20 -0.44 18.76 -32.66
CA LEU Y 20 -1.24 18.30 -33.79
C LEU Y 20 -1.97 16.99 -33.47
N VAL Y 21 -3.03 16.68 -34.22
CA VAL Y 21 -3.78 15.45 -33.99
C VAL Y 21 -4.14 14.80 -35.32
N CYS Y 22 -4.40 13.49 -35.30
CA CYS Y 22 -4.79 12.79 -36.51
C CYS Y 22 -5.78 11.66 -36.25
N LYS Y 23 -7.08 11.97 -36.33
CA LYS Y 23 -8.17 11.03 -36.12
C LYS Y 23 -8.25 10.04 -37.29
N GLY Y 24 -8.15 8.75 -37.00
CA GLY Y 24 -8.19 7.71 -38.01
C GLY Y 24 -9.48 6.91 -38.01
N SER Y 25 -9.98 6.58 -39.20
CA SER Y 25 -11.22 5.82 -39.32
C SER Y 25 -11.24 4.94 -40.58
N GLY Y 26 -12.08 3.91 -40.58
CA GLY Y 26 -12.22 3.01 -41.71
C GLY Y 26 -11.22 1.87 -41.75
N PHE Y 27 -10.55 1.61 -40.61
CA PHE Y 27 -9.55 0.55 -40.50
C PHE Y 27 -9.27 0.18 -39.03
N THR Y 28 -8.49 -0.90 -38.80
CA THR Y 28 -8.13 -1.31 -37.45
C THR Y 28 -6.88 -0.58 -36.97
N PHE Y 29 -7.07 0.59 -36.32
CA PHE Y 29 -6.00 1.38 -35.71
C PHE Y 29 -5.40 0.51 -34.57
N SER Y 30 -4.11 0.70 -34.21
CA SER Y 30 -3.44 -0.12 -33.20
C SER Y 30 -3.10 -1.54 -33.72
N SER Y 31 -3.03 -1.67 -35.05
CA SER Y 31 -2.64 -2.84 -35.86
C SER Y 31 -1.76 -2.41 -37.07
N TYR Y 32 -1.48 -1.09 -37.21
CA TYR Y 32 -0.65 -0.49 -38.26
C TYR Y 32 0.25 0.60 -37.64
N GLU Y 33 1.47 0.73 -38.15
CA GLU Y 33 2.45 1.73 -37.73
C GLU Y 33 2.06 3.09 -38.34
N MET Y 34 2.00 4.17 -37.53
CA MET Y 34 1.60 5.48 -38.06
C MET Y 34 2.74 6.42 -38.35
N GLN Y 35 2.55 7.31 -39.33
CA GLN Y 35 3.59 8.26 -39.71
C GLN Y 35 3.06 9.70 -39.90
N TRP Y 36 3.97 10.68 -39.88
CA TRP Y 36 3.69 12.11 -40.07
C TRP Y 36 4.74 12.64 -41.06
N VAL Y 37 4.31 13.37 -42.11
CA VAL Y 37 5.19 13.92 -43.14
C VAL Y 37 4.83 15.41 -43.36
N ARG Y 38 5.81 16.30 -43.51
CA ARG Y 38 5.56 17.72 -43.75
C ARG Y 38 6.00 18.17 -45.14
N GLN Y 39 5.38 19.23 -45.67
CA GLN Y 39 5.74 19.76 -46.97
C GLN Y 39 5.94 21.28 -46.89
N ALA Y 40 7.18 21.74 -47.06
CA ALA Y 40 7.51 23.17 -47.01
C ALA Y 40 6.94 23.94 -48.23
N PRO Y 41 6.76 25.28 -48.14
CA PRO Y 41 6.16 26.02 -49.27
C PRO Y 41 6.92 25.87 -50.60
N GLY Y 42 6.35 25.11 -51.52
CA GLY Y 42 6.97 24.88 -52.81
C GLY Y 42 8.13 23.89 -52.80
N LYS Y 43 8.27 23.14 -51.70
CA LYS Y 43 9.35 22.16 -51.56
C LYS Y 43 8.80 20.71 -51.52
N GLY Y 44 9.70 19.73 -51.51
CA GLY Y 44 9.32 18.32 -51.49
C GLY Y 44 8.74 17.81 -50.20
N LEU Y 45 8.62 16.49 -50.10
CA LEU Y 45 8.04 15.83 -48.93
C LEU Y 45 9.14 15.45 -47.95
N GLU Y 46 8.99 15.80 -46.66
CA GLU Y 46 9.98 15.47 -45.63
C GLU Y 46 9.34 14.62 -44.56
N TRP Y 47 9.81 13.38 -44.37
CA TRP Y 47 9.29 12.50 -43.33
C TRP Y 47 9.64 13.09 -41.96
N VAL Y 48 8.61 13.25 -41.14
CA VAL Y 48 8.73 13.82 -39.82
C VAL Y 48 8.84 12.76 -38.74
N ALA Y 49 7.85 11.86 -38.57
CA ALA Y 49 7.92 10.88 -37.48
C ALA Y 49 7.18 9.56 -37.75
N ASP Y 50 7.57 8.48 -37.06
CA ASP Y 50 6.91 7.18 -37.20
C ASP Y 50 6.78 6.46 -35.85
N ILE Y 51 5.58 5.97 -35.52
CA ILE Y 51 5.30 5.29 -34.25
C ILE Y 51 4.76 3.88 -34.49
N CYS Y 52 5.39 2.88 -33.88
CA CYS Y 52 4.99 1.48 -34.02
C CYS Y 52 3.73 1.13 -33.24
N ILE Y 53 3.13 -0.03 -33.58
CA ILE Y 53 1.96 -0.61 -32.91
C ILE Y 53 2.23 -0.73 -31.41
N GLY Y 54 1.34 -0.18 -30.61
CA GLY Y 54 1.45 -0.20 -29.16
C GLY Y 54 2.45 0.80 -28.61
N GLY Y 55 2.78 1.83 -29.40
CA GLY Y 55 3.74 2.86 -29.04
C GLY Y 55 5.10 2.35 -28.62
N SER Y 56 5.39 1.08 -28.96
CA SER Y 56 6.62 0.37 -28.62
C SER Y 56 7.87 1.05 -29.15
N TYR Y 57 7.84 1.50 -30.40
CA TYR Y 57 8.98 2.17 -30.99
C TYR Y 57 8.66 3.56 -31.50
N THR Y 58 9.63 4.46 -31.40
CA THR Y 58 9.47 5.83 -31.86
C THR Y 58 10.64 6.24 -32.74
N GLY Y 59 10.38 7.12 -33.70
CA GLY Y 59 11.43 7.60 -34.60
C GLY Y 59 11.15 9.00 -35.11
N TYR Y 60 12.16 9.87 -35.13
CA TYR Y 60 11.98 11.25 -35.62
C TYR Y 60 12.87 11.57 -36.84
N GLY Y 61 12.53 12.66 -37.52
CA GLY Y 61 13.25 13.15 -38.69
C GLY Y 61 14.48 13.96 -38.31
N PRO Y 62 15.33 14.27 -39.29
CA PRO Y 62 16.57 15.01 -38.99
C PRO Y 62 16.38 16.45 -38.52
N ALA Y 63 15.41 17.17 -39.08
CA ALA Y 63 15.15 18.57 -38.69
C ALA Y 63 14.50 18.67 -37.31
N VAL Y 64 13.68 17.69 -36.94
CA VAL Y 64 12.99 17.71 -35.67
C VAL Y 64 13.62 16.82 -34.58
N LYS Y 65 14.85 16.34 -34.80
CA LYS Y 65 15.55 15.49 -33.83
C LYS Y 65 15.72 16.21 -32.50
N GLY Y 66 15.31 15.55 -31.41
CA GLY Y 66 15.39 16.11 -30.07
C GLY Y 66 14.39 17.22 -29.78
N ARG Y 67 13.39 17.39 -30.65
CA ARG Y 67 12.37 18.43 -30.51
C ARG Y 67 10.97 17.81 -30.68
N ALA Y 68 10.83 16.85 -31.60
CA ALA Y 68 9.58 16.17 -31.87
C ALA Y 68 9.20 15.17 -30.77
N THR Y 69 7.90 14.85 -30.66
CA THR Y 69 7.36 13.87 -29.73
C THR Y 69 6.01 13.36 -30.24
N ILE Y 70 5.93 12.06 -30.55
CA ILE Y 70 4.68 11.46 -31.07
C ILE Y 70 3.90 10.77 -29.95
N SER Y 71 2.57 10.62 -30.13
CA SER Y 71 1.74 9.98 -29.10
C SER Y 71 0.48 9.33 -29.68
N ARG Y 72 0.38 8.00 -29.66
CA ARG Y 72 -0.82 7.33 -30.15
C ARG Y 72 -1.77 6.94 -29.00
N ASP Y 73 -3.00 7.42 -29.10
CA ASP Y 73 -4.05 7.09 -28.15
C ASP Y 73 -4.90 6.11 -28.92
N ASP Y 74 -4.66 4.81 -28.72
CA ASP Y 74 -5.34 3.74 -29.43
C ASP Y 74 -6.86 3.72 -29.23
N GLY Y 75 -7.30 4.11 -28.04
CA GLY Y 75 -8.72 4.20 -27.75
C GLY Y 75 -9.38 5.31 -28.53
N GLN Y 76 -8.67 6.42 -28.72
CA GLN Y 76 -9.16 7.57 -29.48
C GLN Y 76 -8.88 7.47 -30.98
N SER Y 77 -7.98 6.54 -31.38
CA SER Y 77 -7.50 6.34 -32.75
C SER Y 77 -6.91 7.65 -33.27
N THR Y 78 -6.03 8.26 -32.46
CA THR Y 78 -5.41 9.55 -32.79
C THR Y 78 -3.89 9.54 -32.64
N VAL Y 79 -3.19 10.30 -33.52
CA VAL Y 79 -1.74 10.44 -33.49
C VAL Y 79 -1.40 11.89 -33.13
N ARG Y 80 -0.70 12.11 -32.02
CA ARG Y 80 -0.34 13.47 -31.59
C ARG Y 80 1.06 13.86 -32.06
N LEU Y 81 1.28 15.15 -32.29
CA LEU Y 81 2.59 15.64 -32.71
C LEU Y 81 3.02 16.86 -31.93
N GLN Y 82 3.97 16.67 -31.02
CA GLN Y 82 4.52 17.74 -30.20
C GLN Y 82 5.84 18.21 -30.85
N LEU Y 83 6.09 19.53 -30.88
CA LEU Y 83 7.32 20.06 -31.47
C LEU Y 83 7.76 21.36 -30.81
N ASN Y 84 8.77 21.28 -29.94
CA ASN Y 84 9.28 22.47 -29.25
C ASN Y 84 10.43 23.16 -30.01
N ASN Y 85 10.72 24.43 -29.65
CA ASN Y 85 11.75 25.28 -30.26
C ASN Y 85 11.44 25.59 -31.71
N LEU Y 86 10.20 26.06 -31.98
CA LEU Y 86 9.71 26.39 -33.31
C LEU Y 86 10.63 27.29 -34.14
N ARG Y 87 10.97 26.84 -35.36
CA ARG Y 87 11.83 27.59 -36.27
C ARG Y 87 11.09 27.94 -37.57
N ALA Y 88 11.66 28.85 -38.39
CA ALA Y 88 11.07 29.26 -39.66
C ALA Y 88 10.88 28.07 -40.59
N GLU Y 89 11.84 27.12 -40.58
CA GLU Y 89 11.84 25.90 -41.39
C GLU Y 89 10.63 25.01 -41.15
N ASP Y 90 10.03 25.09 -39.95
CA ASP Y 90 8.87 24.28 -39.57
C ASP Y 90 7.54 24.81 -40.10
N THR Y 91 7.56 25.75 -41.05
CA THR Y 91 6.38 26.31 -41.67
C THR Y 91 6.01 25.46 -42.90
N GLY Y 92 4.77 25.02 -42.98
CA GLY Y 92 4.33 24.20 -44.10
C GLY Y 92 3.06 23.43 -43.83
N THR Y 93 2.61 22.63 -44.82
CA THR Y 93 1.40 21.82 -44.68
C THR Y 93 1.77 20.41 -44.18
N TYR Y 94 1.17 19.99 -43.06
CA TYR Y 94 1.52 18.70 -42.45
C TYR Y 94 0.45 17.63 -42.67
N TYR Y 95 0.86 16.45 -43.16
CA TYR Y 95 -0.05 15.33 -43.44
C TYR Y 95 0.20 14.14 -42.48
N CYS Y 96 -0.62 13.08 -42.59
CA CYS Y 96 -0.46 11.84 -41.82
C CYS Y 96 -0.41 10.65 -42.78
N ALA Y 97 0.09 9.50 -42.32
CA ALA Y 97 0.20 8.33 -43.19
C ALA Y 97 0.09 7.01 -42.43
N LYS Y 98 -0.34 5.94 -43.12
CA LYS Y 98 -0.48 4.62 -42.52
C LYS Y 98 0.24 3.59 -43.40
N THR Y 99 1.00 2.67 -42.78
CA THR Y 99 1.65 1.60 -43.55
C THR Y 99 0.58 0.62 -44.05
N ALA Y 100 0.85 -0.06 -45.17
CA ALA Y 100 -0.12 -1.00 -45.74
C ALA Y 100 -0.19 -2.33 -45.01
N ARG Y 101 0.93 -2.80 -44.47
CA ARG Y 101 0.94 -4.10 -43.79
C ARG Y 101 0.62 -4.03 -42.31
N SER Y 102 -0.22 -4.97 -41.85
CA SER Y 102 -0.62 -5.12 -40.45
C SER Y 102 0.54 -5.75 -39.69
N ASP Y 103 0.73 -5.37 -38.41
CA ASP Y 103 1.81 -5.91 -37.55
C ASP Y 103 3.17 -5.96 -38.27
N TYR Y 104 3.57 -4.82 -38.82
CA TYR Y 104 4.79 -4.66 -39.61
C TYR Y 104 5.35 -3.29 -39.26
N CYS Y 105 6.64 -3.23 -38.91
CA CYS Y 105 7.26 -1.99 -38.48
C CYS Y 105 8.66 -1.79 -39.03
N ILE Y 106 9.02 -2.41 -40.18
CA ILE Y 106 10.37 -2.23 -40.72
C ILE Y 106 10.59 -0.78 -41.11
N THR Y 107 11.81 -0.29 -40.91
CA THR Y 107 12.14 1.08 -41.24
C THR Y 107 12.25 1.21 -42.77
N GLY Y 108 11.50 2.13 -43.34
CA GLY Y 108 11.48 2.35 -44.78
C GLY Y 108 10.18 3.02 -45.18
N LEU Y 109 10.24 3.96 -46.14
CA LEU Y 109 9.06 4.71 -46.59
C LEU Y 109 8.42 4.20 -47.87
N ASP Y 110 8.41 2.88 -48.07
CA ASP Y 110 7.85 2.28 -49.26
C ASP Y 110 6.50 1.61 -49.09
N ASP Y 111 5.84 1.72 -47.93
CA ASP Y 111 4.58 1.00 -47.72
C ASP Y 111 3.36 1.86 -47.45
N ILE Y 112 3.48 3.18 -47.36
CA ILE Y 112 2.33 4.04 -47.07
C ILE Y 112 1.15 3.82 -48.02
N ASP Y 113 -0.05 3.49 -47.50
CA ASP Y 113 -1.24 3.29 -48.34
C ASP Y 113 -2.41 4.24 -48.00
N ALA Y 114 -2.18 5.22 -47.11
CA ALA Y 114 -3.22 6.14 -46.70
C ALA Y 114 -2.63 7.51 -46.42
N TRP Y 115 -3.35 8.59 -46.79
CA TRP Y 115 -2.85 9.94 -46.56
C TRP Y 115 -3.92 10.90 -46.05
N GLY Y 116 -3.56 11.74 -45.09
CA GLY Y 116 -4.46 12.74 -44.52
C GLY Y 116 -4.57 13.97 -45.41
N HIS Y 117 -5.65 14.75 -45.24
CA HIS Y 117 -5.90 15.94 -46.05
C HIS Y 117 -4.83 17.02 -45.90
N GLY Y 118 -4.36 17.22 -44.68
CA GLY Y 118 -3.33 18.21 -44.39
C GLY Y 118 -3.83 19.45 -43.66
N THR Y 119 -2.96 20.06 -42.85
CA THR Y 119 -3.29 21.29 -42.13
C THR Y 119 -2.10 22.24 -42.16
N GLU Y 120 -2.36 23.55 -42.25
CA GLU Y 120 -1.29 24.56 -42.36
C GLU Y 120 -0.77 25.08 -41.02
N VAL Y 121 0.56 25.21 -40.92
CA VAL Y 121 1.25 25.75 -39.75
C VAL Y 121 2.24 26.82 -40.21
N ILE Y 122 2.10 28.04 -39.68
CA ILE Y 122 2.96 29.17 -40.04
C ILE Y 122 3.73 29.65 -38.82
N VAL Y 123 5.05 29.40 -38.78
CA VAL Y 123 5.87 29.85 -37.65
C VAL Y 123 6.27 31.32 -37.80
N SER Y 124 5.54 32.20 -37.12
CA SER Y 124 5.79 33.65 -37.14
C SER Y 124 5.26 34.33 -35.89
N SER Y 125 5.82 35.48 -35.53
CA SER Y 125 5.35 36.26 -34.38
C SER Y 125 4.64 37.56 -34.81
N ALA Y 126 4.17 37.64 -36.07
CA ALA Y 126 3.49 38.83 -36.58
C ALA Y 126 1.99 38.78 -36.31
N SER Y 127 1.36 39.95 -36.16
CA SER Y 127 -0.07 40.04 -35.92
C SER Y 127 -0.85 39.65 -37.17
N THR Y 128 -2.00 38.97 -37.00
CA THR Y 128 -2.83 38.55 -38.12
C THR Y 128 -3.48 39.74 -38.81
N LYS Y 129 -2.98 40.11 -39.99
CA LYS Y 129 -3.49 41.25 -40.75
C LYS Y 129 -4.85 40.96 -41.40
N GLY Y 130 -5.73 41.95 -41.36
CA GLY Y 130 -7.06 41.84 -41.95
C GLY Y 130 -7.01 41.86 -43.47
N PRO Y 131 -7.78 40.97 -44.11
CA PRO Y 131 -7.75 40.91 -45.58
C PRO Y 131 -8.51 42.05 -46.28
N SER Y 132 -7.91 42.63 -47.32
CA SER Y 132 -8.53 43.70 -48.08
C SER Y 132 -8.91 43.18 -49.46
N VAL Y 133 -10.20 43.20 -49.79
CA VAL Y 133 -10.67 42.69 -51.08
C VAL Y 133 -10.96 43.86 -52.04
N PHE Y 134 -10.32 43.87 -53.21
CA PHE Y 134 -10.54 44.94 -54.19
C PHE Y 134 -11.11 44.41 -55.51
N PRO Y 135 -12.17 45.03 -56.03
CA PRO Y 135 -12.76 44.55 -57.29
C PRO Y 135 -12.03 45.01 -58.54
N LEU Y 136 -11.71 44.06 -59.43
CA LEU Y 136 -11.02 44.37 -60.69
C LEU Y 136 -11.97 44.18 -61.87
N ALA Y 137 -12.30 45.27 -62.56
CA ALA Y 137 -13.22 45.21 -63.69
C ALA Y 137 -12.53 45.61 -65.00
N PRO Y 138 -12.78 44.89 -66.10
CA PRO Y 138 -12.13 45.25 -67.37
C PRO Y 138 -12.81 46.44 -68.06
N SER Y 139 -12.06 47.14 -68.93
CA SER Y 139 -12.59 48.29 -69.65
C SER Y 139 -12.94 47.92 -71.08
N SER Y 144 -13.37 43.45 -74.83
CA SER Y 144 -13.07 42.02 -74.93
C SER Y 144 -13.78 41.39 -76.13
N GLY Y 145 -15.03 41.78 -76.35
CA GLY Y 145 -15.81 41.26 -77.47
C GLY Y 145 -16.53 39.97 -77.18
N GLY Y 146 -15.78 38.88 -77.09
CA GLY Y 146 -16.36 37.56 -76.83
C GLY Y 146 -16.24 37.08 -75.40
N THR Y 147 -15.01 36.86 -74.93
CA THR Y 147 -14.78 36.37 -73.58
C THR Y 147 -14.27 37.46 -72.64
N ALA Y 148 -15.06 37.79 -71.61
CA ALA Y 148 -14.67 38.81 -70.62
C ALA Y 148 -14.03 38.17 -69.39
N ALA Y 149 -13.22 38.96 -68.66
CA ALA Y 149 -12.54 38.44 -67.48
C ALA Y 149 -12.83 39.27 -66.23
N LEU Y 150 -13.49 38.67 -65.25
CA LEU Y 150 -13.79 39.33 -63.98
C LEU Y 150 -13.02 38.64 -62.86
N GLY Y 151 -12.57 39.42 -61.88
CA GLY Y 151 -11.82 38.86 -60.76
C GLY Y 151 -11.61 39.82 -59.62
N CYS Y 152 -11.09 39.29 -58.50
CA CYS Y 152 -10.82 40.07 -57.30
C CYS Y 152 -9.37 39.89 -56.82
N LEU Y 153 -8.92 40.73 -55.88
CA LEU Y 153 -7.54 40.68 -55.39
C LEU Y 153 -7.49 40.82 -53.87
N VAL Y 154 -6.74 39.92 -53.20
CA VAL Y 154 -6.60 39.98 -51.75
C VAL Y 154 -5.20 40.47 -51.40
N LYS Y 155 -5.07 41.73 -50.99
CA LYS Y 155 -3.77 42.31 -50.66
C LYS Y 155 -3.65 42.65 -49.17
N ASP Y 156 -2.42 42.70 -48.64
CA ASP Y 156 -2.08 43.03 -47.25
C ASP Y 156 -2.68 42.08 -46.22
N TYR Y 157 -2.60 40.76 -46.48
CA TYR Y 157 -3.13 39.76 -45.56
C TYR Y 157 -2.02 38.81 -45.10
N PHE Y 158 -2.09 38.34 -43.85
CA PHE Y 158 -1.10 37.44 -43.27
C PHE Y 158 -1.67 36.80 -42.01
N PRO Y 159 -1.53 35.47 -41.82
CA PRO Y 159 -0.84 34.50 -42.66
C PRO Y 159 -1.78 33.67 -43.56
N GLU Y 160 -1.21 32.70 -44.30
CA GLU Y 160 -1.94 31.78 -45.18
C GLU Y 160 -2.74 30.75 -44.35
N PRO Y 161 -3.79 30.11 -44.91
CA PRO Y 161 -4.31 30.19 -46.26
C PRO Y 161 -5.59 31.05 -46.41
N VAL Y 162 -6.15 31.10 -47.63
CA VAL Y 162 -7.38 31.85 -47.89
C VAL Y 162 -8.26 31.08 -48.88
N THR Y 163 -9.48 30.73 -48.47
CA THR Y 163 -10.39 29.98 -49.33
C THR Y 163 -11.37 30.90 -50.05
N VAL Y 164 -11.20 31.07 -51.36
CA VAL Y 164 -12.08 31.93 -52.16
C VAL Y 164 -13.00 31.07 -53.02
N SER Y 165 -14.31 31.17 -52.80
CA SER Y 165 -15.28 30.38 -53.57
C SER Y 165 -16.31 31.29 -54.24
N TRP Y 166 -16.46 31.15 -55.56
CA TRP Y 166 -17.43 31.94 -56.30
C TRP Y 166 -18.84 31.35 -56.15
N ASN Y 167 -19.80 32.20 -55.75
CA ASN Y 167 -21.20 31.83 -55.52
C ASN Y 167 -21.38 30.74 -54.46
N SER Y 168 -20.51 30.75 -53.43
CA SER Y 168 -20.51 29.79 -52.32
C SER Y 168 -20.32 28.34 -52.74
N GLY Y 169 -19.52 28.13 -53.78
CA GLY Y 169 -19.23 26.79 -54.28
C GLY Y 169 -20.05 26.34 -55.47
N ALA Y 170 -20.91 27.22 -56.01
CA ALA Y 170 -21.74 26.87 -57.16
C ALA Y 170 -20.98 27.04 -58.47
N LEU Y 171 -20.20 28.11 -58.59
CA LEU Y 171 -19.43 28.38 -59.79
C LEU Y 171 -18.02 27.80 -59.68
N THR Y 172 -17.75 26.68 -60.38
CA THR Y 172 -16.44 26.03 -60.35
C THR Y 172 -15.76 26.00 -61.72
N SER Y 173 -16.52 26.07 -62.81
CA SER Y 173 -15.96 26.02 -64.15
C SER Y 173 -15.31 27.34 -64.55
N GLY Y 174 -14.06 27.27 -65.01
CA GLY Y 174 -13.31 28.44 -65.44
C GLY Y 174 -12.77 29.28 -64.30
N VAL Y 175 -12.56 28.66 -63.13
CA VAL Y 175 -12.03 29.38 -61.98
C VAL Y 175 -10.56 29.06 -61.75
N HIS Y 176 -9.69 30.08 -61.81
CA HIS Y 176 -8.26 29.88 -61.62
C HIS Y 176 -7.79 30.52 -60.31
N THR Y 177 -7.13 29.74 -59.45
CA THR Y 177 -6.61 30.25 -58.18
C THR Y 177 -5.10 30.40 -58.26
N PHE Y 178 -4.60 31.62 -58.08
CA PHE Y 178 -3.17 31.90 -58.16
C PHE Y 178 -2.51 31.87 -56.78
N PRO Y 179 -1.29 31.31 -56.68
CA PRO Y 179 -0.62 31.27 -55.37
C PRO Y 179 -0.11 32.65 -54.95
N ALA Y 180 -0.09 32.92 -53.65
CA ALA Y 180 0.35 34.22 -53.13
C ALA Y 180 1.87 34.36 -53.15
N VAL Y 181 2.34 35.60 -53.32
CA VAL Y 181 3.78 35.89 -53.34
C VAL Y 181 4.15 36.86 -52.21
N LEU Y 182 5.37 36.72 -51.67
CA LEU Y 182 5.83 37.58 -50.58
C LEU Y 182 6.29 38.93 -51.13
N GLN Y 183 5.54 40.00 -50.83
CA GLN Y 183 5.87 41.34 -51.30
C GLN Y 183 7.05 41.97 -50.53
N SER Y 184 7.54 43.15 -51.00
CA SER Y 184 8.67 43.86 -50.41
C SER Y 184 8.43 44.27 -48.95
N SER Y 185 7.17 44.57 -48.59
CA SER Y 185 6.85 44.96 -47.22
C SER Y 185 6.86 43.76 -46.26
N GLY Y 186 6.44 42.60 -46.76
CA GLY Y 186 6.40 41.38 -45.96
C GLY Y 186 5.02 40.74 -45.88
N LEU Y 187 4.13 41.11 -46.81
CA LEU Y 187 2.77 40.57 -46.85
C LEU Y 187 2.49 39.80 -48.15
N TYR Y 188 1.49 38.90 -48.13
CA TYR Y 188 1.15 38.12 -49.31
C TYR Y 188 0.08 38.77 -50.19
N SER Y 189 0.04 38.39 -51.47
CA SER Y 189 -0.93 38.93 -52.42
C SER Y 189 -1.51 37.81 -53.27
N LEU Y 190 -2.77 37.42 -53.01
CA LEU Y 190 -3.42 36.34 -53.76
C LEU Y 190 -4.43 36.90 -54.76
N SER Y 191 -4.53 36.27 -55.93
CA SER Y 191 -5.47 36.71 -56.96
C SER Y 191 -6.30 35.54 -57.52
N SER Y 192 -7.53 35.82 -57.97
CA SER Y 192 -8.40 34.79 -58.52
C SER Y 192 -9.30 35.36 -59.61
N VAL Y 193 -9.31 34.73 -60.79
CA VAL Y 193 -10.13 35.19 -61.91
C VAL Y 193 -11.08 34.12 -62.43
N VAL Y 194 -12.17 34.54 -63.09
CA VAL Y 194 -13.15 33.62 -63.65
C VAL Y 194 -13.54 34.04 -65.07
N THR Y 195 -13.32 33.15 -66.06
CA THR Y 195 -13.62 33.45 -67.45
C THR Y 195 -15.09 33.21 -67.80
N VAL Y 196 -15.82 34.29 -68.08
CA VAL Y 196 -17.25 34.23 -68.45
C VAL Y 196 -17.49 35.03 -69.74
N PRO Y 197 -18.43 34.60 -70.61
CA PRO Y 197 -18.69 35.33 -71.85
C PRO Y 197 -19.29 36.72 -71.64
N SER Y 198 -19.21 37.57 -72.67
CA SER Y 198 -19.72 38.94 -72.62
C SER Y 198 -21.25 39.05 -72.62
N SER Y 199 -21.96 37.96 -72.95
CA SER Y 199 -23.42 37.97 -72.98
C SER Y 199 -24.05 37.94 -71.58
N SER Y 200 -23.31 37.45 -70.57
CA SER Y 200 -23.82 37.37 -69.21
C SER Y 200 -23.51 38.60 -68.34
N LEU Y 201 -22.98 39.69 -68.94
CA LEU Y 201 -22.66 40.90 -68.21
C LEU Y 201 -23.89 41.75 -67.97
N GLY Y 202 -24.62 41.46 -66.90
CA GLY Y 202 -25.83 42.20 -66.56
C GLY Y 202 -26.93 41.31 -66.02
N THR Y 203 -27.08 40.12 -66.61
CA THR Y 203 -28.11 39.17 -66.18
C THR Y 203 -27.67 38.28 -65.01
N GLN Y 204 -26.35 38.15 -64.78
CA GLN Y 204 -25.85 37.31 -63.70
C GLN Y 204 -25.11 38.12 -62.63
N THR Y 205 -25.08 37.61 -61.39
CA THR Y 205 -24.40 38.28 -60.29
C THR Y 205 -23.21 37.45 -59.80
N TYR Y 206 -22.01 38.03 -59.83
CA TYR Y 206 -20.81 37.32 -59.39
C TYR Y 206 -20.23 37.94 -58.12
N ILE Y 207 -20.05 37.12 -57.07
CA ILE Y 207 -19.50 37.60 -55.80
C ILE Y 207 -18.22 36.87 -55.41
N CYS Y 208 -17.13 37.63 -55.20
CA CYS Y 208 -15.87 37.03 -54.77
C CYS Y 208 -15.87 36.96 -53.24
N ASN Y 209 -16.22 35.79 -52.71
CA ASN Y 209 -16.30 35.59 -51.27
C ASN Y 209 -14.94 35.14 -50.73
N VAL Y 210 -14.33 35.96 -49.86
CA VAL Y 210 -13.01 35.70 -49.30
C VAL Y 210 -13.10 35.27 -47.83
N ASN Y 211 -12.39 34.19 -47.47
CA ASN Y 211 -12.41 33.68 -46.10
C ASN Y 211 -11.00 33.58 -45.51
N HIS Y 212 -10.73 34.36 -44.46
CA HIS Y 212 -9.43 34.33 -43.78
C HIS Y 212 -9.65 33.71 -42.40
N LYS Y 213 -9.22 32.46 -42.23
CA LYS Y 213 -9.38 31.71 -40.98
C LYS Y 213 -8.63 32.29 -39.76
N PRO Y 214 -7.35 32.74 -39.85
CA PRO Y 214 -6.66 33.23 -38.64
C PRO Y 214 -7.24 34.52 -38.05
N SER Y 215 -7.82 35.38 -38.89
CA SER Y 215 -8.40 36.64 -38.41
C SER Y 215 -9.94 36.67 -38.40
N ASN Y 216 -10.59 35.62 -38.93
CA ASN Y 216 -12.05 35.48 -39.02
C ASN Y 216 -12.72 36.66 -39.73
N THR Y 217 -12.39 36.86 -41.01
CA THR Y 217 -12.96 37.95 -41.79
C THR Y 217 -13.62 37.44 -43.07
N LYS Y 218 -14.94 37.62 -43.18
CA LYS Y 218 -15.67 37.19 -44.37
C LYS Y 218 -16.31 38.39 -45.07
N VAL Y 219 -15.64 38.90 -46.11
CA VAL Y 219 -16.16 40.06 -46.85
C VAL Y 219 -16.63 39.65 -48.24
N ASP Y 220 -17.91 39.86 -48.55
CA ASP Y 220 -18.47 39.52 -49.84
C ASP Y 220 -18.40 40.71 -50.80
N LYS Y 221 -17.38 40.76 -51.64
CA LYS Y 221 -17.20 41.84 -52.60
C LYS Y 221 -17.79 41.48 -53.96
N LYS Y 222 -18.59 42.38 -54.55
CA LYS Y 222 -19.20 42.13 -55.87
C LYS Y 222 -18.37 42.80 -56.96
N VAL Y 223 -18.24 42.15 -58.11
CA VAL Y 223 -17.44 42.66 -59.24
C VAL Y 223 -18.38 43.15 -60.33
N GLU Y 224 -18.44 44.47 -60.53
CA GLU Y 224 -19.32 45.04 -61.55
C GLU Y 224 -18.55 45.95 -62.53
N PRO Y 225 -18.63 45.66 -63.83
CA PRO Y 225 -17.94 46.50 -64.81
C PRO Y 225 -18.80 47.64 -65.32
N ALA Z 1 21.33 8.06 -50.48
CA ALA Z 1 21.04 9.27 -51.23
C ALA Z 1 20.10 8.98 -52.39
N LEU Z 2 18.79 9.05 -52.15
CA LEU Z 2 17.72 8.77 -53.11
C LEU Z 2 17.71 9.73 -54.32
N THR Z 3 18.08 9.23 -55.51
CA THR Z 3 18.10 10.02 -56.74
C THR Z 3 16.91 9.73 -57.67
N GLN Z 4 16.19 10.79 -58.04
CA GLN Z 4 15.00 10.72 -58.86
C GLN Z 4 15.02 11.91 -59.84
N PRO Z 5 14.76 11.68 -61.15
CA PRO Z 5 14.81 12.80 -62.11
C PRO Z 5 14.00 14.04 -61.75
N SER Z 6 14.54 15.21 -62.10
CA SER Z 6 13.89 16.49 -61.82
C SER Z 6 12.56 16.61 -62.55
N SER Z 7 12.53 16.19 -63.82
CA SER Z 7 11.32 16.25 -64.63
C SER Z 7 11.36 15.24 -65.77
N VAL Z 8 10.19 14.78 -66.20
CA VAL Z 8 10.07 13.84 -67.30
C VAL Z 8 8.94 14.31 -68.25
N SER Z 9 9.08 14.03 -69.56
CA SER Z 9 8.11 14.51 -70.54
C SER Z 9 7.71 13.48 -71.59
N ALA Z 10 6.41 13.19 -71.69
CA ALA Z 10 5.89 12.23 -72.67
C ALA Z 10 4.45 12.58 -73.08
N ASN Z 11 4.13 12.54 -74.40
CA ASN Z 11 2.80 12.85 -74.92
C ASN Z 11 1.78 11.71 -74.64
N PRO Z 12 0.45 11.99 -74.62
CA PRO Z 12 -0.54 10.93 -74.29
C PRO Z 12 -0.54 9.68 -75.17
N GLY Z 13 -0.93 8.56 -74.57
CA GLY Z 13 -0.97 7.27 -75.26
C GLY Z 13 0.34 6.51 -75.21
N GLU Z 14 1.45 7.22 -74.99
CA GLU Z 14 2.81 6.70 -74.91
C GLU Z 14 3.11 6.13 -73.50
N THR Z 15 4.12 5.25 -73.39
CA THR Z 15 4.55 4.61 -72.14
C THR Z 15 5.61 5.48 -71.44
N VAL Z 16 5.43 5.75 -70.13
CA VAL Z 16 6.36 6.59 -69.38
C VAL Z 16 7.10 5.76 -68.31
N LYS Z 17 8.41 5.98 -68.14
CA LYS Z 17 9.18 5.24 -67.14
C LYS Z 17 9.95 6.18 -66.22
N ILE Z 18 9.64 6.14 -64.91
CA ILE Z 18 10.34 6.99 -63.93
C ILE Z 18 11.25 6.16 -63.03
N THR Z 19 12.57 6.44 -63.06
CA THR Z 19 13.53 5.69 -62.23
C THR Z 19 13.80 6.35 -60.88
N CYS Z 20 14.13 5.53 -59.88
CA CYS Z 20 14.49 5.98 -58.54
C CYS Z 20 15.59 5.07 -58.00
N SER Z 21 16.61 5.66 -57.35
CA SER Z 21 17.72 4.89 -56.79
C SER Z 21 18.25 5.51 -55.51
N ASP Z 26 13.78 -1.01 -50.73
CA ASP Z 26 12.46 -1.15 -51.37
C ASP Z 26 11.81 0.21 -51.60
N TYR Z 27 11.01 0.38 -52.68
CA TYR Z 27 10.45 1.69 -53.04
C TYR Z 27 8.93 1.80 -53.16
N GLY Z 28 8.39 3.01 -52.90
CA GLY Z 28 6.97 3.35 -52.95
C GLY Z 28 6.70 4.65 -53.69
N TRP Z 29 5.74 4.65 -54.63
CA TRP Z 29 5.43 5.82 -55.45
C TRP Z 29 4.14 6.53 -55.05
N TYR Z 30 4.22 7.86 -54.83
CA TYR Z 30 3.08 8.67 -54.39
C TYR Z 30 2.89 9.90 -55.29
N GLN Z 31 1.69 10.07 -55.88
CA GLN Z 31 1.45 11.22 -56.76
C GLN Z 31 0.84 12.42 -56.04
N GLN Z 32 1.26 13.63 -56.41
CA GLN Z 32 0.71 14.85 -55.83
C GLN Z 32 0.49 15.84 -56.95
N LYS Z 33 -0.78 16.11 -57.28
CA LYS Z 33 -1.20 17.01 -58.35
C LYS Z 33 -0.70 18.46 -58.21
N SER Z 34 -0.93 19.08 -57.05
CA SER Z 34 -0.54 20.46 -56.81
C SER Z 34 0.05 20.58 -55.41
N PRO Z 35 1.16 21.33 -55.25
CA PRO Z 35 1.77 21.47 -53.91
C PRO Z 35 0.79 21.99 -52.86
N GLY Z 36 0.54 21.17 -51.85
CA GLY Z 36 -0.42 21.50 -50.80
C GLY Z 36 -1.55 20.49 -50.73
N SER Z 37 -1.94 19.93 -51.90
CA SER Z 37 -2.99 18.92 -51.98
C SER Z 37 -2.50 17.56 -51.49
N ALA Z 38 -3.37 16.80 -50.83
CA ALA Z 38 -3.05 15.48 -50.28
C ALA Z 38 -2.56 14.49 -51.34
N PRO Z 39 -1.38 13.91 -51.13
CA PRO Z 39 -0.87 12.93 -52.11
C PRO Z 39 -1.62 11.61 -52.08
N VAL Z 40 -1.55 10.85 -53.18
CA VAL Z 40 -2.25 9.57 -53.29
C VAL Z 40 -1.26 8.49 -53.65
N THR Z 41 -1.28 7.36 -52.93
CA THR Z 41 -0.38 6.25 -53.22
C THR Z 41 -0.73 5.56 -54.53
N VAL Z 42 0.21 5.56 -55.46
CA VAL Z 42 0.06 4.93 -56.77
C VAL Z 42 0.46 3.44 -56.67
N ILE Z 43 1.65 3.16 -56.13
CA ILE Z 43 2.17 1.82 -55.93
C ILE Z 43 2.94 1.77 -54.62
N TYR Z 44 2.43 1.06 -53.61
CA TYR Z 44 3.20 0.83 -52.38
C TYR Z 44 3.94 -0.49 -52.61
N GLU Z 45 5.09 -0.70 -51.96
CA GLU Z 45 5.93 -1.87 -52.20
C GLU Z 45 6.47 -1.83 -53.66
N ASN Z 46 6.95 -2.95 -54.23
CA ASN Z 46 7.50 -2.93 -55.59
C ASN Z 46 6.42 -3.05 -56.69
N ASN Z 47 5.59 -4.10 -56.66
CA ASN Z 47 4.55 -4.28 -57.67
C ASN Z 47 3.15 -4.35 -57.05
N LYS Z 48 2.93 -3.61 -55.95
CA LYS Z 48 1.64 -3.63 -55.27
C LYS Z 48 0.86 -2.35 -55.50
N ARG Z 49 -0.37 -2.47 -56.01
CA ARG Z 49 -1.18 -1.28 -56.26
C ARG Z 49 -2.54 -1.32 -55.54
N PRO Z 50 -2.99 -0.14 -55.05
CA PRO Z 50 -4.30 -0.05 -54.40
C PRO Z 50 -5.45 -0.30 -55.37
N SER Z 51 -6.59 -0.81 -54.87
CA SER Z 51 -7.77 -1.15 -55.66
C SER Z 51 -8.31 -0.01 -56.54
N ASP Z 52 -8.38 1.20 -56.00
CA ASP Z 52 -8.89 2.37 -56.71
C ASP Z 52 -7.88 3.03 -57.66
N ILE Z 53 -6.80 2.33 -58.01
CA ILE Z 53 -5.78 2.87 -58.91
C ILE Z 53 -5.79 2.16 -60.26
N PRO Z 54 -5.67 2.93 -61.37
CA PRO Z 54 -5.72 2.32 -62.71
C PRO Z 54 -4.70 1.22 -62.99
N SER Z 55 -5.08 0.27 -63.84
CA SER Z 55 -4.21 -0.84 -64.23
C SER Z 55 -3.00 -0.41 -65.07
N ARG Z 56 -3.04 0.80 -65.66
CA ARG Z 56 -1.93 1.36 -66.45
C ARG Z 56 -0.68 1.55 -65.56
N PHE Z 57 -0.90 1.87 -64.28
CA PHE Z 57 0.13 2.10 -63.29
C PHE Z 57 0.76 0.77 -62.84
N SER Z 58 2.06 0.57 -63.10
CA SER Z 58 2.78 -0.63 -62.71
C SER Z 58 4.17 -0.29 -62.13
N GLY Z 59 4.74 -1.20 -61.34
CA GLY Z 59 6.05 -0.98 -60.75
C GLY Z 59 6.98 -2.17 -60.87
N SER Z 60 8.30 -1.92 -60.90
CA SER Z 60 9.31 -2.98 -61.00
C SER Z 60 10.65 -2.57 -60.41
N LYS Z 61 11.22 -3.44 -59.57
CA LYS Z 61 12.51 -3.18 -58.94
C LYS Z 61 13.57 -4.14 -59.49
N PHE Z 62 14.74 -3.58 -59.85
CA PHE Z 62 15.88 -4.35 -60.39
C PHE Z 62 17.12 -3.85 -59.67
N GLY Z 63 17.65 -4.68 -58.78
CA GLY Z 63 18.81 -4.31 -57.98
C GLY Z 63 18.41 -3.26 -56.98
N SER Z 64 19.03 -2.07 -57.02
CA SER Z 64 18.63 -0.97 -56.15
C SER Z 64 18.01 0.16 -56.98
N THR Z 65 17.30 -0.18 -58.05
CA THR Z 65 16.67 0.83 -58.91
C THR Z 65 15.26 0.41 -59.25
N HIS Z 66 14.29 1.29 -59.01
CA HIS Z 66 12.90 1.00 -59.27
C HIS Z 66 12.37 1.88 -60.38
N THR Z 67 11.45 1.32 -61.18
CA THR Z 67 10.87 2.08 -62.29
C THR Z 67 9.34 2.04 -62.31
N LEU Z 68 8.72 3.21 -62.17
CA LEU Z 68 7.28 3.36 -62.24
C LEU Z 68 6.89 3.47 -63.71
N THR Z 69 6.16 2.49 -64.22
CA THR Z 69 5.76 2.47 -65.62
C THR Z 69 4.28 2.83 -65.79
N ILE Z 70 3.98 3.86 -66.60
CA ILE Z 70 2.61 4.26 -66.88
C ILE Z 70 2.33 4.01 -68.36
N THR Z 71 1.79 2.84 -68.69
CA THR Z 71 1.49 2.49 -70.08
C THR Z 71 0.26 3.25 -70.60
N GLY Z 72 0.43 4.04 -71.64
CA GLY Z 72 -0.66 4.84 -72.19
C GLY Z 72 -1.05 5.95 -71.23
N VAL Z 73 -0.24 7.01 -71.15
CA VAL Z 73 -0.49 8.11 -70.22
C VAL Z 73 -1.67 9.01 -70.67
N GLN Z 74 -2.41 9.58 -69.69
CA GLN Z 74 -3.55 10.45 -69.96
C GLN Z 74 -3.32 11.89 -69.41
N ALA Z 75 -4.36 12.77 -69.48
CA ALA Z 75 -4.30 14.14 -68.95
C ALA Z 75 -4.54 14.17 -67.44
N ASP Z 76 -5.23 13.16 -66.88
CA ASP Z 76 -5.45 13.09 -65.43
C ASP Z 76 -4.20 12.58 -64.68
N ASP Z 77 -3.11 12.22 -65.40
CA ASP Z 77 -1.86 11.75 -64.83
C ASP Z 77 -0.80 12.88 -64.73
N GLU Z 78 -1.22 14.17 -64.83
CA GLU Z 78 -0.33 15.34 -64.73
C GLU Z 78 -0.06 15.70 -63.28
N ALA Z 79 0.95 15.08 -62.67
CA ALA Z 79 1.27 15.30 -61.27
C ALA Z 79 2.78 15.13 -60.97
N VAL Z 80 3.25 15.58 -59.79
CA VAL Z 80 4.64 15.41 -59.38
C VAL Z 80 4.70 14.10 -58.62
N TYR Z 81 5.44 13.13 -59.12
CA TYR Z 81 5.53 11.80 -58.50
C TYR Z 81 6.71 11.74 -57.55
N PHE Z 82 6.49 11.19 -56.36
CA PHE Z 82 7.54 11.07 -55.35
C PHE Z 82 7.84 9.61 -55.07
N CYS Z 83 9.11 9.30 -54.93
CA CYS Z 83 9.59 7.96 -54.61
C CYS Z 83 9.95 7.94 -53.11
N GLY Z 84 9.71 6.82 -52.44
CA GLY Z 84 9.97 6.69 -51.02
C GLY Z 84 10.70 5.41 -50.70
N SER Z 85 11.88 5.51 -50.08
CA SER Z 85 12.67 4.34 -49.74
C SER Z 85 13.64 4.58 -48.59
N ARG Z 86 14.29 3.51 -48.12
CA ARG Z 86 15.29 3.53 -47.06
C ARG Z 86 16.65 3.91 -47.71
N ASP Z 87 17.33 4.88 -47.10
CA ASP Z 87 18.65 5.38 -47.51
C ASP Z 87 19.49 5.34 -46.26
N THR Z 88 20.69 4.74 -46.31
CA THR Z 88 21.57 4.56 -45.14
C THR Z 88 20.76 3.72 -44.09
N ASN Z 89 20.18 4.35 -43.06
CA ASN Z 89 19.29 3.71 -42.09
C ASN Z 89 18.33 4.80 -41.60
N ASN Z 90 17.72 5.54 -42.56
CA ASN Z 90 16.84 6.63 -42.21
C ASN Z 90 15.47 6.58 -42.86
N GLY Z 91 15.42 6.37 -44.17
CA GLY Z 91 14.16 6.36 -44.88
C GLY Z 91 13.70 7.79 -45.12
N ALA Z 92 13.74 8.21 -46.38
CA ALA Z 92 13.39 9.55 -46.83
C ALA Z 92 12.68 9.50 -48.22
N PHE Z 93 12.23 10.66 -48.77
CA PHE Z 93 11.55 10.77 -50.05
C PHE Z 93 12.48 11.32 -51.15
N GLY Z 94 12.10 11.12 -52.39
CA GLY Z 94 12.83 11.61 -53.55
C GLY Z 94 12.55 13.08 -53.80
N ALA Z 95 13.26 13.67 -54.76
CA ALA Z 95 13.11 15.09 -55.10
C ALA Z 95 11.74 15.42 -55.70
N GLY Z 96 11.21 14.51 -56.50
CA GLY Z 96 9.92 14.70 -57.15
C GLY Z 96 10.03 14.87 -58.64
N THR Z 97 9.54 13.88 -59.40
CA THR Z 97 9.56 13.90 -60.86
C THR Z 97 8.29 14.60 -61.34
N THR Z 98 8.39 15.83 -61.85
CA THR Z 98 7.20 16.57 -62.30
C THR Z 98 6.78 16.14 -63.71
N LEU Z 99 5.54 15.64 -63.86
CA LEU Z 99 5.07 15.22 -65.17
C LEU Z 99 4.49 16.38 -65.97
N THR Z 100 5.26 16.83 -66.98
CA THR Z 100 4.83 17.87 -67.90
C THR Z 100 4.52 17.16 -69.21
N VAL Z 101 3.24 16.93 -69.49
CA VAL Z 101 2.81 16.19 -70.68
C VAL Z 101 2.99 17.02 -71.98
N LEU Z 102 3.64 16.42 -72.98
CA LEU Z 102 3.95 17.03 -74.28
C LEU Z 102 2.73 17.34 -75.14
N ARG Z 103 2.48 18.64 -75.43
CA ARG Z 103 1.31 19.06 -76.22
C ARG Z 103 1.64 20.17 -77.27
N THR Z 104 0.63 20.64 -78.06
CA THR Z 104 0.83 21.66 -79.10
C THR Z 104 1.03 23.07 -78.55
N VAL Z 105 1.71 23.93 -79.31
CA VAL Z 105 2.01 25.31 -78.89
C VAL Z 105 0.77 26.20 -78.75
N ALA Z 106 0.52 26.71 -77.54
CA ALA Z 106 -0.62 27.59 -77.31
C ALA Z 106 -0.17 29.02 -77.04
N ALA Z 107 -0.99 30.01 -77.44
CA ALA Z 107 -0.68 31.42 -77.24
C ALA Z 107 -1.40 31.96 -76.00
N PRO Z 108 -0.75 32.84 -75.21
CA PRO Z 108 -1.42 33.36 -74.02
C PRO Z 108 -2.41 34.49 -74.29
N SER Z 109 -3.57 34.45 -73.61
CA SER Z 109 -4.59 35.49 -73.74
C SER Z 109 -4.24 36.55 -72.70
N VAL Z 110 -3.71 37.70 -73.14
CA VAL Z 110 -3.26 38.75 -72.22
C VAL Z 110 -4.38 39.73 -71.84
N PHE Z 111 -4.53 40.02 -70.54
CA PHE Z 111 -5.52 40.95 -70.02
C PHE Z 111 -4.86 41.84 -68.96
N ILE Z 112 -4.74 43.15 -69.22
CA ILE Z 112 -4.13 44.07 -68.26
C ILE Z 112 -5.20 44.67 -67.33
N PHE Z 113 -4.88 44.76 -66.03
CA PHE Z 113 -5.84 45.27 -65.04
C PHE Z 113 -5.32 46.50 -64.29
N PRO Z 114 -6.13 47.57 -64.22
CA PRO Z 114 -5.69 48.78 -63.50
C PRO Z 114 -5.98 48.72 -62.00
N PRO Z 115 -5.23 49.48 -61.17
CA PRO Z 115 -5.52 49.47 -59.72
C PRO Z 115 -6.91 50.05 -59.43
N SER Z 116 -7.64 49.42 -58.50
CA SER Z 116 -9.00 49.84 -58.16
C SER Z 116 -9.08 51.21 -57.47
N ASP Z 117 -10.30 51.78 -57.40
CA ASP Z 117 -10.51 53.07 -56.74
C ASP Z 117 -10.27 52.96 -55.22
N GLU Z 118 -10.56 51.79 -54.62
CA GLU Z 118 -10.33 51.56 -53.21
C GLU Z 118 -8.84 51.38 -52.89
N GLN Z 119 -8.06 50.87 -53.84
CA GLN Z 119 -6.62 50.64 -53.70
C GLN Z 119 -5.87 51.97 -53.64
N LEU Z 120 -6.29 52.94 -54.46
CA LEU Z 120 -5.64 54.25 -54.53
C LEU Z 120 -5.75 55.03 -53.22
N LYS Z 121 -6.89 54.92 -52.53
CA LYS Z 121 -7.12 55.61 -51.26
C LYS Z 121 -6.16 55.13 -50.16
N SER Z 122 -5.74 53.85 -50.21
CA SER Z 122 -4.84 53.28 -49.22
C SER Z 122 -3.42 53.85 -49.32
N GLY Z 123 -2.97 54.12 -50.55
CA GLY Z 123 -1.65 54.67 -50.78
C GLY Z 123 -0.75 53.82 -51.67
N THR Z 124 -1.30 52.77 -52.29
CA THR Z 124 -0.54 51.89 -53.17
C THR Z 124 -1.33 51.60 -54.44
N ALA Z 125 -0.63 51.35 -55.56
CA ALA Z 125 -1.28 51.06 -56.83
C ALA Z 125 -0.49 50.03 -57.62
N SER Z 126 -0.99 48.79 -57.67
CA SER Z 126 -0.30 47.73 -58.40
C SER Z 126 -1.06 47.33 -59.66
N VAL Z 127 -0.39 47.38 -60.80
CA VAL Z 127 -0.97 47.00 -62.08
C VAL Z 127 -0.71 45.52 -62.30
N VAL Z 128 -1.75 44.73 -62.60
CA VAL Z 128 -1.60 43.29 -62.78
C VAL Z 128 -1.74 42.87 -64.25
N CYS Z 129 -0.71 42.22 -64.81
CA CYS Z 129 -0.77 41.72 -66.18
C CYS Z 129 -1.09 40.23 -66.10
N LEU Z 130 -2.16 39.79 -66.78
CA LEU Z 130 -2.59 38.41 -66.71
C LEU Z 130 -2.41 37.64 -68.01
N LEU Z 131 -1.77 36.47 -67.94
CA LEU Z 131 -1.59 35.59 -69.09
C LEU Z 131 -2.45 34.34 -68.85
N ASN Z 132 -3.14 33.83 -69.89
CA ASN Z 132 -4.00 32.66 -69.69
C ASN Z 132 -3.91 31.60 -70.78
N ASN Z 133 -3.85 30.34 -70.33
CA ASN Z 133 -3.81 29.12 -71.15
C ASN Z 133 -2.77 29.15 -72.25
N PHE Z 134 -1.50 28.92 -71.90
CA PHE Z 134 -0.40 28.92 -72.87
C PHE Z 134 0.55 27.74 -72.67
N TYR Z 135 1.33 27.40 -73.71
CA TYR Z 135 2.30 26.31 -73.66
C TYR Z 135 3.43 26.61 -74.64
N PRO Z 136 4.71 26.45 -74.26
CA PRO Z 136 5.22 25.94 -72.97
C PRO Z 136 5.31 26.99 -71.85
N ARG Z 137 5.82 26.58 -70.67
CA ARG Z 137 5.99 27.40 -69.47
C ARG Z 137 6.94 28.61 -69.70
N GLU Z 138 7.83 28.52 -70.69
CA GLU Z 138 8.78 29.60 -70.99
C GLU Z 138 8.08 30.84 -71.55
N ALA Z 139 8.05 31.92 -70.76
CA ALA Z 139 7.42 33.18 -71.17
C ALA Z 139 8.18 34.39 -70.63
N LYS Z 140 8.09 35.53 -71.32
CA LYS Z 140 8.78 36.75 -70.89
C LYS Z 140 7.81 37.90 -70.72
N VAL Z 141 7.79 38.52 -69.53
CA VAL Z 141 6.91 39.66 -69.28
C VAL Z 141 7.74 40.90 -68.96
N GLN Z 142 7.63 41.94 -69.80
CA GLN Z 142 8.38 43.17 -69.59
C GLN Z 142 7.43 44.36 -69.46
N TRP Z 143 7.67 45.24 -68.48
CA TRP Z 143 6.82 46.40 -68.26
C TRP Z 143 7.36 47.66 -68.94
N LYS Z 144 6.45 48.50 -69.45
CA LYS Z 144 6.83 49.73 -70.13
C LYS Z 144 5.97 50.92 -69.68
N VAL Z 145 6.46 51.67 -68.69
CA VAL Z 145 5.76 52.85 -68.18
C VAL Z 145 6.20 54.05 -69.02
N ASP Z 146 5.32 54.55 -69.90
CA ASP Z 146 5.59 55.67 -70.80
C ASP Z 146 6.78 55.37 -71.71
N ASN Z 147 6.80 54.17 -72.32
CA ASN Z 147 7.84 53.67 -73.22
C ASN Z 147 9.22 53.56 -72.58
N ALA Z 148 9.27 53.22 -71.29
CA ALA Z 148 10.54 53.07 -70.58
C ALA Z 148 10.60 51.70 -69.92
N LEU Z 149 11.74 51.01 -70.05
CA LEU Z 149 11.94 49.67 -69.49
C LEU Z 149 11.95 49.65 -67.97
N GLN Z 150 11.12 48.79 -67.36
CA GLN Z 150 11.05 48.69 -65.92
C GLN Z 150 11.60 47.34 -65.44
N SER Z 151 12.54 47.37 -64.48
CA SER Z 151 13.13 46.13 -63.97
C SER Z 151 13.39 46.21 -62.47
N GLY Z 152 13.15 45.10 -61.77
CA GLY Z 152 13.37 45.03 -60.33
C GLY Z 152 12.12 45.24 -59.49
N ASN Z 153 11.06 45.81 -60.09
CA ASN Z 153 9.82 46.07 -59.38
C ASN Z 153 8.64 45.25 -59.91
N SER Z 154 8.90 44.05 -60.44
CA SER Z 154 7.84 43.20 -60.97
C SER Z 154 7.99 41.75 -60.49
N GLN Z 155 6.93 41.19 -59.92
CA GLN Z 155 6.97 39.80 -59.44
C GLN Z 155 5.94 38.93 -60.15
N GLU Z 156 6.42 37.90 -60.86
CA GLU Z 156 5.53 36.99 -61.59
C GLU Z 156 5.14 35.77 -60.76
N SER Z 157 3.98 35.17 -61.07
CA SER Z 157 3.47 34.00 -60.38
C SER Z 157 2.96 33.00 -61.41
N VAL Z 158 3.63 31.84 -61.53
CA VAL Z 158 3.23 30.83 -62.52
C VAL Z 158 2.47 29.68 -61.85
N THR Z 159 1.33 29.27 -62.42
CA THR Z 159 0.51 28.18 -61.90
C THR Z 159 0.96 26.81 -62.45
N GLU Z 160 0.55 25.72 -61.79
CA GLU Z 160 0.86 24.37 -62.26
C GLU Z 160 0.05 24.04 -63.52
N GLN Z 161 0.54 23.09 -64.33
CA GLN Z 161 -0.12 22.68 -65.58
C GLN Z 161 -1.53 22.18 -65.32
N ASP Z 162 -2.52 22.69 -66.10
CA ASP Z 162 -3.92 22.34 -65.96
C ASP Z 162 -4.16 20.86 -66.26
N SER Z 163 -5.07 20.22 -65.52
CA SER Z 163 -5.38 18.80 -65.73
C SER Z 163 -6.52 18.55 -66.73
N LYS Z 164 -6.93 19.57 -67.49
CA LYS Z 164 -8.01 19.42 -68.46
C LYS Z 164 -7.53 19.73 -69.89
N ASP Z 165 -6.59 20.67 -70.03
CA ASP Z 165 -6.08 21.05 -71.34
C ASP Z 165 -4.55 21.22 -71.41
N SER Z 166 -3.83 20.98 -70.29
CA SER Z 166 -2.38 21.07 -70.18
C SER Z 166 -1.81 22.48 -70.48
N THR Z 167 -2.44 23.52 -69.92
CA THR Z 167 -1.99 24.90 -70.15
C THR Z 167 -1.56 25.62 -68.88
N TYR Z 168 -0.70 26.63 -69.03
CA TYR Z 168 -0.19 27.44 -67.92
C TYR Z 168 -0.87 28.82 -67.86
N SER Z 169 -0.67 29.57 -66.77
CA SER Z 169 -1.23 30.91 -66.61
C SER Z 169 -0.26 31.73 -65.75
N LEU Z 170 0.13 32.92 -66.21
CA LEU Z 170 1.09 33.75 -65.48
C LEU Z 170 0.41 34.98 -64.84
N SER Z 171 0.99 35.50 -63.74
CA SER Z 171 0.43 36.67 -63.06
C SER Z 171 1.53 37.65 -62.64
N SER Z 172 1.94 38.54 -63.57
CA SER Z 172 2.97 39.53 -63.26
C SER Z 172 2.34 40.75 -62.58
N THR Z 173 3.00 41.30 -61.56
CA THR Z 173 2.47 42.46 -60.85
C THR Z 173 3.49 43.59 -60.74
N LEU Z 174 3.13 44.78 -61.21
CA LEU Z 174 3.99 45.96 -61.16
C LEU Z 174 3.69 46.74 -59.89
N THR Z 175 4.58 46.64 -58.89
CA THR Z 175 4.37 47.32 -57.61
C THR Z 175 4.90 48.75 -57.64
N LEU Z 176 4.00 49.74 -57.56
CA LEU Z 176 4.39 51.15 -57.56
C LEU Z 176 3.63 51.94 -56.48
N SER Z 177 4.26 52.98 -55.94
CA SER Z 177 3.64 53.82 -54.93
C SER Z 177 2.57 54.74 -55.56
N LYS Z 178 1.65 55.27 -54.73
CA LYS Z 178 0.58 56.15 -55.18
C LYS Z 178 1.14 57.39 -55.91
N ALA Z 179 2.26 57.92 -55.42
CA ALA Z 179 2.91 59.10 -56.00
C ALA Z 179 3.49 58.83 -57.39
N ASP Z 180 4.10 57.66 -57.60
CA ASP Z 180 4.68 57.31 -58.90
C ASP Z 180 3.64 56.88 -59.94
N TYR Z 181 2.44 56.50 -59.51
CA TYR Z 181 1.40 56.07 -60.43
C TYR Z 181 0.75 57.26 -61.12
N GLU Z 182 0.50 58.33 -60.36
CA GLU Z 182 -0.14 59.53 -60.91
C GLU Z 182 0.77 60.39 -61.80
N LYS Z 183 2.07 60.07 -61.88
CA LYS Z 183 3.01 60.82 -62.72
C LYS Z 183 3.00 60.36 -64.19
N HIS Z 184 2.47 59.16 -64.47
CA HIS Z 184 2.44 58.62 -65.83
C HIS Z 184 1.01 58.37 -66.35
N LYS Z 185 0.87 58.11 -67.65
CA LYS Z 185 -0.45 57.89 -68.26
C LYS Z 185 -0.56 56.54 -68.97
N VAL Z 186 0.49 56.15 -69.71
CA VAL Z 186 0.45 54.92 -70.49
C VAL Z 186 1.25 53.77 -69.84
N TYR Z 187 0.58 52.64 -69.59
CA TYR Z 187 1.20 51.47 -68.99
C TYR Z 187 1.10 50.29 -69.95
N ALA Z 188 2.21 49.96 -70.61
CA ALA Z 188 2.27 48.88 -71.59
C ALA Z 188 2.75 47.55 -70.99
N CYS Z 189 2.43 46.44 -71.66
CA CYS Z 189 2.81 45.12 -71.18
C CYS Z 189 3.32 44.25 -72.32
N GLU Z 190 4.62 44.30 -72.61
CA GLU Z 190 5.20 43.52 -73.69
C GLU Z 190 5.32 42.04 -73.32
N VAL Z 191 4.50 41.19 -73.96
CA VAL Z 191 4.51 39.75 -73.70
C VAL Z 191 5.24 38.99 -74.81
N THR Z 192 6.35 38.35 -74.47
CA THR Z 192 7.13 37.59 -75.44
C THR Z 192 7.05 36.08 -75.19
N HIS Z 193 6.33 35.37 -76.05
CA HIS Z 193 6.16 33.92 -75.95
C HIS Z 193 6.66 33.21 -77.23
N GLN Z 194 6.88 31.89 -77.17
CA GLN Z 194 7.33 31.10 -78.31
C GLN Z 194 6.28 31.07 -79.43
N GLY Z 195 5.02 30.97 -79.05
CA GLY Z 195 3.91 30.94 -80.00
C GLY Z 195 3.47 32.30 -80.51
N LEU Z 196 4.23 33.35 -80.21
CA LEU Z 196 3.90 34.70 -80.67
C LEU Z 196 5.04 35.26 -81.52
N SER Z 197 4.76 35.52 -82.81
CA SER Z 197 5.76 36.07 -83.73
C SER Z 197 6.03 37.54 -83.38
N SER Z 198 4.98 38.29 -83.02
CA SER Z 198 5.10 39.69 -82.62
C SER Z 198 4.62 39.80 -81.18
N PRO Z 199 5.44 40.35 -80.28
CA PRO Z 199 5.05 40.45 -78.86
C PRO Z 199 3.80 41.29 -78.64
N VAL Z 200 2.72 40.66 -78.15
CA VAL Z 200 1.46 41.35 -77.88
C VAL Z 200 1.60 42.32 -76.71
N THR Z 201 1.43 43.62 -76.98
CA THR Z 201 1.57 44.65 -75.96
C THR Z 201 0.20 45.23 -75.59
N LYS Z 202 -0.33 44.87 -74.42
CA LYS Z 202 -1.62 45.38 -73.98
C LYS Z 202 -1.40 46.61 -73.10
N SER Z 203 -1.91 47.77 -73.55
CA SER Z 203 -1.75 49.04 -72.84
C SER Z 203 -3.07 49.64 -72.40
N PHE Z 204 -3.03 50.48 -71.35
CA PHE Z 204 -4.23 51.18 -70.87
C PHE Z 204 -3.88 52.61 -70.45
N ASN Z 205 -4.85 53.52 -70.59
CA ASN Z 205 -4.66 54.92 -70.21
C ASN Z 205 -5.18 55.19 -68.80
N ARG Z 206 -4.63 56.22 -68.13
CA ARG Z 206 -5.03 56.59 -66.78
C ARG Z 206 -6.46 57.12 -66.73
N GLY Z 207 -6.88 57.85 -67.76
CA GLY Z 207 -8.21 58.42 -67.85
C GLY Z 207 -9.29 57.41 -68.17
N VAL AA 2 40.32 -24.81 -70.49
CA VAL AA 2 38.89 -24.62 -70.24
C VAL AA 2 38.17 -24.01 -71.45
N THR AA 3 37.14 -24.71 -71.97
CA THR AA 3 36.36 -24.27 -73.13
C THR AA 3 34.87 -24.12 -72.82
N LEU AA 4 34.19 -23.18 -73.50
CA LEU AA 4 32.75 -22.94 -73.34
C LEU AA 4 32.10 -22.78 -74.71
N ASP AA 5 31.53 -23.88 -75.24
CA ASP AA 5 30.93 -23.93 -76.57
C ASP AA 5 29.42 -23.71 -76.60
N GLU AA 6 28.99 -22.55 -77.13
CA GLU AA 6 27.57 -22.22 -77.24
C GLU AA 6 26.99 -22.77 -78.53
N SER AA 7 25.94 -23.59 -78.42
CA SER AA 7 25.35 -24.25 -79.57
C SER AA 7 23.82 -24.19 -79.63
N GLY AA 8 23.28 -23.32 -80.48
CA GLY AA 8 21.84 -23.23 -80.68
C GLY AA 8 21.22 -21.85 -80.63
N GLY AA 9 21.92 -20.82 -81.10
CA GLY AA 9 21.42 -19.47 -81.09
C GLY AA 9 21.65 -18.66 -82.35
N GLY AA 10 20.59 -18.41 -83.10
CA GLY AA 10 20.66 -17.64 -84.34
C GLY AA 10 19.31 -17.10 -84.76
N LEU AA 11 18.85 -17.45 -85.97
CA LEU AA 11 17.56 -16.98 -86.50
C LEU AA 11 16.39 -17.69 -85.81
N GLN AA 12 15.61 -16.93 -85.03
CA GLN AA 12 14.48 -17.46 -84.29
C GLN AA 12 13.17 -16.76 -84.68
N THR AA 13 12.04 -17.43 -84.43
CA THR AA 13 10.72 -16.89 -84.77
C THR AA 13 10.19 -15.93 -83.70
N PRO AA 14 9.61 -14.77 -84.10
CA PRO AA 14 9.06 -13.85 -83.10
C PRO AA 14 7.83 -14.46 -82.43
N GLY AA 15 7.95 -14.71 -81.14
CA GLY AA 15 6.89 -15.37 -80.37
C GLY AA 15 7.22 -16.80 -79.99
N GLY AA 16 8.29 -17.35 -80.55
CA GLY AA 16 8.72 -18.71 -80.29
C GLY AA 16 9.64 -18.88 -79.09
N ALA AA 17 10.39 -19.99 -79.07
CA ALA AA 17 11.31 -20.32 -77.99
C ALA AA 17 12.70 -20.71 -78.53
N LEU AA 18 13.73 -20.69 -77.66
CA LEU AA 18 15.11 -21.05 -78.02
C LEU AA 18 15.69 -22.15 -77.11
N SER AA 19 16.77 -22.81 -77.55
CA SER AA 19 17.44 -23.85 -76.77
C SER AA 19 18.96 -23.64 -76.81
N LEU AA 20 19.43 -22.54 -76.20
CA LEU AA 20 20.85 -22.19 -76.14
C LEU AA 20 21.63 -23.15 -75.23
N VAL AA 21 22.28 -24.18 -75.79
CA VAL AA 21 23.05 -25.12 -74.98
C VAL AA 21 24.52 -24.67 -74.89
N CYS AA 22 25.21 -25.05 -73.81
CA CYS AA 22 26.61 -24.68 -73.62
C CYS AA 22 27.40 -25.92 -73.20
N LYS AA 23 28.51 -26.22 -73.89
CA LYS AA 23 29.33 -27.39 -73.55
C LYS AA 23 30.63 -26.96 -72.89
N ALA AA 24 30.97 -27.58 -71.76
CA ALA AA 24 32.19 -27.22 -71.05
C ALA AA 24 33.16 -28.38 -70.85
N SER AA 25 34.45 -28.11 -71.01
CA SER AA 25 35.50 -29.11 -70.85
C SER AA 25 36.77 -28.46 -70.30
N GLY AA 26 37.49 -29.18 -69.45
CA GLY AA 26 38.74 -28.70 -68.87
C GLY AA 26 38.70 -28.42 -67.38
N PHE AA 27 37.57 -28.72 -66.72
CA PHE AA 27 37.41 -28.49 -65.29
C PHE AA 27 36.30 -29.38 -64.70
N ASP AA 28 36.20 -29.44 -63.35
CA ASP AA 28 35.15 -30.21 -62.71
C ASP AA 28 33.84 -29.44 -62.81
N PHE AA 29 33.01 -29.76 -63.82
CA PHE AA 29 31.73 -29.10 -64.06
C PHE AA 29 30.78 -29.20 -62.87
N SER AA 30 30.69 -30.38 -62.24
CA SER AA 30 29.78 -30.60 -61.11
C SER AA 30 30.20 -29.91 -59.80
N SER AA 31 31.06 -28.90 -59.88
CA SER AA 31 31.51 -28.16 -58.70
C SER AA 31 31.38 -26.63 -58.83
N TYR AA 32 31.08 -26.11 -60.04
CA TYR AA 32 30.98 -24.66 -60.24
C TYR AA 32 29.61 -24.23 -60.70
N ALA AA 33 29.21 -23.00 -60.35
CA ALA AA 33 27.95 -22.44 -60.82
C ALA AA 33 28.14 -21.91 -62.25
N MET AA 34 27.05 -21.75 -63.01
CA MET AA 34 27.15 -21.24 -64.39
C MET AA 34 26.06 -20.19 -64.70
N GLY AA 35 26.26 -19.42 -65.76
CA GLY AA 35 25.28 -18.41 -66.17
C GLY AA 35 25.29 -18.02 -67.64
N TRP AA 36 24.41 -17.09 -68.01
CA TRP AA 36 24.32 -16.59 -69.37
C TRP AA 36 24.28 -15.08 -69.31
N VAL AA 37 25.18 -14.41 -70.01
CA VAL AA 37 25.26 -12.95 -70.01
C VAL AA 37 24.90 -12.44 -71.40
N ARG AA 38 24.06 -11.39 -71.52
CA ARG AA 38 23.70 -10.88 -72.84
C ARG AA 38 24.16 -9.44 -73.12
N GLN AA 39 24.31 -9.12 -74.40
CA GLN AA 39 24.69 -7.80 -74.87
C GLN AA 39 23.92 -7.45 -76.12
N ALA AA 40 22.89 -6.62 -75.98
CA ALA AA 40 22.12 -6.15 -77.13
C ALA AA 40 22.98 -5.10 -77.80
N PRO AA 41 23.20 -5.16 -79.13
CA PRO AA 41 24.08 -4.16 -79.77
C PRO AA 41 23.66 -2.71 -79.49
N GLY AA 42 24.63 -1.91 -79.08
CA GLY AA 42 24.39 -0.53 -78.66
C GLY AA 42 24.43 -0.41 -77.15
N LYS AA 43 23.93 -1.46 -76.46
CA LYS AA 43 23.87 -1.61 -75.01
C LYS AA 43 25.03 -2.49 -74.47
N GLY AA 44 25.12 -2.63 -73.15
CA GLY AA 44 26.17 -3.40 -72.50
C GLY AA 44 25.74 -4.69 -71.82
N LEU AA 45 26.54 -5.12 -70.85
CA LEU AA 45 26.35 -6.37 -70.14
C LEU AA 45 25.12 -6.40 -69.20
N GLU AA 46 24.38 -7.53 -69.26
CA GLU AA 46 23.17 -7.82 -68.50
C GLU AA 46 23.19 -9.31 -68.13
N TYR AA 47 22.90 -9.68 -66.86
CA TYR AA 47 22.90 -11.09 -66.47
C TYR AA 47 21.54 -11.71 -66.70
N VAL AA 48 21.46 -12.71 -67.59
CA VAL AA 48 20.22 -13.39 -67.98
C VAL AA 48 19.68 -14.43 -66.95
N ALA AA 49 20.42 -15.53 -66.71
CA ALA AA 49 19.97 -16.60 -65.83
C ALA AA 49 21.16 -17.30 -65.20
N GLY AA 50 21.01 -17.68 -63.94
CA GLY AA 50 22.07 -18.36 -63.22
C GLY AA 50 21.60 -19.62 -62.52
N ILE AA 51 22.51 -20.56 -62.28
CA ILE AA 51 22.18 -21.81 -61.61
C ILE AA 51 23.34 -22.33 -60.74
N ARG AA 52 22.98 -22.86 -59.55
CA ARG AA 52 23.89 -23.43 -58.55
C ARG AA 52 24.62 -24.69 -59.07
N ASN AA 53 25.68 -25.13 -58.36
CA ASN AA 53 26.44 -26.32 -58.75
C ASN AA 53 25.60 -27.61 -58.81
N ASP AA 54 24.64 -27.77 -57.89
CA ASP AA 54 23.76 -28.95 -57.90
C ASP AA 54 22.47 -28.77 -58.73
N GLY AA 55 22.34 -27.65 -59.43
CA GLY AA 55 21.20 -27.32 -60.27
C GLY AA 55 19.96 -26.88 -59.52
N SER AA 56 20.06 -26.71 -58.20
CA SER AA 56 18.92 -26.37 -57.34
C SER AA 56 18.40 -24.92 -57.45
N PHE AA 57 19.27 -23.91 -57.29
CA PHE AA 57 18.83 -22.51 -57.34
C PHE AA 57 18.92 -21.88 -58.75
N THR AA 58 17.85 -21.20 -59.20
CA THR AA 58 17.81 -20.54 -60.50
C THR AA 58 17.31 -19.10 -60.40
N LEU AA 59 18.09 -18.14 -60.91
CA LEU AA 59 17.67 -16.74 -60.91
C LEU AA 59 17.56 -16.20 -62.35
N TYR AA 60 16.60 -15.30 -62.61
CA TYR AA 60 16.39 -14.71 -63.93
C TYR AA 60 16.35 -13.19 -63.87
N THR AA 61 16.80 -12.52 -64.95
CA THR AA 61 16.76 -11.06 -65.07
C THR AA 61 15.30 -10.59 -65.05
N PRO AA 62 15.01 -9.38 -64.52
CA PRO AA 62 13.60 -8.93 -64.45
C PRO AA 62 12.87 -8.95 -65.80
N ALA AA 63 13.62 -8.68 -66.87
CA ALA AA 63 13.12 -8.67 -68.23
C ALA AA 63 12.83 -10.07 -68.80
N VAL AA 64 13.67 -11.07 -68.51
CA VAL AA 64 13.48 -12.42 -69.05
C VAL AA 64 12.70 -13.36 -68.13
N LYS AA 65 12.52 -13.00 -66.85
CA LYS AA 65 11.82 -13.82 -65.86
C LYS AA 65 10.35 -14.10 -66.26
N GLY AA 66 9.86 -15.28 -65.91
CA GLY AA 66 8.50 -15.70 -66.23
C GLY AA 66 8.44 -16.54 -67.49
N ARG AA 67 9.26 -16.20 -68.47
CA ARG AA 67 9.32 -16.93 -69.73
C ARG AA 67 10.60 -17.75 -69.89
N ALA AA 68 11.67 -17.42 -69.16
CA ALA AA 68 12.91 -18.18 -69.23
C ALA AA 68 12.93 -19.36 -68.24
N THR AA 69 13.75 -20.38 -68.53
CA THR AA 69 13.92 -21.58 -67.71
C THR AA 69 15.34 -22.15 -67.92
N ILE AA 70 16.23 -22.03 -66.92
CA ILE AA 70 17.60 -22.52 -67.03
C ILE AA 70 17.76 -23.91 -66.38
N SER AA 71 18.29 -24.89 -67.13
CA SER AA 71 18.48 -26.25 -66.65
C SER AA 71 19.85 -26.79 -67.03
N ARG AA 72 20.62 -27.27 -66.06
CA ARG AA 72 21.96 -27.79 -66.33
C ARG AA 72 22.05 -29.32 -66.26
N ASP AA 73 23.19 -29.88 -66.70
CA ASP AA 73 23.46 -31.32 -66.70
C ASP AA 73 24.92 -31.53 -66.27
N ASN AA 74 25.13 -31.99 -65.02
CA ASN AA 74 26.48 -32.23 -64.49
C ASN AA 74 27.15 -33.49 -65.08
N GLY AA 75 26.33 -34.46 -65.46
CA GLY AA 75 26.81 -35.70 -66.05
C GLY AA 75 27.27 -35.54 -67.49
N GLN AA 76 26.58 -34.67 -68.25
CA GLN AA 76 26.94 -34.37 -69.63
C GLN AA 76 27.83 -33.13 -69.77
N SER AA 77 27.91 -32.30 -68.72
CA SER AA 77 28.67 -31.04 -68.62
C SER AA 77 28.06 -29.91 -69.48
N THR AA 78 26.72 -29.86 -69.52
CA THR AA 78 26.00 -28.86 -70.29
C THR AA 78 25.13 -27.94 -69.42
N VAL AA 79 24.74 -26.78 -69.97
CA VAL AA 79 23.87 -25.83 -69.26
C VAL AA 79 22.96 -25.13 -70.29
N ARG AA 80 21.81 -25.77 -70.54
CA ARG AA 80 20.80 -25.38 -71.52
C ARG AA 80 19.83 -24.28 -71.04
N LEU AA 81 19.74 -23.18 -71.80
CA LEU AA 81 18.83 -22.07 -71.49
C LEU AA 81 17.67 -22.02 -72.48
N GLN AA 82 16.42 -22.02 -71.97
CA GLN AA 82 15.24 -21.91 -72.83
C GLN AA 82 14.53 -20.60 -72.53
N LEU AA 83 14.24 -19.80 -73.57
CA LEU AA 83 13.54 -18.53 -73.38
C LEU AA 83 12.32 -18.48 -74.28
N ASN AA 84 11.12 -18.44 -73.69
CA ASN AA 84 9.86 -18.43 -74.44
C ASN AA 84 9.40 -17.00 -74.81
N ASN AA 85 8.38 -16.89 -75.70
CA ASN AA 85 7.77 -15.64 -76.17
C ASN AA 85 8.81 -14.60 -76.55
N LEU AA 86 9.61 -14.93 -77.58
CA LEU AA 86 10.66 -14.07 -78.06
C LEU AA 86 10.15 -12.72 -78.55
N ARG AA 87 10.31 -11.68 -77.70
CA ARG AA 87 9.90 -10.30 -78.01
C ARG AA 87 10.98 -9.55 -78.84
N ALA AA 88 10.79 -8.25 -79.09
CA ALA AA 88 11.72 -7.46 -79.90
C ALA AA 88 13.09 -7.20 -79.25
N GLU AA 89 13.13 -6.76 -77.99
CA GLU AA 89 14.37 -6.43 -77.28
C GLU AA 89 15.23 -7.65 -76.91
N ASP AA 90 14.91 -8.83 -77.44
CA ASP AA 90 15.65 -10.06 -77.16
C ASP AA 90 16.93 -10.19 -78.00
N THR AA 91 17.04 -9.42 -79.09
CA THR AA 91 18.20 -9.41 -80.00
C THR AA 91 19.45 -9.01 -79.24
N ALA AA 92 20.36 -9.97 -79.03
CA ALA AA 92 21.58 -9.76 -78.27
C ALA AA 92 22.59 -10.90 -78.54
N THR AA 93 23.86 -10.71 -78.15
CA THR AA 93 24.85 -11.77 -78.27
C THR AA 93 24.82 -12.45 -76.90
N TYR AA 94 24.57 -13.76 -76.86
CA TYR AA 94 24.50 -14.48 -75.58
C TYR AA 94 25.79 -15.26 -75.27
N PHE AA 95 26.44 -14.94 -74.13
CA PHE AA 95 27.69 -15.57 -73.72
C PHE AA 95 27.51 -16.49 -72.51
N CYS AA 96 27.92 -17.75 -72.64
CA CYS AA 96 27.89 -18.75 -71.57
C CYS AA 96 29.03 -18.39 -70.61
N THR AA 97 28.75 -18.30 -69.30
CA THR AA 97 29.74 -17.90 -68.31
C THR AA 97 29.94 -18.95 -67.21
N LYS AA 98 31.12 -18.98 -66.59
CA LYS AA 98 31.41 -19.95 -65.53
C LYS AA 98 31.85 -19.26 -64.26
N SER AA 99 31.13 -19.50 -63.16
CA SER AA 99 31.48 -18.93 -61.85
C SER AA 99 32.62 -19.72 -61.20
N ALA AA 100 33.51 -19.01 -60.49
CA ALA AA 100 34.62 -19.61 -59.77
C ALA AA 100 34.20 -20.24 -58.43
N ASP AA 101 32.94 -20.03 -58.01
CA ASP AA 101 32.37 -20.56 -56.77
C ASP AA 101 31.09 -21.35 -57.06
N ASP AA 102 30.66 -22.20 -56.10
CA ASP AA 102 29.47 -23.05 -56.19
C ASP AA 102 28.16 -22.29 -56.47
N GLY AA 103 28.15 -21.00 -56.20
CA GLY AA 103 26.97 -20.17 -56.41
C GLY AA 103 26.20 -19.80 -55.15
N GLY AA 104 26.74 -20.17 -53.98
CA GLY AA 104 26.14 -19.90 -52.67
C GLY AA 104 25.71 -18.47 -52.44
N HIS AA 105 26.39 -17.51 -53.07
CA HIS AA 105 26.05 -16.10 -52.93
C HIS AA 105 25.61 -15.49 -54.26
N TYR AA 106 24.88 -14.38 -54.20
CA TYR AA 106 24.42 -13.69 -55.39
C TYR AA 106 25.59 -13.07 -56.16
N SER AA 107 26.62 -12.57 -55.45
CA SER AA 107 27.76 -11.96 -56.12
C SER AA 107 28.58 -12.97 -56.90
N ASP AA 108 28.61 -14.24 -56.44
CA ASP AA 108 29.32 -15.34 -57.11
C ASP AA 108 28.96 -15.45 -58.59
N PHE AA 109 27.77 -14.98 -58.98
CA PHE AA 109 27.28 -15.08 -60.34
C PHE AA 109 27.95 -14.11 -61.32
N SER AA 110 27.92 -12.78 -61.05
CA SER AA 110 28.54 -11.84 -61.98
C SER AA 110 29.85 -11.23 -61.50
N GLY AA 111 30.14 -11.33 -60.20
CA GLY AA 111 31.39 -10.80 -59.65
C GLY AA 111 32.49 -11.82 -59.47
N GLU AA 112 32.28 -13.05 -59.97
CA GLU AA 112 33.25 -14.13 -59.85
C GLU AA 112 33.27 -15.04 -61.10
N ILE AA 113 33.14 -14.50 -62.33
CA ILE AA 113 33.21 -15.33 -63.54
C ILE AA 113 34.69 -15.49 -63.92
N ASP AA 114 35.20 -16.73 -64.01
CA ASP AA 114 36.61 -16.93 -64.34
C ASP AA 114 36.86 -17.52 -65.75
N ALA AA 115 35.79 -17.79 -66.52
CA ALA AA 115 35.89 -18.33 -67.88
C ALA AA 115 34.69 -17.91 -68.73
N TRP AA 116 34.92 -17.53 -70.00
CA TRP AA 116 33.88 -17.08 -70.94
C TRP AA 116 33.86 -17.89 -72.25
N GLY AA 117 32.78 -17.79 -73.01
CA GLY AA 117 32.63 -18.47 -74.29
C GLY AA 117 32.54 -17.56 -75.49
N HIS AA 118 32.61 -18.15 -76.69
CA HIS AA 118 32.58 -17.48 -78.01
C HIS AA 118 31.40 -16.50 -78.19
N GLY AA 119 30.18 -16.96 -77.97
CA GLY AA 119 28.98 -16.15 -78.09
C GLY AA 119 28.25 -16.29 -79.41
N THR AA 120 26.91 -16.33 -79.37
CA THR AA 120 26.11 -16.42 -80.58
C THR AA 120 25.01 -15.37 -80.58
N GLU AA 121 24.96 -14.59 -81.64
CA GLU AA 121 24.00 -13.52 -81.81
C GLU AA 121 22.60 -14.08 -82.06
N VAL AA 122 21.70 -13.92 -81.08
CA VAL AA 122 20.34 -14.41 -81.23
C VAL AA 122 19.48 -13.33 -81.89
N ILE AA 123 18.96 -13.67 -83.08
CA ILE AA 123 18.20 -12.79 -83.96
C ILE AA 123 16.73 -13.20 -84.00
N VAL AA 124 15.84 -12.42 -83.38
CA VAL AA 124 14.41 -12.73 -83.41
C VAL AA 124 13.74 -12.36 -84.74
N SER AA 125 14.35 -11.44 -85.52
CA SER AA 125 13.84 -11.00 -86.82
C SER AA 125 13.98 -12.12 -87.85
N SER AA 126 12.98 -13.02 -87.92
CA SER AA 126 13.00 -14.14 -88.86
C SER AA 126 12.72 -13.75 -90.31
N ALA AA 127 13.79 -13.41 -91.04
CA ALA AA 127 13.75 -13.04 -92.45
C ALA AA 127 14.65 -14.02 -93.26
N SER AA 128 14.57 -14.01 -94.60
CA SER AA 128 15.38 -14.90 -95.44
C SER AA 128 16.91 -14.59 -95.36
N THR AA 129 17.76 -15.48 -95.93
CA THR AA 129 19.22 -15.33 -95.90
C THR AA 129 19.83 -14.81 -97.22
N LYS AA 130 21.00 -14.13 -97.15
CA LYS AA 130 21.66 -13.58 -98.34
C LYS AA 130 23.14 -13.96 -98.49
N GLY AA 131 23.67 -13.81 -99.71
CA GLY AA 131 25.07 -14.12 -100.02
C GLY AA 131 25.88 -12.88 -100.28
N PRO AA 132 27.13 -12.85 -99.79
CA PRO AA 132 27.97 -11.65 -99.98
C PRO AA 132 28.53 -11.42 -101.38
N SER AA 133 28.77 -10.14 -101.72
CA SER AA 133 29.34 -9.74 -103.00
C SER AA 133 30.66 -9.01 -102.76
N VAL AA 134 31.79 -9.64 -103.10
CA VAL AA 134 33.10 -9.04 -102.89
C VAL AA 134 33.59 -8.22 -104.07
N PHE AA 135 33.82 -6.91 -103.85
CA PHE AA 135 34.32 -6.03 -104.90
C PHE AA 135 35.71 -5.57 -104.52
N PRO AA 136 36.69 -5.68 -105.43
CA PRO AA 136 38.06 -5.26 -105.07
C PRO AA 136 38.22 -3.76 -104.86
N LEU AA 137 39.29 -3.36 -104.16
CA LEU AA 137 39.60 -1.95 -103.91
C LEU AA 137 41.01 -1.70 -104.45
N ALA AA 138 41.12 -1.45 -105.74
CA ALA AA 138 42.40 -1.23 -106.41
C ALA AA 138 43.09 0.07 -106.01
N PRO AA 139 44.41 0.01 -105.78
CA PRO AA 139 45.14 1.24 -105.42
C PRO AA 139 45.44 2.13 -106.63
N THR AA 144 47.53 7.75 -107.10
CA THR AA 144 47.94 7.67 -105.69
C THR AA 144 49.23 6.84 -105.53
N SER AA 145 50.29 7.44 -104.99
CA SER AA 145 51.57 6.74 -104.79
C SER AA 145 52.43 7.35 -103.67
N GLY AA 146 53.27 6.53 -103.07
CA GLY AA 146 54.16 6.97 -102.00
C GLY AA 146 55.08 5.87 -101.52
N GLY AA 147 55.22 5.77 -100.21
CA GLY AA 147 56.07 4.77 -99.59
C GLY AA 147 55.34 3.48 -99.28
N THR AA 148 54.06 3.61 -98.87
CA THR AA 148 53.27 2.44 -98.53
C THR AA 148 51.88 2.55 -99.18
N ALA AA 149 51.44 1.50 -99.90
CA ALA AA 149 50.14 1.50 -100.56
C ALA AA 149 49.10 0.70 -99.78
N ALA AA 150 47.81 1.02 -99.96
CA ALA AA 150 46.73 0.31 -99.27
C ALA AA 150 45.71 -0.26 -100.25
N LEU AA 151 45.40 -1.56 -100.11
CA LEU AA 151 44.43 -2.25 -100.97
C LEU AA 151 43.47 -3.08 -100.11
N GLY AA 152 42.25 -3.30 -100.60
CA GLY AA 152 41.26 -4.06 -99.83
C GLY AA 152 40.17 -4.75 -100.62
N CYS AA 153 39.16 -5.24 -99.91
CA CYS AA 153 38.01 -5.94 -100.49
C CYS AA 153 36.72 -5.48 -99.82
N LEU AA 154 35.65 -5.33 -100.61
CA LEU AA 154 34.37 -4.88 -100.09
C LEU AA 154 33.32 -5.98 -100.04
N VAL AA 155 33.11 -6.54 -98.84
CA VAL AA 155 32.09 -7.57 -98.63
C VAL AA 155 30.75 -6.83 -98.49
N LYS AA 156 30.11 -6.53 -99.61
CA LYS AA 156 28.87 -5.78 -99.59
C LYS AA 156 27.65 -6.68 -99.75
N ASP AA 157 26.59 -6.38 -98.98
CA ASP AA 157 25.28 -7.03 -99.00
C ASP AA 157 25.27 -8.50 -98.56
N TYR AA 158 25.18 -8.74 -97.26
CA TYR AA 158 25.09 -10.09 -96.71
C TYR AA 158 24.29 -10.10 -95.40
N PHE AA 159 23.54 -11.17 -95.14
CA PHE AA 159 22.74 -11.27 -93.93
C PHE AA 159 22.59 -12.73 -93.51
N PRO AA 160 22.84 -13.06 -92.24
CA PRO AA 160 23.21 -12.18 -91.13
C PRO AA 160 24.74 -12.22 -90.83
N GLU AA 161 25.12 -11.85 -89.59
CA GLU AA 161 26.52 -11.83 -89.14
C GLU AA 161 26.94 -13.16 -88.48
N PRO AA 162 28.25 -13.50 -88.49
CA PRO AA 162 29.43 -12.71 -88.89
C PRO AA 162 30.09 -13.16 -90.20
N VAL AA 163 31.16 -12.46 -90.60
CA VAL AA 163 31.91 -12.80 -91.81
C VAL AA 163 33.42 -12.86 -91.48
N THR AA 164 34.13 -13.87 -91.98
CA THR AA 164 35.56 -14.01 -91.70
C THR AA 164 36.40 -13.72 -92.93
N VAL AA 165 37.22 -12.66 -92.87
CA VAL AA 165 38.06 -12.29 -94.00
C VAL AA 165 39.55 -12.46 -93.69
N SER AA 166 40.21 -13.33 -94.44
CA SER AA 166 41.65 -13.58 -94.29
C SER AA 166 42.40 -13.17 -95.57
N TRP AA 167 43.72 -12.93 -95.47
CA TRP AA 167 44.51 -12.52 -96.63
C TRP AA 167 45.58 -13.54 -97.01
N ASN AA 168 45.60 -13.94 -98.30
CA ASN AA 168 46.54 -14.90 -98.87
C ASN AA 168 46.50 -16.27 -98.18
N SER AA 169 45.29 -16.72 -97.80
CA SER AA 169 45.04 -17.99 -97.11
C SER AA 169 45.73 -18.06 -95.74
N GLY AA 170 45.74 -16.95 -95.02
CA GLY AA 170 46.34 -16.88 -93.70
C GLY AA 170 47.82 -16.59 -93.69
N ALA AA 171 48.35 -16.01 -94.78
CA ALA AA 171 49.77 -15.69 -94.86
C ALA AA 171 50.03 -14.25 -94.44
N LEU AA 172 49.16 -13.33 -94.87
CA LEU AA 172 49.30 -11.93 -94.53
C LEU AA 172 48.56 -11.63 -93.24
N THR AA 173 49.29 -11.30 -92.18
CA THR AA 173 48.69 -11.01 -90.88
C THR AA 173 48.95 -9.57 -90.45
N SER AA 174 50.20 -9.10 -90.57
CA SER AA 174 50.56 -7.74 -90.19
C SER AA 174 50.06 -6.72 -91.20
N GLY AA 175 49.46 -5.64 -90.71
CA GLY AA 175 48.92 -4.60 -91.56
C GLY AA 175 47.49 -4.84 -92.02
N VAL AA 176 46.91 -6.00 -91.70
CA VAL AA 176 45.56 -6.34 -92.09
C VAL AA 176 44.56 -5.85 -91.05
N HIS AA 177 43.63 -4.98 -91.47
CA HIS AA 177 42.62 -4.45 -90.56
C HIS AA 177 41.24 -4.87 -91.02
N THR AA 178 40.43 -5.44 -90.13
CA THR AA 178 39.08 -5.86 -90.48
C THR AA 178 38.05 -4.94 -89.80
N PHE AA 179 37.31 -4.19 -90.61
CA PHE AA 179 36.35 -3.21 -90.12
C PHE AA 179 34.98 -3.84 -89.83
N PRO AA 180 34.39 -3.51 -88.66
CA PRO AA 180 33.09 -4.11 -88.32
C PRO AA 180 32.01 -3.72 -89.33
N ALA AA 181 31.14 -4.67 -89.65
CA ALA AA 181 30.08 -4.46 -90.63
C ALA AA 181 29.06 -3.44 -90.17
N VAL AA 182 28.62 -2.59 -91.11
CA VAL AA 182 27.63 -1.57 -90.80
C VAL AA 182 26.25 -2.01 -91.31
N LEU AA 183 25.20 -1.72 -90.52
CA LEU AA 183 23.85 -2.11 -90.91
C LEU AA 183 23.22 -1.05 -91.81
N GLN AA 184 23.13 -1.35 -93.11
CA GLN AA 184 22.55 -0.43 -94.10
C GLN AA 184 21.03 -0.29 -93.92
N SER AA 185 20.43 0.74 -94.54
CA SER AA 185 18.98 0.97 -94.45
C SER AA 185 18.13 -0.16 -95.08
N SER AA 186 18.74 -1.03 -95.89
CA SER AA 186 18.05 -2.16 -96.51
C SER AA 186 18.09 -3.47 -95.70
N GLY AA 187 18.74 -3.47 -94.54
CA GLY AA 187 18.81 -4.67 -93.71
C GLY AA 187 19.92 -5.61 -94.14
N LEU AA 188 21.01 -5.06 -94.68
CA LEU AA 188 22.17 -5.83 -95.10
C LEU AA 188 23.46 -5.23 -94.52
N TYR AA 189 24.50 -6.07 -94.33
CA TYR AA 189 25.77 -5.61 -93.78
C TYR AA 189 26.81 -5.28 -94.84
N SER AA 190 27.74 -4.36 -94.53
CA SER AA 190 28.79 -3.95 -95.47
C SER AA 190 30.16 -3.95 -94.82
N LEU AA 191 30.83 -5.10 -94.82
CA LEU AA 191 32.15 -5.24 -94.21
C LEU AA 191 33.26 -4.87 -95.20
N SER AA 192 34.33 -4.24 -94.72
CA SER AA 192 35.48 -3.89 -95.55
C SER AA 192 36.78 -4.29 -94.86
N SER AA 193 37.65 -5.03 -95.53
CA SER AA 193 38.94 -5.43 -94.95
C SER AA 193 40.07 -4.86 -95.77
N VAL AA 194 40.91 -4.00 -95.19
CA VAL AA 194 42.04 -3.42 -95.92
C VAL AA 194 43.37 -4.00 -95.41
N VAL AA 195 44.43 -3.87 -96.21
CA VAL AA 195 45.76 -4.33 -95.83
C VAL AA 195 46.80 -3.35 -96.38
N THR AA 196 47.72 -2.87 -95.53
CA THR AA 196 48.74 -1.92 -95.93
C THR AA 196 50.08 -2.58 -96.31
N VAL AA 197 50.30 -2.81 -97.61
CA VAL AA 197 51.52 -3.42 -98.11
C VAL AA 197 52.42 -2.36 -98.79
N PRO AA 198 53.75 -2.59 -98.85
CA PRO AA 198 54.64 -1.58 -99.44
C PRO AA 198 54.39 -1.31 -100.92
N SER AA 199 54.79 -0.12 -101.41
CA SER AA 199 54.60 0.27 -102.80
C SER AA 199 55.47 -0.54 -103.77
N SER AA 200 56.66 -0.98 -103.30
CA SER AA 200 57.57 -1.78 -104.12
C SER AA 200 57.06 -3.21 -104.35
N SER AA 201 56.22 -3.73 -103.44
CA SER AA 201 55.66 -5.07 -103.55
C SER AA 201 54.49 -5.19 -104.55
N LEU AA 202 54.01 -4.06 -105.09
CA LEU AA 202 52.90 -4.07 -106.06
C LEU AA 202 53.40 -4.57 -107.41
N GLY AA 203 52.96 -5.76 -107.79
CA GLY AA 203 53.36 -6.36 -109.06
C GLY AA 203 54.02 -7.72 -108.88
N THR AA 204 55.02 -7.79 -108.01
CA THR AA 204 55.74 -9.02 -107.74
C THR AA 204 54.94 -9.99 -106.85
N GLN AA 205 54.02 -9.47 -106.03
CA GLN AA 205 53.20 -10.31 -105.16
C GLN AA 205 51.73 -10.30 -105.53
N THR AA 206 51.03 -11.39 -105.24
CA THR AA 206 49.60 -11.53 -105.54
C THR AA 206 48.78 -11.50 -104.24
N TYR AA 207 47.78 -10.61 -104.15
CA TYR AA 207 46.95 -10.50 -102.96
C TYR AA 207 45.52 -10.98 -103.21
N ILE AA 208 45.13 -12.10 -102.59
CA ILE AA 208 43.80 -12.67 -102.77
C ILE AA 208 43.03 -12.72 -101.45
N CYS AA 209 42.01 -11.86 -101.29
CA CYS AA 209 41.22 -11.85 -100.07
C CYS AA 209 40.27 -13.04 -100.05
N ASN AA 210 40.27 -13.80 -98.96
CA ASN AA 210 39.39 -14.97 -98.82
C ASN AA 210 38.23 -14.66 -97.87
N VAL AA 211 37.05 -14.39 -98.39
CA VAL AA 211 35.89 -14.10 -97.54
C VAL AA 211 35.06 -15.36 -97.37
N ASN AA 212 34.88 -15.80 -96.13
CA ASN AA 212 34.07 -16.98 -95.84
C ASN AA 212 32.85 -16.53 -95.06
N HIS AA 213 31.67 -16.85 -95.58
CA HIS AA 213 30.40 -16.53 -94.93
C HIS AA 213 29.73 -17.84 -94.55
N LYS AA 214 29.71 -18.15 -93.25
CA LYS AA 214 29.14 -19.39 -92.72
C LYS AA 214 27.60 -19.51 -92.87
N PRO AA 215 26.79 -18.46 -92.64
CA PRO AA 215 25.32 -18.64 -92.75
C PRO AA 215 24.82 -19.12 -94.11
N SER AA 216 25.21 -18.46 -95.21
CA SER AA 216 24.77 -18.84 -96.54
C SER AA 216 25.70 -19.87 -97.22
N ASN AA 217 26.73 -20.39 -96.50
CA ASN AA 217 27.73 -21.32 -97.01
C ASN AA 217 28.47 -20.77 -98.25
N THR AA 218 28.64 -19.46 -98.30
CA THR AA 218 29.29 -18.79 -99.42
C THR AA 218 30.77 -18.61 -99.12
N LYS AA 219 31.64 -18.88 -100.09
CA LYS AA 219 33.07 -18.69 -99.89
C LYS AA 219 33.66 -18.14 -101.18
N VAL AA 220 33.89 -16.83 -101.22
CA VAL AA 220 34.41 -16.16 -102.41
C VAL AA 220 35.84 -15.66 -102.22
N ASP AA 221 36.71 -15.99 -103.17
CA ASP AA 221 38.11 -15.56 -103.17
C ASP AA 221 38.24 -14.50 -104.27
N LYS AA 222 38.77 -13.32 -103.94
CA LYS AA 222 38.87 -12.24 -104.91
C LYS AA 222 40.29 -11.67 -105.01
N LYS AA 223 40.81 -11.54 -106.23
CA LYS AA 223 42.17 -11.05 -106.46
C LYS AA 223 42.14 -9.56 -106.73
N VAL AA 224 42.75 -8.76 -105.85
CA VAL AA 224 42.79 -7.32 -106.02
C VAL AA 224 44.16 -6.84 -106.52
N ALA BA 1 22.16 1.51 -58.21
CA ALA BA 1 22.63 0.35 -58.97
C ALA BA 1 24.21 0.35 -59.11
N LEU BA 2 24.82 -0.59 -59.86
CA LEU BA 2 26.27 -0.67 -60.02
C LEU BA 2 26.81 0.42 -60.94
N THR BA 3 26.95 1.63 -60.40
CA THR BA 3 27.38 2.77 -61.19
C THR BA 3 28.89 2.94 -61.25
N GLN BA 4 29.37 3.11 -62.48
CA GLN BA 4 30.77 3.37 -62.84
C GLN BA 4 30.81 4.53 -63.88
N PRO BA 5 31.97 5.16 -64.18
CA PRO BA 5 31.96 6.28 -65.14
C PRO BA 5 31.82 5.83 -66.59
N SER BA 6 31.44 6.76 -67.48
CA SER BA 6 31.27 6.42 -68.89
C SER BA 6 32.60 6.22 -69.61
N SER BA 7 33.64 6.96 -69.19
CA SER BA 7 34.97 6.84 -69.78
C SER BA 7 36.06 7.46 -68.91
N VAL BA 8 37.30 7.00 -69.10
CA VAL BA 8 38.52 7.48 -68.45
C VAL BA 8 39.69 7.42 -69.47
N SER BA 9 40.68 8.34 -69.34
CA SER BA 9 41.82 8.38 -70.26
C SER BA 9 43.16 8.62 -69.53
N ALA BA 10 44.24 7.98 -70.01
CA ALA BA 10 45.59 8.13 -69.46
C ALA BA 10 46.71 7.84 -70.49
N ASN BA 11 47.83 8.56 -70.38
CA ASN BA 11 48.97 8.36 -71.29
C ASN BA 11 49.73 7.07 -70.93
N PRO BA 12 50.19 6.30 -71.94
CA PRO BA 12 50.90 5.04 -71.65
C PRO BA 12 51.97 5.10 -70.55
N GLY BA 13 51.71 4.43 -69.45
CA GLY BA 13 52.59 4.40 -68.30
C GLY BA 13 51.93 4.82 -67.00
N GLU BA 14 50.82 5.57 -67.08
CA GLU BA 14 50.10 6.07 -65.91
C GLU BA 14 49.21 5.02 -65.21
N THR BA 15 48.74 5.33 -63.98
CA THR BA 15 47.87 4.47 -63.17
C THR BA 15 46.39 4.81 -63.46
N VAL BA 16 45.53 3.80 -63.54
CA VAL BA 16 44.10 4.00 -63.85
C VAL BA 16 43.21 3.64 -62.65
N LYS BA 17 42.38 4.58 -62.15
CA LYS BA 17 41.49 4.27 -61.02
C LYS BA 17 40.02 4.14 -61.48
N ILE BA 18 39.54 2.91 -61.65
CA ILE BA 18 38.16 2.69 -62.07
C ILE BA 18 37.25 2.36 -60.90
N THR BA 19 36.39 3.29 -60.48
CA THR BA 19 35.44 3.00 -59.40
C THR BA 19 34.13 2.44 -59.95
N CYS BA 20 33.51 1.57 -59.18
CA CYS BA 20 32.23 0.92 -59.43
C CYS BA 20 31.62 0.88 -58.02
N SER BA 21 30.55 1.66 -57.78
CA SER BA 21 29.98 1.74 -56.44
C SER BA 21 28.49 1.36 -56.34
N GLY BA 22 28.03 1.13 -55.12
CA GLY BA 22 26.66 0.73 -54.85
C GLY BA 22 26.51 -0.69 -54.36
N SER BA 23 27.60 -1.48 -54.38
CA SER BA 23 27.58 -2.86 -53.93
C SER BA 23 28.72 -3.14 -52.97
N THR BA 24 28.45 -3.97 -51.97
CA THR BA 24 29.38 -4.29 -50.89
C THR BA 24 29.97 -5.72 -50.98
N TYR BA 25 29.56 -6.52 -51.96
CA TYR BA 25 30.01 -7.90 -52.05
C TYR BA 25 31.13 -8.08 -53.11
N ASN BA 26 31.38 -9.29 -53.64
CA ASN BA 26 32.50 -9.57 -54.53
C ASN BA 26 32.43 -8.96 -55.95
N TYR BA 27 33.44 -8.14 -56.28
CA TYR BA 27 33.57 -7.45 -57.57
C TYR BA 27 34.26 -8.28 -58.66
N GLY BA 28 33.91 -7.99 -59.91
CA GLY BA 28 34.47 -8.67 -61.08
C GLY BA 28 34.60 -7.77 -62.28
N TRP BA 29 35.83 -7.59 -62.78
CA TRP BA 29 36.09 -6.73 -63.92
C TRP BA 29 36.33 -7.54 -65.17
N TYR BA 30 35.67 -7.16 -66.28
CA TYR BA 30 35.82 -7.91 -67.52
C TYR BA 30 36.26 -7.07 -68.70
N GLN BA 31 37.48 -7.34 -69.21
CA GLN BA 31 38.04 -6.63 -70.35
C GLN BA 31 37.34 -7.07 -71.62
N GLN BA 32 36.82 -6.11 -72.39
CA GLN BA 32 36.18 -6.39 -73.67
C GLN BA 32 36.67 -5.34 -74.62
N LYS BA 33 37.53 -5.71 -75.57
CA LYS BA 33 38.11 -4.77 -76.51
C LYS BA 33 37.10 -4.33 -77.59
N SER BA 34 36.39 -5.28 -78.18
CA SER BA 34 35.42 -4.97 -79.23
C SER BA 34 34.01 -5.20 -78.75
N PRO BA 35 33.14 -4.20 -78.86
CA PRO BA 35 31.73 -4.41 -78.47
C PRO BA 35 31.09 -5.48 -79.35
N GLY BA 36 30.57 -6.51 -78.73
CA GLY BA 36 30.01 -7.65 -79.45
C GLY BA 36 30.91 -8.87 -79.34
N SER BA 37 32.24 -8.64 -79.27
CA SER BA 37 33.26 -9.69 -79.12
C SER BA 37 33.19 -10.33 -77.73
N ALA BA 38 33.77 -11.52 -77.58
CA ALA BA 38 33.79 -12.19 -76.29
C ALA BA 38 34.82 -11.56 -75.36
N PRO BA 39 34.43 -11.26 -74.11
CA PRO BA 39 35.36 -10.63 -73.16
C PRO BA 39 36.19 -11.63 -72.35
N VAL BA 40 37.26 -11.17 -71.69
CA VAL BA 40 38.10 -12.06 -70.89
C VAL BA 40 38.37 -11.49 -69.50
N THR BA 41 38.27 -12.37 -68.49
CA THR BA 41 38.44 -12.11 -67.07
C THR BA 41 39.80 -11.52 -66.68
N VAL BA 42 39.79 -10.30 -66.12
CA VAL BA 42 41.03 -9.68 -65.67
C VAL BA 42 41.14 -9.76 -64.14
N ILE BA 43 40.08 -9.35 -63.41
CA ILE BA 43 40.04 -9.41 -61.95
C ILE BA 43 38.70 -10.00 -61.51
N TYR BA 44 38.73 -11.03 -60.68
CA TYR BA 44 37.52 -11.68 -60.16
C TYR BA 44 37.65 -11.89 -58.62
N TYR BA 45 36.52 -11.99 -57.87
CA TYR BA 45 36.53 -12.17 -56.40
C TYR BA 45 37.22 -11.01 -55.67
N ASN BA 46 36.96 -9.78 -56.14
CA ASN BA 46 37.54 -8.53 -55.61
C ASN BA 46 38.97 -8.27 -56.07
N ASP BA 47 39.88 -9.26 -55.95
CA ASP BA 47 41.27 -9.05 -56.32
C ASP BA 47 42.00 -10.27 -56.92
N LYS BA 48 41.34 -11.45 -56.97
CA LYS BA 48 41.98 -12.63 -57.57
C LYS BA 48 42.18 -12.38 -59.06
N ARG BA 49 43.34 -12.77 -59.60
CA ARG BA 49 43.67 -12.52 -61.01
C ARG BA 49 44.06 -13.84 -61.69
N PRO BA 50 43.53 -14.15 -62.89
CA PRO BA 50 43.89 -15.42 -63.52
C PRO BA 50 45.36 -15.52 -63.88
N SER BA 51 45.89 -16.76 -63.88
CA SER BA 51 47.30 -17.04 -64.15
C SER BA 51 47.84 -16.43 -65.44
N ASP BA 52 47.07 -16.54 -66.53
CA ASP BA 52 47.48 -16.03 -67.85
C ASP BA 52 47.28 -14.52 -68.04
N ILE BA 53 47.04 -13.77 -66.97
CA ILE BA 53 46.80 -12.33 -67.06
C ILE BA 53 48.00 -11.54 -66.51
N PRO BA 54 48.37 -10.41 -67.14
CA PRO BA 54 49.52 -9.61 -66.66
C PRO BA 54 49.37 -9.03 -65.24
N SER BA 55 50.49 -8.85 -64.52
CA SER BA 55 50.49 -8.34 -63.15
C SER BA 55 50.16 -6.85 -63.01
N ARG BA 56 49.99 -6.12 -64.13
CA ARG BA 56 49.66 -4.69 -64.13
C ARG BA 56 48.34 -4.42 -63.42
N PHE BA 57 47.38 -5.35 -63.55
CA PHE BA 57 46.04 -5.26 -62.96
C PHE BA 57 45.96 -5.67 -61.48
N SER BA 58 45.10 -4.98 -60.72
CA SER BA 58 44.83 -5.20 -59.29
C SER BA 58 43.48 -4.56 -58.90
N GLY BA 59 42.92 -4.93 -57.73
CA GLY BA 59 41.64 -4.39 -57.30
C GLY BA 59 41.35 -4.46 -55.82
N SER BA 60 40.66 -3.44 -55.27
CA SER BA 60 40.33 -3.43 -53.85
C SER BA 60 38.89 -2.98 -53.55
N LYS BA 61 38.38 -3.32 -52.36
CA LYS BA 61 37.03 -2.94 -51.96
C LYS BA 61 37.03 -2.28 -50.58
N SER BA 62 36.38 -1.10 -50.49
CA SER BA 62 36.26 -0.35 -49.23
C SER BA 62 34.79 0.03 -49.05
N GLY BA 63 34.05 -0.80 -48.31
CA GLY BA 63 32.63 -0.57 -48.09
C GLY BA 63 31.82 -0.91 -49.32
N SER BA 64 31.37 0.12 -50.07
CA SER BA 64 30.60 -0.10 -51.28
C SER BA 64 31.35 0.29 -52.58
N THR BA 65 32.66 0.56 -52.50
CA THR BA 65 33.43 0.95 -53.69
C THR BA 65 34.40 -0.14 -54.10
N GLY BA 66 34.43 -0.41 -55.39
CA GLY BA 66 35.35 -1.36 -55.98
C GLY BA 66 36.26 -0.62 -56.94
N THR BA 67 37.58 -0.66 -56.71
CA THR BA 67 38.52 0.09 -57.55
C THR BA 67 39.49 -0.80 -58.31
N LEU BA 68 39.49 -0.68 -59.65
CA LEU BA 68 40.39 -1.42 -60.55
C LEU BA 68 41.61 -0.55 -60.87
N THR BA 69 42.81 -1.04 -60.57
CA THR BA 69 44.03 -0.27 -60.80
C THR BA 69 45.02 -1.00 -61.71
N ILE BA 70 45.50 -0.29 -62.74
CA ILE BA 70 46.48 -0.77 -63.70
C ILE BA 70 47.74 0.08 -63.55
N THR BA 71 48.84 -0.49 -63.05
CA THR BA 71 50.07 0.28 -62.87
C THR BA 71 50.98 0.13 -64.07
N GLY BA 72 50.98 1.14 -64.92
CA GLY BA 72 51.77 1.15 -66.15
C GLY BA 72 50.90 0.70 -67.31
N VAL BA 73 49.94 1.55 -67.72
CA VAL BA 73 49.03 1.20 -68.80
C VAL BA 73 49.76 1.01 -70.16
N GLN BA 74 49.65 -0.20 -70.71
CA GLN BA 74 50.27 -0.56 -71.97
C GLN BA 74 49.43 -0.08 -73.18
N ALA BA 75 49.80 -0.50 -74.40
CA ALA BA 75 49.12 -0.11 -75.63
C ALA BA 75 47.91 -0.98 -75.95
N GLU BA 76 47.95 -2.25 -75.54
CA GLU BA 76 46.89 -3.23 -75.81
C GLU BA 76 45.72 -3.16 -74.84
N ASP BA 77 45.53 -2.02 -74.17
CA ASP BA 77 44.48 -1.90 -73.19
C ASP BA 77 43.27 -1.14 -73.69
N GLU BA 78 42.96 -1.21 -75.02
CA GLU BA 78 41.71 -0.58 -75.50
C GLU BA 78 40.62 -1.52 -75.07
N ALA BA 79 39.82 -1.14 -74.07
CA ALA BA 79 38.72 -1.98 -73.65
C ALA BA 79 37.65 -1.21 -72.94
N VAL BA 80 36.40 -1.56 -73.23
CA VAL BA 80 35.29 -1.05 -72.45
C VAL BA 80 35.27 -2.04 -71.28
N TYR BA 81 35.36 -1.52 -70.06
CA TYR BA 81 35.43 -2.35 -68.86
C TYR BA 81 34.11 -2.34 -68.14
N TYR BA 82 33.63 -3.52 -67.75
CA TYR BA 82 32.37 -3.63 -67.03
C TYR BA 82 32.61 -4.28 -65.69
N CYS BA 83 32.02 -3.73 -64.61
CA CYS BA 83 32.08 -4.35 -63.29
C CYS BA 83 30.85 -5.24 -63.16
N GLY BA 84 31.04 -6.36 -62.49
CA GLY BA 84 30.01 -7.34 -62.27
C GLY BA 84 29.94 -7.62 -60.80
N ASN BA 85 28.74 -7.62 -60.26
CA ASN BA 85 28.52 -7.85 -58.85
C ASN BA 85 27.01 -7.96 -58.60
N SER BA 86 26.62 -8.43 -57.42
CA SER BA 86 25.23 -8.45 -57.06
C SER BA 86 24.94 -7.06 -56.48
N ASP BA 87 23.85 -6.44 -56.91
CA ASP BA 87 23.40 -5.20 -56.30
C ASP BA 87 22.03 -5.48 -55.72
N SER BA 88 21.95 -5.43 -54.39
CA SER BA 88 20.70 -5.65 -53.68
C SER BA 88 20.08 -7.01 -54.01
N ARG BA 89 20.78 -8.11 -53.63
CA ARG BA 89 20.33 -9.49 -53.83
C ARG BA 89 19.84 -9.78 -55.25
N ASN BA 90 20.61 -9.29 -56.24
CA ASN BA 90 20.30 -9.45 -57.65
C ASN BA 90 21.58 -9.30 -58.43
N VAL BA 91 21.85 -10.18 -59.40
CA VAL BA 91 23.08 -10.20 -60.20
C VAL BA 91 23.08 -9.13 -61.32
N ALA BA 92 23.85 -8.06 -61.14
CA ALA BA 92 23.86 -6.96 -62.12
C ALA BA 92 25.29 -6.55 -62.58
N PHE BA 93 25.37 -5.73 -63.67
CA PHE BA 93 26.61 -5.18 -64.24
C PHE BA 93 26.55 -3.64 -64.30
N GLY BA 94 27.72 -3.02 -64.40
CA GLY BA 94 27.80 -1.58 -64.55
C GLY BA 94 27.49 -1.13 -65.97
N ALA BA 95 27.38 0.18 -66.18
CA ALA BA 95 27.09 0.73 -67.52
C ALA BA 95 28.27 0.60 -68.51
N GLY BA 96 29.48 0.57 -67.97
CA GLY BA 96 30.70 0.47 -68.76
C GLY BA 96 31.63 1.64 -68.52
N THR BA 97 32.92 1.46 -68.84
CA THR BA 97 33.93 2.50 -68.68
C THR BA 97 34.92 2.33 -69.84
N THR BA 98 35.10 3.35 -70.71
CA THR BA 98 35.97 3.18 -71.89
C THR BA 98 37.40 3.65 -71.63
N LEU BA 99 38.37 2.75 -71.83
CA LEU BA 99 39.77 3.09 -71.61
C LEU BA 99 40.48 3.59 -72.85
N THR BA 100 40.19 4.83 -73.23
CA THR BA 100 40.85 5.47 -74.36
C THR BA 100 42.27 5.82 -73.91
N VAL BA 101 43.29 5.27 -74.57
CA VAL BA 101 44.68 5.58 -74.21
C VAL BA 101 44.95 7.00 -74.72
N LEU BA 102 45.32 7.92 -73.84
CA LEU BA 102 45.57 9.32 -74.19
C LEU BA 102 46.94 9.48 -74.86
N ARG BA 103 46.96 9.62 -76.18
CA ARG BA 103 48.21 9.76 -76.92
C ARG BA 103 48.30 11.10 -77.70
N THR BA 104 49.37 11.31 -78.49
CA THR BA 104 49.55 12.54 -79.26
C THR BA 104 48.53 12.69 -80.39
N VAL BA 105 48.28 13.94 -80.81
CA VAL BA 105 47.32 14.25 -81.88
C VAL BA 105 47.82 13.78 -83.24
N ALA BA 106 47.07 12.89 -83.90
CA ALA BA 106 47.47 12.36 -85.20
C ALA BA 106 46.58 12.89 -86.33
N ALA BA 107 47.13 12.97 -87.54
CA ALA BA 107 46.40 13.45 -88.70
C ALA BA 107 45.92 12.30 -89.58
N PRO BA 108 44.67 12.37 -90.06
CA PRO BA 108 44.15 11.27 -90.89
C PRO BA 108 44.50 11.36 -92.37
N SER BA 109 44.66 10.20 -93.01
CA SER BA 109 44.95 10.14 -94.44
C SER BA 109 43.64 9.86 -95.16
N VAL BA 110 43.16 10.81 -95.96
CA VAL BA 110 41.88 10.68 -96.66
C VAL BA 110 41.96 9.89 -97.96
N PHE BA 111 41.07 8.90 -98.12
CA PHE BA 111 41.00 8.06 -99.32
C PHE BA 111 39.55 8.02 -99.83
N ILE BA 112 39.35 8.04 -101.15
CA ILE BA 112 38.01 7.95 -101.71
C ILE BA 112 37.85 6.68 -102.58
N PHE BA 113 36.65 6.12 -102.64
CA PHE BA 113 36.41 4.88 -103.40
C PHE BA 113 35.17 4.96 -104.28
N PRO BA 114 35.35 5.01 -105.60
CA PRO BA 114 34.18 5.01 -106.51
C PRO BA 114 33.48 3.65 -106.54
N PRO BA 115 32.15 3.60 -106.75
CA PRO BA 115 31.46 2.30 -106.75
C PRO BA 115 31.83 1.41 -107.94
N SER BA 116 31.75 0.09 -107.74
CA SER BA 116 32.09 -0.88 -108.78
C SER BA 116 31.04 -0.94 -109.89
N ASP BA 117 31.42 -1.46 -111.06
CA ASP BA 117 30.50 -1.62 -112.17
C ASP BA 117 29.50 -2.76 -111.88
N GLU BA 118 29.91 -3.79 -111.12
CA GLU BA 118 29.00 -4.88 -110.72
C GLU BA 118 27.91 -4.35 -109.77
N GLN BA 119 28.23 -3.31 -108.96
CA GLN BA 119 27.29 -2.70 -108.05
C GLN BA 119 26.34 -1.76 -108.83
N LEU BA 120 26.88 -1.03 -109.82
CA LEU BA 120 26.10 -0.10 -110.64
C LEU BA 120 24.99 -0.80 -111.43
N LYS BA 121 25.27 -1.99 -111.97
CA LYS BA 121 24.27 -2.76 -112.74
C LYS BA 121 23.15 -3.30 -111.83
N SER BA 122 23.44 -3.52 -110.54
CA SER BA 122 22.43 -3.99 -109.58
C SER BA 122 21.40 -2.90 -109.19
N GLY BA 123 21.53 -1.70 -109.73
CA GLY BA 123 20.62 -0.60 -109.48
C GLY BA 123 21.00 0.36 -108.37
N THR BA 124 22.17 0.17 -107.75
CA THR BA 124 22.60 1.05 -106.67
C THR BA 124 24.03 1.59 -106.90
N ALA BA 125 24.44 2.63 -106.13
CA ALA BA 125 25.75 3.24 -106.27
C ALA BA 125 26.22 3.81 -104.93
N SER BA 126 27.08 3.08 -104.22
CA SER BA 126 27.54 3.55 -102.91
C SER BA 126 28.99 4.01 -102.93
N VAL BA 127 29.17 5.32 -102.73
CA VAL BA 127 30.48 5.98 -102.71
C VAL BA 127 31.04 5.88 -101.30
N VAL BA 128 32.31 5.51 -101.17
CA VAL BA 128 32.93 5.32 -99.85
C VAL BA 128 34.04 6.32 -99.60
N CYS BA 129 34.21 6.73 -98.35
CA CYS BA 129 35.31 7.60 -97.92
C CYS BA 129 36.01 6.90 -96.74
N LEU BA 130 37.34 7.06 -96.60
CA LEU BA 130 38.07 6.37 -95.55
C LEU BA 130 39.18 7.17 -94.88
N LEU BA 131 39.09 7.30 -93.56
CA LEU BA 131 40.15 7.92 -92.75
C LEU BA 131 40.95 6.74 -92.16
N ASN BA 132 42.28 6.87 -91.96
CA ASN BA 132 43.04 5.69 -91.51
C ASN BA 132 43.88 5.83 -90.23
N ASN BA 133 44.38 7.02 -89.89
CA ASN BA 133 45.19 7.15 -88.67
C ASN BA 133 45.00 8.47 -87.94
N PHE BA 134 43.80 8.66 -87.35
CA PHE BA 134 43.50 9.91 -86.66
C PHE BA 134 43.31 9.77 -85.17
N TYR BA 135 43.67 10.82 -84.44
CA TYR BA 135 43.52 10.89 -83.00
C TYR BA 135 43.33 12.37 -82.63
N PRO BA 136 42.26 12.73 -81.89
CA PRO BA 136 41.25 11.87 -81.26
C PRO BA 136 40.12 11.42 -82.18
N ARG BA 137 39.15 10.64 -81.66
CA ARG BA 137 38.00 10.09 -82.36
C ARG BA 137 37.08 11.15 -82.96
N GLU BA 138 37.12 12.39 -82.43
CA GLU BA 138 36.27 13.47 -82.94
C GLU BA 138 36.68 13.92 -84.34
N ALA BA 139 35.83 13.63 -85.33
CA ALA BA 139 36.08 13.99 -86.73
C ALA BA 139 34.78 14.33 -87.47
N LYS BA 140 34.88 15.14 -88.53
CA LYS BA 140 33.70 15.55 -89.29
C LYS BA 140 33.84 15.19 -90.77
N VAL BA 141 32.87 14.46 -91.32
CA VAL BA 141 32.89 14.08 -92.74
C VAL BA 141 31.70 14.67 -93.49
N GLN BA 142 31.96 15.51 -94.50
CA GLN BA 142 30.93 16.16 -95.29
C GLN BA 142 30.99 15.69 -96.74
N TRP BA 143 29.83 15.48 -97.38
CA TRP BA 143 29.79 15.05 -98.78
C TRP BA 143 29.38 16.19 -99.71
N LYS BA 144 30.01 16.28 -100.88
CA LYS BA 144 29.70 17.31 -101.85
C LYS BA 144 29.36 16.72 -103.21
N VAL BA 145 28.09 16.28 -103.39
CA VAL BA 145 27.66 15.74 -104.67
C VAL BA 145 27.38 16.92 -105.59
N ASP BA 146 28.26 17.11 -106.59
CA ASP BA 146 28.22 18.22 -107.57
C ASP BA 146 28.36 19.56 -106.86
N ASN BA 147 29.29 19.63 -105.89
CA ASN BA 147 29.60 20.80 -105.07
C ASN BA 147 28.42 21.29 -104.23
N ALA BA 148 27.59 20.35 -103.73
CA ALA BA 148 26.45 20.70 -102.90
C ALA BA 148 26.47 19.86 -101.63
N LEU BA 149 26.24 20.48 -100.46
CA LEU BA 149 26.24 19.81 -99.17
C LEU BA 149 25.20 18.70 -99.06
N GLN BA 150 25.62 17.51 -98.62
CA GLN BA 150 24.73 16.36 -98.48
C GLN BA 150 24.62 15.94 -97.02
N SER BA 151 23.39 15.74 -96.53
CA SER BA 151 23.16 15.32 -95.16
C SER BA 151 21.95 14.40 -95.06
N GLY BA 152 22.03 13.39 -94.20
CA GLY BA 152 20.96 12.43 -94.01
C GLY BA 152 21.22 11.12 -94.71
N ASN BA 153 21.83 11.18 -95.90
CA ASN BA 153 22.16 9.98 -96.68
C ASN BA 153 23.61 9.55 -96.48
N SER BA 154 24.15 9.75 -95.28
CA SER BA 154 25.54 9.39 -94.99
C SER BA 154 25.63 8.62 -93.69
N GLN BA 155 26.17 7.40 -93.74
CA GLN BA 155 26.32 6.57 -92.55
C GLN BA 155 27.80 6.32 -92.28
N GLU BA 156 28.29 6.78 -91.13
CA GLU BA 156 29.70 6.60 -90.77
C GLU BA 156 29.89 5.75 -89.52
N SER BA 157 31.08 5.14 -89.38
CA SER BA 157 31.38 4.31 -88.23
C SER BA 157 32.87 4.39 -87.90
N VAL BA 158 33.20 4.32 -86.60
CA VAL BA 158 34.59 4.38 -86.16
C VAL BA 158 35.00 3.04 -85.55
N THR BA 159 36.17 2.52 -85.95
CA THR BA 159 36.72 1.27 -85.43
C THR BA 159 37.23 1.42 -84.00
N GLU BA 160 37.50 0.30 -83.31
CA GLU BA 160 38.08 0.33 -81.98
C GLU BA 160 39.52 0.90 -82.07
N GLN BA 161 39.99 1.55 -81.00
CA GLN BA 161 41.33 2.13 -80.94
C GLN BA 161 42.37 1.02 -81.12
N ASP BA 162 43.42 1.28 -81.92
CA ASP BA 162 44.44 0.28 -82.20
C ASP BA 162 45.09 -0.32 -80.93
N SER BA 163 45.29 -1.64 -80.96
CA SER BA 163 45.95 -2.37 -79.87
C SER BA 163 47.48 -2.10 -79.81
N LYS BA 164 47.99 -1.20 -80.68
CA LYS BA 164 49.40 -0.87 -80.73
C LYS BA 164 49.64 0.65 -80.85
N ASP BA 165 49.14 1.27 -81.93
CA ASP BA 165 49.33 2.72 -82.12
C ASP BA 165 48.24 3.60 -81.49
N SER BA 166 47.18 2.98 -80.95
CA SER BA 166 46.05 3.66 -80.33
C SER BA 166 45.42 4.74 -81.24
N THR BA 167 45.20 4.40 -82.51
CA THR BA 167 44.61 5.32 -83.46
C THR BA 167 43.25 4.82 -83.96
N TYR BA 168 42.41 5.75 -84.44
CA TYR BA 168 41.08 5.44 -84.95
C TYR BA 168 41.03 5.42 -86.49
N SER BA 169 39.95 4.87 -87.07
CA SER BA 169 39.75 4.81 -88.52
C SER BA 169 38.26 4.93 -88.84
N LEU BA 170 37.87 5.94 -89.64
CA LEU BA 170 36.48 6.20 -89.97
C LEU BA 170 36.14 5.70 -91.37
N SER BA 171 34.92 5.17 -91.55
CA SER BA 171 34.48 4.68 -92.85
C SER BA 171 33.08 5.20 -93.17
N SER BA 172 32.98 6.38 -93.80
CA SER BA 172 31.70 6.95 -94.16
C SER BA 172 31.20 6.45 -95.51
N THR BA 173 29.89 6.26 -95.65
CA THR BA 173 29.33 5.77 -96.90
C THR BA 173 28.18 6.64 -97.41
N LEU BA 174 28.32 7.19 -98.61
CA LEU BA 174 27.31 8.02 -99.24
C LEU BA 174 26.37 7.11 -100.03
N THR BA 175 25.15 6.93 -99.54
CA THR BA 175 24.18 6.06 -100.19
C THR BA 175 23.39 6.80 -101.26
N LEU BA 176 23.43 6.29 -102.49
CA LEU BA 176 22.71 6.88 -103.62
C LEU BA 176 22.27 5.81 -104.63
N SER BA 177 21.24 6.11 -105.41
CA SER BA 177 20.77 5.18 -106.44
C SER BA 177 21.61 5.30 -107.73
N LYS BA 178 21.46 4.36 -108.67
CA LYS BA 178 22.24 4.38 -109.91
C LYS BA 178 21.92 5.61 -110.76
N ALA BA 179 20.64 5.96 -110.84
CA ALA BA 179 20.19 7.12 -111.61
C ALA BA 179 20.80 8.42 -111.09
N ASP BA 180 20.82 8.60 -109.76
CA ASP BA 180 21.37 9.81 -109.13
C ASP BA 180 22.88 9.93 -109.32
N TYR BA 181 23.59 8.79 -109.37
CA TYR BA 181 25.03 8.78 -109.55
C TYR BA 181 25.42 9.35 -110.90
N GLU BA 182 24.71 8.95 -111.97
CA GLU BA 182 24.96 9.40 -113.34
C GLU BA 182 24.60 10.87 -113.54
N LYS BA 183 23.61 11.37 -112.79
CA LYS BA 183 23.18 12.77 -112.85
C LYS BA 183 24.29 13.73 -112.47
N HIS BA 184 25.18 13.33 -111.56
CA HIS BA 184 26.27 14.17 -111.10
C HIS BA 184 27.65 13.61 -111.53
N LYS BA 185 28.71 14.41 -111.35
CA LYS BA 185 30.05 13.99 -111.76
C LYS BA 185 31.12 14.20 -110.69
N VAL BA 186 31.24 15.41 -110.15
CA VAL BA 186 32.23 15.68 -109.12
C VAL BA 186 31.73 15.24 -107.73
N TYR BA 187 32.40 14.25 -107.14
CA TYR BA 187 32.02 13.74 -105.82
C TYR BA 187 33.15 14.01 -104.84
N ALA BA 188 32.92 14.91 -103.89
CA ALA BA 188 33.94 15.27 -102.91
C ALA BA 188 33.67 14.78 -101.49
N CYS BA 189 34.73 14.62 -100.70
CA CYS BA 189 34.63 14.16 -99.32
C CYS BA 189 35.48 15.06 -98.41
N GLU BA 190 34.86 16.10 -97.86
CA GLU BA 190 35.54 17.05 -96.98
C GLU BA 190 35.74 16.46 -95.59
N VAL BA 191 36.98 16.50 -95.08
CA VAL BA 191 37.29 15.95 -93.77
C VAL BA 191 37.82 17.05 -92.83
N THR BA 192 37.13 17.27 -91.71
CA THR BA 192 37.53 18.26 -90.72
C THR BA 192 38.10 17.56 -89.49
N HIS BA 193 39.35 17.89 -89.11
CA HIS BA 193 39.98 17.26 -87.95
C HIS BA 193 40.84 18.26 -87.16
N GLN BA 194 41.13 17.95 -85.89
CA GLN BA 194 41.93 18.80 -85.01
C GLN BA 194 43.38 18.90 -85.50
N GLY BA 195 43.92 17.78 -85.98
CA GLY BA 195 45.28 17.70 -86.48
C GLY BA 195 45.48 18.38 -87.83
N LEU BA 196 44.39 18.59 -88.58
CA LEU BA 196 44.48 19.23 -89.89
C LEU BA 196 44.16 20.71 -89.79
N SER BA 197 45.01 21.56 -90.38
CA SER BA 197 44.79 23.01 -90.36
C SER BA 197 43.70 23.41 -91.34
N SER BA 198 43.70 22.78 -92.52
CA SER BA 198 42.72 23.04 -93.57
C SER BA 198 41.96 21.75 -93.87
N PRO BA 199 40.63 21.81 -94.07
CA PRO BA 199 39.87 20.58 -94.34
C PRO BA 199 40.25 19.91 -95.65
N VAL BA 200 40.69 18.65 -95.59
CA VAL BA 200 41.09 17.89 -96.77
C VAL BA 200 39.87 17.46 -97.58
N THR BA 201 39.73 18.01 -98.79
CA THR BA 201 38.59 17.67 -99.65
C THR BA 201 39.04 16.78 -100.80
N LYS BA 202 38.96 15.45 -100.62
CA LYS BA 202 39.36 14.50 -101.65
C LYS BA 202 38.23 14.39 -102.67
N SER BA 203 38.49 14.75 -103.92
CA SER BA 203 37.46 14.75 -104.95
C SER BA 203 37.82 13.88 -106.15
N PHE BA 204 36.80 13.35 -106.85
CA PHE BA 204 36.99 12.55 -108.06
C PHE BA 204 35.88 12.82 -109.08
N ASN BA 205 36.12 12.48 -110.36
CA ASN BA 205 35.12 12.68 -111.41
C ASN BA 205 34.50 11.35 -111.84
N ARG BA 206 33.21 11.36 -112.17
CA ARG BA 206 32.52 10.15 -112.58
C ARG BA 206 32.89 9.76 -114.01
N GLY BA 207 33.37 8.53 -114.19
CA GLY BA 207 33.76 8.02 -115.49
C GLY BA 207 35.09 8.58 -115.98
N GLU BA 208 36.17 8.29 -115.25
CA GLU BA 208 37.51 8.76 -115.63
C GLU BA 208 38.54 7.64 -115.58
CA CA CA . -50.42 35.48 1.97
CA CA DA . -53.16 32.53 1.81
CA CA EA . -25.68 -48.60 26.55
CA CA FA . -28.23 -45.73 31.17
CA CA GA . 50.71 33.99 19.35
CA CA HA . 54.21 30.64 17.39
CA CA IA . 30.48 -19.25 -51.62
CA CA JA . 31.46 -15.90 -52.86
#